data_9P1I
#
_entry.id   9P1I
#
loop_
_entity.id
_entity.type
_entity.pdbx_description
1 polymer 'Actin, cytoplasmic 1'
2 polymer VopV
3 non-polymer 'MAGNESIUM ION'
4 non-polymer 'PHOSPHOAMINOPHOSPHONIC ACID-ADENYLATE ESTER'
5 water water
#
loop_
_entity_poly.entity_id
_entity_poly.type
_entity_poly.pdbx_seq_one_letter_code
_entity_poly.pdbx_strand_id
1 'polypeptide(L)'
;MDDDIAALVVDNGSGMCKAGFAGDDAPRAVFPSIVGRPRHQGVMVGMGQKDSYVGDEAQSKRGILTLKYPIE(HIC)GIV
TNWDDMEKIWHHTFYNELRVAPEEHPVLLTEAPLNPKANREKMTQIMFETFNTPAMYVAIQAVLSLYASGRTTGIVMDSG
DGVTHTVPIYEGYALPHAILRLDLAGRDLTDYLMKILTERGYSFTTTAEREIVRDIKEKLCYVALDFEQEMATAASSSSL
EKSYELPDGQVITIGNERFRCPEALFQPSFLGMESCGIHETTFNSIMKCDVDIRKDLYANTVLSGGTTMYPGIADRMQKE
ITALAPSTMKIKIIAPPERKYSVWIGGSILASLSTFQQMWISKQEYDESGPSIVHRKCF
;
Q,R,S,T,U,V,W,X,Y,Z,a,b
2 'polypeptide(L)'
;MINSLNIQNTGSISELGQSPNLTINSAPAPSVLPRSEALANSNDVLPSAVTAQDSCFEQGEEKLTENNNVNKPAKNKKVN
CKSNKYNNKTKAKTHLAAIAGATTLGAVLAPFTGGLSLLPTAFVVLFGNASALAMYGGSEFFLGQNAINKEEVPKDKLKE
KETPETALKRTPERPIFPRYLERRTHFDEVDGLKRNGPDSFNVTNNYYSPTFNINVGDYFFNNQTNNRDESKAEDKPFAE
SAAQSDVSSQTTTLFDEAIQNMGQLQVVDVSEISPDTLFSEVTDHATNIGTEDTVDNLLGALESCHLQSGQAKLVKVTLE
GGLQAYLGGISDDTADALPPVVTENVTSSPVKKWPEVKIPARIITTSGNASVDGNPGYRPTRVDSNGETMGYEMRDRVSS
SSTPSQSTATSSKGSVNTERSATQTGTPAQADSTKGVEPNVSTPEQKPSADASNGEPTSVQGKTSEGIDSGVGTPESTPS
MDAATGEPNTADDKHAVGESTPTHESGESVASVESEPASSGPAKRWPEVKTPARVITSAGNASVDGNPGYRPTRVDSNGE
TMGYEMRDRVSSSSTPSPSTAPSSKGSVNAEGNAPQTGTPAQAGSSKGVEPNVATPEQKPSADVSSGEPTSAQGNASEGI
DSGVATPEQKPSADAFSGEPTSAQGNASEGIDAGVATPEQKPSMGASSGEPTSAQGNASEGTDSGVGTPESTPSVDAATG
EPNTADDKNAVGESTPTHESGESVPSVESEQASSGPAKRWPEVKTPARVITSAGNASIDGNPGYRPTRVDSNGETMGYEM
RDRVPASSTPSASTGPSSKGSVNAEGNAPQTGTPAQAGSSKGVEPNVATPEQKPSADASSGEPTAAQGNASEGIDSGVGT
PESTPSVDAATGEPNTADDKNAVGESTPTHESGESVPSVESEQASSGPAKRWPEVKTPARVITSAGNASIDGNPGYRPTR
VDSNGETMGYEMRDRVPASSTPSPSSAPSSNGSVNAEGNAPQTGTPTQAGSSNVEPSVATPEQKPSADASSGEPISTQGN
APESIDSGVATPEQKPSAEASSGEPTSAQGNASEGIDSGVDTPESTPSVDAATGEPNTADNKNAAGESTPSVEPEQAPSG
PAKRWPEVKTPARVITSAGNASIDGNPGYRPTRVDSNGETMGYEMRDRVPASSTPSASTAPSSKGSVNAEGNAPQTGTPA
QAGSANVEPKVATPEQKTSADVSRGEPTLTQGNAPEGIDSGVATPEQKPSVSGSTDEPTLAQGNAPEGIDAGVSTPESTP
SVDAATGEPNTADDKNAAGESIPTLAEGATPTHESGESVPSVEPEQTSSGPAKRWPEVKTPARVITSAGNASIDGNPGYR
PTRVDSNGETMGYEMRDRVPASSTPSASTAASSKGSVNAEGNAPQTGTPAQAGSSNVEPSVATPEQKPSADAFSGEPTSA
QGNAPEGIDAGVSTPESTPSVDAATGEPNTADDKNAAGESIPTLAEGATPTHESGESVPSVEPEQTSSGPAKRWPEVKTP
ARVITSAGNASIDGNPGYRPTRVDSNGETMGYEMRDRVPASSTPSASTAASSKGSVNAEGNAPQTGTPAQAGSSNVEPSV
ATPEQKPSVSGSTDEPTLAQGNASEGIDAGVSTPESTPSVDAATGEPNTADNKNAAGESIPTLAEGATPTHESGESVPSV
EPEQTSSGPAKRWPEVKTPARVITSAGNASIDGNPGYRPTRVDSNGETMGYEMRDRVPASSTPSASTAASSKGSVNAEGN
APQTGTPAQAGSSNVEPSVATPEQKPSADAFSGEPTSAQGNAPEGIDAGVSTPESTPSVDAATGEPNTADDKNAAGESIP
TLAEGATPTHESGESVPSVEPEQTSSGPAKRWPEVKTPARVITSAGNASIDGNPGYRPTRVDSNGETMGYEMRDRVPASS
TPSASTAASSKGSVNAEGNAPQTGTPAQAGSSNVEPSVATPEQKPSVSGSTDEPTLAQGNASEGIDAGVSTPESTPSVDA
ATGEPNTADNKNAVGESSPTHESGESVPSVEPEQTSSGPAKRWPEVKTPARVITSAGNASIDGNPGYRPTRVDSNGETMG
YEMRDRVPASSTPSASTAASSKGSVNAEGNAPQTGTPAQAGSSNVEPSVATPEQKPSADAFSGEPTSAQGNAPEGIDAGV
STPESTPSVDEVNHLATSQEKEVSESSFTHRSEIKFHVNAEIDTDINPLGERFTSTLKVNLGSGQASIQTQASDSFVDWQ
SAQVEDGIEFKEAVLVTEDVKDEILWATGELNDGPELRFAKKIDNSSAQNFESGLDNQRTASSGVARNEGSTKEVVGSVS
GKKWKVNMPAPVLTTQGMMSGHARNYTQGILNNIRDLNTTRKEYETTLVSGLVGSNSSVSIWAHSERSMVVPVANSSNFK
MM
;
c,d,e,f,g,h,i,j,k,l,m,n
#
loop_
_chem_comp.id
_chem_comp.type
_chem_comp.name
_chem_comp.formula
ANP non-polymer 'PHOSPHOAMINOPHOSPHONIC ACID-ADENYLATE ESTER' 'C10 H17 N6 O12 P3'
MG non-polymer 'MAGNESIUM ION' 'Mg 2'
#
# COMPACT_ATOMS: atom_id res chain seq x y z
N ASP A 4 4.73 9.54 -63.48
CA ASP A 4 5.39 8.98 -62.31
C ASP A 4 6.74 9.66 -62.07
N ILE A 5 6.86 10.31 -60.91
CA ILE A 5 8.09 11.04 -60.60
C ILE A 5 9.24 10.08 -60.33
N ALA A 6 9.08 9.24 -59.30
CA ALA A 6 10.12 8.29 -58.94
C ALA A 6 9.47 7.12 -58.20
N ALA A 7 10.23 6.03 -58.11
CA ALA A 7 9.74 4.83 -57.44
C ALA A 7 10.12 4.85 -55.96
N LEU A 8 9.23 4.34 -55.14
CA LEU A 8 9.49 4.17 -53.71
C LEU A 8 10.06 2.78 -53.44
N VAL A 9 10.93 2.69 -52.46
CA VAL A 9 11.47 1.43 -51.98
C VAL A 9 11.14 1.32 -50.50
N VAL A 10 10.46 0.23 -50.12
CA VAL A 10 10.01 0.02 -48.75
C VAL A 10 10.47 -1.38 -48.34
N ASP A 11 11.44 -1.46 -47.43
CA ASP A 11 11.94 -2.73 -46.93
C ASP A 11 11.26 -3.05 -45.59
N ASN A 12 10.01 -3.48 -45.70
CA ASN A 12 9.21 -3.86 -44.52
C ASN A 12 9.57 -5.28 -44.09
N GLY A 13 10.58 -5.36 -43.23
CA GLY A 13 10.89 -6.60 -42.56
C GLY A 13 10.03 -6.81 -41.32
N SER A 14 10.42 -7.81 -40.53
CA SER A 14 9.66 -8.14 -39.33
C SER A 14 9.67 -7.01 -38.31
N GLY A 15 10.79 -6.32 -38.14
CA GLY A 15 10.93 -5.40 -37.03
C GLY A 15 11.12 -3.93 -37.37
N MET A 16 11.71 -3.64 -38.52
CA MET A 16 12.04 -2.28 -38.90
C MET A 16 11.52 -1.96 -40.29
N CYS A 17 10.84 -0.82 -40.42
CA CYS A 17 10.43 -0.32 -41.72
C CYS A 17 11.46 0.69 -42.24
N LYS A 18 11.85 0.54 -43.50
CA LYS A 18 12.83 1.41 -44.12
C LYS A 18 12.29 1.86 -45.47
N ALA A 19 11.99 3.15 -45.59
CA ALA A 19 11.34 3.70 -46.76
C ALA A 19 12.19 4.78 -47.38
N GLY A 20 11.98 5.01 -48.67
CA GLY A 20 12.71 6.06 -49.38
C GLY A 20 12.41 6.01 -50.85
N PHE A 21 13.23 6.71 -51.62
CA PHE A 21 13.09 6.80 -53.07
C PHE A 21 14.18 6.01 -53.77
N ALA A 22 13.85 5.50 -54.95
CA ALA A 22 14.83 4.81 -55.77
C ALA A 22 15.87 5.79 -56.29
N GLY A 23 17.11 5.32 -56.39
CA GLY A 23 18.23 6.17 -56.72
C GLY A 23 18.88 6.86 -55.54
N ASP A 24 18.22 6.88 -54.39
CA ASP A 24 18.85 7.40 -53.17
C ASP A 24 19.79 6.36 -52.58
N ASP A 25 20.83 6.84 -51.92
CA ASP A 25 21.84 5.96 -51.33
C ASP A 25 21.52 5.57 -49.89
N ALA A 26 20.43 6.08 -49.32
CA ALA A 26 20.03 5.74 -47.97
C ALA A 26 18.54 5.94 -47.83
N PRO A 27 17.86 5.13 -47.01
CA PRO A 27 16.42 5.32 -46.81
C PRO A 27 16.14 6.64 -46.11
N ARG A 28 15.14 7.36 -46.62
CA ARG A 28 14.80 8.66 -46.07
C ARG A 28 14.11 8.58 -44.72
N ALA A 29 13.47 7.45 -44.41
CA ALA A 29 12.79 7.27 -43.13
C ALA A 29 13.01 5.85 -42.63
N VAL A 30 13.46 5.73 -41.39
CA VAL A 30 13.64 4.45 -40.73
C VAL A 30 12.94 4.51 -39.37
N PHE A 31 12.03 3.59 -39.12
CA PHE A 31 11.27 3.56 -37.89
C PHE A 31 10.81 2.12 -37.62
N PRO A 32 10.65 1.75 -36.35
CA PRO A 32 10.20 0.38 -36.05
C PRO A 32 8.80 0.10 -36.58
N SER A 33 8.59 -1.13 -37.04
CA SER A 33 7.29 -1.59 -37.53
C SER A 33 6.39 -1.97 -36.36
N ILE A 34 6.03 -0.97 -35.57
CA ILE A 34 5.30 -1.14 -34.33
C ILE A 34 4.01 -0.34 -34.37
N VAL A 35 2.92 -0.97 -33.95
CA VAL A 35 1.66 -0.28 -33.69
C VAL A 35 1.37 -0.40 -32.21
N GLY A 36 1.01 0.72 -31.58
CA GLY A 36 0.74 0.74 -30.16
C GLY A 36 -0.61 1.38 -29.87
N ARG A 37 -1.26 0.86 -28.84
CA ARG A 37 -2.53 1.40 -28.37
C ARG A 37 -2.47 1.58 -26.86
N PRO A 38 -3.14 2.62 -26.34
CA PRO A 38 -3.09 2.86 -24.90
C PRO A 38 -3.72 1.73 -24.11
N ARG A 39 -3.15 1.46 -22.94
CA ARG A 39 -3.63 0.41 -22.05
C ARG A 39 -4.04 0.94 -20.69
N HIS A 40 -4.26 2.25 -20.55
CA HIS A 40 -4.64 2.86 -19.29
C HIS A 40 -5.80 3.82 -19.54
N GLN A 41 -6.41 4.28 -18.45
CA GLN A 41 -7.58 5.15 -18.55
C GLN A 41 -7.15 6.55 -18.98
N GLY A 42 -7.81 7.09 -20.01
CA GLY A 42 -7.61 8.48 -20.36
C GLY A 42 -8.49 9.38 -19.50
N VAL A 43 -7.87 10.32 -18.80
CA VAL A 43 -8.60 11.14 -17.84
C VAL A 43 -8.56 12.62 -18.26
N MET A 44 -7.56 13.00 -19.05
CA MET A 44 -7.48 14.37 -19.52
C MET A 44 -8.26 14.55 -20.83
N VAL A 45 -8.99 15.66 -20.91
CA VAL A 45 -9.83 15.98 -22.05
C VAL A 45 -8.99 16.67 -23.11
N GLY A 46 -9.32 16.41 -24.37
CA GLY A 46 -8.53 16.94 -25.46
C GLY A 46 -7.17 16.30 -25.53
N MET A 47 -6.12 17.12 -25.42
CA MET A 47 -4.73 16.68 -25.30
C MET A 47 -4.27 16.08 -26.64
N GLY A 48 -5.18 15.95 -27.60
CA GLY A 48 -4.85 15.32 -28.85
C GLY A 48 -4.72 13.82 -28.79
N GLN A 49 -5.36 13.18 -27.81
CA GLN A 49 -5.26 11.73 -27.67
C GLN A 49 -5.88 11.02 -28.86
N LYS A 50 -5.27 9.90 -29.24
CA LYS A 50 -5.77 9.07 -30.32
C LYS A 50 -5.58 7.60 -29.93
N ASP A 51 -6.41 6.75 -30.55
CA ASP A 51 -6.49 5.35 -30.15
C ASP A 51 -5.36 4.50 -30.70
N SER A 52 -4.52 5.03 -31.58
CA SER A 52 -3.44 4.24 -32.16
C SER A 52 -2.25 5.13 -32.46
N TYR A 53 -1.05 4.59 -32.22
CA TYR A 53 0.20 5.26 -32.51
C TYR A 53 1.08 4.31 -33.32
N VAL A 54 1.88 4.88 -34.22
CA VAL A 54 2.65 4.10 -35.18
C VAL A 54 4.10 4.56 -35.20
N GLY A 55 5.01 3.60 -35.26
CA GLY A 55 6.41 3.91 -35.51
C GLY A 55 7.08 4.58 -34.33
N ASP A 56 7.81 5.66 -34.63
CA ASP A 56 8.61 6.34 -33.62
C ASP A 56 7.74 6.93 -32.52
N GLU A 57 6.53 7.39 -32.86
CA GLU A 57 5.64 7.94 -31.84
C GLU A 57 5.21 6.86 -30.85
N ALA A 58 4.92 5.66 -31.35
CA ALA A 58 4.59 4.55 -30.45
C ALA A 58 5.78 4.17 -29.58
N GLN A 59 6.98 4.19 -30.14
CA GLN A 59 8.18 3.89 -29.37
C GLN A 59 8.40 4.91 -28.27
N SER A 60 8.17 6.19 -28.57
CA SER A 60 8.36 7.24 -27.56
C SER A 60 7.33 7.15 -26.45
N LYS A 61 6.06 6.95 -26.80
CA LYS A 61 4.97 6.85 -25.84
C LYS A 61 4.74 5.43 -25.34
N ARG A 62 5.75 4.55 -25.45
CA ARG A 62 5.56 3.14 -25.12
C ARG A 62 5.29 2.92 -23.63
N GLY A 63 5.56 3.90 -22.78
CA GLY A 63 5.31 3.73 -21.35
C GLY A 63 3.85 3.59 -20.99
N ILE A 64 2.95 4.07 -21.83
CA ILE A 64 1.51 3.96 -21.62
C ILE A 64 0.86 3.15 -22.73
N LEU A 65 1.64 2.41 -23.51
CA LEU A 65 1.17 1.78 -24.73
C LEU A 65 1.48 0.29 -24.72
N THR A 66 0.61 -0.49 -25.34
CA THR A 66 0.88 -1.90 -25.61
C THR A 66 1.39 -2.02 -27.05
N LEU A 67 2.65 -2.42 -27.20
CA LEU A 67 3.30 -2.46 -28.50
C LEU A 67 3.12 -3.85 -29.12
N LYS A 68 2.67 -3.87 -30.37
CA LYS A 68 2.43 -5.11 -31.10
C LYS A 68 3.02 -5.00 -32.49
N TYR A 69 3.71 -6.07 -32.93
CA TYR A 69 4.30 -6.11 -34.25
C TYR A 69 3.34 -6.75 -35.22
N PRO A 70 2.87 -6.05 -36.25
CA PRO A 70 1.99 -6.67 -37.25
C PRO A 70 2.66 -7.81 -38.02
N ILE A 71 3.99 -7.84 -38.08
CA ILE A 71 4.73 -8.86 -38.82
C ILE A 71 5.45 -9.76 -37.82
N GLU A 72 5.24 -11.07 -37.97
CA GLU A 72 6.00 -12.06 -37.21
C GLU A 72 6.65 -13.04 -38.17
N HIC A 73 7.97 -13.20 -38.03
CA HIC A 73 8.76 -14.07 -38.90
C HIC A 73 8.56 -13.73 -40.38
O HIC A 73 8.41 -14.62 -41.21
CB HIC A 73 8.41 -15.54 -38.65
CG HIC A 73 8.77 -16.01 -37.28
ND1 HIC A 73 10.06 -15.98 -36.81
CD2 HIC A 73 7.95 -16.54 -36.32
CE1 HIC A 73 10.00 -16.47 -35.60
NE2 HIC A 73 8.74 -16.81 -35.25
CZ HIC A 73 8.33 -17.38 -33.99
N GLY A 74 8.55 -12.44 -40.68
CA GLY A 74 8.43 -11.97 -42.05
C GLY A 74 7.06 -12.17 -42.67
N ILE A 75 6.09 -12.57 -41.86
CA ILE A 75 4.73 -12.85 -42.31
C ILE A 75 3.77 -11.94 -41.56
N VAL A 76 2.90 -11.25 -42.30
CA VAL A 76 1.96 -10.32 -41.69
C VAL A 76 0.86 -11.13 -40.99
N THR A 77 0.78 -11.00 -39.67
CA THR A 77 -0.23 -11.69 -38.90
C THR A 77 -1.49 -10.85 -38.66
N ASN A 78 -1.39 -9.53 -38.81
CA ASN A 78 -2.54 -8.64 -38.63
C ASN A 78 -2.44 -7.54 -39.68
N TRP A 79 -3.26 -7.66 -40.72
CA TRP A 79 -3.18 -6.69 -41.82
C TRP A 79 -3.82 -5.37 -41.45
N ASP A 80 -4.73 -5.36 -40.47
CA ASP A 80 -5.34 -4.11 -40.04
C ASP A 80 -4.31 -3.15 -39.47
N ASP A 81 -3.23 -3.68 -38.89
CA ASP A 81 -2.14 -2.84 -38.40
C ASP A 81 -1.04 -2.66 -39.44
N MET A 82 -0.87 -3.62 -40.35
CA MET A 82 0.08 -3.42 -41.45
C MET A 82 -0.37 -2.28 -42.35
N GLU A 83 -1.69 -2.12 -42.53
CA GLU A 83 -2.19 -0.97 -43.27
C GLU A 83 -1.87 0.34 -42.54
N LYS A 84 -1.94 0.34 -41.20
CA LYS A 84 -1.51 1.52 -40.46
C LYS A 84 -0.02 1.79 -40.66
N ILE A 85 0.79 0.74 -40.65
CA ILE A 85 2.22 0.90 -40.90
C ILE A 85 2.46 1.54 -42.26
N TRP A 86 1.81 1.02 -43.30
CA TRP A 86 2.02 1.54 -44.65
C TRP A 86 1.47 2.95 -44.79
N HIS A 87 0.34 3.24 -44.16
CA HIS A 87 -0.22 4.59 -44.21
C HIS A 87 0.71 5.60 -43.54
N HIS A 88 1.26 5.23 -42.38
CA HIS A 88 2.26 6.07 -41.75
C HIS A 88 3.47 6.26 -42.65
N THR A 89 3.96 5.17 -43.24
CA THR A 89 5.12 5.24 -44.12
C THR A 89 4.90 6.21 -45.26
N PHE A 90 3.73 6.14 -45.91
CA PHE A 90 3.50 6.99 -47.08
C PHE A 90 3.17 8.42 -46.69
N TYR A 91 2.17 8.62 -45.83
CA TYR A 91 1.63 9.96 -45.61
C TYR A 91 2.30 10.73 -44.47
N ASN A 92 3.06 10.07 -43.61
CA ASN A 92 3.67 10.74 -42.46
C ASN A 92 5.19 10.75 -42.51
N GLU A 93 5.82 9.65 -42.93
CA GLU A 93 7.27 9.59 -42.99
C GLU A 93 7.82 10.10 -44.32
N LEU A 94 7.33 9.58 -45.43
CA LEU A 94 7.78 10.05 -46.74
C LEU A 94 7.03 11.28 -47.22
N ARG A 95 5.79 11.47 -46.74
CA ARG A 95 4.93 12.58 -47.17
C ARG A 95 4.77 12.59 -48.69
N VAL A 96 4.29 11.46 -49.22
CA VAL A 96 4.10 11.30 -50.65
C VAL A 96 2.71 10.74 -50.92
N ALA A 97 2.26 10.92 -52.16
CA ALA A 97 0.99 10.35 -52.60
C ALA A 97 1.27 9.03 -53.31
N PRO A 98 0.82 7.89 -52.76
CA PRO A 98 1.14 6.60 -53.39
C PRO A 98 0.57 6.43 -54.80
N GLU A 99 -0.44 7.22 -55.18
CA GLU A 99 -1.13 7.03 -56.45
C GLU A 99 -0.27 7.43 -57.64
N GLU A 100 0.94 7.95 -57.39
CA GLU A 100 1.80 8.39 -58.49
C GLU A 100 3.23 7.87 -58.39
N HIS A 101 3.53 6.96 -57.47
CA HIS A 101 4.87 6.39 -57.35
C HIS A 101 4.79 4.86 -57.34
N PRO A 102 5.44 4.17 -58.27
CA PRO A 102 5.56 2.71 -58.15
C PRO A 102 6.31 2.34 -56.88
N VAL A 103 5.88 1.26 -56.23
CA VAL A 103 6.40 0.85 -54.93
C VAL A 103 7.04 -0.53 -55.06
N LEU A 104 8.30 -0.64 -54.64
CA LEU A 104 9.02 -1.91 -54.59
C LEU A 104 9.04 -2.40 -53.14
N LEU A 105 8.41 -3.54 -52.90
CA LEU A 105 8.36 -4.15 -51.58
C LEU A 105 9.38 -5.27 -51.47
N THR A 106 9.56 -5.77 -50.25
CA THR A 106 10.51 -6.83 -49.97
C THR A 106 9.82 -7.97 -49.24
N GLU A 107 10.32 -9.18 -49.44
CA GLU A 107 9.79 -10.36 -48.77
C GLU A 107 10.88 -11.41 -48.62
N ALA A 108 10.79 -12.19 -47.56
CA ALA A 108 11.67 -13.33 -47.39
C ALA A 108 11.19 -14.50 -48.25
N PRO A 109 12.09 -15.35 -48.71
CA PRO A 109 11.68 -16.52 -49.49
C PRO A 109 10.98 -17.55 -48.61
N LEU A 110 10.31 -18.49 -49.28
CA LEU A 110 9.53 -19.54 -48.62
C LEU A 110 8.42 -18.97 -47.74
N ASN A 111 7.94 -17.78 -48.09
CA ASN A 111 6.80 -17.17 -47.42
C ASN A 111 5.50 -17.75 -47.97
N PRO A 112 4.41 -17.67 -47.20
CA PRO A 112 3.11 -18.07 -47.76
C PRO A 112 2.73 -17.21 -48.96
N LYS A 113 2.12 -17.84 -49.95
CA LYS A 113 1.79 -17.13 -51.19
C LYS A 113 0.68 -16.12 -50.97
N ALA A 114 -0.19 -16.35 -49.99
CA ALA A 114 -1.27 -15.39 -49.72
C ALA A 114 -0.74 -14.10 -49.13
N ASN A 115 0.39 -14.14 -48.44
CA ASN A 115 0.98 -12.93 -47.88
C ASN A 115 1.38 -11.96 -48.97
N ARG A 116 1.97 -12.48 -50.06
CA ARG A 116 2.36 -11.63 -51.18
C ARG A 116 1.14 -11.14 -51.94
N GLU A 117 0.12 -11.99 -52.09
CA GLU A 117 -1.09 -11.61 -52.81
C GLU A 117 -1.80 -10.45 -52.12
N LYS A 118 -1.86 -10.48 -50.79
CA LYS A 118 -2.52 -9.40 -50.07
C LYS A 118 -1.68 -8.12 -50.11
N MET A 119 -0.35 -8.24 -50.15
CA MET A 119 0.48 -7.07 -50.42
C MET A 119 0.10 -6.43 -51.75
N THR A 120 0.00 -7.25 -52.80
CA THR A 120 -0.37 -6.73 -54.11
C THR A 120 -1.76 -6.08 -54.07
N GLN A 121 -2.71 -6.74 -53.43
CA GLN A 121 -4.08 -6.23 -53.38
C GLN A 121 -4.15 -4.91 -52.64
N ILE A 122 -3.43 -4.78 -51.51
CA ILE A 122 -3.48 -3.54 -50.74
C ILE A 122 -2.77 -2.43 -51.50
N MET A 123 -1.64 -2.74 -52.15
CA MET A 123 -0.94 -1.71 -52.92
C MET A 123 -1.76 -1.21 -54.09
N PHE A 124 -2.56 -2.07 -54.72
CA PHE A 124 -3.29 -1.62 -55.91
C PHE A 124 -4.69 -1.08 -55.60
N GLU A 125 -5.39 -1.65 -54.62
CA GLU A 125 -6.76 -1.24 -54.35
C GLU A 125 -6.87 -0.18 -53.27
N THR A 126 -5.98 -0.20 -52.27
CA THR A 126 -6.06 0.76 -51.18
C THR A 126 -5.22 2.01 -51.45
N PHE A 127 -3.98 1.83 -51.89
CA PHE A 127 -3.10 2.95 -52.16
C PHE A 127 -3.06 3.35 -53.64
N ASN A 128 -3.62 2.52 -54.53
CA ASN A 128 -3.74 2.84 -55.95
C ASN A 128 -2.40 3.17 -56.59
N THR A 129 -1.36 2.42 -56.22
CA THR A 129 -0.04 2.66 -56.80
C THR A 129 -0.05 2.36 -58.29
N PRO A 130 0.61 3.17 -59.11
CA PRO A 130 0.65 2.88 -60.56
C PRO A 130 1.30 1.56 -60.89
N ALA A 131 2.30 1.14 -60.11
CA ALA A 131 2.97 -0.13 -60.33
C ALA A 131 3.50 -0.64 -59.00
N MET A 132 3.79 -1.94 -58.96
CA MET A 132 4.28 -2.55 -57.74
C MET A 132 5.13 -3.75 -58.10
N TYR A 133 6.10 -4.06 -57.24
CA TYR A 133 6.95 -5.22 -57.40
C TYR A 133 7.37 -5.72 -56.03
N VAL A 134 7.58 -7.03 -55.92
CA VAL A 134 8.02 -7.67 -54.69
C VAL A 134 9.30 -8.42 -54.99
N ALA A 135 10.37 -8.08 -54.27
CA ALA A 135 11.68 -8.68 -54.48
C ALA A 135 12.14 -9.39 -53.21
N ILE A 136 12.97 -10.42 -53.39
CA ILE A 136 13.52 -11.17 -52.26
C ILE A 136 14.58 -10.34 -51.57
N GLN A 137 14.55 -10.31 -50.24
CA GLN A 137 15.44 -9.46 -49.46
C GLN A 137 16.91 -9.78 -49.74
N ALA A 138 17.29 -11.06 -49.66
CA ALA A 138 18.68 -11.43 -49.84
C ALA A 138 19.16 -11.21 -51.28
N VAL A 139 18.27 -11.28 -52.26
CA VAL A 139 18.66 -10.99 -53.63
C VAL A 139 19.04 -9.53 -53.78
N LEU A 140 18.30 -8.63 -53.13
CA LEU A 140 18.61 -7.21 -53.20
C LEU A 140 19.97 -6.90 -52.57
N SER A 141 20.31 -7.60 -51.49
CA SER A 141 21.60 -7.38 -50.84
C SER A 141 22.77 -7.63 -51.78
N LEU A 142 22.58 -8.50 -52.78
CA LEU A 142 23.64 -8.73 -53.75
C LEU A 142 23.80 -7.53 -54.69
N TYR A 143 22.70 -6.84 -54.99
CA TYR A 143 22.80 -5.61 -55.77
C TYR A 143 23.62 -4.55 -55.04
N ALA A 144 23.38 -4.40 -53.73
CA ALA A 144 24.12 -3.42 -52.95
C ALA A 144 25.60 -3.75 -52.90
N SER A 145 25.94 -5.04 -52.82
CA SER A 145 27.33 -5.46 -52.78
C SER A 145 28.04 -5.27 -54.12
N GLY A 146 27.31 -4.95 -55.18
CA GLY A 146 27.93 -4.81 -56.48
C GLY A 146 28.37 -6.11 -57.11
N ARG A 147 27.75 -7.23 -56.72
CA ARG A 147 28.15 -8.55 -57.17
C ARG A 147 27.01 -9.22 -57.93
N THR A 148 27.39 -10.18 -58.77
CA THR A 148 26.44 -11.09 -59.40
C THR A 148 26.70 -12.53 -59.00
N THR A 149 27.71 -12.77 -58.16
CA THR A 149 28.06 -14.11 -57.70
C THR A 149 28.32 -14.05 -56.19
N GLY A 150 27.69 -14.96 -55.46
CA GLY A 150 27.87 -15.03 -54.03
C GLY A 150 26.61 -15.51 -53.35
N ILE A 151 26.78 -15.90 -52.08
CA ILE A 151 25.69 -16.35 -51.23
C ILE A 151 25.45 -15.29 -50.17
N VAL A 152 24.20 -14.87 -50.03
CA VAL A 152 23.84 -13.79 -49.11
C VAL A 152 23.17 -14.40 -47.88
N MET A 153 23.81 -14.23 -46.73
CA MET A 153 23.26 -14.67 -45.45
C MET A 153 22.61 -13.44 -44.80
N ASP A 154 21.29 -13.34 -44.94
CA ASP A 154 20.52 -12.19 -44.47
C ASP A 154 19.79 -12.58 -43.19
N SER A 155 19.97 -11.78 -42.14
CA SER A 155 19.30 -11.98 -40.87
C SER A 155 18.71 -10.66 -40.40
N GLY A 156 17.39 -10.65 -40.19
CA GLY A 156 16.73 -9.45 -39.72
C GLY A 156 16.10 -9.66 -38.35
N ASP A 157 14.89 -9.14 -38.15
CA ASP A 157 14.23 -9.30 -36.87
C ASP A 157 13.46 -10.61 -36.77
N GLY A 158 13.00 -11.16 -37.89
CA GLY A 158 12.19 -12.36 -37.84
C GLY A 158 12.67 -13.54 -38.67
N VAL A 159 13.44 -13.28 -39.72
CA VAL A 159 13.83 -14.31 -40.67
C VAL A 159 15.34 -14.25 -40.89
N THR A 160 15.98 -15.42 -40.87
CA THR A 160 17.34 -15.62 -41.36
C THR A 160 17.28 -16.55 -42.55
N HIS A 161 17.88 -16.14 -43.68
CA HIS A 161 17.79 -16.93 -44.89
C HIS A 161 19.02 -16.69 -45.76
N THR A 162 19.39 -17.71 -46.53
CA THR A 162 20.54 -17.67 -47.42
C THR A 162 20.07 -17.95 -48.84
N VAL A 163 20.54 -17.15 -49.80
CA VAL A 163 20.21 -17.31 -51.20
C VAL A 163 21.49 -17.36 -52.02
N PRO A 164 21.82 -18.50 -52.64
CA PRO A 164 23.02 -18.56 -53.51
C PRO A 164 22.71 -18.06 -54.90
N ILE A 165 23.62 -17.26 -55.46
CA ILE A 165 23.52 -16.74 -56.82
C ILE A 165 24.88 -16.87 -57.48
N TYR A 166 24.90 -17.35 -58.73
CA TYR A 166 26.13 -17.49 -59.48
C TYR A 166 25.98 -16.88 -60.86
N GLU A 167 26.69 -15.77 -61.08
CA GLU A 167 26.68 -15.03 -62.34
C GLU A 167 25.27 -14.76 -62.85
N GLY A 168 24.40 -14.27 -61.97
CA GLY A 168 23.07 -13.84 -62.35
C GLY A 168 21.98 -14.84 -62.07
N TYR A 169 22.30 -16.11 -61.87
CA TYR A 169 21.31 -17.15 -61.69
C TYR A 169 21.29 -17.64 -60.25
N ALA A 170 20.13 -17.51 -59.61
CA ALA A 170 19.93 -18.06 -58.27
C ALA A 170 19.57 -19.53 -58.35
N LEU A 171 19.86 -20.26 -57.27
CA LEU A 171 19.55 -21.68 -57.16
C LEU A 171 18.45 -21.86 -56.13
N PRO A 172 17.19 -21.91 -56.54
CA PRO A 172 16.09 -21.99 -55.56
C PRO A 172 16.13 -23.23 -54.69
N HIS A 173 16.61 -24.37 -55.21
CA HIS A 173 16.65 -25.58 -54.41
C HIS A 173 17.64 -25.48 -53.26
N ALA A 174 18.63 -24.60 -53.37
CA ALA A 174 19.63 -24.41 -52.34
C ALA A 174 19.27 -23.32 -51.34
N ILE A 175 18.14 -22.63 -51.53
CA ILE A 175 17.75 -21.57 -50.62
C ILE A 175 17.26 -22.18 -49.30
N LEU A 176 17.82 -21.71 -48.20
CA LEU A 176 17.47 -22.19 -46.88
C LEU A 176 16.89 -21.06 -46.03
N ARG A 177 15.99 -21.41 -45.12
CA ARG A 177 15.33 -20.45 -44.27
C ARG A 177 15.32 -20.94 -42.83
N LEU A 178 15.69 -20.05 -41.92
CA LEU A 178 15.63 -20.28 -40.48
C LEU A 178 14.70 -19.24 -39.87
N ASP A 179 13.71 -19.69 -39.10
CA ASP A 179 12.82 -18.80 -38.38
C ASP A 179 13.44 -18.44 -37.02
N LEU A 180 14.64 -17.89 -37.11
CA LEU A 180 15.43 -17.51 -35.93
C LEU A 180 16.16 -16.22 -36.27
N ALA A 181 15.89 -15.16 -35.52
CA ALA A 181 16.43 -13.85 -35.86
C ALA A 181 16.46 -12.97 -34.62
N GLY A 182 16.54 -11.65 -34.81
CA GLY A 182 16.73 -10.74 -33.69
C GLY A 182 15.65 -10.79 -32.63
N ARG A 183 14.41 -11.10 -33.02
CA ARG A 183 13.33 -11.17 -32.05
C ARG A 183 13.53 -12.36 -31.10
N ASP A 184 13.94 -13.51 -31.64
CA ASP A 184 14.22 -14.66 -30.79
C ASP A 184 15.38 -14.37 -29.86
N LEU A 185 16.40 -13.67 -30.35
CA LEU A 185 17.53 -13.30 -29.50
C LEU A 185 17.11 -12.31 -28.42
N THR A 186 16.22 -11.38 -28.74
CA THR A 186 15.71 -10.45 -27.72
C THR A 186 14.94 -11.20 -26.63
N ASP A 187 14.08 -12.14 -27.04
CA ASP A 187 13.36 -12.94 -26.06
C ASP A 187 14.30 -13.81 -25.23
N TYR A 188 15.34 -14.37 -25.86
CA TYR A 188 16.30 -15.19 -25.12
C TYR A 188 17.08 -14.34 -24.12
N LEU A 189 17.47 -13.12 -24.51
CA LEU A 189 18.15 -12.23 -23.58
C LEU A 189 17.22 -11.84 -22.42
N MET A 190 15.94 -11.62 -22.72
CA MET A 190 14.96 -11.39 -21.66
C MET A 190 14.92 -12.58 -20.70
N LYS A 191 14.98 -13.79 -21.25
CA LYS A 191 14.94 -15.00 -20.41
C LYS A 191 16.18 -15.09 -19.53
N ILE A 192 17.37 -14.95 -20.12
CA ILE A 192 18.60 -15.18 -19.38
C ILE A 192 18.95 -14.03 -18.43
N LEU A 193 18.40 -12.84 -18.64
CA LEU A 193 18.65 -11.75 -17.71
C LEU A 193 18.00 -11.98 -16.35
N THR A 194 17.03 -12.90 -16.27
CA THR A 194 16.41 -13.21 -14.99
C THR A 194 17.37 -13.92 -14.05
N GLU A 195 18.50 -14.43 -14.55
CA GLU A 195 19.49 -15.06 -13.68
C GLU A 195 20.10 -14.05 -12.71
N ARG A 196 20.11 -12.77 -13.08
CA ARG A 196 20.58 -11.70 -12.21
C ARG A 196 19.44 -10.97 -11.51
N GLY A 197 18.21 -11.47 -11.64
CA GLY A 197 17.06 -10.85 -10.99
C GLY A 197 16.35 -9.79 -11.81
N TYR A 198 16.81 -9.50 -13.02
CA TYR A 198 16.11 -8.55 -13.87
C TYR A 198 14.86 -9.20 -14.45
N SER A 199 13.76 -8.46 -14.43
CA SER A 199 12.43 -9.02 -14.70
C SER A 199 11.70 -8.16 -15.74
N PHE A 200 12.34 -7.96 -16.89
CA PHE A 200 11.68 -7.29 -18.00
C PHE A 200 10.62 -8.20 -18.60
N THR A 201 9.36 -7.75 -18.57
CA THR A 201 8.24 -8.57 -19.00
C THR A 201 7.36 -7.88 -20.03
N THR A 202 7.16 -6.58 -19.89
CA THR A 202 6.24 -5.84 -20.75
C THR A 202 6.85 -5.65 -22.14
N THR A 203 6.01 -5.17 -23.06
CA THR A 203 6.48 -4.88 -24.42
C THR A 203 7.45 -3.71 -24.45
N ALA A 204 7.19 -2.68 -23.64
CA ALA A 204 8.15 -1.58 -23.53
C ALA A 204 9.48 -2.07 -22.98
N GLU A 205 9.43 -2.97 -21.99
CA GLU A 205 10.66 -3.58 -21.50
C GLU A 205 11.26 -4.53 -22.54
N ARG A 206 10.46 -5.11 -23.43
CA ARG A 206 11.01 -5.85 -24.55
C ARG A 206 11.82 -4.93 -25.45
N GLU A 207 11.31 -3.72 -25.70
CA GLU A 207 12.09 -2.75 -26.46
C GLU A 207 13.35 -2.33 -25.72
N ILE A 208 13.28 -2.20 -24.40
CA ILE A 208 14.46 -1.87 -23.60
C ILE A 208 15.51 -2.97 -23.74
N VAL A 209 15.09 -4.24 -23.65
CA VAL A 209 16.01 -5.35 -23.80
C VAL A 209 16.55 -5.42 -25.23
N ARG A 210 15.74 -5.05 -26.22
CA ARG A 210 16.23 -4.95 -27.60
C ARG A 210 17.34 -3.92 -27.70
N ASP A 211 17.17 -2.76 -27.04
CA ASP A 211 18.22 -1.76 -27.03
C ASP A 211 19.48 -2.28 -26.33
N ILE A 212 19.30 -2.98 -25.21
CA ILE A 212 20.43 -3.58 -24.50
C ILE A 212 21.17 -4.55 -25.42
N LYS A 213 20.42 -5.37 -26.14
CA LYS A 213 21.01 -6.34 -27.08
C LYS A 213 21.78 -5.61 -28.18
N GLU A 214 21.20 -4.55 -28.73
CA GLU A 214 21.85 -3.84 -29.83
C GLU A 214 23.12 -3.13 -29.36
N LYS A 215 23.14 -2.67 -28.10
CA LYS A 215 24.28 -1.88 -27.64
C LYS A 215 25.40 -2.77 -27.09
N LEU A 216 25.06 -3.83 -26.35
CA LEU A 216 26.05 -4.55 -25.56
C LEU A 216 26.32 -5.99 -26.00
N CYS A 217 25.37 -6.66 -26.64
CA CYS A 217 25.57 -8.04 -27.08
C CYS A 217 26.63 -8.10 -28.18
N TYR A 218 27.44 -9.16 -28.15
CA TYR A 218 28.50 -9.36 -29.12
C TYR A 218 28.78 -10.85 -29.28
N VAL A 219 29.38 -11.21 -30.41
CA VAL A 219 29.65 -12.60 -30.76
C VAL A 219 31.04 -12.97 -30.29
N ALA A 220 31.13 -14.03 -29.49
CA ALA A 220 32.42 -14.56 -29.05
C ALA A 220 33.09 -15.35 -30.18
N LEU A 221 34.40 -15.15 -30.33
CA LEU A 221 35.14 -15.93 -31.31
C LEU A 221 35.26 -17.39 -30.88
N ASP A 222 35.39 -17.64 -29.57
CA ASP A 222 35.40 -18.99 -29.02
C ASP A 222 34.52 -18.96 -27.78
N PHE A 223 33.35 -19.59 -27.86
CA PHE A 223 32.34 -19.43 -26.80
C PHE A 223 32.83 -20.01 -25.47
N GLU A 224 33.45 -21.19 -25.49
CA GLU A 224 33.89 -21.81 -24.26
C GLU A 224 35.02 -21.02 -23.59
N GLN A 225 35.98 -20.53 -24.38
CA GLN A 225 37.06 -19.72 -23.82
C GLN A 225 36.52 -18.41 -23.25
N GLU A 226 35.53 -17.81 -23.93
CA GLU A 226 34.95 -16.57 -23.41
C GLU A 226 34.15 -16.83 -22.14
N MET A 227 33.48 -17.98 -22.04
CA MET A 227 32.83 -18.34 -20.80
C MET A 227 33.84 -18.49 -19.67
N ALA A 228 34.96 -19.17 -19.95
CA ALA A 228 36.01 -19.33 -18.94
C ALA A 228 36.59 -17.98 -18.53
N THR A 229 36.77 -17.07 -19.48
CA THR A 229 37.26 -15.73 -19.14
C THR A 229 36.24 -14.96 -18.31
N ALA A 230 34.96 -15.07 -18.66
CA ALA A 230 33.91 -14.40 -17.91
C ALA A 230 33.71 -15.01 -16.53
N ALA A 231 34.23 -16.22 -16.29
CA ALA A 231 34.24 -16.75 -14.93
C ALA A 231 35.02 -15.85 -13.98
N SER A 232 36.07 -15.17 -14.47
CA SER A 232 36.70 -14.08 -13.75
C SER A 232 35.94 -12.78 -14.04
N SER A 233 34.83 -12.61 -13.32
CA SER A 233 33.79 -11.64 -13.66
C SER A 233 34.17 -10.23 -13.22
N SER A 234 35.15 -9.64 -13.90
CA SER A 234 35.45 -8.23 -13.71
C SER A 234 35.67 -7.51 -15.04
N SER A 235 36.03 -8.27 -16.07
CA SER A 235 36.47 -7.65 -17.33
C SER A 235 35.34 -7.50 -18.33
N LEU A 236 34.54 -8.55 -18.53
CA LEU A 236 33.49 -8.53 -19.53
C LEU A 236 32.21 -7.87 -19.06
N GLU A 237 32.14 -7.47 -17.78
CA GLU A 237 30.93 -6.90 -17.22
C GLU A 237 30.76 -5.46 -17.71
N LYS A 238 29.57 -5.13 -18.21
CA LYS A 238 29.22 -3.80 -18.66
C LYS A 238 27.94 -3.34 -17.98
N SER A 239 27.79 -2.03 -17.86
CA SER A 239 26.65 -1.43 -17.18
C SER A 239 25.77 -0.69 -18.20
N TYR A 240 24.46 -0.89 -18.09
CA TYR A 240 23.47 -0.22 -18.92
C TYR A 240 22.46 0.46 -18.02
N GLU A 241 22.08 1.68 -18.36
CA GLU A 241 21.17 2.47 -17.54
C GLU A 241 19.77 2.41 -18.14
N LEU A 242 18.80 1.99 -17.32
CA LEU A 242 17.41 1.94 -17.74
C LEU A 242 16.86 3.35 -17.89
N PRO A 243 15.74 3.51 -18.62
CA PRO A 243 15.19 4.86 -18.81
C PRO A 243 14.71 5.53 -17.53
N ASP A 244 14.55 4.79 -16.44
CA ASP A 244 14.13 5.37 -15.16
C ASP A 244 15.29 5.69 -14.24
N GLY A 245 16.52 5.33 -14.60
CA GLY A 245 17.69 5.68 -13.84
C GLY A 245 18.42 4.53 -13.17
N GLN A 246 17.75 3.41 -12.91
CA GLN A 246 18.44 2.25 -12.37
C GLN A 246 19.34 1.62 -13.42
N VAL A 247 20.52 1.17 -13.01
CA VAL A 247 21.50 0.59 -13.93
C VAL A 247 21.60 -0.90 -13.65
N ILE A 248 21.70 -1.69 -14.72
CA ILE A 248 21.81 -3.14 -14.64
C ILE A 248 23.15 -3.55 -15.23
N THR A 249 23.81 -4.53 -14.60
CA THR A 249 25.09 -5.03 -15.06
C THR A 249 24.91 -6.36 -15.77
N ILE A 250 25.52 -6.48 -16.95
CA ILE A 250 25.44 -7.69 -17.77
C ILE A 250 26.86 -8.20 -18.03
N GLY A 251 27.05 -9.50 -17.86
CA GLY A 251 28.36 -10.11 -17.99
C GLY A 251 28.47 -11.09 -19.13
N ASN A 252 28.54 -12.39 -18.80
CA ASN A 252 28.63 -13.41 -19.84
C ASN A 252 27.38 -13.45 -20.72
N GLU A 253 26.27 -12.87 -20.26
CA GLU A 253 25.08 -12.79 -21.09
C GLU A 253 25.36 -12.03 -22.38
N ARG A 254 26.36 -11.13 -22.36
CA ARG A 254 26.64 -10.31 -23.55
C ARG A 254 26.97 -11.18 -24.76
N PHE A 255 27.79 -12.22 -24.57
CA PHE A 255 28.11 -13.11 -25.67
C PHE A 255 27.28 -14.39 -25.69
N ARG A 256 26.64 -14.75 -24.58
CA ARG A 256 25.63 -15.81 -24.62
C ARG A 256 24.38 -15.35 -25.36
N CYS A 257 24.23 -14.04 -25.55
CA CYS A 257 23.16 -13.37 -26.28
C CYS A 257 23.13 -13.67 -27.78
N PRO A 258 24.24 -13.54 -28.52
CA PRO A 258 24.19 -13.94 -29.94
C PRO A 258 24.52 -15.40 -30.18
N GLU A 259 25.00 -16.13 -29.17
CA GLU A 259 25.44 -17.50 -29.40
C GLU A 259 24.30 -18.41 -29.83
N ALA A 260 23.06 -18.01 -29.55
CA ALA A 260 21.91 -18.79 -30.01
C ALA A 260 21.83 -18.85 -31.53
N LEU A 261 22.46 -17.91 -32.23
CA LEU A 261 22.51 -17.97 -33.69
C LEU A 261 23.33 -19.16 -34.16
N PHE A 262 24.44 -19.45 -33.47
CA PHE A 262 25.31 -20.55 -33.85
C PHE A 262 25.00 -21.84 -33.12
N GLN A 263 24.30 -21.75 -31.99
CA GLN A 263 23.83 -22.93 -31.23
C GLN A 263 22.36 -22.73 -30.95
N PRO A 264 21.49 -23.04 -31.92
CA PRO A 264 20.05 -22.87 -31.69
C PRO A 264 19.50 -23.74 -30.56
N SER A 265 20.24 -24.75 -30.12
CA SER A 265 19.81 -25.57 -28.99
C SER A 265 19.67 -24.76 -27.72
N PHE A 266 20.31 -23.58 -27.64
CA PHE A 266 20.11 -22.69 -26.51
C PHE A 266 18.65 -22.27 -26.38
N LEU A 267 17.94 -22.17 -27.51
CA LEU A 267 16.53 -21.82 -27.52
C LEU A 267 15.61 -23.03 -27.49
N GLY A 268 16.17 -24.24 -27.38
CA GLY A 268 15.40 -25.45 -27.52
C GLY A 268 15.11 -25.86 -28.95
N MET A 269 15.69 -25.17 -29.92
CA MET A 269 15.45 -25.48 -31.32
C MET A 269 16.40 -26.58 -31.79
N GLU A 270 15.94 -27.36 -32.77
CA GLU A 270 16.71 -28.49 -33.26
C GLU A 270 17.63 -28.14 -34.42
N SER A 271 17.39 -27.03 -35.11
CA SER A 271 18.13 -26.71 -36.31
C SER A 271 19.58 -26.35 -35.98
N CYS A 272 20.43 -26.43 -37.00
CA CYS A 272 21.84 -26.07 -36.87
C CYS A 272 22.01 -24.55 -36.90
N GLY A 273 23.21 -24.10 -36.53
CA GLY A 273 23.49 -22.69 -36.47
C GLY A 273 23.56 -22.05 -37.84
N ILE A 274 23.61 -20.71 -37.83
CA ILE A 274 23.65 -19.95 -39.08
C ILE A 274 24.91 -20.24 -39.88
N HIS A 275 25.99 -20.63 -39.22
CA HIS A 275 27.19 -21.01 -39.95
C HIS A 275 26.99 -22.31 -40.72
N GLU A 276 26.28 -23.27 -40.12
CA GLU A 276 26.04 -24.54 -40.79
C GLU A 276 24.97 -24.42 -41.87
N THR A 277 24.00 -23.52 -41.69
CA THR A 277 23.00 -23.31 -42.74
C THR A 277 23.63 -22.74 -44.00
N THR A 278 24.56 -21.79 -43.85
CA THR A 278 25.26 -21.25 -45.01
C THR A 278 26.09 -22.32 -45.70
N PHE A 279 26.79 -23.15 -44.91
CA PHE A 279 27.60 -24.21 -45.48
C PHE A 279 26.73 -25.23 -46.22
N ASN A 280 25.57 -25.57 -45.65
CA ASN A 280 24.66 -26.51 -46.31
C ASN A 280 24.09 -25.90 -47.58
N SER A 281 23.81 -24.60 -47.57
CA SER A 281 23.33 -23.92 -48.76
C SER A 281 24.38 -23.93 -49.86
N ILE A 282 25.64 -23.71 -49.50
CA ILE A 282 26.72 -23.77 -50.49
C ILE A 282 26.87 -25.20 -51.01
N MET A 283 26.84 -26.19 -50.12
CA MET A 283 27.02 -27.57 -50.53
C MET A 283 25.87 -28.06 -51.41
N LYS A 284 24.68 -27.50 -51.24
CA LYS A 284 23.55 -27.90 -52.08
C LYS A 284 23.65 -27.36 -53.50
N CYS A 285 24.60 -26.48 -53.77
CA CYS A 285 24.84 -25.97 -55.11
C CYS A 285 25.79 -26.90 -55.86
N ASP A 286 26.03 -26.58 -57.13
CA ASP A 286 26.91 -27.38 -57.97
C ASP A 286 28.36 -27.24 -57.52
N VAL A 287 29.15 -28.28 -57.80
CA VAL A 287 30.55 -28.32 -57.37
C VAL A 287 31.34 -27.16 -57.96
N ASP A 288 31.13 -26.88 -59.24
CA ASP A 288 31.96 -25.91 -59.95
C ASP A 288 31.71 -24.47 -59.48
N ILE A 289 30.61 -24.21 -58.79
CA ILE A 289 30.30 -22.86 -58.34
C ILE A 289 30.54 -22.66 -56.85
N ARG A 290 30.83 -23.72 -56.10
CA ARG A 290 31.03 -23.58 -54.65
C ARG A 290 32.26 -22.73 -54.34
N LYS A 291 33.29 -22.82 -55.17
CA LYS A 291 34.52 -22.07 -54.92
C LYS A 291 34.25 -20.56 -54.90
N ASP A 292 33.44 -20.07 -55.85
CA ASP A 292 33.09 -18.66 -55.88
C ASP A 292 32.09 -18.27 -54.80
N LEU A 293 31.29 -19.21 -54.31
CA LEU A 293 30.36 -18.90 -53.22
C LEU A 293 31.08 -18.74 -51.90
N TYR A 294 32.15 -19.51 -51.67
CA TYR A 294 32.91 -19.39 -50.44
C TYR A 294 33.58 -18.02 -50.34
N ALA A 295 34.13 -17.52 -51.45
CA ALA A 295 34.85 -16.25 -51.46
C ALA A 295 33.93 -15.04 -51.51
N ASN A 296 32.63 -15.24 -51.66
CA ASN A 296 31.68 -14.13 -51.79
C ASN A 296 30.47 -14.34 -50.88
N THR A 297 30.73 -14.72 -49.63
CA THR A 297 29.67 -14.86 -48.63
C THR A 297 29.39 -13.47 -48.05
N VAL A 298 28.20 -12.95 -48.34
CA VAL A 298 27.84 -11.57 -47.98
C VAL A 298 26.86 -11.60 -46.82
N LEU A 299 27.17 -10.88 -45.76
CA LEU A 299 26.27 -10.71 -44.63
C LEU A 299 25.44 -9.44 -44.81
N SER A 300 24.16 -9.54 -44.46
CA SER A 300 23.26 -8.40 -44.55
C SER A 300 22.17 -8.54 -43.51
N GLY A 301 21.50 -7.43 -43.23
CA GLY A 301 20.47 -7.39 -42.21
C GLY A 301 20.98 -6.86 -40.88
N GLY A 302 20.03 -6.43 -40.05
CA GLY A 302 20.37 -5.81 -38.78
C GLY A 302 20.91 -6.78 -37.75
N THR A 303 20.45 -8.03 -37.78
CA THR A 303 20.93 -9.01 -36.81
C THR A 303 22.40 -9.35 -37.00
N THR A 304 22.90 -9.31 -38.24
CA THR A 304 24.30 -9.59 -38.51
C THR A 304 25.22 -8.44 -38.13
N MET A 305 24.75 -7.48 -37.34
CA MET A 305 25.54 -6.33 -36.92
C MET A 305 26.29 -6.55 -35.61
N TYR A 306 26.17 -7.74 -35.01
CA TYR A 306 26.91 -8.00 -33.77
C TYR A 306 28.41 -7.89 -34.02
N PRO A 307 29.16 -7.25 -33.13
CA PRO A 307 30.63 -7.25 -33.28
C PRO A 307 31.18 -8.67 -33.23
N GLY A 308 32.12 -8.95 -34.14
CA GLY A 308 32.76 -10.25 -34.20
C GLY A 308 31.97 -11.33 -34.88
N ILE A 309 30.77 -11.03 -35.39
CA ILE A 309 29.98 -12.04 -36.08
C ILE A 309 30.65 -12.43 -37.40
N ALA A 310 31.27 -11.47 -38.09
CA ALA A 310 31.96 -11.78 -39.33
C ALA A 310 33.16 -12.69 -39.08
N ASP A 311 33.93 -12.42 -38.03
CA ASP A 311 35.08 -13.26 -37.72
C ASP A 311 34.67 -14.66 -37.31
N ARG A 312 33.60 -14.78 -36.51
CA ARG A 312 33.11 -16.09 -36.12
C ARG A 312 32.58 -16.86 -37.33
N MET A 313 31.84 -16.18 -38.21
CA MET A 313 31.35 -16.81 -39.43
C MET A 313 32.52 -17.26 -40.30
N GLN A 314 33.58 -16.46 -40.36
CA GLN A 314 34.78 -16.88 -41.08
C GLN A 314 35.40 -18.13 -40.46
N LYS A 315 35.48 -18.18 -39.13
CA LYS A 315 36.13 -19.31 -38.47
C LYS A 315 35.35 -20.59 -38.64
N GLU A 316 34.03 -20.54 -38.42
CA GLU A 316 33.21 -21.75 -38.49
C GLU A 316 33.16 -22.31 -39.91
N ILE A 317 32.98 -21.45 -40.90
CA ILE A 317 32.90 -21.93 -42.28
C ILE A 317 34.26 -22.47 -42.74
N THR A 318 35.36 -21.88 -42.27
CA THR A 318 36.67 -22.43 -42.58
C THR A 318 36.84 -23.84 -42.04
N ALA A 319 36.29 -24.11 -40.85
CA ALA A 319 36.38 -25.46 -40.28
C ALA A 319 35.50 -26.45 -41.04
N LEU A 320 34.38 -25.99 -41.62
CA LEU A 320 33.49 -26.89 -42.34
C LEU A 320 33.94 -27.08 -43.79
N ALA A 321 34.20 -25.99 -44.48
CA ALA A 321 34.54 -26.05 -45.89
C ALA A 321 35.89 -26.74 -46.09
N PRO A 322 36.16 -27.28 -47.28
CA PRO A 322 37.47 -27.86 -47.56
C PRO A 322 38.59 -26.85 -47.35
N SER A 323 39.72 -27.34 -46.83
CA SER A 323 40.80 -26.47 -46.39
C SER A 323 41.43 -25.66 -47.51
N THR A 324 41.27 -26.07 -48.77
CA THR A 324 41.85 -25.32 -49.88
C THR A 324 41.09 -24.03 -50.19
N MET A 325 39.77 -24.02 -49.99
CA MET A 325 38.97 -22.87 -50.34
C MET A 325 39.32 -21.66 -49.48
N LYS A 326 39.27 -20.48 -50.08
CA LYS A 326 39.56 -19.22 -49.40
C LYS A 326 38.23 -18.64 -48.93
N ILE A 327 37.89 -18.88 -47.66
CA ILE A 327 36.65 -18.37 -47.09
C ILE A 327 36.79 -16.86 -46.88
N LYS A 328 35.88 -16.09 -47.46
CA LYS A 328 35.84 -14.64 -47.31
C LYS A 328 34.43 -14.22 -46.93
N ILE A 329 34.31 -13.55 -45.79
CA ILE A 329 33.02 -13.05 -45.31
C ILE A 329 32.99 -11.54 -45.53
N ILE A 330 32.11 -11.09 -46.41
CA ILE A 330 31.96 -9.67 -46.73
C ILE A 330 30.89 -9.11 -45.80
N ALA A 331 31.29 -8.20 -44.92
CA ALA A 331 30.38 -7.55 -43.97
C ALA A 331 30.49 -6.05 -44.17
N PRO A 332 29.70 -5.47 -45.08
CA PRO A 332 29.78 -4.04 -45.31
C PRO A 332 29.40 -3.27 -44.06
N PRO A 333 30.01 -2.10 -43.83
CA PRO A 333 29.65 -1.32 -42.64
C PRO A 333 28.18 -0.92 -42.60
N GLU A 334 27.56 -0.72 -43.76
CA GLU A 334 26.15 -0.37 -43.86
C GLU A 334 25.26 -1.58 -44.19
N ARG A 335 25.68 -2.78 -43.80
CA ARG A 335 24.93 -3.99 -44.12
C ARG A 335 23.53 -3.99 -43.49
N LYS A 336 23.29 -3.13 -42.50
CA LYS A 336 21.94 -2.98 -41.97
C LYS A 336 20.96 -2.52 -43.04
N TYR A 337 21.39 -1.61 -43.91
CA TYR A 337 20.56 -1.08 -44.98
C TYR A 337 20.85 -1.73 -46.33
N SER A 338 21.56 -2.86 -46.35
CA SER A 338 21.97 -3.46 -47.61
C SER A 338 20.78 -3.86 -48.47
N VAL A 339 19.71 -4.36 -47.84
CA VAL A 339 18.53 -4.76 -48.60
C VAL A 339 17.89 -3.54 -49.26
N TRP A 340 17.73 -2.46 -48.52
CA TRP A 340 17.11 -1.26 -49.06
C TRP A 340 17.95 -0.64 -50.17
N ILE A 341 19.28 -0.62 -49.99
CA ILE A 341 20.15 -0.06 -51.02
C ILE A 341 20.07 -0.88 -52.29
N GLY A 342 20.03 -2.20 -52.16
CA GLY A 342 19.86 -3.05 -53.32
C GLY A 342 18.53 -2.84 -54.01
N GLY A 343 17.47 -2.65 -53.21
CA GLY A 343 16.16 -2.37 -53.79
C GLY A 343 16.11 -1.04 -54.52
N SER A 344 16.81 -0.03 -53.99
CA SER A 344 16.87 1.26 -54.66
C SER A 344 17.71 1.20 -55.92
N ILE A 345 18.75 0.35 -55.93
CA ILE A 345 19.54 0.15 -57.14
C ILE A 345 18.70 -0.54 -58.20
N LEU A 346 17.99 -1.60 -57.82
CA LEU A 346 17.18 -2.35 -58.76
C LEU A 346 16.05 -1.49 -59.33
N ALA A 347 15.38 -0.73 -58.47
CA ALA A 347 14.21 0.04 -58.90
C ALA A 347 14.59 1.19 -59.83
N SER A 348 15.86 1.60 -59.85
CA SER A 348 16.31 2.69 -60.71
C SER A 348 16.99 2.19 -61.99
N LEU A 349 17.16 0.88 -62.14
CA LEU A 349 17.80 0.35 -63.34
C LEU A 349 16.87 0.45 -64.53
N SER A 350 17.43 0.79 -65.69
CA SER A 350 16.62 1.00 -66.89
C SER A 350 15.94 -0.29 -67.33
N THR A 351 16.64 -1.42 -67.24
CA THR A 351 16.06 -2.70 -67.67
C THR A 351 14.94 -3.17 -66.74
N PHE A 352 14.89 -2.67 -65.52
CA PHE A 352 13.86 -3.08 -64.56
C PHE A 352 12.52 -2.41 -64.80
N GLN A 353 12.48 -1.32 -65.57
CA GLN A 353 11.25 -0.55 -65.74
C GLN A 353 10.15 -1.30 -66.46
N GLN A 354 10.47 -2.41 -67.14
CA GLN A 354 9.46 -3.22 -67.81
C GLN A 354 9.11 -4.48 -67.02
N MET A 355 9.57 -4.59 -65.78
CA MET A 355 9.24 -5.72 -64.93
C MET A 355 8.27 -5.35 -63.81
N TRP A 356 7.88 -4.09 -63.70
CA TRP A 356 6.85 -3.70 -62.75
C TRP A 356 5.53 -4.38 -63.06
N ILE A 357 4.77 -4.68 -62.02
CA ILE A 357 3.38 -5.11 -62.17
C ILE A 357 2.53 -3.86 -62.34
N SER A 358 2.07 -3.62 -63.57
CA SER A 358 1.29 -2.42 -63.83
C SER A 358 -0.11 -2.57 -63.27
N LYS A 359 -0.75 -1.42 -63.01
CA LYS A 359 -2.14 -1.44 -62.57
C LYS A 359 -3.05 -2.02 -63.64
N GLN A 360 -2.67 -1.89 -64.91
CA GLN A 360 -3.40 -2.54 -65.99
C GLN A 360 -3.35 -4.06 -65.85
N GLU A 361 -2.19 -4.61 -65.46
CA GLU A 361 -2.07 -6.05 -65.28
C GLU A 361 -2.84 -6.54 -64.06
N TYR A 362 -2.92 -5.73 -63.01
CA TYR A 362 -3.73 -6.10 -61.86
C TYR A 362 -5.21 -6.14 -62.22
N ASP A 363 -5.66 -5.22 -63.08
CA ASP A 363 -7.06 -5.20 -63.49
C ASP A 363 -7.43 -6.48 -64.23
N GLU A 364 -6.54 -6.97 -65.09
CA GLU A 364 -6.84 -8.11 -65.94
C GLU A 364 -6.40 -9.46 -65.36
N SER A 365 -5.69 -9.46 -64.24
CA SER A 365 -5.16 -10.71 -63.68
C SER A 365 -5.41 -10.90 -62.20
N GLY A 366 -5.64 -9.84 -61.42
CA GLY A 366 -5.90 -9.97 -60.01
C GLY A 366 -4.64 -10.13 -59.18
N PRO A 367 -4.82 -10.38 -57.88
CA PRO A 367 -3.64 -10.50 -56.99
C PRO A 367 -2.70 -11.64 -57.37
N SER A 368 -3.19 -12.66 -58.08
CA SER A 368 -2.36 -13.79 -58.46
C SER A 368 -1.32 -13.44 -59.52
N ILE A 369 -1.36 -12.23 -60.07
CA ILE A 369 -0.36 -11.82 -61.06
C ILE A 369 1.05 -11.85 -60.46
N VAL A 370 1.16 -11.66 -59.15
CA VAL A 370 2.47 -11.50 -58.52
C VAL A 370 3.29 -12.79 -58.54
N HIS A 371 2.65 -13.94 -58.69
CA HIS A 371 3.38 -15.20 -58.66
C HIS A 371 4.10 -15.51 -59.97
N ARG A 372 3.70 -14.90 -61.08
CA ARG A 372 4.39 -15.12 -62.34
C ARG A 372 5.27 -13.95 -62.75
N LYS A 373 5.01 -12.75 -62.22
CA LYS A 373 5.85 -11.60 -62.52
C LYS A 373 7.09 -11.55 -61.62
N CYS A 374 6.94 -11.95 -60.36
CA CYS A 374 8.01 -11.84 -59.38
C CYS A 374 8.69 -13.20 -59.19
N PHE A 375 9.59 -13.25 -58.21
CA PHE A 375 10.39 -14.44 -57.91
C PHE A 375 9.45 -15.57 -57.46
N ASP B 4 22.71 -41.34 7.93
CA ASP B 4 21.77 -40.29 8.29
C ASP B 4 20.42 -40.88 8.68
N ILE B 5 19.70 -40.18 9.57
CA ILE B 5 18.44 -40.70 10.09
C ILE B 5 17.38 -40.71 8.99
N ALA B 6 17.04 -39.52 8.48
CA ALA B 6 16.02 -39.40 7.45
C ALA B 6 16.18 -38.05 6.76
N ALA B 7 15.62 -37.96 5.56
CA ALA B 7 15.65 -36.70 4.82
C ALA B 7 14.53 -35.78 5.26
N LEU B 8 14.81 -34.49 5.32
CA LEU B 8 13.82 -33.45 5.57
C LEU B 8 13.36 -32.86 4.25
N VAL B 9 12.10 -32.44 4.22
CA VAL B 9 11.53 -31.74 3.07
C VAL B 9 10.95 -30.43 3.55
N VAL B 10 11.41 -29.32 2.96
CA VAL B 10 10.96 -27.98 3.34
C VAL B 10 10.55 -27.26 2.07
N ASP B 11 9.25 -27.03 1.91
CA ASP B 11 8.69 -26.36 0.74
C ASP B 11 8.39 -24.91 1.11
N ASN B 12 9.42 -24.06 1.02
CA ASN B 12 9.23 -22.65 1.28
C ASN B 12 8.63 -21.95 0.07
N GLY B 13 7.84 -20.91 0.35
CA GLY B 13 7.27 -20.08 -0.69
C GLY B 13 7.13 -18.65 -0.24
N SER B 14 6.46 -17.82 -1.05
CA SER B 14 6.31 -16.41 -0.73
C SER B 14 5.48 -16.19 0.54
N GLY B 15 4.58 -17.11 0.87
CA GLY B 15 3.68 -16.88 1.98
C GLY B 15 3.61 -17.98 3.03
N MET B 16 4.06 -19.18 2.70
CA MET B 16 3.88 -20.33 3.57
C MET B 16 5.14 -21.18 3.62
N CYS B 17 5.32 -21.85 4.76
CA CYS B 17 6.39 -22.81 4.97
C CYS B 17 5.79 -24.16 5.33
N LYS B 18 6.14 -25.19 4.57
CA LYS B 18 5.70 -26.56 4.82
C LYS B 18 6.93 -27.42 5.08
N ALA B 19 6.96 -28.09 6.22
CA ALA B 19 8.14 -28.84 6.64
C ALA B 19 7.72 -30.22 7.11
N GLY B 20 8.66 -31.16 7.00
CA GLY B 20 8.39 -32.52 7.43
C GLY B 20 9.54 -33.43 7.08
N PHE B 21 9.23 -34.74 7.01
CA PHE B 21 10.22 -35.76 6.73
C PHE B 21 9.87 -36.50 5.43
N ALA B 22 10.91 -36.96 4.74
CA ALA B 22 10.71 -37.77 3.55
C ALA B 22 10.05 -39.09 3.91
N GLY B 23 9.18 -39.57 3.02
CA GLY B 23 8.38 -40.73 3.28
C GLY B 23 7.05 -40.46 3.95
N ASP B 24 6.87 -39.29 4.54
CA ASP B 24 5.58 -38.90 5.07
C ASP B 24 4.66 -38.43 3.95
N ASP B 25 3.36 -38.64 4.15
CA ASP B 25 2.36 -38.26 3.16
C ASP B 25 1.76 -36.88 3.41
N ALA B 26 2.23 -36.17 4.44
CA ALA B 26 1.74 -34.84 4.75
C ALA B 26 2.81 -34.10 5.54
N PRO B 27 2.96 -32.79 5.35
CA PRO B 27 3.95 -32.04 6.13
C PRO B 27 3.60 -32.03 7.61
N ARG B 28 4.62 -32.25 8.44
CA ARG B 28 4.41 -32.31 9.87
C ARG B 28 4.18 -30.93 10.49
N ALA B 29 4.70 -29.88 9.85
CA ALA B 29 4.54 -28.52 10.35
C ALA B 29 4.22 -27.59 9.18
N VAL B 30 3.15 -26.81 9.33
CA VAL B 30 2.75 -25.82 8.35
C VAL B 30 2.50 -24.50 9.08
N PHE B 31 3.18 -23.44 8.66
CA PHE B 31 3.04 -22.13 9.29
C PHE B 31 3.41 -21.07 8.26
N PRO B 32 2.83 -19.87 8.36
CA PRO B 32 3.14 -18.83 7.38
C PRO B 32 4.59 -18.38 7.47
N SER B 33 5.15 -18.02 6.31
CA SER B 33 6.52 -17.51 6.23
C SER B 33 6.55 -16.03 6.63
N ILE B 34 6.34 -15.80 7.92
CA ILE B 34 6.17 -14.46 8.46
C ILE B 34 7.11 -14.26 9.64
N VAL B 35 7.81 -13.13 9.64
CA VAL B 35 8.55 -12.65 10.80
C VAL B 35 7.90 -11.35 11.25
N GLY B 36 7.75 -11.19 12.56
CA GLY B 36 7.10 -10.01 13.09
C GLY B 36 7.80 -9.43 14.29
N ARG B 37 7.82 -8.11 14.37
CA ARG B 37 8.42 -7.42 15.50
C ARG B 37 7.43 -6.43 16.10
N PRO B 38 7.48 -6.24 17.42
CA PRO B 38 6.52 -5.32 18.06
C PRO B 38 6.68 -3.90 17.55
N ARG B 39 5.55 -3.21 17.37
CA ARG B 39 5.54 -1.84 16.88
C ARG B 39 4.96 -0.87 17.91
N HIS B 40 4.85 -1.28 19.17
CA HIS B 40 4.31 -0.44 20.23
C HIS B 40 5.25 -0.45 21.42
N GLN B 41 5.00 0.46 22.35
CA GLN B 41 5.87 0.63 23.51
C GLN B 41 5.60 -0.45 24.55
N GLY B 42 6.63 -1.21 24.90
CA GLY B 42 6.51 -2.21 25.95
C GLY B 42 6.62 -1.56 27.31
N VAL B 43 5.58 -1.72 28.14
CA VAL B 43 5.54 -1.08 29.44
C VAL B 43 5.62 -2.07 30.60
N MET B 44 5.19 -3.32 30.41
CA MET B 44 5.20 -4.31 31.48
C MET B 44 6.57 -4.99 31.51
N VAL B 45 7.37 -4.67 32.53
CA VAL B 45 8.66 -5.31 32.69
C VAL B 45 8.45 -6.77 33.05
N GLY B 46 9.32 -7.62 32.54
CA GLY B 46 9.11 -9.06 32.66
C GLY B 46 8.28 -9.54 31.49
N MET B 47 7.32 -10.44 31.77
CA MET B 47 6.33 -10.90 30.80
C MET B 47 6.98 -11.84 29.78
N GLY B 48 8.31 -11.92 29.79
CA GLY B 48 9.02 -12.71 28.81
C GLY B 48 8.88 -12.18 27.39
N GLN B 49 8.95 -10.87 27.22
CA GLN B 49 8.77 -10.28 25.89
C GLN B 49 9.93 -10.66 24.97
N LYS B 50 9.63 -10.76 23.69
CA LYS B 50 10.61 -11.05 22.66
C LYS B 50 10.56 -9.97 21.59
N ASP B 51 11.71 -9.74 20.95
CA ASP B 51 11.80 -8.74 19.90
C ASP B 51 11.49 -9.30 18.52
N SER B 52 11.19 -10.60 18.41
CA SER B 52 10.88 -11.20 17.12
C SER B 52 10.01 -12.42 17.34
N TYR B 53 8.99 -12.57 16.48
CA TYR B 53 8.10 -13.71 16.51
C TYR B 53 7.97 -14.27 15.09
N VAL B 54 7.84 -15.59 15.01
CA VAL B 54 7.92 -16.30 13.73
C VAL B 54 6.70 -17.21 13.59
N GLY B 55 6.13 -17.23 12.38
CA GLY B 55 5.10 -18.22 12.06
C GLY B 55 3.79 -17.96 12.78
N ASP B 56 3.23 -19.03 13.35
CA ASP B 56 1.93 -18.93 14.01
C ASP B 56 1.97 -18.01 15.22
N GLU B 57 3.13 -17.90 15.87
CA GLU B 57 3.27 -16.99 17.00
C GLU B 57 3.09 -15.54 16.55
N ALA B 58 3.60 -15.21 15.36
CA ALA B 58 3.37 -13.88 14.80
C ALA B 58 1.87 -13.66 14.51
N GLN B 59 1.20 -14.70 14.00
CA GLN B 59 -0.22 -14.56 13.68
C GLN B 59 -1.04 -14.32 14.94
N SER B 60 -0.75 -15.06 16.01
CA SER B 60 -1.49 -14.87 17.26
C SER B 60 -1.28 -13.49 17.84
N LYS B 61 -0.07 -12.94 17.72
CA LYS B 61 0.27 -11.65 18.29
C LYS B 61 0.30 -10.52 17.25
N ARG B 62 -0.32 -10.73 16.08
CA ARG B 62 -0.21 -9.77 14.99
C ARG B 62 -0.86 -8.44 15.31
N GLY B 63 -1.71 -8.38 16.35
CA GLY B 63 -2.34 -7.12 16.71
C GLY B 63 -1.39 -6.07 17.24
N ILE B 64 -0.23 -6.49 17.74
CA ILE B 64 0.80 -5.58 18.24
C ILE B 64 2.10 -5.69 17.45
N LEU B 65 2.06 -6.38 16.31
CA LEU B 65 3.25 -6.69 15.54
C LEU B 65 3.17 -6.11 14.14
N THR B 66 4.33 -5.78 13.58
CA THR B 66 4.46 -5.47 12.16
C THR B 66 4.94 -6.72 11.45
N LEU B 67 4.11 -7.24 10.54
CA LEU B 67 4.42 -8.50 9.86
C LEU B 67 5.10 -8.24 8.52
N LYS B 68 6.22 -8.92 8.30
CA LYS B 68 7.00 -8.78 7.10
C LYS B 68 7.31 -10.16 6.53
N TYR B 69 7.14 -10.30 5.21
CA TYR B 69 7.43 -11.56 4.54
C TYR B 69 8.86 -11.55 4.04
N PRO B 70 9.75 -12.42 4.54
CA PRO B 70 11.12 -12.47 4.02
C PRO B 70 11.19 -12.85 2.55
N ILE B 71 10.17 -13.50 2.00
CA ILE B 71 10.17 -13.93 0.60
C ILE B 71 9.13 -13.11 -0.16
N GLU B 72 9.54 -12.53 -1.28
CA GLU B 72 8.63 -11.83 -2.18
C GLU B 72 8.80 -12.37 -3.59
N HIC B 73 7.71 -12.87 -4.17
CA HIC B 73 7.74 -13.46 -5.51
C HIC B 73 8.73 -14.63 -5.60
O HIC B 73 9.42 -14.79 -6.60
CB HIC B 73 8.07 -12.41 -6.57
CG HIC B 73 7.03 -11.35 -6.70
ND1 HIC B 73 5.73 -11.63 -7.00
CD2 HIC B 73 7.18 -10.00 -6.54
CE1 HIC B 73 5.12 -10.48 -7.03
NE2 HIC B 73 5.95 -9.45 -6.76
CZ HIC B 73 5.60 -8.06 -6.70
N GLY B 74 8.78 -15.43 -4.54
CA GLY B 74 9.64 -16.60 -4.51
C GLY B 74 11.12 -16.30 -4.36
N ILE B 75 11.44 -15.03 -4.08
CA ILE B 75 12.82 -14.57 -3.94
C ILE B 75 12.99 -13.99 -2.55
N VAL B 76 14.03 -14.42 -1.85
CA VAL B 76 14.28 -13.91 -0.50
C VAL B 76 14.81 -12.48 -0.60
N THR B 77 14.06 -11.53 -0.03
CA THR B 77 14.46 -10.13 -0.04
C THR B 77 15.20 -9.72 1.23
N ASN B 78 15.08 -10.49 2.30
CA ASN B 78 15.78 -10.21 3.57
C ASN B 78 16.19 -11.55 4.15
N TRP B 79 17.48 -11.88 4.01
CA TRP B 79 17.96 -13.17 4.48
C TRP B 79 18.06 -13.23 6.00
N ASP B 80 18.18 -12.07 6.66
CA ASP B 80 18.22 -12.04 8.11
C ASP B 80 16.96 -12.62 8.72
N ASP B 81 15.82 -12.44 8.05
CA ASP B 81 14.57 -13.03 8.51
C ASP B 81 14.32 -14.41 7.95
N MET B 82 14.90 -14.72 6.79
CA MET B 82 14.81 -16.08 6.27
C MET B 82 15.57 -17.06 7.16
N GLU B 83 16.68 -16.62 7.73
CA GLU B 83 17.39 -17.45 8.69
C GLU B 83 16.55 -17.70 9.94
N LYS B 84 15.78 -16.70 10.38
CA LYS B 84 14.86 -16.91 11.49
C LYS B 84 13.75 -17.88 11.11
N ILE B 85 13.23 -17.79 9.88
CA ILE B 85 12.23 -18.73 9.40
C ILE B 85 12.76 -20.15 9.46
N TRP B 86 13.98 -20.36 8.93
CA TRP B 86 14.54 -21.71 8.90
C TRP B 86 14.89 -22.20 10.30
N HIS B 87 15.36 -21.31 11.18
CA HIS B 87 15.65 -21.70 12.55
C HIS B 87 14.40 -22.15 13.27
N HIS B 88 13.30 -21.40 13.10
CA HIS B 88 12.02 -21.82 13.65
C HIS B 88 11.60 -23.17 13.07
N THR B 89 11.70 -23.32 11.75
CA THR B 89 11.32 -24.57 11.10
C THR B 89 12.06 -25.76 11.69
N PHE B 90 13.37 -25.63 11.86
CA PHE B 90 14.18 -26.77 12.31
C PHE B 90 14.00 -27.01 13.81
N TYR B 91 14.25 -26.00 14.63
CA TYR B 91 14.35 -26.23 16.07
C TYR B 91 13.02 -26.13 16.80
N ASN B 92 12.07 -25.31 16.34
CA ASN B 92 10.82 -25.13 17.08
C ASN B 92 9.69 -25.99 16.53
N GLU B 93 9.53 -26.04 15.20
CA GLU B 93 8.43 -26.77 14.60
C GLU B 93 8.73 -28.27 14.47
N LEU B 94 9.85 -28.60 13.81
CA LEU B 94 10.21 -30.00 13.61
C LEU B 94 11.00 -30.58 14.78
N ARG B 95 11.66 -29.73 15.58
CA ARG B 95 12.45 -30.16 16.74
C ARG B 95 13.51 -31.18 16.33
N VAL B 96 14.32 -30.81 15.34
CA VAL B 96 15.35 -31.69 14.80
C VAL B 96 16.69 -30.95 14.79
N ALA B 97 17.77 -31.73 14.72
CA ALA B 97 19.10 -31.18 14.55
C ALA B 97 19.47 -31.27 13.07
N PRO B 98 19.59 -30.15 12.36
CA PRO B 98 19.89 -30.22 10.92
C PRO B 98 21.24 -30.84 10.60
N GLU B 99 22.15 -30.94 11.57
CA GLU B 99 23.48 -31.47 11.32
C GLU B 99 23.48 -32.94 10.94
N GLU B 100 22.38 -33.66 11.15
CA GLU B 100 22.31 -35.07 10.84
C GLU B 100 21.14 -35.41 9.91
N HIS B 101 20.53 -34.42 9.27
CA HIS B 101 19.38 -34.65 8.40
C HIS B 101 19.62 -33.96 7.06
N PRO B 102 19.65 -34.68 5.95
CA PRO B 102 19.62 -34.01 4.64
C PRO B 102 18.33 -33.21 4.48
N VAL B 103 18.42 -32.09 3.76
CA VAL B 103 17.30 -31.17 3.59
C VAL B 103 17.05 -30.96 2.11
N LEU B 104 15.82 -31.19 1.68
CA LEU B 104 15.40 -30.94 0.30
C LEU B 104 14.60 -29.64 0.27
N LEU B 105 15.14 -28.63 -0.39
CA LEU B 105 14.48 -27.34 -0.55
C LEU B 105 13.79 -27.26 -1.91
N THR B 106 12.92 -26.25 -2.05
CA THR B 106 12.18 -26.03 -3.28
C THR B 106 12.37 -24.59 -3.75
N GLU B 107 12.27 -24.39 -5.06
CA GLU B 107 12.41 -23.06 -5.64
C GLU B 107 11.62 -22.98 -6.94
N ALA B 108 11.13 -21.78 -7.24
CA ALA B 108 10.44 -21.56 -8.49
C ALA B 108 11.44 -21.43 -9.65
N PRO B 109 11.03 -21.80 -10.86
CA PRO B 109 11.94 -21.65 -12.01
C PRO B 109 12.13 -20.19 -12.39
N LEU B 110 13.20 -19.96 -13.15
CA LEU B 110 13.59 -18.62 -13.61
C LEU B 110 13.85 -17.67 -12.44
N ASN B 111 14.29 -18.23 -11.31
CA ASN B 111 14.70 -17.42 -10.17
C ASN B 111 16.13 -16.91 -10.36
N PRO B 112 16.50 -15.85 -9.64
CA PRO B 112 17.90 -15.40 -9.68
C PRO B 112 18.83 -16.49 -9.17
N LYS B 113 20.00 -16.59 -9.79
CA LYS B 113 20.94 -17.64 -9.45
C LYS B 113 21.53 -17.45 -8.06
N ALA B 114 21.69 -16.20 -7.62
CA ALA B 114 22.28 -15.95 -6.30
C ALA B 114 21.34 -16.37 -5.17
N ASN B 115 20.04 -16.39 -5.42
CA ASN B 115 19.09 -16.83 -4.40
C ASN B 115 19.30 -18.30 -4.06
N ARG B 116 19.53 -19.13 -5.07
CA ARG B 116 19.79 -20.54 -4.84
C ARG B 116 21.15 -20.74 -4.16
N GLU B 117 22.15 -19.96 -4.58
CA GLU B 117 23.50 -20.09 -4.03
C GLU B 117 23.50 -19.78 -2.53
N LYS B 118 22.78 -18.75 -2.11
CA LYS B 118 22.74 -18.42 -0.70
C LYS B 118 21.93 -19.44 0.10
N MET B 119 20.91 -20.05 -0.53
CA MET B 119 20.26 -21.19 0.10
C MET B 119 21.27 -22.28 0.41
N THR B 120 22.08 -22.66 -0.58
CA THR B 120 23.09 -23.68 -0.35
C THR B 120 24.09 -23.26 0.73
N GLN B 121 24.54 -22.01 0.65
CA GLN B 121 25.56 -21.53 1.59
C GLN B 121 25.03 -21.53 3.02
N ILE B 122 23.79 -21.09 3.22
CA ILE B 122 23.22 -21.06 4.56
C ILE B 122 22.96 -22.48 5.06
N MET B 123 22.49 -23.37 4.17
CA MET B 123 22.22 -24.74 4.60
C MET B 123 23.49 -25.47 4.98
N PHE B 124 24.63 -25.13 4.37
CA PHE B 124 25.87 -25.84 4.73
C PHE B 124 26.67 -25.17 5.83
N GLU B 125 26.75 -23.83 5.84
CA GLU B 125 27.65 -23.12 6.75
C GLU B 125 26.98 -22.67 8.04
N THR B 126 25.65 -22.72 8.12
CA THR B 126 24.94 -22.30 9.31
C THR B 126 24.20 -23.45 9.99
N PHE B 127 23.58 -24.33 9.22
CA PHE B 127 22.89 -25.49 9.77
C PHE B 127 23.69 -26.78 9.64
N ASN B 128 24.79 -26.75 8.88
CA ASN B 128 25.71 -27.89 8.76
C ASN B 128 25.00 -29.17 8.33
N THR B 129 24.06 -29.04 7.38
CA THR B 129 23.34 -30.21 6.90
C THR B 129 24.29 -31.16 6.19
N PRO B 130 24.15 -32.47 6.37
CA PRO B 130 25.02 -33.42 5.65
C PRO B 130 24.89 -33.31 4.14
N ALA B 131 23.70 -33.03 3.64
CA ALA B 131 23.47 -32.87 2.21
C ALA B 131 22.21 -32.04 2.00
N MET B 132 22.10 -31.45 0.82
CA MET B 132 20.91 -30.68 0.50
C MET B 132 20.69 -30.70 -1.01
N TYR B 133 19.47 -30.35 -1.41
CA TYR B 133 19.09 -30.31 -2.81
C TYR B 133 18.04 -29.23 -3.00
N VAL B 134 17.97 -28.68 -4.21
CA VAL B 134 17.02 -27.63 -4.56
C VAL B 134 16.26 -28.10 -5.80
N ALA B 135 15.02 -28.54 -5.60
CA ALA B 135 14.19 -29.02 -6.69
C ALA B 135 13.18 -27.95 -7.11
N ILE B 136 12.75 -28.04 -8.38
CA ILE B 136 11.77 -27.10 -8.91
C ILE B 136 10.38 -27.46 -8.36
N GLN B 137 9.64 -26.44 -7.92
CA GLN B 137 8.36 -26.67 -7.26
C GLN B 137 7.37 -27.39 -8.17
N ALA B 138 7.26 -26.96 -9.42
CA ALA B 138 6.29 -27.57 -10.33
C ALA B 138 6.70 -28.98 -10.77
N VAL B 139 7.99 -29.31 -10.72
CA VAL B 139 8.41 -30.67 -11.02
C VAL B 139 7.99 -31.63 -9.90
N LEU B 140 8.10 -31.18 -8.66
CA LEU B 140 7.74 -32.03 -7.52
C LEU B 140 6.27 -32.41 -7.56
N SER B 141 5.39 -31.45 -7.89
CA SER B 141 3.97 -31.73 -7.93
C SER B 141 3.59 -32.74 -9.01
N LEU B 142 4.46 -33.00 -9.97
CA LEU B 142 4.21 -34.11 -10.90
C LEU B 142 4.48 -35.45 -10.24
N TYR B 143 5.46 -35.51 -9.33
CA TYR B 143 5.68 -36.72 -8.55
C TYR B 143 4.44 -37.05 -7.71
N ALA B 144 3.85 -36.02 -7.07
CA ALA B 144 2.68 -36.25 -6.24
C ALA B 144 1.51 -36.78 -7.05
N SER B 145 1.33 -36.26 -8.26
CA SER B 145 0.23 -36.72 -9.12
C SER B 145 0.45 -38.13 -9.66
N GLY B 146 1.63 -38.70 -9.46
CA GLY B 146 1.90 -40.03 -9.97
C GLY B 146 2.06 -40.10 -11.47
N ARG B 147 2.59 -39.05 -12.08
CA ARG B 147 2.70 -38.97 -13.53
C ARG B 147 4.14 -38.69 -13.93
N THR B 148 4.49 -39.08 -15.15
CA THR B 148 5.73 -38.68 -15.78
C THR B 148 5.51 -37.83 -17.03
N THR B 149 4.25 -37.61 -17.41
CA THR B 149 3.89 -36.79 -18.56
C THR B 149 2.76 -35.86 -18.16
N GLY B 150 2.90 -34.59 -18.49
CA GLY B 150 1.90 -33.59 -18.20
C GLY B 150 2.53 -32.25 -17.90
N ILE B 151 1.70 -31.22 -17.94
CA ILE B 151 2.11 -29.85 -17.66
C ILE B 151 1.53 -29.43 -16.32
N VAL B 152 2.37 -28.89 -15.45
CA VAL B 152 1.97 -28.51 -14.09
C VAL B 152 1.84 -27.00 -14.02
N MET B 153 0.65 -26.54 -13.63
CA MET B 153 0.38 -25.11 -13.41
C MET B 153 0.35 -24.87 -11.91
N ASP B 154 1.48 -24.43 -11.36
CA ASP B 154 1.64 -24.23 -9.93
C ASP B 154 1.45 -22.75 -9.61
N SER B 155 0.53 -22.46 -8.69
CA SER B 155 0.27 -21.09 -8.26
C SER B 155 0.34 -21.03 -6.75
N GLY B 156 1.28 -20.26 -6.22
CA GLY B 156 1.44 -20.13 -4.79
C GLY B 156 1.11 -18.73 -4.30
N ASP B 157 1.87 -18.23 -3.34
CA ASP B 157 1.60 -16.90 -2.81
C ASP B 157 2.25 -15.79 -3.65
N GLY B 158 3.33 -16.07 -4.36
CA GLY B 158 4.00 -15.03 -5.11
C GLY B 158 4.39 -15.37 -6.54
N VAL B 159 4.33 -16.65 -6.90
CA VAL B 159 4.79 -17.09 -8.21
C VAL B 159 3.74 -18.01 -8.84
N THR B 160 3.51 -17.82 -10.13
CA THR B 160 2.78 -18.76 -10.97
C THR B 160 3.72 -19.23 -12.08
N HIS B 161 3.85 -20.55 -12.23
CA HIS B 161 4.75 -21.07 -13.25
C HIS B 161 4.21 -22.38 -13.80
N THR B 162 4.46 -22.61 -15.09
CA THR B 162 4.03 -23.81 -15.78
C THR B 162 5.27 -24.53 -16.31
N VAL B 163 5.37 -25.82 -16.04
CA VAL B 163 6.51 -26.63 -16.49
C VAL B 163 6.00 -27.84 -17.26
N PRO B 164 6.24 -27.91 -18.58
CA PRO B 164 5.84 -29.10 -19.34
C PRO B 164 6.85 -30.23 -19.16
N ILE B 165 6.35 -31.45 -18.99
CA ILE B 165 7.17 -32.64 -18.87
C ILE B 165 6.56 -33.75 -19.70
N TYR B 166 7.40 -34.48 -20.43
CA TYR B 166 6.94 -35.57 -21.28
C TYR B 166 7.90 -36.74 -21.15
N GLU B 167 7.39 -37.86 -20.61
CA GLU B 167 8.18 -39.07 -20.38
C GLU B 167 9.44 -38.79 -19.55
N GLY B 168 9.29 -37.93 -18.54
CA GLY B 168 10.39 -37.62 -17.65
C GLY B 168 11.32 -36.55 -18.15
N TYR B 169 11.10 -36.00 -19.34
CA TYR B 169 11.93 -34.94 -19.89
C TYR B 169 11.16 -33.63 -19.88
N ALA B 170 11.72 -32.63 -19.21
CA ALA B 170 11.14 -31.29 -19.19
C ALA B 170 11.65 -30.48 -20.37
N LEU B 171 10.84 -29.52 -20.80
CA LEU B 171 11.19 -28.60 -21.89
C LEU B 171 11.43 -27.22 -21.29
N PRO B 172 12.67 -26.90 -20.89
CA PRO B 172 12.92 -25.61 -20.23
C PRO B 172 12.62 -24.40 -21.09
N HIS B 173 12.70 -24.53 -22.42
CA HIS B 173 12.36 -23.39 -23.28
C HIS B 173 10.88 -23.07 -23.22
N ALA B 174 10.04 -24.06 -22.92
CA ALA B 174 8.61 -23.87 -22.83
C ALA B 174 8.14 -23.48 -21.44
N ILE B 175 9.04 -23.46 -20.44
CA ILE B 175 8.65 -23.09 -19.10
C ILE B 175 8.34 -21.60 -19.05
N LEU B 176 7.16 -21.26 -18.53
CA LEU B 176 6.72 -19.88 -18.43
C LEU B 176 6.54 -19.51 -16.96
N ARG B 177 6.84 -18.25 -16.65
CA ARG B 177 6.71 -17.74 -15.29
C ARG B 177 5.87 -16.47 -15.31
N LEU B 178 5.02 -16.32 -14.29
CA LEU B 178 4.10 -15.21 -14.17
C LEU B 178 4.12 -14.74 -12.72
N ASP B 179 4.60 -13.51 -12.49
CA ASP B 179 4.69 -12.94 -11.15
C ASP B 179 3.33 -12.39 -10.70
N LEU B 180 2.36 -13.29 -10.60
CA LEU B 180 1.01 -12.96 -10.17
C LEU B 180 0.47 -14.16 -9.40
N ALA B 181 0.11 -13.95 -8.14
CA ALA B 181 -0.27 -15.08 -7.29
C ALA B 181 -1.12 -14.55 -6.13
N GLY B 182 -1.22 -15.35 -5.06
CA GLY B 182 -2.16 -15.05 -3.99
C GLY B 182 -1.92 -13.72 -3.30
N ARG B 183 -0.67 -13.26 -3.22
CA ARG B 183 -0.39 -11.98 -2.58
C ARG B 183 -0.96 -10.82 -3.38
N ASP B 184 -0.80 -10.87 -4.70
CA ASP B 184 -1.39 -9.84 -5.56
C ASP B 184 -2.91 -9.86 -5.46
N LEU B 185 -3.50 -11.05 -5.38
CA LEU B 185 -4.96 -11.15 -5.22
C LEU B 185 -5.41 -10.61 -3.88
N THR B 186 -4.63 -10.82 -2.82
CA THR B 186 -4.97 -10.26 -1.51
C THR B 186 -4.91 -8.74 -1.55
N ASP B 187 -3.88 -8.19 -2.17
CA ASP B 187 -3.78 -6.73 -2.31
C ASP B 187 -4.93 -6.17 -3.14
N TYR B 188 -5.29 -6.87 -4.22
CA TYR B 188 -6.40 -6.44 -5.05
C TYR B 188 -7.72 -6.48 -4.28
N LEU B 189 -7.92 -7.52 -3.48
CA LEU B 189 -9.12 -7.61 -2.66
C LEU B 189 -9.16 -6.48 -1.63
N MET B 190 -8.01 -6.15 -1.05
CA MET B 190 -7.93 -4.98 -0.18
C MET B 190 -8.34 -3.72 -0.92
N LYS B 191 -7.89 -3.59 -2.17
CA LYS B 191 -8.20 -2.40 -2.97
C LYS B 191 -9.69 -2.31 -3.26
N ILE B 192 -10.29 -3.41 -3.72
CA ILE B 192 -11.68 -3.34 -4.18
C ILE B 192 -12.67 -3.34 -3.02
N LEU B 193 -12.24 -3.80 -1.84
CA LEU B 193 -13.13 -3.74 -0.67
C LEU B 193 -13.38 -2.31 -0.23
N THR B 194 -12.54 -1.35 -0.65
CA THR B 194 -12.77 0.05 -0.30
C THR B 194 -14.00 0.61 -1.00
N GLU B 195 -14.51 -0.07 -2.03
CA GLU B 195 -15.73 0.38 -2.68
C GLU B 195 -16.93 0.32 -1.73
N ARG B 196 -16.88 -0.56 -0.74
CA ARG B 196 -17.91 -0.64 0.29
C ARG B 196 -17.52 0.08 1.57
N GLY B 197 -16.41 0.81 1.57
CA GLY B 197 -15.97 1.55 2.74
C GLY B 197 -15.04 0.81 3.66
N TYR B 198 -14.74 -0.47 3.38
CA TYR B 198 -13.79 -1.21 4.20
C TYR B 198 -12.37 -0.74 3.89
N SER B 199 -11.60 -0.44 4.94
CA SER B 199 -10.31 0.25 4.80
C SER B 199 -9.23 -0.54 5.53
N PHE B 200 -9.09 -1.82 5.18
CA PHE B 200 -8.03 -2.65 5.71
C PHE B 200 -6.69 -2.15 5.16
N THR B 201 -5.81 -1.70 6.06
CA THR B 201 -4.53 -1.11 5.64
C THR B 201 -3.33 -1.75 6.31
N THR B 202 -3.43 -2.12 7.58
CA THR B 202 -2.28 -2.64 8.31
C THR B 202 -1.89 -4.03 7.82
N THR B 203 -0.71 -4.47 8.25
CA THR B 203 -0.23 -5.81 7.88
C THR B 203 -1.12 -6.90 8.48
N ALA B 204 -1.59 -6.69 9.71
CA ALA B 204 -2.53 -7.65 10.31
C ALA B 204 -3.84 -7.68 9.53
N GLU B 205 -4.31 -6.51 9.09
CA GLU B 205 -5.50 -6.48 8.25
C GLU B 205 -5.24 -7.10 6.88
N ARG B 206 -3.99 -7.12 6.43
CA ARG B 206 -3.67 -7.91 5.23
C ARG B 206 -3.90 -9.39 5.47
N GLU B 207 -3.54 -9.90 6.65
CA GLU B 207 -3.85 -11.29 6.99
C GLU B 207 -5.35 -11.51 7.10
N ILE B 208 -6.07 -10.53 7.65
CA ILE B 208 -7.53 -10.61 7.73
C ILE B 208 -8.14 -10.74 6.34
N VAL B 209 -7.68 -9.89 5.41
CA VAL B 209 -8.17 -9.94 4.03
C VAL B 209 -7.75 -11.23 3.36
N ARG B 210 -6.56 -11.75 3.68
CA ARG B 210 -6.16 -13.06 3.15
C ARG B 210 -7.11 -14.15 3.62
N ASP B 211 -7.51 -14.12 4.89
CA ASP B 211 -8.49 -15.08 5.39
C ASP B 211 -9.83 -14.92 4.67
N ILE B 212 -10.25 -13.67 4.46
CA ILE B 212 -11.50 -13.42 3.73
C ILE B 212 -11.41 -14.01 2.32
N LYS B 213 -10.27 -13.80 1.67
CA LYS B 213 -10.05 -14.33 0.32
C LYS B 213 -10.10 -15.85 0.31
N GLU B 214 -9.45 -16.49 1.29
CA GLU B 214 -9.42 -17.95 1.33
C GLU B 214 -10.79 -18.54 1.63
N LYS B 215 -11.61 -17.82 2.41
CA LYS B 215 -12.91 -18.37 2.80
C LYS B 215 -13.99 -18.10 1.77
N LEU B 216 -13.99 -16.91 1.15
CA LEU B 216 -15.14 -16.46 0.38
C LEU B 216 -14.89 -16.21 -1.10
N CYS B 217 -13.64 -15.98 -1.52
CA CYS B 217 -13.39 -15.78 -2.94
C CYS B 217 -13.59 -17.08 -3.71
N TYR B 218 -14.09 -16.96 -4.94
CA TYR B 218 -14.29 -18.12 -5.79
C TYR B 218 -14.23 -17.67 -7.25
N VAL B 219 -14.05 -18.64 -8.13
CA VAL B 219 -13.84 -18.37 -9.55
C VAL B 219 -15.16 -18.53 -10.29
N ALA B 220 -15.57 -17.49 -11.01
CA ALA B 220 -16.77 -17.55 -11.82
C ALA B 220 -16.51 -18.35 -13.10
N LEU B 221 -17.53 -19.12 -13.53
CA LEU B 221 -17.42 -19.82 -14.79
C LEU B 221 -17.60 -18.87 -15.97
N ASP B 222 -18.51 -17.91 -15.84
CA ASP B 222 -18.71 -16.85 -16.84
C ASP B 222 -18.76 -15.54 -16.09
N PHE B 223 -17.73 -14.71 -16.27
CA PHE B 223 -17.57 -13.52 -15.43
C PHE B 223 -18.69 -12.52 -15.65
N GLU B 224 -19.06 -12.26 -16.91
CA GLU B 224 -20.10 -11.28 -17.19
C GLU B 224 -21.46 -11.75 -16.68
N GLN B 225 -21.78 -13.04 -16.84
CA GLN B 225 -23.03 -13.57 -16.32
C GLN B 225 -23.10 -13.47 -14.80
N GLU B 226 -21.97 -13.73 -14.13
CA GLU B 226 -21.96 -13.62 -12.66
C GLU B 226 -22.05 -12.17 -12.22
N MET B 227 -21.47 -11.23 -12.99
CA MET B 227 -21.69 -9.82 -12.71
C MET B 227 -23.17 -9.46 -12.82
N ALA B 228 -23.82 -9.94 -13.89
CA ALA B 228 -25.25 -9.66 -14.06
C ALA B 228 -26.07 -10.28 -12.94
N THR B 229 -25.72 -11.50 -12.51
CA THR B 229 -26.42 -12.12 -11.39
C THR B 229 -26.22 -11.35 -10.10
N ALA B 230 -24.98 -10.90 -9.84
CA ALA B 230 -24.69 -10.11 -8.65
C ALA B 230 -25.33 -8.74 -8.70
N ALA B 231 -25.74 -8.27 -9.88
CA ALA B 231 -26.53 -7.05 -9.95
C ALA B 231 -27.84 -7.18 -9.18
N SER B 232 -28.40 -8.39 -9.11
CA SER B 232 -29.48 -8.71 -8.17
C SER B 232 -28.86 -9.08 -6.82
N SER B 233 -28.47 -8.04 -6.08
CA SER B 233 -27.57 -8.17 -4.93
C SER B 233 -28.25 -8.69 -3.67
N SER B 234 -28.71 -9.94 -3.69
CA SER B 234 -29.20 -10.57 -2.47
C SER B 234 -28.70 -12.00 -2.33
N SER B 235 -28.34 -12.62 -3.46
CA SER B 235 -28.04 -14.06 -3.44
C SER B 235 -26.55 -14.33 -3.22
N LEU B 236 -25.68 -13.63 -3.92
CA LEU B 236 -24.25 -13.87 -3.83
C LEU B 236 -23.60 -13.17 -2.65
N GLU B 237 -24.35 -12.38 -1.89
CA GLU B 237 -23.79 -11.62 -0.79
C GLU B 237 -23.52 -12.54 0.40
N LYS B 238 -22.32 -12.45 0.96
CA LYS B 238 -21.89 -13.29 2.06
C LYS B 238 -21.37 -12.43 3.21
N SER B 239 -21.55 -12.91 4.44
CA SER B 239 -21.09 -12.18 5.61
C SER B 239 -19.80 -12.78 6.15
N TYR B 240 -18.94 -11.91 6.67
CA TYR B 240 -17.70 -12.30 7.33
C TYR B 240 -17.54 -11.47 8.59
N GLU B 241 -17.18 -12.12 9.69
CA GLU B 241 -17.04 -11.47 10.98
C GLU B 241 -15.56 -11.19 11.27
N LEU B 242 -15.23 -9.91 11.47
CA LEU B 242 -13.87 -9.52 11.80
C LEU B 242 -13.51 -9.98 13.20
N PRO B 243 -12.21 -10.05 13.52
CA PRO B 243 -11.81 -10.41 14.89
C PRO B 243 -12.38 -9.48 15.95
N ASP B 244 -12.61 -8.21 15.62
CA ASP B 244 -13.22 -7.29 16.55
C ASP B 244 -14.69 -7.61 16.77
N GLY B 245 -15.35 -8.22 15.79
CA GLY B 245 -16.75 -8.55 15.89
C GLY B 245 -17.66 -7.82 14.92
N GLN B 246 -17.16 -6.80 14.23
CA GLN B 246 -17.94 -6.17 13.17
C GLN B 246 -18.05 -7.11 11.98
N VAL B 247 -19.21 -7.07 11.32
CA VAL B 247 -19.51 -7.97 10.22
C VAL B 247 -19.49 -7.17 8.92
N ILE B 248 -18.59 -7.55 8.03
CA ILE B 248 -18.53 -7.00 6.69
C ILE B 248 -19.31 -7.92 5.76
N THR B 249 -19.83 -7.35 4.67
CA THR B 249 -20.54 -8.12 3.65
C THR B 249 -19.83 -7.96 2.31
N ILE B 250 -19.58 -9.09 1.65
CA ILE B 250 -18.89 -9.11 0.36
C ILE B 250 -19.84 -9.67 -0.69
N GLY B 251 -19.81 -9.08 -1.87
CA GLY B 251 -20.76 -9.40 -2.93
C GLY B 251 -20.07 -9.87 -4.20
N ASN B 252 -20.22 -9.09 -5.27
CA ASN B 252 -19.55 -9.40 -6.53
C ASN B 252 -18.03 -9.45 -6.37
N GLU B 253 -17.50 -8.82 -5.32
CA GLU B 253 -16.07 -8.91 -5.06
C GLU B 253 -15.63 -10.34 -4.84
N ARG B 254 -16.54 -11.24 -4.44
CA ARG B 254 -16.16 -12.62 -4.19
C ARG B 254 -15.57 -13.27 -5.43
N PHE B 255 -16.17 -13.05 -6.60
CA PHE B 255 -15.64 -13.61 -7.83
C PHE B 255 -14.82 -12.62 -8.65
N ARG B 256 -14.96 -11.31 -8.39
CA ARG B 256 -14.02 -10.35 -8.97
C ARG B 256 -12.64 -10.48 -8.33
N CYS B 257 -12.57 -11.11 -7.17
CA CYS B 257 -11.30 -11.34 -6.48
C CYS B 257 -10.38 -12.31 -7.22
N PRO B 258 -10.81 -13.54 -7.57
CA PRO B 258 -9.91 -14.42 -8.33
C PRO B 258 -9.86 -14.12 -9.81
N GLU B 259 -10.72 -13.24 -10.32
CA GLU B 259 -10.77 -12.99 -11.76
C GLU B 259 -9.47 -12.37 -12.27
N ALA B 260 -8.70 -11.73 -11.39
CA ALA B 260 -7.43 -11.15 -11.80
C ALA B 260 -6.44 -12.21 -12.30
N LEU B 261 -6.65 -13.48 -11.93
CA LEU B 261 -5.81 -14.54 -12.46
C LEU B 261 -6.03 -14.73 -13.96
N PHE B 262 -7.28 -14.61 -14.42
CA PHE B 262 -7.61 -14.80 -15.83
C PHE B 262 -7.66 -13.50 -16.62
N GLN B 263 -7.80 -12.36 -15.94
CA GLN B 263 -7.75 -11.04 -16.56
C GLN B 263 -6.76 -10.19 -15.77
N PRO B 264 -5.46 -10.35 -16.02
CA PRO B 264 -4.47 -9.56 -15.27
C PRO B 264 -4.59 -8.07 -15.48
N SER B 265 -5.30 -7.61 -16.52
CA SER B 265 -5.51 -6.19 -16.72
C SER B 265 -6.28 -5.54 -15.59
N PHE B 266 -6.96 -6.34 -14.75
CA PHE B 266 -7.62 -5.79 -13.57
C PHE B 266 -6.60 -5.17 -12.62
N LEU B 267 -5.38 -5.68 -12.60
CA LEU B 267 -4.31 -5.19 -11.74
C LEU B 267 -3.43 -4.16 -12.42
N GLY B 268 -3.75 -3.79 -13.67
CA GLY B 268 -2.85 -2.98 -14.46
C GLY B 268 -1.76 -3.77 -15.16
N MET B 269 -1.77 -5.09 -15.05
CA MET B 269 -0.77 -5.91 -15.71
C MET B 269 -1.07 -6.04 -17.20
N GLU B 270 0.00 -6.30 -17.97
CA GLU B 270 -0.13 -6.54 -19.40
C GLU B 270 -0.13 -8.02 -19.75
N SER B 271 0.31 -8.88 -18.84
CA SER B 271 0.52 -10.29 -19.15
C SER B 271 -0.80 -11.03 -19.33
N CYS B 272 -0.69 -12.21 -19.93
CA CYS B 272 -1.86 -13.05 -20.18
C CYS B 272 -2.34 -13.70 -18.89
N GLY B 273 -3.59 -14.14 -18.89
CA GLY B 273 -4.13 -14.87 -17.76
C GLY B 273 -3.53 -16.26 -17.64
N ILE B 274 -3.79 -16.89 -16.50
CA ILE B 274 -3.22 -18.21 -16.21
C ILE B 274 -3.69 -19.25 -17.20
N HIS B 275 -4.88 -19.08 -17.78
CA HIS B 275 -5.35 -20.01 -18.80
C HIS B 275 -4.52 -19.87 -20.08
N GLU B 276 -4.21 -18.63 -20.46
CA GLU B 276 -3.46 -18.40 -21.70
C GLU B 276 -1.98 -18.73 -21.52
N THR B 277 -1.45 -18.56 -20.32
CA THR B 277 -0.05 -18.95 -20.07
C THR B 277 0.13 -20.45 -20.22
N THR B 278 -0.81 -21.24 -19.69
CA THR B 278 -0.74 -22.69 -19.83
C THR B 278 -0.85 -23.10 -21.30
N PHE B 279 -1.78 -22.48 -22.03
CA PHE B 279 -1.94 -22.79 -23.44
C PHE B 279 -0.68 -22.43 -24.24
N ASN B 280 -0.08 -21.27 -23.95
CA ASN B 280 1.14 -20.89 -24.62
C ASN B 280 2.29 -21.84 -24.28
N SER B 281 2.37 -22.27 -23.02
CA SER B 281 3.41 -23.21 -22.62
C SER B 281 3.25 -24.54 -23.34
N ILE B 282 2.01 -25.01 -23.49
CA ILE B 282 1.78 -26.23 -24.25
C ILE B 282 2.17 -26.04 -25.71
N MET B 283 1.79 -24.90 -26.29
CA MET B 283 2.01 -24.67 -27.71
C MET B 283 3.49 -24.45 -28.03
N LYS B 284 4.28 -24.01 -27.05
CA LYS B 284 5.71 -23.88 -27.25
C LYS B 284 6.44 -25.22 -27.25
N CYS B 285 5.75 -26.31 -26.93
CA CYS B 285 6.31 -27.64 -26.95
C CYS B 285 6.18 -28.25 -28.35
N ASP B 286 6.71 -29.46 -28.50
CA ASP B 286 6.64 -30.14 -29.79
C ASP B 286 5.21 -30.55 -30.10
N VAL B 287 4.92 -30.69 -31.40
CA VAL B 287 3.56 -30.97 -31.85
C VAL B 287 3.07 -32.31 -31.31
N ASP B 288 3.95 -33.31 -31.31
CA ASP B 288 3.52 -34.67 -30.99
C ASP B 288 3.20 -34.87 -29.51
N ILE B 289 3.73 -34.02 -28.64
CA ILE B 289 3.50 -34.20 -27.20
C ILE B 289 2.38 -33.33 -26.66
N ARG B 290 1.83 -32.41 -27.45
CA ARG B 290 0.79 -31.52 -26.97
C ARG B 290 -0.46 -32.29 -26.56
N LYS B 291 -0.82 -33.33 -27.32
CA LYS B 291 -2.02 -34.09 -27.02
C LYS B 291 -2.00 -34.64 -25.60
N ASP B 292 -0.85 -35.17 -25.17
CA ASP B 292 -0.73 -35.67 -23.81
C ASP B 292 -0.64 -34.56 -22.77
N LEU B 293 -0.24 -33.36 -23.18
CA LEU B 293 -0.19 -32.24 -22.24
C LEU B 293 -1.58 -31.69 -21.95
N TYR B 294 -2.47 -31.70 -22.94
CA TYR B 294 -3.84 -31.27 -22.69
C TYR B 294 -4.54 -32.20 -21.71
N ALA B 295 -4.36 -33.51 -21.87
CA ALA B 295 -5.05 -34.48 -21.04
C ALA B 295 -4.43 -34.65 -19.66
N ASN B 296 -3.27 -34.04 -19.40
CA ASN B 296 -2.59 -34.19 -18.12
C ASN B 296 -2.15 -32.83 -17.59
N THR B 297 -3.06 -31.86 -17.62
CA THR B 297 -2.81 -30.54 -17.05
C THR B 297 -3.11 -30.60 -15.56
N VAL B 298 -2.08 -30.47 -14.74
CA VAL B 298 -2.18 -30.65 -13.29
C VAL B 298 -2.12 -29.28 -12.62
N LEU B 299 -3.07 -29.02 -11.72
CA LEU B 299 -3.08 -27.81 -10.91
C LEU B 299 -2.50 -28.12 -9.54
N SER B 300 -1.62 -27.24 -9.06
CA SER B 300 -1.01 -27.39 -7.75
C SER B 300 -0.77 -26.01 -7.15
N GLY B 301 -0.53 -25.99 -5.86
CA GLY B 301 -0.32 -24.73 -5.17
C GLY B 301 -1.57 -24.24 -4.47
N GLY B 302 -1.35 -23.34 -3.49
CA GLY B 302 -2.45 -22.88 -2.66
C GLY B 302 -3.42 -21.95 -3.37
N THR B 303 -2.94 -21.17 -4.35
CA THR B 303 -3.82 -20.26 -5.05
C THR B 303 -4.84 -20.98 -5.92
N THR B 304 -4.48 -22.14 -6.46
CA THR B 304 -5.40 -22.91 -7.29
C THR B 304 -6.51 -23.59 -6.49
N MET B 305 -6.68 -23.23 -5.22
CA MET B 305 -7.69 -23.81 -4.36
C MET B 305 -9.04 -23.10 -4.42
N TYR B 306 -9.16 -22.07 -5.26
CA TYR B 306 -10.44 -21.39 -5.39
C TYR B 306 -11.49 -22.36 -5.94
N PRO B 307 -12.70 -22.35 -5.39
CA PRO B 307 -13.77 -23.18 -5.97
C PRO B 307 -14.07 -22.75 -7.39
N GLY B 308 -14.25 -23.74 -8.26
CA GLY B 308 -14.57 -23.48 -9.66
C GLY B 308 -13.40 -23.08 -10.53
N ILE B 309 -12.18 -23.03 -10.00
CA ILE B 309 -11.03 -22.66 -10.82
C ILE B 309 -10.74 -23.75 -11.85
N ALA B 310 -10.94 -25.02 -11.48
CA ALA B 310 -10.71 -26.11 -12.41
C ALA B 310 -11.69 -26.06 -13.58
N ASP B 311 -12.97 -25.74 -13.28
CA ASP B 311 -13.96 -25.65 -14.35
C ASP B 311 -13.66 -24.49 -15.30
N ARG B 312 -13.25 -23.34 -14.77
CA ARG B 312 -12.89 -22.22 -15.62
C ARG B 312 -11.65 -22.53 -16.45
N MET B 313 -10.64 -23.17 -15.84
CA MET B 313 -9.44 -23.54 -16.58
C MET B 313 -9.79 -24.51 -17.70
N GLN B 314 -10.69 -25.46 -17.43
CA GLN B 314 -11.15 -26.37 -18.47
C GLN B 314 -11.88 -25.61 -19.58
N LYS B 315 -12.71 -24.64 -19.20
CA LYS B 315 -13.51 -23.92 -20.19
C LYS B 315 -12.64 -23.06 -21.10
N GLU B 316 -11.68 -22.32 -20.53
CA GLU B 316 -10.87 -21.42 -21.35
C GLU B 316 -9.87 -22.19 -22.20
N ILE B 317 -9.23 -23.22 -21.64
CA ILE B 317 -8.24 -23.97 -22.40
C ILE B 317 -8.90 -24.75 -23.54
N THR B 318 -10.10 -25.30 -23.31
CA THR B 318 -10.79 -26.00 -24.38
C THR B 318 -11.28 -25.04 -25.47
N ALA B 319 -11.41 -23.74 -25.15
CA ALA B 319 -11.72 -22.75 -26.17
C ALA B 319 -10.50 -22.39 -27.01
N LEU B 320 -9.31 -22.46 -26.43
CA LEU B 320 -8.08 -22.13 -27.16
C LEU B 320 -7.56 -23.33 -27.93
N ALA B 321 -7.50 -24.49 -27.28
CA ALA B 321 -6.94 -25.68 -27.89
C ALA B 321 -7.83 -26.14 -29.06
N PRO B 322 -7.26 -26.89 -30.01
CA PRO B 322 -8.07 -27.38 -31.14
C PRO B 322 -9.24 -28.24 -30.66
N SER B 323 -10.34 -28.16 -31.41
CA SER B 323 -11.61 -28.73 -30.97
C SER B 323 -11.55 -30.25 -30.82
N THR B 324 -10.62 -30.92 -31.50
CA THR B 324 -10.54 -32.37 -31.42
C THR B 324 -9.79 -32.88 -30.20
N MET B 325 -9.07 -32.01 -29.49
CA MET B 325 -8.34 -32.42 -28.31
C MET B 325 -9.27 -32.57 -27.11
N LYS B 326 -8.89 -33.47 -26.21
CA LYS B 326 -9.60 -33.66 -24.95
C LYS B 326 -8.83 -32.97 -23.84
N ILE B 327 -9.46 -32.00 -23.21
CA ILE B 327 -8.85 -31.21 -22.14
C ILE B 327 -9.24 -31.83 -20.81
N LYS B 328 -8.25 -32.11 -19.96
CA LYS B 328 -8.49 -32.69 -18.64
C LYS B 328 -7.67 -31.92 -17.62
N ILE B 329 -8.35 -31.16 -16.76
CA ILE B 329 -7.71 -30.39 -15.70
C ILE B 329 -7.75 -31.25 -14.44
N ILE B 330 -6.61 -31.82 -14.08
CA ILE B 330 -6.50 -32.64 -12.87
C ILE B 330 -6.27 -31.72 -11.68
N ALA B 331 -7.26 -31.65 -10.79
CA ALA B 331 -7.20 -30.82 -9.59
C ALA B 331 -7.39 -31.72 -8.38
N PRO B 332 -6.31 -32.24 -7.80
CA PRO B 332 -6.45 -33.16 -6.66
C PRO B 332 -7.05 -32.47 -5.46
N PRO B 333 -7.54 -33.23 -4.47
CA PRO B 333 -8.01 -32.58 -3.23
C PRO B 333 -6.92 -31.82 -2.50
N GLU B 334 -5.66 -32.26 -2.63
CA GLU B 334 -4.55 -31.74 -1.84
C GLU B 334 -3.56 -30.91 -2.65
N ARG B 335 -4.06 -30.08 -3.59
CA ARG B 335 -3.17 -29.18 -4.33
C ARG B 335 -2.35 -28.30 -3.39
N LYS B 336 -2.92 -27.95 -2.23
CA LYS B 336 -2.23 -27.09 -1.29
C LYS B 336 -0.91 -27.69 -0.82
N TYR B 337 -0.83 -29.03 -0.76
CA TYR B 337 0.36 -29.71 -0.28
C TYR B 337 1.04 -30.54 -1.37
N SER B 338 0.67 -30.36 -2.64
CA SER B 338 1.14 -31.24 -3.69
C SER B 338 2.65 -31.14 -3.88
N VAL B 339 3.21 -29.93 -3.80
CA VAL B 339 4.64 -29.76 -3.99
C VAL B 339 5.42 -30.46 -2.88
N TRP B 340 4.99 -30.31 -1.64
CA TRP B 340 5.68 -30.96 -0.53
C TRP B 340 5.59 -32.47 -0.64
N ILE B 341 4.44 -33.00 -1.06
CA ILE B 341 4.28 -34.45 -1.21
C ILE B 341 5.24 -34.97 -2.29
N GLY B 342 5.33 -34.24 -3.40
CA GLY B 342 6.29 -34.63 -4.43
C GLY B 342 7.72 -34.57 -3.94
N GLY B 343 8.05 -33.56 -3.14
CA GLY B 343 9.40 -33.48 -2.58
C GLY B 343 9.69 -34.62 -1.63
N SER B 344 8.69 -35.03 -0.84
CA SER B 344 8.88 -36.17 0.07
C SER B 344 9.00 -37.47 -0.69
N ILE B 345 8.29 -37.60 -1.81
CA ILE B 345 8.41 -38.80 -2.65
C ILE B 345 9.81 -38.85 -3.27
N LEU B 346 10.26 -37.72 -3.83
CA LEU B 346 11.57 -37.69 -4.47
C LEU B 346 12.70 -37.94 -3.48
N ALA B 347 12.61 -37.33 -2.30
CA ALA B 347 13.70 -37.44 -1.32
C ALA B 347 13.84 -38.85 -0.77
N SER B 348 12.79 -39.67 -0.86
CA SER B 348 12.84 -41.05 -0.36
C SER B 348 13.10 -42.07 -1.45
N LEU B 349 13.27 -41.63 -2.69
CA LEU B 349 13.57 -42.56 -3.79
C LEU B 349 15.00 -43.06 -3.68
N SER B 350 15.19 -44.34 -3.97
CA SER B 350 16.53 -44.93 -3.88
C SER B 350 17.48 -44.31 -4.90
N THR B 351 17.00 -44.07 -6.12
CA THR B 351 17.87 -43.52 -7.16
C THR B 351 18.25 -42.08 -6.87
N PHE B 352 17.46 -41.38 -6.06
CA PHE B 352 17.75 -39.97 -5.77
C PHE B 352 18.87 -39.80 -4.77
N GLN B 353 19.24 -40.85 -4.03
CA GLN B 353 20.20 -40.72 -2.94
C GLN B 353 21.61 -40.35 -3.41
N GLN B 354 21.91 -40.50 -4.69
CA GLN B 354 23.20 -40.10 -5.23
C GLN B 354 23.15 -38.74 -5.93
N MET B 355 22.01 -38.04 -5.86
CA MET B 355 21.87 -36.72 -6.45
C MET B 355 21.94 -35.60 -5.42
N TRP B 356 22.05 -35.93 -4.13
CA TRP B 356 22.23 -34.91 -3.11
C TRP B 356 23.53 -34.15 -3.32
N ILE B 357 23.52 -32.86 -2.98
CA ILE B 357 24.76 -32.10 -2.89
C ILE B 357 25.40 -32.42 -1.55
N SER B 358 26.45 -33.24 -1.59
CA SER B 358 27.09 -33.67 -0.36
C SER B 358 27.90 -32.53 0.26
N LYS B 359 28.12 -32.63 1.58
CA LYS B 359 28.94 -31.64 2.26
C LYS B 359 30.37 -31.65 1.73
N GLN B 360 30.85 -32.82 1.30
CA GLN B 360 32.16 -32.89 0.65
C GLN B 360 32.18 -32.10 -0.66
N GLU B 361 31.10 -32.21 -1.45
CA GLU B 361 31.05 -31.49 -2.71
C GLU B 361 30.96 -30.00 -2.51
N TYR B 362 30.24 -29.55 -1.47
CA TYR B 362 30.21 -28.13 -1.14
C TYR B 362 31.58 -27.63 -0.71
N ASP B 363 32.32 -28.47 0.04
CA ASP B 363 33.63 -28.06 0.52
C ASP B 363 34.58 -27.81 -0.65
N GLU B 364 34.54 -28.66 -1.67
CA GLU B 364 35.46 -28.56 -2.79
C GLU B 364 34.94 -27.71 -3.95
N SER B 365 33.70 -27.24 -3.90
CA SER B 365 33.13 -26.49 -5.02
C SER B 365 32.43 -25.19 -4.65
N GLY B 366 32.11 -24.96 -3.38
CA GLY B 366 31.46 -23.73 -2.98
C GLY B 366 29.98 -23.69 -3.30
N PRO B 367 29.35 -22.54 -3.06
CA PRO B 367 27.90 -22.42 -3.32
C PRO B 367 27.53 -22.65 -4.77
N SER B 368 28.44 -22.41 -5.72
CA SER B 368 28.15 -22.56 -7.14
C SER B 368 27.94 -24.02 -7.55
N ILE B 369 28.12 -24.97 -6.64
CA ILE B 369 27.89 -26.38 -6.96
C ILE B 369 26.42 -26.61 -7.33
N VAL B 370 25.53 -25.78 -6.81
CA VAL B 370 24.09 -26.02 -6.96
C VAL B 370 23.64 -25.85 -8.40
N HIS B 371 24.39 -25.09 -9.21
CA HIS B 371 23.98 -24.84 -10.58
C HIS B 371 24.20 -26.03 -11.51
N ARG B 372 25.20 -26.86 -11.24
CA ARG B 372 25.46 -28.03 -12.07
C ARG B 372 24.90 -29.32 -11.48
N LYS B 373 24.61 -29.34 -10.18
CA LYS B 373 24.07 -30.55 -9.57
C LYS B 373 22.55 -30.63 -9.69
N CYS B 374 21.84 -29.53 -9.41
CA CYS B 374 20.38 -29.58 -9.32
C CYS B 374 19.69 -29.49 -10.66
N PHE B 375 19.78 -28.33 -11.32
CA PHE B 375 18.99 -28.10 -12.53
C PHE B 375 19.67 -27.08 -13.44
N ASP C 4 39.83 -15.60 -103.14
CA ASP C 4 39.86 -16.25 -101.84
C ASP C 4 41.18 -15.97 -101.13
N ILE C 5 41.11 -15.76 -99.82
CA ILE C 5 42.31 -15.42 -99.05
C ILE C 5 43.09 -16.67 -98.68
N ALA C 6 42.47 -17.57 -97.93
CA ALA C 6 43.12 -18.80 -97.47
C ALA C 6 42.05 -19.82 -97.14
N ALA C 7 42.47 -21.07 -97.01
CA ALA C 7 41.57 -22.17 -96.70
C ALA C 7 41.55 -22.44 -95.20
N LEU C 8 40.35 -22.65 -94.66
CA LEU C 8 40.18 -23.03 -93.27
C LEU C 8 40.16 -24.55 -93.14
N VAL C 9 40.61 -25.03 -91.99
CA VAL C 9 40.54 -26.45 -91.64
C VAL C 9 39.86 -26.56 -90.29
N VAL C 10 38.77 -27.32 -90.23
CA VAL C 10 37.96 -27.47 -89.03
C VAL C 10 37.80 -28.97 -88.78
N ASP C 11 38.48 -29.49 -87.75
CA ASP C 11 38.38 -30.90 -87.36
C ASP C 11 37.24 -31.05 -86.34
N ASN C 12 36.02 -31.10 -86.87
CA ASN C 12 34.82 -31.20 -86.05
C ASN C 12 34.61 -32.65 -85.62
N GLY C 13 35.34 -33.04 -84.57
CA GLY C 13 35.14 -34.33 -83.95
C GLY C 13 33.97 -34.32 -82.99
N SER C 14 33.76 -35.48 -82.37
CA SER C 14 32.64 -35.63 -81.44
C SER C 14 32.79 -34.73 -80.22
N GLY C 15 34.00 -34.65 -79.68
CA GLY C 15 34.20 -33.94 -78.43
C GLY C 15 34.92 -32.60 -78.54
N MET C 16 35.77 -32.44 -79.54
CA MET C 16 36.62 -31.27 -79.67
C MET C 16 36.46 -30.63 -81.04
N CYS C 17 36.52 -29.30 -81.06
CA CYS C 17 36.56 -28.53 -82.30
C CYS C 17 37.94 -27.89 -82.43
N LYS C 18 38.60 -28.12 -83.56
CA LYS C 18 39.96 -27.65 -83.79
C LYS C 18 39.99 -26.96 -85.14
N ALA C 19 40.23 -25.64 -85.13
CA ALA C 19 40.10 -24.82 -86.33
C ALA C 19 41.36 -24.00 -86.54
N GLY C 20 41.58 -23.61 -87.79
CA GLY C 20 42.73 -22.81 -88.14
C GLY C 20 42.81 -22.60 -89.64
N PHE C 21 43.97 -22.13 -90.07
CA PHE C 21 44.22 -21.83 -91.48
C PHE C 21 45.15 -22.85 -92.10
N ALA C 22 44.92 -23.14 -93.37
CA ALA C 22 45.78 -24.08 -94.09
C ALA C 22 47.19 -23.52 -94.22
N GLY C 23 48.17 -24.41 -94.16
CA GLY C 23 49.56 -24.01 -94.10
C GLY C 23 50.11 -23.79 -92.71
N ASP C 24 49.26 -23.63 -91.70
CA ASP C 24 49.71 -23.52 -90.33
C ASP C 24 50.07 -24.89 -89.78
N ASP C 25 51.02 -24.90 -88.85
CA ASP C 25 51.49 -26.15 -88.26
C ASP C 25 50.72 -26.53 -86.99
N ALA C 26 49.77 -25.71 -86.55
CA ALA C 26 48.99 -26.01 -85.37
C ALA C 26 47.66 -25.27 -85.47
N PRO C 27 46.57 -25.86 -84.98
CA PRO C 27 45.27 -25.15 -85.01
C PRO C 27 45.31 -23.88 -84.18
N ARG C 28 44.70 -22.82 -84.71
CA ARG C 28 44.69 -21.54 -84.02
C ARG C 28 43.69 -21.51 -82.87
N ALA C 29 42.58 -22.24 -82.99
CA ALA C 29 41.56 -22.28 -81.96
C ALA C 29 41.19 -23.73 -81.65
N VAL C 30 41.23 -24.09 -80.38
CA VAL C 30 40.82 -25.41 -79.91
C VAL C 30 39.88 -25.21 -78.73
N PHE C 31 38.68 -25.78 -78.83
CA PHE C 31 37.67 -25.65 -77.79
C PHE C 31 36.72 -26.83 -77.89
N PRO C 32 36.09 -27.23 -76.78
CA PRO C 32 35.17 -28.37 -76.84
C PRO C 32 33.94 -28.07 -77.67
N SER C 33 33.44 -29.10 -78.34
CA SER C 33 32.22 -29.00 -79.17
C SER C 33 31.00 -29.14 -78.25
N ILE C 34 30.77 -28.11 -77.45
CA ILE C 34 29.75 -28.11 -76.43
C ILE C 34 28.87 -26.87 -76.59
N VAL C 35 27.56 -27.07 -76.55
CA VAL C 35 26.58 -26.00 -76.45
C VAL C 35 25.84 -26.16 -75.13
N GLY C 36 25.87 -25.12 -74.31
CA GLY C 36 25.27 -25.17 -72.99
C GLY C 36 24.18 -24.10 -72.84
N ARG C 37 23.17 -24.42 -72.05
CA ARG C 37 22.09 -23.50 -71.73
C ARG C 37 21.85 -23.49 -70.23
N PRO C 38 21.46 -22.35 -69.68
CA PRO C 38 21.25 -22.27 -68.23
C PRO C 38 20.10 -23.16 -67.78
N ARG C 39 20.26 -23.75 -66.60
CA ARG C 39 19.25 -24.61 -66.01
C ARG C 39 18.72 -24.08 -64.69
N HIS C 40 18.90 -22.79 -64.40
CA HIS C 40 18.46 -22.20 -63.15
C HIS C 40 17.80 -20.86 -63.45
N GLN C 41 17.20 -20.27 -62.41
CA GLN C 41 16.43 -19.04 -62.56
C GLN C 41 17.35 -17.83 -62.57
N GLY C 42 17.29 -17.03 -63.63
CA GLY C 42 18.01 -15.77 -63.64
C GLY C 42 17.27 -14.72 -62.84
N VAL C 43 17.95 -14.11 -61.88
CA VAL C 43 17.31 -13.16 -60.97
C VAL C 43 17.99 -11.80 -61.06
N MET C 44 19.25 -11.77 -61.48
CA MET C 44 19.97 -10.50 -61.66
C MET C 44 19.59 -9.91 -63.01
N VAL C 45 18.91 -8.76 -62.98
CA VAL C 45 18.51 -8.12 -64.22
C VAL C 45 19.75 -7.58 -64.94
N GLY C 46 19.65 -7.50 -66.26
CA GLY C 46 20.80 -7.12 -67.07
C GLY C 46 21.87 -8.19 -67.01
N MET C 47 23.06 -7.81 -66.54
CA MET C 47 24.16 -8.73 -66.25
C MET C 47 24.73 -9.31 -67.55
N GLY C 48 24.10 -8.98 -68.68
CA GLY C 48 24.51 -9.55 -69.95
C GLY C 48 24.13 -11.01 -70.12
N GLN C 49 23.04 -11.45 -69.50
CA GLN C 49 22.61 -12.84 -69.59
C GLN C 49 22.23 -13.19 -71.03
N LYS C 50 22.50 -14.43 -71.41
CA LYS C 50 22.22 -14.91 -72.76
C LYS C 50 21.76 -16.35 -72.68
N ASP C 51 20.99 -16.76 -73.69
CA ASP C 51 20.27 -18.03 -73.62
C ASP C 51 21.15 -19.25 -73.94
N SER C 52 22.35 -19.03 -74.48
CA SER C 52 23.19 -20.16 -74.85
C SER C 52 24.66 -19.74 -74.81
N TYR C 53 25.51 -20.69 -74.43
CA TYR C 53 26.95 -20.50 -74.39
C TYR C 53 27.62 -21.62 -75.17
N VAL C 54 28.73 -21.32 -75.82
CA VAL C 54 29.40 -22.24 -76.74
C VAL C 54 30.87 -22.34 -76.37
N GLY C 55 31.40 -23.56 -76.43
CA GLY C 55 32.83 -23.76 -76.29
C GLY C 55 33.35 -23.49 -74.89
N ASP C 56 34.45 -22.74 -74.82
CA ASP C 56 35.11 -22.50 -73.54
C ASP C 56 34.24 -21.69 -72.58
N GLU C 57 33.36 -20.83 -73.12
CA GLU C 57 32.47 -20.08 -72.26
C GLU C 57 31.47 -20.99 -71.56
N ALA C 58 31.02 -22.05 -72.24
CA ALA C 58 30.17 -23.04 -71.58
C ALA C 58 30.93 -23.80 -70.50
N GLN C 59 32.20 -24.12 -70.76
CA GLN C 59 33.02 -24.80 -69.75
C GLN C 59 33.20 -23.93 -68.52
N SER C 60 33.44 -22.63 -68.72
CA SER C 60 33.62 -21.73 -67.59
C SER C 60 32.35 -21.63 -66.75
N LYS C 61 31.20 -21.58 -67.39
CA LYS C 61 29.92 -21.43 -66.71
C LYS C 61 29.18 -22.76 -66.52
N ARG C 62 29.87 -23.89 -66.62
CA ARG C 62 29.19 -25.19 -66.66
C ARG C 62 28.47 -25.52 -65.36
N GLY C 63 28.78 -24.83 -64.26
CA GLY C 63 28.08 -25.12 -63.02
C GLY C 63 26.60 -24.83 -63.09
N ILE C 64 26.22 -23.71 -63.71
CA ILE C 64 24.83 -23.30 -63.83
C ILE C 64 24.28 -23.70 -65.19
N LEU C 65 24.99 -24.58 -65.90
CA LEU C 65 24.69 -24.88 -67.28
C LEU C 65 24.47 -26.37 -67.49
N THR C 66 23.63 -26.70 -68.47
CA THR C 66 23.46 -28.06 -68.96
C THR C 66 24.23 -28.18 -70.26
N LEU C 67 25.24 -29.05 -70.28
CA LEU C 67 26.15 -29.15 -71.41
C LEU C 67 25.67 -30.21 -72.39
N LYS C 68 25.58 -29.82 -73.65
CA LYS C 68 25.05 -30.66 -74.72
C LYS C 68 26.13 -30.84 -75.78
N TYR C 69 26.39 -32.10 -76.16
CA TYR C 69 27.29 -32.37 -77.27
C TYR C 69 26.45 -32.56 -78.53
N PRO C 70 26.50 -31.62 -79.47
CA PRO C 70 25.72 -31.80 -80.72
C PRO C 70 26.15 -33.00 -81.53
N ILE C 71 27.37 -33.48 -81.36
CA ILE C 71 27.88 -34.63 -82.09
C ILE C 71 27.97 -35.82 -81.14
N GLU C 72 27.43 -36.95 -81.56
CA GLU C 72 27.58 -38.19 -80.82
C GLU C 72 27.99 -39.31 -81.77
N HIC C 73 29.10 -39.98 -81.44
CA HIC C 73 29.66 -41.03 -82.29
C HIC C 73 29.96 -40.52 -83.69
O HIC C 73 29.72 -41.19 -84.69
CB HIC C 73 28.72 -42.25 -82.37
CG HIC C 73 28.60 -42.97 -81.08
ND1 HIC C 73 29.69 -43.45 -80.40
CD2 HIC C 73 27.46 -43.29 -80.38
CE1 HIC C 73 29.22 -44.03 -79.33
NE2 HIC C 73 27.88 -43.96 -79.27
CZ HIC C 73 27.04 -44.50 -78.23
N GLY C 74 30.49 -39.29 -83.76
CA GLY C 74 30.89 -38.69 -85.02
C GLY C 74 29.75 -38.30 -85.94
N ILE C 75 28.53 -38.34 -85.41
CA ILE C 75 27.32 -38.04 -86.17
C ILE C 75 26.58 -36.91 -85.46
N VAL C 76 26.18 -35.89 -86.23
CA VAL C 76 25.48 -34.75 -85.65
C VAL C 76 24.06 -35.17 -85.30
N THR C 77 23.71 -35.05 -84.02
CA THR C 77 22.39 -35.42 -83.55
C THR C 77 21.43 -34.23 -83.50
N ASN C 78 21.95 -33.02 -83.34
CA ASN C 78 21.14 -31.80 -83.27
C ASN C 78 21.85 -30.73 -84.08
N TRP C 79 21.36 -30.47 -85.29
CA TRP C 79 22.02 -29.52 -86.18
C TRP C 79 21.83 -28.08 -85.72
N ASP C 80 20.77 -27.81 -84.96
CA ASP C 80 20.55 -26.46 -84.45
C ASP C 80 21.68 -26.01 -83.53
N ASP C 81 22.37 -26.96 -82.89
CA ASP C 81 23.51 -26.64 -82.05
C ASP C 81 24.85 -26.81 -82.78
N MET C 82 24.91 -27.70 -83.77
CA MET C 82 26.10 -27.77 -84.61
C MET C 82 26.29 -26.48 -85.39
N GLU C 83 25.20 -25.85 -85.81
CA GLU C 83 25.29 -24.55 -86.46
C GLU C 83 25.81 -23.49 -85.51
N LYS C 84 25.43 -23.55 -84.22
CA LYS C 84 26.01 -22.67 -83.23
C LYS C 84 27.50 -22.93 -83.06
N ILE C 85 27.90 -24.20 -83.06
CA ILE C 85 29.32 -24.54 -82.99
C ILE C 85 30.08 -23.92 -84.15
N TRP C 86 29.58 -24.08 -85.37
CA TRP C 86 30.26 -23.53 -86.53
C TRP C 86 30.27 -22.00 -86.51
N HIS C 87 29.17 -21.39 -86.08
CA HIS C 87 29.12 -19.93 -86.01
C HIS C 87 30.15 -19.40 -85.00
N HIS C 88 30.25 -20.05 -83.85
CA HIS C 88 31.28 -19.69 -82.88
C HIS C 88 32.67 -19.87 -83.49
N THR C 89 32.91 -21.01 -84.14
CA THR C 89 34.21 -21.31 -84.74
C THR C 89 34.62 -20.22 -85.73
N PHE C 90 33.70 -19.79 -86.57
CA PHE C 90 34.03 -18.80 -87.60
C PHE C 90 34.13 -17.40 -87.02
N TYR C 91 33.04 -16.91 -86.41
CA TYR C 91 32.94 -15.50 -86.08
C TYR C 91 33.55 -15.13 -84.73
N ASN C 92 33.79 -16.10 -83.84
CA ASN C 92 34.30 -15.80 -82.51
C ASN C 92 35.70 -16.33 -82.26
N GLU C 93 35.98 -17.58 -82.65
CA GLU C 93 37.30 -18.15 -82.40
C GLU C 93 38.30 -17.74 -83.48
N LEU C 94 37.96 -17.95 -84.75
CA LEU C 94 38.86 -17.57 -85.82
C LEU C 94 38.71 -16.11 -86.23
N ARG C 95 37.55 -15.51 -85.97
CA ARG C 95 37.24 -14.13 -86.36
C ARG C 95 37.45 -13.93 -87.87
N VAL C 96 36.74 -14.74 -88.65
CA VAL C 96 36.84 -14.68 -90.10
C VAL C 96 35.45 -14.64 -90.72
N ALA C 97 35.40 -14.19 -91.97
CA ALA C 97 34.17 -14.21 -92.74
C ALA C 97 34.20 -15.43 -93.66
N PRO C 98 33.34 -16.43 -93.45
CA PRO C 98 33.44 -17.66 -94.25
C PRO C 98 33.17 -17.46 -95.73
N GLU C 99 32.54 -16.35 -96.13
CA GLU C 99 32.20 -16.13 -97.54
C GLU C 99 33.42 -15.94 -98.43
N GLU C 100 34.64 -15.93 -97.89
CA GLU C 100 35.82 -15.77 -98.72
C GLU C 100 36.91 -16.79 -98.38
N HIS C 101 36.59 -17.86 -97.64
CA HIS C 101 37.56 -18.88 -97.30
C HIS C 101 36.97 -20.27 -97.60
N PRO C 102 37.61 -21.06 -98.44
CA PRO C 102 37.23 -22.48 -98.54
C PRO C 102 37.43 -23.18 -97.21
N VAL C 103 36.54 -24.10 -96.89
CA VAL C 103 36.53 -24.77 -95.59
C VAL C 103 36.67 -26.27 -95.81
N LEU C 104 37.67 -26.87 -95.16
CA LEU C 104 37.90 -28.31 -95.21
C LEU C 104 37.46 -28.92 -93.88
N LEU C 105 36.42 -29.74 -93.92
CA LEU C 105 35.88 -30.42 -92.75
C LEU C 105 36.37 -31.87 -92.71
N THR C 106 36.11 -32.51 -91.58
CA THR C 106 36.51 -33.89 -91.34
C THR C 106 35.31 -34.73 -90.97
N GLU C 107 35.37 -36.02 -91.30
CA GLU C 107 34.31 -36.96 -90.96
C GLU C 107 34.89 -38.35 -90.81
N ALA C 108 34.27 -39.13 -89.93
CA ALA C 108 34.66 -40.52 -89.76
C ALA C 108 34.10 -41.38 -90.90
N PRO C 109 34.77 -42.47 -91.25
CA PRO C 109 34.24 -43.35 -92.29
C PRO C 109 33.04 -44.13 -91.80
N LEU C 110 32.28 -44.65 -92.77
CA LEU C 110 31.05 -45.41 -92.51
C LEU C 110 30.01 -44.57 -91.77
N ASN C 111 30.04 -43.26 -91.99
CA ASN C 111 29.03 -42.36 -91.45
C ASN C 111 27.78 -42.38 -92.33
N PRO C 112 26.64 -41.98 -91.77
CA PRO C 112 25.44 -41.81 -92.62
C PRO C 112 25.68 -40.76 -93.70
N LYS C 113 25.13 -41.02 -94.89
CA LYS C 113 25.39 -40.13 -96.02
C LYS C 113 24.70 -38.78 -95.85
N ALA C 114 23.60 -38.73 -95.10
CA ALA C 114 22.90 -37.46 -94.89
C ALA C 114 23.69 -36.51 -94.02
N ASN C 115 24.56 -37.05 -93.15
CA ASN C 115 25.37 -36.18 -92.29
C ASN C 115 26.34 -35.36 -93.12
N ARG C 116 26.95 -35.96 -94.13
CA ARG C 116 27.85 -35.24 -95.03
C ARG C 116 27.08 -34.24 -95.89
N GLU C 117 25.89 -34.63 -96.35
CA GLU C 117 25.09 -33.76 -97.22
C GLU C 117 24.68 -32.50 -96.50
N LYS C 118 24.29 -32.59 -95.23
CA LYS C 118 23.93 -31.39 -94.50
C LYS C 118 25.14 -30.54 -94.16
N MET C 119 26.31 -31.15 -93.96
CA MET C 119 27.53 -30.37 -93.87
C MET C 119 27.72 -29.52 -95.11
N THR C 120 27.61 -30.14 -96.29
CA THR C 120 27.77 -29.39 -97.53
C THR C 120 26.72 -28.30 -97.67
N GLN C 121 25.46 -28.64 -97.37
CA GLN C 121 24.37 -27.68 -97.53
C GLN C 121 24.53 -26.49 -96.60
N ILE C 122 24.91 -26.74 -95.35
CA ILE C 122 25.10 -25.65 -94.39
C ILE C 122 26.29 -24.79 -94.78
N MET C 123 27.39 -25.43 -95.21
CA MET C 123 28.56 -24.66 -95.59
C MET C 123 28.29 -23.79 -96.81
N PHE C 124 27.44 -24.23 -97.73
CA PHE C 124 27.19 -23.44 -98.94
C PHE C 124 26.03 -22.46 -98.82
N GLU C 125 25.01 -22.76 -98.00
CA GLU C 125 23.79 -21.97 -98.01
C GLU C 125 23.65 -21.04 -96.81
N THR C 126 24.34 -21.31 -95.71
CA THR C 126 24.25 -20.43 -94.54
C THR C 126 25.53 -19.65 -94.29
N PHE C 127 26.69 -20.26 -94.48
CA PHE C 127 27.96 -19.56 -94.36
C PHE C 127 28.50 -19.08 -95.71
N ASN C 128 27.90 -19.52 -96.80
CA ASN C 128 28.23 -19.02 -98.15
C ASN C 128 29.71 -19.19 -98.49
N THR C 129 30.30 -20.30 -98.08
CA THR C 129 31.71 -20.53 -98.34
C THR C 129 31.94 -20.69 -99.85
N PRO C 130 33.03 -20.12 -100.37
CA PRO C 130 33.32 -20.28 -101.81
C PRO C 130 33.55 -21.73 -102.22
N ALA C 131 34.09 -22.55 -101.32
CA ALA C 131 34.34 -23.95 -101.61
C ALA C 131 34.39 -24.72 -100.30
N MET C 132 34.24 -26.03 -100.40
CA MET C 132 34.32 -26.88 -99.21
C MET C 132 34.74 -28.28 -99.63
N TYR C 133 35.21 -29.04 -98.66
CA TYR C 133 35.62 -30.43 -98.88
C TYR C 133 35.50 -31.19 -97.57
N VAL C 134 35.20 -32.49 -97.68
CA VAL C 134 35.08 -33.37 -96.52
C VAL C 134 36.08 -34.50 -96.69
N ALA C 135 36.97 -34.65 -95.70
CA ALA C 135 38.01 -35.66 -95.73
C ALA C 135 37.89 -36.60 -94.55
N ILE C 136 38.35 -37.84 -94.74
CA ILE C 136 38.31 -38.84 -93.68
C ILE C 136 39.38 -38.51 -92.65
N GLN C 137 39.03 -38.63 -91.37
CA GLN C 137 39.95 -38.26 -90.29
C GLN C 137 41.24 -39.07 -90.34
N ALA C 138 41.12 -40.40 -90.49
CA ALA C 138 42.31 -41.23 -90.48
C ALA C 138 43.18 -41.03 -91.71
N VAL C 139 42.58 -40.65 -92.84
CA VAL C 139 43.35 -40.35 -94.04
C VAL C 139 44.24 -39.14 -93.82
N LEU C 140 43.71 -38.11 -93.15
CA LEU C 140 44.51 -36.91 -92.87
C LEU C 140 45.63 -37.21 -91.90
N SER C 141 45.39 -38.11 -90.95
CA SER C 141 46.42 -38.46 -89.97
C SER C 141 47.65 -39.07 -90.64
N LEU C 142 47.46 -39.78 -91.76
CA LEU C 142 48.60 -40.28 -92.51
C LEU C 142 49.37 -39.14 -93.18
N TYR C 143 48.66 -38.09 -93.60
CA TYR C 143 49.32 -36.94 -94.19
C TYR C 143 50.25 -36.27 -93.18
N ALA C 144 49.77 -36.11 -91.93
CA ALA C 144 50.59 -35.48 -90.90
C ALA C 144 51.80 -36.32 -90.54
N SER C 145 51.74 -37.62 -90.80
CA SER C 145 52.85 -38.53 -90.52
C SER C 145 53.90 -38.55 -91.62
N GLY C 146 53.66 -37.81 -92.70
CA GLY C 146 54.60 -37.82 -93.82
C GLY C 146 54.71 -39.15 -94.52
N ARG C 147 53.64 -39.91 -94.60
CA ARG C 147 53.64 -41.25 -95.16
C ARG C 147 52.60 -41.38 -96.25
N THR C 148 52.85 -42.30 -97.18
CA THR C 148 51.85 -42.75 -98.14
C THR C 148 51.49 -44.22 -97.94
N THR C 149 52.13 -44.89 -96.99
CA THR C 149 51.87 -46.29 -96.69
C THR C 149 51.76 -46.47 -95.19
N GLY C 150 50.74 -47.18 -94.76
CA GLY C 150 50.51 -47.45 -93.35
C GLY C 150 49.04 -47.51 -93.02
N ILE C 151 48.75 -48.07 -91.86
CA ILE C 151 47.38 -48.18 -91.34
C ILE C 151 47.25 -47.22 -90.17
N VAL C 152 46.21 -46.41 -90.18
CA VAL C 152 46.01 -45.37 -89.17
C VAL C 152 44.89 -45.81 -88.23
N MET C 153 45.22 -45.94 -86.95
CA MET C 153 44.25 -46.24 -85.90
C MET C 153 43.92 -44.91 -85.21
N ASP C 154 42.80 -44.31 -85.60
CA ASP C 154 42.37 -43.02 -85.10
C ASP C 154 41.31 -43.23 -84.03
N SER C 155 41.53 -42.64 -82.85
CA SER C 155 40.60 -42.74 -81.73
C SER C 155 40.32 -41.34 -81.20
N GLY C 156 39.13 -40.84 -81.49
CA GLY C 156 38.69 -39.55 -80.99
C GLY C 156 37.78 -39.69 -79.78
N ASP C 157 36.84 -38.77 -79.64
CA ASP C 157 35.90 -38.80 -78.53
C ASP C 157 34.68 -39.66 -78.81
N GLY C 158 34.34 -39.89 -80.08
CA GLY C 158 33.14 -40.64 -80.39
C GLY C 158 33.35 -41.92 -81.20
N VAL C 159 34.39 -41.95 -82.03
CA VAL C 159 34.60 -43.06 -82.95
C VAL C 159 36.05 -43.55 -82.88
N THR C 160 36.22 -44.82 -83.21
CA THR C 160 37.52 -45.42 -83.48
C THR C 160 37.45 -46.04 -84.86
N HIS C 161 38.42 -45.74 -85.72
CA HIS C 161 38.41 -46.31 -87.06
C HIS C 161 39.83 -46.55 -87.53
N THR C 162 40.00 -47.61 -88.32
CA THR C 162 41.28 -47.97 -88.91
C THR C 162 41.15 -47.94 -90.42
N VAL C 163 42.06 -47.22 -91.08
CA VAL C 163 42.05 -47.08 -92.54
C VAL C 163 43.40 -47.53 -93.07
N PRO C 164 43.49 -48.64 -93.80
CA PRO C 164 44.77 -49.06 -94.39
C PRO C 164 45.01 -48.35 -95.72
N ILE C 165 46.23 -47.87 -95.92
CA ILE C 165 46.64 -47.22 -97.16
C ILE C 165 48.00 -47.78 -97.55
N TYR C 166 48.16 -48.09 -98.85
CA TYR C 166 49.41 -48.62 -99.37
C TYR C 166 49.80 -47.83 -100.61
N GLU C 167 50.85 -47.01 -100.49
CA GLU C 167 51.41 -46.24 -101.58
C GLU C 167 50.34 -45.42 -102.30
N GLY C 168 49.48 -44.75 -101.54
CA GLY C 168 48.51 -43.82 -102.09
C GLY C 168 47.11 -44.37 -102.22
N TYR C 169 46.94 -45.69 -102.21
CA TYR C 169 45.64 -46.31 -102.44
C TYR C 169 45.10 -46.87 -101.13
N ALA C 170 43.91 -46.42 -100.75
CA ALA C 170 43.22 -46.95 -99.58
C ALA C 170 42.42 -48.18 -99.97
N LEU C 171 42.21 -49.06 -99.00
CA LEU C 171 41.43 -50.28 -99.18
C LEU C 171 40.11 -50.13 -98.42
N PRO C 172 39.06 -49.61 -99.06
CA PRO C 172 37.81 -49.36 -98.33
C PRO C 172 37.16 -50.62 -97.77
N HIS C 173 37.37 -51.78 -98.37
CA HIS C 173 36.78 -53.00 -97.86
C HIS C 173 37.41 -53.42 -96.53
N ALA C 174 38.63 -52.97 -96.25
CA ALA C 174 39.32 -53.30 -95.01
C ALA C 174 39.14 -52.25 -93.93
N ILE C 175 38.42 -51.16 -94.21
CA ILE C 175 38.22 -50.12 -93.21
C ILE C 175 37.25 -50.62 -92.15
N LEU C 176 37.67 -50.54 -90.89
CA LEU C 176 36.86 -50.98 -89.76
C LEU C 176 36.49 -49.79 -88.89
N ARG C 177 35.35 -49.90 -88.21
CA ARG C 177 34.87 -48.83 -87.36
C ARG C 177 34.32 -49.40 -86.05
N LEU C 178 34.72 -48.77 -84.95
CA LEU C 178 34.24 -49.08 -83.61
C LEU C 178 33.55 -47.85 -83.05
N ASP C 179 32.34 -48.03 -82.53
CA ASP C 179 31.64 -46.96 -81.82
C ASP C 179 32.02 -46.99 -80.33
N LEU C 180 33.33 -46.91 -80.10
CA LEU C 180 33.91 -46.95 -78.76
C LEU C 180 35.08 -45.99 -78.74
N ALA C 181 35.00 -44.98 -77.87
CA ALA C 181 35.99 -43.90 -77.86
C ALA C 181 35.98 -43.23 -76.51
N GLY C 182 36.55 -42.02 -76.46
CA GLY C 182 36.78 -41.34 -75.18
C GLY C 182 35.52 -41.06 -74.38
N ARG C 183 34.39 -40.83 -75.06
CA ARG C 183 33.15 -40.58 -74.34
C ARG C 183 32.69 -41.82 -73.58
N ASP C 184 32.79 -42.98 -74.21
CA ASP C 184 32.44 -44.23 -73.55
C ASP C 184 33.38 -44.49 -72.37
N LEU C 185 34.66 -44.19 -72.53
CA LEU C 185 35.60 -44.35 -71.43
C LEU C 185 35.30 -43.39 -70.28
N THR C 186 34.90 -42.16 -70.59
CA THR C 186 34.50 -41.22 -69.54
C THR C 186 33.29 -41.72 -68.77
N ASP C 187 32.27 -42.21 -69.50
CA ASP C 187 31.10 -42.75 -68.83
C ASP C 187 31.44 -43.99 -68.00
N TYR C 188 32.33 -44.85 -68.51
CA TYR C 188 32.75 -46.02 -67.76
C TYR C 188 33.49 -45.63 -66.50
N LEU C 189 34.35 -44.60 -66.58
CA LEU C 189 35.04 -44.12 -65.39
C LEU C 189 34.06 -43.54 -64.38
N MET C 190 33.04 -42.82 -64.85
CA MET C 190 31.98 -42.37 -63.96
C MET C 190 31.31 -43.56 -63.27
N LYS C 191 31.08 -44.63 -64.02
CA LYS C 191 30.42 -45.81 -63.45
C LYS C 191 31.29 -46.47 -62.39
N ILE C 192 32.57 -46.67 -62.68
CA ILE C 192 33.42 -47.44 -61.77
C ILE C 192 33.87 -46.60 -60.57
N LEU C 193 33.84 -45.28 -60.69
CA LEU C 193 34.20 -44.45 -59.55
C LEU C 193 33.18 -44.54 -58.42
N THR C 194 31.97 -45.04 -58.71
CA THR C 194 30.97 -45.21 -57.65
C THR C 194 31.36 -46.30 -56.67
N GLU C 195 32.32 -47.16 -57.03
CA GLU C 195 32.79 -48.18 -56.10
C GLU C 195 33.45 -47.57 -54.87
N ARG C 196 34.00 -46.37 -55.00
CA ARG C 196 34.59 -45.65 -53.88
C ARG C 196 33.65 -44.62 -53.27
N GLY C 197 32.39 -44.57 -53.71
CA GLY C 197 31.42 -43.62 -53.20
C GLY C 197 31.34 -42.31 -53.95
N TYR C 198 32.18 -42.11 -54.96
CA TYR C 198 32.08 -40.90 -55.77
C TYR C 198 30.89 -41.01 -56.72
N SER C 199 30.04 -39.98 -56.73
CA SER C 199 28.73 -40.04 -57.37
C SER C 199 28.57 -38.89 -58.36
N PHE C 200 29.52 -38.75 -59.26
CA PHE C 200 29.42 -37.76 -60.32
C PHE C 200 28.29 -38.14 -61.28
N THR C 201 27.33 -37.23 -61.45
CA THR C 201 26.13 -37.52 -62.26
C THR C 201 25.85 -36.48 -63.32
N THR C 202 26.06 -35.20 -63.03
CA THR C 202 25.68 -34.14 -63.94
C THR C 202 26.65 -34.05 -65.12
N THR C 203 26.29 -33.21 -66.09
CA THR C 203 27.16 -33.00 -67.25
C THR C 203 28.44 -32.27 -66.86
N ALA C 204 28.36 -31.29 -65.95
CA ALA C 204 29.56 -30.64 -65.46
C ALA C 204 30.46 -31.64 -64.73
N GLU C 205 29.85 -32.55 -63.97
CA GLU C 205 30.64 -33.62 -63.37
C GLU C 205 31.13 -34.63 -64.40
N ARG C 206 30.43 -34.77 -65.53
CA ARG C 206 30.99 -35.54 -66.63
C ARG C 206 32.26 -34.90 -67.16
N GLU C 207 32.28 -33.57 -67.27
CA GLU C 207 33.51 -32.88 -67.65
C GLU C 207 34.59 -33.05 -66.59
N ILE C 208 34.21 -33.03 -65.31
CA ILE C 208 35.19 -33.26 -64.24
C ILE C 208 35.81 -34.64 -64.36
N VAL C 209 34.97 -35.66 -64.60
CA VAL C 209 35.47 -37.02 -64.77
C VAL C 209 36.31 -37.13 -66.04
N ARG C 210 35.96 -36.39 -67.09
CA ARG C 210 36.80 -36.36 -68.28
C ARG C 210 38.18 -35.80 -67.98
N ASP C 211 38.24 -34.74 -67.17
CA ASP C 211 39.53 -34.20 -66.76
C ASP C 211 40.31 -35.20 -65.93
N ILE C 212 39.63 -35.91 -65.01
CA ILE C 212 40.28 -36.94 -64.22
C ILE C 212 40.86 -38.01 -65.13
N LYS C 213 40.08 -38.44 -66.13
CA LYS C 213 40.52 -39.45 -67.08
C LYS C 213 41.73 -38.97 -67.87
N GLU C 214 41.71 -37.72 -68.32
CA GLU C 214 42.81 -37.21 -69.13
C GLU C 214 44.08 -37.01 -68.31
N LYS C 215 43.94 -36.74 -67.01
CA LYS C 215 45.12 -36.47 -66.19
C LYS C 215 45.71 -37.74 -65.58
N LEU C 216 44.87 -38.70 -65.20
CA LEU C 216 45.32 -39.81 -64.36
C LEU C 216 45.15 -41.20 -64.98
N CYS C 217 44.19 -41.41 -65.88
CA CYS C 217 44.01 -42.72 -66.51
C CYS C 217 45.21 -43.05 -67.39
N TYR C 218 45.60 -44.33 -67.39
CA TYR C 218 46.75 -44.79 -68.17
C TYR C 218 46.56 -46.27 -68.51
N VAL C 219 47.28 -46.71 -69.55
CA VAL C 219 47.14 -48.05 -70.09
C VAL C 219 48.17 -48.96 -69.43
N ALA C 220 47.69 -50.05 -68.84
CA ALA C 220 48.57 -51.06 -68.26
C ALA C 220 49.21 -51.91 -69.35
N LEU C 221 50.49 -52.24 -69.17
CA LEU C 221 51.15 -53.14 -70.10
C LEU C 221 50.69 -54.58 -69.92
N ASP C 222 50.43 -54.98 -68.69
CA ASP C 222 49.87 -56.30 -68.38
C ASP C 222 48.75 -56.06 -67.37
N PHE C 223 47.50 -56.24 -67.81
CA PHE C 223 46.37 -55.83 -66.98
C PHE C 223 46.28 -56.64 -65.70
N GLU C 224 46.47 -57.96 -65.79
CA GLU C 224 46.38 -58.80 -64.60
C GLU C 224 47.50 -58.52 -63.61
N GLN C 225 48.72 -58.32 -64.11
CA GLN C 225 49.84 -57.99 -63.21
C GLN C 225 49.62 -56.64 -62.55
N GLU C 226 49.09 -55.67 -63.29
CA GLU C 226 48.82 -54.36 -62.69
C GLU C 226 47.70 -54.44 -61.66
N MET C 227 46.68 -55.27 -61.92
CA MET C 227 45.64 -55.50 -60.94
C MET C 227 46.22 -56.12 -59.67
N ALA C 228 47.11 -57.09 -59.82
CA ALA C 228 47.75 -57.71 -58.66
C ALA C 228 48.60 -56.69 -57.89
N THR C 229 49.32 -55.83 -58.61
CA THR C 229 50.11 -54.79 -57.96
C THR C 229 49.22 -53.80 -57.21
N ALA C 230 48.11 -53.42 -57.82
CA ALA C 230 47.17 -52.51 -57.17
C ALA C 230 46.38 -53.17 -56.05
N ALA C 231 46.39 -54.51 -55.98
CA ALA C 231 45.73 -55.18 -54.86
C ALA C 231 46.39 -54.83 -53.54
N SER C 232 47.72 -54.76 -53.52
CA SER C 232 48.45 -54.25 -52.36
C SER C 232 48.51 -52.73 -52.46
N SER C 233 47.36 -52.06 -52.30
CA SER C 233 47.25 -50.66 -52.67
C SER C 233 48.10 -49.76 -51.79
N SER C 234 49.26 -49.35 -52.31
CA SER C 234 50.03 -48.27 -51.70
C SER C 234 50.43 -47.21 -52.72
N SER C 235 50.97 -47.67 -53.86
CA SER C 235 51.72 -46.78 -54.74
C SER C 235 50.93 -46.30 -55.95
N LEU C 236 50.08 -47.14 -56.51
CA LEU C 236 49.37 -46.78 -57.74
C LEU C 236 48.26 -45.76 -57.51
N GLU C 237 47.94 -45.43 -56.27
CA GLU C 237 46.87 -44.50 -56.00
C GLU C 237 47.33 -43.05 -56.17
N LYS C 238 46.47 -42.22 -56.76
CA LYS C 238 46.75 -40.82 -57.01
C LYS C 238 45.62 -39.97 -56.48
N SER C 239 45.95 -38.74 -56.09
CA SER C 239 44.97 -37.79 -55.59
C SER C 239 44.64 -36.75 -56.65
N TYR C 240 43.35 -36.43 -56.74
CA TYR C 240 42.84 -35.41 -57.64
C TYR C 240 41.90 -34.50 -56.86
N GLU C 241 42.03 -33.19 -57.08
CA GLU C 241 41.26 -32.20 -56.35
C GLU C 241 40.10 -31.70 -57.21
N LEU C 242 38.88 -31.83 -56.69
CA LEU C 242 37.70 -31.33 -57.37
C LEU C 242 37.70 -29.81 -57.36
N PRO C 243 36.92 -29.17 -58.25
CA PRO C 243 36.94 -27.70 -58.33
C PRO C 243 36.38 -27.01 -57.09
N ASP C 244 35.86 -27.78 -56.13
CA ASP C 244 35.35 -27.23 -54.89
C ASP C 244 36.28 -27.44 -53.70
N GLY C 245 37.41 -28.13 -53.89
CA GLY C 245 38.38 -28.34 -52.86
C GLY C 245 38.44 -29.73 -52.26
N GLN C 246 37.38 -30.52 -52.40
CA GLN C 246 37.42 -31.91 -51.95
C GLN C 246 38.28 -32.74 -52.90
N VAL C 247 39.17 -33.56 -52.34
CA VAL C 247 40.08 -34.37 -53.14
C VAL C 247 39.65 -35.82 -53.07
N ILE C 248 39.63 -36.48 -54.23
CA ILE C 248 39.31 -37.89 -54.34
C ILE C 248 40.61 -38.66 -54.56
N THR C 249 40.57 -39.95 -54.28
CA THR C 249 41.70 -40.85 -54.51
C THR C 249 41.29 -41.92 -55.50
N ILE C 250 42.08 -42.11 -56.54
CA ILE C 250 41.83 -43.09 -57.58
C ILE C 250 42.96 -44.11 -57.58
N GLY C 251 42.61 -45.38 -57.74
CA GLY C 251 43.56 -46.46 -57.60
C GLY C 251 43.67 -47.32 -58.84
N ASN C 252 43.27 -48.59 -58.73
CA ASN C 252 43.26 -49.49 -59.88
C ASN C 252 42.35 -48.99 -60.99
N GLU C 253 41.43 -48.08 -60.67
CA GLU C 253 40.58 -47.49 -61.70
C GLU C 253 41.42 -46.77 -62.75
N ARG C 254 42.63 -46.31 -62.39
CA ARG C 254 43.45 -45.57 -63.34
C ARG C 254 43.75 -46.39 -64.58
N PHE C 255 44.09 -47.67 -64.42
CA PHE C 255 44.35 -48.51 -65.58
C PHE C 255 43.15 -49.38 -65.97
N ARG C 256 42.19 -49.59 -65.07
CA ARG C 256 40.91 -50.19 -65.48
C ARG C 256 40.11 -49.23 -66.34
N CYS C 257 40.50 -47.95 -66.36
CA CYS C 257 39.92 -46.87 -67.15
C CYS C 257 40.13 -46.99 -68.66
N PRO C 258 41.37 -47.16 -69.16
CA PRO C 258 41.53 -47.38 -70.61
C PRO C 258 41.37 -48.83 -71.03
N GLU C 259 41.29 -49.77 -70.09
CA GLU C 259 41.30 -51.19 -70.45
C GLU C 259 40.06 -51.56 -71.27
N ALA C 260 38.99 -50.76 -71.19
CA ALA C 260 37.82 -51.02 -72.01
C ALA C 260 38.12 -50.91 -73.50
N LEU C 261 39.18 -50.21 -73.88
CA LEU C 261 39.58 -50.15 -75.28
C LEU C 261 40.04 -51.52 -75.78
N PHE C 262 40.78 -52.25 -74.94
CA PHE C 262 41.31 -53.56 -75.31
C PHE C 262 40.41 -54.71 -74.89
N GLN C 263 39.53 -54.49 -73.91
CA GLN C 263 38.53 -55.48 -73.50
C GLN C 263 37.17 -54.78 -73.49
N PRO C 264 36.52 -54.67 -74.65
CA PRO C 264 35.21 -54.01 -74.70
C PRO C 264 34.15 -54.70 -73.86
N SER C 265 34.37 -55.95 -73.46
CA SER C 265 33.41 -56.65 -72.60
C SER C 265 33.26 -55.97 -71.24
N PHE C 266 34.22 -55.11 -70.87
CA PHE C 266 34.06 -54.31 -69.64
C PHE C 266 32.85 -53.41 -69.73
N LEU C 267 32.52 -52.93 -70.93
CA LEU C 267 31.36 -52.09 -71.16
C LEU C 267 30.11 -52.88 -71.51
N GLY C 268 30.19 -54.22 -71.50
CA GLY C 268 29.09 -55.02 -72.00
C GLY C 268 29.04 -55.15 -73.51
N MET C 269 30.07 -54.69 -74.21
CA MET C 269 30.10 -54.78 -75.66
C MET C 269 30.68 -56.11 -76.12
N GLU C 270 30.25 -56.55 -77.30
CA GLU C 270 30.73 -57.80 -77.88
C GLU C 270 31.92 -57.61 -78.81
N SER C 271 32.22 -56.38 -79.20
CA SER C 271 33.21 -56.13 -80.25
C SER C 271 34.63 -56.41 -79.75
N CYS C 272 35.53 -56.58 -80.72
CA CYS C 272 36.93 -56.81 -80.42
C CYS C 272 37.59 -55.53 -79.90
N GLY C 273 38.74 -55.70 -79.25
CA GLY C 273 39.49 -54.56 -78.78
C GLY C 273 40.12 -53.77 -79.91
N ILE C 274 40.71 -52.63 -79.54
CA ILE C 274 41.34 -51.77 -80.54
C ILE C 274 42.56 -52.47 -81.15
N HIS C 275 43.24 -53.30 -80.37
CA HIS C 275 44.37 -54.05 -80.91
C HIS C 275 43.91 -55.09 -81.93
N GLU C 276 42.81 -55.78 -81.64
CA GLU C 276 42.33 -56.83 -82.54
C GLU C 276 41.70 -56.25 -83.79
N THR C 277 41.05 -55.09 -83.68
CA THR C 277 40.48 -54.45 -84.86
C THR C 277 41.56 -54.03 -85.84
N THR C 278 42.68 -53.50 -85.33
CA THR C 278 43.79 -53.15 -86.21
C THR C 278 44.37 -54.38 -86.89
N PHE C 279 44.53 -55.47 -86.14
CA PHE C 279 45.05 -56.71 -86.72
C PHE C 279 44.10 -57.26 -87.77
N ASN C 280 42.79 -57.21 -87.51
CA ASN C 280 41.81 -57.66 -88.49
C ASN C 280 41.84 -56.79 -89.73
N SER C 281 41.98 -55.48 -89.56
CA SER C 281 42.05 -54.57 -90.71
C SER C 281 43.29 -54.84 -91.55
N ILE C 282 44.42 -55.14 -90.90
CA ILE C 282 45.62 -55.51 -91.65
C ILE C 282 45.40 -56.82 -92.38
N MET C 283 44.82 -57.81 -91.70
CA MET C 283 44.63 -59.13 -92.30
C MET C 283 43.59 -59.14 -93.40
N LYS C 284 42.67 -58.17 -93.42
CA LYS C 284 41.70 -58.09 -94.51
C LYS C 284 42.29 -57.45 -95.77
N CYS C 285 43.52 -56.95 -95.71
CA CYS C 285 44.19 -56.41 -96.86
C CYS C 285 44.91 -57.51 -97.63
N ASP C 286 45.56 -57.11 -98.73
CA ASP C 286 46.30 -58.06 -99.54
C ASP C 286 47.55 -58.55 -98.79
N VAL C 287 47.96 -59.77 -99.12
CA VAL C 287 49.08 -60.41 -98.40
C VAL C 287 50.36 -59.60 -98.56
N ASP C 288 50.62 -59.12 -99.77
CA ASP C 288 51.92 -58.48 -100.05
C ASP C 288 52.07 -57.13 -99.38
N ILE C 289 50.98 -56.49 -98.97
CA ILE C 289 51.07 -55.18 -98.34
C ILE C 289 51.01 -55.23 -96.82
N ARG C 290 50.72 -56.40 -96.23
CA ARG C 290 50.60 -56.49 -94.78
C ARG C 290 51.91 -56.18 -94.08
N LYS C 291 53.04 -56.58 -94.68
CA LYS C 291 54.34 -56.35 -94.05
C LYS C 291 54.59 -54.87 -93.85
N ASP C 292 54.26 -54.03 -94.83
CA ASP C 292 54.46 -52.60 -94.69
C ASP C 292 53.44 -51.97 -93.75
N LEU C 293 52.24 -52.56 -93.65
CA LEU C 293 51.25 -52.04 -92.72
C LEU C 293 51.65 -52.32 -91.27
N TYR C 294 52.30 -53.46 -91.03
CA TYR C 294 52.75 -53.77 -89.68
C TYR C 294 53.80 -52.77 -89.20
N ALA C 295 54.73 -52.40 -90.07
CA ALA C 295 55.81 -51.49 -89.70
C ALA C 295 55.39 -50.03 -89.71
N ASN C 296 54.17 -49.72 -90.15
CA ASN C 296 53.71 -48.33 -90.24
C ASN C 296 52.31 -48.20 -89.64
N THR C 297 52.13 -48.75 -88.44
CA THR C 297 50.87 -48.59 -87.72
C THR C 297 50.92 -47.27 -86.96
N VAL C 298 50.05 -46.33 -87.32
CA VAL C 298 50.08 -44.97 -86.80
C VAL C 298 48.91 -44.77 -85.84
N LEU C 299 49.19 -44.24 -84.66
CA LEU C 299 48.16 -43.88 -83.70
C LEU C 299 47.89 -42.38 -83.78
N SER C 300 46.62 -42.02 -83.75
CA SER C 300 46.21 -40.62 -83.82
C SER C 300 44.90 -40.44 -83.07
N GLY C 301 44.58 -39.19 -82.76
CA GLY C 301 43.40 -38.88 -81.99
C GLY C 301 43.67 -38.69 -80.51
N GLY C 302 42.76 -38.01 -79.82
CA GLY C 302 42.98 -37.69 -78.43
C GLY C 302 42.89 -38.88 -77.50
N THR C 303 42.12 -39.91 -77.87
CA THR C 303 41.98 -41.07 -77.00
C THR C 303 43.26 -41.90 -76.96
N THR C 304 44.04 -41.92 -78.05
CA THR C 304 45.30 -42.64 -78.06
C THR C 304 46.40 -41.92 -77.29
N MET C 305 46.06 -40.92 -76.47
CA MET C 305 47.04 -40.16 -75.72
C MET C 305 47.30 -40.75 -74.33
N TYR C 306 46.68 -41.87 -73.99
CA TYR C 306 46.95 -42.52 -72.71
C TYR C 306 48.42 -42.93 -72.64
N PRO C 307 49.10 -42.70 -71.53
CA PRO C 307 50.47 -43.20 -71.39
C PRO C 307 50.51 -44.72 -71.49
N GLY C 308 51.50 -45.23 -72.22
CA GLY C 308 51.69 -46.65 -72.37
C GLY C 308 50.79 -47.32 -73.38
N ILE C 309 49.93 -46.57 -74.08
CA ILE C 309 49.04 -47.19 -75.06
C ILE C 309 49.83 -47.72 -76.25
N ALA C 310 50.89 -47.02 -76.65
CA ALA C 310 51.70 -47.49 -77.77
C ALA C 310 52.42 -48.79 -77.42
N ASP C 311 52.94 -48.90 -76.20
CA ASP C 311 53.62 -50.13 -75.79
C ASP C 311 52.65 -51.29 -75.72
N ARG C 312 51.44 -51.06 -75.22
CA ARG C 312 50.43 -52.11 -75.17
C ARG C 312 50.02 -52.53 -76.58
N MET C 313 49.83 -51.56 -77.48
CA MET C 313 49.47 -51.87 -78.85
C MET C 313 50.56 -52.69 -79.52
N GLN C 314 51.83 -52.33 -79.28
CA GLN C 314 52.94 -53.12 -79.81
C GLN C 314 52.94 -54.53 -79.25
N LYS C 315 52.67 -54.66 -77.94
CA LYS C 315 52.67 -55.97 -77.30
C LYS C 315 51.56 -56.86 -77.85
N GLU C 316 50.35 -56.31 -77.98
CA GLU C 316 49.22 -57.13 -78.42
C GLU C 316 49.35 -57.52 -79.89
N ILE C 317 49.72 -56.56 -80.75
CA ILE C 317 49.82 -56.88 -82.17
C ILE C 317 50.97 -57.84 -82.43
N THR C 318 52.06 -57.75 -81.66
CA THR C 318 53.15 -58.71 -81.79
C THR C 318 52.71 -60.13 -81.49
N ALA C 319 51.79 -60.31 -80.53
CA ALA C 319 51.29 -61.65 -80.22
C ALA C 319 50.32 -62.17 -81.26
N LEU C 320 49.68 -61.29 -82.02
CA LEU C 320 48.74 -61.69 -83.04
C LEU C 320 49.42 -61.90 -84.39
N ALA C 321 50.21 -60.93 -84.84
CA ALA C 321 50.88 -61.01 -86.12
C ALA C 321 51.93 -62.12 -86.13
N PRO C 322 52.29 -62.62 -87.30
CA PRO C 322 53.31 -63.67 -87.37
C PRO C 322 54.63 -63.20 -86.78
N SER C 323 55.37 -64.15 -86.20
CA SER C 323 56.54 -63.83 -85.39
C SER C 323 57.64 -63.14 -86.19
N THR C 324 57.67 -63.31 -87.52
CA THR C 324 58.74 -62.75 -88.33
C THR C 324 58.52 -61.29 -88.70
N MET C 325 57.32 -60.75 -88.46
CA MET C 325 57.04 -59.36 -88.78
C MET C 325 57.53 -58.43 -87.69
N LYS C 326 58.09 -57.29 -88.10
CA LYS C 326 58.56 -56.26 -87.18
C LYS C 326 57.44 -55.26 -86.97
N ILE C 327 56.74 -55.38 -85.85
CA ILE C 327 55.63 -54.48 -85.53
C ILE C 327 56.22 -53.17 -85.01
N LYS C 328 55.83 -52.07 -85.63
CA LYS C 328 56.25 -50.72 -85.22
C LYS C 328 55.02 -49.86 -85.05
N ILE C 329 54.85 -49.31 -83.84
CA ILE C 329 53.73 -48.44 -83.52
C ILE C 329 54.25 -47.01 -83.48
N ILE C 330 53.81 -46.19 -84.42
CA ILE C 330 54.22 -44.79 -84.51
C ILE C 330 53.19 -43.96 -83.75
N ALA C 331 53.63 -43.31 -82.67
CA ALA C 331 52.77 -42.46 -81.86
C ALA C 331 53.42 -41.09 -81.75
N PRO C 332 53.15 -40.19 -82.69
CA PRO C 332 53.76 -38.87 -82.64
C PRO C 332 53.33 -38.14 -81.38
N PRO C 333 54.22 -37.31 -80.82
CA PRO C 333 53.84 -36.57 -79.61
C PRO C 333 52.66 -35.64 -79.82
N GLU C 334 52.50 -35.07 -81.02
CA GLU C 334 51.39 -34.20 -81.35
C GLU C 334 50.24 -34.93 -82.04
N ARG C 335 50.13 -36.24 -81.85
CA ARG C 335 49.11 -37.03 -82.53
C ARG C 335 47.69 -36.64 -82.13
N LYS C 336 47.53 -35.86 -81.05
CA LYS C 336 46.22 -35.30 -80.75
C LYS C 336 45.71 -34.43 -81.88
N TYR C 337 46.59 -33.65 -82.51
CA TYR C 337 46.22 -32.77 -83.60
C TYR C 337 46.62 -33.34 -84.96
N SER C 338 46.84 -34.65 -85.05
CA SER C 338 47.32 -35.25 -86.29
C SER C 338 46.31 -35.08 -87.41
N VAL C 339 45.02 -35.19 -87.12
CA VAL C 339 44.00 -35.02 -88.15
C VAL C 339 44.03 -33.60 -88.70
N TRP C 340 44.11 -32.60 -87.80
CA TRP C 340 44.11 -31.21 -88.24
C TRP C 340 45.35 -30.88 -89.04
N ILE C 341 46.51 -31.39 -88.62
CA ILE C 341 47.75 -31.13 -89.34
C ILE C 341 47.67 -31.71 -90.74
N GLY C 342 47.15 -32.92 -90.87
CA GLY C 342 46.98 -33.51 -92.19
C GLY C 342 46.00 -32.73 -93.05
N GLY C 343 44.93 -32.23 -92.43
CA GLY C 343 43.99 -31.40 -93.17
C GLY C 343 44.61 -30.10 -93.66
N SER C 344 45.44 -29.49 -92.82
CA SER C 344 46.12 -28.26 -93.22
C SER C 344 47.15 -28.52 -94.32
N ILE C 345 47.83 -29.67 -94.26
CA ILE C 345 48.76 -30.02 -95.33
C ILE C 345 48.02 -30.25 -96.64
N LEU C 346 46.93 -31.02 -96.57
CA LEU C 346 46.16 -31.33 -97.78
C LEU C 346 45.55 -30.07 -98.39
N ALA C 347 44.98 -29.21 -97.55
CA ALA C 347 44.30 -28.02 -98.06
C ALA C 347 45.26 -27.02 -98.71
N SER C 348 46.55 -27.09 -98.40
CA SER C 348 47.53 -26.19 -98.98
C SER C 348 48.31 -26.81 -100.13
N LEU C 349 48.07 -28.08 -100.44
CA LEU C 349 48.75 -28.71 -101.55
C LEU C 349 48.28 -28.14 -102.88
N SER C 350 49.21 -27.95 -103.81
CA SER C 350 48.88 -27.34 -105.09
C SER C 350 47.94 -28.22 -105.90
N THR C 351 48.15 -29.54 -105.87
CA THR C 351 47.31 -30.44 -106.64
C THR C 351 45.90 -30.58 -106.05
N PHE C 352 45.73 -30.25 -104.78
CA PHE C 352 44.42 -30.38 -104.14
C PHE C 352 43.47 -29.25 -104.53
N GLN C 353 43.98 -28.15 -105.08
CA GLN C 353 43.16 -26.97 -105.33
C GLN C 353 42.10 -27.18 -106.39
N GLN C 354 42.18 -28.26 -107.17
CA GLN C 354 41.15 -28.57 -108.16
C GLN C 354 40.23 -29.69 -107.69
N MET C 355 40.33 -30.09 -106.42
CA MET C 355 39.45 -31.09 -105.84
C MET C 355 38.42 -30.50 -104.90
N TRP C 356 38.43 -29.18 -104.70
CA TRP C 356 37.42 -28.52 -103.90
C TRP C 356 36.05 -28.64 -104.56
N ILE C 357 35.02 -28.72 -103.72
CA ILE C 357 33.64 -28.57 -104.20
C ILE C 357 33.35 -27.07 -104.33
N SER C 358 33.27 -26.59 -105.56
CA SER C 358 33.12 -25.16 -105.78
C SER C 358 31.67 -24.72 -105.55
N LYS C 359 31.50 -23.42 -105.33
CA LYS C 359 30.16 -22.84 -105.24
C LYS C 359 29.39 -23.04 -106.53
N GLN C 360 30.08 -22.93 -107.67
CA GLN C 360 29.44 -23.16 -108.96
C GLN C 360 28.97 -24.61 -109.11
N GLU C 361 29.72 -25.56 -108.55
CA GLU C 361 29.32 -26.96 -108.64
C GLU C 361 28.12 -27.27 -107.74
N TYR C 362 28.09 -26.68 -106.54
CA TYR C 362 26.95 -26.90 -105.64
C TYR C 362 25.68 -26.30 -106.21
N ASP C 363 25.79 -25.16 -106.88
CA ASP C 363 24.62 -24.49 -107.44
C ASP C 363 23.92 -25.37 -108.47
N GLU C 364 24.70 -26.07 -109.29
CA GLU C 364 24.14 -26.86 -110.39
C GLU C 364 23.81 -28.30 -110.01
N SER C 365 24.23 -28.78 -108.84
CA SER C 365 24.06 -30.20 -108.53
C SER C 365 23.45 -30.44 -107.16
N GLY C 366 23.55 -29.47 -106.25
CA GLY C 366 22.99 -29.60 -104.93
C GLY C 366 23.86 -30.40 -103.96
N PRO C 367 23.31 -30.67 -102.77
CA PRO C 367 24.11 -31.31 -101.72
C PRO C 367 24.67 -32.68 -102.09
N SER C 368 24.04 -33.41 -103.01
CA SER C 368 24.48 -34.75 -103.36
C SER C 368 25.80 -34.76 -104.12
N ILE C 369 26.34 -33.59 -104.48
CA ILE C 369 27.63 -33.53 -105.18
C ILE C 369 28.74 -34.10 -104.31
N VAL C 370 28.58 -34.05 -102.99
CA VAL C 370 29.67 -34.39 -102.07
C VAL C 370 30.03 -35.87 -102.16
N HIS C 371 29.09 -36.72 -102.58
CA HIS C 371 29.36 -38.15 -102.59
C HIS C 371 30.34 -38.55 -103.69
N ARG C 372 30.25 -37.94 -104.86
CA ARG C 372 31.14 -38.29 -105.96
C ARG C 372 32.40 -37.45 -106.00
N LYS C 373 32.52 -36.46 -105.13
CA LYS C 373 33.70 -35.59 -105.10
C LYS C 373 34.67 -35.96 -103.98
N CYS C 374 34.15 -36.20 -102.77
CA CYS C 374 35.02 -36.37 -101.62
C CYS C 374 35.53 -37.79 -101.43
N PHE C 375 34.76 -38.80 -101.82
CA PHE C 375 35.18 -40.17 -101.63
C PHE C 375 34.47 -41.12 -102.60
N ASP D 4 21.70 -75.36 -38.31
CA ASP D 4 20.98 -74.10 -38.50
C ASP D 4 19.48 -74.36 -38.65
N ILE D 5 18.68 -73.62 -37.88
CA ILE D 5 17.24 -73.81 -37.90
C ILE D 5 16.65 -73.30 -39.20
N ALA D 6 16.84 -72.01 -39.47
CA ALA D 6 16.27 -71.37 -40.66
C ALA D 6 17.06 -70.11 -40.96
N ALA D 7 16.88 -69.60 -42.18
CA ALA D 7 17.56 -68.38 -42.61
C ALA D 7 16.69 -67.16 -42.30
N LEU D 8 17.37 -66.05 -42.01
CA LEU D 8 16.72 -64.76 -41.85
C LEU D 8 16.87 -63.94 -43.13
N VAL D 9 15.90 -63.06 -43.36
CA VAL D 9 15.94 -62.12 -44.47
C VAL D 9 15.74 -60.72 -43.90
N VAL D 10 16.66 -59.82 -44.22
CA VAL D 10 16.60 -58.46 -43.72
C VAL D 10 16.73 -57.48 -44.88
N ASP D 11 15.61 -56.90 -45.31
CA ASP D 11 15.61 -55.87 -46.34
C ASP D 11 15.71 -54.49 -45.70
N ASN D 12 16.88 -54.22 -45.12
CA ASN D 12 17.14 -52.97 -44.41
C ASN D 12 17.56 -51.89 -45.41
N GLY D 13 16.55 -51.28 -46.01
CA GLY D 13 16.77 -50.17 -46.91
C GLY D 13 17.05 -48.87 -46.18
N SER D 14 16.98 -47.77 -46.93
CA SER D 14 17.28 -46.46 -46.38
C SER D 14 16.29 -46.08 -45.27
N GLY D 15 15.00 -46.34 -45.48
CA GLY D 15 13.98 -45.83 -44.58
C GLY D 15 13.27 -46.85 -43.72
N MET D 16 13.10 -48.07 -44.23
CA MET D 16 12.32 -49.10 -43.55
C MET D 16 13.13 -50.37 -43.41
N CYS D 17 13.13 -50.94 -42.21
CA CYS D 17 13.71 -52.25 -41.98
C CYS D 17 12.62 -53.32 -42.01
N LYS D 18 12.87 -54.39 -42.76
CA LYS D 18 11.90 -55.47 -42.89
C LYS D 18 12.63 -56.79 -42.64
N ALA D 19 12.26 -57.48 -41.57
CA ALA D 19 12.95 -58.68 -41.14
C ALA D 19 11.96 -59.84 -41.03
N GLY D 20 12.49 -61.05 -41.09
CA GLY D 20 11.66 -62.24 -41.00
C GLY D 20 12.48 -63.49 -41.27
N PHE D 21 11.77 -64.58 -41.53
CA PHE D 21 12.37 -65.88 -41.77
C PHE D 21 12.14 -66.32 -43.20
N ALA D 22 13.15 -66.96 -43.79
CA ALA D 22 13.01 -67.50 -45.15
C ALA D 22 11.92 -68.56 -45.18
N GLY D 23 11.16 -68.58 -46.27
CA GLY D 23 10.00 -69.43 -46.39
C GLY D 23 8.70 -68.78 -45.95
N ASP D 24 8.76 -67.67 -45.23
CA ASP D 24 7.55 -66.93 -44.89
C ASP D 24 7.14 -66.03 -46.05
N ASP D 25 5.83 -65.79 -46.16
CA ASP D 25 5.29 -64.97 -47.23
C ASP D 25 5.18 -63.49 -46.85
N ALA D 26 5.56 -63.12 -45.63
CA ALA D 26 5.50 -61.74 -45.18
C ALA D 26 6.52 -61.54 -44.08
N PRO D 27 7.17 -60.38 -44.02
CA PRO D 27 8.13 -60.13 -42.94
C PRO D 27 7.44 -60.10 -41.58
N ARG D 28 8.09 -60.73 -40.59
CA ARG D 28 7.52 -60.80 -39.26
C ARG D 28 7.65 -59.49 -38.49
N ALA D 29 8.54 -58.61 -38.91
CA ALA D 29 8.74 -57.33 -38.23
C ALA D 29 9.07 -56.25 -39.26
N VAL D 30 8.29 -55.17 -39.24
CA VAL D 30 8.51 -54.02 -40.09
C VAL D 30 8.53 -52.78 -39.22
N PHE D 31 9.62 -52.03 -39.25
CA PHE D 31 9.78 -50.84 -38.43
C PHE D 31 10.74 -49.89 -39.15
N PRO D 32 10.61 -48.59 -38.93
CA PRO D 32 11.50 -47.64 -39.60
C PRO D 32 12.94 -47.79 -39.14
N SER D 33 13.88 -47.56 -40.06
CA SER D 33 15.31 -47.59 -39.76
C SER D 33 15.75 -46.27 -39.12
N ILE D 34 15.25 -46.04 -37.92
CA ILE D 34 15.42 -44.77 -37.21
C ILE D 34 16.09 -45.04 -35.87
N VAL D 35 17.12 -44.25 -35.56
CA VAL D 35 17.70 -44.19 -34.23
C VAL D 35 17.42 -42.80 -33.68
N GLY D 36 16.86 -42.75 -32.48
CA GLY D 36 16.49 -41.49 -31.84
C GLY D 36 17.23 -41.30 -30.54
N ARG D 37 17.56 -40.04 -30.24
CA ARG D 37 18.19 -39.70 -28.98
C ARG D 37 17.44 -38.56 -28.31
N PRO D 38 17.38 -38.53 -26.99
CA PRO D 38 16.68 -37.42 -26.31
C PRO D 38 17.40 -36.10 -26.56
N ARG D 39 16.60 -35.04 -26.72
CA ARG D 39 17.13 -33.71 -26.96
C ARG D 39 16.66 -32.70 -25.93
N HIS D 40 16.17 -33.15 -24.77
CA HIS D 40 15.68 -32.27 -23.73
C HIS D 40 16.22 -32.74 -22.38
N GLN D 41 16.08 -31.87 -21.38
CA GLN D 41 16.63 -32.12 -20.06
C GLN D 41 15.77 -33.12 -19.31
N GLY D 42 16.35 -34.25 -18.93
CA GLY D 42 15.65 -35.23 -18.12
C GLY D 42 15.61 -34.78 -16.66
N VAL D 43 14.41 -34.61 -16.11
CA VAL D 43 14.27 -34.09 -14.76
C VAL D 43 13.73 -35.15 -13.79
N MET D 44 12.97 -36.13 -14.25
CA MET D 44 12.43 -37.15 -13.37
C MET D 44 13.40 -38.31 -13.23
N VAL D 45 13.71 -38.68 -11.99
CA VAL D 45 14.67 -39.75 -11.72
C VAL D 45 14.00 -41.10 -11.99
N GLY D 46 14.83 -42.11 -12.24
CA GLY D 46 14.32 -43.42 -12.58
C GLY D 46 13.58 -43.41 -13.89
N MET D 47 12.34 -43.90 -13.90
CA MET D 47 11.44 -43.82 -15.04
C MET D 47 11.94 -44.74 -16.15
N GLY D 48 13.10 -45.37 -15.94
CA GLY D 48 13.66 -46.25 -16.94
C GLY D 48 14.07 -45.57 -18.23
N GLN D 49 14.56 -44.33 -18.15
CA GLN D 49 14.93 -43.59 -19.34
C GLN D 49 16.16 -44.22 -20.00
N LYS D 50 16.21 -44.11 -21.32
CA LYS D 50 17.28 -44.68 -22.13
C LYS D 50 17.97 -43.58 -22.93
N ASP D 51 19.28 -43.76 -23.15
CA ASP D 51 20.04 -42.79 -23.91
C ASP D 51 19.77 -42.90 -25.41
N SER D 52 19.10 -43.95 -25.86
CA SER D 52 18.83 -44.13 -27.28
C SER D 52 17.58 -44.99 -27.45
N TYR D 53 16.86 -44.72 -28.54
CA TYR D 53 15.65 -45.46 -28.90
C TYR D 53 15.75 -45.88 -30.36
N VAL D 54 15.15 -47.02 -30.69
CA VAL D 54 15.27 -47.60 -32.01
C VAL D 54 13.90 -48.01 -32.52
N GLY D 55 13.66 -47.77 -33.81
CA GLY D 55 12.48 -48.32 -34.47
C GLY D 55 11.19 -47.65 -34.04
N ASP D 56 10.19 -48.49 -33.77
CA ASP D 56 8.85 -47.99 -33.47
C ASP D 56 8.83 -47.18 -32.17
N GLU D 57 9.70 -47.51 -31.22
CA GLU D 57 9.75 -46.75 -29.98
C GLU D 57 10.22 -45.33 -30.21
N ALA D 58 11.16 -45.14 -31.15
CA ALA D 58 11.59 -43.79 -31.52
C ALA D 58 10.43 -43.00 -32.12
N GLN D 59 9.61 -43.66 -32.95
CA GLN D 59 8.44 -43.00 -33.51
C GLN D 59 7.43 -42.65 -32.43
N SER D 60 7.25 -43.54 -31.44
CA SER D 60 6.23 -43.33 -30.42
C SER D 60 6.50 -42.08 -29.61
N LYS D 61 7.75 -41.86 -29.20
CA LYS D 61 8.13 -40.70 -28.38
C LYS D 61 9.05 -39.76 -29.15
N ARG D 62 8.76 -39.55 -30.44
CA ARG D 62 9.60 -38.69 -31.27
C ARG D 62 9.49 -37.21 -30.88
N GLY D 63 8.49 -36.84 -30.09
CA GLY D 63 8.33 -35.45 -29.70
C GLY D 63 9.38 -34.94 -28.74
N ILE D 64 10.13 -35.84 -28.11
CA ILE D 64 11.26 -35.48 -27.25
C ILE D 64 12.57 -36.02 -27.79
N LEU D 65 12.60 -36.42 -29.06
CA LEU D 65 13.72 -37.13 -29.65
C LEU D 65 14.18 -36.45 -30.93
N THR D 66 15.47 -36.57 -31.22
CA THR D 66 16.03 -36.20 -32.50
C THR D 66 16.24 -37.48 -33.29
N LEU D 67 15.55 -37.59 -34.43
CA LEU D 67 15.56 -38.81 -35.23
C LEU D 67 16.61 -38.70 -36.34
N LYS D 68 17.49 -39.68 -36.41
CA LYS D 68 18.56 -39.71 -37.39
C LYS D 68 18.54 -41.05 -38.12
N TYR D 69 18.57 -40.99 -39.45
CA TYR D 69 18.59 -42.20 -40.27
C TYR D 69 20.03 -42.63 -40.47
N PRO D 70 20.44 -43.81 -39.99
CA PRO D 70 21.82 -44.26 -40.22
C PRO D 70 22.12 -44.63 -41.67
N ILE D 71 21.11 -44.69 -42.53
CA ILE D 71 21.28 -45.00 -43.95
C ILE D 71 20.78 -43.82 -44.76
N GLU D 72 21.62 -43.32 -45.66
CA GLU D 72 21.23 -42.25 -46.58
C GLU D 72 21.57 -42.66 -48.00
N HIC D 73 20.57 -42.63 -48.87
CA HIC D 73 20.71 -43.08 -50.27
C HIC D 73 21.22 -44.50 -50.35
O HIC D 73 22.06 -44.82 -51.20
CB HIC D 73 21.64 -42.13 -51.04
CG HIC D 73 21.06 -40.77 -51.24
ND1 HIC D 73 19.82 -40.57 -51.78
CD2 HIC D 73 21.62 -39.56 -50.93
CE1 HIC D 73 19.65 -39.28 -51.81
NE2 HIC D 73 20.71 -38.61 -51.30
CZ HIC D 73 20.85 -37.18 -51.17
N GLY D 74 20.72 -45.36 -49.48
CA GLY D 74 21.08 -46.78 -49.48
C GLY D 74 22.49 -47.06 -49.03
N ILE D 75 23.16 -46.06 -48.45
CA ILE D 75 24.53 -46.16 -48.00
C ILE D 75 24.59 -45.79 -46.53
N VAL D 76 25.26 -46.61 -45.73
CA VAL D 76 25.35 -46.37 -44.29
C VAL D 76 26.27 -45.18 -44.04
N THR D 77 25.76 -44.19 -43.31
CA THR D 77 26.56 -43.02 -42.96
C THR D 77 27.11 -43.10 -41.54
N ASN D 78 26.45 -43.82 -40.65
CA ASN D 78 26.88 -43.97 -39.26
C ASN D 78 26.67 -45.44 -38.87
N TRP D 79 27.75 -46.21 -38.86
CA TRP D 79 27.65 -47.63 -38.53
C TRP D 79 27.36 -47.87 -37.06
N ASP D 80 27.71 -46.91 -36.19
CA ASP D 80 27.41 -47.05 -34.77
C ASP D 80 25.91 -47.12 -34.51
N ASP D 81 25.10 -46.54 -35.39
CA ASP D 81 23.65 -46.62 -35.29
C ASP D 81 23.06 -47.77 -36.10
N MET D 82 23.71 -48.17 -37.19
CA MET D 82 23.27 -49.36 -37.90
C MET D 82 23.46 -50.60 -37.05
N GLU D 83 24.49 -50.62 -36.20
CA GLU D 83 24.62 -51.70 -35.24
C GLU D 83 23.44 -51.73 -34.28
N LYS D 84 22.97 -50.57 -33.83
CA LYS D 84 21.78 -50.53 -33.00
C LYS D 84 20.56 -51.02 -33.76
N ILE D 85 20.43 -50.63 -35.02
CA ILE D 85 19.31 -51.09 -35.84
C ILE D 85 19.31 -52.61 -35.94
N TRP D 86 20.46 -53.20 -36.23
CA TRP D 86 20.53 -54.65 -36.39
C TRP D 86 20.33 -55.37 -35.06
N HIS D 87 20.87 -54.81 -33.97
CA HIS D 87 20.66 -55.41 -32.66
C HIS D 87 19.19 -55.42 -32.29
N HIS D 88 18.50 -54.30 -32.54
CA HIS D 88 17.05 -54.26 -32.33
C HIS D 88 16.34 -55.27 -33.21
N THR D 89 16.73 -55.35 -34.48
CA THR D 89 16.09 -56.28 -35.41
C THR D 89 16.21 -57.72 -34.93
N PHE D 90 17.40 -58.12 -34.49
CA PHE D 90 17.61 -59.51 -34.11
C PHE D 90 17.02 -59.82 -32.74
N TYR D 91 17.34 -59.03 -31.73
CA TYR D 91 17.00 -59.41 -30.37
C TYR D 91 15.63 -58.90 -29.92
N ASN D 92 15.21 -57.71 -30.37
CA ASN D 92 13.95 -57.16 -29.89
C ASN D 92 12.78 -57.51 -30.81
N GLU D 93 12.98 -57.37 -32.13
CA GLU D 93 11.88 -57.61 -33.06
C GLU D 93 11.72 -59.11 -33.35
N LEU D 94 12.74 -59.74 -33.93
CA LEU D 94 12.66 -61.15 -34.25
C LEU D 94 12.83 -62.04 -33.03
N ARG D 95 13.49 -61.54 -31.99
CA ARG D 95 13.74 -62.30 -30.76
C ARG D 95 14.47 -63.61 -31.07
N VAL D 96 15.55 -63.51 -31.84
CA VAL D 96 16.36 -64.64 -32.24
C VAL D 96 17.82 -64.31 -32.03
N ALA D 97 18.64 -65.37 -31.95
CA ALA D 97 20.08 -65.23 -31.85
C ALA D 97 20.69 -65.37 -33.24
N PRO D 98 21.40 -64.36 -33.76
CA PRO D 98 22.01 -64.49 -35.09
C PRO D 98 23.06 -65.58 -35.17
N GLU D 99 23.55 -66.08 -34.03
CA GLU D 99 24.64 -67.05 -34.03
C GLU D 99 24.25 -68.37 -34.68
N GLU D 100 22.95 -68.63 -34.89
CA GLU D 100 22.51 -69.90 -35.44
C GLU D 100 21.60 -69.75 -36.65
N HIS D 101 21.53 -68.56 -37.26
CA HIS D 101 20.67 -68.34 -38.41
C HIS D 101 21.47 -67.62 -39.49
N PRO D 102 21.60 -68.18 -40.69
CA PRO D 102 22.16 -67.42 -41.81
C PRO D 102 21.30 -66.21 -42.11
N VAL D 103 21.93 -65.10 -42.50
CA VAL D 103 21.25 -63.83 -42.71
C VAL D 103 21.45 -63.41 -44.17
N LEU D 104 20.35 -63.13 -44.86
CA LEU D 104 20.39 -62.63 -46.23
C LEU D 104 20.08 -61.14 -46.20
N LEU D 105 21.09 -60.32 -46.45
CA LEU D 105 20.94 -58.87 -46.49
C LEU D 105 20.66 -58.40 -47.92
N THR D 106 20.28 -57.13 -48.04
CA THR D 106 19.96 -56.52 -49.32
C THR D 106 20.77 -55.23 -49.50
N GLU D 107 21.06 -54.91 -50.75
CA GLU D 107 21.79 -53.68 -51.08
C GLU D 107 21.41 -53.22 -52.47
N ALA D 108 21.45 -51.90 -52.66
CA ALA D 108 21.21 -51.33 -53.98
C ALA D 108 22.46 -51.47 -54.86
N PRO D 109 22.28 -51.54 -56.17
CA PRO D 109 23.44 -51.62 -57.07
C PRO D 109 24.19 -50.29 -57.14
N LEU D 110 25.42 -50.36 -57.64
CA LEU D 110 26.31 -49.21 -57.76
C LEU D 110 26.60 -48.57 -56.40
N ASN D 111 26.57 -49.37 -55.34
CA ASN D 111 26.93 -48.92 -54.02
C ASN D 111 28.44 -48.96 -53.81
N PRO D 112 28.96 -48.20 -52.85
CA PRO D 112 30.39 -48.31 -52.53
C PRO D 112 30.73 -49.71 -52.04
N LYS D 113 31.92 -50.19 -52.42
CA LYS D 113 32.32 -51.55 -52.10
C LYS D 113 32.60 -51.71 -50.61
N ALA D 114 33.02 -50.64 -49.93
CA ALA D 114 33.31 -50.74 -48.51
C ALA D 114 32.04 -50.90 -47.67
N ASN D 115 30.91 -50.39 -48.16
CA ASN D 115 29.65 -50.55 -47.45
C ASN D 115 29.26 -52.02 -47.35
N ARG D 116 29.45 -52.77 -48.45
CA ARG D 116 29.18 -54.20 -48.44
C ARG D 116 30.18 -54.94 -47.55
N GLU D 117 31.45 -54.55 -47.61
CA GLU D 117 32.48 -55.20 -46.82
C GLU D 117 32.22 -55.07 -45.33
N LYS D 118 31.81 -53.87 -44.88
CA LYS D 118 31.53 -53.70 -43.47
C LYS D 118 30.25 -54.41 -43.05
N MET D 119 29.28 -54.52 -43.96
CA MET D 119 28.13 -55.39 -43.70
C MET D 119 28.60 -56.81 -43.39
N THR D 120 29.46 -57.36 -44.25
CA THR D 120 29.97 -58.71 -44.04
C THR D 120 30.74 -58.81 -42.73
N GLN D 121 31.61 -57.83 -42.46
CA GLN D 121 32.43 -57.87 -41.26
C GLN D 121 31.59 -57.82 -39.99
N ILE D 122 30.58 -56.94 -39.97
CA ILE D 122 29.73 -56.82 -38.79
C ILE D 122 28.88 -58.08 -38.62
N MET D 123 28.37 -58.63 -39.71
CA MET D 123 27.57 -59.85 -39.62
C MET D 123 28.39 -61.01 -39.07
N PHE D 124 29.65 -61.13 -39.49
CA PHE D 124 30.42 -62.31 -39.11
C PHE D 124 31.13 -62.13 -37.76
N GLU D 125 31.55 -60.91 -37.43
CA GLU D 125 32.41 -60.72 -36.27
C GLU D 125 31.68 -60.26 -35.02
N THR D 126 30.56 -59.55 -35.15
CA THR D 126 29.82 -59.07 -33.99
C THR D 126 28.55 -59.85 -33.73
N PHE D 127 27.88 -60.34 -34.78
CA PHE D 127 26.70 -61.17 -34.62
C PHE D 127 26.98 -62.65 -34.82
N ASN D 128 28.13 -63.00 -35.41
CA ASN D 128 28.59 -64.38 -35.53
C ASN D 128 27.58 -65.26 -36.27
N THR D 129 27.03 -64.73 -37.35
CA THR D 129 26.08 -65.50 -38.15
C THR D 129 26.79 -66.68 -38.81
N PRO D 130 26.17 -67.86 -38.84
CA PRO D 130 26.79 -69.00 -39.52
C PRO D 130 27.05 -68.76 -41.00
N ALA D 131 26.18 -68.02 -41.66
CA ALA D 131 26.34 -67.72 -43.07
C ALA D 131 25.70 -66.36 -43.35
N MET D 132 26.03 -65.79 -44.50
CA MET D 132 25.54 -64.47 -44.84
C MET D 132 25.59 -64.31 -46.36
N TYR D 133 24.71 -63.46 -46.87
CA TYR D 133 24.66 -63.16 -48.29
C TYR D 133 24.13 -61.75 -48.46
N VAL D 134 24.54 -61.10 -49.56
CA VAL D 134 24.11 -59.74 -49.89
C VAL D 134 23.56 -59.79 -51.32
N ALA D 135 22.24 -59.78 -51.45
CA ALA D 135 21.59 -59.80 -52.75
C ALA D 135 21.18 -58.40 -53.18
N ILE D 136 21.08 -58.21 -54.50
CA ILE D 136 20.64 -56.93 -55.05
C ILE D 136 19.13 -56.82 -54.88
N GLN D 137 18.67 -55.65 -54.44
CA GLN D 137 17.26 -55.46 -54.10
C GLN D 137 16.35 -55.70 -55.30
N ALA D 138 16.71 -55.16 -56.47
CA ALA D 138 15.86 -55.26 -57.64
C ALA D 138 15.79 -56.67 -58.20
N VAL D 139 16.83 -57.49 -57.98
CA VAL D 139 16.79 -58.88 -58.44
C VAL D 139 15.77 -59.67 -57.63
N LEU D 140 15.67 -59.39 -56.33
CA LEU D 140 14.72 -60.10 -55.48
C LEU D 140 13.27 -59.79 -55.89
N SER D 141 13.01 -58.54 -56.30
CA SER D 141 11.65 -58.20 -56.71
C SER D 141 11.20 -59.03 -57.92
N LEU D 142 12.13 -59.46 -58.76
CA LEU D 142 11.77 -60.36 -59.85
C LEU D 142 11.45 -61.76 -59.33
N TYR D 143 12.14 -62.18 -58.26
CA TYR D 143 11.81 -63.46 -57.63
C TYR D 143 10.39 -63.45 -57.07
N ALA D 144 9.99 -62.35 -56.43
CA ALA D 144 8.65 -62.27 -55.86
C ALA D 144 7.57 -62.30 -56.95
N SER D 145 7.83 -61.68 -58.09
CA SER D 145 6.90 -61.70 -59.20
C SER D 145 6.83 -63.05 -59.89
N GLY D 146 7.74 -63.97 -59.56
CA GLY D 146 7.75 -65.28 -60.19
C GLY D 146 8.32 -65.31 -61.59
N ARG D 147 8.90 -64.21 -62.05
CA ARG D 147 9.42 -64.12 -63.41
C ARG D 147 10.92 -64.39 -63.44
N THR D 148 11.42 -64.66 -64.64
CA THR D 148 12.85 -64.66 -64.90
C THR D 148 13.24 -63.62 -65.95
N THR D 149 12.25 -63.01 -66.62
CA THR D 149 12.49 -62.00 -67.63
C THR D 149 11.72 -60.74 -67.28
N GLY D 150 12.39 -59.60 -67.34
CA GLY D 150 11.76 -58.33 -67.07
C GLY D 150 12.74 -57.34 -66.47
N ILE D 151 12.32 -56.08 -66.45
CA ILE D 151 13.10 -54.99 -65.89
C ILE D 151 12.38 -54.52 -64.62
N VAL D 152 13.10 -54.48 -63.51
CA VAL D 152 12.53 -54.12 -62.22
C VAL D 152 12.90 -52.68 -61.91
N MET D 153 11.89 -51.85 -61.66
CA MET D 153 12.06 -50.45 -61.26
C MET D 153 11.76 -50.36 -59.76
N ASP D 154 12.81 -50.49 -58.95
CA ASP D 154 12.67 -50.47 -57.50
C ASP D 154 12.94 -49.05 -57.00
N SER D 155 11.96 -48.49 -56.29
CA SER D 155 12.09 -47.16 -55.69
C SER D 155 11.76 -47.27 -54.21
N GLY D 156 12.75 -47.09 -53.36
CA GLY D 156 12.60 -47.14 -51.93
C GLY D 156 12.60 -45.76 -51.32
N ASP D 157 13.22 -45.63 -50.14
CA ASP D 157 13.30 -44.35 -49.47
C ASP D 157 14.54 -43.56 -49.84
N GLY D 158 15.60 -44.22 -50.30
CA GLY D 158 16.82 -43.51 -50.64
C GLY D 158 17.29 -43.67 -52.08
N VAL D 159 16.93 -44.79 -52.71
CA VAL D 159 17.46 -45.14 -54.03
C VAL D 159 16.32 -45.51 -54.96
N THR D 160 16.46 -45.11 -56.22
CA THR D 160 15.68 -45.63 -57.34
C THR D 160 16.65 -46.29 -58.32
N HIS D 161 16.36 -47.53 -58.70
CA HIS D 161 17.28 -48.24 -59.58
C HIS D 161 16.51 -49.24 -60.44
N THR D 162 17.02 -49.46 -61.66
CA THR D 162 16.43 -50.38 -62.62
C THR D 162 17.47 -51.42 -63.00
N VAL D 163 17.08 -52.69 -62.98
CA VAL D 163 17.95 -53.79 -63.33
C VAL D 163 17.26 -54.65 -64.40
N PRO D 164 17.78 -54.69 -65.62
CA PRO D 164 17.18 -55.57 -66.64
C PRO D 164 17.69 -57.00 -66.49
N ILE D 165 16.77 -57.96 -66.62
CA ILE D 165 17.10 -59.37 -66.56
C ILE D 165 16.34 -60.07 -67.68
N TYR D 166 17.02 -60.97 -68.39
CA TYR D 166 16.39 -61.73 -69.47
C TYR D 166 16.61 -63.21 -69.22
N GLU D 167 15.56 -63.88 -68.74
CA GLU D 167 15.54 -65.31 -68.46
C GLU D 167 16.77 -65.79 -67.68
N GLY D 168 17.12 -65.05 -66.62
CA GLY D 168 18.15 -65.45 -65.70
C GLY D 168 19.42 -64.63 -65.76
N TYR D 169 19.67 -63.93 -66.86
CA TYR D 169 20.90 -63.17 -67.03
C TYR D 169 20.61 -61.68 -66.94
N ALA D 170 21.25 -61.02 -65.98
CA ALA D 170 21.16 -59.57 -65.86
C ALA D 170 22.18 -58.89 -66.75
N LEU D 171 21.88 -57.67 -67.15
CA LEU D 171 22.77 -56.85 -67.99
C LEU D 171 23.33 -55.73 -67.14
N PRO D 172 24.48 -55.93 -66.47
CA PRO D 172 25.00 -54.90 -65.56
C PRO D 172 25.35 -53.59 -66.24
N HIS D 173 25.66 -53.60 -67.53
CA HIS D 173 25.95 -52.35 -68.22
C HIS D 173 24.70 -51.51 -68.41
N ALA D 174 23.52 -52.13 -68.37
CA ALA D 174 22.25 -51.43 -68.53
C ALA D 174 21.64 -51.00 -67.21
N ILE D 175 22.24 -51.38 -66.07
CA ILE D 175 21.68 -51.01 -64.77
C ILE D 175 21.87 -49.52 -64.55
N LEU D 176 20.78 -48.84 -64.21
CA LEU D 176 20.78 -47.41 -63.97
C LEU D 176 20.36 -47.14 -62.54
N ARG D 177 20.80 -46.00 -62.01
CA ARG D 177 20.53 -45.65 -60.62
C ARG D 177 20.29 -44.16 -60.50
N LEU D 178 19.26 -43.80 -59.73
CA LEU D 178 18.94 -42.42 -59.38
C LEU D 178 18.94 -42.28 -57.87
N ASP D 179 19.61 -41.25 -57.36
CA ASP D 179 19.58 -40.93 -55.94
C ASP D 179 18.40 -40.01 -55.65
N LEU D 180 17.22 -40.49 -56.02
CA LEU D 180 15.97 -39.75 -55.88
C LEU D 180 14.90 -40.76 -55.46
N ALA D 181 14.32 -40.57 -54.29
CA ALA D 181 13.42 -41.56 -53.72
C ALA D 181 12.51 -40.87 -52.71
N GLY D 182 11.87 -41.66 -51.85
CA GLY D 182 10.85 -41.14 -50.95
C GLY D 182 11.34 -40.06 -50.01
N ARG D 183 12.61 -40.12 -49.60
CA ARG D 183 13.14 -39.09 -48.70
C ARG D 183 13.20 -37.74 -49.40
N ASP D 184 13.65 -37.73 -50.66
CA ASP D 184 13.68 -36.48 -51.43
C ASP D 184 12.27 -35.95 -51.65
N LEU D 185 11.31 -36.83 -51.90
CA LEU D 185 9.93 -36.38 -52.07
C LEU D 185 9.36 -35.83 -50.77
N THR D 186 9.71 -36.44 -49.63
CA THR D 186 9.27 -35.92 -48.34
C THR D 186 9.85 -34.53 -48.09
N ASP D 187 11.14 -34.34 -48.40
CA ASP D 187 11.73 -33.01 -48.25
C ASP D 187 11.11 -32.00 -49.19
N TYR D 188 10.81 -32.42 -50.43
CA TYR D 188 10.17 -31.51 -51.38
C TYR D 188 8.77 -31.11 -50.92
N LEU D 189 8.00 -32.07 -50.40
CA LEU D 189 6.69 -31.74 -49.85
C LEU D 189 6.82 -30.82 -48.64
N MET D 190 7.82 -31.05 -47.81
CA MET D 190 8.12 -30.14 -46.70
C MET D 190 8.39 -28.73 -47.22
N LYS D 191 9.10 -28.62 -48.33
CA LYS D 191 9.38 -27.31 -48.92
C LYS D 191 8.12 -26.65 -49.46
N ILE D 192 7.33 -27.38 -50.25
CA ILE D 192 6.20 -26.77 -50.94
C ILE D 192 5.01 -26.50 -50.02
N LEU D 193 4.94 -27.16 -48.87
CA LEU D 193 3.87 -26.86 -47.92
C LEU D 193 4.01 -25.48 -47.31
N THR D 194 5.20 -24.88 -47.37
CA THR D 194 5.37 -23.53 -46.85
C THR D 194 4.62 -22.49 -47.67
N GLU D 195 4.18 -22.85 -48.88
CA GLU D 195 3.35 -21.93 -49.67
C GLU D 195 2.03 -21.65 -48.98
N ARG D 196 1.55 -22.57 -48.15
CA ARG D 196 0.36 -22.35 -47.34
C ARG D 196 0.68 -21.98 -45.90
N GLY D 197 1.96 -21.79 -45.57
CA GLY D 197 2.35 -21.38 -44.23
C GLY D 197 2.62 -22.50 -43.25
N TYR D 198 2.63 -23.75 -43.70
CA TYR D 198 2.91 -24.88 -42.81
C TYR D 198 4.42 -25.02 -42.65
N SER D 199 4.94 -24.63 -41.50
CA SER D 199 6.38 -24.59 -41.25
C SER D 199 6.84 -25.84 -40.51
N PHE D 200 6.82 -26.96 -41.23
CA PHE D 200 7.40 -28.19 -40.68
C PHE D 200 8.91 -28.16 -40.83
N THR D 201 9.62 -28.26 -39.70
CA THR D 201 11.08 -28.12 -39.72
C THR D 201 11.79 -29.30 -39.03
N THR D 202 11.24 -29.79 -37.93
CA THR D 202 11.94 -30.78 -37.12
C THR D 202 11.90 -32.16 -37.77
N THR D 203 12.63 -33.10 -37.19
CA THR D 203 12.63 -34.47 -37.68
C THR D 203 11.30 -35.18 -37.37
N ALA D 204 10.71 -34.90 -36.20
CA ALA D 204 9.39 -35.42 -35.91
C ALA D 204 8.36 -34.87 -36.90
N GLU D 205 8.47 -33.58 -37.22
CA GLU D 205 7.62 -33.01 -38.25
C GLU D 205 7.98 -33.54 -39.63
N ARG D 206 9.23 -33.95 -39.85
CA ARG D 206 9.57 -34.64 -41.08
C ARG D 206 8.83 -35.96 -41.18
N GLU D 207 8.72 -36.69 -40.07
CA GLU D 207 7.91 -37.91 -40.05
C GLU D 207 6.43 -37.61 -40.26
N ILE D 208 5.96 -36.49 -39.70
CA ILE D 208 4.57 -36.08 -39.93
C ILE D 208 4.32 -35.82 -41.41
N VAL D 209 5.25 -35.11 -42.06
CA VAL D 209 5.14 -34.85 -43.50
C VAL D 209 5.26 -36.14 -44.30
N ARG D 210 6.08 -37.09 -43.84
CA ARG D 210 6.15 -38.39 -44.48
C ARG D 210 4.80 -39.10 -44.43
N ASP D 211 4.14 -39.04 -43.27
CA ASP D 211 2.80 -39.63 -43.15
C ASP D 211 1.81 -38.92 -44.06
N ILE D 212 1.89 -37.59 -44.14
CA ILE D 212 1.02 -36.85 -45.04
C ILE D 212 1.24 -37.29 -46.48
N LYS D 213 2.50 -37.45 -46.86
CA LYS D 213 2.85 -37.88 -48.21
C LYS D 213 2.30 -39.28 -48.50
N GLU D 214 2.43 -40.19 -47.54
CA GLU D 214 1.94 -41.55 -47.75
C GLU D 214 0.41 -41.58 -47.84
N LYS D 215 -0.27 -40.77 -47.03
CA LYS D 215 -1.73 -40.81 -47.00
C LYS D 215 -2.33 -40.13 -48.23
N LEU D 216 -1.79 -38.98 -48.63
CA LEU D 216 -2.51 -38.08 -49.51
C LEU D 216 -1.85 -37.80 -50.86
N CYS D 217 -0.54 -38.02 -51.00
CA CYS D 217 0.10 -37.77 -52.29
C CYS D 217 -0.33 -38.81 -53.31
N TYR D 218 -0.43 -38.39 -54.57
CA TYR D 218 -0.82 -39.28 -55.66
C TYR D 218 -0.24 -38.74 -56.96
N VAL D 219 -0.15 -39.62 -57.96
CA VAL D 219 0.48 -39.30 -59.24
C VAL D 219 -0.60 -38.90 -60.22
N ALA D 220 -0.48 -37.70 -60.78
CA ALA D 220 -1.39 -37.24 -61.83
C ALA D 220 -1.08 -37.94 -63.14
N LEU D 221 -2.13 -38.31 -63.88
CA LEU D 221 -1.93 -38.90 -65.20
C LEU D 221 -1.54 -37.82 -66.21
N ASP D 222 -2.07 -36.61 -66.07
CA ASP D 222 -1.69 -35.47 -66.91
C ASP D 222 -1.47 -34.30 -65.96
N PHE D 223 -0.20 -33.93 -65.78
CA PHE D 223 0.15 -32.96 -64.74
C PHE D 223 -0.44 -31.59 -65.02
N GLU D 224 -0.35 -31.11 -66.27
CA GLU D 224 -0.87 -29.79 -66.59
C GLU D 224 -2.39 -29.74 -66.48
N GLN D 225 -3.08 -30.79 -66.94
CA GLN D 225 -4.54 -30.84 -66.80
C GLN D 225 -4.94 -30.89 -65.33
N GLU D 226 -4.17 -31.59 -64.50
CA GLU D 226 -4.50 -31.65 -63.08
C GLU D 226 -4.23 -30.31 -62.39
N MET D 227 -3.20 -29.59 -62.82
CA MET D 227 -2.99 -28.23 -62.34
C MET D 227 -4.16 -27.34 -62.71
N ALA D 228 -4.63 -27.45 -63.95
CA ALA D 228 -5.79 -26.65 -64.38
C ALA D 228 -7.03 -27.02 -63.58
N THR D 229 -7.22 -28.31 -63.29
CA THR D 229 -8.33 -28.73 -62.45
C THR D 229 -8.20 -28.18 -61.04
N ALA D 230 -6.99 -28.18 -60.49
CA ALA D 230 -6.75 -27.63 -59.15
C ALA D 230 -6.91 -26.11 -59.13
N ALA D 231 -6.87 -25.45 -60.29
CA ALA D 231 -7.23 -24.04 -60.33
C ALA D 231 -8.67 -23.82 -59.87
N SER D 232 -9.59 -24.69 -60.30
CA SER D 232 -10.91 -24.78 -59.69
C SER D 232 -10.80 -25.69 -58.47
N SER D 233 -10.46 -25.07 -57.34
CA SER D 233 -9.94 -25.77 -56.17
C SER D 233 -11.03 -26.43 -55.31
N SER D 234 -12.19 -26.70 -55.90
CA SER D 234 -13.29 -27.26 -55.14
C SER D 234 -13.04 -28.71 -54.75
N SER D 235 -12.57 -29.52 -55.70
CA SER D 235 -12.59 -30.98 -55.53
C SER D 235 -11.29 -31.58 -55.01
N LEU D 236 -10.14 -31.11 -55.46
CA LEU D 236 -8.87 -31.77 -55.15
C LEU D 236 -8.37 -31.47 -53.75
N GLU D 237 -9.03 -30.58 -53.01
CA GLU D 237 -8.55 -30.18 -51.69
C GLU D 237 -8.90 -31.25 -50.67
N LYS D 238 -7.90 -31.63 -49.86
CA LYS D 238 -8.05 -32.66 -48.84
C LYS D 238 -7.55 -32.14 -47.50
N SER D 239 -8.10 -32.71 -46.42
CA SER D 239 -7.75 -32.30 -45.06
C SER D 239 -6.95 -33.40 -44.36
N TYR D 240 -5.99 -32.98 -43.54
CA TYR D 240 -5.18 -33.86 -42.72
C TYR D 240 -5.09 -33.27 -41.32
N GLU D 241 -5.21 -34.13 -40.31
CA GLU D 241 -5.19 -33.69 -38.91
C GLU D 241 -3.84 -34.02 -38.29
N LEU D 242 -3.17 -33.00 -37.75
CA LEU D 242 -1.89 -33.19 -37.10
C LEU D 242 -2.08 -33.87 -35.75
N PRO D 243 -1.01 -34.44 -35.18
CA PRO D 243 -1.13 -35.04 -33.85
C PRO D 243 -1.58 -34.07 -32.77
N ASP D 244 -1.31 -32.77 -32.92
CA ASP D 244 -1.77 -31.77 -31.98
C ASP D 244 -3.27 -31.49 -32.13
N GLY D 245 -3.85 -31.80 -33.28
CA GLY D 245 -5.26 -31.55 -33.53
C GLY D 245 -5.55 -30.44 -34.51
N GLN D 246 -4.56 -29.65 -34.92
CA GLN D 246 -4.77 -28.68 -35.97
C GLN D 246 -4.88 -29.39 -37.32
N VAL D 247 -5.75 -28.88 -38.18
CA VAL D 247 -6.06 -29.51 -39.46
C VAL D 247 -5.43 -28.66 -40.56
N ILE D 248 -4.49 -29.24 -41.28
CA ILE D 248 -3.93 -28.61 -42.47
C ILE D 248 -4.72 -29.06 -43.69
N THR D 249 -4.72 -28.23 -44.73
CA THR D 249 -5.36 -28.54 -45.99
C THR D 249 -4.33 -28.53 -47.10
N ILE D 250 -4.32 -29.59 -47.91
CA ILE D 250 -3.37 -29.75 -49.00
C ILE D 250 -4.14 -29.95 -50.30
N GLY D 251 -3.73 -29.24 -51.34
CA GLY D 251 -4.46 -29.19 -52.59
C GLY D 251 -3.65 -29.74 -53.76
N ASN D 252 -3.26 -28.86 -54.68
CA ASN D 252 -2.45 -29.28 -55.82
C ASN D 252 -1.12 -29.89 -55.38
N GLU D 253 -0.69 -29.60 -54.14
CA GLU D 253 0.52 -30.24 -53.63
C GLU D 253 0.40 -31.76 -53.61
N ARG D 254 -0.83 -32.30 -53.56
CA ARG D 254 -1.01 -33.75 -53.52
C ARG D 254 -0.38 -34.42 -54.73
N PHE D 255 -0.57 -33.86 -55.92
CA PHE D 255 0.05 -34.43 -57.12
C PHE D 255 1.32 -33.72 -57.54
N ARG D 256 1.58 -32.52 -57.03
CA ARG D 256 2.89 -31.90 -57.24
C ARG D 256 3.97 -32.60 -56.42
N CYS D 257 3.56 -33.31 -55.37
CA CYS D 257 4.39 -34.10 -54.47
C CYS D 257 5.10 -35.26 -55.15
N PRO D 258 4.42 -36.13 -55.91
CA PRO D 258 5.13 -37.21 -56.61
C PRO D 258 5.67 -36.81 -57.97
N GLU D 259 5.30 -35.64 -58.49
CA GLU D 259 5.70 -35.27 -59.85
C GLU D 259 7.21 -35.10 -59.96
N ALA D 260 7.90 -34.88 -58.85
CA ALA D 260 9.35 -34.77 -58.87
C ALA D 260 10.01 -36.06 -59.34
N LEU D 261 9.31 -37.20 -59.25
CA LEU D 261 9.85 -38.44 -59.80
C LEU D 261 9.96 -38.39 -61.31
N PHE D 262 8.97 -37.79 -61.97
CA PHE D 262 8.95 -37.72 -63.43
C PHE D 262 9.55 -36.43 -63.97
N GLN D 263 9.61 -35.38 -63.16
CA GLN D 263 10.28 -34.12 -63.51
C GLN D 263 11.24 -33.78 -62.39
N PRO D 264 12.43 -34.37 -62.39
CA PRO D 264 13.40 -34.08 -61.33
C PRO D 264 13.85 -32.62 -61.29
N SER D 265 13.58 -31.85 -62.34
CA SER D 265 13.91 -30.43 -62.31
C SER D 265 13.16 -29.68 -61.22
N PHE D 266 12.07 -30.26 -60.70
CA PHE D 266 11.39 -29.67 -59.56
C PHE D 266 12.31 -29.57 -58.35
N LEU D 267 13.22 -30.53 -58.20
CA LEU D 267 14.18 -30.55 -57.11
C LEU D 267 15.48 -29.85 -57.45
N GLY D 268 15.59 -29.25 -58.64
CA GLY D 268 16.85 -28.71 -59.09
C GLY D 268 17.80 -29.74 -59.67
N MET D 269 17.35 -30.97 -59.87
CA MET D 269 18.20 -32.03 -60.39
C MET D 269 18.15 -32.04 -61.92
N GLU D 270 19.27 -32.42 -62.52
CA GLU D 270 19.40 -32.43 -63.98
C GLU D 270 18.90 -33.73 -64.61
N SER D 271 18.85 -34.81 -63.85
CA SER D 271 18.56 -36.12 -64.41
C SER D 271 17.13 -36.21 -64.92
N CYS D 272 16.91 -37.13 -65.85
CA CYS D 272 15.59 -37.41 -66.38
C CYS D 272 14.74 -38.13 -65.34
N GLY D 273 13.44 -38.19 -65.60
CA GLY D 273 12.51 -38.82 -64.69
C GLY D 273 12.67 -40.33 -64.64
N ILE D 274 11.88 -40.94 -63.75
CA ILE D 274 11.95 -42.39 -63.58
C ILE D 274 11.43 -43.11 -64.81
N HIS D 275 10.47 -42.51 -65.52
CA HIS D 275 9.96 -43.12 -66.74
C HIS D 275 11.05 -43.16 -67.82
N GLU D 276 11.81 -42.09 -67.95
CA GLU D 276 12.91 -42.08 -68.92
C GLU D 276 14.07 -42.93 -68.46
N THR D 277 14.25 -43.08 -67.14
CA THR D 277 15.30 -43.98 -66.65
C THR D 277 15.02 -45.42 -67.06
N THR D 278 13.77 -45.87 -66.91
CA THR D 278 13.42 -47.22 -67.31
C THR D 278 13.56 -47.40 -68.82
N PHE D 279 13.11 -46.41 -69.59
CA PHE D 279 13.22 -46.49 -71.05
C PHE D 279 14.68 -46.54 -71.50
N ASN D 280 15.54 -45.73 -70.87
CA ASN D 280 16.96 -45.76 -71.18
C ASN D 280 17.57 -47.10 -70.82
N SER D 281 17.19 -47.64 -69.66
CA SER D 281 17.71 -48.94 -69.23
C SER D 281 17.31 -50.05 -70.20
N ILE D 282 16.07 -50.00 -70.70
CA ILE D 282 15.64 -50.97 -71.70
C ILE D 282 16.45 -50.81 -72.98
N MET D 283 16.67 -49.57 -73.40
CA MET D 283 17.38 -49.32 -74.66
C MET D 283 18.87 -49.64 -74.57
N LYS D 284 19.45 -49.65 -73.36
CA LYS D 284 20.84 -50.08 -73.23
C LYS D 284 21.00 -51.57 -73.48
N CYS D 285 19.91 -52.33 -73.51
CA CYS D 285 19.96 -53.77 -73.71
C CYS D 285 19.93 -54.11 -75.20
N ASP D 286 20.05 -55.41 -75.48
CA ASP D 286 20.02 -55.88 -76.86
C ASP D 286 18.63 -55.71 -77.46
N VAL D 287 18.60 -55.59 -78.80
CA VAL D 287 17.35 -55.37 -79.52
C VAL D 287 16.39 -56.54 -79.31
N ASP D 288 16.91 -57.76 -79.36
CA ASP D 288 16.05 -58.94 -79.34
C ASP D 288 15.36 -59.15 -78.00
N ILE D 289 15.88 -58.57 -76.93
CA ILE D 289 15.27 -58.75 -75.61
C ILE D 289 14.42 -57.58 -75.17
N ARG D 290 14.43 -56.47 -75.91
CA ARG D 290 13.67 -55.28 -75.49
C ARG D 290 12.17 -55.54 -75.46
N LYS D 291 11.66 -56.32 -76.42
CA LYS D 291 10.22 -56.57 -76.48
C LYS D 291 9.72 -57.24 -75.20
N ASP D 292 10.48 -58.21 -74.68
CA ASP D 292 10.09 -58.87 -73.45
C ASP D 292 10.29 -57.98 -72.23
N LEU D 293 11.21 -57.02 -72.29
CA LEU D 293 11.39 -56.09 -71.18
C LEU D 293 10.23 -55.10 -71.11
N TYR D 294 9.70 -54.68 -72.25
CA TYR D 294 8.56 -53.76 -72.26
C TYR D 294 7.34 -54.39 -71.63
N ALA D 295 7.08 -55.66 -71.93
CA ALA D 295 5.90 -56.35 -71.43
C ALA D 295 6.05 -56.85 -70.01
N ASN D 296 7.22 -56.74 -69.41
CA ASN D 296 7.46 -57.24 -68.06
C ASN D 296 8.19 -56.19 -67.22
N THR D 297 7.70 -54.95 -67.27
CA THR D 297 8.22 -53.89 -66.42
C THR D 297 7.55 -54.00 -65.05
N VAL D 298 8.34 -54.34 -64.03
CA VAL D 298 7.82 -54.65 -62.70
C VAL D 298 8.20 -53.51 -61.76
N LEU D 299 7.20 -52.94 -61.10
CA LEU D 299 7.43 -51.92 -60.07
C LEU D 299 7.56 -52.57 -58.71
N SER D 300 8.43 -52.00 -57.88
CA SER D 300 8.64 -52.49 -56.53
C SER D 300 9.18 -51.34 -55.67
N GLY D 301 9.13 -51.55 -54.36
CA GLY D 301 9.54 -50.51 -53.43
C GLY D 301 8.38 -49.68 -52.92
N GLY D 302 8.59 -48.96 -51.81
CA GLY D 302 7.53 -48.20 -51.18
C GLY D 302 7.15 -46.93 -51.90
N THR D 303 8.10 -46.30 -52.59
CA THR D 303 7.79 -45.06 -53.32
C THR D 303 6.87 -45.30 -54.49
N THR D 304 6.91 -46.49 -55.10
CA THR D 304 6.04 -46.83 -56.21
C THR D 304 4.61 -47.15 -55.77
N MET D 305 4.24 -46.80 -54.54
CA MET D 305 2.90 -47.05 -54.02
C MET D 305 1.94 -45.89 -54.23
N TYR D 306 2.38 -44.80 -54.86
CA TYR D 306 1.49 -43.69 -55.13
C TYR D 306 0.34 -44.13 -56.03
N PRO D 307 -0.90 -43.75 -55.74
CA PRO D 307 -2.00 -44.08 -56.65
C PRO D 307 -1.77 -43.47 -58.03
N GLY D 308 -2.02 -44.26 -59.07
CA GLY D 308 -1.88 -43.82 -60.43
C GLY D 308 -0.46 -43.83 -60.97
N ILE D 309 0.52 -44.27 -60.19
CA ILE D 309 1.90 -44.29 -60.67
C ILE D 309 2.06 -45.33 -61.78
N ALA D 310 1.37 -46.47 -61.67
CA ALA D 310 1.45 -47.49 -62.70
C ALA D 310 0.85 -46.99 -64.02
N ASP D 311 -0.29 -46.29 -63.96
CA ASP D 311 -0.89 -45.76 -65.18
C ASP D 311 -0.02 -44.69 -65.81
N ARG D 312 0.56 -43.81 -64.98
CA ARG D 312 1.46 -42.78 -65.51
C ARG D 312 2.70 -43.39 -66.15
N MET D 313 3.29 -44.40 -65.50
CA MET D 313 4.43 -45.09 -66.08
C MET D 313 4.05 -45.77 -67.39
N GLN D 314 2.84 -46.33 -67.45
CA GLN D 314 2.35 -46.91 -68.70
C GLN D 314 2.25 -45.85 -69.80
N LYS D 315 1.73 -44.67 -69.46
CA LYS D 315 1.54 -43.62 -70.45
C LYS D 315 2.87 -43.10 -70.97
N GLU D 316 3.79 -42.78 -70.06
CA GLU D 316 5.06 -42.18 -70.46
C GLU D 316 5.92 -43.15 -71.28
N ILE D 317 5.98 -44.42 -70.86
CA ILE D 317 6.79 -45.39 -71.57
C ILE D 317 6.18 -45.71 -72.93
N THR D 318 4.84 -45.69 -73.04
CA THR D 318 4.21 -45.87 -74.34
C THR D 318 4.58 -44.75 -75.30
N ALA D 319 4.66 -43.51 -74.81
CA ALA D 319 5.03 -42.38 -75.68
C ALA D 319 6.47 -42.48 -76.15
N LEU D 320 7.34 -43.12 -75.36
CA LEU D 320 8.75 -43.24 -75.71
C LEU D 320 9.04 -44.48 -76.55
N ALA D 321 8.54 -45.63 -76.11
CA ALA D 321 8.83 -46.89 -76.77
C ALA D 321 8.21 -46.92 -78.17
N PRO D 322 8.73 -47.76 -79.06
CA PRO D 322 8.13 -47.87 -80.40
C PRO D 322 6.67 -48.30 -80.31
N SER D 323 5.87 -47.79 -81.25
CA SER D 323 4.41 -47.86 -81.15
C SER D 323 3.88 -49.29 -81.15
N THR D 324 4.61 -50.24 -81.73
CA THR D 324 4.11 -51.60 -81.84
C THR D 324 4.33 -52.45 -80.61
N MET D 325 5.15 -51.99 -79.66
CA MET D 325 5.43 -52.78 -78.47
C MET D 325 4.26 -52.75 -77.50
N LYS D 326 4.09 -53.85 -76.76
CA LYS D 326 3.09 -53.95 -75.71
C LYS D 326 3.72 -53.53 -74.39
N ILE D 327 3.37 -52.35 -73.90
CA ILE D 327 3.87 -51.84 -72.64
C ILE D 327 2.95 -52.35 -71.53
N LYS D 328 3.51 -53.14 -70.61
CA LYS D 328 2.77 -53.66 -69.47
C LYS D 328 3.53 -53.33 -68.19
N ILE D 329 2.87 -52.63 -67.27
CA ILE D 329 3.46 -52.25 -66.00
C ILE D 329 2.82 -53.12 -64.92
N ILE D 330 3.60 -54.05 -64.38
CA ILE D 330 3.14 -54.93 -63.32
C ILE D 330 3.40 -54.25 -61.98
N ALA D 331 2.33 -53.98 -61.24
CA ALA D 331 2.40 -53.30 -59.94
C ALA D 331 1.64 -54.13 -58.91
N PRO D 332 2.28 -55.15 -58.34
CA PRO D 332 1.59 -55.98 -57.35
C PRO D 332 1.24 -55.17 -56.11
N PRO D 333 0.15 -55.51 -55.43
CA PRO D 333 -0.20 -54.78 -54.20
C PRO D 333 0.85 -54.89 -53.11
N GLU D 334 1.64 -55.96 -53.12
CA GLU D 334 2.74 -56.15 -52.17
C GLU D 334 4.02 -55.44 -52.59
N ARG D 335 3.91 -54.39 -53.42
CA ARG D 335 5.07 -53.65 -53.92
C ARG D 335 6.08 -53.32 -52.82
N LYS D 336 5.60 -52.90 -51.65
CA LYS D 336 6.50 -52.52 -50.56
C LYS D 336 7.36 -53.70 -50.13
N TYR D 337 6.75 -54.88 -49.99
CA TYR D 337 7.44 -56.07 -49.51
C TYR D 337 7.96 -56.96 -50.63
N SER D 338 7.93 -56.49 -51.88
CA SER D 338 8.34 -57.33 -53.01
C SER D 338 9.80 -57.76 -52.88
N VAL D 339 10.67 -56.86 -52.41
CA VAL D 339 12.07 -57.21 -52.23
C VAL D 339 12.23 -58.28 -51.17
N TRP D 340 11.55 -58.11 -50.03
CA TRP D 340 11.67 -59.06 -48.94
C TRP D 340 11.10 -60.43 -49.33
N ILE D 341 9.97 -60.45 -50.04
CA ILE D 341 9.40 -61.72 -50.47
C ILE D 341 10.34 -62.44 -51.43
N GLY D 342 10.97 -61.69 -52.34
CA GLY D 342 11.95 -62.29 -53.22
C GLY D 342 13.15 -62.82 -52.47
N GLY D 343 13.60 -62.10 -51.44
CA GLY D 343 14.71 -62.57 -50.64
C GLY D 343 14.37 -63.82 -49.85
N SER D 344 13.13 -63.90 -49.36
CA SER D 344 12.69 -65.10 -48.64
C SER D 344 12.54 -66.29 -49.58
N ILE D 345 12.10 -66.04 -50.82
CA ILE D 345 12.03 -67.11 -51.80
C ILE D 345 13.44 -67.60 -52.14
N LEU D 346 14.35 -66.67 -52.41
CA LEU D 346 15.72 -67.03 -52.79
C LEU D 346 16.43 -67.78 -51.67
N ALA D 347 16.30 -67.29 -50.43
CA ALA D 347 17.01 -67.90 -49.31
C ALA D 347 16.51 -69.30 -49.00
N SER D 348 15.31 -69.65 -49.43
CA SER D 348 14.74 -70.96 -49.17
C SER D 348 14.91 -71.93 -50.34
N LEU D 349 15.46 -71.48 -51.45
CA LEU D 349 15.68 -72.36 -52.59
C LEU D 349 16.79 -73.36 -52.28
N SER D 350 16.60 -74.59 -52.76
CA SER D 350 17.59 -75.64 -52.50
C SER D 350 18.92 -75.32 -53.17
N THR D 351 18.88 -74.79 -54.38
CA THR D 351 20.12 -74.47 -55.10
C THR D 351 20.89 -73.32 -54.46
N PHE D 352 20.22 -72.47 -53.67
CA PHE D 352 20.89 -71.33 -53.06
C PHE D 352 21.74 -71.72 -51.85
N GLN D 353 21.51 -72.89 -51.26
CA GLN D 353 22.19 -73.26 -50.02
C GLN D 353 23.69 -73.46 -50.20
N GLN D 354 24.19 -73.59 -51.43
CA GLN D 354 25.62 -73.69 -51.65
C GLN D 354 26.24 -72.37 -52.07
N MET D 355 25.48 -71.27 -52.03
CA MET D 355 25.99 -69.96 -52.40
C MET D 355 26.11 -69.00 -51.21
N TRP D 356 25.75 -69.43 -50.01
CA TRP D 356 25.98 -68.62 -48.82
C TRP D 356 27.47 -68.38 -48.62
N ILE D 357 27.81 -67.19 -48.13
CA ILE D 357 29.15 -66.95 -47.62
C ILE D 357 29.25 -67.58 -46.23
N SER D 358 29.98 -68.68 -46.13
CA SER D 358 30.08 -69.39 -44.88
C SER D 358 31.11 -68.75 -43.97
N LYS D 359 30.98 -69.02 -42.67
CA LYS D 359 31.95 -68.51 -41.71
C LYS D 359 33.34 -69.08 -41.97
N GLN D 360 33.42 -70.29 -42.54
CA GLN D 360 34.71 -70.85 -42.93
C GLN D 360 35.36 -70.00 -44.02
N GLU D 361 34.58 -69.57 -45.01
CA GLU D 361 35.12 -68.75 -46.08
C GLU D 361 35.54 -67.38 -45.58
N TYR D 362 34.78 -66.81 -44.64
CA TYR D 362 35.13 -65.51 -44.07
C TYR D 362 36.45 -65.59 -43.31
N ASP D 363 36.67 -66.67 -42.56
CA ASP D 363 37.89 -66.81 -41.78
C ASP D 363 39.12 -66.84 -42.68
N GLU D 364 39.03 -67.50 -43.83
CA GLU D 364 40.17 -67.69 -44.71
C GLU D 364 40.30 -66.61 -45.79
N SER D 365 39.31 -65.71 -45.92
CA SER D 365 39.34 -64.71 -46.99
C SER D 365 39.07 -63.29 -46.54
N GLY D 366 38.46 -63.07 -45.38
CA GLY D 366 38.20 -61.74 -44.90
C GLY D 366 36.95 -61.12 -45.49
N PRO D 367 36.67 -59.87 -45.13
CA PRO D 367 35.46 -59.21 -45.65
C PRO D 367 35.43 -59.03 -47.15
N SER D 368 36.59 -59.11 -47.83
CA SER D 368 36.64 -58.95 -49.27
C SER D 368 36.06 -60.15 -50.01
N ILE D 369 35.70 -61.23 -49.31
CA ILE D 369 35.10 -62.39 -49.95
C ILE D 369 33.80 -62.03 -50.62
N VAL D 370 33.11 -61.01 -50.13
CA VAL D 370 31.76 -60.69 -50.59
C VAL D 370 31.76 -60.23 -52.05
N HIS D 371 32.88 -59.70 -52.54
CA HIS D 371 32.91 -59.18 -53.90
C HIS D 371 32.93 -60.28 -54.96
N ARG D 372 33.44 -61.47 -54.63
CA ARG D 372 33.48 -62.56 -55.59
C ARG D 372 32.44 -63.64 -55.31
N LYS D 373 31.96 -63.74 -54.06
CA LYS D 373 30.96 -64.75 -53.72
C LYS D 373 29.55 -64.31 -54.08
N CYS D 374 29.18 -63.07 -53.79
CA CYS D 374 27.81 -62.63 -53.98
C CYS D 374 27.51 -62.20 -55.42
N PHE D 375 28.14 -61.11 -55.86
CA PHE D 375 27.78 -60.52 -57.15
C PHE D 375 29.01 -60.05 -57.92
N ASP E 4 73.92 -48.41 -138.48
CA ASP E 4 73.25 -48.82 -137.23
C ASP E 4 74.28 -49.20 -136.17
N ILE E 5 73.98 -48.84 -134.91
CA ILE E 5 74.93 -49.08 -133.83
C ILE E 5 75.08 -50.57 -133.57
N ALA E 6 74.00 -51.22 -133.16
CA ALA E 6 74.04 -52.64 -132.84
C ALA E 6 72.62 -53.20 -132.87
N ALA E 7 72.53 -54.51 -133.01
CA ALA E 7 71.23 -55.19 -133.03
C ALA E 7 70.75 -55.46 -131.61
N LEU E 8 69.44 -55.49 -131.44
CA LEU E 8 68.80 -55.86 -130.19
C LEU E 8 68.18 -57.24 -130.31
N VAL E 9 68.13 -57.95 -129.19
CA VAL E 9 67.48 -59.25 -129.10
C VAL E 9 66.46 -59.17 -127.97
N VAL E 10 65.20 -59.47 -128.28
CA VAL E 10 64.11 -59.43 -127.31
C VAL E 10 63.39 -60.77 -127.38
N ASP E 11 63.51 -61.56 -126.31
CA ASP E 11 62.87 -62.87 -126.23
C ASP E 11 61.54 -62.71 -125.49
N ASN E 12 60.53 -62.26 -126.22
CA ASN E 12 59.20 -62.02 -125.65
C ASN E 12 58.45 -63.34 -125.53
N GLY E 13 58.69 -64.02 -124.40
CA GLY E 13 57.96 -65.22 -124.08
C GLY E 13 56.62 -64.92 -123.43
N SER E 14 55.92 -65.99 -123.09
CA SER E 14 54.59 -65.85 -122.48
C SER E 14 54.66 -65.16 -121.12
N GLY E 15 55.72 -65.40 -120.36
CA GLY E 15 55.77 -64.90 -119.00
C GLY E 15 56.93 -63.99 -118.67
N MET E 16 58.01 -64.05 -119.47
CA MET E 16 59.23 -63.31 -119.19
C MET E 16 59.69 -62.57 -120.44
N CYS E 17 60.26 -61.39 -120.23
CA CYS E 17 60.87 -60.61 -121.30
C CYS E 17 62.37 -60.51 -121.04
N LYS E 18 63.17 -60.90 -122.04
CA LYS E 18 64.62 -60.86 -121.96
C LYS E 18 65.14 -60.00 -123.10
N ALA E 19 65.76 -58.87 -122.76
CA ALA E 19 66.20 -57.89 -123.73
C ALA E 19 67.70 -57.64 -123.58
N GLY E 20 68.33 -57.28 -124.69
CA GLY E 20 69.75 -57.00 -124.66
C GLY E 20 70.26 -56.66 -126.04
N PHE E 21 71.59 -56.71 -126.19
CA PHE E 21 72.25 -56.39 -127.43
C PHE E 21 72.88 -57.63 -128.04
N ALA E 22 72.89 -57.69 -129.37
CA ALA E 22 73.53 -58.79 -130.06
C ALA E 22 75.04 -58.78 -129.79
N GLY E 23 75.62 -59.97 -129.68
CA GLY E 23 77.00 -60.13 -129.29
C GLY E 23 77.23 -60.25 -127.81
N ASP E 24 76.25 -59.89 -126.98
CA ASP E 24 76.37 -60.09 -125.54
C ASP E 24 76.08 -61.55 -125.20
N ASP E 25 76.67 -62.00 -124.09
CA ASP E 25 76.50 -63.38 -123.64
C ASP E 25 75.39 -63.53 -122.61
N ALA E 26 74.69 -62.46 -122.26
CA ALA E 26 73.60 -62.52 -121.30
C ALA E 26 72.65 -61.36 -121.55
N PRO E 27 71.34 -61.56 -121.35
CA PRO E 27 70.40 -60.46 -121.53
C PRO E 27 70.64 -59.36 -120.49
N ARG E 28 70.69 -58.11 -120.97
CA ARG E 28 70.99 -57.00 -120.07
C ARG E 28 69.80 -56.66 -119.18
N ALA E 29 68.58 -56.92 -119.63
CA ALA E 29 67.38 -56.63 -118.85
C ALA E 29 66.46 -57.84 -118.89
N VAL E 30 66.04 -58.30 -117.71
CA VAL E 30 65.10 -59.41 -117.58
C VAL E 30 64.02 -58.98 -116.59
N PHE E 31 62.77 -59.08 -117.01
CA PHE E 31 61.63 -58.70 -116.16
C PHE E 31 60.41 -59.46 -116.64
N PRO E 32 59.45 -59.71 -115.75
CA PRO E 32 58.23 -60.42 -116.17
C PRO E 32 57.43 -59.61 -117.17
N SER E 33 56.79 -60.32 -118.11
CA SER E 33 55.92 -59.71 -119.11
C SER E 33 54.53 -59.43 -118.52
N ILE E 34 54.49 -58.44 -117.63
CA ILE E 34 53.30 -58.14 -116.84
C ILE E 34 52.97 -56.66 -116.97
N VAL E 35 51.69 -56.37 -117.23
CA VAL E 35 51.14 -55.02 -117.10
C VAL E 35 50.11 -55.06 -115.99
N GLY E 36 50.26 -54.20 -115.00
CA GLY E 36 49.37 -54.17 -113.85
C GLY E 36 48.75 -52.78 -113.68
N ARG E 37 47.49 -52.77 -113.26
CA ARG E 37 46.78 -51.53 -113.01
C ARG E 37 46.18 -51.56 -111.61
N PRO E 38 46.09 -50.41 -110.93
CA PRO E 38 45.55 -50.40 -109.57
C PRO E 38 44.08 -50.81 -109.54
N ARG E 39 43.72 -51.61 -108.55
CA ARG E 39 42.37 -52.10 -108.38
C ARG E 39 41.70 -51.54 -107.14
N HIS E 40 42.28 -50.52 -106.51
CA HIS E 40 41.74 -49.92 -105.30
C HIS E 40 41.50 -48.44 -105.53
N GLN E 41 41.07 -47.74 -104.47
CA GLN E 41 40.52 -46.40 -104.63
C GLN E 41 41.60 -45.37 -104.95
N GLY E 42 42.51 -45.12 -104.02
CA GLY E 42 43.47 -44.05 -104.19
C GLY E 42 42.98 -42.76 -103.55
N VAL E 43 43.55 -42.39 -102.40
CA VAL E 43 43.05 -41.25 -101.65
C VAL E 43 44.10 -40.16 -101.54
N MET E 44 45.38 -40.54 -101.57
CA MET E 44 46.44 -39.55 -101.47
C MET E 44 46.57 -38.80 -102.79
N VAL E 45 46.64 -37.47 -102.71
CA VAL E 45 46.87 -36.65 -103.88
C VAL E 45 48.37 -36.53 -104.13
N GLY E 46 48.73 -36.35 -105.38
CA GLY E 46 50.15 -36.35 -105.74
C GLY E 46 50.67 -37.77 -105.76
N MET E 47 51.87 -37.95 -105.21
CA MET E 47 52.51 -39.26 -105.03
C MET E 47 52.92 -39.86 -106.37
N GLY E 48 52.55 -39.21 -107.47
CA GLY E 48 52.87 -39.74 -108.79
C GLY E 48 52.19 -41.05 -109.10
N GLN E 49 50.90 -41.19 -108.77
CA GLN E 49 50.20 -42.45 -108.96
C GLN E 49 49.90 -42.72 -110.42
N LYS E 50 50.76 -43.52 -111.06
CA LYS E 50 50.53 -43.92 -112.44
C LYS E 50 49.35 -44.87 -112.53
N ASP E 51 48.66 -44.83 -113.67
CA ASP E 51 47.53 -45.72 -113.90
C ASP E 51 47.95 -47.06 -114.47
N SER E 52 49.23 -47.26 -114.75
CA SER E 52 49.71 -48.52 -115.29
C SER E 52 51.16 -48.72 -114.87
N TYR E 53 51.51 -49.98 -114.58
CA TYR E 53 52.86 -50.37 -114.21
C TYR E 53 53.27 -51.58 -115.03
N VAL E 54 54.57 -51.65 -115.34
CA VAL E 54 55.10 -52.67 -116.24
C VAL E 54 56.31 -53.33 -115.60
N GLY E 55 56.39 -54.66 -115.74
CA GLY E 55 57.60 -55.36 -115.37
C GLY E 55 57.83 -55.41 -113.87
N ASP E 56 59.08 -55.15 -113.48
CA ASP E 56 59.48 -55.29 -112.08
C ASP E 56 58.72 -54.34 -111.17
N GLU E 57 58.37 -53.14 -111.67
CA GLU E 57 57.62 -52.20 -110.84
C GLU E 57 56.23 -52.73 -110.53
N ALA E 58 55.58 -53.38 -111.50
CA ALA E 58 54.30 -54.00 -111.25
C ALA E 58 54.42 -55.15 -110.26
N GLN E 59 55.49 -55.93 -110.37
CA GLN E 59 55.71 -57.03 -109.44
C GLN E 59 55.90 -56.53 -108.02
N SER E 60 56.65 -55.44 -107.86
CA SER E 60 56.91 -54.88 -106.52
C SER E 60 55.62 -54.35 -105.91
N LYS E 61 54.79 -53.68 -106.71
CA LYS E 61 53.55 -53.09 -106.24
C LYS E 61 52.34 -53.99 -106.42
N ARG E 62 52.54 -55.29 -106.64
CA ARG E 62 51.45 -56.18 -107.01
C ARG E 62 50.38 -56.29 -105.93
N GLY E 63 50.68 -55.89 -104.70
CA GLY E 63 49.69 -55.95 -103.64
C GLY E 63 48.47 -55.08 -103.87
N ILE E 64 48.60 -54.03 -104.68
CA ILE E 64 47.49 -53.13 -104.99
C ILE E 64 47.11 -53.15 -106.46
N LEU E 65 47.67 -54.08 -107.24
CA LEU E 65 47.48 -54.10 -108.68
C LEU E 65 46.82 -55.40 -109.12
N THR E 66 46.07 -55.33 -110.23
CA THR E 66 45.63 -56.52 -110.94
C THR E 66 46.64 -56.81 -112.05
N LEU E 67 47.29 -57.96 -111.97
CA LEU E 67 48.39 -58.29 -112.87
C LEU E 67 47.85 -59.00 -114.11
N LYS E 68 48.26 -58.53 -115.28
CA LYS E 68 47.78 -59.01 -116.56
C LYS E 68 48.95 -59.48 -117.40
N TYR E 69 48.84 -60.68 -117.96
CA TYR E 69 49.83 -61.16 -118.91
C TYR E 69 49.31 -60.92 -120.31
N PRO E 70 49.89 -59.98 -121.07
CA PRO E 70 49.41 -59.76 -122.45
C PRO E 70 49.60 -60.95 -123.36
N ILE E 71 50.49 -61.87 -123.03
CA ILE E 71 50.76 -63.05 -123.84
C ILE E 71 50.22 -64.28 -123.12
N GLU E 72 49.42 -65.06 -123.83
CA GLU E 72 48.95 -66.34 -123.32
C GLU E 72 49.24 -67.43 -124.35
N HIC E 73 49.96 -68.46 -123.91
CA HIC E 73 50.39 -69.56 -124.77
C HIC E 73 51.18 -69.05 -125.97
O HIC E 73 51.00 -69.52 -127.10
CB HIC E 73 49.18 -70.37 -125.25
CG HIC E 73 48.49 -71.10 -124.15
ND1 HIC E 73 49.15 -71.96 -123.31
CD2 HIC E 73 47.17 -71.04 -123.80
CE1 HIC E 73 48.24 -72.41 -122.48
NE2 HIC E 73 47.03 -71.88 -122.73
CZ HIC E 73 45.81 -72.16 -122.00
N GLY E 74 52.06 -68.08 -125.72
CA GLY E 74 52.93 -67.55 -126.76
C GLY E 74 52.24 -66.69 -127.79
N ILE E 75 50.96 -66.39 -127.57
CA ILE E 75 50.15 -65.62 -128.49
C ILE E 75 49.66 -64.37 -127.77
N VAL E 76 49.84 -63.21 -128.40
CA VAL E 76 49.46 -61.94 -127.80
C VAL E 76 47.93 -61.83 -127.81
N THR E 77 47.32 -61.73 -126.63
CA THR E 77 45.88 -61.59 -126.51
C THR E 77 45.42 -60.15 -126.41
N ASN E 78 46.30 -59.24 -125.97
CA ASN E 78 45.96 -57.82 -125.85
C ASN E 78 47.18 -57.03 -126.30
N TRP E 79 47.10 -56.45 -127.50
CA TRP E 79 48.25 -55.76 -128.07
C TRP E 79 48.48 -54.39 -127.43
N ASP E 80 47.45 -53.82 -126.81
CA ASP E 80 47.63 -52.53 -126.13
C ASP E 80 48.62 -52.67 -124.97
N ASP E 81 48.52 -53.75 -124.20
CA ASP E 81 49.48 -53.98 -123.13
C ASP E 81 50.80 -54.52 -123.65
N MET E 82 50.78 -55.22 -124.78
CA MET E 82 52.03 -55.66 -125.39
C MET E 82 52.86 -54.47 -125.85
N GLU E 83 52.21 -53.42 -126.36
CA GLU E 83 52.92 -52.20 -126.71
C GLU E 83 53.53 -51.55 -125.49
N LYS E 84 52.84 -51.61 -124.33
CA LYS E 84 53.44 -51.11 -123.11
C LYS E 84 54.64 -51.94 -122.69
N ILE E 85 54.56 -53.26 -122.85
CA ILE E 85 55.70 -54.12 -122.58
C ILE E 85 56.90 -53.72 -123.43
N TRP E 86 56.68 -53.54 -124.74
CA TRP E 86 57.78 -53.19 -125.63
C TRP E 86 58.31 -51.79 -125.34
N HIS E 87 57.43 -50.84 -125.03
CA HIS E 87 57.87 -49.49 -124.70
C HIS E 87 58.72 -49.49 -123.45
N HIS E 88 58.32 -50.24 -122.42
CA HIS E 88 59.15 -50.39 -121.24
C HIS E 88 60.50 -51.02 -121.60
N THR E 89 60.45 -52.10 -122.39
CA THR E 89 61.67 -52.80 -122.79
C THR E 89 62.67 -51.86 -123.46
N PHE E 90 62.19 -51.03 -124.39
CA PHE E 90 63.10 -50.18 -125.13
C PHE E 90 63.53 -48.96 -124.34
N TYR E 91 62.57 -48.17 -123.86
CA TYR E 91 62.91 -46.86 -123.29
C TYR E 91 63.28 -46.93 -121.81
N ASN E 92 62.69 -47.86 -121.04
CA ASN E 92 62.92 -47.89 -119.61
C ASN E 92 63.98 -48.89 -119.19
N GLU E 93 64.03 -50.06 -119.83
CA GLU E 93 64.99 -51.10 -119.46
C GLU E 93 66.30 -50.97 -120.25
N LEU E 94 66.22 -51.05 -121.58
CA LEU E 94 67.42 -50.93 -122.39
C LEU E 94 67.91 -49.50 -122.52
N ARG E 95 67.02 -48.52 -122.34
CA ARG E 95 67.34 -47.10 -122.50
C ARG E 95 67.95 -46.84 -123.88
N VAL E 96 67.28 -47.31 -124.92
CA VAL E 96 67.76 -47.15 -126.29
C VAL E 96 66.64 -46.62 -127.16
N ALA E 97 67.02 -46.03 -128.29
CA ALA E 97 66.06 -45.55 -129.27
C ALA E 97 65.84 -46.62 -130.33
N PRO E 98 64.63 -47.19 -130.46
CA PRO E 98 64.42 -48.26 -131.44
C PRO E 98 64.63 -47.83 -132.88
N GLU E 99 64.61 -46.53 -133.17
CA GLU E 99 64.72 -46.06 -134.55
C GLU E 99 66.09 -46.32 -135.16
N GLU E 100 67.09 -46.71 -134.37
CA GLU E 100 68.43 -46.92 -134.89
C GLU E 100 69.01 -48.27 -134.51
N HIS E 101 68.19 -49.23 -134.10
CA HIS E 101 68.66 -50.56 -133.75
C HIS E 101 67.76 -51.61 -134.39
N PRO E 102 68.32 -52.56 -135.15
CA PRO E 102 67.52 -53.71 -135.57
C PRO E 102 67.06 -54.50 -134.35
N VAL E 103 65.90 -55.16 -134.49
CA VAL E 103 65.29 -55.90 -133.40
C VAL E 103 65.02 -57.33 -133.87
N LEU E 104 65.62 -58.30 -133.17
CA LEU E 104 65.38 -59.71 -133.45
C LEU E 104 64.40 -60.26 -132.42
N LEU E 105 63.15 -60.45 -132.83
CA LEU E 105 62.11 -61.01 -131.98
C LEU E 105 62.09 -62.53 -132.07
N THR E 106 61.39 -63.16 -131.14
CA THR E 106 61.26 -64.60 -131.08
C THR E 106 59.78 -64.99 -131.04
N GLU E 107 59.49 -66.18 -131.55
CA GLU E 107 58.13 -66.70 -131.52
C GLU E 107 58.17 -68.22 -131.49
N ALA E 108 57.17 -68.81 -130.84
CA ALA E 108 57.02 -70.25 -130.85
C ALA E 108 56.46 -70.72 -132.19
N PRO E 109 56.80 -71.94 -132.61
CA PRO E 109 56.26 -72.45 -133.87
C PRO E 109 54.77 -72.75 -133.77
N LEU E 110 54.13 -72.86 -134.93
CA LEU E 110 52.70 -73.12 -135.07
C LEU E 110 51.85 -72.01 -134.45
N ASN E 111 52.38 -70.79 -134.38
CA ASN E 111 51.61 -69.65 -133.94
C ASN E 111 50.69 -69.16 -135.07
N PRO E 112 49.63 -68.44 -134.74
CA PRO E 112 48.82 -67.79 -135.79
C PRO E 112 49.66 -66.82 -136.59
N LYS E 113 49.39 -66.78 -137.90
CA LYS E 113 50.21 -65.96 -138.79
C LYS E 113 49.99 -64.47 -138.56
N ALA E 114 48.82 -64.09 -138.07
CA ALA E 114 48.57 -62.67 -137.78
C ALA E 114 49.39 -62.17 -136.60
N ASN E 115 49.86 -63.08 -135.74
CA ASN E 115 50.67 -62.67 -134.60
C ASN E 115 52.03 -62.12 -135.06
N ARG E 116 52.65 -62.79 -136.03
CA ARG E 116 53.88 -62.26 -136.61
C ARG E 116 53.64 -60.94 -137.34
N GLU E 117 52.53 -60.84 -138.07
CA GLU E 117 52.26 -59.66 -138.87
C GLU E 117 52.13 -58.42 -138.02
N LYS E 118 51.44 -58.53 -136.87
CA LYS E 118 51.30 -57.36 -136.02
C LYS E 118 52.61 -57.03 -135.30
N MET E 119 53.43 -58.03 -134.99
CA MET E 119 54.79 -57.74 -134.52
C MET E 119 55.53 -56.88 -135.53
N THR E 120 55.50 -57.29 -136.80
CA THR E 120 56.19 -56.55 -137.85
C THR E 120 55.62 -55.14 -137.97
N GLN E 121 54.29 -55.01 -137.96
CA GLN E 121 53.66 -53.72 -138.14
C GLN E 121 54.00 -52.77 -136.99
N ILE E 122 53.98 -53.28 -135.75
CA ILE E 122 54.30 -52.44 -134.60
C ILE E 122 55.77 -52.05 -134.61
N MET E 123 56.65 -53.00 -134.94
CA MET E 123 58.08 -52.70 -134.95
C MET E 123 58.43 -51.66 -136.01
N PHE E 124 57.75 -51.70 -137.16
CA PHE E 124 58.12 -50.80 -138.24
C PHE E 124 57.36 -49.47 -138.22
N GLU E 125 56.12 -49.45 -137.75
CA GLU E 125 55.31 -48.24 -137.83
C GLU E 125 55.31 -47.42 -136.55
N THR E 126 55.32 -48.06 -135.38
CA THR E 126 55.29 -47.32 -134.12
C THR E 126 56.67 -47.13 -133.51
N PHE E 127 57.60 -48.05 -133.74
CA PHE E 127 58.96 -47.92 -133.26
C PHE E 127 59.96 -47.55 -134.35
N ASN E 128 59.58 -47.71 -135.62
CA ASN E 128 60.41 -47.30 -136.76
C ASN E 128 61.78 -47.96 -136.74
N THR E 129 61.83 -49.24 -136.40
CA THR E 129 63.10 -49.96 -136.36
C THR E 129 63.68 -50.07 -137.77
N PRO E 130 64.99 -49.87 -137.93
CA PRO E 130 65.59 -50.00 -139.27
C PRO E 130 65.43 -51.40 -139.87
N ALA E 131 65.45 -52.43 -139.03
CA ALA E 131 65.33 -53.80 -139.50
C ALA E 131 64.71 -54.63 -138.38
N MET E 132 64.16 -55.78 -138.76
CA MET E 132 63.51 -56.65 -137.79
C MET E 132 63.53 -58.07 -138.32
N TYR E 133 63.49 -59.02 -137.40
CA TYR E 133 63.43 -60.44 -137.73
C TYR E 133 62.65 -61.16 -136.66
N VAL E 134 62.03 -62.27 -137.03
CA VAL E 134 61.25 -63.11 -136.11
C VAL E 134 61.76 -64.53 -136.26
N ALA E 135 62.54 -65.00 -135.29
CA ALA E 135 63.12 -66.33 -135.33
C ALA E 135 62.37 -67.28 -134.40
N ILE E 136 62.43 -68.57 -134.74
CA ILE E 136 61.80 -69.60 -133.91
C ILE E 136 62.63 -69.79 -132.65
N GLN E 137 61.95 -69.88 -131.50
CA GLN E 137 62.64 -69.94 -130.22
C GLN E 137 63.52 -71.18 -130.11
N ALA E 138 63.01 -72.34 -130.54
CA ALA E 138 63.78 -73.58 -130.42
C ALA E 138 64.98 -73.59 -131.37
N VAL E 139 64.85 -72.97 -132.54
CA VAL E 139 65.98 -72.88 -133.46
C VAL E 139 67.11 -72.06 -132.84
N LEU E 140 66.75 -70.94 -132.19
CA LEU E 140 67.75 -70.13 -131.51
C LEU E 140 68.46 -70.91 -130.41
N SER E 141 67.70 -71.73 -129.68
CA SER E 141 68.30 -72.51 -128.60
C SER E 141 69.40 -73.45 -129.10
N LEU E 142 69.28 -73.93 -130.33
CA LEU E 142 70.33 -74.79 -130.88
C LEU E 142 71.60 -74.00 -131.16
N TYR E 143 71.46 -72.71 -131.50
CA TYR E 143 72.63 -71.85 -131.68
C TYR E 143 73.41 -71.71 -130.38
N ALA E 144 72.71 -71.55 -129.26
CA ALA E 144 73.39 -71.39 -127.97
C ALA E 144 74.15 -72.66 -127.57
N SER E 145 73.67 -73.82 -128.01
CA SER E 145 74.36 -75.07 -127.73
C SER E 145 75.56 -75.30 -128.64
N GLY E 146 75.77 -74.45 -129.63
CA GLY E 146 76.87 -74.64 -130.56
C GLY E 146 76.73 -75.86 -131.44
N ARG E 147 75.51 -76.23 -131.79
CA ARG E 147 75.25 -77.43 -132.56
C ARG E 147 74.47 -77.09 -133.83
N THR E 148 74.72 -77.87 -134.88
CA THR E 148 73.93 -77.83 -136.10
C THR E 148 73.06 -79.07 -136.26
N THR E 149 72.99 -79.91 -135.23
CA THR E 149 72.21 -81.14 -135.28
C THR E 149 71.73 -81.47 -133.88
N GLY E 150 70.46 -81.83 -133.77
CA GLY E 150 69.85 -82.19 -132.50
C GLY E 150 68.41 -81.69 -132.44
N ILE E 151 67.66 -82.26 -131.49
CA ILE E 151 66.27 -81.88 -131.27
C ILE E 151 66.19 -81.05 -130.00
N VAL E 152 65.52 -79.91 -130.07
CA VAL E 152 65.45 -78.96 -128.97
C VAL E 152 64.07 -79.06 -128.32
N MET E 153 64.05 -79.46 -127.05
CA MET E 153 62.84 -79.45 -126.24
C MET E 153 62.79 -78.15 -125.46
N ASP E 154 61.91 -77.24 -125.87
CA ASP E 154 61.84 -75.90 -125.30
C ASP E 154 60.51 -75.74 -124.58
N SER E 155 60.57 -75.44 -123.29
CA SER E 155 59.37 -75.22 -122.48
C SER E 155 59.53 -73.92 -121.70
N GLY E 156 58.61 -72.98 -121.92
CA GLY E 156 58.64 -71.72 -121.23
C GLY E 156 57.44 -71.54 -120.32
N ASP E 157 56.87 -70.33 -120.31
CA ASP E 157 55.72 -70.09 -119.46
C ASP E 157 54.41 -70.50 -120.12
N GLY E 158 54.34 -70.50 -121.44
CA GLY E 158 53.09 -70.80 -122.11
C GLY E 158 53.12 -71.88 -123.18
N VAL E 159 54.30 -72.17 -123.72
CA VAL E 159 54.43 -73.08 -124.85
C VAL E 159 55.53 -74.10 -124.56
N THR E 160 55.27 -75.36 -124.92
CA THR E 160 56.29 -76.39 -125.03
C THR E 160 56.33 -76.87 -126.48
N HIS E 161 57.50 -76.82 -127.10
CA HIS E 161 57.62 -77.22 -128.50
C HIS E 161 58.96 -77.92 -128.71
N THR E 162 58.97 -78.87 -129.65
CA THR E 162 60.16 -79.61 -130.03
C THR E 162 60.40 -79.43 -131.52
N VAL E 163 61.62 -79.07 -131.89
CA VAL E 163 62.01 -78.86 -133.28
C VAL E 163 63.20 -79.76 -133.60
N PRO E 164 63.04 -80.77 -134.45
CA PRO E 164 64.19 -81.60 -134.85
C PRO E 164 64.97 -80.91 -135.95
N ILE E 165 66.30 -80.89 -135.82
CA ILE E 165 67.17 -80.22 -136.76
C ILE E 165 68.33 -81.16 -137.07
N TYR E 166 68.45 -81.57 -138.33
CA TYR E 166 69.62 -82.28 -138.82
C TYR E 166 70.62 -81.22 -139.30
N GLU E 167 71.63 -81.63 -140.08
CA GLU E 167 72.76 -80.74 -140.35
C GLU E 167 72.34 -79.52 -141.14
N GLY E 168 72.04 -78.43 -140.44
CA GLY E 168 71.58 -77.20 -141.04
C GLY E 168 70.16 -77.18 -141.54
N TYR E 169 69.43 -78.29 -141.43
CA TYR E 169 68.10 -78.42 -142.00
C TYR E 169 67.09 -78.77 -140.91
N ALA E 170 66.01 -77.99 -140.83
CA ALA E 170 64.91 -78.34 -139.95
C ALA E 170 63.91 -79.25 -140.66
N LEU E 171 63.08 -79.92 -139.87
CA LEU E 171 62.04 -80.81 -140.38
C LEU E 171 60.70 -80.28 -139.88
N PRO E 172 60.04 -79.41 -140.63
CA PRO E 172 58.79 -78.79 -140.14
C PRO E 172 57.68 -79.79 -139.86
N HIS E 173 57.59 -80.89 -140.63
CA HIS E 173 56.54 -81.86 -140.41
C HIS E 173 56.69 -82.59 -139.09
N ALA E 174 57.90 -82.64 -138.53
CA ALA E 174 58.16 -83.31 -137.27
C ALA E 174 58.08 -82.36 -136.07
N ILE E 175 57.82 -81.08 -136.29
CA ILE E 175 57.72 -80.13 -135.19
C ILE E 175 56.42 -80.35 -134.44
N LEU E 176 56.51 -80.50 -133.12
CA LEU E 176 55.36 -80.74 -132.27
C LEU E 176 55.22 -79.61 -131.26
N ARG E 177 53.99 -79.37 -130.82
CA ARG E 177 53.70 -78.27 -129.91
C ARG E 177 52.66 -78.69 -128.89
N LEU E 178 52.91 -78.37 -127.63
CA LEU E 178 51.98 -78.56 -126.54
C LEU E 178 51.71 -77.21 -125.89
N ASP E 179 50.43 -76.88 -125.67
CA ASP E 179 50.05 -75.68 -124.93
C ASP E 179 50.00 -75.99 -123.43
N LEU E 180 51.13 -76.51 -122.94
CA LEU E 180 51.29 -76.91 -121.55
C LEU E 180 52.67 -76.47 -121.11
N ALA E 181 52.73 -75.58 -120.12
CA ALA E 181 54.00 -74.98 -119.73
C ALA E 181 53.90 -74.48 -118.29
N GLY E 182 54.80 -73.57 -117.91
CA GLY E 182 54.91 -73.15 -116.53
C GLY E 182 53.65 -72.52 -115.97
N ARG E 183 52.85 -71.85 -116.81
CA ARG E 183 51.63 -71.23 -116.31
C ARG E 183 50.61 -72.27 -115.89
N ASP E 184 50.46 -73.34 -116.69
CA ASP E 184 49.57 -74.43 -116.32
C ASP E 184 50.04 -75.12 -115.05
N LEU E 185 51.35 -75.27 -114.89
CA LEU E 185 51.89 -75.86 -113.67
C LEU E 185 51.65 -74.96 -112.46
N THR E 186 51.75 -73.64 -112.63
CA THR E 186 51.46 -72.72 -111.55
C THR E 186 49.99 -72.82 -111.13
N ASP E 187 49.08 -72.85 -112.11
CA ASP E 187 47.68 -73.00 -111.78
C ASP E 187 47.38 -74.35 -111.12
N TYR E 188 48.03 -75.41 -111.58
CA TYR E 188 47.85 -76.73 -110.97
C TYR E 188 48.36 -76.74 -109.54
N LEU E 189 49.49 -76.10 -109.29
CA LEU E 189 50.00 -76.00 -107.92
C LEU E 189 49.06 -75.17 -107.05
N MET E 190 48.47 -74.12 -107.63
CA MET E 190 47.46 -73.36 -106.90
C MET E 190 46.28 -74.25 -106.51
N LYS E 191 45.84 -75.10 -107.43
CA LYS E 191 44.65 -75.91 -107.16
C LYS E 191 44.95 -77.06 -106.19
N ILE E 192 46.16 -77.61 -106.24
CA ILE E 192 46.49 -78.74 -105.36
C ILE E 192 46.95 -78.29 -103.98
N LEU E 193 47.39 -77.03 -103.83
CA LEU E 193 47.72 -76.53 -102.50
C LEU E 193 46.48 -76.37 -101.63
N THR E 194 45.29 -76.38 -102.23
CA THR E 194 44.06 -76.29 -101.45
C THR E 194 43.80 -77.55 -100.64
N GLU E 195 44.47 -78.66 -100.97
CA GLU E 195 44.34 -79.88 -100.18
C GLU E 195 44.85 -79.67 -98.76
N ARG E 196 45.82 -78.77 -98.57
CA ARG E 196 46.33 -78.42 -97.26
C ARG E 196 45.66 -77.18 -96.68
N GLY E 197 44.68 -76.60 -97.38
CA GLY E 197 43.97 -75.45 -96.89
C GLY E 197 44.44 -74.11 -97.41
N TYR E 198 45.48 -74.08 -98.23
CA TYR E 198 45.96 -72.82 -98.79
C TYR E 198 45.06 -72.39 -99.95
N SER E 199 44.67 -71.12 -99.95
CA SER E 199 43.62 -70.62 -100.85
C SER E 199 44.14 -69.39 -101.60
N PHE E 200 45.29 -69.54 -102.26
CA PHE E 200 45.83 -68.49 -103.11
C PHE E 200 44.93 -68.32 -104.33
N THR E 201 44.35 -67.13 -104.49
CA THR E 201 43.40 -66.89 -105.57
C THR E 201 43.74 -65.67 -106.42
N THR E 202 44.24 -64.60 -105.82
CA THR E 202 44.46 -63.36 -106.55
C THR E 202 45.64 -63.49 -107.52
N THR E 203 45.79 -62.49 -108.38
CA THR E 203 46.87 -62.50 -109.35
C THR E 203 48.23 -62.36 -108.68
N ALA E 204 48.31 -61.57 -107.61
CA ALA E 204 49.57 -61.49 -106.85
C ALA E 204 49.87 -62.80 -106.16
N GLU E 205 48.84 -63.48 -105.64
CA GLU E 205 49.05 -64.79 -105.07
C GLU E 205 49.43 -65.82 -106.13
N ARG E 206 49.05 -65.57 -107.39
CA ARG E 206 49.56 -66.40 -108.47
C ARG E 206 51.07 -66.27 -108.60
N GLU E 207 51.59 -65.04 -108.46
CA GLU E 207 53.04 -64.86 -108.47
C GLU E 207 53.69 -65.48 -107.24
N ILE E 208 53.01 -65.42 -106.09
CA ILE E 208 53.52 -66.08 -104.89
C ILE E 208 53.64 -67.58 -105.12
N VAL E 209 52.61 -68.19 -105.71
CA VAL E 209 52.65 -69.61 -106.01
C VAL E 209 53.70 -69.92 -107.08
N ARG E 210 53.90 -69.00 -108.03
CA ARG E 210 54.95 -69.20 -109.03
C ARG E 210 56.32 -69.22 -108.37
N ASP E 211 56.54 -68.32 -107.40
CA ASP E 211 57.80 -68.34 -106.64
C ASP E 211 57.95 -69.63 -105.86
N ILE E 212 56.86 -70.10 -105.24
CA ILE E 212 56.90 -71.38 -104.53
C ILE E 212 57.30 -72.50 -105.49
N LYS E 213 56.70 -72.51 -106.68
CA LYS E 213 56.99 -73.51 -107.68
C LYS E 213 58.46 -73.46 -108.11
N GLU E 214 58.97 -72.25 -108.34
CA GLU E 214 60.34 -72.12 -108.82
C GLU E 214 61.34 -72.51 -107.73
N LYS E 215 61.00 -72.28 -106.47
CA LYS E 215 61.96 -72.55 -105.40
C LYS E 215 61.90 -74.00 -104.91
N LEU E 216 60.71 -74.61 -104.90
CA LEU E 216 60.52 -75.88 -104.20
C LEU E 216 60.08 -77.04 -105.08
N CYS E 217 59.43 -76.80 -106.21
CA CYS E 217 59.01 -77.91 -107.06
C CYS E 217 60.22 -78.59 -107.69
N TYR E 218 60.10 -79.90 -107.89
CA TYR E 218 61.16 -80.69 -108.52
C TYR E 218 60.56 -81.91 -109.17
N VAL E 219 61.29 -82.49 -110.10
CA VAL E 219 60.83 -83.65 -110.86
C VAL E 219 61.32 -84.93 -110.18
N ALA E 220 60.38 -85.77 -109.75
CA ALA E 220 60.74 -87.06 -109.19
C ALA E 220 61.22 -88.01 -110.28
N LEU E 221 62.24 -88.82 -109.96
CA LEU E 221 62.73 -89.78 -110.92
C LEU E 221 61.74 -90.92 -111.12
N ASP E 222 61.12 -91.40 -110.04
CA ASP E 222 60.08 -92.42 -110.09
C ASP E 222 58.90 -91.88 -109.27
N PHE E 223 57.80 -91.59 -109.96
CA PHE E 223 56.71 -90.86 -109.31
C PHE E 223 56.06 -91.68 -108.21
N GLU E 224 55.72 -92.95 -108.50
CA GLU E 224 55.04 -93.78 -107.49
C GLU E 224 55.95 -94.07 -106.31
N GLN E 225 57.23 -94.33 -106.54
CA GLN E 225 58.16 -94.55 -105.44
C GLN E 225 58.30 -93.30 -104.58
N GLU E 226 58.34 -92.13 -105.20
CA GLU E 226 58.44 -90.90 -104.41
C GLU E 226 57.14 -90.61 -103.66
N MET E 227 55.99 -90.97 -104.23
CA MET E 227 54.74 -90.84 -103.49
C MET E 227 54.75 -91.76 -102.26
N ALA E 228 55.23 -92.99 -102.43
CA ALA E 228 55.33 -93.89 -101.29
C ALA E 228 56.29 -93.36 -100.24
N THR E 229 57.41 -92.78 -100.68
CA THR E 229 58.36 -92.17 -99.75
C THR E 229 57.72 -91.00 -99.00
N ALA E 230 56.99 -90.15 -99.72
CA ALA E 230 56.31 -89.01 -99.11
C ALA E 230 55.15 -89.43 -98.22
N ALA E 231 54.67 -90.68 -98.35
CA ALA E 231 53.65 -91.17 -97.42
C ALA E 231 54.16 -91.15 -95.98
N SER E 232 55.46 -91.42 -95.79
CA SER E 232 56.12 -91.22 -94.50
C SER E 232 56.55 -89.74 -94.40
N SER E 233 55.58 -88.89 -94.10
CA SER E 233 55.71 -87.45 -94.30
C SER E 233 56.51 -86.76 -93.20
N SER E 234 57.84 -86.87 -93.26
CA SER E 234 58.69 -86.07 -92.38
C SER E 234 59.89 -85.49 -93.13
N SER E 235 60.26 -86.12 -94.25
CA SER E 235 61.53 -85.81 -94.89
C SER E 235 61.35 -84.89 -96.11
N LEU E 236 60.34 -85.16 -96.93
CA LEU E 236 60.19 -84.43 -98.19
C LEU E 236 59.48 -83.09 -98.02
N GLU E 237 59.00 -82.76 -96.83
CA GLU E 237 58.27 -81.51 -96.62
C GLU E 237 59.24 -80.34 -96.46
N LYS E 238 58.85 -79.20 -97.02
CA LYS E 238 59.64 -77.97 -96.98
C LYS E 238 58.77 -76.81 -96.54
N SER E 239 59.38 -75.85 -95.86
CA SER E 239 58.67 -74.65 -95.43
C SER E 239 58.98 -73.47 -96.35
N TYR E 240 57.95 -72.67 -96.62
CA TYR E 240 58.08 -71.46 -97.42
C TYR E 240 57.35 -70.34 -96.72
N GLU E 241 58.03 -69.21 -96.54
CA GLU E 241 57.47 -68.06 -95.83
C GLU E 241 56.81 -67.11 -96.82
N LEU E 242 55.52 -66.84 -96.61
CA LEU E 242 54.79 -65.91 -97.45
C LEU E 242 55.27 -64.49 -97.18
N PRO E 243 54.97 -63.55 -98.09
CA PRO E 243 55.45 -62.16 -97.91
C PRO E 243 54.94 -61.49 -96.64
N ASP E 244 53.88 -62.02 -96.00
CA ASP E 244 53.33 -61.43 -94.79
C ASP E 244 53.78 -62.11 -93.52
N GLY E 245 54.61 -63.16 -93.62
CA GLY E 245 55.18 -63.81 -92.47
C GLY E 245 54.64 -65.18 -92.13
N GLN E 246 53.44 -65.53 -92.60
CA GLN E 246 52.93 -66.88 -92.39
C GLN E 246 53.67 -67.85 -93.30
N VAL E 247 54.06 -68.99 -92.75
CA VAL E 247 54.84 -69.99 -93.47
C VAL E 247 53.95 -71.18 -93.77
N ILE E 248 54.05 -71.70 -95.00
CA ILE E 248 53.30 -72.87 -95.42
C ILE E 248 54.23 -74.07 -95.48
N THR E 249 53.65 -75.27 -95.42
CA THR E 249 54.38 -76.52 -95.57
C THR E 249 53.89 -77.24 -96.82
N ILE E 250 54.83 -77.64 -97.68
CA ILE E 250 54.53 -78.34 -98.91
C ILE E 250 55.27 -79.67 -98.90
N GLY E 251 54.55 -80.74 -99.22
CA GLY E 251 55.12 -82.08 -99.17
C GLY E 251 55.17 -82.77 -100.51
N ASN E 252 54.30 -83.76 -100.71
CA ASN E 252 54.26 -84.48 -101.98
C ASN E 252 53.89 -83.56 -103.15
N GLU E 253 53.30 -82.41 -102.87
CA GLU E 253 53.02 -81.45 -103.94
C GLU E 253 54.29 -80.99 -104.63
N ARG E 254 55.43 -81.05 -103.94
CA ARG E 254 56.68 -80.58 -104.53
C ARG E 254 57.00 -81.33 -105.82
N PHE E 255 56.80 -82.64 -105.85
CA PHE E 255 57.02 -83.41 -107.07
C PHE E 255 55.75 -83.73 -107.83
N ARG E 256 54.58 -83.60 -107.21
CA ARG E 256 53.34 -83.71 -107.96
C ARG E 256 53.12 -82.48 -108.84
N CYS E 257 53.75 -81.36 -108.51
CA CYS E 257 53.74 -80.09 -109.21
C CYS E 257 54.33 -80.17 -110.63
N PRO E 258 55.54 -80.73 -110.82
CA PRO E 258 56.04 -80.86 -112.20
C PRO E 258 55.57 -82.12 -112.90
N GLU E 259 54.92 -83.05 -112.20
CA GLU E 259 54.54 -84.32 -112.81
C GLU E 259 53.53 -84.12 -113.93
N ALA E 260 52.80 -83.00 -113.92
CA ALA E 260 51.84 -82.73 -114.99
C ALA E 260 52.51 -82.61 -116.35
N LEU E 261 53.82 -82.31 -116.39
CA LEU E 261 54.53 -82.30 -117.65
C LEU E 261 54.62 -83.68 -118.27
N PHE E 262 54.81 -84.72 -117.45
CA PHE E 262 54.94 -86.09 -117.94
C PHE E 262 53.63 -86.86 -117.92
N GLN E 263 52.66 -86.42 -117.11
CA GLN E 263 51.32 -86.99 -117.09
C GLN E 263 50.33 -85.85 -117.23
N PRO E 264 50.08 -85.38 -118.45
CA PRO E 264 49.14 -84.27 -118.65
C PRO E 264 47.72 -84.60 -118.22
N SER E 265 47.38 -85.88 -118.02
CA SER E 265 46.06 -86.24 -117.53
C SER E 265 45.80 -85.70 -116.13
N PHE E 266 46.85 -85.29 -115.40
CA PHE E 266 46.66 -84.63 -114.12
C PHE E 266 45.88 -83.32 -114.29
N LEU E 267 46.04 -82.65 -115.42
CA LEU E 267 45.33 -81.43 -115.72
C LEU E 267 44.03 -81.67 -116.49
N GLY E 268 43.68 -82.93 -116.73
CA GLY E 268 42.54 -83.24 -117.57
C GLY E 268 42.83 -83.23 -119.06
N MET E 269 44.10 -83.10 -119.44
CA MET E 269 44.47 -83.05 -120.86
C MET E 269 44.64 -84.46 -121.41
N GLU E 270 44.31 -84.61 -122.70
CA GLU E 270 44.46 -85.89 -123.37
C GLU E 270 45.86 -86.10 -123.93
N SER E 271 46.63 -85.03 -124.09
CA SER E 271 47.94 -85.12 -124.74
C SER E 271 48.91 -85.93 -123.91
N CYS E 272 49.91 -86.50 -124.59
CA CYS E 272 50.97 -87.25 -123.95
C CYS E 272 51.99 -86.30 -123.29
N GLY E 273 52.83 -86.86 -122.44
CA GLY E 273 53.80 -86.07 -121.72
C GLY E 273 54.90 -85.53 -122.63
N ILE E 274 55.74 -84.69 -122.03
CA ILE E 274 56.83 -84.07 -122.79
C ILE E 274 57.85 -85.11 -123.25
N HIS E 275 58.04 -86.17 -122.46
CA HIS E 275 58.95 -87.24 -122.87
C HIS E 275 58.44 -87.95 -124.12
N GLU E 276 57.13 -88.21 -124.18
CA GLU E 276 56.57 -88.85 -125.35
C GLU E 276 56.47 -87.88 -126.53
N THR E 277 56.32 -86.59 -126.25
CA THR E 277 56.33 -85.60 -127.33
C THR E 277 57.67 -85.59 -128.05
N THR E 278 58.76 -85.61 -127.29
CA THR E 278 60.10 -85.64 -127.89
C THR E 278 60.31 -86.93 -128.66
N PHE E 279 59.88 -88.06 -128.09
CA PHE E 279 60.04 -89.35 -128.77
C PHE E 279 59.26 -89.39 -130.07
N ASN E 280 58.02 -88.88 -130.05
CA ASN E 280 57.23 -88.82 -131.28
C ASN E 280 57.87 -87.90 -132.31
N SER E 281 58.42 -86.76 -131.84
CA SER E 281 59.09 -85.85 -132.75
C SER E 281 60.30 -86.49 -133.41
N ILE E 282 61.06 -87.28 -132.65
CA ILE E 282 62.21 -87.98 -133.21
C ILE E 282 61.77 -89.06 -134.19
N MET E 283 60.74 -89.84 -133.82
CA MET E 283 60.25 -90.89 -134.69
C MET E 283 59.60 -90.36 -135.97
N LYS E 284 59.15 -89.12 -135.98
CA LYS E 284 58.57 -88.56 -137.20
C LYS E 284 59.63 -88.15 -138.22
N CYS E 285 60.91 -88.21 -137.85
CA CYS E 285 62.00 -87.88 -138.75
C CYS E 285 62.46 -89.11 -139.53
N ASP E 286 63.42 -88.89 -140.42
CA ASP E 286 64.00 -89.98 -141.19
C ASP E 286 64.76 -90.93 -140.29
N VAL E 287 64.81 -92.21 -140.70
CA VAL E 287 65.45 -93.24 -139.89
C VAL E 287 66.93 -92.95 -139.69
N ASP E 288 67.59 -92.42 -140.73
CA ASP E 288 69.04 -92.25 -140.68
C ASP E 288 69.46 -91.18 -139.68
N ILE E 289 68.58 -90.22 -139.39
CA ILE E 289 68.94 -89.10 -138.55
C ILE E 289 68.49 -89.26 -137.09
N ARG E 290 67.70 -90.30 -136.79
CA ARG E 290 67.19 -90.47 -135.42
C ARG E 290 68.32 -90.72 -134.43
N LYS E 291 69.37 -91.43 -134.86
CA LYS E 291 70.48 -91.75 -133.96
C LYS E 291 71.15 -90.47 -133.44
N ASP E 292 71.34 -89.48 -134.31
CA ASP E 292 71.97 -88.23 -133.89
C ASP E 292 71.03 -87.36 -133.06
N LEU E 293 69.72 -87.45 -133.30
CA LEU E 293 68.78 -86.67 -132.50
C LEU E 293 68.70 -87.19 -131.07
N TYR E 294 68.86 -88.51 -130.89
CA TYR E 294 68.84 -89.08 -129.56
C TYR E 294 70.02 -88.60 -128.73
N ALA E 295 71.21 -88.53 -129.34
CA ALA E 295 72.43 -88.14 -128.64
C ALA E 295 72.54 -86.63 -128.44
N ASN E 296 71.66 -85.84 -129.04
CA ASN E 296 71.74 -84.38 -128.98
C ASN E 296 70.36 -83.79 -128.66
N THR E 297 69.71 -84.35 -127.64
CA THR E 297 68.40 -83.84 -127.18
C THR E 297 68.67 -82.66 -126.25
N VAL E 298 68.60 -81.45 -126.81
CA VAL E 298 68.88 -80.24 -126.05
C VAL E 298 67.64 -79.85 -125.24
N LEU E 299 67.82 -79.62 -123.95
CA LEU E 299 66.76 -79.16 -123.06
C LEU E 299 66.94 -77.67 -122.81
N SER E 300 65.87 -76.90 -123.00
CA SER E 300 65.95 -75.46 -122.91
C SER E 300 64.63 -74.90 -122.41
N GLY E 301 64.66 -73.66 -121.93
CA GLY E 301 63.48 -73.01 -121.40
C GLY E 301 63.46 -72.95 -119.89
N GLY E 302 62.71 -71.99 -119.35
CA GLY E 302 62.66 -71.81 -117.92
C GLY E 302 61.90 -72.91 -117.18
N THR E 303 60.92 -73.52 -117.85
CA THR E 303 60.17 -74.61 -117.23
C THR E 303 61.04 -75.85 -117.03
N THR E 304 61.99 -76.09 -117.92
CA THR E 304 62.89 -77.24 -117.80
C THR E 304 63.96 -77.06 -116.73
N MET E 305 63.81 -76.07 -115.85
CA MET E 305 64.77 -75.82 -114.79
C MET E 305 64.45 -76.57 -113.51
N TYR E 306 63.41 -77.41 -113.51
CA TYR E 306 63.14 -78.23 -112.34
C TYR E 306 64.32 -79.17 -112.07
N PRO E 307 64.74 -79.32 -110.82
CA PRO E 307 65.79 -80.30 -110.53
C PRO E 307 65.34 -81.71 -110.88
N GLY E 308 66.25 -82.47 -111.48
CA GLY E 308 65.98 -83.85 -111.85
C GLY E 308 65.16 -84.05 -113.11
N ILE E 309 64.82 -82.97 -113.82
CA ILE E 309 64.02 -83.13 -115.04
C ILE E 309 64.85 -83.79 -116.13
N ALA E 310 66.15 -83.51 -116.19
CA ALA E 310 67.01 -84.14 -117.19
C ALA E 310 67.13 -85.63 -116.95
N ASP E 311 67.25 -86.03 -115.69
CA ASP E 311 67.35 -87.46 -115.37
C ASP E 311 66.06 -88.19 -115.70
N ARG E 312 64.91 -87.57 -115.41
CA ARG E 312 63.64 -88.18 -115.77
C ARG E 312 63.48 -88.28 -117.29
N MET E 313 63.83 -87.21 -118.01
CA MET E 313 63.74 -87.25 -119.46
C MET E 313 64.62 -88.34 -120.04
N GLN E 314 65.83 -88.49 -119.49
CA GLN E 314 66.69 -89.59 -119.93
C GLN E 314 66.06 -90.95 -119.60
N LYS E 315 65.45 -91.07 -118.42
CA LYS E 315 64.88 -92.34 -118.00
C LYS E 315 63.72 -92.75 -118.90
N GLU E 316 62.84 -91.80 -119.25
CA GLU E 316 61.66 -92.15 -120.04
C GLU E 316 62.04 -92.41 -121.50
N ILE E 317 62.92 -91.59 -122.07
CA ILE E 317 63.27 -91.76 -123.48
C ILE E 317 64.04 -93.04 -123.72
N THR E 318 64.88 -93.46 -122.76
CA THR E 318 65.56 -94.74 -122.90
C THR E 318 64.57 -95.90 -122.91
N ALA E 319 63.44 -95.74 -122.23
CA ALA E 319 62.42 -96.79 -122.22
C ALA E 319 61.64 -96.84 -123.53
N LEU E 320 61.56 -95.72 -124.25
CA LEU E 320 60.83 -95.66 -125.52
C LEU E 320 61.72 -95.98 -126.71
N ALA E 321 62.89 -95.36 -126.77
CA ALA E 321 63.80 -95.56 -127.89
C ALA E 321 64.37 -96.98 -127.88
N PRO E 322 64.85 -97.46 -129.03
CA PRO E 322 65.49 -98.78 -129.06
C PRO E 322 66.69 -98.84 -128.14
N SER E 323 66.92 -100.02 -127.56
CA SER E 323 67.91 -100.18 -126.49
C SER E 323 69.33 -99.89 -126.95
N THR E 324 69.62 -100.00 -128.25
CA THR E 324 70.98 -99.77 -128.72
C THR E 324 71.31 -98.29 -128.86
N MET E 325 70.31 -97.42 -128.87
CA MET E 325 70.57 -95.99 -128.98
C MET E 325 71.10 -95.44 -127.67
N LYS E 326 72.08 -94.53 -127.77
CA LYS E 326 72.67 -93.88 -126.60
C LYS E 326 71.96 -92.54 -126.40
N ILE E 327 70.97 -92.53 -125.51
CA ILE E 327 70.19 -91.33 -125.25
C ILE E 327 71.02 -90.38 -124.40
N LYS E 328 71.15 -89.13 -124.84
CA LYS E 328 71.85 -88.09 -124.10
C LYS E 328 70.95 -86.86 -124.01
N ILE E 329 70.64 -86.44 -122.79
CA ILE E 329 69.86 -85.24 -122.53
C ILE E 329 70.84 -84.12 -122.17
N ILE E 330 70.90 -83.10 -123.02
CA ILE E 330 71.87 -82.02 -122.89
C ILE E 330 71.17 -80.85 -122.22
N ALA E 331 71.38 -80.69 -120.91
CA ALA E 331 70.76 -79.63 -120.12
C ALA E 331 71.84 -78.70 -119.61
N PRO E 332 72.10 -77.58 -120.27
CA PRO E 332 73.13 -76.64 -119.80
C PRO E 332 72.71 -75.99 -118.50
N PRO E 333 73.64 -75.32 -117.81
CA PRO E 333 73.24 -74.54 -116.62
C PRO E 333 72.38 -73.33 -116.96
N GLU E 334 72.40 -72.87 -118.20
CA GLU E 334 71.70 -71.65 -118.62
C GLU E 334 70.52 -71.91 -119.54
N ARG E 335 69.76 -72.98 -119.28
CA ARG E 335 68.58 -73.28 -120.08
C ARG E 335 67.61 -72.10 -120.10
N LYS E 336 67.52 -71.36 -119.00
CA LYS E 336 66.57 -70.26 -118.91
C LYS E 336 66.89 -69.13 -119.89
N TYR E 337 68.14 -69.05 -120.36
CA TYR E 337 68.54 -68.00 -121.29
C TYR E 337 69.05 -68.53 -122.61
N SER E 338 68.86 -69.81 -122.90
CA SER E 338 69.41 -70.39 -124.13
C SER E 338 68.82 -69.77 -125.38
N VAL E 339 67.53 -69.42 -125.35
CA VAL E 339 66.90 -68.81 -126.52
C VAL E 339 67.51 -67.44 -126.80
N TRP E 340 67.69 -66.62 -125.76
CA TRP E 340 68.23 -65.29 -125.96
C TRP E 340 69.68 -65.35 -126.40
N ILE E 341 70.47 -66.29 -125.85
CA ILE E 341 71.86 -66.42 -126.26
C ILE E 341 71.96 -66.81 -127.72
N GLY E 342 71.11 -67.74 -128.15
CA GLY E 342 71.09 -68.10 -129.56
C GLY E 342 70.65 -66.97 -130.46
N GLY E 343 69.68 -66.17 -129.99
CA GLY E 343 69.26 -65.01 -130.75
C GLY E 343 70.36 -63.97 -130.89
N SER E 344 71.12 -63.75 -129.82
CA SER E 344 72.24 -62.83 -129.87
C SER E 344 73.36 -63.34 -130.76
N ILE E 345 73.58 -64.66 -130.78
CA ILE E 345 74.57 -65.25 -131.67
C ILE E 345 74.14 -65.06 -133.12
N LEU E 346 72.88 -65.37 -133.41
CA LEU E 346 72.37 -65.27 -134.78
C LEU E 346 72.40 -63.81 -135.26
N ALA E 347 72.00 -62.87 -134.40
CA ALA E 347 71.93 -61.48 -134.80
C ALA E 347 73.31 -60.84 -134.97
N SER E 348 74.39 -61.52 -134.59
CA SER E 348 75.73 -61.00 -134.76
C SER E 348 76.53 -61.76 -135.82
N LEU E 349 75.90 -62.73 -136.48
CA LEU E 349 76.59 -63.45 -137.56
C LEU E 349 76.68 -62.59 -138.80
N SER E 350 77.84 -62.63 -139.46
CA SER E 350 78.01 -61.86 -140.70
C SER E 350 77.09 -62.37 -141.80
N THR E 351 76.90 -63.69 -141.87
CA THR E 351 76.05 -64.27 -142.91
C THR E 351 74.57 -64.00 -142.69
N PHE E 352 74.18 -63.47 -141.52
CA PHE E 352 72.79 -63.21 -141.20
C PHE E 352 72.34 -61.81 -141.62
N GLN E 353 73.27 -60.94 -142.01
CA GLN E 353 72.94 -59.53 -142.23
C GLN E 353 71.99 -59.31 -143.40
N GLN E 354 71.95 -60.22 -144.37
CA GLN E 354 71.03 -60.09 -145.48
C GLN E 354 69.67 -60.74 -145.21
N MET E 355 69.50 -61.40 -144.07
CA MET E 355 68.23 -62.02 -143.71
C MET E 355 67.31 -61.09 -142.93
N TRP E 356 67.79 -59.91 -142.54
CA TRP E 356 66.93 -58.94 -141.87
C TRP E 356 65.82 -58.46 -142.81
N ILE E 357 64.65 -58.23 -142.25
CA ILE E 357 63.60 -57.52 -142.97
C ILE E 357 63.93 -56.03 -142.92
N SER E 358 64.27 -55.46 -144.07
CA SER E 358 64.64 -54.06 -144.13
C SER E 358 63.38 -53.18 -144.12
N LYS E 359 63.56 -51.94 -143.66
CA LYS E 359 62.43 -51.00 -143.67
C LYS E 359 61.96 -50.72 -145.09
N GLN E 360 62.86 -50.80 -146.07
CA GLN E 360 62.46 -50.68 -147.46
C GLN E 360 61.54 -51.82 -147.86
N GLU E 361 61.84 -53.04 -147.41
CA GLU E 361 61.00 -54.19 -147.76
C GLU E 361 59.62 -54.07 -147.14
N TYR E 362 59.53 -53.58 -145.90
CA TYR E 362 58.23 -53.36 -145.29
C TYR E 362 57.44 -52.30 -146.04
N ASP E 363 58.11 -51.25 -146.51
CA ASP E 363 57.41 -50.19 -147.24
C ASP E 363 56.79 -50.72 -148.51
N GLU E 364 57.49 -51.59 -149.24
CA GLU E 364 57.04 -52.08 -150.53
C GLU E 364 56.24 -53.37 -150.47
N SER E 365 56.14 -54.02 -149.30
CA SER E 365 55.46 -55.30 -149.20
C SER E 365 54.46 -55.40 -148.05
N GLY E 366 54.57 -54.59 -147.01
CA GLY E 366 53.63 -54.63 -145.91
C GLY E 366 53.97 -55.67 -144.87
N PRO E 367 53.09 -55.82 -143.88
CA PRO E 367 53.35 -56.79 -142.79
C PRO E 367 53.51 -58.22 -143.26
N SER E 368 52.94 -58.58 -144.41
CA SER E 368 53.02 -59.95 -144.91
C SER E 368 54.42 -60.34 -145.36
N ILE E 369 55.38 -59.41 -145.32
CA ILE E 369 56.76 -59.73 -145.67
C ILE E 369 57.35 -60.77 -144.72
N VAL E 370 56.83 -60.83 -143.49
CA VAL E 370 57.39 -61.72 -142.48
C VAL E 370 57.21 -63.19 -142.84
N HIS E 371 56.20 -63.53 -143.66
CA HIS E 371 55.95 -64.93 -143.96
C HIS E 371 56.94 -65.50 -144.97
N ARG E 372 57.40 -64.69 -145.92
CA ARG E 372 58.33 -65.17 -146.93
C ARG E 372 59.78 -64.87 -146.60
N LYS E 373 60.03 -63.89 -145.73
CA LYS E 373 61.41 -63.54 -145.40
C LYS E 373 61.96 -64.37 -144.24
N CYS E 374 61.17 -64.55 -143.18
CA CYS E 374 61.68 -65.19 -141.97
C CYS E 374 61.69 -66.71 -142.07
N PHE E 375 60.51 -67.32 -142.07
CA PHE E 375 60.42 -68.77 -141.96
C PHE E 375 59.15 -69.30 -142.61
N ASP F 4 20.56 -102.61 -90.95
CA ASP F 4 20.34 -101.25 -90.50
C ASP F 4 18.94 -100.78 -90.85
N ILE F 5 18.39 -99.90 -90.00
CA ILE F 5 17.02 -99.43 -90.20
C ILE F 5 16.92 -98.56 -91.44
N ALA F 6 17.67 -97.46 -91.46
CA ALA F 6 17.62 -96.50 -92.57
C ALA F 6 18.86 -95.63 -92.49
N ALA F 7 19.12 -94.92 -93.60
CA ALA F 7 20.26 -94.02 -93.66
C ALA F 7 19.85 -92.60 -93.31
N LEU F 8 20.75 -91.88 -92.66
CA LEU F 8 20.58 -90.46 -92.40
C LEU F 8 21.31 -89.64 -93.45
N VAL F 9 20.76 -88.48 -93.76
CA VAL F 9 21.38 -87.52 -94.67
C VAL F 9 21.52 -86.21 -93.94
N VAL F 10 22.75 -85.71 -93.83
CA VAL F 10 23.05 -84.48 -93.10
C VAL F 10 23.77 -83.55 -94.07
N ASP F 11 23.02 -82.63 -94.67
CA ASP F 11 23.60 -81.58 -95.52
C ASP F 11 23.99 -80.41 -94.62
N ASN F 12 25.02 -80.64 -93.82
CA ASN F 12 25.49 -79.64 -92.85
C ASN F 12 26.44 -78.66 -93.55
N GLY F 13 25.84 -77.67 -94.18
CA GLY F 13 26.60 -76.62 -94.83
C GLY F 13 27.11 -75.58 -93.85
N SER F 14 27.69 -74.52 -94.42
CA SER F 14 28.30 -73.47 -93.61
C SER F 14 27.28 -72.79 -92.71
N GLY F 15 26.12 -72.44 -93.26
CA GLY F 15 25.15 -71.66 -92.51
C GLY F 15 24.00 -72.43 -91.91
N MET F 16 23.49 -73.43 -92.64
CA MET F 16 22.30 -74.17 -92.25
C MET F 16 22.61 -75.66 -92.18
N CYS F 17 22.17 -76.31 -91.11
CA CYS F 17 22.20 -77.75 -91.03
C CYS F 17 20.86 -78.32 -91.49
N LYS F 18 20.90 -79.28 -92.41
CA LYS F 18 19.69 -79.85 -92.99
C LYS F 18 19.77 -81.36 -92.87
N ALA F 19 19.02 -81.93 -91.93
CA ALA F 19 19.13 -83.33 -91.59
C ALA F 19 17.80 -84.05 -91.86
N GLY F 20 17.88 -85.36 -92.00
CA GLY F 20 16.69 -86.16 -92.23
C GLY F 20 17.05 -87.60 -92.51
N PHE F 21 16.14 -88.30 -93.18
CA PHE F 21 16.30 -89.71 -93.51
C PHE F 21 16.33 -89.90 -95.01
N ALA F 22 17.08 -90.92 -95.44
CA ALA F 22 17.10 -91.29 -96.85
C ALA F 22 15.74 -91.84 -97.26
N GLY F 23 15.34 -91.53 -98.50
CA GLY F 23 14.03 -91.88 -98.98
C GLY F 23 12.96 -90.84 -98.73
N ASP F 24 13.21 -89.87 -97.85
CA ASP F 24 12.28 -88.77 -97.64
C ASP F 24 12.50 -87.69 -98.69
N ASP F 25 11.42 -86.96 -98.99
CA ASP F 25 11.46 -85.91 -100.00
C ASP F 25 11.75 -84.54 -99.41
N ALA F 26 11.94 -84.44 -98.10
CA ALA F 26 12.23 -83.16 -97.45
C ALA F 26 12.97 -83.44 -96.16
N PRO F 27 13.94 -82.59 -95.79
CA PRO F 27 14.66 -82.78 -94.53
C PRO F 27 13.72 -82.66 -93.34
N ARG F 28 13.88 -83.55 -92.37
CA ARG F 28 13.00 -83.54 -91.20
C ARG F 28 13.33 -82.40 -90.25
N ALA F 29 14.58 -81.96 -90.21
CA ALA F 29 15.02 -80.89 -89.31
C ALA F 29 15.91 -79.93 -90.07
N VAL F 30 15.57 -78.64 -90.01
CA VAL F 30 16.38 -77.57 -90.58
C VAL F 30 16.59 -76.51 -89.53
N PHE F 31 17.84 -76.23 -89.20
CA PHE F 31 18.20 -75.27 -88.17
C PHE F 31 19.56 -74.69 -88.50
N PRO F 32 19.84 -73.44 -88.09
CA PRO F 32 21.15 -72.86 -88.40
C PRO F 32 22.27 -73.60 -87.70
N SER F 33 23.42 -73.66 -88.37
CA SER F 33 24.62 -74.26 -87.81
C SER F 33 25.29 -73.28 -86.84
N ILE F 34 24.61 -72.98 -85.74
CA ILE F 34 25.03 -71.95 -84.80
C ILE F 34 25.18 -72.58 -83.41
N VAL F 35 26.29 -72.28 -82.76
CA VAL F 35 26.48 -72.57 -81.34
C VAL F 35 26.63 -71.24 -80.61
N GLY F 36 25.88 -71.07 -79.54
CA GLY F 36 25.88 -69.82 -78.80
C GLY F 36 26.13 -70.03 -77.33
N ARG F 37 26.85 -69.10 -76.73
CA ARG F 37 27.10 -69.13 -75.29
C ARG F 37 26.72 -67.79 -74.67
N PRO F 38 26.25 -67.78 -73.43
CA PRO F 38 25.84 -66.53 -72.79
C PRO F 38 27.02 -65.58 -72.62
N ARG F 39 26.75 -64.29 -72.79
CA ARG F 39 27.76 -63.26 -72.66
C ARG F 39 27.43 -62.26 -71.55
N HIS F 40 26.53 -62.61 -70.64
CA HIS F 40 26.11 -61.71 -69.58
C HIS F 40 26.11 -62.48 -68.25
N GLN F 41 25.95 -61.73 -67.16
CA GLN F 41 26.04 -62.29 -65.82
C GLN F 41 24.74 -62.98 -65.43
N GLY F 42 24.81 -64.28 -65.19
CA GLY F 42 23.67 -65.02 -64.69
C GLY F 42 23.44 -64.81 -63.21
N VAL F 43 22.33 -64.14 -62.86
CA VAL F 43 22.08 -63.74 -61.48
C VAL F 43 21.02 -64.63 -60.83
N MET F 44 20.07 -65.11 -61.62
CA MET F 44 18.98 -65.91 -61.09
C MET F 44 19.43 -67.36 -60.91
N VAL F 45 19.44 -67.83 -59.65
CA VAL F 45 19.83 -69.21 -59.38
C VAL F 45 18.76 -70.16 -59.91
N GLY F 46 19.17 -71.38 -60.23
CA GLY F 46 18.27 -72.33 -60.83
C GLY F 46 18.01 -71.98 -62.28
N MET F 47 16.73 -71.98 -62.68
CA MET F 47 16.30 -71.52 -63.99
C MET F 47 16.71 -72.52 -65.07
N GLY F 48 17.50 -73.51 -64.70
CA GLY F 48 17.97 -74.49 -65.66
C GLY F 48 18.86 -73.92 -66.74
N GLN F 49 19.76 -73.00 -66.39
CA GLN F 49 20.63 -72.38 -67.38
C GLN F 49 21.60 -73.38 -67.97
N LYS F 50 22.05 -73.09 -69.19
CA LYS F 50 22.94 -73.95 -69.95
C LYS F 50 24.18 -73.16 -70.34
N ASP F 51 25.33 -73.84 -70.34
CA ASP F 51 26.57 -73.19 -70.76
C ASP F 51 26.66 -73.04 -72.27
N SER F 52 25.80 -73.72 -73.03
CA SER F 52 25.83 -73.63 -74.48
C SER F 52 24.44 -73.94 -75.03
N TYR F 53 24.09 -73.27 -76.12
CA TYR F 53 22.84 -73.47 -76.83
C TYR F 53 23.15 -73.72 -78.30
N VAL F 54 22.33 -74.56 -78.94
CA VAL F 54 22.61 -75.03 -80.29
C VAL F 54 21.37 -74.84 -81.16
N GLY F 55 21.58 -74.38 -82.40
CA GLY F 55 20.52 -74.37 -83.39
C GLY F 55 19.43 -73.35 -83.09
N ASP F 56 18.18 -73.79 -83.23
CA ASP F 56 17.04 -72.89 -83.06
C ASP F 56 16.96 -72.35 -81.65
N GLU F 57 17.42 -73.12 -80.66
CA GLU F 57 17.43 -72.63 -79.28
C GLU F 57 18.35 -71.43 -79.12
N ALA F 58 19.49 -71.44 -79.80
CA ALA F 58 20.38 -70.27 -79.77
C ALA F 58 19.72 -69.07 -80.41
N GLN F 59 19.01 -69.28 -81.53
CA GLN F 59 18.34 -68.18 -82.21
C GLN F 59 17.24 -67.59 -81.33
N SER F 60 16.51 -68.45 -80.61
CA SER F 60 15.42 -67.98 -79.78
C SER F 60 15.89 -67.00 -78.71
N LYS F 61 17.03 -67.29 -78.09
CA LYS F 61 17.57 -66.47 -77.01
C LYS F 61 18.90 -65.82 -77.41
N ARG F 62 19.01 -65.41 -78.67
CA ARG F 62 20.27 -64.85 -79.17
C ARG F 62 20.60 -63.50 -78.57
N GLY F 63 19.65 -62.84 -77.92
CA GLY F 63 19.91 -61.53 -77.35
C GLY F 63 20.97 -61.55 -76.28
N ILE F 64 20.96 -62.58 -75.43
CA ILE F 64 21.90 -62.70 -74.32
C ILE F 64 23.05 -63.61 -74.71
N LEU F 65 23.12 -63.97 -75.99
CA LEU F 65 24.04 -64.98 -76.48
C LEU F 65 25.00 -64.40 -77.51
N THR F 66 26.22 -64.94 -77.51
CA THR F 66 27.18 -64.69 -78.58
C THR F 66 27.17 -65.87 -79.53
N LEU F 67 26.81 -65.64 -80.79
CA LEU F 67 26.63 -66.70 -81.77
C LEU F 67 27.89 -66.86 -82.60
N LYS F 68 28.36 -68.10 -82.73
CA LYS F 68 29.55 -68.41 -83.50
C LYS F 68 29.26 -69.59 -84.43
N TYR F 69 29.72 -69.49 -85.67
CA TYR F 69 29.51 -70.53 -86.65
C TYR F 69 30.69 -71.48 -86.65
N PRO F 70 30.50 -72.76 -86.29
CA PRO F 70 31.61 -73.71 -86.36
C PRO F 70 32.20 -73.84 -87.76
N ILE F 71 31.39 -73.68 -88.80
CA ILE F 71 31.85 -73.75 -90.18
C ILE F 71 32.04 -72.36 -90.74
N GLU F 72 33.17 -72.12 -91.38
CA GLU F 72 33.36 -70.90 -92.16
C GLU F 72 33.89 -71.26 -93.55
N HIC F 73 33.19 -70.83 -94.60
CA HIC F 73 33.58 -71.16 -95.98
C HIC F 73 33.62 -72.66 -96.22
O HIC F 73 34.54 -73.16 -96.89
CB HIC F 73 34.93 -70.52 -96.34
CG HIC F 73 34.90 -69.04 -96.39
ND1 HIC F 73 34.01 -68.37 -97.19
CD2 HIC F 73 35.70 -68.14 -95.74
CE1 HIC F 73 34.26 -67.09 -97.00
NE2 HIC F 73 35.28 -66.90 -96.13
CZ HIC F 73 35.81 -65.63 -95.70
N GLY F 74 32.65 -73.38 -95.68
CA GLY F 74 32.53 -74.81 -95.88
C GLY F 74 33.58 -75.64 -95.18
N ILE F 75 34.36 -74.99 -94.32
CA ILE F 75 35.46 -75.62 -93.60
C ILE F 75 35.23 -75.44 -92.11
N VAL F 76 35.32 -76.53 -91.35
CA VAL F 76 35.09 -76.50 -89.92
C VAL F 76 36.30 -75.85 -89.26
N THR F 77 36.07 -74.72 -88.58
CA THR F 77 37.15 -74.01 -87.89
C THR F 77 37.26 -74.41 -86.43
N ASN F 78 36.17 -74.87 -85.82
CA ASN F 78 36.17 -75.28 -84.42
C ASN F 78 35.40 -76.59 -84.34
N TRP F 79 36.14 -77.70 -84.22
CA TRP F 79 35.49 -79.01 -84.19
C TRP F 79 34.76 -79.26 -82.88
N ASP F 80 35.13 -78.55 -81.80
CA ASP F 80 34.43 -78.70 -80.53
C ASP F 80 32.97 -78.30 -80.65
N ASP F 81 32.69 -77.23 -81.39
CA ASP F 81 31.30 -76.82 -81.60
C ASP F 81 30.64 -77.65 -82.69
N MET F 82 31.41 -78.18 -83.64
CA MET F 82 30.88 -79.12 -84.62
C MET F 82 30.37 -80.39 -83.96
N GLU F 83 31.08 -80.89 -82.96
CA GLU F 83 30.58 -82.04 -82.22
C GLU F 83 29.27 -81.72 -81.51
N LYS F 84 29.14 -80.51 -80.95
CA LYS F 84 27.87 -80.10 -80.37
C LYS F 84 26.76 -80.02 -81.42
N ILE F 85 27.07 -79.48 -82.60
CA ILE F 85 26.09 -79.36 -83.67
C ILE F 85 25.60 -80.75 -84.09
N TRP F 86 26.52 -81.67 -84.29
CA TRP F 86 26.14 -83.01 -84.75
C TRP F 86 25.41 -83.77 -83.64
N HIS F 87 25.82 -83.59 -82.38
CA HIS F 87 25.11 -84.23 -81.27
C HIS F 87 23.68 -83.72 -81.17
N HIS F 88 23.48 -82.40 -81.33
CA HIS F 88 22.14 -81.85 -81.38
C HIS F 88 21.36 -82.44 -82.55
N THR F 89 21.99 -82.52 -83.73
CA THR F 89 21.33 -83.05 -84.91
C THR F 89 20.84 -84.48 -84.68
N PHE F 90 21.68 -85.31 -84.07
CA PHE F 90 21.33 -86.72 -83.92
C PHE F 90 20.36 -86.96 -82.77
N TYR F 91 20.64 -86.39 -81.59
CA TYR F 91 19.89 -86.76 -80.40
C TYR F 91 18.72 -85.83 -80.08
N ASN F 92 18.73 -84.59 -80.57
CA ASN F 92 17.66 -83.65 -80.27
C ASN F 92 16.74 -83.36 -81.45
N GLU F 93 17.28 -83.21 -82.65
CA GLU F 93 16.45 -82.94 -83.82
C GLU F 93 15.89 -84.22 -84.44
N LEU F 94 16.76 -85.14 -84.84
CA LEU F 94 16.30 -86.39 -85.41
C LEU F 94 15.87 -87.40 -84.35
N ARG F 95 16.41 -87.28 -83.13
CA ARG F 95 16.10 -88.17 -82.02
C ARG F 95 16.36 -89.63 -82.42
N VAL F 96 17.57 -89.87 -82.93
CA VAL F 96 17.97 -91.20 -83.37
C VAL F 96 19.36 -91.50 -82.80
N ALA F 97 19.70 -92.79 -82.78
CA ALA F 97 21.02 -93.22 -82.37
C ALA F 97 21.89 -93.44 -83.60
N PRO F 98 22.99 -92.70 -83.76
CA PRO F 98 23.85 -92.92 -84.94
C PRO F 98 24.47 -94.31 -84.98
N GLU F 99 24.47 -95.04 -83.87
CA GLU F 99 25.09 -96.36 -83.82
C GLU F 99 24.43 -97.36 -84.76
N GLU F 100 23.22 -97.08 -85.24
CA GLU F 100 22.48 -98.02 -86.08
C GLU F 100 21.99 -97.40 -87.37
N HIS F 101 22.55 -96.26 -87.79
CA HIS F 101 22.16 -95.62 -89.04
C HIS F 101 23.40 -95.21 -89.81
N PRO F 102 23.55 -95.61 -91.07
CA PRO F 102 24.57 -95.00 -91.92
C PRO F 102 24.28 -93.53 -92.11
N VAL F 103 25.33 -92.73 -92.24
CA VAL F 103 25.21 -91.28 -92.34
C VAL F 103 25.91 -90.81 -93.62
N LEU F 104 25.19 -90.03 -94.43
CA LEU F 104 25.74 -89.42 -95.63
C LEU F 104 25.94 -87.93 -95.38
N LEU F 105 27.19 -87.48 -95.46
CA LEU F 105 27.55 -86.08 -95.24
C LEU F 105 27.81 -85.39 -96.58
N THR F 106 27.87 -84.05 -96.52
CA THR F 106 28.10 -83.22 -97.69
C THR F 106 29.31 -82.33 -97.47
N GLU F 107 30.04 -82.07 -98.55
CA GLU F 107 31.22 -81.20 -98.48
C GLU F 107 31.38 -80.48 -99.81
N ALA F 108 31.91 -79.27 -99.74
CA ALA F 108 32.22 -78.52 -100.94
C ALA F 108 33.51 -79.04 -101.58
N PRO F 109 33.64 -78.92 -102.90
CA PRO F 109 34.89 -79.35 -103.55
C PRO F 109 36.04 -78.41 -103.24
N LEU F 110 37.25 -78.92 -103.47
CA LEU F 110 38.49 -78.20 -103.20
C LEU F 110 38.62 -77.81 -101.72
N ASN F 111 38.05 -78.64 -100.84
CA ASN F 111 38.20 -78.46 -99.41
C ASN F 111 39.52 -79.06 -98.93
N PRO F 112 40.02 -78.62 -97.77
CA PRO F 112 41.19 -79.28 -97.18
C PRO F 112 40.88 -80.75 -96.88
N LYS F 113 41.87 -81.60 -97.12
CA LYS F 113 41.65 -83.04 -96.96
C LYS F 113 41.53 -83.45 -95.50
N ALA F 114 42.10 -82.66 -94.59
CA ALA F 114 42.00 -82.99 -93.17
C ALA F 114 40.59 -82.75 -92.64
N ASN F 115 39.86 -81.81 -93.25
CA ASN F 115 38.49 -81.54 -92.82
C ASN F 115 37.60 -82.75 -93.04
N ARG F 116 37.76 -83.42 -94.19
CA ARG F 116 37.00 -84.64 -94.48
C ARG F 116 37.45 -85.79 -93.58
N GLU F 117 38.76 -85.88 -93.34
CA GLU F 117 39.30 -86.96 -92.50
C GLU F 117 38.74 -86.90 -91.09
N LYS F 118 38.65 -85.71 -90.51
CA LYS F 118 38.10 -85.59 -89.18
C LYS F 118 36.59 -85.80 -89.16
N MET F 119 35.89 -85.47 -90.26
CA MET F 119 34.50 -85.87 -90.38
C MET F 119 34.37 -87.39 -90.24
N THR F 120 35.18 -88.12 -91.00
CA THR F 120 35.14 -89.59 -90.93
C THR F 120 35.48 -90.08 -89.53
N GLN F 121 36.54 -89.52 -88.94
CA GLN F 121 36.99 -89.97 -87.63
C GLN F 121 35.94 -89.72 -86.56
N ILE F 122 35.29 -88.56 -86.58
CA ILE F 122 34.27 -88.26 -85.58
C ILE F 122 33.04 -89.12 -85.81
N MET F 123 32.66 -89.35 -87.06
CA MET F 123 31.50 -90.18 -87.34
C MET F 123 31.72 -91.61 -86.88
N PHE F 124 32.94 -92.13 -87.01
CA PHE F 124 33.19 -93.52 -86.67
C PHE F 124 33.58 -93.75 -85.21
N GLU F 125 34.34 -92.85 -84.60
CA GLU F 125 34.86 -93.08 -83.27
C GLU F 125 34.04 -92.43 -82.16
N THR F 126 33.29 -91.38 -82.47
CA THR F 126 32.47 -90.68 -81.48
C THR F 126 31.00 -91.06 -81.55
N PHE F 127 30.46 -91.20 -82.76
CA PHE F 127 29.06 -91.59 -82.94
C PHE F 127 28.89 -93.06 -83.32
N ASN F 128 29.99 -93.75 -83.64
CA ASN F 128 29.97 -95.20 -83.91
C ASN F 128 29.00 -95.56 -85.03
N THR F 129 28.96 -94.74 -86.08
CA THR F 129 28.06 -95.02 -87.20
C THR F 129 28.49 -96.30 -87.91
N PRO F 130 27.54 -97.17 -88.27
CA PRO F 130 27.92 -98.39 -89.01
C PRO F 130 28.57 -98.11 -90.35
N ALA F 131 28.17 -97.05 -91.03
CA ALA F 131 28.73 -96.69 -92.33
C ALA F 131 28.63 -95.19 -92.49
N MET F 132 29.46 -94.65 -93.38
CA MET F 132 29.49 -93.21 -93.61
C MET F 132 29.98 -92.93 -95.01
N TYR F 133 29.55 -91.80 -95.56
CA TYR F 133 29.97 -91.37 -96.89
C TYR F 133 29.99 -89.85 -96.92
N VAL F 134 30.85 -89.30 -97.79
CA VAL F 134 30.96 -87.86 -97.99
C VAL F 134 30.79 -87.60 -99.48
N ALA F 135 29.77 -86.81 -99.83
CA ALA F 135 29.45 -86.50 -101.22
C ALA F 135 29.58 -85.01 -101.46
N ILE F 136 29.87 -84.65 -102.72
CA ILE F 136 29.98 -83.25 -103.10
C ILE F 136 28.58 -82.64 -103.19
N GLN F 137 28.44 -81.42 -102.65
CA GLN F 137 27.13 -80.77 -102.59
C GLN F 137 26.53 -80.58 -103.99
N ALA F 138 27.33 -80.10 -104.94
CA ALA F 138 26.80 -79.84 -106.27
C ALA F 138 26.45 -81.11 -107.02
N VAL F 139 27.16 -82.22 -106.74
CA VAL F 139 26.84 -83.48 -107.37
C VAL F 139 25.47 -83.98 -106.93
N LEU F 140 25.16 -83.82 -105.64
CA LEU F 140 23.86 -84.25 -105.14
C LEU F 140 22.72 -83.45 -105.76
N SER F 141 22.94 -82.16 -106.01
CA SER F 141 21.91 -81.33 -106.63
C SER F 141 21.52 -81.85 -108.00
N LEU F 142 22.45 -82.50 -108.71
CA LEU F 142 22.10 -83.10 -109.99
C LEU F 142 21.21 -84.33 -109.81
N TYR F 143 21.42 -85.09 -108.73
CA TYR F 143 20.53 -86.20 -108.43
C TYR F 143 19.11 -85.73 -108.17
N ALA F 144 18.95 -84.63 -107.44
CA ALA F 144 17.62 -84.11 -107.14
C ALA F 144 16.91 -83.66 -108.41
N SER F 145 17.63 -83.03 -109.33
CA SER F 145 17.04 -82.56 -110.58
C SER F 145 16.68 -83.71 -111.51
N GLY F 146 17.14 -84.93 -111.24
CA GLY F 146 16.84 -86.06 -112.09
C GLY F 146 17.67 -86.13 -113.36
N ARG F 147 18.68 -85.29 -113.49
CA ARG F 147 19.51 -85.25 -114.69
C ARG F 147 20.80 -86.03 -114.48
N THR F 148 21.45 -86.37 -115.59
CA THR F 148 22.80 -86.89 -115.58
C THR F 148 23.76 -86.01 -116.36
N THR F 149 23.27 -84.93 -116.98
CA THR F 149 24.09 -84.02 -117.75
C THR F 149 23.70 -82.59 -117.37
N GLY F 150 24.70 -81.77 -117.10
CA GLY F 150 24.47 -80.39 -116.74
C GLY F 150 25.51 -79.91 -115.74
N ILE F 151 25.57 -78.59 -115.60
CA ILE F 151 26.49 -77.93 -114.68
C ILE F 151 25.68 -77.35 -113.53
N VAL F 152 26.09 -77.65 -112.30
CA VAL F 152 25.38 -77.24 -111.11
C VAL F 152 26.12 -76.07 -110.47
N MET F 153 25.45 -74.92 -110.39
CA MET F 153 25.98 -73.74 -109.72
C MET F 153 25.35 -73.68 -108.33
N ASP F 154 26.08 -74.20 -107.34
CA ASP F 154 25.60 -74.26 -105.97
C ASP F 154 26.14 -73.06 -105.19
N SER F 155 25.25 -72.32 -104.55
CA SER F 155 25.61 -71.16 -103.73
C SER F 155 24.98 -71.33 -102.36
N GLY F 156 25.77 -71.76 -101.39
CA GLY F 156 25.28 -71.91 -100.03
C GLY F 156 25.50 -70.66 -99.21
N ASP F 157 25.97 -70.82 -97.98
CA ASP F 157 26.25 -69.70 -97.09
C ASP F 157 27.73 -69.33 -97.04
N GLY F 158 28.61 -70.29 -97.29
CA GLY F 158 30.04 -70.01 -97.28
C GLY F 158 30.73 -70.17 -98.61
N VAL F 159 30.27 -71.10 -99.45
CA VAL F 159 30.97 -71.48 -100.67
C VAL F 159 30.04 -71.39 -101.87
N THR F 160 30.59 -70.94 -102.99
CA THR F 160 29.99 -71.09 -104.31
C THR F 160 30.87 -71.99 -105.14
N HIS F 161 30.28 -73.00 -105.78
CA HIS F 161 31.08 -73.92 -106.58
C HIS F 161 30.25 -74.45 -107.74
N THR F 162 30.92 -74.67 -108.88
CA THR F 162 30.29 -75.20 -110.07
C THR F 162 30.96 -76.52 -110.44
N VAL F 163 30.14 -77.54 -110.70
CA VAL F 163 30.64 -78.87 -111.07
C VAL F 163 29.98 -79.28 -112.38
N PRO F 164 30.74 -79.43 -113.47
CA PRO F 164 30.14 -79.91 -114.73
C PRO F 164 30.11 -81.43 -114.76
N ILE F 165 28.98 -81.98 -115.20
CA ILE F 165 28.80 -83.42 -115.33
C ILE F 165 28.17 -83.70 -116.69
N TYR F 166 28.69 -84.71 -117.38
CA TYR F 166 28.18 -85.09 -118.69
C TYR F 166 27.93 -86.59 -118.70
N GLU F 167 26.66 -86.99 -118.71
CA GLU F 167 26.26 -88.38 -118.69
C GLU F 167 26.92 -89.16 -117.56
N GLY F 168 26.94 -88.59 -116.36
CA GLY F 168 27.45 -89.26 -115.19
C GLY F 168 28.94 -89.11 -114.96
N TYR F 169 29.67 -88.50 -115.89
CA TYR F 169 31.10 -88.28 -115.75
C TYR F 169 31.36 -86.83 -115.38
N ALA F 170 31.92 -86.62 -114.20
CA ALA F 170 32.30 -85.28 -113.78
C ALA F 170 33.67 -84.91 -114.35
N LEU F 171 33.86 -83.61 -114.58
CA LEU F 171 35.12 -83.07 -115.08
C LEU F 171 35.80 -82.31 -113.96
N PRO F 172 36.63 -82.97 -113.13
CA PRO F 172 37.22 -82.28 -111.98
C PRO F 172 38.09 -81.10 -112.35
N HIS F 173 38.78 -81.14 -113.50
CA HIS F 173 39.63 -80.02 -113.89
C HIS F 173 38.84 -78.77 -114.18
N ALA F 174 37.56 -78.89 -114.53
CA ALA F 174 36.69 -77.75 -114.80
C ALA F 174 35.93 -77.26 -113.59
N ILE F 175 36.07 -77.93 -112.43
CA ILE F 175 35.37 -77.50 -111.23
C ILE F 175 35.99 -76.20 -110.72
N LEU F 176 35.16 -75.21 -110.47
CA LEU F 176 35.59 -73.91 -109.98
C LEU F 176 34.96 -73.63 -108.62
N ARG F 177 35.68 -72.89 -107.80
CA ARG F 177 35.23 -72.55 -106.45
C ARG F 177 35.43 -71.08 -106.18
N LEU F 178 34.39 -70.44 -105.62
CA LEU F 178 34.41 -69.05 -105.19
C LEU F 178 34.07 -69.00 -103.72
N ASP F 179 34.93 -68.36 -102.92
CA ASP F 179 34.66 -68.17 -101.50
C ASP F 179 33.82 -66.90 -101.29
N LEU F 180 32.65 -66.90 -101.90
CA LEU F 180 31.73 -65.76 -101.87
C LEU F 180 30.32 -66.33 -101.84
N ALA F 181 29.59 -66.06 -100.77
CA ALA F 181 28.27 -66.68 -100.59
C ALA F 181 27.44 -65.83 -99.65
N GLY F 182 26.41 -66.43 -99.06
CA GLY F 182 25.43 -65.66 -98.30
C GLY F 182 26.03 -64.92 -97.11
N ARG F 183 27.06 -65.49 -96.48
CA ARG F 183 27.68 -64.83 -95.33
C ARG F 183 28.35 -63.53 -95.74
N ASP F 184 29.08 -63.56 -96.86
CA ASP F 184 29.72 -62.34 -97.37
C ASP F 184 28.68 -61.30 -97.77
N LEU F 185 27.58 -61.74 -98.36
CA LEU F 185 26.51 -60.80 -98.72
C LEU F 185 25.85 -60.21 -97.48
N THR F 186 25.69 -61.00 -96.41
CA THR F 186 25.14 -60.47 -95.17
C THR F 186 26.08 -59.43 -94.56
N ASP F 187 27.38 -59.70 -94.56
CA ASP F 187 28.34 -58.73 -94.05
C ASP F 187 28.34 -57.46 -94.91
N TYR F 188 28.23 -57.62 -96.23
CA TYR F 188 28.18 -56.47 -97.11
C TYR F 188 26.94 -55.63 -96.87
N LEU F 189 25.80 -56.29 -96.66
CA LEU F 189 24.57 -55.55 -96.35
C LEU F 189 24.69 -54.84 -95.01
N MET F 190 25.32 -55.47 -94.03
CA MET F 190 25.60 -54.78 -92.77
C MET F 190 26.45 -53.53 -93.01
N LYS F 191 27.43 -53.63 -93.92
CA LYS F 191 28.29 -52.50 -94.22
C LYS F 191 27.51 -51.37 -94.89
N ILE F 192 26.74 -51.69 -95.92
CA ILE F 192 26.08 -50.65 -96.71
C ILE F 192 24.86 -50.06 -96.01
N LEU F 193 24.29 -50.77 -95.03
CA LEU F 193 23.17 -50.19 -94.29
C LEU F 193 23.60 -49.02 -93.41
N THR F 194 24.89 -48.87 -93.14
CA THR F 194 25.37 -47.74 -92.35
C THR F 194 25.22 -46.42 -93.09
N GLU F 195 25.01 -46.47 -94.41
CA GLU F 195 24.78 -45.24 -95.17
C GLU F 195 23.50 -44.53 -94.73
N ARG F 196 22.55 -45.28 -94.21
CA ARG F 196 21.32 -44.72 -93.67
C ARG F 196 21.35 -44.59 -92.15
N GLY F 197 22.49 -44.84 -91.52
CA GLY F 197 22.62 -44.73 -90.08
C GLY F 197 22.33 -45.99 -89.30
N TYR F 198 21.98 -47.09 -89.97
CA TYR F 198 21.77 -48.35 -89.29
C TYR F 198 23.11 -49.00 -88.96
N SER F 199 23.30 -49.36 -87.69
CA SER F 199 24.62 -49.77 -87.18
C SER F 199 24.50 -51.14 -86.49
N PHE F 200 24.01 -52.12 -87.25
CA PHE F 200 23.97 -53.48 -86.75
C PHE F 200 25.41 -54.01 -86.63
N THR F 201 25.80 -54.39 -85.43
CA THR F 201 27.18 -54.80 -85.17
C THR F 201 27.31 -56.19 -84.56
N THR F 202 26.42 -56.56 -83.62
CA THR F 202 26.58 -57.80 -82.89
C THR F 202 26.18 -58.99 -83.75
N THR F 203 26.44 -60.20 -83.22
CA THR F 203 26.11 -61.41 -83.95
C THR F 203 24.61 -61.63 -84.07
N ALA F 204 23.84 -61.25 -83.03
CA ALA F 204 22.39 -61.32 -83.14
C ALA F 204 21.88 -60.34 -84.18
N GLU F 205 22.48 -59.14 -84.24
CA GLU F 205 22.12 -58.22 -85.30
C GLU F 205 22.61 -58.71 -86.66
N ARG F 206 23.63 -59.56 -86.69
CA ARG F 206 23.99 -60.22 -87.94
C ARG F 206 22.87 -61.14 -88.41
N GLU F 207 22.23 -61.86 -87.48
CA GLU F 207 21.07 -62.67 -87.84
C GLU F 207 19.90 -61.78 -88.27
N ILE F 208 19.73 -60.63 -87.63
CA ILE F 208 18.68 -59.69 -88.04
C ILE F 208 18.91 -59.22 -89.48
N VAL F 209 20.16 -58.87 -89.81
CA VAL F 209 20.49 -58.44 -91.15
C VAL F 209 20.34 -59.58 -92.14
N ARG F 210 20.65 -60.82 -91.72
CA ARG F 210 20.42 -61.98 -92.58
C ARG F 210 18.94 -62.14 -92.88
N ASP F 211 18.08 -61.94 -91.88
CA ASP F 211 16.64 -61.97 -92.12
C ASP F 211 16.20 -60.88 -93.09
N ILE F 212 16.74 -59.67 -92.91
CA ILE F 212 16.44 -58.57 -93.83
C ILE F 212 16.85 -58.94 -95.24
N LYS F 213 18.05 -59.53 -95.38
CA LYS F 213 18.56 -59.94 -96.68
C LYS F 213 17.66 -60.99 -97.33
N GLU F 214 17.24 -61.98 -96.55
CA GLU F 214 16.42 -63.04 -97.11
C GLU F 214 15.03 -62.54 -97.48
N LYS F 215 14.51 -61.57 -96.74
CA LYS F 215 13.15 -61.11 -97.01
C LYS F 215 13.09 -60.08 -98.13
N LEU F 216 14.07 -59.17 -98.20
CA LEU F 216 13.94 -57.98 -99.03
C LEU F 216 14.95 -57.84 -100.17
N CYS F 217 16.13 -58.47 -100.08
CA CYS F 217 17.15 -58.36 -101.11
C CYS F 217 16.70 -59.10 -102.37
N TYR F 218 17.04 -58.54 -103.54
CA TYR F 218 16.67 -59.13 -104.82
C TYR F 218 17.67 -58.72 -105.89
N VAL F 219 17.73 -59.51 -106.96
CA VAL F 219 18.71 -59.34 -108.02
C VAL F 219 18.11 -58.46 -109.10
N ALA F 220 18.86 -57.42 -109.49
CA ALA F 220 18.46 -56.55 -110.59
C ALA F 220 18.77 -57.19 -111.94
N LEU F 221 17.84 -57.04 -112.89
CA LEU F 221 18.12 -57.48 -114.26
C LEU F 221 19.12 -56.56 -114.95
N ASP F 222 19.04 -55.26 -114.68
CA ASP F 222 20.01 -54.29 -115.17
C ASP F 222 20.35 -53.38 -114.00
N PHE F 223 21.59 -53.50 -113.49
CA PHE F 223 21.94 -52.83 -112.24
C PHE F 223 21.89 -51.32 -112.38
N GLU F 224 22.42 -50.78 -113.47
CA GLU F 224 22.42 -49.33 -113.65
C GLU F 224 21.01 -48.78 -113.84
N GLN F 225 20.16 -49.50 -114.58
CA GLN F 225 18.77 -49.08 -114.72
C GLN F 225 18.06 -49.08 -113.37
N GLU F 226 18.31 -50.09 -112.55
CA GLU F 226 17.67 -50.16 -111.24
C GLU F 226 18.18 -49.06 -110.32
N MET F 227 19.47 -48.73 -110.42
CA MET F 227 19.99 -47.58 -109.68
C MET F 227 19.30 -46.28 -110.10
N ALA F 228 19.15 -46.08 -111.42
CA ALA F 228 18.48 -44.88 -111.90
C ALA F 228 17.03 -44.82 -111.45
N THR F 229 16.34 -45.96 -111.45
CA THR F 229 14.98 -46.01 -110.95
C THR F 229 14.93 -45.71 -109.46
N ALA F 230 15.87 -46.26 -108.69
CA ALA F 230 15.95 -46.01 -107.26
C ALA F 230 16.33 -44.58 -106.93
N ALA F 231 16.88 -43.82 -107.89
CA ALA F 231 17.08 -42.40 -107.68
C ALA F 231 15.76 -41.68 -107.41
N SER F 232 14.64 -42.17 -107.96
CA SER F 232 13.31 -41.74 -107.56
C SER F 232 12.84 -42.60 -106.37
N SER F 233 13.34 -42.23 -105.19
CA SER F 233 13.29 -43.10 -104.02
C SER F 233 11.93 -43.12 -103.31
N SER F 234 10.90 -43.65 -103.96
CA SER F 234 9.64 -43.89 -103.28
C SER F 234 9.04 -45.23 -103.68
N SER F 235 9.54 -45.81 -104.78
CA SER F 235 8.94 -47.03 -105.31
C SER F 235 9.66 -48.28 -104.81
N LEU F 236 10.99 -48.29 -104.89
CA LEU F 236 11.74 -49.48 -104.52
C LEU F 236 11.94 -49.62 -103.01
N GLU F 237 11.60 -48.59 -102.24
CA GLU F 237 11.86 -48.62 -100.82
C GLU F 237 10.86 -49.52 -100.09
N LYS F 238 11.37 -50.30 -99.13
CA LYS F 238 10.56 -51.23 -98.36
C LYS F 238 10.84 -51.03 -96.88
N SER F 239 9.83 -51.28 -96.06
CA SER F 239 9.96 -51.16 -94.62
C SER F 239 10.17 -52.52 -93.97
N TYR F 240 11.00 -52.54 -92.93
CA TYR F 240 11.26 -53.73 -92.15
C TYR F 240 11.21 -53.36 -90.68
N GLU F 241 10.58 -54.22 -89.87
CA GLU F 241 10.40 -53.96 -88.45
C GLU F 241 11.40 -54.80 -87.66
N LEU F 242 12.21 -54.13 -86.84
CA LEU F 242 13.18 -54.80 -86.01
C LEU F 242 12.48 -55.57 -84.89
N PRO F 243 13.19 -56.52 -84.25
CA PRO F 243 12.57 -57.28 -83.16
C PRO F 243 12.09 -56.41 -82.01
N ASP F 244 12.64 -55.21 -81.82
CA ASP F 244 12.20 -54.31 -80.77
C ASP F 244 11.14 -53.33 -81.22
N GLY F 245 10.75 -53.35 -82.50
CA GLY F 245 9.66 -52.52 -82.99
C GLY F 245 10.07 -51.33 -83.82
N GLN F 246 11.33 -50.93 -83.80
CA GLN F 246 11.76 -49.83 -84.67
C GLN F 246 11.75 -50.26 -86.12
N VAL F 247 11.34 -49.34 -87.00
CA VAL F 247 11.15 -49.65 -88.42
C VAL F 247 12.27 -48.97 -89.21
N ILE F 248 13.02 -49.77 -89.97
CA ILE F 248 14.05 -49.28 -90.86
C ILE F 248 13.52 -49.30 -92.28
N THR F 249 14.07 -48.44 -93.13
CA THR F 249 13.70 -48.37 -94.54
C THR F 249 14.92 -48.70 -95.39
N ILE F 250 14.74 -49.61 -96.36
CA ILE F 250 15.80 -50.04 -97.25
C ILE F 250 15.39 -49.71 -98.68
N GLY F 251 16.35 -49.23 -99.47
CA GLY F 251 16.12 -48.75 -100.81
C GLY F 251 16.94 -49.47 -101.85
N ASN F 252 17.84 -48.72 -102.51
CA ASN F 252 18.72 -49.31 -103.51
C ASN F 252 19.62 -50.40 -102.93
N GLU F 253 19.79 -50.43 -101.61
CA GLU F 253 20.54 -51.51 -100.99
C GLU F 253 19.89 -52.87 -101.28
N ARG F 254 18.58 -52.89 -101.54
CA ARG F 254 17.90 -54.16 -101.82
C ARG F 254 18.52 -54.90 -103.00
N PHE F 255 18.92 -54.19 -104.05
CA PHE F 255 19.54 -54.84 -105.18
C PHE F 255 21.06 -54.64 -105.24
N ARG F 256 21.62 -53.69 -104.48
CA ARG F 256 23.06 -53.69 -104.26
C ARG F 256 23.50 -54.87 -103.40
N CYS F 257 22.56 -55.44 -102.64
CA CYS F 257 22.71 -56.60 -101.78
C CYS F 257 23.10 -57.91 -102.47
N PRO F 258 22.43 -58.32 -103.56
CA PRO F 258 22.94 -59.49 -104.31
C PRO F 258 23.92 -59.15 -105.40
N GLU F 259 24.06 -57.87 -105.77
CA GLU F 259 24.90 -57.51 -106.91
C GLU F 259 26.37 -57.89 -106.68
N ALA F 260 26.77 -58.03 -105.42
CA ALA F 260 28.13 -58.47 -105.13
C ALA F 260 28.42 -59.86 -105.66
N LEU F 261 27.38 -60.66 -105.91
CA LEU F 261 27.59 -61.97 -106.55
C LEU F 261 28.08 -61.81 -107.99
N PHE F 262 27.56 -60.83 -108.72
CA PHE F 262 27.94 -60.60 -110.11
C PHE F 262 29.06 -59.60 -110.26
N GLN F 263 29.28 -58.76 -109.25
CA GLN F 263 30.40 -57.80 -109.23
C GLN F 263 31.12 -57.97 -107.91
N PRO F 264 32.02 -58.96 -107.80
CA PRO F 264 32.75 -59.15 -106.53
C PRO F 264 33.62 -57.97 -106.15
N SER F 265 33.91 -57.05 -107.08
CA SER F 265 34.67 -55.85 -106.74
C SER F 265 33.96 -54.99 -105.73
N PHE F 266 32.64 -55.17 -105.56
CA PHE F 266 31.93 -54.47 -104.49
C PHE F 266 32.45 -54.87 -103.12
N LEU F 267 32.88 -56.12 -102.97
CA LEU F 267 33.46 -56.62 -101.73
C LEU F 267 34.97 -56.39 -101.66
N GLY F 268 35.56 -55.75 -102.68
CA GLY F 268 36.99 -55.63 -102.75
C GLY F 268 37.70 -56.84 -103.31
N MET F 269 36.97 -57.81 -103.83
CA MET F 269 37.57 -59.04 -104.33
C MET F 269 37.88 -58.92 -105.83
N GLU F 270 38.86 -59.70 -106.28
CA GLU F 270 39.29 -59.69 -107.66
C GLU F 270 38.58 -60.73 -108.54
N SER F 271 37.92 -61.71 -107.92
CA SER F 271 37.37 -62.83 -108.68
C SER F 271 36.22 -62.39 -109.57
N CYS F 272 35.94 -63.21 -110.58
CA CYS F 272 34.83 -62.96 -111.49
C CYS F 272 33.51 -63.21 -110.79
N GLY F 273 32.44 -62.67 -111.36
CA GLY F 273 31.11 -62.90 -110.85
C GLY F 273 30.67 -64.34 -111.03
N ILE F 274 29.55 -64.68 -110.40
CA ILE F 274 29.04 -66.04 -110.48
C ILE F 274 28.63 -66.40 -111.90
N HIS F 275 28.19 -65.41 -112.68
CA HIS F 275 27.85 -65.67 -114.08
C HIS F 275 29.09 -66.02 -114.89
N GLU F 276 30.18 -65.28 -114.69
CA GLU F 276 31.41 -65.58 -115.41
C GLU F 276 32.09 -66.83 -114.88
N THR F 277 31.89 -67.17 -113.61
CA THR F 277 32.42 -68.43 -113.08
C THR F 277 31.79 -69.62 -113.79
N THR F 278 30.47 -69.60 -113.96
CA THR F 278 29.79 -70.68 -114.66
C THR F 278 30.24 -70.75 -116.13
N PHE F 279 30.37 -69.60 -116.78
CA PHE F 279 30.80 -69.59 -118.17
C PHE F 279 32.21 -70.12 -118.32
N ASN F 280 33.11 -69.74 -117.41
CA ASN F 280 34.47 -70.26 -117.43
C ASN F 280 34.49 -71.76 -117.17
N SER F 281 33.65 -72.24 -116.25
CA SER F 281 33.57 -73.67 -115.99
C SER F 281 33.08 -74.44 -117.22
N ILE F 282 32.13 -73.87 -117.95
CA ILE F 282 31.64 -74.52 -119.17
C ILE F 282 32.72 -74.52 -120.24
N MET F 283 33.42 -73.40 -120.41
CA MET F 283 34.47 -73.31 -121.43
C MET F 283 35.66 -74.20 -121.12
N LYS F 284 35.91 -74.53 -119.85
CA LYS F 284 37.01 -75.43 -119.53
C LYS F 284 36.70 -76.89 -119.85
N CYS F 285 35.45 -77.20 -120.20
CA CYS F 285 35.07 -78.54 -120.59
C CYS F 285 35.32 -78.78 -122.08
N ASP F 286 35.02 -80.00 -122.51
CA ASP F 286 35.18 -80.36 -123.92
C ASP F 286 34.20 -79.60 -124.79
N VAL F 287 34.60 -79.34 -126.03
CA VAL F 287 33.75 -78.59 -126.96
C VAL F 287 32.46 -79.32 -127.23
N ASP F 288 32.51 -80.65 -127.37
CA ASP F 288 31.34 -81.42 -127.75
C ASP F 288 30.27 -81.45 -126.66
N ILE F 289 30.63 -81.17 -125.41
CA ILE F 289 29.69 -81.28 -124.31
C ILE F 289 29.19 -79.93 -123.81
N ARG F 290 29.73 -78.81 -124.31
CA ARG F 290 29.32 -77.49 -123.82
C ARG F 290 27.87 -77.20 -124.16
N LYS F 291 27.40 -77.67 -125.32
CA LYS F 291 26.02 -77.40 -125.72
C LYS F 291 25.03 -77.95 -124.71
N ASP F 292 25.28 -79.15 -124.19
CA ASP F 292 24.40 -79.73 -123.19
C ASP F 292 24.56 -79.07 -121.82
N LEU F 293 25.74 -78.53 -121.53
CA LEU F 293 25.93 -77.81 -120.26
C LEU F 293 25.18 -76.50 -120.25
N TYR F 294 25.07 -75.84 -121.41
CA TYR F 294 24.34 -74.58 -121.49
C TYR F 294 22.84 -74.78 -121.26
N ALA F 295 22.29 -75.86 -121.80
CA ALA F 295 20.85 -76.10 -121.71
C ALA F 295 20.42 -76.68 -120.37
N ASN F 296 21.35 -77.15 -119.55
CA ASN F 296 21.05 -77.75 -118.25
C ASN F 296 21.90 -77.12 -117.16
N THR F 297 21.93 -75.80 -117.10
CA THR F 297 22.58 -75.09 -116.01
C THR F 297 21.62 -75.05 -114.83
N VAL F 298 21.96 -75.75 -113.75
CA VAL F 298 21.07 -75.93 -112.61
C VAL F 298 21.57 -75.08 -111.45
N LEU F 299 20.66 -74.36 -110.81
CA LEU F 299 20.97 -73.56 -109.64
C LEU F 299 20.54 -74.31 -108.37
N SER F 300 21.34 -74.20 -107.32
CA SER F 300 21.03 -74.81 -106.04
C SER F 300 21.67 -74.01 -104.94
N GLY F 301 21.24 -74.26 -103.70
CA GLY F 301 21.74 -73.54 -102.55
C GLY F 301 20.84 -72.40 -102.12
N GLY F 302 21.00 -71.98 -100.86
CA GLY F 302 20.15 -70.93 -100.32
C GLY F 302 20.38 -69.57 -100.95
N THR F 303 21.62 -69.26 -101.31
CA THR F 303 21.91 -67.94 -101.87
C THR F 303 21.25 -67.73 -103.23
N THR F 304 21.05 -68.80 -104.00
CA THR F 304 20.39 -68.67 -105.30
C THR F 304 18.88 -68.47 -105.19
N MET F 305 18.37 -68.15 -104.01
CA MET F 305 16.93 -67.94 -103.85
C MET F 305 16.52 -66.49 -104.04
N TYR F 306 17.44 -65.60 -104.38
CA TYR F 306 17.09 -64.20 -104.63
C TYR F 306 16.12 -64.12 -105.80
N PRO F 307 15.07 -63.31 -105.71
CA PRO F 307 14.20 -63.10 -106.88
C PRO F 307 14.96 -62.48 -108.03
N GLY F 308 14.74 -63.02 -109.23
CA GLY F 308 15.38 -62.53 -110.42
C GLY F 308 16.80 -63.02 -110.64
N ILE F 309 17.33 -63.87 -109.77
CA ILE F 309 18.68 -64.38 -109.96
C ILE F 309 18.73 -65.32 -111.17
N ALA F 310 17.66 -66.09 -111.40
CA ALA F 310 17.63 -66.95 -112.57
C ALA F 310 17.63 -66.14 -113.86
N ASP F 311 16.84 -65.07 -113.92
CA ASP F 311 16.78 -64.25 -115.11
C ASP F 311 18.10 -63.52 -115.34
N ARG F 312 18.72 -63.03 -114.27
CA ARG F 312 20.01 -62.34 -114.41
C ARG F 312 21.10 -63.32 -114.85
N MET F 313 21.13 -64.52 -114.27
CA MET F 313 22.09 -65.53 -114.71
C MET F 313 21.85 -65.90 -116.16
N GLN F 314 20.59 -66.04 -116.56
CA GLN F 314 20.28 -66.28 -117.97
C GLN F 314 20.79 -65.14 -118.85
N LYS F 315 20.53 -63.90 -118.45
CA LYS F 315 20.89 -62.75 -119.27
C LYS F 315 22.40 -62.63 -119.44
N GLU F 316 23.14 -62.78 -118.35
CA GLU F 316 24.59 -62.59 -118.41
C GLU F 316 25.27 -63.71 -119.20
N ILE F 317 24.76 -64.94 -119.07
CA ILE F 317 25.40 -66.07 -119.72
C ILE F 317 25.20 -66.03 -121.23
N THR F 318 23.99 -65.66 -121.70
CA THR F 318 23.76 -65.65 -123.13
C THR F 318 24.58 -64.57 -123.82
N ALA F 319 24.96 -63.51 -123.10
CA ALA F 319 25.83 -62.48 -123.65
C ALA F 319 27.29 -62.94 -123.73
N LEU F 320 27.64 -63.98 -122.99
CA LEU F 320 28.98 -64.56 -123.05
C LEU F 320 29.05 -65.74 -124.01
N ALA F 321 28.11 -66.68 -123.87
CA ALA F 321 28.11 -67.87 -124.69
C ALA F 321 27.81 -67.53 -126.15
N PRO F 322 28.22 -68.39 -127.10
CA PRO F 322 27.92 -68.12 -128.51
C PRO F 322 26.42 -68.00 -128.74
N SER F 323 26.05 -67.12 -129.68
CA SER F 323 24.65 -66.77 -129.89
C SER F 323 23.79 -67.95 -130.31
N THR F 324 24.39 -69.01 -130.84
CA THR F 324 23.60 -70.16 -131.29
C THR F 324 23.08 -70.99 -130.12
N MET F 325 23.83 -71.04 -129.01
CA MET F 325 23.47 -71.91 -127.90
C MET F 325 22.16 -71.47 -127.26
N LYS F 326 21.38 -72.46 -126.79
CA LYS F 326 20.12 -72.20 -126.11
C LYS F 326 20.37 -72.22 -124.60
N ILE F 327 20.69 -71.04 -124.06
CA ILE F 327 20.97 -70.89 -122.64
C ILE F 327 19.68 -71.08 -121.85
N LYS F 328 19.66 -72.09 -120.97
CA LYS F 328 18.50 -72.36 -120.12
C LYS F 328 18.98 -72.51 -118.67
N ILE F 329 18.37 -71.76 -117.76
CA ILE F 329 18.70 -71.80 -116.35
C ILE F 329 17.56 -72.49 -115.61
N ILE F 330 17.88 -73.56 -114.89
CA ILE F 330 16.90 -74.33 -114.13
C ILE F 330 17.02 -73.94 -112.66
N ALA F 331 15.94 -73.38 -112.11
CA ALA F 331 15.91 -72.92 -110.73
C ALA F 331 14.68 -73.51 -110.05
N PRO F 332 14.76 -74.75 -109.56
CA PRO F 332 13.61 -75.36 -108.91
C PRO F 332 13.27 -74.62 -107.63
N PRO F 333 11.99 -74.61 -107.24
CA PRO F 333 11.61 -73.93 -105.99
C PRO F 333 12.27 -74.51 -104.75
N GLU F 334 12.67 -75.78 -104.80
CA GLU F 334 13.36 -76.45 -103.70
C GLU F 334 14.87 -76.21 -103.72
N ARG F 335 15.31 -75.13 -104.35
CA ARG F 335 16.73 -74.79 -104.48
C ARG F 335 17.50 -74.94 -103.17
N LYS F 336 16.88 -74.55 -102.06
CA LYS F 336 17.53 -74.67 -100.75
C LYS F 336 17.88 -76.11 -100.45
N TYR F 337 16.91 -77.01 -100.61
CA TYR F 337 17.05 -78.40 -100.21
C TYR F 337 17.46 -79.31 -101.36
N SER F 338 17.90 -78.76 -102.49
CA SER F 338 18.29 -79.59 -103.62
C SER F 338 19.43 -80.53 -103.27
N VAL F 339 20.38 -80.07 -102.45
CA VAL F 339 21.49 -80.92 -102.04
C VAL F 339 20.98 -82.07 -101.18
N TRP F 340 20.13 -81.76 -100.21
CA TRP F 340 19.63 -82.79 -99.30
C TRP F 340 18.76 -83.80 -100.04
N ILE F 341 17.93 -83.34 -100.98
CA ILE F 341 17.09 -84.26 -101.74
C ILE F 341 17.95 -85.20 -102.57
N GLY F 342 19.00 -84.66 -103.20
CA GLY F 342 19.91 -85.52 -103.94
C GLY F 342 20.64 -86.50 -103.05
N GLY F 343 21.00 -86.07 -101.84
CA GLY F 343 21.64 -86.99 -100.91
C GLY F 343 20.71 -88.10 -100.45
N SER F 344 19.44 -87.77 -100.23
CA SER F 344 18.46 -88.79 -99.84
C SER F 344 18.17 -89.74 -100.99
N ILE F 345 18.20 -89.25 -102.22
CA ILE F 345 18.03 -90.12 -103.39
C ILE F 345 19.23 -91.06 -103.51
N LEU F 346 20.44 -90.51 -103.41
CA LEU F 346 21.65 -91.31 -103.56
C LEU F 346 21.76 -92.37 -102.47
N ALA F 347 21.48 -91.98 -101.22
CA ALA F 347 21.62 -92.92 -100.10
C ALA F 347 20.63 -94.06 -100.16
N SER F 348 19.51 -93.89 -100.87
CA SER F 348 18.50 -94.93 -100.98
C SER F 348 18.66 -95.77 -102.24
N LEU F 349 19.62 -95.45 -103.10
CA LEU F 349 19.83 -96.24 -104.31
C LEU F 349 20.39 -97.62 -103.97
N SER F 350 19.87 -98.63 -104.66
CA SER F 350 20.36 -100.00 -104.46
C SER F 350 21.81 -100.13 -104.89
N THR F 351 22.18 -99.48 -105.99
CA THR F 351 23.56 -99.54 -106.50
C THR F 351 24.54 -98.78 -105.62
N PHE F 352 24.06 -97.99 -104.66
CA PHE F 352 24.93 -97.20 -103.79
C PHE F 352 25.30 -97.92 -102.49
N GLN F 353 24.60 -98.99 -102.15
CA GLN F 353 24.77 -99.62 -100.84
C GLN F 353 26.14 -100.25 -100.65
N GLN F 354 26.90 -100.48 -101.72
CA GLN F 354 28.27 -100.99 -101.59
C GLN F 354 29.31 -99.89 -101.65
N MET F 355 28.89 -98.62 -101.78
CA MET F 355 29.81 -97.50 -101.81
C MET F 355 30.00 -96.83 -100.46
N TRP F 356 29.29 -97.28 -99.42
CA TRP F 356 29.51 -96.79 -98.08
C TRP F 356 30.90 -97.16 -97.57
N ILE F 357 31.45 -96.28 -96.73
CA ILE F 357 32.64 -96.64 -95.97
C ILE F 357 32.19 -97.42 -94.74
N SER F 358 32.48 -98.71 -94.72
CA SER F 358 32.05 -99.56 -93.63
C SER F 358 32.95 -99.38 -92.41
N LYS F 359 32.38 -99.68 -91.24
CA LYS F 359 33.17 -99.62 -90.01
C LYS F 359 34.28 -100.66 -90.02
N GLN F 360 34.07 -101.78 -90.72
CA GLN F 360 35.15 -102.73 -90.92
C GLN F 360 36.28 -102.11 -91.74
N GLU F 361 35.94 -101.34 -92.76
CA GLU F 361 36.96 -100.67 -93.56
C GLU F 361 37.66 -99.57 -92.76
N TYR F 362 36.94 -98.88 -91.89
CA TYR F 362 37.57 -97.87 -91.04
C TYR F 362 38.58 -98.50 -90.08
N ASP F 363 38.24 -99.65 -89.50
CA ASP F 363 39.19 -100.36 -88.66
C ASP F 363 40.42 -100.77 -89.46
N GLU F 364 40.23 -101.13 -90.73
CA GLU F 364 41.35 -101.59 -91.55
C GLU F 364 42.25 -100.45 -92.02
N SER F 365 41.67 -99.29 -92.35
CA SER F 365 42.42 -98.25 -93.07
C SER F 365 42.52 -96.92 -92.35
N GLY F 366 41.62 -96.60 -91.42
CA GLY F 366 41.69 -95.34 -90.71
C GLY F 366 41.03 -94.20 -91.46
N PRO F 367 41.21 -92.97 -90.95
CA PRO F 367 40.53 -91.82 -91.56
C PRO F 367 40.90 -91.57 -93.01
N SER F 368 42.06 -92.05 -93.46
CA SER F 368 42.49 -91.85 -94.84
C SER F 368 41.67 -92.67 -95.84
N ILE F 369 40.80 -93.56 -95.36
CA ILE F 369 39.97 -94.36 -96.27
C ILE F 369 39.06 -93.46 -97.10
N VAL F 370 38.72 -92.29 -96.58
CA VAL F 370 37.71 -91.44 -97.23
C VAL F 370 38.22 -90.87 -98.56
N HIS F 371 39.54 -90.79 -98.74
CA HIS F 371 40.07 -90.19 -99.96
C HIS F 371 39.98 -91.12 -101.17
N ARG F 372 40.06 -92.44 -100.97
CA ARG F 372 39.96 -93.36 -102.09
C ARG F 372 38.54 -93.91 -102.27
N LYS F 373 37.67 -93.71 -101.29
CA LYS F 373 36.29 -94.17 -101.41
C LYS F 373 35.38 -93.08 -101.98
N CYS F 374 35.57 -91.84 -101.57
CA CYS F 374 34.69 -90.74 -101.94
C CYS F 374 35.26 -89.96 -103.12
N PHE F 375 34.47 -88.99 -103.59
CA PHE F 375 34.81 -88.18 -104.76
C PHE F 375 36.08 -87.37 -104.52
N ASP G 4 -27.81 26.69 -20.33
CA ASP G 4 -27.49 26.95 -18.93
C ASP G 4 -26.55 28.15 -18.81
N ILE G 5 -26.66 28.88 -17.69
CA ILE G 5 -25.93 30.13 -17.53
C ILE G 5 -24.43 29.85 -17.41
N ALA G 6 -24.05 29.14 -16.35
CA ALA G 6 -22.64 28.85 -16.10
C ALA G 6 -22.55 27.71 -15.10
N ALA G 7 -21.48 26.92 -15.22
CA ALA G 7 -21.27 25.81 -14.31
C ALA G 7 -20.70 26.29 -12.99
N LEU G 8 -21.20 25.73 -11.89
CA LEU G 8 -20.61 25.94 -10.58
C LEU G 8 -19.56 24.88 -10.30
N VAL G 9 -18.56 25.24 -9.50
CA VAL G 9 -17.54 24.31 -9.04
C VAL G 9 -17.52 24.35 -7.51
N VAL G 10 -17.71 23.20 -6.89
CA VAL G 10 -17.73 23.08 -5.44
C VAL G 10 -16.71 22.01 -5.05
N ASP G 11 -15.65 22.42 -4.36
CA ASP G 11 -14.62 21.49 -3.88
C ASP G 11 -14.92 21.16 -2.42
N ASN G 12 -15.79 20.17 -2.23
CA ASN G 12 -16.26 19.76 -0.90
C ASN G 12 -15.23 18.83 -0.27
N GLY G 13 -14.20 19.43 0.29
CA GLY G 13 -13.21 18.68 1.04
C GLY G 13 -13.71 18.31 2.43
N SER G 14 -12.86 17.58 3.15
CA SER G 14 -13.21 17.16 4.50
C SER G 14 -13.40 18.35 5.42
N GLY G 15 -12.51 19.33 5.34
CA GLY G 15 -12.54 20.44 6.29
C GLY G 15 -12.97 21.77 5.74
N MET G 16 -12.80 21.99 4.44
CA MET G 16 -13.03 23.30 3.84
C MET G 16 -13.88 23.16 2.57
N CYS G 17 -14.76 24.13 2.37
CA CYS G 17 -15.63 24.18 1.20
C CYS G 17 -15.26 25.37 0.33
N LYS G 18 -14.91 25.11 -0.93
CA LYS G 18 -14.59 26.15 -1.90
C LYS G 18 -15.61 26.12 -3.01
N ALA G 19 -16.27 27.25 -3.25
CA ALA G 19 -17.34 27.34 -4.23
C ALA G 19 -17.11 28.53 -5.15
N GLY G 20 -17.68 28.45 -6.35
CA GLY G 20 -17.55 29.53 -7.31
C GLY G 20 -18.11 29.13 -8.65
N PHE G 21 -17.63 29.80 -9.70
CA PHE G 21 -18.10 29.61 -11.06
C PHE G 21 -16.96 29.13 -11.95
N ALA G 22 -17.31 28.32 -12.95
CA ALA G 22 -16.34 27.90 -13.94
C ALA G 22 -15.89 29.10 -14.77
N GLY G 23 -14.62 29.10 -15.15
CA GLY G 23 -14.03 30.23 -15.83
C GLY G 23 -13.42 31.27 -14.91
N ASP G 24 -13.69 31.20 -13.61
CA ASP G 24 -13.06 32.09 -12.65
C ASP G 24 -11.70 31.55 -12.23
N ASP G 25 -10.79 32.46 -11.88
CA ASP G 25 -9.44 32.09 -11.47
C ASP G 25 -9.32 31.85 -9.97
N ALA G 26 -10.38 32.09 -9.20
CA ALA G 26 -10.37 31.86 -7.77
C ALA G 26 -11.79 31.62 -7.29
N PRO G 27 -11.99 30.78 -6.28
CA PRO G 27 -13.34 30.55 -5.77
C PRO G 27 -13.95 31.82 -5.20
N ARG G 28 -15.24 32.03 -5.47
CA ARG G 28 -15.92 33.22 -5.00
C ARG G 28 -16.26 33.16 -3.52
N ALA G 29 -16.48 31.97 -2.99
CA ALA G 29 -16.83 31.79 -1.58
C ALA G 29 -16.04 30.64 -0.99
N VAL G 30 -15.35 30.90 0.11
CA VAL G 30 -14.57 29.89 0.82
C VAL G 30 -14.96 29.95 2.29
N PHE G 31 -15.34 28.81 2.85
CA PHE G 31 -15.76 28.73 4.24
C PHE G 31 -15.56 27.30 4.73
N PRO G 32 -15.32 27.12 6.03
CA PRO G 32 -15.12 25.76 6.55
C PRO G 32 -16.38 24.91 6.44
N SER G 33 -16.18 23.62 6.20
CA SER G 33 -17.29 22.66 6.11
C SER G 33 -17.73 22.23 7.52
N ILE G 34 -18.30 23.18 8.24
CA ILE G 34 -18.65 23.00 9.65
C ILE G 34 -20.14 23.28 9.84
N VAL G 35 -20.80 22.41 10.58
CA VAL G 35 -22.15 22.65 11.09
C VAL G 35 -22.06 22.67 12.61
N GLY G 36 -22.73 23.65 13.21
CA GLY G 36 -22.67 23.78 14.66
C GLY G 36 -24.02 24.06 15.28
N ARG G 37 -24.29 23.43 16.43
CA ARG G 37 -25.53 23.65 17.13
C ARG G 37 -25.24 24.14 18.55
N PRO G 38 -26.07 25.05 19.08
CA PRO G 38 -25.82 25.55 20.43
C PRO G 38 -25.95 24.45 21.46
N ARG G 39 -25.05 24.47 22.44
CA ARG G 39 -25.04 23.49 23.53
C ARG G 39 -25.39 24.11 24.88
N HIS G 40 -26.04 25.27 24.89
CA HIS G 40 -26.40 25.94 26.13
C HIS G 40 -27.89 26.31 26.09
N GLN G 41 -28.36 26.92 27.18
CA GLN G 41 -29.79 27.02 27.43
C GLN G 41 -30.48 27.98 26.46
N GLY G 42 -29.90 29.16 26.24
CA GLY G 42 -30.58 30.17 25.44
C GLY G 42 -31.74 30.81 26.16
N VAL G 43 -31.44 31.62 27.18
CA VAL G 43 -32.46 32.11 28.09
C VAL G 43 -33.22 33.33 27.59
N MET G 44 -32.70 34.03 26.58
CA MET G 44 -33.33 35.25 26.07
C MET G 44 -34.21 34.95 24.88
N VAL G 45 -35.36 35.60 24.85
CA VAL G 45 -36.29 35.41 23.75
C VAL G 45 -35.85 36.27 22.58
N GLY G 46 -36.38 35.94 21.41
CA GLY G 46 -36.05 36.65 20.19
C GLY G 46 -34.63 36.41 19.77
N MET G 47 -33.90 37.51 19.53
CA MET G 47 -32.47 37.49 19.24
C MET G 47 -32.20 36.86 17.88
N GLY G 48 -33.24 36.32 17.24
CA GLY G 48 -33.06 35.61 15.99
C GLY G 48 -32.26 34.34 16.11
N GLN G 49 -32.42 33.62 17.21
CA GLN G 49 -31.64 32.40 17.44
C GLN G 49 -32.01 31.32 16.43
N LYS G 50 -31.02 30.50 16.08
CA LYS G 50 -31.20 29.40 15.16
C LYS G 50 -30.71 28.11 15.82
N ASP G 51 -31.36 27.01 15.46
CA ASP G 51 -30.97 25.71 15.99
C ASP G 51 -29.72 25.14 15.31
N SER G 52 -29.24 25.78 14.25
CA SER G 52 -28.06 25.30 13.54
C SER G 52 -27.39 26.47 12.84
N TYR G 53 -26.06 26.42 12.78
CA TYR G 53 -25.25 27.42 12.13
C TYR G 53 -24.26 26.73 11.20
N VAL G 54 -23.94 27.39 10.09
CA VAL G 54 -23.15 26.77 9.03
C VAL G 54 -22.00 27.70 8.63
N GLY G 55 -20.84 27.09 8.41
CA GLY G 55 -19.72 27.82 7.82
C GLY G 55 -19.14 28.88 8.73
N ASP G 56 -18.93 30.07 8.17
CA ASP G 56 -18.26 31.15 8.89
C ASP G 56 -19.05 31.59 10.12
N GLU G 57 -20.38 31.56 10.05
CA GLU G 57 -21.18 31.95 11.20
C GLU G 57 -20.99 30.98 12.36
N ALA G 58 -20.90 29.67 12.06
CA ALA G 58 -20.62 28.70 13.12
C ALA G 58 -19.24 28.91 13.70
N GLN G 59 -18.26 29.23 12.87
CA GLN G 59 -16.91 29.49 13.35
C GLN G 59 -16.87 30.71 14.27
N SER G 60 -17.58 31.77 13.90
CA SER G 60 -17.60 32.97 14.73
C SER G 60 -18.29 32.72 16.06
N LYS G 61 -19.38 31.97 16.05
CA LYS G 61 -20.17 31.69 17.25
C LYS G 61 -19.75 30.41 17.95
N ARG G 62 -18.53 29.91 17.68
CA ARG G 62 -18.13 28.60 18.18
C ARG G 62 -18.01 28.55 19.69
N GLY G 63 -17.96 29.69 20.37
CA GLY G 63 -17.85 29.69 21.82
C GLY G 63 -19.06 29.14 22.54
N ILE G 64 -20.23 29.17 21.90
CA ILE G 64 -21.46 28.62 22.44
C ILE G 64 -21.98 27.46 21.62
N LEU G 65 -21.18 26.94 20.69
CA LEU G 65 -21.61 25.97 19.71
C LEU G 65 -20.79 24.69 19.82
N THR G 66 -21.40 23.58 19.44
CA THR G 66 -20.70 22.32 19.28
C THR G 66 -20.46 22.09 17.78
N LEU G 67 -19.21 22.15 17.37
CA LEU G 67 -18.87 22.06 15.95
C LEU G 67 -18.66 20.61 15.54
N LYS G 68 -19.31 20.21 14.46
CA LYS G 68 -19.24 18.86 13.93
C LYS G 68 -18.99 18.92 12.43
N TYR G 69 -18.06 18.10 11.97
CA TYR G 69 -17.71 18.04 10.55
C TYR G 69 -18.53 16.96 9.88
N PRO G 70 -19.42 17.30 8.94
CA PRO G 70 -20.17 16.27 8.23
C PRO G 70 -19.29 15.32 7.42
N ILE G 71 -18.11 15.75 7.00
CA ILE G 71 -17.21 14.92 6.20
C ILE G 71 -16.02 14.52 7.06
N GLU G 72 -15.74 13.22 7.09
CA GLU G 72 -14.57 12.70 7.78
C GLU G 72 -13.78 11.80 6.83
N HIC G 73 -12.50 12.11 6.65
CA HIC G 73 -11.64 11.39 5.72
C HIC G 73 -12.21 11.39 4.31
O HIC G 73 -12.13 10.38 3.61
CB HIC G 73 -11.39 9.96 6.19
CG HIC G 73 -10.60 9.88 7.45
ND1 HIC G 73 -9.36 10.45 7.58
CD2 HIC G 73 -10.93 9.26 8.62
CE1 HIC G 73 -8.96 10.17 8.79
NE2 HIC G 73 -9.88 9.45 9.47
CZ HIC G 73 -9.77 8.98 10.84
N GLY G 74 -12.80 12.51 3.90
CA GLY G 74 -13.33 12.66 2.57
C GLY G 74 -14.62 11.91 2.31
N ILE G 75 -15.20 11.33 3.37
CA ILE G 75 -16.41 10.54 3.28
C ILE G 75 -17.48 11.19 4.16
N VAL G 76 -18.67 11.39 3.59
CA VAL G 76 -19.75 12.06 4.31
C VAL G 76 -20.30 11.08 5.35
N THR G 77 -20.15 11.41 6.63
CA THR G 77 -20.66 10.57 7.70
C THR G 77 -22.08 10.93 8.11
N ASN G 78 -22.51 12.18 7.84
CA ASN G 78 -23.85 12.62 8.19
C ASN G 78 -24.36 13.47 7.04
N TRP G 79 -25.26 12.91 6.24
CA TRP G 79 -25.76 13.63 5.08
C TRP G 79 -26.77 14.71 5.47
N ASP G 80 -27.39 14.60 6.64
CA ASP G 80 -28.31 15.63 7.09
C ASP G 80 -27.61 16.97 7.29
N ASP G 81 -26.32 16.95 7.64
CA ASP G 81 -25.54 18.17 7.74
C ASP G 81 -24.84 18.52 6.44
N MET G 82 -24.54 17.52 5.60
CA MET G 82 -24.00 17.81 4.29
C MET G 82 -25.00 18.57 3.44
N GLU G 83 -26.29 18.24 3.59
CA GLU G 83 -27.33 19.01 2.91
C GLU G 83 -27.37 20.45 3.40
N LYS G 84 -27.15 20.67 4.70
CA LYS G 84 -27.06 22.03 5.21
C LYS G 84 -25.85 22.76 4.61
N ILE G 85 -24.72 22.06 4.52
CA ILE G 85 -23.53 22.65 3.89
C ILE G 85 -23.84 23.08 2.46
N TRP G 86 -24.45 22.20 1.68
CA TRP G 86 -24.73 22.53 0.28
C TRP G 86 -25.77 23.62 0.16
N HIS G 87 -26.79 23.62 1.02
CA HIS G 87 -27.80 24.68 1.00
C HIS G 87 -27.17 26.02 1.31
N HIS G 88 -26.29 26.07 2.32
CA HIS G 88 -25.56 27.30 2.60
C HIS G 88 -24.72 27.73 1.41
N THR G 89 -24.01 26.76 0.79
CA THR G 89 -23.16 27.07 -0.35
C THR G 89 -23.96 27.70 -1.49
N PHE G 90 -25.11 27.12 -1.82
CA PHE G 90 -25.87 27.59 -2.97
C PHE G 90 -26.62 28.89 -2.67
N TYR G 91 -27.35 28.95 -1.54
CA TYR G 91 -28.27 30.05 -1.33
C TYR G 91 -27.72 31.19 -0.49
N ASN G 92 -26.68 30.95 0.31
CA ASN G 92 -26.13 31.99 1.18
C ASN G 92 -24.76 32.48 0.75
N GLU G 93 -23.90 31.60 0.25
CA GLU G 93 -22.56 31.98 -0.17
C GLU G 93 -22.53 32.41 -1.63
N LEU G 94 -22.92 31.51 -2.54
CA LEU G 94 -22.95 31.84 -3.97
C LEU G 94 -24.15 32.71 -4.33
N ARG G 95 -25.27 32.56 -3.62
CA ARG G 95 -26.50 33.28 -3.91
C ARG G 95 -26.97 33.01 -5.34
N VAL G 96 -27.09 31.72 -5.67
CA VAL G 96 -27.53 31.28 -6.97
C VAL G 96 -28.59 30.19 -6.81
N ALA G 97 -29.34 29.98 -7.88
CA ALA G 97 -30.35 28.93 -7.92
C ALA G 97 -29.77 27.69 -8.58
N PRO G 98 -29.65 26.57 -7.88
CA PRO G 98 -29.06 25.37 -8.50
C PRO G 98 -29.84 24.83 -9.67
N GLU G 99 -31.11 25.19 -9.82
CA GLU G 99 -31.94 24.64 -10.89
C GLU G 99 -31.50 25.08 -12.28
N GLU G 100 -30.63 26.09 -12.38
CA GLU G 100 -30.20 26.59 -13.67
C GLU G 100 -28.68 26.60 -13.84
N HIS G 101 -27.94 25.94 -12.95
CA HIS G 101 -26.48 25.89 -13.04
C HIS G 101 -26.01 24.44 -12.91
N PRO G 102 -25.28 23.91 -13.87
CA PRO G 102 -24.60 22.62 -13.66
C PRO G 102 -23.58 22.75 -12.54
N VAL G 103 -23.34 21.64 -11.84
CA VAL G 103 -22.45 21.63 -10.68
C VAL G 103 -21.39 20.56 -10.87
N LEU G 104 -20.13 20.94 -10.72
CA LEU G 104 -19.02 20.00 -10.74
C LEU G 104 -18.49 19.81 -9.33
N LEU G 105 -18.61 18.59 -8.81
CA LEU G 105 -18.15 18.23 -7.48
C LEU G 105 -16.80 17.53 -7.55
N THR G 106 -16.14 17.45 -6.40
CA THR G 106 -14.84 16.81 -6.27
C THR G 106 -14.95 15.59 -5.36
N GLU G 107 -14.01 14.66 -5.55
CA GLU G 107 -14.10 13.38 -4.86
C GLU G 107 -12.70 12.80 -4.70
N ALA G 108 -12.45 12.18 -3.54
CA ALA G 108 -11.17 11.53 -3.33
C ALA G 108 -11.19 10.13 -3.93
N PRO G 109 -10.05 9.64 -4.43
CA PRO G 109 -10.01 8.29 -4.98
C PRO G 109 -10.09 7.24 -3.89
N LEU G 110 -10.51 6.04 -4.30
CA LEU G 110 -10.68 4.89 -3.40
C LEU G 110 -11.71 5.19 -2.31
N ASN G 111 -12.69 6.01 -2.62
CA ASN G 111 -13.81 6.29 -1.73
C ASN G 111 -14.91 5.25 -1.90
N PRO G 112 -15.79 5.10 -0.90
CA PRO G 112 -16.94 4.21 -1.08
C PRO G 112 -17.82 4.67 -2.23
N LYS G 113 -18.37 3.69 -2.96
CA LYS G 113 -19.16 4.01 -4.15
C LYS G 113 -20.49 4.67 -3.80
N ALA G 114 -21.05 4.33 -2.63
CA ALA G 114 -22.32 4.92 -2.22
C ALA G 114 -22.20 6.40 -1.88
N ASN G 115 -21.02 6.85 -1.46
CA ASN G 115 -20.83 8.26 -1.15
C ASN G 115 -21.03 9.12 -2.39
N ARG G 116 -20.47 8.68 -3.51
CA ARG G 116 -20.64 9.40 -4.77
C ARG G 116 -22.09 9.32 -5.26
N GLU G 117 -22.71 8.14 -5.12
CA GLU G 117 -24.08 7.96 -5.56
C GLU G 117 -25.03 8.89 -4.83
N LYS G 118 -24.85 9.08 -3.53
CA LYS G 118 -25.74 9.95 -2.79
C LYS G 118 -25.50 11.41 -3.14
N MET G 119 -24.27 11.79 -3.48
CA MET G 119 -24.05 13.13 -4.02
C MET G 119 -24.85 13.31 -5.31
N THR G 120 -24.81 12.32 -6.20
CA THR G 120 -25.59 12.42 -7.44
C THR G 120 -27.08 12.55 -7.12
N GLN G 121 -27.59 11.71 -6.24
CA GLN G 121 -29.02 11.72 -5.91
C GLN G 121 -29.44 13.05 -5.31
N ILE G 122 -28.65 13.58 -4.38
CA ILE G 122 -29.00 14.84 -3.74
C ILE G 122 -28.93 15.98 -4.75
N MET G 123 -27.89 16.01 -5.58
CA MET G 123 -27.76 17.09 -6.55
C MET G 123 -28.91 17.07 -7.56
N PHE G 124 -29.41 15.88 -7.91
CA PHE G 124 -30.45 15.82 -8.93
C PHE G 124 -31.87 15.86 -8.38
N GLU G 125 -32.09 15.45 -7.14
CA GLU G 125 -33.45 15.33 -6.61
C GLU G 125 -33.82 16.39 -5.60
N THR G 126 -32.85 17.00 -4.92
CA THR G 126 -33.13 18.06 -3.96
C THR G 126 -32.75 19.44 -4.46
N PHE G 127 -31.72 19.55 -5.29
CA PHE G 127 -31.31 20.82 -5.87
C PHE G 127 -31.68 20.94 -7.34
N ASN G 128 -32.09 19.84 -7.98
CA ASN G 128 -32.59 19.86 -9.36
C ASN G 128 -31.57 20.45 -10.33
N THR G 129 -30.30 20.11 -10.16
CA THR G 129 -29.27 20.64 -11.04
C THR G 129 -29.48 20.13 -12.47
N PRO G 130 -29.32 20.99 -13.47
CA PRO G 130 -29.45 20.52 -14.86
C PRO G 130 -28.45 19.46 -15.24
N ALA G 131 -27.24 19.52 -14.68
CA ALA G 131 -26.19 18.54 -14.97
C ALA G 131 -25.24 18.51 -13.79
N MET G 132 -24.50 17.41 -13.69
CA MET G 132 -23.59 17.23 -12.56
C MET G 132 -22.44 16.34 -12.99
N TYR G 133 -21.29 16.55 -12.35
CA TYR G 133 -20.12 15.73 -12.59
C TYR G 133 -19.34 15.60 -11.28
N VAL G 134 -18.57 14.52 -11.18
CA VAL G 134 -17.80 14.21 -9.97
C VAL G 134 -16.38 13.88 -10.42
N ALA G 135 -15.47 14.84 -10.31
CA ALA G 135 -14.09 14.65 -10.72
C ALA G 135 -13.19 14.35 -9.53
N ILE G 136 -12.06 13.70 -9.81
CA ILE G 136 -11.09 13.34 -8.78
C ILE G 136 -10.29 14.57 -8.41
N GLN G 137 -10.08 14.77 -7.10
CA GLN G 137 -9.41 15.98 -6.61
C GLN G 137 -8.01 16.12 -7.18
N ALA G 138 -7.22 15.04 -7.14
CA ALA G 138 -5.83 15.12 -7.60
C ALA G 138 -5.72 15.29 -9.11
N VAL G 139 -6.71 14.80 -9.87
CA VAL G 139 -6.69 15.00 -11.31
C VAL G 139 -6.90 16.47 -11.66
N LEU G 140 -7.75 17.16 -10.89
CA LEU G 140 -8.00 18.57 -11.14
C LEU G 140 -6.74 19.41 -10.93
N SER G 141 -5.93 19.05 -9.92
CA SER G 141 -4.72 19.81 -9.65
C SER G 141 -3.77 19.81 -10.85
N LEU G 142 -3.79 18.75 -11.66
CA LEU G 142 -2.95 18.72 -12.85
C LEU G 142 -3.48 19.68 -13.92
N TYR G 143 -4.80 19.87 -13.97
CA TYR G 143 -5.37 20.88 -14.86
C TYR G 143 -4.89 22.27 -14.47
N ALA G 144 -4.87 22.58 -13.17
CA ALA G 144 -4.47 23.90 -12.70
C ALA G 144 -2.99 24.16 -12.95
N SER G 145 -2.18 23.10 -13.03
CA SER G 145 -0.74 23.24 -13.25
C SER G 145 -0.39 23.37 -14.73
N GLY G 146 -1.38 23.34 -15.62
CA GLY G 146 -1.11 23.40 -17.04
C GLY G 146 -0.27 22.24 -17.55
N ARG G 147 -0.52 21.04 -17.02
CA ARG G 147 0.27 19.87 -17.35
C ARG G 147 -0.64 18.71 -17.72
N THR G 148 -0.08 17.78 -18.50
CA THR G 148 -0.72 16.49 -18.76
C THR G 148 0.14 15.32 -18.30
N THR G 149 1.32 15.57 -17.76
CA THR G 149 2.22 14.54 -17.26
C THR G 149 2.71 14.94 -15.88
N GLY G 150 2.61 14.04 -14.93
CA GLY G 150 3.07 14.30 -13.57
C GLY G 150 2.25 13.52 -12.57
N ILE G 151 2.79 13.45 -11.35
CA ILE G 151 2.14 12.79 -10.23
C ILE G 151 1.74 13.86 -9.22
N VAL G 152 0.47 13.88 -8.85
CA VAL G 152 -0.07 14.89 -7.96
C VAL G 152 -0.20 14.32 -6.55
N MET G 153 0.58 14.86 -5.62
CA MET G 153 0.47 14.52 -4.20
C MET G 153 -0.45 15.54 -3.56
N ASP G 154 -1.72 15.18 -3.40
CA ASP G 154 -2.74 16.07 -2.86
C ASP G 154 -2.98 15.72 -1.39
N SER G 155 -2.95 16.74 -0.54
CA SER G 155 -3.13 16.56 0.89
C SER G 155 -4.08 17.63 1.41
N GLY G 156 -5.30 17.23 1.73
CA GLY G 156 -6.30 18.13 2.27
C GLY G 156 -6.45 17.99 3.77
N ASP G 157 -7.67 18.17 4.26
CA ASP G 157 -7.93 18.05 5.68
C ASP G 157 -8.15 16.60 6.11
N GLY G 158 -8.65 15.76 5.23
CA GLY G 158 -8.96 14.39 5.61
C GLY G 158 -8.24 13.29 4.85
N VAL G 159 -7.84 13.56 3.60
CA VAL G 159 -7.30 12.54 2.73
C VAL G 159 -5.97 13.00 2.14
N THR G 160 -5.02 12.08 2.03
CA THR G 160 -3.83 12.24 1.21
C THR G 160 -3.86 11.19 0.11
N HIS G 161 -3.70 11.63 -1.14
CA HIS G 161 -3.74 10.69 -2.25
C HIS G 161 -2.81 11.17 -3.37
N THR G 162 -2.18 10.20 -4.04
CA THR G 162 -1.29 10.47 -5.16
C THR G 162 -1.84 9.81 -6.41
N VAL G 163 -1.91 10.56 -7.50
CA VAL G 163 -2.44 10.04 -8.76
C VAL G 163 -1.43 10.29 -9.88
N PRO G 164 -0.83 9.23 -10.44
CA PRO G 164 0.11 9.43 -11.56
C PRO G 164 -0.64 9.55 -12.89
N ILE G 165 -0.24 10.52 -13.70
CA ILE G 165 -0.79 10.73 -15.03
C ILE G 165 0.36 10.97 -15.99
N TYR G 166 0.30 10.33 -17.16
CA TYR G 166 1.35 10.47 -18.16
C TYR G 166 0.71 10.74 -19.52
N GLU G 167 0.94 11.95 -20.03
CA GLU G 167 0.41 12.39 -21.32
C GLU G 167 -1.09 12.11 -21.45
N GLY G 168 -1.86 12.44 -20.41
CA GLY G 168 -3.30 12.35 -20.46
C GLY G 168 -3.89 11.08 -19.89
N TYR G 169 -3.07 10.05 -19.67
CA TYR G 169 -3.56 8.77 -19.19
C TYR G 169 -3.13 8.55 -17.74
N ALA G 170 -4.10 8.33 -16.87
CA ALA G 170 -3.82 8.00 -15.48
C ALA G 170 -3.65 6.49 -15.31
N LEU G 171 -2.87 6.12 -14.30
CA LEU G 171 -2.61 4.71 -13.99
C LEU G 171 -3.35 4.36 -12.70
N PRO G 172 -4.55 3.79 -12.78
CA PRO G 172 -5.34 3.55 -11.56
C PRO G 172 -4.69 2.59 -10.59
N HIS G 173 -3.93 1.60 -11.06
CA HIS G 173 -3.29 0.66 -10.15
C HIS G 173 -2.19 1.32 -9.33
N ALA G 174 -1.61 2.42 -9.82
CA ALA G 174 -0.56 3.13 -9.10
C ALA G 174 -1.10 4.19 -8.16
N ILE G 175 -2.41 4.44 -8.16
CA ILE G 175 -3.00 5.44 -7.27
C ILE G 175 -2.95 4.92 -5.84
N LEU G 176 -2.38 5.70 -4.94
CA LEU G 176 -2.27 5.34 -3.54
C LEU G 176 -3.05 6.32 -2.68
N ARG G 177 -3.64 5.82 -1.61
CA ARG G 177 -4.42 6.62 -0.68
C ARG G 177 -3.90 6.43 0.73
N LEU G 178 -3.85 7.53 1.48
CA LEU G 178 -3.34 7.53 2.85
C LEU G 178 -4.29 8.39 3.68
N ASP G 179 -4.97 7.76 4.64
CA ASP G 179 -5.93 8.47 5.50
C ASP G 179 -5.20 9.19 6.64
N LEU G 180 -4.33 10.12 6.23
CA LEU G 180 -3.58 10.98 7.15
C LEU G 180 -3.49 12.36 6.52
N ALA G 181 -4.00 13.36 7.22
CA ALA G 181 -4.11 14.71 6.66
C ALA G 181 -4.21 15.72 7.80
N GLY G 182 -4.64 16.94 7.45
CA GLY G 182 -4.58 18.04 8.39
C GLY G 182 -5.35 17.82 9.68
N ARG G 183 -6.45 17.06 9.63
CA ARG G 183 -7.23 16.80 10.84
C ARG G 183 -6.42 15.95 11.82
N ASP G 184 -5.74 14.92 11.32
CA ASP G 184 -4.89 14.10 12.17
C ASP G 184 -3.75 14.91 12.75
N LEU G 185 -3.17 15.81 11.97
CA LEU G 185 -2.11 16.68 12.47
C LEU G 185 -2.63 17.65 13.52
N THR G 186 -3.85 18.16 13.35
CA THR G 186 -4.46 19.01 14.37
C THR G 186 -4.66 18.25 15.66
N ASP G 187 -5.17 17.02 15.58
CA ASP G 187 -5.33 16.21 16.78
C ASP G 187 -3.98 15.87 17.42
N TYR G 188 -2.95 15.62 16.62
CA TYR G 188 -1.64 15.33 17.17
C TYR G 188 -1.05 16.54 17.87
N LEU G 189 -1.22 17.73 17.29
CA LEU G 189 -0.76 18.95 17.95
C LEU G 189 -1.55 19.19 19.24
N MET G 190 -2.85 18.91 19.22
CA MET G 190 -3.66 18.96 20.43
C MET G 190 -3.09 18.04 21.50
N LYS G 191 -2.65 16.84 21.10
CA LYS G 191 -2.08 15.89 22.04
C LYS G 191 -0.75 16.38 22.60
N ILE G 192 0.16 16.80 21.73
CA ILE G 192 1.52 17.09 22.16
C ILE G 192 1.61 18.42 22.90
N LEU G 193 0.63 19.32 22.69
CA LEU G 193 0.63 20.57 23.43
C LEU G 193 0.39 20.37 24.92
N THR G 194 -0.14 19.21 25.32
CA THR G 194 -0.32 18.93 26.74
C THR G 194 1.00 18.74 27.47
N GLU G 195 2.10 18.52 26.73
CA GLU G 195 3.40 18.41 27.37
C GLU G 195 3.81 19.71 28.05
N ARG G 196 3.34 20.84 27.53
CA ARG G 196 3.56 22.14 28.15
C ARG G 196 2.41 22.57 29.05
N GLY G 197 1.36 21.75 29.18
CA GLY G 197 0.25 22.04 30.06
C GLY G 197 -0.96 22.65 29.41
N TYR G 198 -0.97 22.80 28.09
CA TYR G 198 -2.11 23.38 27.37
C TYR G 198 -3.11 22.27 27.09
N SER G 199 -4.21 22.26 27.86
CA SER G 199 -5.22 21.20 27.76
C SER G 199 -6.39 21.70 26.94
N PHE G 200 -6.22 21.69 25.62
CA PHE G 200 -7.31 22.00 24.71
C PHE G 200 -8.17 20.77 24.51
N THR G 201 -9.48 20.89 24.74
CA THR G 201 -10.37 19.74 24.68
C THR G 201 -11.57 19.96 23.76
N THR G 202 -12.14 21.15 23.78
CA THR G 202 -13.42 21.38 23.11
C THR G 202 -13.25 21.45 21.60
N THR G 203 -14.39 21.41 20.89
CA THR G 203 -14.37 21.53 19.45
C THR G 203 -13.93 22.92 18.99
N ALA G 204 -14.30 23.97 19.74
CA ALA G 204 -13.81 25.31 19.42
C ALA G 204 -12.31 25.42 19.67
N GLU G 205 -11.82 24.79 20.73
CA GLU G 205 -10.38 24.73 20.94
C GLU G 205 -9.69 23.89 19.88
N ARG G 206 -10.40 22.96 19.25
CA ARG G 206 -9.83 22.26 18.09
C ARG G 206 -9.59 23.24 16.94
N GLU G 207 -10.52 24.16 16.71
CA GLU G 207 -10.30 25.20 15.71
C GLU G 207 -9.18 26.14 16.12
N ILE G 208 -9.07 26.44 17.41
CA ILE G 208 -7.96 27.27 17.91
C ILE G 208 -6.63 26.60 17.61
N VAL G 209 -6.53 25.29 17.90
CA VAL G 209 -5.29 24.55 17.62
C VAL G 209 -5.06 24.45 16.12
N ARG G 210 -6.12 24.35 15.32
CA ARG G 210 -5.96 24.36 13.86
C ARG G 210 -5.35 25.68 13.39
N ASP G 211 -5.82 26.80 13.94
CA ASP G 211 -5.23 28.09 13.60
C ASP G 211 -3.77 28.15 14.04
N ILE G 212 -3.47 27.64 15.24
CA ILE G 212 -2.09 27.59 15.71
C ILE G 212 -1.23 26.80 14.73
N LYS G 213 -1.74 25.66 14.28
CA LYS G 213 -1.01 24.83 13.32
C LYS G 213 -0.79 25.56 12.01
N GLU G 214 -1.82 26.23 11.50
CA GLU G 214 -1.69 26.91 10.22
C GLU G 214 -0.75 28.10 10.30
N LYS G 215 -0.64 28.73 11.47
CA LYS G 215 0.20 29.92 11.59
C LYS G 215 1.64 29.60 11.99
N LEU G 216 1.87 28.55 12.79
CA LEU G 216 3.17 28.33 13.39
C LEU G 216 3.85 27.02 13.02
N CYS G 217 3.10 25.99 12.62
CA CYS G 217 3.73 24.72 12.27
C CYS G 217 4.51 24.86 10.96
N TYR G 218 5.61 24.10 10.87
CA TYR G 218 6.44 24.10 9.67
C TYR G 218 7.21 22.79 9.61
N VAL G 219 7.69 22.45 8.41
CA VAL G 219 8.36 21.18 8.16
C VAL G 219 9.86 21.38 8.29
N ALA G 220 10.49 20.58 9.15
CA ALA G 220 11.93 20.61 9.29
C ALA G 220 12.60 19.91 8.12
N LEU G 221 13.72 20.47 7.65
CA LEU G 221 14.48 19.82 6.58
C LEU G 221 15.26 18.63 7.12
N ASP G 222 15.76 18.73 8.35
CA ASP G 222 16.44 17.62 9.03
C ASP G 222 15.87 17.57 10.44
N PHE G 223 15.03 16.57 10.70
CA PHE G 223 14.25 16.55 11.93
C PHE G 223 15.14 16.43 13.17
N GLU G 224 16.13 15.53 13.12
CA GLU G 224 17.00 15.34 14.29
C GLU G 224 17.86 16.58 14.55
N GLN G 225 18.38 17.21 13.51
CA GLN G 225 19.16 18.43 13.70
C GLN G 225 18.28 19.54 14.27
N GLU G 226 17.04 19.65 13.81
CA GLU G 226 16.14 20.66 14.35
C GLU G 226 15.78 20.38 15.80
N MET G 227 15.63 19.11 16.17
CA MET G 227 15.42 18.76 17.58
C MET G 227 16.63 19.17 18.41
N ALA G 228 17.84 18.89 17.92
CA ALA G 228 19.04 19.28 18.64
C ALA G 228 19.15 20.79 18.79
N THR G 229 18.79 21.53 17.74
CA THR G 229 18.78 22.99 17.81
C THR G 229 17.73 23.48 18.82
N ALA G 230 16.55 22.86 18.81
CA ALA G 230 15.50 23.23 19.75
C ALA G 230 15.85 22.86 21.18
N ALA G 231 16.82 21.97 21.38
CA ALA G 231 17.33 21.72 22.73
C ALA G 231 17.91 22.99 23.36
N SER G 232 18.47 23.88 22.54
CA SER G 232 18.78 25.25 22.97
C SER G 232 17.53 26.12 22.82
N SER G 233 16.65 26.01 23.83
CA SER G 233 15.26 26.43 23.71
C SER G 233 15.12 27.94 23.96
N SER G 234 15.68 28.73 23.05
CA SER G 234 15.42 30.17 23.06
C SER G 234 15.00 30.68 21.69
N SER G 235 15.59 30.13 20.63
CA SER G 235 15.46 30.69 19.30
C SER G 235 14.23 30.15 18.55
N LEU G 236 13.95 28.86 18.67
CA LEU G 236 12.92 28.24 17.85
C LEU G 236 11.51 28.44 18.40
N GLU G 237 11.37 29.04 19.57
CA GLU G 237 10.07 29.18 20.21
C GLU G 237 9.32 30.41 19.66
N LYS G 238 8.00 30.26 19.55
CA LYS G 238 7.11 31.33 19.11
C LYS G 238 5.96 31.47 20.09
N SER G 239 5.29 32.61 20.02
CA SER G 239 4.17 32.92 20.91
C SER G 239 2.90 33.14 20.10
N TYR G 240 1.80 32.57 20.60
CA TYR G 240 0.48 32.69 19.99
C TYR G 240 -0.50 33.15 21.04
N GLU G 241 -1.28 34.17 20.72
CA GLU G 241 -2.26 34.72 21.66
C GLU G 241 -3.62 34.08 21.42
N LEU G 242 -4.18 33.47 22.46
CA LEU G 242 -5.51 32.89 22.39
C LEU G 242 -6.56 33.99 22.32
N PRO G 243 -7.78 33.67 21.86
CA PRO G 243 -8.84 34.68 21.82
C PRO G 243 -9.21 35.21 23.20
N ASP G 244 -8.88 34.50 24.28
CA ASP G 244 -9.11 34.99 25.62
C ASP G 244 -8.07 36.03 26.02
N GLY G 245 -6.88 35.98 25.41
CA GLY G 245 -5.82 36.91 25.74
C GLY G 245 -4.60 36.30 26.38
N GLN G 246 -4.70 35.08 26.92
CA GLN G 246 -3.51 34.38 27.36
C GLN G 246 -2.71 33.91 26.16
N VAL G 247 -1.38 34.05 26.25
CA VAL G 247 -0.49 33.69 25.15
C VAL G 247 0.26 32.42 25.55
N ILE G 248 0.33 31.49 24.60
CA ILE G 248 1.06 30.24 24.78
C ILE G 248 2.37 30.32 24.02
N THR G 249 3.35 29.52 24.46
CA THR G 249 4.64 29.42 23.78
C THR G 249 4.83 28.00 23.27
N ILE G 250 5.22 27.89 22.00
CA ILE G 250 5.39 26.60 21.34
C ILE G 250 6.81 26.53 20.78
N GLY G 251 7.46 25.39 21.01
CA GLY G 251 8.85 25.21 20.62
C GLY G 251 9.03 24.13 19.58
N ASN G 252 9.61 23.00 19.98
CA ASN G 252 9.84 21.89 19.06
C ASN G 252 8.55 21.30 18.52
N GLU G 253 7.41 21.58 19.16
CA GLU G 253 6.14 21.13 18.62
C GLU G 253 5.86 21.73 17.25
N ARG G 254 6.47 22.89 16.96
CA ARG G 254 6.22 23.55 15.68
C ARG G 254 6.60 22.66 14.50
N PHE G 255 7.70 21.91 14.60
CA PHE G 255 8.08 21.00 13.55
C PHE G 255 7.77 19.54 13.85
N ARG G 256 7.51 19.19 15.11
CA ARG G 256 6.96 17.87 15.39
C ARG G 256 5.55 17.73 14.84
N CYS G 257 4.84 18.85 14.73
CA CYS G 257 3.48 18.97 14.23
C CYS G 257 3.32 18.49 12.79
N PRO G 258 4.16 18.91 11.83
CA PRO G 258 4.05 18.33 10.48
C PRO G 258 4.87 17.08 10.28
N GLU G 259 5.76 16.74 11.22
CA GLU G 259 6.65 15.59 11.03
C GLU G 259 5.86 14.28 10.96
N ALA G 260 4.65 14.25 11.51
CA ALA G 260 3.84 13.05 11.44
C ALA G 260 3.49 12.68 10.00
N LEU G 261 3.55 13.64 9.07
CA LEU G 261 3.35 13.32 7.67
C LEU G 261 4.46 12.42 7.14
N PHE G 262 5.71 12.68 7.54
CA PHE G 262 6.85 11.91 7.08
C PHE G 262 7.16 10.72 7.97
N GLN G 263 6.74 10.76 9.24
CA GLN G 263 6.88 9.65 10.18
C GLN G 263 5.52 9.37 10.79
N PRO G 264 4.66 8.62 10.09
CA PRO G 264 3.33 8.33 10.65
C PRO G 264 3.37 7.52 11.94
N SER G 265 4.50 6.91 12.27
CA SER G 265 4.62 6.20 13.54
C SER G 265 4.47 7.11 14.74
N PHE G 266 4.60 8.43 14.55
CA PHE G 266 4.33 9.37 15.62
C PHE G 266 2.89 9.26 16.10
N LEU G 267 1.97 8.88 15.22
CA LEU G 267 0.56 8.75 15.53
C LEU G 267 0.16 7.32 15.88
N GLY G 268 1.12 6.40 15.92
CA GLY G 268 0.81 4.99 16.07
C GLY G 268 0.42 4.30 14.78
N MET G 269 0.49 4.98 13.65
CA MET G 269 0.17 4.38 12.36
C MET G 269 1.33 3.55 11.84
N GLU G 270 1.00 2.55 11.03
CA GLU G 270 2.00 1.69 10.43
C GLU G 270 2.44 2.15 9.05
N SER G 271 1.64 2.97 8.37
CA SER G 271 1.91 3.36 7.00
C SER G 271 3.17 4.22 6.91
N CYS G 272 3.74 4.25 5.70
CA CYS G 272 4.93 5.05 5.43
C CYS G 272 4.55 6.52 5.20
N GLY G 273 5.56 7.37 5.20
CA GLY G 273 5.35 8.80 5.09
C GLY G 273 4.85 9.21 3.72
N ILE G 274 4.54 10.51 3.61
CA ILE G 274 4.03 11.06 2.36
C ILE G 274 5.10 11.02 1.28
N HIS G 275 6.38 11.13 1.67
CA HIS G 275 7.45 11.01 0.69
C HIS G 275 7.55 9.60 0.14
N GLU G 276 7.38 8.60 1.01
CA GLU G 276 7.50 7.21 0.57
C GLU G 276 6.28 6.77 -0.23
N THR G 277 5.10 7.31 0.09
CA THR G 277 3.91 6.97 -0.70
C THR G 277 4.05 7.49 -2.13
N THR G 278 4.59 8.70 -2.30
CA THR G 278 4.80 9.24 -3.63
C THR G 278 5.82 8.40 -4.41
N PHE G 279 6.91 8.02 -3.74
CA PHE G 279 7.92 7.19 -4.39
C PHE G 279 7.37 5.83 -4.78
N ASN G 280 6.57 5.22 -3.91
CA ASN G 280 5.93 3.95 -4.24
C ASN G 280 4.97 4.11 -5.42
N SER G 281 4.20 5.19 -5.43
CA SER G 281 3.26 5.44 -6.51
C SER G 281 3.99 5.61 -7.84
N ILE G 282 5.14 6.28 -7.83
CA ILE G 282 5.95 6.40 -9.03
C ILE G 282 6.47 5.03 -9.46
N MET G 283 6.92 4.22 -8.50
CA MET G 283 7.49 2.92 -8.82
C MET G 283 6.43 1.94 -9.32
N LYS G 284 5.18 2.11 -8.93
CA LYS G 284 4.12 1.25 -9.45
C LYS G 284 3.86 1.49 -10.93
N CYS G 285 4.33 2.61 -11.47
CA CYS G 285 4.12 2.94 -12.88
C CYS G 285 5.16 2.26 -13.75
N ASP G 286 4.97 2.40 -15.07
CA ASP G 286 5.90 1.82 -16.03
C ASP G 286 7.26 2.49 -15.95
N VAL G 287 8.30 1.75 -16.31
CA VAL G 287 9.68 2.23 -16.21
C VAL G 287 9.88 3.48 -17.06
N ASP G 288 9.28 3.51 -18.25
CA ASP G 288 9.57 4.58 -19.20
C ASP G 288 8.94 5.90 -18.81
N ILE G 289 7.95 5.91 -17.92
CA ILE G 289 7.30 7.14 -17.53
C ILE G 289 7.77 7.68 -16.17
N ARG G 290 8.57 6.90 -15.43
CA ARG G 290 8.99 7.33 -14.10
C ARG G 290 9.84 8.59 -14.16
N LYS G 291 10.68 8.72 -15.20
CA LYS G 291 11.56 9.87 -15.30
C LYS G 291 10.76 11.17 -15.37
N ASP G 292 9.67 11.18 -16.15
CA ASP G 292 8.83 12.37 -16.25
C ASP G 292 8.02 12.60 -14.98
N LEU G 293 7.64 11.54 -14.27
CA LEU G 293 6.91 11.71 -13.02
C LEU G 293 7.79 12.34 -11.95
N TYR G 294 9.08 11.99 -11.93
CA TYR G 294 10.01 12.58 -10.97
C TYR G 294 10.14 14.09 -11.18
N ALA G 295 10.20 14.52 -12.44
CA ALA G 295 10.39 15.93 -12.75
C ALA G 295 9.09 16.74 -12.70
N ASN G 296 7.96 16.09 -12.47
CA ASN G 296 6.67 16.78 -12.45
C ASN G 296 5.84 16.33 -11.25
N THR G 297 6.47 16.25 -10.09
CA THR G 297 5.77 15.93 -8.84
C THR G 297 5.12 17.21 -8.33
N VAL G 298 3.80 17.27 -8.38
CA VAL G 298 3.04 18.48 -8.06
C VAL G 298 2.36 18.32 -6.71
N LEU G 299 2.62 19.26 -5.81
CA LEU G 299 1.95 19.29 -4.52
C LEU G 299 0.68 20.14 -4.60
N SER G 300 -0.35 19.72 -3.90
CA SER G 300 -1.62 20.44 -3.87
C SER G 300 -2.33 20.15 -2.56
N GLY G 301 -3.32 20.98 -2.25
CA GLY G 301 -4.04 20.85 -1.00
C GLY G 301 -3.51 21.73 0.10
N GLY G 302 -4.34 21.99 1.11
CA GLY G 302 -3.96 22.92 2.17
C GLY G 302 -2.96 22.37 3.15
N THR G 303 -2.87 21.05 3.29
CA THR G 303 -1.88 20.48 4.21
C THR G 303 -0.46 20.65 3.70
N THR G 304 -0.27 20.68 2.39
CA THR G 304 1.06 20.90 1.80
C THR G 304 1.49 22.36 1.84
N MET G 305 0.86 23.17 2.69
CA MET G 305 1.17 24.59 2.81
C MET G 305 2.20 24.90 3.88
N TYR G 306 2.70 23.90 4.60
CA TYR G 306 3.71 24.15 5.62
C TYR G 306 4.98 24.70 4.98
N PRO G 307 5.64 25.66 5.60
CA PRO G 307 6.94 26.12 5.09
C PRO G 307 7.96 24.99 5.08
N GLY G 308 8.71 24.90 3.98
CA GLY G 308 9.74 23.90 3.85
C GLY G 308 9.27 22.51 3.51
N ILE G 309 7.97 22.32 3.25
CA ILE G 309 7.49 20.99 2.89
C ILE G 309 7.98 20.58 1.51
N ALA G 310 8.07 21.54 0.58
CA ALA G 310 8.59 21.23 -0.75
C ALA G 310 10.05 20.84 -0.71
N ASP G 311 10.86 21.56 0.09
CA ASP G 311 12.28 21.22 0.21
C ASP G 311 12.46 19.85 0.86
N ARG G 312 11.67 19.55 1.89
CA ARG G 312 11.74 18.23 2.52
C ARG G 312 11.34 17.13 1.55
N MET G 313 10.26 17.34 0.79
CA MET G 313 9.85 16.36 -0.20
C MET G 313 10.92 16.15 -1.25
N GLN G 314 11.56 17.23 -1.70
CA GLN G 314 12.66 17.11 -2.64
C GLN G 314 13.82 16.31 -2.06
N LYS G 315 14.16 16.56 -0.79
CA LYS G 315 15.26 15.86 -0.15
C LYS G 315 14.97 14.38 0.02
N GLU G 316 13.79 14.05 0.56
CA GLU G 316 13.48 12.65 0.83
C GLU G 316 13.33 11.84 -0.45
N ILE G 317 12.67 12.39 -1.46
CA ILE G 317 12.47 11.66 -2.70
C ILE G 317 13.79 11.49 -3.46
N THR G 318 14.69 12.47 -3.35
CA THR G 318 16.00 12.33 -3.99
C THR G 318 16.77 11.15 -3.40
N ALA G 319 16.69 10.97 -2.07
CA ALA G 319 17.38 9.85 -1.44
C ALA G 319 16.79 8.50 -1.85
N LEU G 320 15.50 8.46 -2.17
CA LEU G 320 14.86 7.21 -2.56
C LEU G 320 15.05 6.94 -4.06
N ALA G 321 14.76 7.94 -4.89
CA ALA G 321 14.78 7.76 -6.33
C ALA G 321 16.21 7.52 -6.82
N PRO G 322 16.37 6.93 -8.01
CA PRO G 322 17.71 6.75 -8.58
C PRO G 322 18.45 8.07 -8.70
N SER G 323 19.76 8.02 -8.46
CA SER G 323 20.57 9.23 -8.31
C SER G 323 20.62 10.06 -9.59
N THR G 324 20.36 9.46 -10.75
CA THR G 324 20.43 10.20 -12.01
C THR G 324 19.22 11.11 -12.22
N MET G 325 18.05 10.71 -11.71
CA MET G 325 16.82 11.43 -12.01
C MET G 325 16.84 12.84 -11.42
N LYS G 326 16.19 13.76 -12.12
CA LYS G 326 16.07 15.16 -11.70
C LYS G 326 14.77 15.29 -10.91
N ILE G 327 14.87 15.17 -9.58
CA ILE G 327 13.70 15.27 -8.73
C ILE G 327 13.29 16.75 -8.64
N LYS G 328 12.10 17.06 -9.14
CA LYS G 328 11.57 18.42 -9.12
C LYS G 328 10.22 18.41 -8.44
N ILE G 329 10.09 19.20 -7.37
CA ILE G 329 8.83 19.33 -6.63
C ILE G 329 8.23 20.68 -7.00
N ILE G 330 7.01 20.65 -7.53
CA ILE G 330 6.33 21.85 -8.00
C ILE G 330 5.30 22.24 -6.95
N ALA G 331 5.49 23.42 -6.37
CA ALA G 331 4.64 23.90 -5.28
C ALA G 331 4.19 25.32 -5.58
N PRO G 332 3.11 25.47 -6.35
CA PRO G 332 2.61 26.81 -6.69
C PRO G 332 2.13 27.54 -5.44
N PRO G 333 2.19 28.87 -5.44
CA PRO G 333 1.70 29.62 -4.26
C PRO G 333 0.23 29.38 -3.97
N GLU G 334 -0.58 29.07 -4.99
CA GLU G 334 -1.99 28.82 -4.85
C GLU G 334 -2.32 27.34 -4.64
N ARG G 335 -1.41 26.58 -4.02
CA ARG G 335 -1.63 25.17 -3.74
C ARG G 335 -2.93 24.94 -2.98
N LYS G 336 -3.29 25.89 -2.11
CA LYS G 336 -4.52 25.75 -1.32
C LYS G 336 -5.76 25.62 -2.21
N TYR G 337 -5.76 26.29 -3.36
CA TYR G 337 -6.91 26.31 -4.25
C TYR G 337 -6.65 25.61 -5.57
N SER G 338 -5.59 24.80 -5.67
CA SER G 338 -5.23 24.19 -6.94
C SER G 338 -6.32 23.26 -7.46
N VAL G 339 -6.96 22.51 -6.56
CA VAL G 339 -8.02 21.58 -6.97
C VAL G 339 -9.19 22.35 -7.57
N TRP G 340 -9.60 23.43 -6.90
CA TRP G 340 -10.74 24.20 -7.38
C TRP G 340 -10.43 24.88 -8.70
N ILE G 341 -9.20 25.40 -8.85
CA ILE G 341 -8.83 26.05 -10.12
C ILE G 341 -8.86 25.04 -11.26
N GLY G 342 -8.36 23.82 -11.02
CA GLY G 342 -8.43 22.78 -12.03
C GLY G 342 -9.86 22.40 -12.36
N GLY G 343 -10.73 22.36 -11.35
CA GLY G 343 -12.13 22.07 -11.60
C GLY G 343 -12.81 23.16 -12.42
N SER G 344 -12.48 24.42 -12.15
CA SER G 344 -13.03 25.52 -12.93
C SER G 344 -12.50 25.51 -14.37
N ILE G 345 -11.24 25.14 -14.55
CA ILE G 345 -10.69 25.02 -15.90
C ILE G 345 -11.39 23.90 -16.65
N LEU G 346 -11.57 22.75 -16.01
CA LEU G 346 -12.20 21.61 -16.66
C LEU G 346 -13.65 21.89 -17.02
N ALA G 347 -14.41 22.49 -16.10
CA ALA G 347 -15.82 22.71 -16.33
C ALA G 347 -16.10 23.74 -17.43
N SER G 348 -15.12 24.57 -17.77
CA SER G 348 -15.29 25.58 -18.81
C SER G 348 -14.73 25.15 -20.15
N LEU G 349 -14.17 23.95 -20.25
CA LEU G 349 -13.61 23.48 -21.51
C LEU G 349 -14.72 23.03 -22.45
N SER G 350 -14.58 23.37 -23.73
CA SER G 350 -15.62 23.03 -24.70
C SER G 350 -15.74 21.52 -24.89
N THR G 351 -14.61 20.80 -24.87
CA THR G 351 -14.64 19.36 -25.04
C THR G 351 -15.22 18.63 -23.84
N PHE G 352 -15.43 19.32 -22.72
CA PHE G 352 -15.96 18.69 -21.51
C PHE G 352 -17.49 18.74 -21.45
N GLN G 353 -18.13 19.57 -22.27
CA GLN G 353 -19.57 19.83 -22.12
C GLN G 353 -20.43 18.61 -22.41
N GLN G 354 -19.91 17.60 -23.10
CA GLN G 354 -20.68 16.39 -23.35
C GLN G 354 -20.44 15.30 -22.31
N MET G 355 -19.54 15.51 -21.37
CA MET G 355 -19.28 14.54 -20.31
C MET G 355 -20.10 14.80 -19.05
N TRP G 356 -20.90 15.85 -19.01
CA TRP G 356 -21.81 16.06 -17.89
C TRP G 356 -22.81 14.92 -17.79
N ILE G 357 -23.18 14.58 -16.56
CA ILE G 357 -24.32 13.70 -16.33
C ILE G 357 -25.59 14.54 -16.45
N SER G 358 -26.30 14.39 -17.56
CA SER G 358 -27.49 15.18 -17.78
C SER G 358 -28.62 14.72 -16.85
N LYS G 359 -29.54 15.65 -16.58
CA LYS G 359 -30.71 15.30 -15.78
C LYS G 359 -31.55 14.24 -16.48
N GLN G 360 -31.56 14.25 -17.81
CA GLN G 360 -32.22 13.17 -18.55
C GLN G 360 -31.53 11.84 -18.31
N GLU G 361 -30.20 11.83 -18.24
CA GLU G 361 -29.46 10.59 -17.99
C GLU G 361 -29.70 10.07 -16.59
N TYR G 362 -29.81 10.96 -15.60
CA TYR G 362 -30.12 10.54 -14.24
C TYR G 362 -31.53 9.96 -14.16
N ASP G 363 -32.47 10.52 -14.92
CA ASP G 363 -33.85 10.05 -14.89
C ASP G 363 -33.95 8.60 -15.35
N GLU G 364 -33.24 8.25 -16.41
CA GLU G 364 -33.33 6.91 -16.99
C GLU G 364 -32.34 5.91 -16.39
N SER G 365 -31.40 6.35 -15.56
CA SER G 365 -30.37 5.45 -15.05
C SER G 365 -30.22 5.45 -13.53
N GLY G 366 -30.70 6.46 -12.82
CA GLY G 366 -30.59 6.51 -11.38
C GLY G 366 -29.22 6.95 -10.91
N PRO G 367 -28.99 6.89 -9.59
CA PRO G 367 -27.70 7.33 -9.05
C PRO G 367 -26.52 6.53 -9.56
N SER G 368 -26.75 5.30 -10.03
CA SER G 368 -25.66 4.46 -10.51
C SER G 368 -25.08 4.94 -11.84
N ILE G 369 -25.67 5.95 -12.47
CA ILE G 369 -25.12 6.50 -13.71
C ILE G 369 -23.73 7.06 -13.49
N VAL G 370 -23.44 7.48 -12.25
CA VAL G 370 -22.20 8.20 -11.97
C VAL G 370 -20.98 7.28 -12.07
N HIS G 371 -21.18 5.96 -11.92
CA HIS G 371 -20.04 5.05 -11.96
C HIS G 371 -19.53 4.77 -13.37
N ARG G 372 -20.34 5.00 -14.39
CA ARG G 372 -19.90 4.80 -15.76
C ARG G 372 -19.64 6.11 -16.51
N LYS G 373 -20.15 7.23 -16.02
CA LYS G 373 -19.86 8.52 -16.62
C LYS G 373 -18.57 9.12 -16.07
N CYS G 374 -18.36 9.04 -14.76
CA CYS G 374 -17.21 9.65 -14.12
C CYS G 374 -16.05 8.65 -14.01
N PHE G 375 -15.04 9.02 -13.24
CA PHE G 375 -13.82 8.23 -13.08
C PHE G 375 -14.15 6.85 -12.50
N ASP H 4 20.27 -1.21 49.35
CA ASP H 4 19.19 -0.45 49.97
C ASP H 4 18.28 -1.37 50.78
N ILE H 5 17.68 -0.83 51.84
CA ILE H 5 16.84 -1.63 52.72
C ILE H 5 15.58 -2.11 51.99
N ALA H 6 14.78 -1.17 51.50
CA ALA H 6 13.53 -1.48 50.83
C ALA H 6 13.08 -0.25 50.06
N ALA H 7 12.15 -0.47 49.14
CA ALA H 7 11.59 0.60 48.33
C ALA H 7 10.29 1.11 48.95
N LEU H 8 10.06 2.41 48.81
CA LEU H 8 8.80 3.02 49.19
C LEU H 8 7.93 3.23 47.95
N VAL H 9 6.63 3.13 48.13
CA VAL H 9 5.66 3.39 47.07
C VAL H 9 4.72 4.49 47.57
N VAL H 10 4.61 5.58 46.81
CA VAL H 10 3.80 6.73 47.17
C VAL H 10 2.90 7.03 45.98
N ASP H 11 1.62 6.66 46.09
CA ASP H 11 0.64 6.92 45.03
C ASP H 11 -0.06 8.24 45.33
N ASN H 12 0.52 9.32 44.81
CA ASN H 12 -0.07 10.64 44.98
C ASN H 12 -1.10 10.92 43.89
N GLY H 13 -2.23 11.46 44.28
CA GLY H 13 -3.23 11.93 43.35
C GLY H 13 -3.80 13.27 43.75
N SER H 14 -4.84 13.72 43.06
CA SER H 14 -5.40 15.03 43.32
C SER H 14 -5.94 15.16 44.75
N GLY H 15 -6.43 14.06 45.32
CA GLY H 15 -7.11 14.15 46.60
C GLY H 15 -6.54 13.31 47.72
N MET H 16 -5.81 12.25 47.40
CA MET H 16 -5.36 11.29 48.40
C MET H 16 -3.89 10.94 48.22
N CYS H 17 -3.24 10.64 49.34
CA CYS H 17 -1.86 10.17 49.37
C CYS H 17 -1.83 8.78 50.01
N LYS H 18 -1.32 7.79 49.27
CA LYS H 18 -1.19 6.43 49.76
C LYS H 18 0.29 6.07 49.77
N ALA H 19 0.82 5.77 50.95
CA ALA H 19 2.23 5.51 51.12
C ALA H 19 2.44 4.17 51.81
N GLY H 20 3.57 3.53 51.53
CA GLY H 20 3.89 2.26 52.14
C GLY H 20 5.20 1.73 51.61
N PHE H 21 5.45 0.46 51.93
CA PHE H 21 6.67 -0.22 51.54
C PHE H 21 6.39 -1.21 50.41
N ALA H 22 7.35 -1.35 49.50
CA ALA H 22 7.24 -2.32 48.42
C ALA H 22 7.22 -3.74 48.98
N GLY H 23 6.45 -4.60 48.33
CA GLY H 23 6.22 -5.94 48.81
C GLY H 23 5.06 -6.08 49.77
N ASP H 24 4.55 -4.99 50.32
CA ASP H 24 3.35 -5.05 51.16
C ASP H 24 2.11 -5.08 50.29
N ASP H 25 1.06 -5.70 50.81
CA ASP H 25 -0.20 -5.86 50.08
C ASP H 25 -1.19 -4.74 50.35
N ALA H 26 -0.82 -3.75 51.16
CA ALA H 26 -1.68 -2.62 51.47
C ALA H 26 -0.83 -1.44 51.88
N PRO H 27 -1.22 -0.22 51.52
CA PRO H 27 -0.45 0.96 51.94
C PRO H 27 -0.51 1.14 53.46
N ARG H 28 0.65 1.43 54.05
CA ARG H 28 0.73 1.55 55.50
C ARG H 28 0.07 2.84 56.00
N ALA H 29 0.09 3.89 55.19
CA ALA H 29 -0.49 5.17 55.57
C ALA H 29 -1.32 5.72 54.42
N VAL H 30 -2.56 6.10 54.72
CA VAL H 30 -3.45 6.73 53.76
C VAL H 30 -4.05 7.97 54.41
N PHE H 31 -3.89 9.13 53.76
CA PHE H 31 -4.38 10.38 54.29
C PHE H 31 -4.65 11.31 53.11
N PRO H 32 -5.59 12.25 53.25
CA PRO H 32 -5.87 13.16 52.14
C PRO H 32 -4.70 14.07 51.84
N SER H 33 -4.54 14.40 50.56
CA SER H 33 -3.48 15.31 50.11
C SER H 33 -3.90 16.76 50.35
N ILE H 34 -3.99 17.11 51.64
CA ILE H 34 -4.53 18.39 52.07
C ILE H 34 -3.50 19.10 52.93
N VAL H 35 -3.27 20.38 52.63
CA VAL H 35 -2.58 21.30 53.53
C VAL H 35 -3.62 22.30 54.00
N GLY H 36 -3.49 22.72 55.25
CA GLY H 36 -4.42 23.67 55.83
C GLY H 36 -3.71 24.65 56.74
N ARG H 37 -4.20 25.89 56.71
CA ARG H 37 -3.68 26.92 57.59
C ARG H 37 -4.83 27.62 58.32
N PRO H 38 -4.62 28.04 59.56
CA PRO H 38 -5.70 28.68 60.32
C PRO H 38 -6.14 29.98 59.66
N ARG H 39 -7.45 30.22 59.70
CA ARG H 39 -8.05 31.40 59.11
C ARG H 39 -8.71 32.30 60.16
N HIS H 40 -8.39 32.11 61.43
CA HIS H 40 -9.00 32.88 62.51
C HIS H 40 -7.90 33.39 63.43
N GLN H 41 -8.29 34.26 64.36
CA GLN H 41 -7.34 34.91 65.26
C GLN H 41 -6.97 33.99 66.41
N GLY H 42 -5.68 33.68 66.54
CA GLY H 42 -5.20 32.91 67.67
C GLY H 42 -5.06 33.77 68.92
N VAL H 43 -5.88 33.49 69.93
CA VAL H 43 -5.93 34.33 71.13
C VAL H 43 -5.20 33.66 72.29
N MET H 44 -5.22 32.32 72.33
CA MET H 44 -4.61 31.60 73.44
C MET H 44 -3.12 31.40 73.19
N VAL H 45 -2.31 31.76 74.20
CA VAL H 45 -0.86 31.57 74.12
C VAL H 45 -0.53 30.12 74.40
N GLY H 46 0.63 29.69 73.93
CA GLY H 46 1.03 28.30 74.11
C GLY H 46 0.21 27.41 73.20
N MET H 47 -0.18 26.25 73.72
CA MET H 47 -1.09 25.31 73.06
C MET H 47 -0.39 24.63 71.88
N GLY H 48 0.83 25.07 71.56
CA GLY H 48 1.55 24.52 70.44
C GLY H 48 0.89 24.74 69.09
N GLN H 49 0.33 25.91 68.86
CA GLN H 49 -0.37 26.18 67.61
C GLN H 49 0.61 26.20 66.44
N LYS H 50 0.34 25.35 65.45
CA LYS H 50 1.16 25.30 64.25
C LYS H 50 0.60 26.26 63.20
N ASP H 51 1.51 26.79 62.37
CA ASP H 51 1.09 27.67 61.28
C ASP H 51 0.58 26.89 60.07
N SER H 52 0.75 25.57 60.04
CA SER H 52 0.27 24.76 58.94
C SER H 52 0.06 23.33 59.42
N TYR H 53 -0.99 22.70 58.90
CA TYR H 53 -1.35 21.34 59.23
C TYR H 53 -1.49 20.52 57.96
N VAL H 54 -1.15 19.24 58.04
CA VAL H 54 -1.07 18.38 56.87
C VAL H 54 -1.85 17.09 57.12
N GLY H 55 -2.56 16.64 56.09
CA GLY H 55 -3.18 15.32 56.13
C GLY H 55 -4.32 15.23 57.13
N ASP H 56 -4.30 14.15 57.92
CA ASP H 56 -5.40 13.87 58.83
C ASP H 56 -5.54 14.94 59.90
N GLU H 57 -4.43 15.55 60.32
CA GLU H 57 -4.50 16.61 61.32
C GLU H 57 -5.24 17.82 60.77
N ALA H 58 -5.02 18.17 59.51
CA ALA H 58 -5.77 19.25 58.89
C ALA H 58 -7.25 18.89 58.75
N GLN H 59 -7.54 17.63 58.42
CA GLN H 59 -8.92 17.20 58.30
C GLN H 59 -9.65 17.29 59.62
N SER H 60 -8.98 16.91 60.72
CA SER H 60 -9.62 16.95 62.04
C SER H 60 -9.86 18.40 62.47
N LYS H 61 -8.88 19.28 62.27
CA LYS H 61 -8.97 20.67 62.66
C LYS H 61 -9.54 21.56 61.56
N ARG H 62 -10.25 21.00 60.59
CA ARG H 62 -10.71 21.76 59.44
C ARG H 62 -11.71 22.86 59.81
N GLY H 63 -12.30 22.80 61.00
CA GLY H 63 -13.26 23.81 61.39
C GLY H 63 -12.68 25.20 61.56
N ILE H 64 -11.37 25.29 61.80
CA ILE H 64 -10.68 26.56 61.93
C ILE H 64 -9.66 26.78 60.82
N LEU H 65 -9.62 25.92 59.82
CA LEU H 65 -8.60 25.92 58.79
C LEU H 65 -9.19 26.19 57.42
N THR H 66 -8.40 26.80 56.55
CA THR H 66 -8.71 26.88 55.13
C THR H 66 -7.95 25.76 54.42
N LEU H 67 -8.68 24.82 53.83
CA LEU H 67 -8.08 23.64 53.23
C LEU H 67 -7.78 23.89 51.76
N LYS H 68 -6.56 23.55 51.34
CA LYS H 68 -6.07 23.77 50.00
C LYS H 68 -5.44 22.49 49.48
N TYR H 69 -5.79 22.11 48.25
CA TYR H 69 -5.25 20.91 47.63
C TYR H 69 -4.06 21.28 46.75
N PRO H 70 -2.84 20.86 47.10
CA PRO H 70 -1.68 21.19 46.26
C PRO H 70 -1.74 20.58 44.87
N ILE H 71 -2.51 19.51 44.66
CA ILE H 71 -2.70 18.91 43.34
C ILE H 71 -4.10 19.23 42.84
N GLU H 72 -4.18 19.71 41.60
CA GLU H 72 -5.45 19.88 40.92
C GLU H 72 -5.36 19.21 39.56
N HIC H 73 -6.25 18.26 39.29
CA HIC H 73 -6.26 17.50 38.05
C HIC H 73 -4.95 16.75 37.81
O HIC H 73 -4.45 16.70 36.69
CB HIC H 73 -6.56 18.42 36.86
CG HIC H 73 -7.93 18.97 36.85
ND1 HIC H 73 -9.04 18.16 36.83
CD2 HIC H 73 -8.32 20.28 36.87
CE1 HIC H 73 -10.06 18.97 36.84
NE2 HIC H 73 -9.69 20.27 36.87
CZ HIC H 73 -10.57 21.42 36.88
N GLY H 74 -4.40 16.17 38.87
CA GLY H 74 -3.20 15.36 38.77
C GLY H 74 -1.93 16.15 38.56
N ILE H 75 -2.03 17.48 38.64
CA ILE H 75 -0.92 18.38 38.40
C ILE H 75 -0.69 19.22 39.64
N VAL H 76 0.56 19.27 40.10
CA VAL H 76 0.89 20.05 41.29
C VAL H 76 0.86 21.53 40.94
N THR H 77 0.04 22.29 41.66
CA THR H 77 -0.10 23.72 41.42
C THR H 77 0.69 24.57 42.40
N ASN H 78 1.04 24.03 43.57
CA ASN H 78 1.82 24.77 44.57
C ASN H 78 2.82 23.79 45.18
N TRP H 79 4.07 23.84 44.71
CA TRP H 79 5.07 22.89 45.17
C TRP H 79 5.49 23.17 46.61
N ASP H 80 5.30 24.40 47.09
CA ASP H 80 5.62 24.70 48.48
C ASP H 80 4.78 23.88 49.45
N ASP H 81 3.59 23.47 49.03
CA ASP H 81 2.74 22.61 49.85
C ASP H 81 2.89 21.13 49.51
N MET H 82 3.28 20.80 48.28
CA MET H 82 3.64 19.41 47.99
C MET H 82 4.88 18.98 48.75
N GLU H 83 5.83 19.90 48.98
CA GLU H 83 6.95 19.57 49.84
C GLU H 83 6.48 19.26 51.25
N LYS H 84 5.48 20.00 51.75
CA LYS H 84 4.88 19.66 53.04
C LYS H 84 4.20 18.29 53.01
N ILE H 85 3.48 18.00 51.93
CA ILE H 85 2.81 16.70 51.79
C ILE H 85 3.82 15.57 51.86
N TRP H 86 4.90 15.68 51.08
CA TRP H 86 5.89 14.61 51.05
C TRP H 86 6.67 14.53 52.36
N HIS H 87 6.96 15.68 52.98
CA HIS H 87 7.64 15.65 54.26
C HIS H 87 6.80 14.97 55.32
N HIS H 88 5.50 15.27 55.35
CA HIS H 88 4.59 14.56 56.25
C HIS H 88 4.58 13.07 55.94
N THR H 89 4.47 12.71 54.66
CA THR H 89 4.45 11.32 54.25
C THR H 89 5.67 10.56 54.76
N PHE H 90 6.85 11.15 54.60
CA PHE H 90 8.07 10.43 54.97
C PHE H 90 8.32 10.45 56.48
N TYR H 91 8.31 11.65 57.09
CA TYR H 91 8.78 11.78 58.46
C TYR H 91 7.68 11.66 59.52
N ASN H 92 6.41 11.62 59.13
CA ASN H 92 5.32 11.55 60.10
C ASN H 92 4.43 10.33 59.89
N GLU H 93 4.09 10.01 58.64
CA GLU H 93 3.22 8.87 58.38
C GLU H 93 4.01 7.57 58.32
N LEU H 94 5.08 7.53 57.52
CA LEU H 94 5.91 6.35 57.41
C LEU H 94 7.00 6.29 58.47
N ARG H 95 7.44 7.44 58.97
CA ARG H 95 8.54 7.54 59.95
C ARG H 95 9.80 6.85 59.43
N VAL H 96 10.20 7.23 58.22
CA VAL H 96 11.39 6.69 57.59
C VAL H 96 12.22 7.83 57.01
N ALA H 97 13.50 7.54 56.79
CA ALA H 97 14.41 8.50 56.17
C ALA H 97 14.46 8.25 54.67
N PRO H 98 14.07 9.21 53.83
CA PRO H 98 14.11 8.99 52.37
C PRO H 98 15.51 8.78 51.83
N GLU H 99 16.55 9.19 52.58
CA GLU H 99 17.92 9.09 52.09
C GLU H 99 18.40 7.66 51.87
N GLU H 100 17.68 6.67 52.37
CA GLU H 100 18.10 5.28 52.25
C GLU H 100 17.03 4.38 51.67
N HIS H 101 15.96 4.93 51.09
CA HIS H 101 14.91 4.14 50.49
C HIS H 101 14.59 4.70 49.10
N PRO H 102 14.67 3.89 48.04
CA PRO H 102 14.16 4.32 46.74
C PRO H 102 12.66 4.58 46.82
N VAL H 103 12.20 5.54 46.03
CA VAL H 103 10.80 5.99 46.07
C VAL H 103 10.19 5.80 44.69
N LEU H 104 9.05 5.12 44.64
CA LEU H 104 8.31 4.93 43.39
C LEU H 104 7.09 5.86 43.41
N LEU H 105 7.11 6.87 42.56
CA LEU H 105 6.02 7.81 42.43
C LEU H 105 5.10 7.41 41.28
N THR H 106 3.90 8.00 41.27
CA THR H 106 2.90 7.74 40.24
C THR H 106 2.45 9.04 39.62
N GLU H 107 2.04 8.97 38.35
CA GLU H 107 1.55 10.15 37.63
C GLU H 107 0.54 9.73 36.58
N ALA H 108 -0.41 10.63 36.31
CA ALA H 108 -1.37 10.38 35.25
C ALA H 108 -0.75 10.64 33.88
N PRO H 109 -1.21 9.96 32.84
CA PRO H 109 -0.69 10.21 31.50
C PRO H 109 -1.15 11.56 30.96
N LEU H 110 -0.42 12.02 29.94
CA LEU H 110 -0.68 13.31 29.29
C LEU H 110 -0.56 14.47 30.27
N ASN H 111 0.24 14.29 31.33
CA ASN H 111 0.55 15.38 32.23
C ASN H 111 1.59 16.30 31.60
N PRO H 112 1.66 17.56 32.04
CA PRO H 112 2.79 18.40 31.64
C PRO H 112 4.09 17.80 32.13
N LYS H 113 5.04 17.62 31.21
CA LYS H 113 6.25 16.87 31.55
C LYS H 113 7.21 17.66 32.43
N ALA H 114 6.97 18.96 32.63
CA ALA H 114 7.72 19.69 33.64
C ALA H 114 7.30 19.30 35.05
N ASN H 115 6.11 18.70 35.21
CA ASN H 115 5.64 18.31 36.53
C ASN H 115 6.48 17.17 37.10
N ARG H 116 6.75 16.14 36.28
CA ARG H 116 7.57 15.04 36.75
C ARG H 116 9.04 15.44 36.89
N GLU H 117 9.49 16.43 36.13
CA GLU H 117 10.86 16.92 36.28
C GLU H 117 11.08 17.47 37.69
N LYS H 118 10.12 18.25 38.20
CA LYS H 118 10.27 18.78 39.55
C LYS H 118 10.07 17.70 40.60
N MET H 119 9.25 16.68 40.30
CA MET H 119 9.21 15.50 41.16
C MET H 119 10.60 14.90 41.32
N THR H 120 11.28 14.67 40.20
CA THR H 120 12.63 14.10 40.24
C THR H 120 13.58 15.02 40.99
N GLN H 121 13.53 16.32 40.71
CA GLN H 121 14.44 17.26 41.36
C GLN H 121 14.23 17.29 42.87
N ILE H 122 12.97 17.30 43.32
CA ILE H 122 12.70 17.33 44.75
C ILE H 122 13.10 16.02 45.40
N MET H 123 12.83 14.89 44.74
CA MET H 123 13.18 13.60 45.32
C MET H 123 14.69 13.42 45.43
N PHE H 124 15.46 14.00 44.51
CA PHE H 124 16.91 13.78 44.56
C PHE H 124 17.67 14.86 45.32
N GLU H 125 17.21 16.10 45.29
CA GLU H 125 17.94 17.19 45.95
C GLU H 125 17.39 17.50 47.33
N THR H 126 16.07 17.48 47.52
CA THR H 126 15.50 17.81 48.81
C THR H 126 15.47 16.62 49.75
N PHE H 127 15.15 15.43 49.25
CA PHE H 127 15.07 14.23 50.08
C PHE H 127 16.24 13.28 49.89
N ASN H 128 17.07 13.49 48.85
CA ASN H 128 18.28 12.70 48.62
C ASN H 128 17.99 11.20 48.52
N THR H 129 16.90 10.85 47.85
CA THR H 129 16.55 9.44 47.70
C THR H 129 17.58 8.73 46.85
N PRO H 130 18.00 7.51 47.21
CA PRO H 130 18.98 6.78 46.39
C PRO H 130 18.49 6.50 44.98
N ALA H 131 17.20 6.28 44.78
CA ALA H 131 16.65 5.99 43.47
C ALA H 131 15.21 6.48 43.42
N MET H 132 14.71 6.67 42.20
CA MET H 132 13.35 7.17 42.02
C MET H 132 12.81 6.67 40.69
N TYR H 133 11.49 6.64 40.59
CA TYR H 133 10.81 6.26 39.35
C TYR H 133 9.43 6.89 39.36
N VAL H 134 8.90 7.12 38.16
CA VAL H 134 7.56 7.69 37.97
C VAL H 134 6.82 6.79 37.00
N ALA H 135 5.91 5.97 37.53
CA ALA H 135 5.12 5.05 36.72
C ALA H 135 3.72 5.61 36.47
N ILE H 136 3.13 5.19 35.35
CA ILE H 136 1.78 5.62 35.01
C ILE H 136 0.78 4.91 35.92
N GLN H 137 -0.18 5.67 36.44
CA GLN H 137 -1.12 5.14 37.44
C GLN H 137 -1.94 3.98 36.88
N ALA H 138 -2.42 4.11 35.64
CA ALA H 138 -3.26 3.05 35.07
C ALA H 138 -2.46 1.80 34.73
N VAL H 139 -1.15 1.92 34.51
CA VAL H 139 -0.34 0.74 34.26
C VAL H 139 -0.19 -0.09 35.53
N LEU H 140 -0.02 0.59 36.68
CA LEU H 140 0.16 -0.12 37.94
C LEU H 140 -1.09 -0.92 38.29
N SER H 141 -2.27 -0.36 38.06
CA SER H 141 -3.50 -1.06 38.38
C SER H 141 -3.68 -2.33 37.56
N LEU H 142 -3.00 -2.44 36.41
CA LEU H 142 -3.00 -3.71 35.69
C LEU H 142 -2.11 -4.74 36.39
N TYR H 143 -1.02 -4.28 37.02
CA TYR H 143 -0.17 -5.17 37.79
C TYR H 143 -0.94 -5.78 38.97
N ALA H 144 -1.75 -4.98 39.65
CA ALA H 144 -2.51 -5.47 40.79
C ALA H 144 -3.55 -6.51 40.37
N SER H 145 -4.09 -6.37 39.17
CA SER H 145 -5.06 -7.35 38.67
C SER H 145 -4.41 -8.63 38.20
N GLY H 146 -3.08 -8.69 38.15
CA GLY H 146 -2.40 -9.88 37.69
C GLY H 146 -2.51 -10.12 36.20
N ARG H 147 -2.72 -9.07 35.41
CA ARG H 147 -2.94 -9.20 33.97
C ARG H 147 -1.83 -8.49 33.20
N THR H 148 -1.61 -8.95 31.98
CA THR H 148 -0.78 -8.24 31.02
C THR H 148 -1.57 -7.78 29.81
N THR H 149 -2.86 -8.08 29.75
CA THR H 149 -3.72 -7.65 28.65
C THR H 149 -5.01 -7.06 29.24
N GLY H 150 -5.38 -5.89 28.75
CA GLY H 150 -6.60 -5.25 29.19
C GLY H 150 -6.47 -3.75 29.15
N ILE H 151 -7.63 -3.09 29.19
CA ILE H 151 -7.71 -1.64 29.22
C ILE H 151 -8.14 -1.21 30.63
N VAL H 152 -7.41 -0.28 31.22
CA VAL H 152 -7.64 0.13 32.59
C VAL H 152 -8.29 1.51 32.58
N MET H 153 -9.51 1.58 33.12
CA MET H 153 -10.22 2.84 33.32
C MET H 153 -9.99 3.28 34.76
N ASP H 154 -9.02 4.18 34.94
CA ASP H 154 -8.64 4.67 36.26
C ASP H 154 -9.29 6.01 36.51
N SER H 155 -9.98 6.14 37.65
CA SER H 155 -10.69 7.37 38.00
C SER H 155 -10.38 7.72 39.44
N GLY H 156 -9.54 8.73 39.63
CA GLY H 156 -9.17 9.21 40.95
C GLY H 156 -9.95 10.45 41.33
N ASP H 157 -9.29 11.34 42.08
CA ASP H 157 -9.94 12.56 42.53
C ASP H 157 -9.95 13.66 41.49
N GLY H 158 -8.99 13.67 40.57
CA GLY H 158 -8.93 14.76 39.60
C GLY H 158 -8.73 14.34 38.15
N VAL H 159 -8.38 13.09 37.90
CA VAL H 159 -8.06 12.61 36.56
C VAL H 159 -8.80 11.32 36.29
N THR H 160 -9.33 11.19 35.07
CA THR H 160 -9.81 9.94 34.51
C THR H 160 -8.98 9.62 33.28
N HIS H 161 -8.39 8.44 33.23
CA HIS H 161 -7.58 8.07 32.08
C HIS H 161 -7.72 6.59 31.79
N THR H 162 -7.73 6.25 30.50
CA THR H 162 -7.80 4.86 30.04
C THR H 162 -6.53 4.54 29.27
N VAL H 163 -5.88 3.43 29.62
CA VAL H 163 -4.64 3.01 29.00
C VAL H 163 -4.82 1.58 28.50
N PRO H 164 -4.77 1.34 27.18
CA PRO H 164 -4.85 -0.04 26.68
C PRO H 164 -3.50 -0.73 26.64
N ILE H 165 -3.43 -1.96 27.14
CA ILE H 165 -2.22 -2.76 27.12
C ILE H 165 -2.57 -4.15 26.61
N TYR H 166 -1.76 -4.67 25.68
CA TYR H 166 -1.98 -5.99 25.11
C TYR H 166 -0.68 -6.79 25.20
N GLU H 167 -0.69 -7.81 26.07
CA GLU H 167 0.45 -8.70 26.28
C GLU H 167 1.75 -7.93 26.55
N GLY H 168 1.70 -6.91 27.38
CA GLY H 168 2.86 -6.19 27.82
C GLY H 168 3.12 -4.89 27.09
N TYR H 169 2.52 -4.69 25.93
CA TYR H 169 2.74 -3.49 25.11
C TYR H 169 1.55 -2.56 25.20
N ALA H 170 1.79 -1.33 25.65
CA ALA H 170 0.76 -0.31 25.68
C ALA H 170 0.67 0.39 24.34
N LEU H 171 -0.51 0.93 24.05
CA LEU H 171 -0.72 1.70 22.82
C LEU H 171 -0.88 3.17 23.18
N PRO H 172 0.21 3.93 23.20
CA PRO H 172 0.14 5.32 23.68
C PRO H 172 -0.78 6.21 22.85
N HIS H 173 -0.98 5.92 21.56
CA HIS H 173 -1.86 6.74 20.76
C HIS H 173 -3.32 6.56 21.13
N ALA H 174 -3.67 5.42 21.74
CA ALA H 174 -5.05 5.16 22.15
C ALA H 174 -5.34 5.59 23.58
N ILE H 175 -4.34 6.11 24.30
CA ILE H 175 -4.54 6.56 25.67
C ILE H 175 -5.38 7.83 25.66
N LEU H 176 -6.48 7.82 26.41
CA LEU H 176 -7.39 8.95 26.49
C LEU H 176 -7.42 9.49 27.91
N ARG H 177 -7.66 10.78 28.03
CA ARG H 177 -7.67 11.45 29.33
C ARG H 177 -8.87 12.38 29.44
N LEU H 178 -9.55 12.31 30.59
CA LEU H 178 -10.65 13.19 30.94
C LEU H 178 -10.24 13.96 32.20
N ASP H 179 -10.38 15.28 32.15
CA ASP H 179 -10.18 16.12 33.34
C ASP H 179 -11.49 16.23 34.12
N LEU H 180 -12.02 15.06 34.47
CA LEU H 180 -13.29 14.94 35.17
C LEU H 180 -13.20 13.76 36.12
N ALA H 181 -13.38 14.01 37.42
CA ALA H 181 -13.20 12.96 38.41
C ALA H 181 -13.95 13.35 39.69
N GLY H 182 -13.58 12.72 40.81
CA GLY H 182 -14.36 12.87 42.04
C GLY H 182 -14.48 14.29 42.54
N ARG H 183 -13.48 15.14 42.27
CA ARG H 183 -13.57 16.52 42.72
C ARG H 183 -14.68 17.27 41.97
N ASP H 184 -14.78 17.06 40.67
CA ASP H 184 -15.86 17.66 39.90
C ASP H 184 -17.22 17.15 40.36
N LEU H 185 -17.31 15.86 40.69
CA LEU H 185 -18.56 15.31 41.22
C LEU H 185 -18.91 15.91 42.58
N THR H 186 -17.90 16.14 43.43
CA THR H 186 -18.15 16.78 44.72
C THR H 186 -18.66 18.21 44.54
N ASP H 187 -18.04 18.96 43.62
CA ASP H 187 -18.51 20.31 43.34
C ASP H 187 -19.92 20.30 42.76
N TYR H 188 -20.22 19.33 41.89
CA TYR H 188 -21.55 19.22 41.32
C TYR H 188 -22.58 18.88 42.39
N LEU H 189 -22.22 18.00 43.33
CA LEU H 189 -23.12 17.68 44.43
C LEU H 189 -23.36 18.89 45.32
N MET H 190 -22.31 19.68 45.57
CA MET H 190 -22.49 20.94 46.27
C MET H 190 -23.46 21.85 45.54
N LYS H 191 -23.36 21.89 44.21
CA LYS H 191 -24.26 22.74 43.41
C LYS H 191 -25.70 22.26 43.50
N ILE H 192 -25.94 20.97 43.29
CA ILE H 192 -27.31 20.47 43.20
C ILE H 192 -27.96 20.35 44.56
N LEU H 193 -27.17 20.30 45.64
CA LEU H 193 -27.76 20.27 46.97
C LEU H 193 -28.43 21.60 47.33
N THR H 194 -28.10 22.69 46.63
CA THR H 194 -28.76 23.95 46.88
C THR H 194 -30.23 23.94 46.47
N GLU H 195 -30.64 22.95 45.66
CA GLU H 195 -32.04 22.84 45.30
C GLU H 195 -32.91 22.55 46.51
N ARG H 196 -32.34 21.95 47.55
CA ARG H 196 -33.04 21.71 48.80
C ARG H 196 -32.71 22.72 49.88
N GLY H 197 -31.98 23.79 49.53
CA GLY H 197 -31.63 24.81 50.49
C GLY H 197 -30.33 24.60 51.23
N TYR H 198 -29.63 23.50 50.98
CA TYR H 198 -28.35 23.28 51.62
C TYR H 198 -27.29 24.15 50.95
N SER H 199 -26.48 24.84 51.77
CA SER H 199 -25.60 25.90 51.29
C SER H 199 -24.17 25.65 51.78
N PHE H 200 -23.66 24.46 51.51
CA PHE H 200 -22.27 24.14 51.82
C PHE H 200 -21.35 24.94 50.90
N THR H 201 -20.52 25.80 51.49
CA THR H 201 -19.67 26.70 50.71
C THR H 201 -18.20 26.59 51.05
N THR H 202 -17.85 26.45 52.32
CA THR H 202 -16.45 26.45 52.73
C THR H 202 -15.75 25.15 52.31
N THR H 203 -14.42 25.16 52.45
CA THR H 203 -13.64 23.96 52.11
C THR H 203 -13.93 22.82 53.08
N ALA H 204 -14.13 23.13 54.37
CA ALA H 204 -14.55 22.10 55.32
C ALA H 204 -15.91 21.54 54.94
N GLU H 205 -16.83 22.40 54.51
CA GLU H 205 -18.11 21.91 54.02
C GLU H 205 -17.96 21.16 52.70
N ARG H 206 -16.92 21.48 51.92
CA ARG H 206 -16.62 20.66 50.75
C ARG H 206 -16.18 19.26 51.16
N GLU H 207 -15.41 19.15 52.24
CA GLU H 207 -15.08 17.83 52.78
C GLU H 207 -16.33 17.11 53.28
N ILE H 208 -17.25 17.84 53.90
CA ILE H 208 -18.51 17.25 54.34
C ILE H 208 -19.30 16.70 53.16
N VAL H 209 -19.37 17.48 52.07
CA VAL H 209 -20.06 17.04 50.87
C VAL H 209 -19.35 15.86 50.23
N ARG H 210 -18.01 15.83 50.30
CA ARG H 210 -17.26 14.67 49.81
C ARG H 210 -17.62 13.42 50.61
N ASP H 211 -17.76 13.55 51.92
CA ASP H 211 -18.18 12.42 52.74
C ASP H 211 -19.60 11.98 52.37
N ILE H 212 -20.50 12.94 52.14
CA ILE H 212 -21.86 12.61 51.72
C ILE H 212 -21.83 11.86 50.40
N LYS H 213 -21.01 12.33 49.46
CA LYS H 213 -20.88 11.69 48.16
C LYS H 213 -20.36 10.27 48.28
N GLU H 214 -19.34 10.07 49.13
CA GLU H 214 -18.76 8.74 49.28
C GLU H 214 -19.73 7.78 49.98
N LYS H 215 -20.56 8.29 50.88
CA LYS H 215 -21.43 7.41 51.65
C LYS H 215 -22.75 7.11 50.94
N LEU H 216 -23.31 8.09 50.21
CA LEU H 216 -24.67 7.98 49.74
C LEU H 216 -24.83 8.01 48.21
N CYS H 217 -23.90 8.61 47.46
CA CYS H 217 -24.02 8.63 46.01
C CYS H 217 -23.82 7.23 45.43
N TYR H 218 -24.50 6.97 44.32
CA TYR H 218 -24.41 5.69 43.63
C TYR H 218 -24.87 5.88 42.19
N VAL H 219 -24.50 4.93 41.34
CA VAL H 219 -24.75 5.00 39.90
C VAL H 219 -26.03 4.24 39.58
N ALA H 220 -26.95 4.92 38.90
CA ALA H 220 -28.18 4.29 38.44
C ALA H 220 -27.93 3.45 37.19
N LEU H 221 -28.60 2.31 37.11
CA LEU H 221 -28.49 1.47 35.91
C LEU H 221 -29.24 2.07 34.73
N ASP H 222 -30.40 2.67 34.97
CA ASP H 222 -31.16 3.40 33.95
C ASP H 222 -31.55 4.73 34.58
N PHE H 223 -30.91 5.81 34.12
CA PHE H 223 -31.05 7.10 34.79
C PHE H 223 -32.48 7.63 34.72
N GLU H 224 -33.13 7.52 33.56
CA GLU H 224 -34.49 8.03 33.43
C GLU H 224 -35.48 7.22 34.24
N GLN H 225 -35.32 5.90 34.29
CA GLN H 225 -36.20 5.08 35.12
C GLN H 225 -36.02 5.40 36.60
N GLU H 226 -34.79 5.65 37.04
CA GLU H 226 -34.57 6.02 38.44
C GLU H 226 -35.12 7.41 38.73
N MET H 227 -35.03 8.32 37.77
CA MET H 227 -35.67 9.63 37.94
C MET H 227 -37.18 9.48 38.09
N ALA H 228 -37.79 8.60 37.29
CA ALA H 228 -39.22 8.35 37.42
C ALA H 228 -39.54 7.72 38.78
N THR H 229 -38.71 6.79 39.23
CA THR H 229 -38.92 6.16 40.54
C THR H 229 -38.80 7.19 41.66
N ALA H 230 -37.93 8.18 41.48
CA ALA H 230 -37.76 9.23 42.49
C ALA H 230 -38.98 10.13 42.62
N ALA H 231 -39.95 10.03 41.71
CA ALA H 231 -41.21 10.75 41.91
C ALA H 231 -41.94 10.23 43.14
N SER H 232 -42.00 8.91 43.30
CA SER H 232 -42.37 8.30 44.58
C SER H 232 -41.13 8.33 45.48
N SER H 233 -40.91 9.51 46.07
CA SER H 233 -39.60 9.86 46.61
C SER H 233 -39.22 9.01 47.83
N SER H 234 -40.20 8.59 48.63
CA SER H 234 -39.92 8.07 49.96
C SER H 234 -38.95 6.89 49.95
N SER H 235 -38.93 6.08 48.89
CA SER H 235 -38.05 4.92 48.86
C SER H 235 -36.60 5.30 48.59
N LEU H 236 -36.36 6.40 47.89
CA LEU H 236 -35.00 6.80 47.51
C LEU H 236 -34.34 7.72 48.52
N GLU H 237 -35.12 8.42 49.34
CA GLU H 237 -34.58 9.45 50.21
C GLU H 237 -33.77 8.84 51.35
N LYS H 238 -32.60 9.42 51.62
CA LYS H 238 -31.71 8.97 52.68
C LYS H 238 -31.33 10.15 53.56
N SER H 239 -31.00 9.86 54.82
CA SER H 239 -30.65 10.87 55.79
C SER H 239 -29.16 10.81 56.11
N TYR H 240 -28.54 11.98 56.22
CA TYR H 240 -27.14 12.12 56.61
C TYR H 240 -27.03 13.18 57.69
N GLU H 241 -26.28 12.88 58.75
CA GLU H 241 -26.14 13.77 59.89
C GLU H 241 -24.85 14.57 59.77
N LEU H 242 -24.99 15.90 59.79
CA LEU H 242 -23.83 16.79 59.74
C LEU H 242 -23.05 16.70 61.05
N PRO H 243 -21.78 17.13 61.05
CA PRO H 243 -20.97 17.04 62.27
C PRO H 243 -21.44 17.95 63.40
N ASP H 244 -22.50 18.72 63.18
CA ASP H 244 -23.05 19.59 64.21
C ASP H 244 -24.41 19.14 64.72
N GLY H 245 -24.97 18.05 64.18
CA GLY H 245 -26.21 17.50 64.67
C GLY H 245 -27.41 17.67 63.76
N GLN H 246 -27.41 18.66 62.87
CA GLN H 246 -28.49 18.78 61.90
C GLN H 246 -28.35 17.71 60.82
N VAL H 247 -29.47 17.13 60.41
CA VAL H 247 -29.47 16.07 59.42
C VAL H 247 -30.11 16.58 58.14
N ILE H 248 -29.50 16.27 57.01
CA ILE H 248 -30.01 16.63 55.69
C ILE H 248 -30.62 15.38 55.05
N THR H 249 -31.50 15.60 54.07
CA THR H 249 -32.11 14.52 53.31
C THR H 249 -31.70 14.65 51.85
N ILE H 250 -31.25 13.55 51.26
CA ILE H 250 -30.83 13.51 49.87
C ILE H 250 -31.68 12.47 49.14
N GLY H 251 -32.11 12.82 47.93
CA GLY H 251 -33.05 12.01 47.18
C GLY H 251 -32.51 11.60 45.83
N ASN H 252 -33.14 12.09 44.76
CA ASN H 252 -32.66 11.80 43.41
C ASN H 252 -31.23 12.32 43.19
N GLU H 253 -30.77 13.24 44.03
CA GLU H 253 -29.39 13.69 43.94
C GLU H 253 -28.42 12.53 44.14
N ARG H 254 -28.82 11.48 44.85
CA ARG H 254 -27.92 10.37 45.12
C ARG H 254 -27.40 9.74 43.84
N PHE H 255 -28.27 9.56 42.84
CA PHE H 255 -27.84 9.01 41.56
C PHE H 255 -27.62 10.08 40.49
N ARG H 256 -28.15 11.29 40.67
CA ARG H 256 -27.77 12.39 39.79
C ARG H 256 -26.34 12.84 40.05
N CYS H 257 -25.80 12.51 41.22
CA CYS H 257 -24.45 12.79 41.68
C CYS H 257 -23.35 12.09 40.87
N PRO H 258 -23.42 10.77 40.63
CA PRO H 258 -22.42 10.15 39.75
C PRO H 258 -22.77 10.19 38.28
N GLU H 259 -23.99 10.59 37.91
CA GLU H 259 -24.41 10.54 36.52
C GLU H 259 -23.57 11.49 35.66
N ALA H 260 -22.94 12.50 36.27
CA ALA H 260 -22.09 13.41 35.51
C ALA H 260 -20.90 12.68 34.88
N LEU H 261 -20.54 11.51 35.39
CA LEU H 261 -19.50 10.71 34.76
C LEU H 261 -19.94 10.20 33.38
N PHE H 262 -21.21 9.80 33.25
CA PHE H 262 -21.71 9.27 32.00
C PHE H 262 -22.36 10.33 31.12
N GLN H 263 -22.78 11.45 31.70
CA GLN H 263 -23.30 12.61 30.96
C GLN H 263 -22.55 13.84 31.44
N PRO H 264 -21.36 14.09 30.89
CA PRO H 264 -20.60 15.29 31.31
C PRO H 264 -21.30 16.59 31.00
N SER H 265 -22.34 16.58 30.15
CA SER H 265 -23.10 17.79 29.89
C SER H 265 -23.81 18.31 31.13
N PHE H 266 -23.96 17.47 32.17
CA PHE H 266 -24.48 17.96 33.44
C PHE H 266 -23.61 19.05 34.02
N LEU H 267 -22.31 18.99 33.78
CA LEU H 267 -21.36 19.99 34.25
C LEU H 267 -21.10 21.08 33.23
N GLY H 268 -21.80 21.08 32.10
CA GLY H 268 -21.51 21.98 31.01
C GLY H 268 -20.36 21.55 30.13
N MET H 269 -19.82 20.35 30.35
CA MET H 269 -18.68 19.86 29.57
C MET H 269 -19.15 19.21 28.28
N GLU H 270 -18.32 19.32 27.24
CA GLU H 270 -18.63 18.78 25.93
C GLU H 270 -18.15 17.34 25.75
N SER H 271 -17.27 16.86 26.62
CA SER H 271 -16.59 15.59 26.40
C SER H 271 -17.53 14.41 26.57
N CYS H 272 -17.08 13.26 26.08
CA CYS H 272 -17.85 12.03 26.19
C CYS H 272 -17.82 11.50 27.61
N GLY H 273 -18.75 10.61 27.92
CA GLY H 273 -18.79 9.98 29.22
C GLY H 273 -17.66 9.00 29.41
N ILE H 274 -17.56 8.48 30.64
CA ILE H 274 -16.49 7.53 30.97
C ILE H 274 -16.69 6.23 30.19
N HIS H 275 -17.93 5.86 29.90
CA HIS H 275 -18.19 4.66 29.12
C HIS H 275 -17.74 4.85 27.67
N GLU H 276 -17.98 6.04 27.10
CA GLU H 276 -17.61 6.26 25.71
C GLU H 276 -16.11 6.49 25.56
N THR H 277 -15.47 7.05 26.58
CA THR H 277 -14.02 7.20 26.52
C THR H 277 -13.28 5.87 26.64
N THR H 278 -13.94 4.83 27.15
CA THR H 278 -13.34 3.50 27.14
C THR H 278 -13.57 2.82 25.79
N PHE H 279 -14.79 2.93 25.26
CA PHE H 279 -15.10 2.35 23.96
C PHE H 279 -14.26 2.99 22.85
N ASN H 280 -14.11 4.31 22.89
CA ASN H 280 -13.27 4.99 21.90
C ASN H 280 -11.81 4.56 22.04
N SER H 281 -11.34 4.40 23.27
CA SER H 281 -9.97 3.96 23.49
C SER H 281 -9.74 2.56 22.93
N ILE H 282 -10.72 1.67 23.11
CA ILE H 282 -10.63 0.33 22.52
C ILE H 282 -10.65 0.43 20.99
N MET H 283 -11.51 1.28 20.44
CA MET H 283 -11.61 1.42 18.99
C MET H 283 -10.34 1.99 18.38
N LYS H 284 -9.62 2.82 19.11
CA LYS H 284 -8.37 3.37 18.59
C LYS H 284 -7.26 2.32 18.52
N CYS H 285 -7.46 1.16 19.14
CA CYS H 285 -6.47 0.09 19.09
C CYS H 285 -6.66 -0.76 17.84
N ASP H 286 -5.76 -1.73 17.67
CA ASP H 286 -5.83 -2.61 16.51
C ASP H 286 -7.04 -3.53 16.60
N VAL H 287 -7.52 -3.95 15.43
CA VAL H 287 -8.73 -4.77 15.35
C VAL H 287 -8.56 -6.08 16.10
N ASP H 288 -7.39 -6.71 15.97
CA ASP H 288 -7.19 -8.06 16.50
C ASP H 288 -7.12 -8.08 18.03
N ILE H 289 -6.78 -6.97 18.67
CA ILE H 289 -6.65 -6.96 20.12
C ILE H 289 -7.89 -6.45 20.84
N ARG H 290 -8.89 -5.96 20.10
CA ARG H 290 -10.08 -5.42 20.75
C ARG H 290 -10.85 -6.49 21.51
N LYS H 291 -10.91 -7.70 20.96
CA LYS H 291 -11.65 -8.78 21.60
C LYS H 291 -11.17 -9.03 23.03
N ASP H 292 -9.85 -9.05 23.23
CA ASP H 292 -9.30 -9.23 24.56
C ASP H 292 -9.43 -7.99 25.43
N LEU H 293 -9.55 -6.81 24.82
CA LEU H 293 -9.72 -5.58 25.61
C LEU H 293 -11.12 -5.47 26.18
N TYR H 294 -12.13 -5.97 25.47
CA TYR H 294 -13.49 -5.98 26.01
C TYR H 294 -13.59 -6.88 27.23
N ALA H 295 -12.96 -8.05 27.19
CA ALA H 295 -13.08 -9.02 28.28
C ALA H 295 -12.17 -8.70 29.45
N ASN H 296 -11.33 -7.67 29.35
CA ASN H 296 -10.38 -7.33 30.40
C ASN H 296 -10.40 -5.83 30.68
N THR H 297 -11.60 -5.27 30.79
CA THR H 297 -11.76 -3.86 31.14
C THR H 297 -11.68 -3.75 32.67
N VAL H 298 -10.57 -3.20 33.17
CA VAL H 298 -10.29 -3.16 34.60
C VAL H 298 -10.62 -1.76 35.11
N LEU H 299 -11.34 -1.70 36.22
CA LEU H 299 -11.67 -0.43 36.88
C LEU H 299 -10.79 -0.24 38.10
N SER H 300 -10.28 0.98 38.27
CA SER H 300 -9.44 1.32 39.41
C SER H 300 -9.67 2.77 39.78
N GLY H 301 -9.22 3.13 40.98
CA GLY H 301 -9.40 4.49 41.47
C GLY H 301 -10.57 4.62 42.44
N GLY H 302 -10.54 5.69 43.24
CA GLY H 302 -11.58 5.88 44.24
C GLY H 302 -12.92 6.27 43.65
N THR H 303 -12.93 6.99 42.53
CA THR H 303 -14.19 7.42 41.94
C THR H 303 -15.01 6.24 41.41
N THR H 304 -14.35 5.18 40.94
CA THR H 304 -15.06 4.01 40.45
C THR H 304 -15.63 3.15 41.57
N MET H 305 -15.70 3.65 42.79
CA MET H 305 -16.22 2.89 43.92
C MET H 305 -17.71 3.09 44.14
N TYR H 306 -18.39 3.84 43.26
CA TYR H 306 -19.83 4.00 43.38
C TYR H 306 -20.51 2.65 43.22
N PRO H 307 -21.51 2.34 44.05
CA PRO H 307 -22.29 1.10 43.82
C PRO H 307 -22.99 1.13 42.48
N GLY H 308 -22.94 -0.01 41.79
CA GLY H 308 -23.59 -0.14 40.50
C GLY H 308 -22.85 0.45 39.33
N ILE H 309 -21.66 1.02 39.54
CA ILE H 309 -20.92 1.61 38.43
C ILE H 309 -20.41 0.53 37.48
N ALA H 310 -20.04 -0.64 38.02
CA ALA H 310 -19.58 -1.73 37.16
C ALA H 310 -20.70 -2.24 36.26
N ASP H 311 -21.91 -2.39 36.81
CA ASP H 311 -23.04 -2.84 36.01
C ASP H 311 -23.41 -1.81 34.95
N ARG H 312 -23.37 -0.53 35.30
CA ARG H 312 -23.66 0.52 34.32
C ARG H 312 -22.62 0.53 33.22
N MET H 313 -21.34 0.40 33.58
CA MET H 313 -20.28 0.36 32.57
C MET H 313 -20.44 -0.85 31.67
N GLN H 314 -20.81 -2.00 32.25
CA GLN H 314 -21.08 -3.18 31.44
C GLN H 314 -22.24 -2.95 30.49
N LYS H 315 -23.31 -2.31 30.97
CA LYS H 315 -24.48 -2.06 30.15
C LYS H 315 -24.16 -1.12 28.99
N GLU H 316 -23.49 0.00 29.30
CA GLU H 316 -23.24 1.02 28.27
C GLU H 316 -22.26 0.52 27.22
N ILE H 317 -21.18 -0.15 27.64
CA ILE H 317 -20.20 -0.64 26.67
C ILE H 317 -20.80 -1.74 25.81
N THR H 318 -21.68 -2.58 26.37
CA THR H 318 -22.33 -3.61 25.57
C THR H 318 -23.16 -2.99 24.44
N ALA H 319 -23.85 -1.88 24.73
CA ALA H 319 -24.64 -1.21 23.69
C ALA H 319 -23.77 -0.58 22.61
N LEU H 320 -22.50 -0.31 22.89
CA LEU H 320 -21.60 0.30 21.91
C LEU H 320 -20.79 -0.75 21.14
N ALA H 321 -20.18 -1.68 21.86
CA ALA H 321 -19.32 -2.69 21.26
C ALA H 321 -20.14 -3.62 20.36
N PRO H 322 -19.50 -4.29 19.40
CA PRO H 322 -20.24 -5.24 18.55
C PRO H 322 -20.90 -6.33 19.39
N SER H 323 -22.07 -6.77 18.93
CA SER H 323 -22.95 -7.62 19.74
C SER H 323 -22.32 -8.95 20.10
N THR H 324 -21.39 -9.46 19.30
CA THR H 324 -20.82 -10.78 19.54
C THR H 324 -19.72 -10.78 20.60
N MET H 325 -19.22 -9.61 20.97
CA MET H 325 -18.14 -9.55 21.96
C MET H 325 -18.67 -9.77 23.37
N LYS H 326 -17.84 -10.38 24.21
CA LYS H 326 -18.14 -10.58 25.62
C LYS H 326 -17.53 -9.42 26.40
N ILE H 327 -18.39 -8.61 27.02
CA ILE H 327 -17.95 -7.45 27.80
C ILE H 327 -17.86 -7.88 29.26
N LYS H 328 -16.67 -7.81 29.82
CA LYS H 328 -16.44 -8.12 31.23
C LYS H 328 -15.79 -6.91 31.90
N ILE H 329 -16.45 -6.38 32.93
CA ILE H 329 -15.94 -5.24 33.69
C ILE H 329 -15.39 -5.81 34.99
N ILE H 330 -14.07 -5.90 35.09
CA ILE H 330 -13.41 -6.41 36.29
C ILE H 330 -13.33 -5.27 37.30
N ALA H 331 -14.10 -5.38 38.38
CA ALA H 331 -14.15 -4.37 39.44
C ALA H 331 -13.77 -5.04 40.75
N PRO H 332 -12.48 -5.11 41.08
CA PRO H 332 -12.04 -5.81 42.30
C PRO H 332 -12.51 -5.07 43.54
N PRO H 333 -12.55 -5.74 44.70
CA PRO H 333 -12.97 -5.05 45.93
C PRO H 333 -12.07 -3.90 46.31
N GLU H 334 -10.80 -3.93 45.92
CA GLU H 334 -9.82 -2.92 46.32
C GLU H 334 -9.43 -1.99 45.17
N ARG H 335 -10.41 -1.60 44.34
CA ARG H 335 -10.19 -0.59 43.30
C ARG H 335 -9.63 0.69 43.90
N LYS H 336 -10.03 1.02 45.13
CA LYS H 336 -9.51 2.21 45.78
C LYS H 336 -7.99 2.18 45.91
N TYR H 337 -7.41 0.99 46.08
CA TYR H 337 -5.99 0.84 46.32
C TYR H 337 -5.26 0.09 45.21
N SER H 338 -5.89 -0.11 44.05
CA SER H 338 -5.30 -0.93 43.00
C SER H 338 -4.00 -0.34 42.47
N VAL H 339 -3.92 0.99 42.36
CA VAL H 339 -2.71 1.61 41.82
C VAL H 339 -1.52 1.39 42.76
N TRP H 340 -1.74 1.58 44.06
CA TRP H 340 -0.65 1.40 45.01
C TRP H 340 -0.18 -0.05 45.07
N ILE H 341 -1.13 -0.99 45.01
CA ILE H 341 -0.75 -2.41 45.02
C ILE H 341 0.08 -2.76 43.80
N GLY H 342 -0.32 -2.25 42.64
CA GLY H 342 0.47 -2.46 41.43
C GLY H 342 1.84 -1.83 41.52
N GLY H 343 1.93 -0.66 42.16
CA GLY H 343 3.24 -0.05 42.37
C GLY H 343 4.12 -0.87 43.30
N SER H 344 3.53 -1.41 44.37
CA SER H 344 4.31 -2.24 45.29
C SER H 344 4.76 -3.53 44.62
N ILE H 345 3.92 -4.10 43.75
CA ILE H 345 4.33 -5.27 42.98
C ILE H 345 5.46 -4.90 42.03
N LEU H 346 5.34 -3.77 41.36
CA LEU H 346 6.37 -3.33 40.40
C LEU H 346 7.70 -3.08 41.09
N ALA H 347 7.69 -2.36 42.22
CA ALA H 347 8.93 -1.96 42.87
C ALA H 347 9.69 -3.14 43.45
N SER H 348 9.01 -4.25 43.75
CA SER H 348 9.64 -5.42 44.33
C SER H 348 10.08 -6.45 43.29
N LEU H 349 9.78 -6.22 42.02
CA LEU H 349 10.19 -7.15 40.97
C LEU H 349 11.70 -7.15 40.80
N SER H 350 12.26 -8.34 40.62
CA SER H 350 13.71 -8.45 40.41
C SER H 350 14.13 -7.79 39.11
N THR H 351 13.32 -7.92 38.06
CA THR H 351 13.63 -7.32 36.77
C THR H 351 13.45 -5.81 36.74
N PHE H 352 12.86 -5.23 37.79
CA PHE H 352 12.64 -3.79 37.87
C PHE H 352 13.81 -3.04 38.51
N GLN H 353 14.73 -3.74 39.17
CA GLN H 353 15.76 -3.08 39.96
C GLN H 353 16.75 -2.28 39.11
N GLN H 354 16.88 -2.60 37.83
CA GLN H 354 17.78 -1.84 36.96
C GLN H 354 17.07 -0.71 36.23
N MET H 355 15.77 -0.54 36.42
CA MET H 355 15.03 0.54 35.76
C MET H 355 14.84 1.76 36.64
N TRP H 356 15.29 1.71 37.89
CA TRP H 356 15.29 2.88 38.75
C TRP H 356 16.19 3.97 38.17
N ILE H 357 15.78 5.23 38.37
CA ILE H 357 16.65 6.36 38.11
C ILE H 357 17.62 6.47 39.28
N SER H 358 18.90 6.18 39.02
CA SER H 358 19.90 6.19 40.07
C SER H 358 20.33 7.62 40.39
N LYS H 359 20.79 7.82 41.62
CA LYS H 359 21.30 9.14 42.01
C LYS H 359 22.53 9.52 41.19
N GLN H 360 23.30 8.52 40.75
CA GLN H 360 24.41 8.78 39.84
C GLN H 360 23.91 9.34 38.51
N GLU H 361 22.81 8.80 38.00
CA GLU H 361 22.25 9.30 36.75
C GLU H 361 21.71 10.71 36.88
N TYR H 362 21.12 11.04 38.04
CA TYR H 362 20.68 12.41 38.27
C TYR H 362 21.85 13.38 38.30
N ASP H 363 22.96 12.97 38.91
CA ASP H 363 24.13 13.84 38.98
C ASP H 363 24.68 14.15 37.60
N GLU H 364 24.70 13.16 36.71
CA GLU H 364 25.31 13.33 35.40
C GLU H 364 24.33 13.81 34.33
N SER H 365 23.02 13.80 34.60
CA SER H 365 22.05 14.12 33.57
C SER H 365 20.99 15.15 33.96
N GLY H 366 20.70 15.34 35.24
CA GLY H 366 19.74 16.33 35.66
C GLY H 366 18.30 15.84 35.63
N PRO H 367 17.36 16.74 35.93
CA PRO H 367 15.95 16.33 36.04
C PRO H 367 15.38 15.76 34.76
N SER H 368 15.94 16.09 33.60
CA SER H 368 15.41 15.61 32.33
C SER H 368 15.62 14.12 32.12
N ILE H 369 16.30 13.43 33.04
CA ILE H 369 16.49 11.98 32.91
C ILE H 369 15.16 11.26 32.97
N VAL H 370 14.15 11.85 33.62
CA VAL H 370 12.86 11.20 33.80
C VAL H 370 12.13 10.96 32.48
N HIS H 371 12.45 11.73 31.44
CA HIS H 371 11.72 11.60 30.18
C HIS H 371 12.15 10.41 29.34
N ARG H 372 13.36 9.89 29.56
CA ARG H 372 13.84 8.74 28.80
C ARG H 372 13.98 7.47 29.63
N LYS H 373 14.20 7.59 30.94
CA LYS H 373 14.29 6.41 31.79
C LYS H 373 12.93 5.80 32.09
N CYS H 374 11.91 6.63 32.34
CA CYS H 374 10.63 6.12 32.81
C CYS H 374 9.72 5.65 31.67
N PHE H 375 9.23 6.58 30.86
CA PHE H 375 8.20 6.26 29.88
C PHE H 375 8.21 7.25 28.72
N ASP I 4 -57.09 40.22 29.51
CA ASP I 4 -56.17 40.82 30.48
C ASP I 4 -55.77 42.22 30.04
N ILE I 5 -55.77 43.16 30.99
CA ILE I 5 -55.46 44.55 30.67
C ILE I 5 -53.96 44.71 30.41
N ALA I 6 -53.14 44.42 31.41
CA ALA I 6 -51.71 44.58 31.31
C ALA I 6 -51.03 43.70 32.36
N ALA I 7 -49.74 43.48 32.17
CA ALA I 7 -48.96 42.65 33.07
C ALA I 7 -48.34 43.50 34.19
N LEU I 8 -48.15 42.86 35.34
CA LEU I 8 -47.43 43.45 36.46
C LEU I 8 -46.02 42.89 36.53
N VAL I 9 -45.11 43.68 37.08
CA VAL I 9 -43.74 43.26 37.33
C VAL I 9 -43.41 43.53 38.79
N VAL I 10 -42.98 42.49 39.51
CA VAL I 10 -42.67 42.63 40.93
C VAL I 10 -41.27 42.10 41.19
N ASP I 11 -40.29 43.00 41.29
CA ASP I 11 -38.93 42.65 41.65
C ASP I 11 -38.78 42.70 43.17
N ASN I 12 -39.39 41.71 43.82
CA ASN I 12 -39.41 41.62 45.28
C ASN I 12 -38.17 40.84 45.72
N GLY I 13 -37.08 41.58 45.93
CA GLY I 13 -35.86 41.00 46.40
C GLY I 13 -35.86 40.82 47.91
N SER I 14 -34.65 40.62 48.45
CA SER I 14 -34.49 40.38 49.88
C SER I 14 -34.95 41.56 50.72
N GLY I 15 -34.63 42.78 50.31
CA GLY I 15 -34.86 43.94 51.16
C GLY I 15 -35.82 44.97 50.63
N MET I 16 -35.94 45.09 49.32
CA MET I 16 -36.76 46.12 48.68
C MET I 16 -37.77 45.48 47.73
N CYS I 17 -39.02 45.90 47.85
CA CYS I 17 -40.06 45.48 46.91
C CYS I 17 -40.28 46.59 45.87
N LYS I 18 -40.11 46.25 44.60
CA LYS I 18 -40.29 47.19 43.50
C LYS I 18 -41.36 46.63 42.56
N ALA I 19 -42.46 47.36 42.43
CA ALA I 19 -43.62 46.88 41.71
C ALA I 19 -44.08 47.91 40.69
N GLY I 20 -44.77 47.43 39.67
CA GLY I 20 -45.29 48.32 38.64
C GLY I 20 -45.95 47.53 37.53
N PHE I 21 -46.11 48.20 36.38
CA PHE I 21 -46.74 47.61 35.22
C PHE I 21 -45.71 47.39 34.11
N ALA I 22 -45.94 46.34 33.32
CA ALA I 22 -45.10 46.09 32.16
C ALA I 22 -45.28 47.18 31.13
N GLY I 23 -44.19 47.52 30.44
CA GLY I 23 -44.19 48.63 29.51
C GLY I 23 -43.81 49.95 30.12
N ASP I 24 -43.82 50.08 31.44
CA ASP I 24 -43.38 51.29 32.10
C ASP I 24 -41.85 51.32 32.21
N ASP I 25 -41.30 52.53 32.23
CA ASP I 25 -39.86 52.72 32.32
C ASP I 25 -39.36 52.85 33.75
N ALA I 26 -40.25 52.82 34.73
CA ALA I 26 -39.87 52.93 36.13
C ALA I 26 -40.95 52.28 36.98
N PRO I 27 -40.57 51.62 38.08
CA PRO I 27 -41.58 51.01 38.95
C PRO I 27 -42.49 52.07 39.57
N ARG I 28 -43.78 51.74 39.65
CA ARG I 28 -44.75 52.68 40.20
C ARG I 28 -44.76 52.70 41.72
N ALA I 29 -44.31 51.62 42.37
CA ALA I 29 -44.26 51.55 43.83
C ALA I 29 -42.93 50.94 44.25
N VAL I 30 -42.25 51.63 45.17
CA VAL I 30 -40.99 51.15 45.73
C VAL I 30 -41.05 51.35 47.25
N PHE I 31 -41.00 50.24 47.98
CA PHE I 31 -41.09 50.27 49.43
C PHE I 31 -40.29 49.10 49.98
N PRO I 32 -39.77 49.22 51.21
CA PRO I 32 -39.02 48.10 51.79
C PRO I 32 -39.91 46.89 52.05
N SER I 33 -39.34 45.70 51.88
CA SER I 33 -40.05 44.44 52.14
C SER I 33 -40.01 44.11 53.62
N ILE I 34 -40.76 44.89 54.40
CA ILE I 34 -40.74 44.83 55.85
C ILE I 34 -42.17 44.64 56.37
N VAL I 35 -42.34 43.71 57.30
CA VAL I 35 -43.55 43.58 58.10
C VAL I 35 -43.18 43.87 59.54
N GLY I 36 -43.83 44.86 60.14
CA GLY I 36 -43.54 45.28 61.49
C GLY I 36 -44.75 45.14 62.39
N ARG I 37 -44.51 44.75 63.64
CA ARG I 37 -45.56 44.63 64.63
C ARG I 37 -45.18 45.37 65.91
N PRO I 38 -46.16 45.95 66.61
CA PRO I 38 -45.82 46.72 67.82
C PRO I 38 -45.26 45.83 68.92
N ARG I 39 -44.35 46.41 69.70
CA ARG I 39 -43.73 45.72 70.83
C ARG I 39 -43.98 46.43 72.15
N HIS I 40 -45.02 47.27 72.23
CA HIS I 40 -45.32 48.01 73.44
C HIS I 40 -46.82 47.95 73.72
N GLN I 41 -47.19 48.35 74.93
CA GLN I 41 -48.59 48.27 75.36
C GLN I 41 -49.42 49.37 74.70
N GLY I 42 -50.52 48.99 74.07
CA GLY I 42 -51.46 49.98 73.57
C GLY I 42 -52.38 50.44 74.70
N VAL I 43 -52.46 51.75 74.90
CA VAL I 43 -53.21 52.30 76.03
C VAL I 43 -54.30 53.24 75.55
N MET I 44 -54.14 53.79 74.34
CA MET I 44 -55.15 54.68 73.79
C MET I 44 -56.16 53.87 72.99
N VAL I 45 -57.43 53.90 73.43
CA VAL I 45 -58.47 53.15 72.75
C VAL I 45 -58.78 53.80 71.40
N GLY I 46 -59.31 53.00 70.48
CA GLY I 46 -59.54 53.48 69.13
C GLY I 46 -58.22 53.75 68.43
N MET I 47 -58.05 54.99 67.95
CA MET I 47 -56.78 55.49 67.41
C MET I 47 -56.48 54.80 66.08
N GLY I 48 -57.29 53.81 65.70
CA GLY I 48 -57.02 53.04 64.50
C GLY I 48 -55.79 52.18 64.58
N GLN I 49 -55.51 51.60 65.75
CA GLN I 49 -54.32 50.77 65.92
C GLN I 49 -54.44 49.49 65.10
N LYS I 50 -53.31 49.01 64.60
CA LYS I 50 -53.23 47.78 63.83
C LYS I 50 -52.17 46.88 64.43
N ASP I 51 -52.38 45.57 64.29
CA ASP I 51 -51.43 44.59 64.79
C ASP I 51 -50.31 44.29 63.81
N SER I 52 -50.35 44.86 62.61
CA SER I 52 -49.31 44.63 61.61
C SER I 52 -49.24 45.82 60.66
N TYR I 53 -48.03 46.21 60.31
CA TYR I 53 -47.77 47.29 59.37
C TYR I 53 -46.79 46.79 58.32
N VAL I 54 -46.96 47.29 57.09
CA VAL I 54 -46.21 46.78 55.94
C VAL I 54 -45.61 47.96 55.18
N GLY I 55 -44.36 47.78 54.75
CA GLY I 55 -43.74 48.74 53.84
C GLY I 55 -43.44 50.07 54.49
N ASP I 56 -43.76 51.15 53.79
CA ASP I 56 -43.42 52.49 54.26
C ASP I 56 -44.13 52.82 55.56
N GLU I 57 -45.33 52.26 55.77
CA GLU I 57 -46.05 52.51 57.01
C GLU I 57 -45.29 51.94 58.21
N ALA I 58 -44.71 50.75 58.06
CA ALA I 58 -43.90 50.18 59.12
C ALA I 58 -42.61 50.96 59.32
N GLN I 59 -42.02 51.44 58.23
CA GLN I 59 -40.80 52.23 58.33
C GLN I 59 -41.04 53.53 59.09
N SER I 60 -42.17 54.18 58.83
CA SER I 60 -42.48 55.43 59.53
C SER I 60 -42.72 55.20 61.01
N LYS I 61 -43.46 54.15 61.35
CA LYS I 61 -43.77 53.82 62.73
C LYS I 61 -42.75 52.86 63.36
N ARG I 62 -41.53 52.79 62.83
CA ARG I 62 -40.56 51.81 63.28
C ARG I 62 -40.11 52.03 64.72
N GLY I 63 -40.37 53.20 65.29
CA GLY I 63 -39.95 53.45 66.67
C GLY I 63 -40.62 52.52 67.66
N ILE I 64 -41.91 52.26 67.47
CA ILE I 64 -42.68 51.40 68.35
C ILE I 64 -42.84 49.99 67.79
N LEU I 65 -42.08 49.66 66.75
CA LEU I 65 -42.29 48.43 65.99
C LEU I 65 -41.04 47.57 66.00
N THR I 66 -41.25 46.25 65.88
CA THR I 66 -40.19 45.30 65.59
C THR I 66 -40.28 44.93 64.12
N LEU I 67 -39.24 45.24 63.36
CA LEU I 67 -39.26 45.08 61.92
C LEU I 67 -38.75 43.70 61.52
N LYS I 68 -39.51 43.01 60.70
CA LYS I 68 -39.23 41.65 60.28
C LYS I 68 -39.05 41.62 58.76
N TYR I 69 -37.97 40.99 58.31
CA TYR I 69 -37.77 40.78 56.88
C TYR I 69 -38.23 39.39 56.49
N PRO I 70 -39.35 39.26 55.78
CA PRO I 70 -39.79 37.92 55.35
C PRO I 70 -38.82 37.20 54.44
N ILE I 71 -37.98 37.94 53.71
CA ILE I 71 -37.01 37.35 52.80
C ILE I 71 -35.61 37.55 53.38
N GLU I 72 -34.84 36.46 53.46
CA GLU I 72 -33.45 36.53 53.88
C GLU I 72 -32.59 35.75 52.90
N HIC I 73 -31.58 36.41 52.35
CA HIC I 73 -30.73 35.84 51.30
C HIC I 73 -31.55 35.39 50.11
O HIC I 73 -31.30 34.32 49.53
CB HIC I 73 -29.91 34.67 51.84
CG HIC I 73 -28.90 35.07 52.86
ND1 HIC I 73 -27.93 36.01 52.60
CD2 HIC I 73 -28.77 34.63 54.15
CE1 HIC I 73 -27.23 36.11 53.70
NE2 HIC I 73 -27.70 35.30 54.67
CZ HIC I 73 -27.17 35.17 56.01
N GLY I 74 -32.54 36.20 49.73
CA GLY I 74 -33.36 35.92 48.56
C GLY I 74 -34.31 34.75 48.71
N ILE I 75 -34.44 34.23 49.94
CA ILE I 75 -35.26 33.07 50.24
C ILE I 75 -36.27 33.46 51.31
N VAL I 76 -37.54 33.13 51.07
CA VAL I 76 -38.60 33.48 52.01
C VAL I 76 -38.51 32.57 53.21
N THR I 77 -38.42 33.16 54.41
CA THR I 77 -38.34 32.41 55.65
C THR I 77 -39.66 32.33 56.39
N ASN I 78 -40.57 33.27 56.14
CA ASN I 78 -41.89 33.31 56.79
C ASN I 78 -42.90 33.73 55.73
N TRP I 79 -43.58 32.75 55.13
CA TRP I 79 -44.52 33.04 54.05
C TRP I 79 -45.75 33.78 54.56
N ASP I 80 -46.07 33.64 55.86
CA ASP I 80 -47.22 34.35 56.41
C ASP I 80 -47.04 35.85 56.33
N ASP I 81 -45.80 36.33 56.34
CA ASP I 81 -45.53 37.75 56.14
C ASP I 81 -45.26 38.10 54.69
N MET I 82 -44.78 37.13 53.91
CA MET I 82 -44.63 37.35 52.47
C MET I 82 -45.98 37.60 51.81
N GLU I 83 -47.01 36.86 52.27
CA GLU I 83 -48.36 37.12 51.77
C GLU I 83 -48.84 38.52 52.14
N LYS I 84 -48.47 39.00 53.33
CA LYS I 84 -48.79 40.38 53.69
C LYS I 84 -48.08 41.36 52.77
N ILE I 85 -46.80 41.10 52.46
CA ILE I 85 -46.06 41.95 51.54
C ILE I 85 -46.76 42.01 50.18
N TRP I 86 -47.15 40.86 49.64
CA TRP I 86 -47.77 40.84 48.32
C TRP I 86 -49.17 41.45 48.35
N HIS I 87 -49.91 41.24 49.44
CA HIS I 87 -51.23 41.88 49.57
C HIS I 87 -51.10 43.39 49.59
N HIS I 88 -50.12 43.90 50.34
CA HIS I 88 -49.84 45.33 50.32
C HIS I 88 -49.48 45.80 48.91
N THR I 89 -48.58 45.05 48.24
CA THR I 89 -48.14 45.41 46.90
C THR I 89 -49.30 45.53 45.94
N PHE I 90 -50.22 44.57 45.97
CA PHE I 90 -51.31 44.57 45.00
C PHE I 90 -52.41 45.55 45.38
N TYR I 91 -52.93 45.49 46.61
CA TYR I 91 -54.14 46.23 46.94
C TYR I 91 -53.88 47.61 47.52
N ASN I 92 -52.68 47.87 48.06
CA ASN I 92 -52.40 49.16 48.67
C ASN I 92 -51.46 50.03 47.85
N GLU I 93 -50.42 49.44 47.26
CA GLU I 93 -49.45 50.22 46.48
C GLU I 93 -49.88 50.37 45.03
N LEU I 94 -50.06 49.26 44.33
CA LEU I 94 -50.50 49.30 42.94
C LEU I 94 -51.99 49.57 42.78
N ARG I 95 -52.79 49.23 43.80
CA ARG I 95 -54.25 49.38 43.75
C ARG I 95 -54.84 48.67 42.53
N VAL I 96 -54.55 47.38 42.42
CA VAL I 96 -55.02 46.56 41.30
C VAL I 96 -55.57 45.25 41.83
N ALA I 97 -56.35 44.59 40.98
CA ALA I 97 -56.89 43.27 41.29
C ALA I 97 -56.01 42.24 40.59
N PRO I 98 -55.31 41.37 41.33
CA PRO I 98 -54.42 40.39 40.68
C PRO I 98 -55.14 39.41 39.79
N GLU I 99 -56.46 39.25 39.94
CA GLU I 99 -57.21 38.27 39.17
C GLU I 99 -57.27 38.59 37.68
N GLU I 100 -56.87 39.80 37.27
CA GLU I 100 -56.94 40.18 35.87
C GLU I 100 -55.61 40.67 35.32
N HIS I 101 -54.51 40.45 36.03
CA HIS I 101 -53.19 40.87 35.58
C HIS I 101 -52.20 39.72 35.72
N PRO I 102 -51.49 39.35 34.66
CA PRO I 102 -50.35 38.45 34.83
C PRO I 102 -49.28 39.13 35.68
N VAL I 103 -48.53 38.32 36.41
CA VAL I 103 -47.50 38.83 37.34
C VAL I 103 -46.18 38.18 37.01
N LEU I 104 -45.16 38.99 36.76
CA LEU I 104 -43.80 38.50 36.55
C LEU I 104 -42.98 38.71 37.81
N LEU I 105 -42.57 37.62 38.45
CA LEU I 105 -41.76 37.66 39.65
C LEU I 105 -40.28 37.46 39.31
N THR I 106 -39.42 37.76 40.28
CA THR I 106 -37.99 37.63 40.13
C THR I 106 -37.42 36.77 41.25
N GLU I 107 -36.34 36.05 40.94
CA GLU I 107 -35.68 35.21 41.93
C GLU I 107 -34.20 35.09 41.60
N ALA I 108 -33.39 34.95 42.64
CA ALA I 108 -31.96 34.73 42.45
C ALA I 108 -31.71 33.29 42.02
N PRO I 109 -30.62 33.05 41.29
CA PRO I 109 -30.28 31.68 40.90
C PRO I 109 -29.77 30.87 42.08
N LEU I 110 -29.80 29.55 41.90
CA LEU I 110 -29.39 28.58 42.92
C LEU I 110 -30.23 28.70 44.19
N ASN I 111 -31.48 29.13 44.04
CA ASN I 111 -32.43 29.16 45.14
C ASN I 111 -33.03 27.77 45.35
N PRO I 112 -33.56 27.49 46.54
CA PRO I 112 -34.28 26.23 46.74
C PRO I 112 -35.47 26.14 45.81
N LYS I 113 -35.72 24.94 45.28
CA LYS I 113 -36.79 24.76 44.31
C LYS I 113 -38.16 24.90 44.95
N ALA I 114 -38.28 24.64 46.25
CA ALA I 114 -39.55 24.81 46.94
C ALA I 114 -39.94 26.28 47.04
N ASN I 115 -38.99 27.20 46.95
CA ASN I 115 -39.31 28.62 46.99
C ASN I 115 -40.09 29.04 45.76
N ARG I 116 -39.69 28.55 44.58
CA ARG I 116 -40.44 28.83 43.36
C ARG I 116 -41.82 28.20 43.40
N GLU I 117 -41.91 26.96 43.89
CA GLU I 117 -43.19 26.25 43.90
C GLU I 117 -44.22 26.96 44.77
N LYS I 118 -43.81 27.44 45.94
CA LYS I 118 -44.75 28.16 46.79
C LYS I 118 -45.10 29.53 46.23
N MET I 119 -44.15 30.18 45.54
CA MET I 119 -44.48 31.40 44.81
C MET I 119 -45.60 31.14 43.81
N THR I 120 -45.45 30.10 43.00
CA THR I 120 -46.47 29.76 42.01
C THR I 120 -47.80 29.43 42.69
N GLN I 121 -47.74 28.63 43.75
CA GLN I 121 -48.96 28.21 44.43
C GLN I 121 -49.71 29.39 45.03
N ILE I 122 -48.98 30.33 45.64
CA ILE I 122 -49.64 31.49 46.21
C ILE I 122 -50.18 32.41 45.12
N MET I 123 -49.41 32.62 44.05
CA MET I 123 -49.87 33.50 42.99
C MET I 123 -51.11 32.95 42.29
N PHE I 124 -51.26 31.62 42.24
CA PHE I 124 -52.41 31.06 41.53
C PHE I 124 -53.60 30.76 42.45
N GLU I 125 -53.36 30.34 43.70
CA GLU I 125 -54.43 29.87 44.56
C GLU I 125 -54.95 30.91 45.54
N THR I 126 -54.19 31.97 45.82
CA THR I 126 -54.67 33.00 46.73
C THR I 126 -54.89 34.33 46.06
N PHE I 127 -54.09 34.68 45.06
CA PHE I 127 -54.29 35.90 44.28
C PHE I 127 -54.97 35.64 42.94
N ASN I 128 -55.08 34.37 42.53
CA ASN I 128 -55.87 33.97 41.35
C ASN I 128 -55.41 34.68 40.09
N THR I 129 -54.10 34.86 39.93
CA THR I 129 -53.59 35.56 38.76
C THR I 129 -53.83 34.73 37.49
N PRO I 130 -54.18 35.38 36.37
CA PRO I 130 -54.35 34.63 35.13
C PRO I 130 -53.08 33.96 34.64
N ALA I 131 -51.92 34.59 34.86
CA ALA I 131 -50.65 34.05 34.39
C ALA I 131 -49.56 34.52 35.33
N MET I 132 -48.43 33.81 35.30
CA MET I 132 -47.33 34.13 36.18
C MET I 132 -46.03 33.62 35.56
N TYR I 133 -44.93 34.28 35.92
CA TYR I 133 -43.60 33.88 35.47
C TYR I 133 -42.60 34.20 36.58
N VAL I 134 -41.47 33.50 36.56
CA VAL I 134 -40.40 33.70 37.54
C VAL I 134 -39.09 33.78 36.74
N ALA I 135 -38.60 34.99 36.54
CA ALA I 135 -37.35 35.22 35.82
C ALA I 135 -36.19 35.41 36.78
N ILE I 136 -34.99 35.14 36.29
CA ILE I 136 -33.77 35.32 37.09
C ILE I 136 -33.40 36.79 37.10
N GLN I 137 -33.04 37.31 38.28
CA GLN I 137 -32.78 38.74 38.43
C GLN I 137 -31.66 39.22 37.52
N ALA I 138 -30.55 38.48 37.47
CA ALA I 138 -29.40 38.93 36.68
C ALA I 138 -29.68 38.89 35.18
N VAL I 139 -30.55 37.97 34.74
CA VAL I 139 -30.89 37.91 33.33
C VAL I 139 -31.67 39.16 32.92
N LEU I 140 -32.56 39.64 33.79
CA LEU I 140 -33.36 40.81 33.48
C LEU I 140 -32.50 42.06 33.32
N SER I 141 -31.46 42.19 34.14
CA SER I 141 -30.62 43.38 34.05
C SER I 141 -29.97 43.52 32.68
N LEU I 142 -29.70 42.41 32.00
CA LEU I 142 -29.11 42.51 30.66
C LEU I 142 -30.17 42.87 29.63
N TYR I 143 -31.43 42.53 29.88
CA TYR I 143 -32.52 43.10 29.06
C TYR I 143 -32.54 44.62 29.18
N ALA I 144 -32.41 45.14 30.40
CA ALA I 144 -32.49 46.58 30.60
C ALA I 144 -31.31 47.30 29.96
N SER I 145 -30.18 46.62 29.78
CA SER I 145 -29.02 47.22 29.15
C SER I 145 -29.10 47.22 27.63
N GLY I 146 -30.13 46.62 27.06
CA GLY I 146 -30.21 46.47 25.62
C GLY I 146 -29.13 45.58 25.05
N ARG I 147 -28.76 44.53 25.78
CA ARG I 147 -27.66 43.65 25.42
C ARG I 147 -28.13 42.21 25.35
N THR I 148 -27.41 41.41 24.58
CA THR I 148 -27.56 39.97 24.59
C THR I 148 -26.27 39.26 24.95
N THR I 149 -25.18 40.01 25.13
CA THR I 149 -23.88 39.45 25.48
C THR I 149 -23.30 40.24 26.64
N GLY I 150 -22.82 39.53 27.65
CA GLY I 150 -22.23 40.16 28.82
C GLY I 150 -22.53 39.37 30.07
N ILE I 151 -21.78 39.69 31.12
CA ILE I 151 -21.93 39.06 32.42
C ILE I 151 -22.51 40.07 33.38
N VAL I 152 -23.61 39.71 34.04
CA VAL I 152 -24.31 40.62 34.93
C VAL I 152 -23.91 40.29 36.38
N MET I 153 -23.39 41.28 37.08
CA MET I 153 -23.01 41.16 38.49
C MET I 153 -24.07 41.89 39.30
N ASP I 154 -25.09 41.16 39.74
CA ASP I 154 -26.21 41.72 40.47
C ASP I 154 -26.00 41.52 41.97
N SER I 155 -26.04 42.62 42.72
CA SER I 155 -25.92 42.57 44.17
C SER I 155 -27.06 43.36 44.79
N GLY I 156 -27.90 42.68 45.57
CA GLY I 156 -29.02 43.32 46.22
C GLY I 156 -28.86 43.38 47.73
N ASP I 157 -29.94 43.12 48.45
CA ASP I 157 -29.89 43.16 49.91
C ASP I 157 -29.48 41.83 50.53
N GLY I 158 -29.72 40.71 49.85
CA GLY I 158 -29.40 39.42 50.41
C GLY I 158 -28.53 38.52 49.57
N VAL I 159 -28.49 38.76 48.26
CA VAL I 159 -27.79 37.88 47.33
C VAL I 159 -26.91 38.69 46.39
N THR I 160 -25.75 38.14 46.09
CA THR I 160 -24.90 38.58 44.98
C THR I 160 -24.72 37.40 44.03
N HIS I 161 -24.99 37.63 42.74
CA HIS I 161 -24.88 36.54 41.78
C HIS I 161 -24.43 37.07 40.43
N THR I 162 -23.65 36.27 39.73
CA THR I 162 -23.13 36.60 38.40
C THR I 162 -23.66 35.58 37.40
N VAL I 163 -24.22 36.06 36.30
CA VAL I 163 -24.74 35.18 35.25
C VAL I 163 -24.12 35.57 33.91
N PRO I 164 -23.31 34.70 33.30
CA PRO I 164 -22.75 35.00 31.98
C PRO I 164 -23.73 34.62 30.88
N ILE I 165 -23.91 35.52 29.92
CA ILE I 165 -24.76 35.29 28.76
C ILE I 165 -24.00 35.72 27.51
N TYR I 166 -24.00 34.87 26.50
CA TYR I 166 -23.33 35.18 25.23
C TYR I 166 -24.33 35.02 24.10
N GLU I 167 -24.76 36.16 23.53
CA GLU I 167 -25.67 36.18 22.39
C GLU I 167 -26.95 35.40 22.67
N GLY I 168 -27.49 35.60 23.87
CA GLY I 168 -28.76 35.01 24.26
C GLY I 168 -28.67 33.68 24.97
N TYR I 169 -27.50 33.03 24.95
CA TYR I 169 -27.33 31.72 25.57
C TYR I 169 -26.57 31.88 26.88
N ALA I 170 -27.24 31.54 27.99
CA ALA I 170 -26.59 31.57 29.29
C ALA I 170 -25.80 30.29 29.52
N LEU I 171 -24.78 30.39 30.38
CA LEU I 171 -23.94 29.26 30.75
C LEU I 171 -24.22 28.91 32.21
N PRO I 172 -25.14 27.98 32.48
CA PRO I 172 -25.52 27.72 33.88
C PRO I 172 -24.39 27.21 34.75
N HIS I 173 -23.43 26.47 34.18
CA HIS I 173 -22.33 25.96 34.98
C HIS I 173 -21.41 27.08 35.48
N ALA I 174 -21.37 28.21 34.78
CA ALA I 174 -20.54 29.33 35.17
C ALA I 174 -21.25 30.31 36.10
N ILE I 175 -22.53 30.09 36.39
CA ILE I 175 -23.26 30.97 37.29
C ILE I 175 -22.77 30.78 38.71
N LEU I 176 -22.40 31.88 39.36
CA LEU I 176 -21.87 31.86 40.72
C LEU I 176 -22.77 32.67 41.63
N ARG I 177 -22.81 32.28 42.90
CA ARG I 177 -23.65 32.93 43.89
C ARG I 177 -22.87 33.14 45.18
N LEU I 178 -22.97 34.36 45.70
CA LEU I 178 -22.38 34.73 46.98
C LEU I 178 -23.49 35.21 47.91
N ASP I 179 -23.58 34.62 49.09
CA ASP I 179 -24.55 35.04 50.10
C ASP I 179 -23.99 36.20 50.93
N LEU I 180 -23.64 37.27 50.22
CA LEU I 180 -23.05 38.46 50.82
C LEU I 180 -23.60 39.67 50.07
N ALA I 181 -24.31 40.54 50.78
CA ALA I 181 -25.02 41.62 50.11
C ALA I 181 -25.27 42.74 51.12
N GLY I 182 -26.24 43.61 50.81
CA GLY I 182 -26.43 44.82 51.59
C GLY I 182 -26.68 44.57 53.07
N ARG I 183 -27.43 43.51 53.40
CA ARG I 183 -27.72 43.23 54.80
C ARG I 183 -26.45 42.90 55.58
N ASP I 184 -25.55 42.12 54.98
CA ASP I 184 -24.29 41.80 55.64
C ASP I 184 -23.45 43.05 55.85
N LEU I 185 -23.44 43.96 54.88
CA LEU I 185 -22.70 45.20 55.03
C LEU I 185 -23.34 46.11 56.07
N THR I 186 -24.66 46.13 56.17
CA THR I 186 -25.33 46.88 57.22
C THR I 186 -24.96 46.33 58.60
N ASP I 187 -24.96 45.02 58.75
CA ASP I 187 -24.55 44.41 60.02
C ASP I 187 -23.08 44.69 60.31
N TYR I 188 -22.22 44.67 59.29
CA TYR I 188 -20.81 44.94 59.52
C TYR I 188 -20.58 46.39 59.95
N LEU I 189 -21.29 47.34 59.33
CA LEU I 189 -21.21 48.73 59.75
C LEU I 189 -21.76 48.90 61.16
N MET I 190 -22.84 48.19 61.48
CA MET I 190 -23.37 48.17 62.84
C MET I 190 -22.31 47.69 63.82
N LYS I 191 -21.53 46.69 63.43
CA LYS I 191 -20.47 46.16 64.29
C LYS I 191 -19.34 47.17 64.46
N ILE I 192 -18.83 47.72 63.35
CA ILE I 192 -17.63 48.56 63.42
C ILE I 192 -17.93 49.95 63.95
N LEU I 193 -19.19 50.39 63.94
CA LEU I 193 -19.52 51.68 64.55
C LEU I 193 -19.35 51.66 66.06
N THR I 194 -19.35 50.47 66.69
CA THR I 194 -19.14 50.38 68.12
C THR I 194 -17.73 50.78 68.53
N GLU I 195 -16.78 50.81 67.57
CA GLU I 195 -15.44 51.26 67.89
C GLU I 195 -15.43 52.72 68.31
N ARG I 196 -16.36 53.52 67.81
CA ARG I 196 -16.51 54.91 68.22
C ARG I 196 -17.53 55.08 69.33
N GLY I 197 -18.17 54.00 69.79
CA GLY I 197 -19.11 54.07 70.88
C GLY I 197 -20.57 54.09 70.51
N TYR I 198 -20.90 53.95 69.22
CA TYR I 198 -22.29 53.96 68.77
C TYR I 198 -22.84 52.55 68.84
N SER I 199 -23.68 52.28 69.84
CA SER I 199 -24.24 50.95 70.06
C SER I 199 -25.66 50.90 69.50
N PHE I 200 -25.76 50.76 68.19
CA PHE I 200 -27.05 50.51 67.56
C PHE I 200 -27.39 49.03 67.69
N THR I 201 -28.59 48.74 68.22
CA THR I 201 -28.95 47.36 68.52
C THR I 201 -30.23 46.91 67.84
N THR I 202 -31.27 47.74 67.86
CA THR I 202 -32.59 47.29 67.46
C THR I 202 -32.74 47.31 65.93
N THR I 203 -33.89 46.81 65.46
CA THR I 203 -34.16 46.78 64.03
C THR I 203 -34.40 48.17 63.46
N ALA I 204 -35.06 49.05 64.22
CA ALA I 204 -35.20 50.44 63.76
C ALA I 204 -33.84 51.11 63.66
N GLU I 205 -32.95 50.85 64.62
CA GLU I 205 -31.60 51.37 64.50
C GLU I 205 -30.82 50.66 63.41
N ARG I 206 -31.21 49.42 63.07
CA ARG I 206 -30.63 48.77 61.90
C ARG I 206 -31.01 49.52 60.62
N GLU I 207 -32.27 50.00 60.55
CA GLU I 207 -32.66 50.85 59.44
C GLU I 207 -31.91 52.18 59.44
N ILE I 208 -31.66 52.73 60.63
CA ILE I 208 -30.86 53.96 60.73
C ILE I 208 -29.45 53.72 60.19
N VAL I 209 -28.84 52.60 60.57
CA VAL I 209 -27.50 52.27 60.07
C VAL I 209 -27.53 52.00 58.58
N ARG I 210 -28.61 51.41 58.06
CA ARG I 210 -28.75 51.22 56.63
C ARG I 210 -28.79 52.57 55.90
N ASP I 211 -29.51 53.54 56.46
CA ASP I 211 -29.53 54.87 55.87
C ASP I 211 -28.15 55.51 55.92
N ILE I 212 -27.44 55.34 57.04
CA ILE I 212 -26.07 55.86 57.15
C ILE I 212 -25.19 55.24 56.07
N LYS I 213 -25.32 53.92 55.89
CA LYS I 213 -24.54 53.22 54.87
C LYS I 213 -24.85 53.74 53.47
N GLU I 214 -26.14 53.93 53.17
CA GLU I 214 -26.52 54.38 51.84
C GLU I 214 -26.06 55.81 51.57
N LYS I 215 -26.03 56.65 52.61
CA LYS I 215 -25.68 58.06 52.38
C LYS I 215 -24.17 58.29 52.41
N LEU I 216 -23.43 57.56 53.24
CA LEU I 216 -22.04 57.91 53.51
C LEU I 216 -21.01 56.86 53.11
N CYS I 217 -21.35 55.57 53.09
CA CYS I 217 -20.38 54.52 52.73
C CYS I 217 -20.01 54.62 51.26
N TYR I 218 -18.74 54.32 50.96
CA TYR I 218 -18.21 54.41 49.61
C TYR I 218 -17.02 53.48 49.46
N VAL I 219 -16.74 53.10 48.21
CA VAL I 219 -15.69 52.14 47.89
C VAL I 219 -14.39 52.87 47.65
N ALA I 220 -13.35 52.49 48.40
CA ALA I 220 -12.01 53.02 48.18
C ALA I 220 -11.37 52.39 46.94
N LEU I 221 -10.66 53.19 46.15
CA LEU I 221 -9.95 52.64 45.01
C LEU I 221 -8.71 51.87 45.44
N ASP I 222 -8.02 52.34 46.47
CA ASP I 222 -6.90 51.64 47.08
C ASP I 222 -7.13 51.66 48.59
N PHE I 223 -7.44 50.49 49.16
CA PHE I 223 -7.89 50.45 50.54
C PHE I 223 -6.80 50.88 51.52
N GLU I 224 -5.57 50.41 51.32
CA GLU I 224 -4.49 50.76 52.22
C GLU I 224 -4.13 52.25 52.15
N GLN I 225 -4.12 52.81 50.94
CA GLN I 225 -3.86 54.24 50.80
C GLN I 225 -4.94 55.06 51.47
N GLU I 226 -6.21 54.65 51.33
CA GLU I 226 -7.29 55.39 51.97
C GLU I 226 -7.22 55.26 53.49
N MET I 227 -6.81 54.09 53.99
CA MET I 227 -6.61 53.93 55.43
C MET I 227 -5.50 54.87 55.92
N ALA I 228 -4.40 54.95 55.18
CA ALA I 228 -3.31 55.84 55.57
C ALA I 228 -3.74 57.30 55.51
N THR I 229 -4.58 57.67 54.54
CA THR I 229 -5.10 59.02 54.48
C THR I 229 -6.03 59.31 55.66
N ALA I 230 -6.88 58.34 56.01
CA ALA I 230 -7.77 58.48 57.16
C ALA I 230 -7.02 58.50 58.47
N ALA I 231 -5.77 58.04 58.50
CA ALA I 231 -4.95 58.19 59.69
C ALA I 231 -4.79 59.66 60.06
N SER I 232 -4.70 60.54 59.06
CA SER I 232 -4.83 61.99 59.27
C SER I 232 -6.33 62.32 59.31
N SER I 233 -6.91 62.11 60.48
CA SER I 233 -8.36 62.05 60.64
C SER I 233 -9.04 63.42 60.68
N SER I 234 -9.01 64.15 59.56
CA SER I 234 -9.80 65.37 59.46
C SER I 234 -10.51 65.47 58.11
N SER I 235 -10.01 64.77 57.10
CA SER I 235 -10.52 64.94 55.74
C SER I 235 -11.69 64.01 55.44
N LEU I 236 -11.50 62.71 55.66
CA LEU I 236 -12.54 61.72 55.36
C LEU I 236 -13.64 61.69 56.40
N GLU I 237 -13.49 62.43 57.49
CA GLU I 237 -14.48 62.44 58.55
C GLU I 237 -15.76 63.14 58.11
N LYS I 238 -16.90 62.49 58.33
CA LYS I 238 -18.19 63.02 57.91
C LYS I 238 -19.19 62.88 59.04
N SER I 239 -20.23 63.72 59.02
CA SER I 239 -21.26 63.80 60.06
C SER I 239 -22.60 63.33 59.54
N TYR I 240 -23.33 62.59 60.36
CA TYR I 240 -24.70 62.16 60.09
C TYR I 240 -25.55 62.46 61.31
N GLU I 241 -26.74 62.98 61.10
CA GLU I 241 -27.65 63.35 62.19
C GLU I 241 -28.70 62.26 62.39
N LEU I 242 -28.76 61.72 63.60
CA LEU I 242 -29.76 60.72 63.95
C LEU I 242 -31.15 61.35 63.99
N PRO I 243 -32.21 60.55 63.89
CA PRO I 243 -33.57 61.12 63.90
C PRO I 243 -33.97 61.79 65.19
N ASP I 244 -33.14 61.73 66.24
CA ASP I 244 -33.46 62.39 67.51
C ASP I 244 -32.65 63.65 67.76
N GLY I 245 -31.78 64.03 66.81
CA GLY I 245 -30.98 65.25 66.82
C GLY I 245 -29.52 65.10 67.27
N GLN I 246 -29.11 63.96 67.83
CA GLN I 246 -27.69 63.72 68.10
C GLN I 246 -26.96 63.43 66.78
N VAL I 247 -25.75 63.94 66.58
CA VAL I 247 -24.97 63.69 65.35
C VAL I 247 -23.80 62.76 65.63
N ILE I 248 -23.62 61.74 64.79
CA ILE I 248 -22.48 60.85 64.89
C ILE I 248 -21.47 61.23 63.82
N THR I 249 -20.20 60.90 64.06
CA THR I 249 -19.15 61.15 63.09
C THR I 249 -18.52 59.83 62.66
N ILE I 250 -18.37 59.65 61.35
CA ILE I 250 -17.84 58.41 60.77
C ILE I 250 -16.65 58.75 59.89
N GLY I 251 -15.57 57.99 60.03
CA GLY I 251 -14.34 58.22 59.31
C GLY I 251 -13.95 57.09 58.38
N ASN I 252 -12.91 56.35 58.75
CA ASN I 252 -12.45 55.23 57.93
C ASN I 252 -13.49 54.13 57.81
N GLU I 253 -14.50 54.13 58.69
CA GLU I 253 -15.59 53.18 58.54
C GLU I 253 -16.32 53.38 57.22
N ARG I 254 -16.29 54.59 56.67
CA ARG I 254 -17.00 54.88 55.43
C ARG I 254 -16.53 53.98 54.28
N PHE I 255 -15.24 53.68 54.20
CA PHE I 255 -14.75 52.78 53.17
C PHE I 255 -14.42 51.38 53.67
N ARG I 256 -14.28 51.19 54.98
CA ARG I 256 -14.28 49.83 55.53
C ARG I 256 -15.66 49.18 55.37
N CYS I 257 -16.70 50.00 55.21
CA CYS I 257 -18.09 49.62 55.01
C CYS I 257 -18.38 48.83 53.74
N PRO I 258 -17.92 49.27 52.55
CA PRO I 258 -18.09 48.41 51.36
C PRO I 258 -16.94 47.45 51.12
N GLU I 259 -15.80 47.62 51.79
CA GLU I 259 -14.62 46.82 51.49
C GLU I 259 -14.87 45.34 51.80
N ALA I 260 -15.87 45.03 52.62
CA ALA I 260 -16.21 43.64 52.88
C ALA I 260 -16.68 42.91 51.63
N LEU I 261 -17.14 43.64 50.61
CA LEU I 261 -17.49 43.01 49.35
C LEU I 261 -16.26 42.47 48.64
N PHE I 262 -15.15 43.20 48.71
CA PHE I 262 -13.92 42.79 48.04
C PHE I 262 -13.01 41.97 48.94
N GLN I 263 -13.15 42.08 50.26
CA GLN I 263 -12.42 41.29 51.23
C GLN I 263 -13.43 40.68 52.19
N PRO I 264 -14.06 39.56 51.80
CA PRO I 264 -15.05 38.93 52.68
C PRO I 264 -14.47 38.46 54.01
N SER I 265 -13.15 38.33 54.12
CA SER I 265 -12.53 37.94 55.38
C SER I 265 -12.79 38.96 56.48
N PHE I 266 -13.18 40.19 56.13
CA PHE I 266 -13.57 41.17 57.14
C PHE I 266 -14.77 40.68 57.93
N LEU I 267 -15.66 39.92 57.30
CA LEU I 267 -16.84 39.36 57.96
C LEU I 267 -16.57 37.98 58.55
N GLY I 268 -15.35 37.48 58.45
CA GLY I 268 -15.05 36.11 58.83
C GLY I 268 -15.42 35.08 57.78
N MET I 269 -15.81 35.52 56.58
CA MET I 269 -16.18 34.61 55.52
C MET I 269 -14.94 34.15 54.75
N GLU I 270 -15.02 32.93 54.21
CA GLU I 270 -13.90 32.32 53.50
C GLU I 270 -13.90 32.64 52.01
N SER I 271 -15.03 33.05 51.45
CA SER I 271 -15.14 33.22 50.01
C SER I 271 -14.32 34.42 49.53
N CYS I 272 -14.07 34.46 48.23
CA CYS I 272 -13.34 35.54 47.60
C CYS I 272 -14.25 36.73 47.36
N GLY I 273 -13.63 37.87 47.05
CA GLY I 273 -14.38 39.09 46.83
C GLY I 273 -15.23 39.03 45.56
N ILE I 274 -16.09 40.04 45.42
CA ILE I 274 -17.00 40.09 44.27
C ILE I 274 -16.24 40.26 42.97
N HIS I 275 -15.07 40.91 43.01
CA HIS I 275 -14.25 41.03 41.81
C HIS I 275 -13.72 39.67 41.37
N GLU I 276 -13.32 38.84 42.33
CA GLU I 276 -12.85 37.51 41.99
C GLU I 276 -14.00 36.59 41.61
N THR I 277 -15.20 36.84 42.14
CA THR I 277 -16.37 36.07 41.73
C THR I 277 -16.66 36.28 40.24
N THR I 278 -16.63 37.54 39.79
CA THR I 278 -16.86 37.82 38.38
C THR I 278 -15.77 37.20 37.51
N PHE I 279 -14.52 37.31 37.94
CA PHE I 279 -13.41 36.75 37.18
C PHE I 279 -13.52 35.23 37.09
N ASN I 280 -13.88 34.57 38.18
CA ASN I 280 -14.08 33.12 38.15
C ASN I 280 -15.24 32.75 37.25
N SER I 281 -16.32 33.53 37.29
CA SER I 281 -17.46 33.26 36.43
C SER I 281 -17.08 33.39 34.95
N ILE I 282 -16.26 34.38 34.63
CA ILE I 282 -15.81 34.55 33.24
C ILE I 282 -14.89 33.40 32.84
N MET I 283 -13.98 33.00 33.73
CA MET I 283 -13.05 31.92 33.41
C MET I 283 -13.75 30.58 33.26
N LYS I 284 -14.87 30.38 33.94
CA LYS I 284 -15.61 29.13 33.79
C LYS I 284 -16.28 29.01 32.42
N CYS I 285 -16.37 30.11 31.67
CA CYS I 285 -16.96 30.10 30.35
C CYS I 285 -15.94 29.66 29.30
N ASP I 286 -16.40 29.54 28.06
CA ASP I 286 -15.55 29.13 26.97
C ASP I 286 -14.49 30.20 26.67
N VAL I 287 -13.37 29.75 26.10
CA VAL I 287 -12.26 30.65 25.81
C VAL I 287 -12.67 31.74 24.83
N ASP I 288 -13.48 31.39 23.83
CA ASP I 288 -13.78 32.32 22.74
C ASP I 288 -14.73 33.44 23.17
N ILE I 289 -15.55 33.21 24.20
CA ILE I 289 -16.53 34.23 24.60
C ILE I 289 -16.05 35.13 25.74
N ARG I 290 -14.89 34.83 26.33
CA ARG I 290 -14.41 35.63 27.46
C ARG I 290 -14.14 37.08 27.05
N LYS I 291 -13.61 37.29 25.84
CA LYS I 291 -13.28 38.63 25.39
C LYS I 291 -14.50 39.55 25.42
N ASP I 292 -15.65 39.03 24.98
CA ASP I 292 -16.88 39.82 25.01
C ASP I 292 -17.44 39.96 26.42
N LEU I 293 -17.11 39.03 27.32
CA LEU I 293 -17.58 39.13 28.69
C LEU I 293 -16.82 40.21 29.47
N TYR I 294 -15.53 40.37 29.18
CA TYR I 294 -14.77 41.43 29.83
C TYR I 294 -15.29 42.81 29.44
N ALA I 295 -15.60 43.01 28.16
CA ALA I 295 -16.02 44.32 27.67
C ALA I 295 -17.48 44.63 27.99
N ASN I 296 -18.23 43.67 28.54
CA ASN I 296 -19.64 43.87 28.82
C ASN I 296 -19.98 43.36 30.22
N THR I 297 -19.15 43.70 31.20
CA THR I 297 -19.44 43.40 32.60
C THR I 297 -20.40 44.45 33.13
N VAL I 298 -21.63 44.04 33.43
CA VAL I 298 -22.71 44.96 33.77
C VAL I 298 -22.99 44.85 35.26
N LEU I 299 -22.93 45.97 35.97
CA LEU I 299 -23.31 46.01 37.38
C LEU I 299 -24.79 46.36 37.51
N SER I 300 -25.45 45.72 38.47
CA SER I 300 -26.85 45.98 38.74
C SER I 300 -27.15 45.65 40.20
N GLY I 301 -28.30 46.12 40.67
CA GLY I 301 -28.67 45.93 42.05
C GLY I 301 -28.35 47.12 42.93
N GLY I 302 -29.04 47.20 44.08
CA GLY I 302 -28.87 48.35 44.96
C GLY I 302 -27.51 48.42 45.62
N THR I 303 -26.91 47.27 45.95
CA THR I 303 -25.62 47.27 46.64
C THR I 303 -24.51 47.87 45.76
N THR I 304 -24.59 47.71 44.46
CA THR I 304 -23.58 48.25 43.55
C THR I 304 -23.70 49.76 43.36
N MET I 305 -24.44 50.45 44.22
CA MET I 305 -24.63 51.90 44.12
C MET I 305 -23.58 52.69 44.90
N TYR I 306 -22.62 52.02 45.55
CA TYR I 306 -21.59 52.74 46.26
C TYR I 306 -20.76 53.57 45.28
N PRO I 307 -20.41 54.81 45.64
CA PRO I 307 -19.52 55.59 44.78
C PRO I 307 -18.16 54.91 44.65
N GLY I 308 -17.63 54.91 43.42
CA GLY I 308 -16.34 54.34 43.15
C GLY I 308 -16.30 52.83 43.04
N ILE I 309 -17.45 52.14 43.13
CA ILE I 309 -17.44 50.69 43.03
C ILE I 309 -17.11 50.26 41.60
N ALA I 310 -17.57 51.02 40.60
CA ALA I 310 -17.27 50.67 39.22
C ALA I 310 -15.77 50.80 38.93
N ASP I 311 -15.15 51.87 39.43
CA ASP I 311 -13.72 52.05 39.23
C ASP I 311 -12.92 50.96 39.92
N ARG I 312 -13.32 50.57 41.13
CA ARG I 312 -12.62 49.51 41.84
C ARG I 312 -12.78 48.17 41.12
N MET I 313 -14.00 47.87 40.66
CA MET I 313 -14.22 46.64 39.91
C MET I 313 -13.40 46.62 38.63
N GLN I 314 -13.31 47.77 37.95
CA GLN I 314 -12.45 47.87 36.78
C GLN I 314 -10.99 47.63 37.15
N LYS I 315 -10.54 48.20 38.26
CA LYS I 315 -9.15 48.05 38.68
C LYS I 315 -8.81 46.60 39.01
N GLU I 316 -9.67 45.94 39.79
CA GLU I 316 -9.36 44.59 40.25
C GLU I 316 -9.44 43.59 39.11
N ILE I 317 -10.46 43.68 38.26
CA ILE I 317 -10.59 42.74 37.16
C ILE I 317 -9.47 42.92 36.15
N THR I 318 -9.01 44.16 35.94
CA THR I 318 -7.86 44.37 35.05
C THR I 318 -6.61 43.67 35.57
N ALA I 319 -6.40 43.68 36.90
CA ALA I 319 -5.25 43.00 37.47
C ALA I 319 -5.34 41.49 37.34
N LEU I 320 -6.56 40.95 37.30
CA LEU I 320 -6.73 39.50 37.21
C LEU I 320 -6.77 39.02 35.77
N ALA I 321 -7.56 39.68 34.93
CA ALA I 321 -7.76 39.26 33.55
C ALA I 321 -6.47 39.41 32.75
N PRO I 322 -6.36 38.71 31.62
CA PRO I 322 -5.18 38.87 30.76
C PRO I 322 -5.00 40.31 30.33
N SER I 323 -3.74 40.74 30.25
CA SER I 323 -3.41 42.15 30.07
C SER I 323 -3.94 42.72 28.76
N THR I 324 -4.12 41.89 27.73
CA THR I 324 -4.57 42.41 26.44
C THR I 324 -6.05 42.79 26.45
N MET I 325 -6.88 42.09 27.22
CA MET I 325 -8.30 42.34 27.21
C MET I 325 -8.64 43.73 27.73
N LYS I 326 -9.66 44.34 27.14
CA LYS I 326 -10.13 45.66 27.54
C LYS I 326 -11.29 45.48 28.49
N ILE I 327 -11.03 45.69 29.79
CA ILE I 327 -12.07 45.56 30.80
C ILE I 327 -12.95 46.80 30.77
N LYS I 328 -14.26 46.59 30.64
CA LYS I 328 -15.24 47.68 30.64
C LYS I 328 -16.35 47.33 31.61
N ILE I 329 -16.53 48.17 32.63
CA ILE I 329 -17.55 47.97 33.65
C ILE I 329 -18.69 48.92 33.34
N ILE I 330 -19.79 48.37 32.82
CA ILE I 330 -20.99 49.16 32.54
C ILE I 330 -21.77 49.33 33.85
N ALA I 331 -22.02 50.58 34.22
CA ALA I 331 -22.73 50.90 35.47
C ALA I 331 -23.73 52.00 35.18
N PRO I 332 -24.94 51.65 34.76
CA PRO I 332 -25.94 52.67 34.42
C PRO I 332 -26.36 53.45 35.64
N PRO I 333 -26.86 54.68 35.47
CA PRO I 333 -27.35 55.44 36.63
C PRO I 333 -28.47 54.75 37.38
N GLU I 334 -29.29 53.95 36.69
CA GLU I 334 -30.42 53.27 37.30
C GLU I 334 -30.11 51.80 37.63
N ARG I 335 -28.89 51.52 38.10
CA ARG I 335 -28.54 50.17 38.52
C ARG I 335 -29.50 49.62 39.56
N LYS I 336 -30.05 50.51 40.40
CA LYS I 336 -31.00 50.08 41.43
C LYS I 336 -32.22 49.43 40.82
N TYR I 337 -32.76 50.01 39.74
CA TYR I 337 -33.98 49.52 39.12
C TYR I 337 -33.73 48.72 37.85
N SER I 338 -32.49 48.30 37.60
CA SER I 338 -32.16 47.61 36.36
C SER I 338 -32.92 46.30 36.22
N VAL I 339 -33.07 45.55 37.31
CA VAL I 339 -33.79 44.28 37.27
C VAL I 339 -35.25 44.50 36.92
N TRP I 340 -35.88 45.49 37.56
CA TRP I 340 -37.29 45.76 37.30
C TRP I 340 -37.51 46.24 35.87
N ILE I 341 -36.61 47.09 35.35
CA ILE I 341 -36.76 47.57 33.98
C ILE I 341 -36.63 46.42 33.00
N GLY I 342 -35.69 45.50 33.25
CA GLY I 342 -35.59 44.32 32.41
C GLY I 342 -36.82 43.45 32.48
N GLY I 343 -37.40 43.32 33.67
CA GLY I 343 -38.64 42.56 33.80
C GLY I 343 -39.80 43.20 33.07
N SER I 344 -39.90 44.53 33.12
CA SER I 344 -40.96 45.22 32.40
C SER I 344 -40.76 45.12 30.89
N ILE I 345 -39.51 45.14 30.43
CA ILE I 345 -39.24 44.96 29.01
C ILE I 345 -39.62 43.56 28.57
N LEU I 346 -39.20 42.55 29.34
CA LEU I 346 -39.49 41.16 28.99
C LEU I 346 -40.99 40.88 29.01
N ALA I 347 -41.69 41.39 30.01
CA ALA I 347 -43.12 41.11 30.15
C ALA I 347 -43.98 41.78 29.10
N SER I 348 -43.42 42.69 28.29
CA SER I 348 -44.18 43.36 27.25
C SER I 348 -43.72 42.96 25.85
N LEU I 349 -42.80 42.00 25.74
CA LEU I 349 -42.37 41.54 24.42
C LEU I 349 -43.41 40.61 23.82
N SER I 350 -43.65 40.75 22.52
CA SER I 350 -44.65 39.92 21.85
C SER I 350 -44.27 38.45 21.89
N THR I 351 -42.99 38.14 21.69
CA THR I 351 -42.55 36.74 21.68
C THR I 351 -42.60 36.09 23.07
N PHE I 352 -42.78 36.88 24.13
CA PHE I 352 -42.81 36.35 25.48
C PHE I 352 -44.21 35.93 25.93
N GLN I 353 -45.25 36.30 25.18
CA GLN I 353 -46.62 36.11 25.63
C GLN I 353 -47.00 34.63 25.76
N GLN I 354 -46.30 33.74 25.07
CA GLN I 354 -46.57 32.31 25.19
C GLN I 354 -45.71 31.63 26.25
N MET I 355 -44.82 32.37 26.91
CA MET I 355 -43.97 31.81 27.95
C MET I 355 -44.56 31.93 29.34
N TRP I 356 -45.67 32.67 29.49
CA TRP I 356 -46.35 32.75 30.77
C TRP I 356 -46.86 31.37 31.20
N ILE I 357 -46.79 31.12 32.50
CA ILE I 357 -47.49 29.97 33.08
C ILE I 357 -48.97 30.31 33.19
N SER I 358 -49.79 29.61 32.41
CA SER I 358 -51.21 29.91 32.36
C SER I 358 -51.94 29.26 33.55
N LYS I 359 -53.09 29.82 33.87
CA LYS I 359 -53.95 29.22 34.90
C LYS I 359 -54.36 27.81 34.49
N GLN I 360 -54.61 27.60 33.20
CA GLN I 360 -54.94 26.27 32.71
C GLN I 360 -53.78 25.31 32.93
N GLU I 361 -52.54 25.77 32.71
CA GLU I 361 -51.39 24.91 32.92
C GLU I 361 -51.19 24.58 34.38
N TYR I 362 -51.46 25.54 35.28
CA TYR I 362 -51.34 25.27 36.71
C TYR I 362 -52.38 24.26 37.18
N ASP I 363 -53.59 24.33 36.63
CA ASP I 363 -54.63 23.39 37.02
C ASP I 363 -54.27 21.96 36.65
N GLU I 364 -53.61 21.79 35.50
CA GLU I 364 -53.30 20.47 34.98
C GLU I 364 -51.91 19.96 35.39
N SER I 365 -51.06 20.79 35.98
CA SER I 365 -49.70 20.39 36.33
C SER I 365 -49.29 20.68 37.76
N GLY I 366 -49.92 21.64 38.44
CA GLY I 366 -49.58 21.95 39.81
C GLY I 366 -48.39 22.87 39.95
N PRO I 367 -47.93 23.06 41.19
CA PRO I 367 -46.80 23.99 41.42
C PRO I 367 -45.52 23.58 40.72
N SER I 368 -45.35 22.31 40.38
CA SER I 368 -44.14 21.84 39.72
C SER I 368 -43.98 22.34 38.30
N ILE I 369 -45.01 22.99 37.74
CA ILE I 369 -44.92 23.52 36.38
C ILE I 369 -43.81 24.56 36.27
N VAL I 370 -43.48 25.23 37.38
CA VAL I 370 -42.50 26.31 37.34
C VAL I 370 -41.12 25.81 36.96
N HIS I 371 -40.82 24.54 37.24
CA HIS I 371 -39.47 24.02 37.00
C HIS I 371 -39.21 23.71 35.53
N ARG I 372 -40.24 23.51 34.72
CA ARG I 372 -40.05 23.24 33.30
C ARG I 372 -40.48 24.39 32.40
N LYS I 373 -41.30 25.31 32.91
CA LYS I 373 -41.75 26.43 32.09
C LYS I 373 -40.81 27.62 32.17
N CYS I 374 -40.28 27.92 33.35
CA CYS I 374 -39.50 29.14 33.55
C CYS I 374 -38.03 28.96 33.19
N PHE I 375 -37.34 28.05 33.86
CA PHE I 375 -35.89 27.96 33.72
C PHE I 375 -35.41 26.53 33.84
N ASP J 4 11.60 43.77 87.41
CA ASP J 4 10.23 43.83 87.91
C ASP J 4 9.99 42.76 88.97
N ILE J 5 9.25 43.12 90.01
CA ILE J 5 9.00 42.18 91.10
C ILE J 5 7.98 41.13 90.68
N ALA J 6 6.77 41.58 90.35
CA ALA J 6 5.69 40.66 89.97
C ALA J 6 4.65 41.44 89.19
N ALA J 7 3.78 40.70 88.51
CA ALA J 7 2.72 41.31 87.72
C ALA J 7 1.43 41.37 88.51
N LEU J 8 0.73 42.49 88.40
CA LEU J 8 -0.59 42.66 89.00
C LEU J 8 -1.68 42.30 88.00
N VAL J 9 -2.81 41.83 88.52
CA VAL J 9 -3.99 41.55 87.71
C VAL J 9 -5.14 42.37 88.30
N VAL J 10 -5.77 43.19 87.48
CA VAL J 10 -6.83 44.10 87.93
C VAL J 10 -8.03 43.88 87.00
N ASP J 11 -8.98 43.06 87.43
CA ASP J 11 -10.19 42.77 86.67
C ASP J 11 -11.27 43.77 87.05
N ASN J 12 -11.26 44.91 86.36
CA ASN J 12 -12.29 45.92 86.57
C ASN J 12 -13.54 45.61 85.75
N GLY J 13 -14.67 46.12 86.23
CA GLY J 13 -15.92 46.00 85.52
C GLY J 13 -16.88 47.11 85.87
N SER J 14 -18.14 46.98 85.44
CA SER J 14 -19.13 48.02 85.73
C SER J 14 -19.36 48.21 87.22
N GLY J 15 -19.20 47.16 88.02
CA GLY J 15 -19.59 47.25 89.42
C GLY J 15 -18.56 46.82 90.45
N MET J 16 -17.53 46.09 90.02
CA MET J 16 -16.58 45.49 90.95
C MET J 16 -15.15 45.67 90.47
N CYS J 17 -14.23 45.68 91.43
CA CYS J 17 -12.80 45.72 91.19
C CYS J 17 -12.15 44.55 91.91
N LYS J 18 -11.40 43.73 91.17
CA LYS J 18 -10.67 42.59 91.71
C LYS J 18 -9.20 42.75 91.40
N ALA J 19 -8.38 42.84 92.45
CA ALA J 19 -6.96 43.11 92.31
C ALA J 19 -6.15 42.04 93.01
N GLY J 20 -4.92 41.84 92.55
CA GLY J 20 -4.05 40.86 93.15
C GLY J 20 -2.77 40.71 92.37
N PHE J 21 -2.09 39.59 92.61
CA PHE J 21 -0.81 39.30 91.99
C PHE J 21 -0.90 38.08 91.10
N ALA J 22 -0.10 38.08 90.04
CA ALA J 22 -0.06 36.93 89.14
C ALA J 22 0.50 35.72 89.86
N GLY J 23 -0.06 34.55 89.56
CA GLY J 23 0.27 33.33 90.24
C GLY J 23 -0.58 33.02 91.45
N ASP J 24 -1.31 34.00 91.97
CA ASP J 24 -2.23 33.73 93.07
C ASP J 24 -3.51 33.10 92.54
N ASP J 25 -4.11 32.24 93.36
CA ASP J 25 -5.33 31.53 92.98
C ASP J 25 -6.59 32.31 93.32
N ALA J 26 -6.46 33.48 93.95
CA ALA J 26 -7.62 34.30 94.28
C ALA J 26 -7.15 35.75 94.40
N PRO J 27 -7.98 36.72 94.03
CA PRO J 27 -7.58 38.12 94.17
C PRO J 27 -7.38 38.49 95.63
N ARG J 28 -6.32 39.27 95.88
CA ARG J 28 -5.99 39.67 97.25
C ARG J 28 -6.93 40.74 97.78
N ALA J 29 -7.50 41.56 96.90
CA ALA J 29 -8.42 42.61 97.30
C ALA J 29 -9.60 42.67 96.36
N VAL J 30 -10.80 42.69 96.93
CA VAL J 30 -12.05 42.81 96.16
C VAL J 30 -12.90 43.88 96.81
N PHE J 31 -13.35 44.85 96.02
CA PHE J 31 -14.17 45.95 96.52
C PHE J 31 -14.99 46.49 95.35
N PRO J 32 -16.16 47.05 95.63
CA PRO J 32 -16.98 47.60 94.54
C PRO J 32 -16.32 48.79 93.88
N SER J 33 -16.55 48.94 92.58
CA SER J 33 -16.03 50.06 91.81
C SER J 33 -16.90 51.30 92.00
N ILE J 34 -16.86 51.83 93.22
CA ILE J 34 -17.74 52.90 93.65
C ILE J 34 -16.91 54.07 94.16
N VAL J 35 -17.25 55.27 93.71
CA VAL J 35 -16.76 56.52 94.29
C VAL J 35 -17.95 57.21 94.95
N GLY J 36 -17.74 57.76 96.14
CA GLY J 36 -18.78 58.45 96.85
C GLY J 36 -18.31 59.80 97.34
N ARG J 37 -19.26 60.73 97.41
CA ARG J 37 -19.02 62.05 97.96
C ARG J 37 -20.18 62.42 98.86
N PRO J 38 -19.91 63.12 99.96
CA PRO J 38 -21.00 63.47 100.89
C PRO J 38 -22.02 64.39 100.26
N ARG J 39 -23.28 64.15 100.58
CA ARG J 39 -24.40 64.95 100.08
C ARG J 39 -25.10 65.74 101.18
N HIS J 40 -24.47 65.90 102.33
CA HIS J 40 -25.08 66.58 103.48
C HIS J 40 -24.09 67.58 104.05
N GLN J 41 -24.60 68.40 104.97
CA GLN J 41 -23.84 69.51 105.53
C GLN J 41 -22.93 69.03 106.65
N GLY J 42 -21.62 69.16 106.45
CA GLY J 42 -20.68 68.83 107.51
C GLY J 42 -20.64 69.92 108.56
N VAL J 43 -20.79 69.53 109.83
CA VAL J 43 -20.91 70.50 110.91
C VAL J 43 -19.85 70.27 111.98
N MET J 44 -19.34 69.05 112.06
CA MET J 44 -18.34 68.70 113.06
C MET J 44 -16.96 69.00 112.50
N VAL J 45 -16.41 70.18 112.84
CA VAL J 45 -15.08 70.53 112.39
C VAL J 45 -14.06 69.61 113.05
N GLY J 46 -13.00 69.29 112.31
CA GLY J 46 -12.12 68.20 112.68
C GLY J 46 -12.68 66.91 112.13
N MET J 47 -12.69 65.86 112.95
CA MET J 47 -13.35 64.60 112.64
C MET J 47 -12.61 63.86 111.52
N GLY J 48 -11.58 64.47 110.96
CA GLY J 48 -10.87 63.89 109.83
C GLY J 48 -11.69 63.72 108.58
N GLN J 49 -12.60 64.66 108.30
CA GLN J 49 -13.47 64.52 107.14
C GLN J 49 -12.68 64.63 105.85
N LYS J 50 -13.14 63.91 104.83
CA LYS J 50 -12.52 63.90 103.52
C LYS J 50 -13.62 64.01 102.47
N ASP J 51 -13.27 64.59 101.32
CA ASP J 51 -14.25 64.97 100.32
C ASP J 51 -14.68 63.83 99.40
N SER J 52 -13.98 62.69 99.43
CA SER J 52 -14.33 61.59 98.54
C SER J 52 -13.96 60.26 99.21
N TYR J 53 -14.75 59.23 98.90
CA TYR J 53 -14.55 57.90 99.44
C TYR J 53 -14.56 56.89 98.30
N VAL J 54 -13.82 55.80 98.47
CA VAL J 54 -13.63 54.81 97.41
C VAL J 54 -13.84 53.41 98.00
N GLY J 55 -14.53 52.57 97.23
CA GLY J 55 -14.59 51.15 97.56
C GLY J 55 -15.42 50.86 98.80
N ASP J 56 -14.85 50.02 99.68
CA ASP J 56 -15.59 49.55 100.86
C ASP J 56 -15.90 50.70 101.82
N GLU J 57 -15.04 51.72 101.86
CA GLU J 57 -15.32 52.86 102.71
C GLU J 57 -16.56 53.62 102.25
N ALA J 58 -16.77 53.71 100.93
CA ALA J 58 -17.99 54.31 100.43
C ALA J 58 -19.22 53.49 100.81
N GLN J 59 -19.10 52.16 100.77
CA GLN J 59 -20.23 51.32 101.18
C GLN J 59 -20.53 51.49 102.67
N SER J 60 -19.49 51.59 103.49
CA SER J 60 -19.68 51.74 104.93
C SER J 60 -20.39 53.05 105.26
N LYS J 61 -20.04 54.13 104.56
CA LYS J 61 -20.61 55.45 104.79
C LYS J 61 -21.65 55.84 103.75
N ARG J 62 -22.26 54.86 103.07
CA ARG J 62 -23.16 55.17 101.96
C ARG J 62 -24.43 55.91 102.41
N GLY J 63 -24.73 55.91 103.71
CA GLY J 63 -25.92 56.62 104.17
C GLY J 63 -25.83 58.12 103.92
N ILE J 64 -24.66 58.70 104.16
CA ILE J 64 -24.45 60.13 103.95
C ILE J 64 -23.79 60.44 102.62
N LEU J 65 -23.62 59.44 101.75
CA LEU J 65 -22.87 59.57 100.52
C LEU J 65 -23.77 59.38 99.31
N THR J 66 -23.44 60.08 98.22
CA THR J 66 -24.02 59.77 96.92
C THR J 66 -23.04 58.88 96.15
N LEU J 67 -23.49 57.69 95.77
CA LEU J 67 -22.63 56.69 95.16
C LEU J 67 -22.74 56.77 93.64
N LYS J 68 -21.60 56.87 92.97
CA LYS J 68 -21.51 57.00 91.53
C LYS J 68 -20.56 55.96 90.99
N TYR J 69 -20.98 55.22 89.96
CA TYR J 69 -20.14 54.21 89.34
C TYR J 69 -19.36 54.83 88.19
N PRO J 70 -18.03 54.92 88.27
CA PRO J 70 -17.26 55.46 87.14
C PRO J 70 -17.40 54.65 85.87
N ILE J 71 -17.68 53.35 85.97
CA ILE J 71 -17.84 52.49 84.80
C ILE J 71 -19.31 52.15 84.64
N GLU J 72 -19.82 52.32 83.42
CA GLU J 72 -21.18 51.89 83.08
C GLU J 72 -21.16 51.14 81.76
N HIC J 73 -21.73 49.94 81.76
CA HIC J 73 -21.70 49.05 80.61
C HIC J 73 -20.28 48.77 80.15
O HIC J 73 -19.99 48.76 78.95
CB HIC J 73 -22.53 49.61 79.46
CG HIC J 73 -24.00 49.60 79.73
ND1 HIC J 73 -24.66 48.47 80.12
CD2 HIC J 73 -24.88 50.65 79.64
CE1 HIC J 73 -25.92 48.84 80.27
NE2 HIC J 73 -26.10 50.15 79.99
CZ HIC J 73 -27.34 50.88 80.03
N GLY J 74 -19.38 48.55 81.10
CA GLY J 74 -18.00 48.20 80.80
C GLY J 74 -17.17 49.33 80.20
N ILE J 75 -17.75 50.53 80.17
CA ILE J 75 -17.11 51.69 79.57
C ILE J 75 -16.98 52.78 80.62
N VAL J 76 -15.78 53.33 80.75
CA VAL J 76 -15.54 54.38 81.74
C VAL J 76 -16.21 55.66 81.28
N THR J 77 -17.12 56.18 82.10
CA THR J 77 -17.85 57.41 81.77
C THR J 77 -17.24 58.65 82.42
N ASN J 78 -16.50 58.48 83.51
CA ASN J 78 -15.86 59.60 84.19
C ASN J 78 -14.48 59.12 84.63
N TRP J 79 -13.44 59.52 83.89
CA TRP J 79 -12.09 59.05 84.19
C TRP J 79 -11.53 59.70 85.44
N ASP J 80 -12.07 60.85 85.84
CA ASP J 80 -11.62 61.48 87.08
C ASP J 80 -11.89 60.60 88.30
N ASP J 81 -12.91 59.75 88.22
CA ASP J 81 -13.18 58.79 89.29
C ASP J 81 -12.59 57.42 89.02
N MET J 82 -12.37 57.07 87.74
CA MET J 82 -11.62 55.86 87.43
C MET J 82 -10.19 55.95 87.97
N GLU J 83 -9.60 57.14 87.91
CA GLU J 83 -8.28 57.34 88.49
C GLU J 83 -8.29 57.16 90.00
N LYS J 84 -9.35 57.63 90.66
CA LYS J 84 -9.49 57.40 92.09
C LYS J 84 -9.62 55.91 92.40
N ILE J 85 -10.40 55.19 91.59
CA ILE J 85 -10.55 53.75 91.77
C ILE J 85 -9.19 53.06 91.67
N TRP J 86 -8.42 53.39 90.64
CA TRP J 86 -7.13 52.72 90.44
C TRP J 86 -6.12 53.13 91.51
N HIS J 87 -6.15 54.41 91.93
CA HIS J 87 -5.25 54.85 92.98
C HIS J 87 -5.54 54.13 94.28
N HIS J 88 -6.82 53.98 94.62
CA HIS J 88 -7.20 53.18 95.77
C HIS J 88 -6.73 51.74 95.62
N THR J 89 -6.97 51.15 94.45
CA THR J 89 -6.57 49.77 94.19
C THR J 89 -5.09 49.55 94.45
N PHE J 90 -4.24 50.45 93.95
CA PHE J 90 -2.81 50.26 94.08
C PHE J 90 -2.30 50.65 95.46
N TYR J 91 -2.52 51.90 95.86
CA TYR J 91 -1.87 52.43 97.06
C TYR J 91 -2.62 52.15 98.35
N ASN J 92 -3.84 51.62 98.31
CA ASN J 92 -4.61 51.36 99.52
C ASN J 92 -5.00 49.91 99.68
N GLU J 93 -5.49 49.27 98.62
CA GLU J 93 -5.93 47.87 98.74
C GLU J 93 -4.76 46.91 98.60
N LEU J 94 -3.96 47.05 97.54
CA LEU J 94 -2.81 46.18 97.34
C LEU J 94 -1.59 46.65 98.09
N ARG J 95 -1.50 47.96 98.40
CA ARG J 95 -0.34 48.58 99.02
C ARG J 95 0.94 48.26 98.24
N VAL J 96 0.93 48.61 96.96
CA VAL J 96 2.06 48.39 96.08
C VAL J 96 2.31 49.65 95.26
N ALA J 97 3.54 49.75 94.74
CA ALA J 97 3.91 50.85 93.86
C ALA J 97 3.76 50.42 92.41
N PRO J 98 2.85 51.02 91.64
CA PRO J 98 2.67 50.60 90.24
C PRO J 98 3.90 50.83 89.37
N GLU J 99 4.83 51.68 89.79
CA GLU J 99 6.00 52.01 88.98
C GLU J 99 6.95 50.82 88.80
N GLU J 100 6.74 49.72 89.52
CA GLU J 100 7.63 48.57 89.41
C GLU J 100 6.89 47.25 89.21
N HIS J 101 5.59 47.28 88.88
CA HIS J 101 4.84 46.07 88.62
C HIS J 101 4.09 46.20 87.29
N PRO J 102 4.28 45.30 86.35
CA PRO J 102 3.39 45.25 85.18
C PRO J 102 1.97 44.98 85.62
N VAL J 103 1.01 45.57 84.90
CA VAL J 103 -0.40 45.48 85.27
C VAL J 103 -1.18 44.89 84.11
N LEU J 104 -1.97 43.84 84.39
CA LEU J 104 -2.83 43.23 83.39
C LEU J 104 -4.26 43.68 83.62
N LEU J 105 -4.76 44.53 82.73
CA LEU J 105 -6.14 45.00 82.79
C LEU J 105 -7.04 44.11 81.93
N THR J 106 -8.34 44.25 82.16
CA THR J 106 -9.35 43.49 81.43
C THR J 106 -10.37 44.44 80.83
N GLU J 107 -10.96 44.02 79.71
CA GLU J 107 -11.98 44.82 79.04
C GLU J 107 -12.96 43.90 78.32
N ALA J 108 -14.19 44.37 78.19
CA ALA J 108 -15.19 43.62 77.43
C ALA J 108 -14.98 43.83 75.93
N PRO J 109 -15.38 42.86 75.11
CA PRO J 109 -15.25 43.04 73.66
C PRO J 109 -16.26 44.03 73.11
N LEU J 110 -15.97 44.52 71.90
CA LEU J 110 -16.80 45.51 71.21
C LEU J 110 -16.90 46.81 72.01
N ASN J 111 -15.87 47.12 72.79
CA ASN J 111 -15.79 48.38 73.50
C ASN J 111 -15.28 49.49 72.59
N PRO J 112 -15.56 50.75 72.92
CA PRO J 112 -14.97 51.85 72.15
C PRO J 112 -13.45 51.83 72.25
N LYS J 113 -12.80 52.15 71.13
CA LYS J 113 -11.34 52.06 71.07
C LYS J 113 -10.67 53.11 71.96
N ALA J 114 -11.32 54.26 72.15
CA ALA J 114 -10.73 55.31 72.97
C ALA J 114 -10.67 54.93 74.44
N ASN J 115 -11.59 54.06 74.89
CA ASN J 115 -11.57 53.61 76.28
C ASN J 115 -10.29 52.83 76.57
N ARG J 116 -9.90 51.95 75.64
CA ARG J 116 -8.66 51.19 75.80
C ARG J 116 -7.44 52.10 75.71
N GLU J 117 -7.48 53.07 74.79
CA GLU J 117 -6.35 53.98 74.60
C GLU J 117 -6.10 54.80 75.86
N LYS J 118 -7.16 55.30 76.49
CA LYS J 118 -6.97 56.05 77.73
C LYS J 118 -6.59 55.16 78.89
N MET J 119 -7.01 53.89 78.87
CA MET J 119 -6.48 52.92 79.83
C MET J 119 -4.97 52.85 79.73
N THR J 120 -4.45 52.67 78.51
CA THR J 120 -3.00 52.62 78.32
C THR J 120 -2.34 53.92 78.73
N GLN J 121 -2.94 55.05 78.34
CA GLN J 121 -2.34 56.36 78.63
C GLN J 121 -2.25 56.60 80.13
N ILE J 122 -3.30 56.26 80.87
CA ILE J 122 -3.27 56.45 82.31
C ILE J 122 -2.31 55.47 82.96
N MET J 123 -2.31 54.21 82.53
CA MET J 123 -1.44 53.23 83.16
C MET J 123 0.03 53.56 82.93
N PHE J 124 0.35 54.28 81.86
CA PHE J 124 1.75 54.64 81.62
C PHE J 124 2.14 56.02 82.11
N GLU J 125 1.27 57.03 81.98
CA GLU J 125 1.71 58.41 82.21
C GLU J 125 1.55 58.88 83.64
N THR J 126 0.57 58.38 84.39
CA THR J 126 0.40 58.81 85.76
C THR J 126 0.69 57.73 86.78
N PHE J 127 0.55 56.45 86.41
CA PHE J 127 0.95 55.35 87.27
C PHE J 127 2.33 54.80 86.93
N ASN J 128 2.87 55.15 85.76
CA ASN J 128 4.26 54.88 85.40
C ASN J 128 4.61 53.39 85.49
N THR J 129 3.67 52.53 85.10
CA THR J 129 3.90 51.10 85.17
C THR J 129 4.96 50.68 84.15
N PRO J 130 5.84 49.74 84.49
CA PRO J 130 6.81 49.25 83.50
C PRO J 130 6.18 48.63 82.27
N ALA J 131 5.04 47.95 82.42
CA ALA J 131 4.37 47.33 81.29
C ALA J 131 2.89 47.16 81.63
N MET J 132 2.09 46.95 80.59
CA MET J 132 0.66 46.71 80.78
C MET J 132 0.12 45.95 79.59
N TYR J 133 -1.05 45.34 79.79
CA TYR J 133 -1.73 44.58 78.75
C TYR J 133 -3.22 44.61 79.04
N VAL J 134 -4.02 44.54 77.98
CA VAL J 134 -5.48 44.61 78.08
C VAL J 134 -6.05 43.36 77.43
N ALA J 135 -6.45 42.39 78.23
CA ALA J 135 -7.01 41.14 77.74
C ALA J 135 -8.53 41.18 77.77
N ILE J 136 -9.14 40.35 76.92
CA ILE J 136 -10.59 40.24 76.87
C ILE J 136 -11.07 39.39 78.05
N GLN J 137 -12.13 39.84 78.72
CA GLN J 137 -12.60 39.18 79.93
C GLN J 137 -13.01 37.74 79.68
N ALA J 138 -13.77 37.50 78.61
CA ALA J 138 -14.25 36.15 78.34
C ALA J 138 -13.14 35.19 77.95
N VAL J 139 -12.05 35.69 77.37
CA VAL J 139 -10.93 34.82 77.05
C VAL J 139 -10.26 34.32 78.31
N LEU J 140 -10.17 35.18 79.33
CA LEU J 140 -9.53 34.78 80.58
C LEU J 140 -10.32 33.68 81.29
N SER J 141 -11.65 33.73 81.20
CA SER J 141 -12.47 32.71 81.85
C SER J 141 -12.17 31.32 81.29
N LEU J 142 -11.79 31.23 80.02
CA LEU J 142 -11.39 29.94 79.46
C LEU J 142 -10.07 29.47 80.07
N TYR J 143 -9.17 30.40 80.37
CA TYR J 143 -7.92 30.04 81.02
C TYR J 143 -8.17 29.45 82.41
N ALA J 144 -9.09 30.05 83.17
CA ALA J 144 -9.41 29.54 84.50
C ALA J 144 -10.02 28.15 84.43
N SER J 145 -10.80 27.87 83.39
CA SER J 145 -11.42 26.57 83.23
C SER J 145 -10.44 25.50 82.74
N GLY J 146 -9.22 25.88 82.41
CA GLY J 146 -8.24 24.93 81.91
C GLY J 146 -8.61 24.36 80.55
N ARG J 147 -9.12 25.19 79.66
CA ARG J 147 -9.60 24.75 78.35
C ARG J 147 -8.98 25.61 77.25
N THR J 148 -8.93 25.04 76.05
CA THR J 148 -8.63 25.80 74.84
C THR J 148 -9.78 25.75 73.85
N THR J 149 -10.85 25.02 74.14
CA THR J 149 -12.01 24.92 73.28
C THR J 149 -13.27 25.13 74.12
N GLY J 150 -14.16 25.97 73.64
CA GLY J 150 -15.41 26.25 74.32
C GLY J 150 -15.84 27.69 74.12
N ILE J 151 -17.12 27.93 74.37
CA ILE J 151 -17.71 29.26 74.27
C ILE J 151 -17.95 29.76 75.69
N VAL J 152 -17.45 30.95 75.99
CA VAL J 152 -17.56 31.53 77.32
C VAL J 152 -18.69 32.55 77.34
N MET J 153 -19.67 32.32 78.22
CA MET J 153 -20.78 33.24 78.43
C MET J 153 -20.48 34.00 79.72
N ASP J 154 -19.90 35.20 79.57
CA ASP J 154 -19.48 36.02 80.70
C ASP J 154 -20.50 37.13 80.91
N SER J 155 -20.98 37.27 82.14
CA SER J 155 -22.00 38.25 82.47
C SER J 155 -21.63 38.90 83.80
N GLY J 156 -21.27 40.17 83.77
CA GLY J 156 -20.88 40.92 84.95
C GLY J 156 -21.94 41.90 85.38
N ASP J 157 -21.50 43.05 85.89
CA ASP J 157 -22.42 44.05 86.40
C ASP J 157 -23.05 44.90 85.30
N GLY J 158 -22.44 44.98 84.12
CA GLY J 158 -23.04 45.78 83.08
C GLY J 158 -22.91 45.28 81.66
N VAL J 159 -22.22 44.15 81.46
CA VAL J 159 -21.98 43.62 80.12
C VAL J 159 -22.15 42.11 80.14
N THR J 160 -22.84 41.59 79.13
CA THR J 160 -22.88 40.16 78.84
C THR J 160 -22.28 39.94 77.46
N HIS J 161 -21.29 39.05 77.38
CA HIS J 161 -20.64 38.78 76.10
C HIS J 161 -20.30 37.30 75.98
N THR J 162 -20.39 36.79 74.76
CA THR J 162 -20.04 35.41 74.46
C THR J 162 -18.91 35.39 73.45
N VAL J 163 -17.84 34.67 73.75
CA VAL J 163 -16.68 34.57 72.87
C VAL J 163 -16.40 33.10 72.56
N PRO J 164 -16.59 32.66 71.32
CA PRO J 164 -16.28 31.27 70.96
C PRO J 164 -14.80 31.10 70.67
N ILE J 165 -14.21 30.05 71.25
CA ILE J 165 -12.81 29.71 71.02
C ILE J 165 -12.73 28.23 70.71
N TYR J 166 -11.98 27.87 69.67
CA TYR J 166 -11.80 26.47 69.29
C TYR J 166 -10.32 26.18 69.13
N GLU J 167 -9.77 25.39 70.05
CA GLU J 167 -8.37 24.93 70.00
C GLU J 167 -7.41 26.11 69.87
N GLY J 168 -7.67 27.17 70.63
CA GLY J 168 -6.77 28.30 70.71
C GLY J 168 -7.13 29.47 69.83
N TYR J 169 -8.04 29.28 68.87
CA TYR J 169 -8.41 30.33 67.93
C TYR J 169 -9.83 30.81 68.23
N ALA J 170 -9.97 32.11 68.48
CA ALA J 170 -11.28 32.71 68.67
C ALA J 170 -11.86 33.15 67.33
N LEU J 171 -13.19 33.19 67.27
CA LEU J 171 -13.89 33.63 66.07
C LEU J 171 -14.48 35.01 66.32
N PRO J 172 -13.77 36.09 66.00
CA PRO J 172 -14.26 37.44 66.33
C PRO J 172 -15.56 37.80 65.65
N HIS J 173 -15.88 37.21 64.49
CA HIS J 173 -17.14 37.50 63.82
C HIS J 173 -18.33 36.90 64.57
N ALA J 174 -18.10 35.87 65.38
CA ALA J 174 -19.16 35.22 66.14
C ALA J 174 -19.32 35.80 67.54
N ILE J 175 -18.46 36.74 67.94
CA ILE J 175 -18.57 37.32 69.28
C ILE J 175 -19.80 38.21 69.35
N LEU J 176 -20.64 37.95 70.36
CA LEU J 176 -21.87 38.70 70.56
C LEU J 176 -21.81 39.43 71.89
N ARG J 177 -22.52 40.55 71.97
CA ARG J 177 -22.51 41.38 73.16
C ARG J 177 -23.91 41.91 73.46
N LEU J 178 -24.30 41.80 74.72
CA LEU J 178 -25.53 42.39 75.24
C LEU J 178 -25.17 43.43 76.30
N ASP J 179 -25.80 44.60 76.20
CA ASP J 179 -25.68 45.62 77.25
C ASP J 179 -26.74 45.39 78.32
N LEU J 180 -26.77 44.16 78.82
CA LEU J 180 -27.80 43.73 79.78
C LEU J 180 -27.17 42.73 80.74
N ALA J 181 -26.90 43.20 81.97
CA ALA J 181 -26.43 42.34 83.04
C ALA J 181 -26.38 43.18 84.31
N GLY J 182 -26.40 42.49 85.46
CA GLY J 182 -26.09 43.13 86.73
C GLY J 182 -26.97 44.31 87.10
N ARG J 183 -26.41 45.50 86.91
CA ARG J 183 -27.08 46.75 87.24
C ARG J 183 -28.48 46.82 86.63
N ASP J 184 -28.65 46.30 85.42
CA ASP J 184 -29.97 46.29 84.80
C ASP J 184 -30.96 45.47 85.60
N LEU J 185 -30.55 44.29 86.07
CA LEU J 185 -31.42 43.47 86.91
C LEU J 185 -31.66 44.11 88.27
N THR J 186 -30.64 44.78 88.82
CA THR J 186 -30.83 45.52 90.07
C THR J 186 -31.89 46.60 89.92
N ASP J 187 -31.83 47.36 88.82
CA ASP J 187 -32.83 48.38 88.56
C ASP J 187 -34.20 47.77 88.31
N TYR J 188 -34.27 46.64 87.62
CA TYR J 188 -35.55 45.99 87.39
C TYR J 188 -36.18 45.53 88.70
N LEU J 189 -35.37 44.94 89.59
CA LEU J 189 -35.88 44.56 90.91
C LEU J 189 -36.30 45.78 91.71
N MET J 190 -35.53 46.87 91.61
CA MET J 190 -35.93 48.14 92.23
C MET J 190 -37.29 48.59 91.72
N LYS J 191 -37.56 48.41 90.43
CA LYS J 191 -38.82 48.83 89.86
C LYS J 191 -39.98 47.93 90.30
N ILE J 192 -39.78 46.61 90.25
CA ILE J 192 -40.89 45.69 90.52
C ILE J 192 -41.17 45.55 92.01
N LEU J 193 -40.23 45.94 92.88
CA LEU J 193 -40.51 45.91 94.32
C LEU J 193 -41.56 46.95 94.72
N THR J 194 -41.80 47.96 93.88
CA THR J 194 -42.82 48.95 94.18
C THR J 194 -44.23 48.36 94.13
N GLU J 195 -44.38 47.18 93.55
CA GLU J 195 -45.70 46.52 93.53
C GLU J 195 -46.16 46.18 94.94
N ARG J 196 -45.22 45.99 95.87
CA ARG J 196 -45.55 45.74 97.26
C ARG J 196 -45.43 46.98 98.14
N GLY J 197 -45.21 48.15 97.53
CA GLY J 197 -45.09 49.39 98.28
C GLY J 197 -43.68 49.76 98.70
N TYR J 198 -42.69 48.91 98.41
CA TYR J 198 -41.31 49.27 98.72
C TYR J 198 -40.81 50.30 97.72
N SER J 199 -40.16 51.35 98.24
CA SER J 199 -39.86 52.55 97.45
C SER J 199 -38.38 52.92 97.58
N PHE J 200 -37.51 51.94 97.34
CA PHE J 200 -36.08 52.22 97.29
C PHE J 200 -35.78 53.12 96.08
N THR J 201 -35.16 54.27 96.33
CA THR J 201 -34.91 55.24 95.27
C THR J 201 -33.46 55.72 95.21
N THR J 202 -32.81 55.89 96.35
CA THR J 202 -31.47 56.47 96.38
C THR J 202 -30.41 55.45 95.95
N THR J 203 -29.18 55.92 95.81
CA THR J 203 -28.08 55.04 95.43
C THR J 203 -27.73 54.07 96.55
N ALA J 204 -27.83 54.50 97.81
CA ALA J 204 -27.61 53.56 98.91
C ALA J 204 -28.70 52.49 98.94
N GLU J 205 -29.94 52.88 98.66
CA GLU J 205 -30.99 51.89 98.52
C GLU J 205 -30.82 51.05 97.27
N ARG J 206 -30.12 51.56 96.26
CA ARG J 206 -29.74 50.71 95.14
C ARG J 206 -28.78 49.61 95.59
N GLU J 207 -27.85 49.93 96.48
CA GLU J 207 -26.97 48.91 97.04
C GLU J 207 -27.76 47.93 97.92
N ILE J 208 -28.75 48.43 98.65
CA ILE J 208 -29.61 47.55 99.45
C ILE J 208 -30.35 46.56 98.55
N VAL J 209 -30.92 47.06 97.45
CA VAL J 209 -31.59 46.19 96.49
C VAL J 209 -30.61 45.25 95.81
N ARG J 210 -29.37 45.69 95.59
CA ARG J 210 -28.35 44.80 95.05
C ARG J 210 -28.09 43.64 96.01
N ASP J 211 -28.00 43.93 97.31
CA ASP J 211 -27.83 42.87 98.29
C ASP J 211 -29.04 41.93 98.31
N ILE J 212 -30.24 42.49 98.21
CA ILE J 212 -31.45 41.68 98.14
C ILE J 212 -31.39 40.75 96.94
N LYS J 213 -30.98 41.29 95.79
CA LYS J 213 -30.87 40.50 94.56
C LYS J 213 -29.85 39.38 94.71
N GLU J 214 -28.68 39.71 95.29
CA GLU J 214 -27.63 38.71 95.42
C GLU J 214 -28.01 37.61 96.40
N LYS J 215 -28.81 37.96 97.42
CA LYS J 215 -29.13 36.96 98.45
C LYS J 215 -30.35 36.12 98.09
N LEU J 216 -31.38 36.72 97.46
CA LEU J 216 -32.67 36.06 97.33
C LEU J 216 -33.12 35.77 95.91
N CYS J 217 -32.59 36.47 94.91
CA CYS J 217 -33.01 36.19 93.53
C CYS J 217 -32.48 34.83 93.08
N TYR J 218 -33.26 34.17 92.24
CA TYR J 218 -32.89 32.87 91.70
C TYR J 218 -33.60 32.66 90.38
N VAL J 219 -33.07 31.73 89.58
CA VAL J 219 -33.57 31.47 88.22
C VAL J 219 -34.55 30.32 88.26
N ALA J 220 -35.74 30.54 87.71
CA ALA J 220 -36.74 29.49 87.60
C ALA J 220 -36.42 28.55 86.45
N LEU J 221 -36.61 27.25 86.68
CA LEU J 221 -36.43 26.28 85.59
C LEU J 221 -37.60 26.34 84.61
N ASP J 222 -38.81 26.63 85.10
CA ASP J 222 -39.99 26.83 84.26
C ASP J 222 -40.70 28.05 84.82
N PHE J 223 -40.65 29.16 84.09
CA PHE J 223 -41.12 30.44 84.63
C PHE J 223 -42.63 30.42 84.89
N GLU J 224 -43.41 29.90 83.94
CA GLU J 224 -44.85 29.86 84.11
C GLU J 224 -45.25 28.94 85.26
N GLN J 225 -44.61 27.78 85.37
CA GLN J 225 -44.91 26.87 86.49
C GLN J 225 -44.55 27.51 87.82
N GLU J 226 -43.43 28.23 87.88
CA GLU J 226 -43.05 28.91 89.11
C GLU J 226 -44.02 30.04 89.45
N MET J 227 -44.53 30.74 88.44
CA MET J 227 -45.58 31.74 88.69
C MET J 227 -46.84 31.08 89.25
N ALA J 228 -47.23 29.94 88.69
CA ALA J 228 -48.38 29.22 89.20
C ALA J 228 -48.17 28.77 90.63
N THR J 229 -46.95 28.30 90.94
CA THR J 229 -46.62 27.92 92.31
C THR J 229 -46.69 29.12 93.24
N ALA J 230 -46.19 30.28 92.80
CA ALA J 230 -46.24 31.50 93.58
C ALA J 230 -47.66 32.04 93.72
N ALA J 231 -48.60 31.58 92.88
CA ALA J 231 -49.99 31.96 93.09
C ALA J 231 -50.50 31.47 94.44
N SER J 232 -50.14 30.24 94.83
CA SER J 232 -50.32 29.78 96.20
C SER J 232 -49.16 30.35 97.04
N SER J 233 -49.37 31.58 97.50
CA SER J 233 -48.32 32.42 98.07
C SER J 233 -47.94 32.06 99.50
N SER J 234 -47.38 30.87 99.73
CA SER J 234 -46.92 30.47 101.05
C SER J 234 -45.45 30.05 101.06
N SER J 235 -45.03 29.22 100.11
CA SER J 235 -43.72 28.60 100.17
C SER J 235 -42.59 29.48 99.62
N LEU J 236 -42.85 30.24 98.57
CA LEU J 236 -41.80 30.99 97.89
C LEU J 236 -41.53 32.36 98.48
N GLU J 237 -42.27 32.76 99.51
CA GLU J 237 -42.05 34.07 100.11
C GLU J 237 -40.88 34.02 101.09
N LYS J 238 -40.01 35.03 100.99
CA LYS J 238 -38.80 35.11 101.80
C LYS J 238 -38.72 36.47 102.47
N SER J 239 -38.23 36.49 103.71
CA SER J 239 -38.07 37.73 104.44
C SER J 239 -36.64 38.24 104.33
N TYR J 240 -36.53 39.57 104.23
CA TYR J 240 -35.24 40.25 104.20
C TYR J 240 -35.30 41.44 105.15
N GLU J 241 -34.24 41.67 105.89
CA GLU J 241 -34.18 42.73 106.88
C GLU J 241 -33.35 43.89 106.34
N LEU J 242 -33.95 45.09 106.33
CA LEU J 242 -33.26 46.29 105.93
C LEU J 242 -32.23 46.70 106.98
N PRO J 243 -31.27 47.55 106.62
CA PRO J 243 -30.26 47.96 107.62
C PRO J 243 -30.83 48.69 108.82
N ASP J 244 -32.04 49.24 108.73
CA ASP J 244 -32.66 49.94 109.84
C ASP J 244 -33.62 49.06 110.65
N GLY J 245 -33.73 47.78 110.31
CA GLY J 245 -34.53 46.85 111.07
C GLY J 245 -35.89 46.51 110.50
N GLN J 246 -36.39 47.28 109.54
CA GLN J 246 -37.66 46.93 108.91
C GLN J 246 -37.49 45.72 108.00
N VAL J 247 -38.50 44.86 107.98
CA VAL J 247 -38.43 43.58 107.27
C VAL J 247 -39.38 43.65 106.08
N ILE J 248 -38.82 43.43 104.89
CA ILE J 248 -39.60 43.34 103.66
C ILE J 248 -39.80 41.86 103.32
N THR J 249 -40.83 41.58 102.53
CA THR J 249 -41.12 40.24 102.06
C THR J 249 -41.15 40.22 100.55
N ILE J 250 -40.44 39.27 99.95
CA ILE J 250 -40.32 39.16 98.50
C ILE J 250 -40.77 37.76 98.08
N GLY J 251 -41.60 37.70 97.05
CA GLY J 251 -42.16 36.44 96.59
C GLY J 251 -41.79 36.10 95.16
N ASN J 252 -42.76 36.17 94.25
CA ASN J 252 -42.50 35.88 92.85
C ASN J 252 -41.46 36.81 92.23
N GLU J 253 -41.22 37.97 92.85
CA GLU J 253 -40.15 38.85 92.38
C GLU J 253 -38.80 38.16 92.42
N ARG J 254 -38.63 37.17 93.31
CA ARG J 254 -37.34 36.49 93.44
C ARG J 254 -36.90 35.85 92.13
N PHE J 255 -37.84 35.25 91.39
CA PHE J 255 -37.50 34.66 90.10
C PHE J 255 -37.93 35.51 88.91
N ARG J 256 -38.78 36.52 89.11
CA ARG J 256 -38.97 37.50 88.05
C ARG J 256 -37.71 38.36 87.87
N CYS J 257 -36.93 38.49 88.93
CA CYS J 257 -35.69 39.26 89.01
C CYS J 257 -34.62 38.77 88.02
N PRO J 258 -34.29 37.48 87.95
CA PRO J 258 -33.34 37.03 86.92
C PRO J 258 -33.98 36.71 85.58
N GLU J 259 -35.31 36.62 85.51
CA GLU J 259 -35.97 36.21 84.28
C GLU J 259 -35.73 37.20 83.15
N ALA J 260 -35.42 38.45 83.47
CA ALA J 260 -35.13 39.45 82.44
C ALA J 260 -33.90 39.06 81.62
N LEU J 261 -33.03 38.21 82.14
CA LEU J 261 -31.90 37.72 81.35
C LEU J 261 -32.38 36.86 80.18
N PHE J 262 -33.39 36.03 80.40
CA PHE J 262 -33.89 35.15 79.36
C PHE J 262 -35.05 35.77 78.57
N GLN J 263 -35.72 36.77 79.14
CA GLN J 263 -36.78 37.51 78.47
C GLN J 263 -36.48 39.00 78.62
N PRO J 264 -35.63 39.55 77.76
CA PRO J 264 -35.30 40.98 77.85
C PRO J 264 -36.50 41.89 77.63
N SER J 265 -37.59 41.38 77.07
CA SER J 265 -38.80 42.18 76.90
C SER J 265 -39.39 42.64 78.22
N PHE J 266 -39.00 42.01 79.34
CA PHE J 266 -39.42 42.49 80.65
C PHE J 266 -38.92 43.90 80.91
N LEU J 267 -37.74 44.24 80.36
CA LEU J 267 -37.17 45.57 80.50
C LEU J 267 -37.55 46.49 79.35
N GLY J 268 -38.40 46.04 78.43
CA GLY J 268 -38.68 46.77 77.22
C GLY J 268 -37.65 46.61 76.12
N MET J 269 -36.66 45.74 76.32
CA MET J 269 -35.63 45.53 75.32
C MET J 269 -36.11 44.59 74.22
N GLU J 270 -35.57 44.80 73.01
CA GLU J 270 -35.92 43.97 71.87
C GLU J 270 -35.01 42.76 71.73
N SER J 271 -33.84 42.77 72.38
CA SER J 271 -32.82 41.78 72.13
C SER J 271 -33.23 40.40 72.65
N CYS J 272 -32.52 39.38 72.17
CA CYS J 272 -32.77 38.01 72.59
C CYS J 272 -32.22 37.78 74.00
N GLY J 273 -32.67 36.69 74.62
CA GLY J 273 -32.18 36.32 75.93
C GLY J 273 -30.76 35.78 75.87
N ILE J 274 -30.18 35.60 77.06
CA ILE J 274 -28.80 35.13 77.15
C ILE J 274 -28.67 33.70 76.62
N HIS J 275 -29.72 32.90 76.73
CA HIS J 275 -29.69 31.56 76.14
C HIS J 275 -29.66 31.62 74.62
N GLU J 276 -30.42 32.55 74.03
CA GLU J 276 -30.47 32.64 72.58
C GLU J 276 -29.20 33.27 72.02
N THR J 277 -28.59 34.20 72.75
CA THR J 277 -27.34 34.81 72.29
C THR J 277 -26.22 33.78 72.24
N THR J 278 -26.13 32.90 73.24
CA THR J 278 -25.11 31.85 73.21
C THR J 278 -25.34 30.91 72.03
N PHE J 279 -26.60 30.53 71.79
CA PHE J 279 -26.91 29.65 70.68
C PHE J 279 -26.59 30.31 69.33
N ASN J 280 -26.91 31.60 69.19
CA ASN J 280 -26.59 32.30 67.96
C ASN J 280 -25.09 32.46 67.78
N SER J 281 -24.37 32.66 68.87
CA SER J 281 -22.90 32.74 68.79
C SER J 281 -22.30 31.41 68.37
N ILE J 282 -22.84 30.30 68.87
CA ILE J 282 -22.38 28.98 68.45
C ILE J 282 -22.69 28.76 66.98
N MET J 283 -23.90 29.13 66.55
CA MET J 283 -24.30 28.91 65.17
C MET J 283 -23.56 29.81 64.20
N LYS J 284 -23.07 30.96 64.66
CA LYS J 284 -22.26 31.81 63.80
C LYS J 284 -20.91 31.19 63.48
N CYS J 285 -20.49 30.17 64.22
CA CYS J 285 -19.22 29.52 64.00
C CYS J 285 -19.33 28.45 62.92
N ASP J 286 -18.18 27.85 62.60
CA ASP J 286 -18.15 26.80 61.60
C ASP J 286 -18.89 25.56 62.09
N VAL J 287 -19.40 24.78 61.13
CA VAL J 287 -20.22 23.61 61.46
C VAL J 287 -19.41 22.59 62.27
N ASP J 288 -18.15 22.37 61.88
CA ASP J 288 -17.37 21.30 62.48
C ASP J 288 -16.98 21.57 63.93
N ILE J 289 -17.00 22.84 64.36
CA ILE J 289 -16.61 23.17 65.73
C ILE J 289 -17.80 23.36 66.66
N ARG J 290 -19.03 23.37 66.14
CA ARG J 290 -20.20 23.58 66.98
C ARG J 290 -20.37 22.46 68.00
N LYS J 291 -20.06 21.22 67.60
CA LYS J 291 -20.24 20.08 68.51
C LYS J 291 -19.40 20.26 69.77
N ASP J 292 -18.16 20.72 69.63
CA ASP J 292 -17.31 20.93 70.80
C ASP J 292 -17.72 22.17 71.59
N LEU J 293 -18.29 23.17 70.93
CA LEU J 293 -18.75 24.37 71.65
C LEU J 293 -19.95 24.05 72.53
N TYR J 294 -20.83 23.15 72.06
CA TYR J 294 -22.01 22.79 72.86
C TYR J 294 -21.59 22.12 74.16
N ALA J 295 -20.58 21.25 74.12
CA ALA J 295 -20.15 20.50 75.28
C ALA J 295 -19.19 21.27 76.18
N ASN J 296 -18.81 22.49 75.82
CA ASN J 296 -17.86 23.27 76.59
C ASN J 296 -18.35 24.71 76.74
N THR J 297 -19.63 24.88 77.05
CA THR J 297 -20.19 26.20 77.33
C THR J 297 -19.88 26.54 78.78
N VAL J 298 -19.06 27.59 78.98
CA VAL J 298 -18.52 27.94 80.30
C VAL J 298 -19.16 29.24 80.75
N LEU J 299 -19.75 29.23 81.94
CA LEU J 299 -20.30 30.43 82.53
C LEU J 299 -19.26 31.13 83.39
N SER J 300 -19.33 32.46 83.41
CA SER J 300 -18.45 33.26 84.25
C SER J 300 -19.12 34.59 84.53
N GLY J 301 -18.59 35.29 85.54
CA GLY J 301 -19.12 36.57 85.93
C GLY J 301 -20.07 36.48 87.12
N GLY J 302 -20.28 37.63 87.77
CA GLY J 302 -21.11 37.66 88.96
C GLY J 302 -22.58 37.41 88.68
N THR J 303 -23.09 37.89 87.55
CA THR J 303 -24.51 37.74 87.24
C THR J 303 -24.89 36.28 87.06
N THR J 304 -23.99 35.44 86.56
CA THR J 304 -24.29 34.03 86.35
C THR J 304 -24.26 33.22 87.65
N MET J 305 -24.31 33.88 88.80
CA MET J 305 -24.28 33.20 90.10
C MET J 305 -25.66 32.88 90.66
N TYR J 306 -26.73 33.21 89.94
CA TYR J 306 -28.06 32.89 90.43
C TYR J 306 -28.23 31.38 90.53
N PRO J 307 -28.83 30.88 91.62
CA PRO J 307 -29.10 29.44 91.70
C PRO J 307 -30.01 28.99 90.58
N GLY J 308 -29.68 27.84 89.99
CA GLY J 308 -30.46 27.28 88.91
C GLY J 308 -30.22 27.88 87.55
N ILE J 309 -29.30 28.84 87.42
CA ILE J 309 -29.05 29.45 86.11
C ILE J 309 -28.40 28.45 85.16
N ALA J 310 -27.53 27.57 85.68
CA ALA J 310 -26.89 26.58 84.83
C ALA J 310 -27.92 25.58 84.30
N ASP J 311 -28.83 25.12 85.15
CA ASP J 311 -29.86 24.19 84.72
C ASP J 311 -30.79 24.83 83.70
N ARG J 312 -31.15 26.11 83.91
CA ARG J 312 -32.01 26.80 82.95
C ARG J 312 -31.30 26.98 81.62
N MET J 313 -30.01 27.35 81.65
CA MET J 313 -29.25 27.49 80.41
C MET J 313 -29.14 26.15 79.69
N GLN J 314 -28.94 25.07 80.43
CA GLN J 314 -28.90 23.74 79.83
C GLN J 314 -30.25 23.40 79.20
N LYS J 315 -31.35 23.71 79.89
CA LYS J 315 -32.67 23.40 79.36
C LYS J 315 -32.98 24.20 78.10
N GLU J 316 -32.66 25.49 78.10
CA GLU J 316 -33.01 26.34 76.97
C GLU J 316 -32.14 26.03 75.75
N ILE J 317 -30.84 25.84 75.96
CA ILE J 317 -29.94 25.57 74.83
C ILE J 317 -30.22 24.21 74.23
N THR J 318 -30.51 23.21 75.06
CA THR J 318 -30.81 21.88 74.53
C THR J 318 -32.11 21.84 73.75
N ALA J 319 -33.00 22.83 73.95
CA ALA J 319 -34.22 22.92 73.16
C ALA J 319 -33.96 23.60 71.82
N LEU J 320 -32.92 24.43 71.74
CA LEU J 320 -32.59 25.11 70.49
C LEU J 320 -31.65 24.27 69.64
N ALA J 321 -30.59 23.75 70.25
CA ALA J 321 -29.58 22.99 69.52
C ALA J 321 -30.17 21.69 68.98
N PRO J 322 -29.57 21.12 67.94
CA PRO J 322 -30.06 19.83 67.42
C PRO J 322 -30.02 18.75 68.49
N SER J 323 -30.99 17.83 68.40
CA SER J 323 -31.26 16.88 69.48
C SER J 323 -30.13 15.91 69.75
N THR J 324 -29.18 15.76 68.83
CA THR J 324 -28.10 14.78 69.01
C THR J 324 -26.89 15.36 69.72
N MET J 325 -26.83 16.67 69.95
CA MET J 325 -25.69 17.28 70.60
C MET J 325 -25.78 17.12 72.11
N LYS J 326 -24.62 17.01 72.76
CA LYS J 326 -24.52 16.87 74.20
C LYS J 326 -24.23 18.25 74.79
N ILE J 327 -25.29 18.94 75.21
CA ILE J 327 -25.14 20.26 75.82
C ILE J 327 -24.59 20.10 77.23
N LYS J 328 -23.48 20.79 77.52
CA LYS J 328 -22.87 20.78 78.84
C LYS J 328 -22.59 22.22 79.26
N ILE J 329 -23.17 22.63 80.38
CA ILE J 329 -22.98 23.97 80.92
C ILE J 329 -22.06 23.85 82.12
N ILE J 330 -20.82 24.29 81.95
CA ILE J 330 -19.83 24.29 83.03
C ILE J 330 -20.00 25.56 83.85
N ALA J 331 -20.31 25.40 85.13
CA ALA J 331 -20.51 26.53 86.04
C ALA J 331 -19.65 26.30 87.29
N PRO J 332 -18.38 26.68 87.23
CA PRO J 332 -17.52 26.48 88.39
C PRO J 332 -17.99 27.32 89.56
N PRO J 333 -17.77 26.88 90.80
CA PRO J 333 -18.17 27.68 91.96
C PRO J 333 -17.43 29.01 92.04
N GLU J 334 -16.27 29.12 91.42
CA GLU J 334 -15.49 30.35 91.36
C GLU J 334 -15.89 31.25 90.19
N ARG J 335 -17.13 31.14 89.71
CA ARG J 335 -17.60 31.94 88.58
C ARG J 335 -17.34 33.43 88.77
N LYS J 336 -17.54 33.93 89.99
CA LYS J 336 -17.33 35.35 90.27
C LYS J 336 -15.90 35.79 89.98
N TYR J 337 -14.94 34.91 90.17
CA TYR J 337 -13.53 35.25 90.01
C TYR J 337 -12.87 34.53 88.84
N SER J 338 -13.66 33.93 87.93
CA SER J 338 -13.08 33.16 86.84
C SER J 338 -12.24 34.05 85.92
N VAL J 339 -12.70 35.26 85.65
CA VAL J 339 -11.93 36.17 84.80
C VAL J 339 -10.60 36.51 85.44
N TRP J 340 -10.62 36.83 86.75
CA TRP J 340 -9.39 37.21 87.43
C TRP J 340 -8.41 36.04 87.51
N ILE J 341 -8.92 34.84 87.78
CA ILE J 341 -8.05 33.67 87.85
C ILE J 341 -7.41 33.40 86.50
N GLY J 342 -8.17 33.54 85.43
CA GLY J 342 -7.60 33.40 84.10
C GLY J 342 -6.56 34.45 83.79
N GLY J 343 -6.80 35.68 84.25
CA GLY J 343 -5.79 36.72 84.06
C GLY J 343 -4.52 36.44 84.85
N SER J 344 -4.66 35.92 86.07
CA SER J 344 -3.48 35.56 86.86
C SER J 344 -2.72 34.41 86.23
N ILE J 345 -3.43 33.45 85.64
CA ILE J 345 -2.78 32.35 84.92
C ILE J 345 -2.02 32.89 83.71
N LEU J 346 -2.68 33.75 82.93
CA LEU J 346 -2.06 34.29 81.72
C LEU J 346 -0.83 35.13 82.05
N ALA J 347 -0.93 35.98 83.07
CA ALA J 347 0.17 36.89 83.38
C ALA J 347 1.41 36.16 83.89
N SER J 348 1.26 34.96 84.42
CA SER J 348 2.38 34.20 84.94
C SER J 348 2.96 33.20 83.94
N LEU J 349 2.38 33.11 82.74
CA LEU J 349 2.89 32.18 81.74
C LEU J 349 4.17 32.72 81.11
N SER J 350 5.16 31.84 80.95
CA SER J 350 6.44 32.25 80.40
C SER J 350 6.30 32.72 78.95
N THR J 351 5.44 32.06 78.18
CA THR J 351 5.23 32.42 76.77
C THR J 351 4.45 33.73 76.61
N PHE J 352 4.01 34.34 77.71
CA PHE J 352 3.26 35.60 77.64
C PHE J 352 4.13 36.83 77.87
N GLN J 353 5.35 36.65 78.38
CA GLN J 353 6.15 37.78 78.84
C GLN J 353 6.61 38.70 77.72
N GLN J 354 6.58 38.25 76.46
CA GLN J 354 6.96 39.12 75.37
C GLN J 354 5.78 39.85 74.74
N MET J 355 4.57 39.65 75.25
CA MET J 355 3.40 40.36 74.73
C MET J 355 3.03 41.59 75.55
N TRP J 356 3.72 41.86 76.65
CA TRP J 356 3.47 43.08 77.42
C TRP J 356 3.75 44.31 76.56
N ILE J 357 2.92 45.34 76.73
CA ILE J 357 3.23 46.64 76.17
C ILE J 357 4.25 47.32 77.06
N SER J 358 5.49 47.41 76.58
CA SER J 358 6.57 47.91 77.41
C SER J 358 6.54 49.43 77.48
N LYS J 359 7.21 49.96 78.51
CA LYS J 359 7.37 51.40 78.62
C LYS J 359 8.09 51.96 77.39
N GLN J 360 9.04 51.20 76.85
CA GLN J 360 9.74 51.62 75.64
C GLN J 360 8.79 51.73 74.46
N GLU J 361 7.86 50.77 74.32
CA GLU J 361 6.93 50.81 73.20
C GLU J 361 5.90 51.93 73.33
N TYR J 362 5.49 52.26 74.56
CA TYR J 362 4.61 53.41 74.74
C TYR J 362 5.31 54.71 74.36
N ASP J 363 6.59 54.85 74.73
CA ASP J 363 7.34 56.04 74.34
C ASP J 363 7.50 56.08 72.82
N GLU J 364 7.64 54.91 72.18
CA GLU J 364 7.89 54.87 70.75
C GLU J 364 6.62 55.11 69.93
N SER J 365 5.46 54.66 70.42
CA SER J 365 4.26 54.66 69.59
C SER J 365 3.05 55.33 70.21
N GLY J 366 3.00 55.58 71.51
CA GLY J 366 1.87 56.23 72.12
C GLY J 366 0.72 55.31 72.44
N PRO J 367 -0.41 55.88 72.85
CA PRO J 367 -1.55 55.06 73.29
C PRO J 367 -2.08 54.10 72.23
N SER J 368 -1.91 54.43 70.95
CA SER J 368 -2.46 53.59 69.88
C SER J 368 -1.72 52.26 69.73
N ILE J 369 -0.63 52.05 70.48
CA ILE J 369 0.08 50.77 70.43
C ILE J 369 -0.83 49.63 70.90
N VAL J 370 -1.82 49.95 71.74
CA VAL J 370 -2.65 48.92 72.36
C VAL J 370 -3.50 48.17 71.34
N HIS J 371 -3.78 48.79 70.18
CA HIS J 371 -4.67 48.17 69.22
C HIS J 371 -4.00 47.04 68.44
N ARG J 372 -2.70 47.14 68.17
CA ARG J 372 -2.01 46.07 67.44
C ARG J 372 -1.25 45.12 68.35
N LYS J 373 -1.06 45.48 69.62
CA LYS J 373 -0.35 44.60 70.54
C LYS J 373 -1.30 43.64 71.26
N CYS J 374 -2.43 44.15 71.75
CA CYS J 374 -3.31 43.34 72.59
C CYS J 374 -4.18 42.40 71.78
N PHE J 375 -5.02 42.95 70.90
CA PHE J 375 -6.01 42.14 70.22
C PHE J 375 -6.19 42.58 68.77
N ASP K 4 -77.50 51.26 82.17
CA ASP K 4 -76.93 52.20 83.13
C ASP K 4 -77.16 53.64 82.66
N ILE K 5 -77.33 54.55 83.61
CA ILE K 5 -77.66 55.94 83.29
C ILE K 5 -76.46 56.64 82.67
N ALA K 6 -75.38 56.76 83.44
CA ALA K 6 -74.19 57.47 83.00
C ALA K 6 -73.01 57.03 83.84
N ALA K 7 -71.81 57.30 83.35
CA ALA K 7 -70.59 56.96 84.07
C ALA K 7 -70.09 58.13 84.89
N LEU K 8 -69.66 57.86 86.12
CA LEU K 8 -69.01 58.86 86.94
C LEU K 8 -67.51 58.82 86.71
N VAL K 9 -66.86 59.97 86.90
CA VAL K 9 -65.41 60.08 86.85
C VAL K 9 -64.95 60.74 88.15
N VAL K 10 -64.06 60.05 88.87
CA VAL K 10 -63.57 60.53 90.16
C VAL K 10 -62.05 60.52 90.09
N ASP K 11 -61.45 61.71 90.11
CA ASP K 11 -59.99 61.84 90.08
C ASP K 11 -59.46 62.08 91.49
N ASN K 12 -59.48 61.01 92.29
CA ASN K 12 -58.99 61.05 93.66
C ASN K 12 -57.46 60.96 93.66
N GLY K 13 -56.84 62.14 93.57
CA GLY K 13 -55.41 62.24 93.80
C GLY K 13 -55.09 62.34 95.28
N SER K 14 -53.84 62.72 95.56
CA SER K 14 -53.38 62.82 96.94
C SER K 14 -54.13 63.90 97.72
N GLY K 15 -54.39 65.03 97.09
CA GLY K 15 -54.89 66.19 97.82
C GLY K 15 -56.26 66.70 97.47
N MET K 16 -56.69 66.50 96.23
CA MET K 16 -57.95 67.07 95.74
C MET K 16 -58.82 65.98 95.12
N CYS K 17 -60.08 65.94 95.51
CA CYS K 17 -61.05 65.06 94.87
C CYS K 17 -61.84 65.84 93.82
N LYS K 18 -61.95 65.26 92.62
CA LYS K 18 -62.65 65.90 91.51
C LYS K 18 -63.62 64.88 90.91
N ALA K 19 -64.91 65.12 91.10
CA ALA K 19 -65.95 64.18 90.69
C ALA K 19 -66.87 64.83 89.67
N GLY K 20 -67.53 63.98 88.88
CA GLY K 20 -68.47 64.48 87.89
C GLY K 20 -69.01 63.35 87.06
N PHE K 21 -69.58 63.71 85.90
CA PHE K 21 -70.20 62.76 85.00
C PHE K 21 -69.44 62.73 83.67
N ALA K 22 -69.36 61.53 83.09
CA ALA K 22 -68.77 61.38 81.77
C ALA K 22 -69.58 62.16 80.75
N GLY K 23 -68.89 62.81 79.81
CA GLY K 23 -69.50 63.69 78.86
C GLY K 23 -69.54 65.14 79.28
N ASP K 24 -69.33 65.42 80.57
CA ASP K 24 -69.22 66.80 81.03
C ASP K 24 -67.83 67.35 80.75
N ASP K 25 -67.77 68.65 80.50
CA ASP K 25 -66.50 69.31 80.18
C ASP K 25 -65.77 69.81 81.42
N ALA K 26 -66.36 69.66 82.60
CA ALA K 26 -65.73 70.11 83.84
C ALA K 26 -66.30 69.29 84.99
N PRO K 27 -65.50 69.01 86.01
CA PRO K 27 -66.02 68.27 87.17
C PRO K 27 -67.10 69.05 87.89
N ARG K 28 -68.16 68.35 88.28
CA ARG K 28 -69.28 68.99 88.97
C ARG K 28 -68.98 69.32 90.41
N ALA K 29 -68.00 68.64 91.02
CA ALA K 29 -67.65 68.90 92.41
C ALA K 29 -66.14 68.75 92.60
N VAL K 30 -65.51 69.78 93.15
CA VAL K 30 -64.10 69.76 93.49
C VAL K 30 -63.97 70.18 94.95
N PHE K 31 -63.33 69.34 95.76
CA PHE K 31 -63.17 69.58 97.17
C PHE K 31 -61.92 68.86 97.66
N PRO K 32 -61.24 69.39 98.68
CA PRO K 32 -60.04 68.72 99.17
C PRO K 32 -60.35 67.35 99.78
N SER K 33 -59.45 66.40 99.56
CA SER K 33 -59.57 65.05 100.10
C SER K 33 -59.11 65.00 101.55
N ILE K 34 -59.91 65.62 102.41
CA ILE K 34 -59.59 65.79 103.82
C ILE K 34 -60.73 65.25 104.68
N VAL K 35 -60.37 64.46 105.68
CA VAL K 35 -61.27 64.06 106.75
C VAL K 35 -60.77 64.70 108.04
N GLY K 36 -61.64 65.49 108.68
CA GLY K 36 -61.29 66.20 109.89
C GLY K 36 -62.16 65.76 111.05
N ARG K 37 -61.61 65.83 112.26
CA ARG K 37 -62.33 65.52 113.47
C ARG K 37 -62.05 66.57 114.53
N PRO K 38 -63.04 66.87 115.38
CA PRO K 38 -62.83 67.90 116.40
C PRO K 38 -61.78 67.47 117.42
N ARG K 39 -61.03 68.45 117.92
CA ARG K 39 -59.98 68.21 118.89
C ARG K 39 -60.16 69.04 120.16
N HIS K 40 -61.36 69.54 120.42
CA HIS K 40 -61.65 70.34 121.60
C HIS K 40 -62.95 69.85 122.24
N GLN K 41 -63.21 70.35 123.44
CA GLN K 41 -64.38 69.90 124.20
C GLN K 41 -65.68 70.39 123.57
N GLY K 42 -66.66 69.50 123.50
CA GLY K 42 -67.99 69.86 123.05
C GLY K 42 -68.86 70.39 124.17
N VAL K 43 -68.61 71.63 124.59
CA VAL K 43 -69.33 72.17 125.74
C VAL K 43 -70.81 72.39 125.42
N MET K 44 -71.13 72.75 124.19
CA MET K 44 -72.53 73.01 123.82
C MET K 44 -73.26 71.71 123.52
N VAL K 45 -74.53 71.66 123.94
CA VAL K 45 -75.38 70.51 123.68
C VAL K 45 -76.12 70.74 122.38
N GLY K 46 -76.33 69.65 121.62
CA GLY K 46 -76.93 69.77 120.31
C GLY K 46 -75.98 70.43 119.32
N MET K 47 -76.32 71.66 118.92
CA MET K 47 -75.48 72.52 118.08
C MET K 47 -75.30 71.95 116.67
N GLY K 48 -75.80 70.74 116.41
CA GLY K 48 -75.54 70.11 115.14
C GLY K 48 -74.15 69.52 115.00
N GLN K 49 -73.50 69.20 116.12
CA GLN K 49 -72.14 68.69 116.09
C GLN K 49 -72.06 67.33 115.41
N LYS K 50 -70.95 67.09 114.72
CA LYS K 50 -70.64 65.80 114.13
C LYS K 50 -69.24 65.37 114.55
N ASP K 51 -69.03 64.06 114.63
CA ASP K 51 -67.74 63.52 115.01
C ASP K 51 -66.74 63.51 113.86
N SER K 52 -67.16 63.82 112.64
CA SER K 52 -66.26 63.84 111.51
C SER K 52 -66.81 64.76 110.44
N TYR K 53 -65.91 65.45 109.74
CA TYR K 53 -66.25 66.36 108.66
C TYR K 53 -65.39 66.03 107.45
N VAL K 54 -65.94 66.28 106.25
CA VAL K 54 -65.30 65.89 105.01
C VAL K 54 -65.34 67.05 104.03
N GLY K 55 -64.22 67.27 103.33
CA GLY K 55 -64.22 68.19 102.21
C GLY K 55 -64.28 69.64 102.63
N ASP K 56 -65.14 70.40 101.97
CA ASP K 56 -65.21 71.85 102.19
C ASP K 56 -65.66 72.18 103.61
N GLU K 57 -66.48 71.33 104.21
CA GLU K 57 -66.90 71.56 105.59
C GLU K 57 -65.74 71.44 106.55
N ALA K 58 -64.79 70.53 106.26
CA ALA K 58 -63.59 70.44 107.08
C ALA K 58 -62.75 71.70 106.98
N GLN K 59 -62.63 72.28 105.78
CA GLN K 59 -61.92 73.54 105.62
C GLN K 59 -62.62 74.67 106.35
N SER K 60 -63.95 74.71 106.28
CA SER K 60 -64.70 75.77 106.95
C SER K 60 -64.52 75.71 108.46
N LYS K 61 -64.53 74.50 109.03
CA LYS K 61 -64.42 74.31 110.47
C LYS K 61 -63.01 73.89 110.90
N ARG K 62 -61.99 74.19 110.09
CA ARG K 62 -60.64 73.71 110.39
C ARG K 62 -60.04 74.36 111.63
N GLY K 63 -60.65 75.42 112.15
CA GLY K 63 -60.13 76.05 113.35
C GLY K 63 -60.16 75.14 114.56
N ILE K 64 -61.16 74.26 114.65
CA ILE K 64 -61.32 73.34 115.76
C ILE K 64 -61.11 71.89 115.33
N LEU K 65 -60.57 71.66 114.15
CA LEU K 65 -60.45 70.33 113.58
C LEU K 65 -58.99 69.95 113.37
N THR K 66 -58.71 68.66 113.48
CA THR K 66 -57.45 68.09 113.03
C THR K 66 -57.67 67.47 111.64
N LEU K 67 -56.95 67.98 110.65
CA LEU K 67 -57.19 67.62 109.26
C LEU K 67 -56.28 66.45 108.88
N LYS K 68 -56.90 65.40 108.34
CA LYS K 68 -56.22 64.17 107.98
C LYS K 68 -56.35 63.95 106.48
N TYR K 69 -55.23 63.68 105.81
CA TYR K 69 -55.25 63.32 104.40
C TYR K 69 -55.22 61.81 104.29
N PRO K 70 -56.31 61.15 103.90
CA PRO K 70 -56.29 59.69 103.77
C PRO K 70 -55.34 59.18 102.70
N ILE K 71 -54.94 60.01 101.75
CA ILE K 71 -54.06 59.62 100.66
C ILE K 71 -52.74 60.36 100.82
N GLU K 72 -51.65 59.61 100.84
CA GLU K 72 -50.30 60.18 100.87
C GLU K 72 -49.47 59.60 99.74
N HIC K 73 -48.90 60.47 98.91
CA HIC K 73 -48.12 60.07 97.74
C HIC K 73 -48.94 59.15 96.83
O HIC K 73 -48.43 58.15 96.33
CB HIC K 73 -46.82 59.37 98.16
CG HIC K 73 -45.89 60.26 98.90
ND1 HIC K 73 -45.41 61.43 98.35
CD2 HIC K 73 -45.35 60.10 100.15
CE1 HIC K 73 -44.62 61.94 99.26
NE2 HIC K 73 -44.55 61.17 100.37
CZ HIC K 73 -43.78 61.45 101.56
N GLY K 74 -50.20 59.51 96.62
CA GLY K 74 -51.07 58.76 95.73
C GLY K 74 -51.47 57.39 96.22
N ILE K 75 -51.15 57.08 97.48
CA ILE K 75 -51.43 55.78 98.07
C ILE K 75 -52.29 56.00 99.31
N VAL K 76 -53.36 55.22 99.43
CA VAL K 76 -54.28 55.35 100.55
C VAL K 76 -53.63 54.77 101.80
N THR K 77 -53.52 55.59 102.85
CA THR K 77 -52.91 55.15 104.10
C THR K 77 -53.94 54.72 105.13
N ASN K 78 -55.15 55.27 105.06
CA ASN K 78 -56.22 54.93 106.01
C ASN K 78 -57.50 54.79 105.20
N TRP K 79 -57.90 53.54 104.94
CA TRP K 79 -59.08 53.29 104.11
C TRP K 79 -60.37 53.65 104.83
N ASP K 80 -60.35 53.69 106.16
CA ASP K 80 -61.56 54.07 106.90
C ASP K 80 -61.95 55.52 106.62
N ASP K 81 -60.98 56.37 106.28
CA ASP K 81 -61.26 57.75 105.88
C ASP K 81 -61.40 57.89 104.37
N MET K 82 -60.75 57.02 103.61
CA MET K 82 -60.98 56.98 102.16
C MET K 82 -62.43 56.65 101.86
N GLU K 83 -63.02 55.75 102.65
CA GLU K 83 -64.43 55.43 102.47
C GLU K 83 -65.32 56.62 102.80
N LYS K 84 -64.96 57.40 103.83
CA LYS K 84 -65.71 58.62 104.11
C LYS K 84 -65.61 59.62 102.96
N ILE K 85 -64.41 59.75 102.39
CA ILE K 85 -64.21 60.63 101.23
C ILE K 85 -65.12 60.20 100.09
N TRP K 86 -65.14 58.90 99.78
CA TRP K 86 -65.96 58.43 98.65
C TRP K 86 -67.44 58.54 98.96
N HIS K 87 -67.85 58.29 100.20
CA HIS K 87 -69.25 58.44 100.57
C HIS K 87 -69.70 59.88 100.42
N HIS K 88 -68.88 60.82 100.88
CA HIS K 88 -69.19 62.23 100.68
C HIS K 88 -69.26 62.56 99.19
N THR K 89 -68.31 62.05 98.40
CA THR K 89 -68.29 62.32 96.97
C THR K 89 -69.58 61.85 96.30
N PHE K 90 -70.04 60.65 96.64
CA PHE K 90 -71.21 60.09 95.98
C PHE K 90 -72.51 60.71 96.48
N TYR K 91 -72.71 60.75 97.79
CA TYR K 91 -74.02 61.10 98.33
C TYR K 91 -74.20 62.57 98.66
N ASN K 92 -73.11 63.31 98.91
CA ASN K 92 -73.23 64.71 99.30
C ASN K 92 -72.83 65.67 98.19
N GLU K 93 -71.76 65.39 97.46
CA GLU K 93 -71.31 66.27 96.38
C GLU K 93 -72.08 66.00 95.08
N LEU K 94 -71.98 64.77 94.56
CA LEU K 94 -72.69 64.43 93.33
C LEU K 94 -74.17 64.18 93.57
N ARG K 95 -74.54 63.75 94.77
CA ARG K 95 -75.92 63.34 95.09
C ARG K 95 -76.44 62.31 94.08
N VAL K 96 -75.72 61.18 94.02
CA VAL K 96 -76.07 60.11 93.10
C VAL K 96 -76.03 58.78 93.85
N ALA K 97 -76.67 57.78 93.25
CA ALA K 97 -76.62 56.42 93.77
C ALA K 97 -75.58 55.63 92.98
N PRO K 98 -74.47 55.21 93.59
CA PRO K 98 -73.44 54.48 92.82
C PRO K 98 -73.92 53.15 92.26
N GLU K 99 -75.02 52.60 92.76
CA GLU K 99 -75.50 51.30 92.30
C GLU K 99 -75.99 51.31 90.86
N GLU K 100 -76.15 52.48 90.24
CA GLU K 100 -76.62 52.56 88.87
C GLU K 100 -75.70 53.39 87.98
N HIS K 101 -74.48 53.70 88.42
CA HIS K 101 -73.53 54.46 87.64
C HIS K 101 -72.18 53.77 87.67
N PRO K 102 -71.63 53.38 86.52
CA PRO K 102 -70.23 52.93 86.50
C PRO K 102 -69.31 54.06 86.93
N VAL K 103 -68.19 53.69 87.56
CA VAL K 103 -67.26 54.66 88.13
C VAL K 103 -65.89 54.45 87.54
N LEU K 104 -65.30 55.51 86.99
CA LEU K 104 -63.93 55.49 86.51
C LEU K 104 -63.02 56.20 87.52
N LEU K 105 -62.06 55.46 88.06
CA LEU K 105 -61.11 55.99 89.03
C LEU K 105 -59.75 56.22 88.38
N THR K 106 -58.90 56.95 89.09
CA THR K 106 -57.56 57.29 88.61
C THR K 106 -56.52 56.84 89.64
N GLU K 107 -55.32 56.53 89.14
CA GLU K 107 -54.22 56.13 90.01
C GLU K 107 -52.91 56.48 89.33
N ALA K 108 -51.91 56.81 90.16
CA ALA K 108 -50.58 57.08 89.65
C ALA K 108 -49.88 55.77 89.29
N PRO K 109 -48.96 55.80 88.33
CA PRO K 109 -48.23 54.57 87.99
C PRO K 109 -47.23 54.20 89.08
N LEU K 110 -46.80 52.94 89.03
CA LEU K 110 -45.87 52.36 90.00
C LEU K 110 -46.44 52.40 91.42
N ASN K 111 -47.75 52.29 91.53
CA ASN K 111 -48.41 52.18 92.84
C ASN K 111 -48.41 50.74 93.32
N PRO K 112 -48.54 50.52 94.63
CA PRO K 112 -48.71 49.15 95.13
C PRO K 112 -49.97 48.51 94.57
N LYS K 113 -49.87 47.22 94.28
CA LYS K 113 -50.99 46.52 93.63
C LYS K 113 -52.17 46.35 94.58
N ALA K 114 -51.92 46.31 95.89
CA ALA K 114 -53.00 46.14 96.84
C ALA K 114 -53.88 47.38 96.94
N ASN K 115 -53.31 48.56 96.67
CA ASN K 115 -54.09 49.79 96.70
C ASN K 115 -55.18 49.77 95.63
N ARG K 116 -54.84 49.31 94.42
CA ARG K 116 -55.82 49.19 93.35
C ARG K 116 -56.86 48.12 93.67
N GLU K 117 -56.41 46.99 94.24
CA GLU K 117 -57.33 45.90 94.54
C GLU K 117 -58.38 46.32 95.55
N LYS K 118 -57.98 47.08 96.57
CA LYS K 118 -58.96 47.54 97.55
C LYS K 118 -59.89 48.60 96.97
N MET K 119 -59.41 49.41 96.03
CA MET K 119 -60.32 50.28 95.28
C MET K 119 -61.41 49.46 94.61
N THR K 120 -61.01 48.41 93.89
CA THR K 120 -61.99 47.56 93.21
C THR K 120 -62.95 46.92 94.20
N GLN K 121 -62.41 46.40 95.31
CA GLN K 121 -63.24 45.71 96.29
C GLN K 121 -64.25 46.66 96.92
N ILE K 122 -63.82 47.87 97.27
CA ILE K 122 -64.73 48.83 97.88
C ILE K 122 -65.78 49.29 96.89
N MET K 123 -65.39 49.53 95.63
CA MET K 123 -66.35 49.96 94.64
C MET K 123 -67.39 48.89 94.34
N PHE K 124 -67.02 47.61 94.44
CA PHE K 124 -67.97 46.56 94.10
C PHE K 124 -68.76 46.03 95.29
N GLU K 125 -68.19 46.03 96.50
CA GLU K 125 -68.85 45.41 97.64
C GLU K 125 -69.59 46.39 98.53
N THR K 126 -69.06 47.61 98.72
CA THR K 126 -69.70 48.57 99.59
C THR K 126 -70.58 49.56 98.84
N PHE K 127 -70.19 49.96 97.64
CA PHE K 127 -71.00 50.85 96.83
C PHE K 127 -71.79 50.12 95.75
N ASN K 128 -71.45 48.86 95.45
CA ASN K 128 -72.19 48.02 94.52
C ASN K 128 -72.32 48.67 93.15
N THR K 129 -71.23 49.27 92.67
CA THR K 129 -71.24 49.91 91.38
C THR K 129 -71.41 48.85 90.28
N PRO K 130 -72.21 49.13 89.25
CA PRO K 130 -72.35 48.17 88.14
C PRO K 130 -71.05 47.88 87.42
N ALA K 131 -70.17 48.86 87.30
CA ALA K 131 -68.91 48.69 86.60
C ALA K 131 -67.88 49.63 87.20
N MET K 132 -66.61 49.32 86.97
CA MET K 132 -65.53 50.12 87.50
C MET K 132 -64.31 49.97 86.61
N TYR K 133 -63.46 51.00 86.64
CA TYR K 133 -62.22 50.99 85.88
C TYR K 133 -61.21 51.90 86.57
N VAL K 134 -59.94 51.54 86.47
CA VAL K 134 -58.85 52.32 87.04
C VAL K 134 -57.89 52.68 85.91
N ALA K 135 -57.67 53.97 85.70
CA ALA K 135 -56.84 54.48 84.62
C ALA K 135 -55.68 55.30 85.18
N ILE K 136 -54.57 55.30 84.46
CA ILE K 136 -53.40 56.07 84.86
C ILE K 136 -53.67 57.55 84.63
N GLN K 137 -53.32 58.38 85.62
CA GLN K 137 -53.63 59.80 85.55
C GLN K 137 -52.98 60.48 84.35
N ALA K 138 -51.70 60.17 84.08
CA ALA K 138 -51.00 60.82 82.99
C ALA K 138 -51.54 60.40 81.62
N VAL K 139 -52.03 59.16 81.51
CA VAL K 139 -52.63 58.71 80.26
C VAL K 139 -53.90 59.50 79.98
N LEU K 140 -54.71 59.74 81.01
CA LEU K 140 -55.93 60.53 80.83
C LEU K 140 -55.62 61.94 80.38
N SER K 141 -54.56 62.54 80.94
CA SER K 141 -54.19 63.91 80.57
C SER K 141 -53.87 64.03 79.09
N LEU K 142 -53.42 62.96 78.44
CA LEU K 142 -53.18 63.02 76.99
C LEU K 142 -54.50 63.00 76.22
N TYR K 143 -55.53 62.35 76.77
CA TYR K 143 -56.85 62.39 76.15
C TYR K 143 -57.39 63.82 76.12
N ALA K 144 -57.21 64.56 77.20
CA ALA K 144 -57.74 65.93 77.28
C ALA K 144 -57.07 66.84 76.27
N SER K 145 -55.78 66.61 75.97
CA SER K 145 -55.06 67.43 75.03
C SER K 145 -55.39 67.10 73.57
N GLY K 146 -56.15 66.04 73.32
CA GLY K 146 -56.49 65.64 71.98
C GLY K 146 -55.38 64.95 71.22
N ARG K 147 -54.28 64.62 71.87
CA ARG K 147 -53.13 64.01 71.22
C ARG K 147 -53.12 62.50 71.44
N THR K 148 -52.36 61.81 70.59
CA THR K 148 -52.02 60.42 70.82
C THR K 148 -50.52 60.19 70.91
N THR K 149 -49.72 61.24 70.70
CA THR K 149 -48.27 61.17 70.81
C THR K 149 -47.80 62.30 71.71
N GLY K 150 -47.00 61.97 72.71
CA GLY K 150 -46.47 62.96 73.63
C GLY K 150 -46.18 62.35 74.99
N ILE K 151 -45.33 63.06 75.73
CA ILE K 151 -44.97 62.67 77.09
C ILE K 151 -45.69 63.60 78.05
N VAL K 152 -46.41 63.03 79.02
CA VAL K 152 -47.21 63.78 79.96
C VAL K 152 -46.45 63.87 81.28
N MET K 153 -46.19 65.10 81.74
CA MET K 153 -45.56 65.36 83.03
C MET K 153 -46.67 65.80 83.98
N ASP K 154 -47.18 64.85 84.76
CA ASP K 154 -48.30 65.09 85.66
C ASP K 154 -47.77 65.26 87.07
N SER K 155 -48.11 66.38 87.69
CA SER K 155 -47.69 66.68 89.05
C SER K 155 -48.89 67.16 89.85
N GLY K 156 -49.28 66.38 90.86
CA GLY K 156 -50.39 66.75 91.71
C GLY K 156 -49.95 67.10 93.11
N ASP K 157 -50.70 66.66 94.12
CA ASP K 157 -50.35 66.98 95.49
C ASP K 157 -49.33 66.00 96.07
N GLY K 158 -49.27 64.77 95.56
CA GLY K 158 -48.40 63.79 96.17
C GLY K 158 -47.46 63.06 95.22
N VAL K 159 -47.75 63.07 93.92
CA VAL K 159 -46.99 62.29 92.95
C VAL K 159 -46.67 63.17 91.74
N THR K 160 -45.43 63.04 91.25
CA THR K 160 -45.03 63.53 89.94
C THR K 160 -44.60 62.34 89.10
N HIS K 161 -45.19 62.19 87.92
CA HIS K 161 -44.84 61.06 87.06
C HIS K 161 -44.89 61.48 85.61
N THR K 162 -44.06 60.84 84.79
CA THR K 162 -44.00 61.06 83.35
C THR K 162 -44.29 59.74 82.64
N VAL K 163 -45.20 59.79 81.67
CA VAL K 163 -45.59 58.61 80.90
C VAL K 163 -45.47 58.94 79.42
N PRO K 164 -44.55 58.32 78.68
CA PRO K 164 -44.45 58.58 77.24
C PRO K 164 -45.43 57.71 76.46
N ILE K 165 -46.16 58.33 75.53
CA ILE K 165 -47.06 57.61 74.64
C ILE K 165 -46.75 58.04 73.21
N TYR K 166 -46.63 57.07 72.31
CA TYR K 166 -46.36 57.34 70.90
C TYR K 166 -47.43 56.66 70.05
N GLU K 167 -48.31 57.47 69.47
CA GLU K 167 -49.36 57.00 68.57
C GLU K 167 -50.15 55.85 69.15
N GLY K 168 -50.58 55.99 70.41
CA GLY K 168 -51.44 55.03 71.05
C GLY K 168 -50.74 54.03 71.94
N TYR K 169 -49.41 53.89 71.80
CA TYR K 169 -48.66 52.90 72.55
C TYR K 169 -47.80 53.58 73.61
N ALA K 170 -48.03 53.23 74.87
CA ALA K 170 -47.19 53.72 75.96
C ALA K 170 -45.98 52.83 76.14
N LEU K 171 -44.90 53.41 76.67
CA LEU K 171 -43.66 52.70 76.94
C LEU K 171 -43.51 52.55 78.45
N PRO K 172 -43.98 51.45 79.04
CA PRO K 172 -43.91 51.31 80.50
C PRO K 172 -42.51 51.31 81.06
N HIS K 173 -41.51 50.86 80.31
CA HIS K 173 -40.14 50.85 80.82
C HIS K 173 -39.58 52.27 80.98
N ALA K 174 -40.12 53.24 80.24
CA ALA K 174 -39.67 54.62 80.32
C ALA K 174 -40.46 55.45 81.31
N ILE K 175 -41.48 54.89 81.95
CA ILE K 175 -42.28 55.64 82.90
C ILE K 175 -41.46 55.89 84.16
N LEU K 176 -41.42 57.16 84.59
CA LEU K 176 -40.66 57.57 85.76
C LEU K 176 -41.60 58.18 86.79
N ARG K 177 -41.21 58.07 88.06
CA ARG K 177 -42.03 58.55 89.16
C ARG K 177 -41.16 59.24 90.20
N LEU K 178 -41.63 60.41 90.66
CA LEU K 178 -41.05 61.13 91.77
C LEU K 178 -42.08 61.24 92.87
N ASP K 179 -41.70 60.91 94.10
CA ASP K 179 -42.53 61.15 95.27
C ASP K 179 -42.29 62.58 95.77
N LEU K 180 -42.49 63.52 94.85
CA LEU K 180 -42.24 64.94 95.11
C LEU K 180 -43.36 65.72 94.43
N ALA K 181 -44.12 66.48 95.19
CA ALA K 181 -45.27 67.17 94.61
C ALA K 181 -45.68 68.33 95.51
N GLY K 182 -46.92 68.80 95.36
CA GLY K 182 -47.35 70.01 96.05
C GLY K 182 -47.29 69.92 97.56
N ARG K 183 -47.51 68.73 98.13
CA ARG K 183 -47.47 68.60 99.59
C ARG K 183 -46.06 68.82 100.12
N ASP K 184 -45.06 68.25 99.45
CA ASP K 184 -43.67 68.49 99.85
C ASP K 184 -43.30 69.96 99.73
N LEU K 185 -43.78 70.62 98.67
CA LEU K 185 -43.51 72.04 98.51
C LEU K 185 -44.21 72.86 99.59
N THR K 186 -45.42 72.47 99.99
CA THR K 186 -46.10 73.15 101.08
C THR K 186 -45.33 73.01 102.39
N ASP K 187 -44.83 71.79 102.67
CA ASP K 187 -44.04 71.59 103.88
C ASP K 187 -42.74 72.37 103.82
N TYR K 188 -42.12 72.44 102.64
CA TYR K 188 -40.89 73.22 102.49
C TYR K 188 -41.15 74.71 102.70
N LEU K 189 -42.28 75.22 102.22
CA LEU K 189 -42.64 76.61 102.46
C LEU K 189 -42.90 76.87 103.93
N MET K 190 -43.56 75.91 104.61
CA MET K 190 -43.69 75.97 106.06
C MET K 190 -42.32 76.05 106.74
N LYS K 191 -41.35 75.29 106.23
CA LYS K 191 -40.01 75.29 106.82
C LYS K 191 -39.30 76.62 106.61
N ILE K 192 -39.30 77.13 105.37
CA ILE K 192 -38.51 78.30 105.05
C ILE K 192 -39.16 79.60 105.51
N LEU K 193 -40.47 79.60 105.77
CA LEU K 193 -41.10 80.81 106.30
C LEU K 193 -40.65 81.11 107.72
N THR K 194 -40.06 80.14 108.42
CA THR K 194 -39.55 80.39 109.76
C THR K 194 -38.35 81.33 109.75
N GLU K 195 -37.74 81.56 108.58
CA GLU K 195 -36.64 82.51 108.50
C GLU K 195 -37.10 83.93 108.81
N ARG K 196 -38.36 84.23 108.57
CA ARG K 196 -38.95 85.52 108.92
C ARG K 196 -39.72 85.50 110.23
N GLY K 197 -39.65 84.40 110.97
CA GLY K 197 -40.34 84.29 112.24
C GLY K 197 -41.75 83.74 112.17
N TYR K 198 -42.26 83.44 110.99
CA TYR K 198 -43.58 82.83 110.87
C TYR K 198 -43.49 81.37 111.28
N SER K 199 -44.45 80.93 112.11
CA SER K 199 -44.36 79.65 112.80
C SER K 199 -45.66 78.86 112.63
N PHE K 200 -46.05 78.67 111.37
CA PHE K 200 -47.19 77.81 111.06
C PHE K 200 -46.83 76.36 111.37
N THR K 201 -47.62 75.72 112.23
CA THR K 201 -47.33 74.34 112.63
C THR K 201 -48.51 73.40 112.44
N THR K 202 -49.73 73.84 112.73
CA THR K 202 -50.87 72.94 112.73
C THR K 202 -51.32 72.61 111.30
N THR K 203 -52.26 71.67 111.20
CA THR K 203 -52.79 71.28 109.89
C THR K 203 -53.62 72.39 109.26
N ALA K 204 -54.38 73.14 110.07
CA ALA K 204 -55.09 74.30 109.54
C ALA K 204 -54.11 75.35 109.03
N GLU K 205 -53.01 75.55 109.75
CA GLU K 205 -51.96 76.43 109.26
C GLU K 205 -51.21 75.83 108.09
N ARG K 206 -51.16 74.51 107.97
CA ARG K 206 -50.66 73.89 106.75
C ARG K 206 -51.54 74.23 105.56
N GLU K 207 -52.87 74.24 105.75
CA GLU K 207 -53.76 74.69 104.70
C GLU K 207 -53.56 76.16 104.38
N ILE K 208 -53.31 76.98 105.40
CA ILE K 208 -53.02 78.40 105.18
C ILE K 208 -51.75 78.55 104.33
N VAL K 209 -50.71 77.79 104.65
CA VAL K 209 -49.47 77.83 103.87
C VAL K 209 -49.71 77.31 102.46
N ARG K 210 -50.59 76.31 102.30
CA ARG K 210 -50.95 75.84 100.97
C ARG K 210 -51.60 76.95 100.15
N ASP K 211 -52.50 77.71 100.78
CA ASP K 211 -53.12 78.85 100.09
C ASP K 211 -52.08 79.89 99.73
N ILE K 212 -51.14 80.16 100.65
CA ILE K 212 -50.06 81.11 100.35
C ILE K 212 -49.26 80.63 99.15
N LYS K 213 -48.94 79.33 99.12
CA LYS K 213 -48.19 78.75 98.02
C LYS K 213 -48.94 78.87 96.70
N GLU K 214 -50.23 78.59 96.72
CA GLU K 214 -51.02 78.64 95.48
C GLU K 214 -51.17 80.07 94.98
N LYS K 215 -51.25 81.04 95.89
CA LYS K 215 -51.50 82.41 95.47
C LYS K 215 -50.21 83.16 95.09
N LEU K 216 -49.10 82.88 95.78
CA LEU K 216 -47.92 83.72 95.68
C LEU K 216 -46.67 83.03 95.15
N CYS K 217 -46.54 81.71 95.27
CA CYS K 217 -45.35 81.05 94.75
C CYS K 217 -45.33 81.09 93.23
N TYR K 218 -44.13 81.17 92.66
CA TYR K 218 -43.95 81.17 91.22
C TYR K 218 -42.57 80.65 90.89
N VAL K 219 -42.37 80.26 89.64
CA VAL K 219 -41.13 79.63 89.19
C VAL K 219 -40.24 80.68 88.54
N ALA K 220 -39.00 80.76 89.02
CA ALA K 220 -38.02 81.66 88.44
C ALA K 220 -37.45 81.07 87.15
N LEU K 221 -37.23 81.94 86.16
CA LEU K 221 -36.60 81.49 84.93
C LEU K 221 -35.10 81.28 85.14
N ASP K 222 -34.47 82.12 85.95
CA ASP K 222 -33.06 81.97 86.33
C ASP K 222 -33.00 82.18 87.84
N PHE K 223 -32.75 81.10 88.58
CA PHE K 223 -32.89 81.14 90.03
C PHE K 223 -31.86 82.08 90.66
N GLU K 224 -30.60 82.00 90.22
CA GLU K 224 -29.56 82.85 90.80
C GLU K 224 -29.81 84.32 90.50
N GLN K 225 -30.23 84.63 89.26
CA GLN K 225 -30.54 86.01 88.92
C GLN K 225 -31.72 86.54 89.74
N GLU K 226 -32.72 85.69 89.98
CA GLU K 226 -33.86 86.12 90.79
C GLU K 226 -33.46 86.31 92.24
N MET K 227 -32.55 85.48 92.76
CA MET K 227 -32.01 85.72 94.10
C MET K 227 -31.30 87.05 94.17
N ALA K 228 -30.46 87.35 93.16
CA ALA K 228 -29.75 88.62 93.14
C ALA K 228 -30.72 89.80 93.06
N THR K 229 -31.80 89.64 92.28
CA THR K 229 -32.83 90.68 92.21
C THR K 229 -33.53 90.85 93.55
N ALA K 230 -33.84 89.74 94.22
CA ALA K 230 -34.49 89.78 95.53
C ALA K 230 -33.57 90.35 96.61
N ALA K 231 -32.26 90.40 96.36
CA ALA K 231 -31.38 91.11 97.26
C ALA K 231 -31.77 92.58 97.39
N SER K 232 -32.32 93.18 96.32
CA SER K 232 -32.99 94.47 96.40
C SER K 232 -34.43 94.23 96.85
N SER K 233 -34.60 94.09 98.17
CA SER K 233 -35.81 93.56 98.76
C SER K 233 -36.93 94.59 98.88
N SER K 234 -37.44 95.09 97.74
CA SER K 234 -38.63 95.93 97.76
C SER K 234 -39.58 95.57 96.65
N SER K 235 -39.07 94.94 95.58
CA SER K 235 -39.88 94.72 94.38
C SER K 235 -40.63 93.40 94.44
N LEU K 236 -39.95 92.31 94.80
CA LEU K 236 -40.56 90.98 94.81
C LEU K 236 -41.33 90.70 96.08
N GLU K 237 -41.33 91.63 97.03
CA GLU K 237 -41.94 91.40 98.34
C GLU K 237 -43.45 91.59 98.26
N LYS K 238 -44.20 90.60 98.74
CA LYS K 238 -45.66 90.57 98.61
C LYS K 238 -46.30 90.35 99.97
N SER K 239 -47.47 90.96 100.16
CA SER K 239 -48.21 90.82 101.40
C SER K 239 -49.35 89.82 101.25
N TYR K 240 -49.56 89.01 102.29
CA TYR K 240 -50.66 88.06 102.37
C TYR K 240 -51.32 88.20 103.73
N GLU K 241 -52.64 88.36 103.74
CA GLU K 241 -53.39 88.56 104.97
C GLU K 241 -53.88 87.21 105.51
N LEU K 242 -53.46 86.87 106.72
CA LEU K 242 -53.93 85.67 107.39
C LEU K 242 -55.41 85.83 107.75
N PRO K 243 -56.12 84.72 107.99
CA PRO K 243 -57.57 84.82 108.27
C PRO K 243 -57.91 85.60 109.53
N ASP K 244 -56.96 85.80 110.45
CA ASP K 244 -57.24 86.53 111.69
C ASP K 244 -56.95 88.02 111.58
N GLY K 245 -56.37 88.48 110.47
CA GLY K 245 -56.12 89.89 110.24
C GLY K 245 -54.67 90.30 110.22
N GLN K 246 -53.77 89.51 110.81
CA GLN K 246 -52.35 89.80 110.68
C GLN K 246 -51.89 89.44 109.27
N VAL K 247 -51.03 90.27 108.69
CA VAL K 247 -50.53 90.03 107.34
C VAL K 247 -49.07 89.66 107.43
N ILE K 248 -48.67 88.65 106.67
CA ILE K 248 -47.26 88.26 106.53
C ILE K 248 -46.73 88.82 105.22
N THR K 249 -45.43 89.07 105.17
CA THR K 249 -44.79 89.56 103.97
C THR K 249 -43.72 88.56 103.53
N ILE K 250 -43.81 88.12 102.27
CA ILE K 250 -42.97 87.07 101.72
C ILE K 250 -42.22 87.60 100.51
N GLY K 251 -40.94 87.23 100.42
CA GLY K 251 -40.03 87.77 99.42
C GLY K 251 -39.45 86.71 98.51
N ASN K 252 -38.13 86.48 98.60
CA ASN K 252 -37.48 85.48 97.75
C ASN K 252 -38.04 84.09 97.98
N GLU K 253 -38.72 83.86 99.10
CA GLU K 253 -39.40 82.59 99.32
C GLU K 253 -40.42 82.30 98.24
N ARG K 254 -40.95 83.33 97.57
CA ARG K 254 -41.96 83.11 96.53
C ARG K 254 -41.43 82.21 95.42
N PHE K 255 -40.18 82.43 94.98
CA PHE K 255 -39.62 81.58 93.93
C PHE K 255 -38.70 80.49 94.47
N ARG K 256 -38.20 80.64 95.70
CA ARG K 256 -37.52 79.51 96.34
C ARG K 256 -38.51 78.40 96.68
N CYS K 257 -39.80 78.74 96.73
CA CYS K 257 -40.85 77.77 97.00
C CYS K 257 -40.99 76.70 95.90
N PRO K 258 -41.18 77.05 94.62
CA PRO K 258 -41.27 76.00 93.59
C PRO K 258 -39.92 75.47 93.14
N GLU K 259 -38.82 76.12 93.52
CA GLU K 259 -37.51 75.72 93.01
C GLU K 259 -37.14 74.32 93.43
N ALA K 260 -37.72 73.81 94.52
CA ALA K 260 -37.44 72.45 94.96
C ALA K 260 -37.87 71.41 93.93
N LEU K 261 -38.77 71.77 93.01
CA LEU K 261 -39.13 70.87 91.93
C LEU K 261 -37.95 70.63 90.99
N PHE K 262 -37.17 71.67 90.72
CA PHE K 262 -36.02 71.57 89.83
C PHE K 262 -34.73 71.28 90.55
N GLN K 263 -34.66 71.56 91.85
CA GLN K 263 -33.50 71.24 92.70
C GLN K 263 -34.01 70.50 93.92
N PRO K 264 -34.26 69.19 93.81
CA PRO K 264 -34.76 68.43 94.96
C PRO K 264 -33.81 68.43 96.15
N SER K 265 -32.53 68.78 95.94
CA SER K 265 -31.59 68.86 97.05
C SER K 265 -31.99 69.91 98.08
N PHE K 266 -32.89 70.84 97.71
CA PHE K 266 -33.41 71.78 98.69
C PHE K 266 -34.13 71.07 99.84
N LEU K 267 -34.77 69.95 99.54
CA LEU K 267 -35.46 69.13 100.54
C LEU K 267 -34.59 68.03 101.13
N GLY K 268 -33.32 67.96 100.73
CA GLY K 268 -32.48 66.85 101.12
C GLY K 268 -32.66 65.60 100.29
N MET K 269 -33.42 65.67 99.20
CA MET K 269 -33.62 64.52 98.32
C MET K 269 -32.47 64.41 97.32
N GLU K 270 -32.17 63.18 96.92
CA GLU K 270 -31.06 62.93 96.00
C GLU K 270 -31.47 62.98 94.53
N SER K 271 -32.77 62.85 94.25
CA SER K 271 -33.21 62.72 92.86
C SER K 271 -33.01 64.02 92.10
N CYS K 272 -33.03 63.90 90.78
CA CYS K 272 -32.93 65.04 89.88
C CYS K 272 -34.27 65.77 89.78
N GLY K 273 -34.23 66.98 89.21
CA GLY K 273 -35.41 67.79 89.11
C GLY K 273 -36.41 67.24 88.11
N ILE K 274 -37.59 67.88 88.09
CA ILE K 274 -38.66 67.44 87.20
C ILE K 274 -38.28 67.63 85.74
N HIS K 275 -37.41 68.61 85.45
CA HIS K 275 -36.95 68.78 84.08
C HIS K 275 -36.06 67.63 83.66
N GLU K 276 -35.19 67.15 84.56
CA GLU K 276 -34.29 66.06 84.21
C GLU K 276 -35.03 64.72 84.15
N THR K 277 -36.09 64.55 84.95
CA THR K 277 -36.87 63.32 84.86
C THR K 277 -37.62 63.20 83.54
N THR K 278 -38.17 64.29 83.03
CA THR K 278 -38.81 64.27 81.72
C THR K 278 -37.79 63.95 80.62
N PHE K 279 -36.61 64.56 80.70
CA PHE K 279 -35.57 64.30 79.71
C PHE K 279 -35.10 62.86 79.76
N ASN K 280 -34.94 62.31 80.96
CA ASN K 280 -34.54 60.91 81.10
C ASN K 280 -35.63 59.96 80.61
N SER K 281 -36.90 60.33 80.83
CA SER K 281 -38.00 59.52 80.31
C SER K 281 -38.02 59.54 78.79
N ILE K 282 -37.75 60.69 78.19
CA ILE K 282 -37.68 60.79 76.73
C ILE K 282 -36.49 59.98 76.21
N MET K 283 -35.33 60.12 76.87
CA MET K 283 -34.14 59.41 76.42
C MET K 283 -34.26 57.90 76.60
N LYS K 284 -35.09 57.45 77.54
CA LYS K 284 -35.30 56.01 77.71
C LYS K 284 -36.20 55.42 76.63
N CYS K 285 -36.81 56.26 75.80
CA CYS K 285 -37.61 55.79 74.67
C CYS K 285 -36.74 55.58 73.44
N ASP K 286 -37.36 55.07 72.38
CA ASP K 286 -36.62 54.81 71.15
C ASP K 286 -36.20 56.11 70.47
N VAL K 287 -35.13 56.03 69.68
CA VAL K 287 -34.56 57.19 69.03
C VAL K 287 -35.57 57.84 68.08
N ASP K 288 -36.30 57.01 67.32
CA ASP K 288 -37.17 57.54 66.28
C ASP K 288 -38.38 58.28 66.83
N ILE K 289 -38.75 58.03 68.09
CA ILE K 289 -39.92 58.68 68.66
C ILE K 289 -39.56 59.85 69.57
N ARG K 290 -38.28 60.07 69.86
CA ARG K 290 -37.89 61.15 70.76
C ARG K 290 -38.24 62.52 70.17
N LYS K 291 -38.10 62.67 68.85
CA LYS K 291 -38.38 63.96 68.22
C LYS K 291 -39.83 64.38 68.44
N ASP K 292 -40.76 63.44 68.35
CA ASP K 292 -42.17 63.77 68.58
C ASP K 292 -42.47 63.98 70.05
N LEU K 293 -41.74 63.30 70.94
CA LEU K 293 -41.95 63.51 72.37
C LEU K 293 -41.51 64.90 72.81
N TYR K 294 -40.44 65.42 72.20
CA TYR K 294 -39.98 66.77 72.54
C TYR K 294 -41.02 67.82 72.18
N ALA K 295 -41.66 67.67 71.02
CA ALA K 295 -42.62 68.65 70.53
C ALA K 295 -44.00 68.50 71.16
N ASN K 296 -44.24 67.45 71.94
CA ASN K 296 -45.56 67.23 72.54
C ASN K 296 -45.41 66.90 74.02
N THR K 297 -44.60 67.69 74.73
CA THR K 297 -44.46 67.56 76.18
C THR K 297 -45.64 68.29 76.84
N VAL K 298 -46.53 67.54 77.48
CA VAL K 298 -47.77 68.09 78.01
C VAL K 298 -47.67 68.15 79.52
N LEU K 299 -47.93 69.33 80.09
CA LEU K 299 -47.99 69.51 81.53
C LEU K 299 -49.41 69.37 82.03
N SER K 300 -49.57 68.75 83.20
CA SER K 300 -50.88 68.55 83.80
C SER K 300 -50.70 68.43 85.31
N GLY K 301 -51.82 68.56 86.02
CA GLY K 301 -51.79 68.52 87.47
C GLY K 301 -51.78 69.90 88.11
N GLY K 302 -52.14 69.96 89.38
CA GLY K 302 -52.25 71.24 90.06
C GLY K 302 -50.92 71.88 90.40
N THR K 303 -49.90 71.08 90.64
CA THR K 303 -48.59 71.63 90.97
C THR K 303 -47.95 72.36 89.79
N THR K 304 -48.23 71.93 88.57
CA THR K 304 -47.69 72.58 87.38
C THR K 304 -48.39 73.88 87.05
N MET K 305 -49.14 74.46 87.99
CA MET K 305 -49.85 75.71 87.79
C MET K 305 -49.06 76.94 88.24
N TYR K 306 -47.82 76.76 88.69
CA TYR K 306 -47.02 77.91 89.07
C TYR K 306 -46.77 78.79 87.85
N PRO K 307 -46.84 80.11 87.99
CA PRO K 307 -46.49 81.00 86.88
C PRO K 307 -45.04 80.81 86.45
N GLY K 308 -44.82 80.73 85.15
CA GLY K 308 -43.48 80.59 84.60
C GLY K 308 -42.91 79.19 84.64
N ILE K 309 -43.67 78.19 85.10
CA ILE K 309 -43.15 76.83 85.16
C ILE K 309 -42.98 76.28 83.74
N ALA K 310 -43.89 76.63 82.83
CA ALA K 310 -43.77 76.17 81.45
C ALA K 310 -42.53 76.73 80.77
N ASP K 311 -42.25 78.02 80.99
CA ASP K 311 -41.07 78.63 80.41
C ASP K 311 -39.80 78.03 81.00
N ARG K 312 -39.79 77.76 82.31
CA ARG K 312 -38.62 77.14 82.93
C ARG K 312 -38.40 75.73 82.39
N MET K 313 -39.47 74.95 82.27
CA MET K 313 -39.35 73.60 81.72
C MET K 313 -38.86 73.64 80.28
N GLN K 314 -39.35 74.62 79.50
CA GLN K 314 -38.86 74.80 78.14
C GLN K 314 -37.36 75.12 78.12
N LYS K 315 -36.92 76.00 79.02
CA LYS K 315 -35.51 76.39 79.05
C LYS K 315 -34.62 75.21 79.45
N GLU K 316 -34.98 74.52 80.54
CA GLU K 316 -34.13 73.46 81.04
C GLU K 316 -34.06 72.28 80.07
N ILE K 317 -35.18 71.90 79.48
CA ILE K 317 -35.17 70.79 78.53
C ILE K 317 -34.43 71.15 77.27
N THR K 318 -34.52 72.41 76.83
CA THR K 318 -33.75 72.84 75.66
C THR K 318 -32.25 72.71 75.90
N ALA K 319 -31.80 73.04 77.12
CA ALA K 319 -30.38 72.92 77.44
C ALA K 319 -29.92 71.47 77.47
N LEU K 320 -30.83 70.54 77.74
CA LEU K 320 -30.47 69.12 77.81
C LEU K 320 -30.61 68.44 76.45
N ALA K 321 -31.73 68.62 75.76
CA ALA K 321 -32.01 67.96 74.49
C ALA K 321 -31.02 68.35 73.39
N PRO K 322 -30.80 67.50 72.37
CA PRO K 322 -29.91 67.82 71.26
C PRO K 322 -30.33 69.09 70.52
N SER K 323 -29.34 69.86 70.09
CA SER K 323 -29.45 71.25 69.60
C SER K 323 -30.47 71.48 68.50
N THR K 324 -30.72 70.50 67.63
CA THR K 324 -31.67 70.60 66.51
C THR K 324 -33.13 70.32 66.90
N MET K 325 -33.43 69.78 68.10
CA MET K 325 -34.80 69.45 68.45
C MET K 325 -35.58 70.70 68.85
N LYS K 326 -36.87 70.71 68.50
CA LYS K 326 -37.76 71.79 68.85
C LYS K 326 -38.53 71.40 70.11
N ILE K 327 -38.22 72.06 71.23
CA ILE K 327 -38.84 71.76 72.51
C ILE K 327 -40.10 72.61 72.63
N LYS K 328 -41.26 71.95 72.71
CA LYS K 328 -42.54 72.63 72.89
C LYS K 328 -43.19 72.11 74.16
N ILE K 329 -43.52 73.01 75.08
CA ILE K 329 -44.18 72.66 76.33
C ILE K 329 -45.63 73.11 76.24
N ILE K 330 -46.55 72.15 76.24
CA ILE K 330 -47.97 72.43 76.16
C ILE K 330 -48.53 72.50 77.56
N ALA K 331 -48.95 73.70 77.98
CA ALA K 331 -49.53 73.92 79.31
C ALA K 331 -50.90 74.54 79.13
N PRO K 332 -51.94 73.72 78.96
CA PRO K 332 -53.27 74.28 78.78
C PRO K 332 -53.71 75.06 79.99
N PRO K 333 -54.54 76.09 79.81
CA PRO K 333 -54.99 76.88 80.97
C PRO K 333 -55.77 76.05 81.98
N GLU K 334 -56.47 75.00 81.54
CA GLU K 334 -57.19 74.10 82.42
C GLU K 334 -56.40 72.83 82.73
N ARG K 335 -55.06 72.90 82.72
CA ARG K 335 -54.24 71.73 83.00
C ARG K 335 -54.44 71.21 84.42
N LYS K 336 -55.02 72.01 85.31
CA LYS K 336 -55.38 71.52 86.64
C LYS K 336 -56.39 70.37 86.55
N TYR K 337 -57.27 70.40 85.55
CA TYR K 337 -58.32 69.40 85.41
C TYR K 337 -58.11 68.44 84.24
N SER K 338 -56.90 68.41 83.66
CA SER K 338 -56.67 67.58 82.48
C SER K 338 -56.90 66.10 82.75
N VAL K 339 -56.63 65.64 83.97
CA VAL K 339 -56.84 64.23 84.29
C VAL K 339 -58.33 63.90 84.26
N TRP K 340 -59.14 64.73 84.93
CA TRP K 340 -60.58 64.48 84.95
C TRP K 340 -61.21 64.63 83.57
N ILE K 341 -60.76 65.63 82.81
CA ILE K 341 -61.30 65.82 81.46
C ILE K 341 -60.97 64.62 80.59
N GLY K 342 -59.74 64.11 80.68
CA GLY K 342 -59.40 62.92 79.94
C GLY K 342 -60.18 61.70 80.37
N GLY K 343 -60.44 61.59 81.69
CA GLY K 343 -61.25 60.48 82.16
C GLY K 343 -62.69 60.55 81.67
N SER K 344 -63.24 61.77 81.61
CA SER K 344 -64.60 61.94 81.08
C SER K 344 -64.65 61.68 79.59
N ILE K 345 -63.59 62.03 78.86
CA ILE K 345 -63.52 61.73 77.43
C ILE K 345 -63.45 60.22 77.22
N LEU K 346 -62.59 59.55 77.99
CA LEU K 346 -62.42 58.10 77.84
C LEU K 346 -63.69 57.35 78.18
N ALA K 347 -64.36 57.75 79.27
CA ALA K 347 -65.56 57.05 79.72
C ALA K 347 -66.75 57.24 78.79
N SER K 348 -66.69 58.21 77.88
CA SER K 348 -67.77 58.43 76.92
C SER K 348 -67.49 57.81 75.56
N LEU K 349 -66.26 57.37 75.30
CA LEU K 349 -65.93 56.76 74.01
C LEU K 349 -66.64 55.43 73.85
N SER K 350 -67.20 55.20 72.66
CA SER K 350 -67.95 53.96 72.42
C SER K 350 -67.06 52.74 72.47
N THR K 351 -65.78 52.88 72.07
CA THR K 351 -64.86 51.75 72.09
C THR K 351 -64.41 51.37 73.49
N PHE K 352 -64.71 52.20 74.50
CA PHE K 352 -64.31 51.93 75.87
C PHE K 352 -65.32 51.09 76.63
N GLN K 353 -66.54 50.92 76.09
CA GLN K 353 -67.63 50.32 76.86
C GLN K 353 -67.39 48.85 77.18
N GLN K 354 -66.54 48.16 76.43
CA GLN K 354 -66.24 46.76 76.73
C GLN K 354 -65.03 46.60 77.63
N MET K 355 -64.38 47.69 78.03
CA MET K 355 -63.22 47.60 78.91
C MET K 355 -63.57 47.76 80.38
N TRP K 356 -64.81 48.07 80.70
CA TRP K 356 -65.24 48.16 82.10
C TRP K 356 -65.10 46.81 82.80
N ILE K 357 -64.68 46.85 84.07
CA ILE K 357 -64.80 45.69 84.92
C ILE K 357 -66.25 45.57 85.39
N SER K 358 -66.91 44.48 85.02
CA SER K 358 -68.33 44.33 85.29
C SER K 358 -68.55 43.70 86.66
N LYS K 359 -69.79 43.82 87.15
CA LYS K 359 -70.17 43.14 88.37
C LYS K 359 -70.00 41.63 88.23
N GLN K 360 -70.33 41.10 87.05
CA GLN K 360 -70.16 39.66 86.80
C GLN K 360 -68.69 39.26 86.88
N GLU K 361 -67.79 40.06 86.31
CA GLU K 361 -66.38 39.70 86.32
C GLU K 361 -65.78 39.76 87.72
N TYR K 362 -66.22 40.72 88.54
CA TYR K 362 -65.76 40.78 89.92
C TYR K 362 -66.24 39.56 90.70
N ASP K 363 -67.48 39.12 90.44
CA ASP K 363 -68.01 37.97 91.15
C ASP K 363 -67.22 36.70 90.84
N GLU K 364 -66.81 36.53 89.58
CA GLU K 364 -66.14 35.31 89.15
C GLU K 364 -64.63 35.38 89.23
N SER K 365 -64.04 36.54 89.53
CA SER K 365 -62.59 36.68 89.55
C SER K 365 -62.03 37.36 90.79
N GLY K 366 -62.82 38.11 91.54
CA GLY K 366 -62.33 38.77 92.74
C GLY K 366 -61.59 40.06 92.45
N PRO K 367 -61.01 40.65 93.49
CA PRO K 367 -60.30 41.93 93.31
C PRO K 367 -59.13 41.86 92.35
N SER K 368 -58.55 40.68 92.15
CA SER K 368 -57.39 40.53 91.26
C SER K 368 -57.75 40.70 89.79
N ILE K 369 -59.04 40.87 89.47
CA ILE K 369 -59.44 41.11 88.08
C ILE K 369 -58.84 42.41 87.56
N VAL K 370 -58.56 43.36 88.44
CA VAL K 370 -58.15 44.70 88.03
C VAL K 370 -56.78 44.69 87.36
N HIS K 371 -55.94 43.70 87.69
CA HIS K 371 -54.59 43.68 87.14
C HIS K 371 -54.53 43.24 85.68
N ARG K 372 -55.46 42.41 85.23
CA ARG K 372 -55.47 41.96 83.85
C ARG K 372 -56.47 42.71 82.98
N LYS K 373 -57.45 43.37 83.58
CA LYS K 373 -58.44 44.11 82.80
C LYS K 373 -57.98 45.54 82.51
N CYS K 374 -57.44 46.23 83.50
CA CYS K 374 -57.13 47.65 83.35
C CYS K 374 -55.81 47.89 82.61
N PHE K 375 -54.69 47.56 83.24
CA PHE K 375 -53.40 47.95 82.70
C PHE K 375 -52.36 46.85 82.91
N ASP L 4 -5.31 87.06 121.14
CA ASP L 4 -6.39 87.22 122.11
C ASP L 4 -6.18 86.30 123.31
N ILE L 5 -6.73 86.69 124.46
CA ILE L 5 -6.46 85.96 125.70
C ILE L 5 -7.14 84.59 125.67
N ALA L 6 -8.46 84.57 125.59
CA ALA L 6 -9.22 83.32 125.63
C ALA L 6 -10.64 83.59 125.14
N ALA L 7 -11.22 82.58 124.50
CA ALA L 7 -12.58 82.71 124.00
C ALA L 7 -13.59 82.55 125.13
N LEU L 8 -14.67 83.32 125.07
CA LEU L 8 -15.80 83.19 125.98
C LEU L 8 -16.86 82.31 125.33
N VAL L 9 -17.61 81.60 126.16
CA VAL L 9 -18.76 80.81 125.73
C VAL L 9 -19.96 81.28 126.51
N VAL L 10 -21.01 81.71 125.80
CA VAL L 10 -22.22 82.24 126.41
C VAL L 10 -23.40 81.47 125.83
N ASP L 11 -23.89 80.48 126.56
CA ASP L 11 -25.03 79.67 126.15
C ASP L 11 -26.30 80.32 126.67
N ASN L 12 -26.91 81.19 125.85
CA ASN L 12 -28.17 81.82 126.20
C ASN L 12 -29.34 80.98 125.75
N GLY L 13 -30.45 81.12 126.48
CA GLY L 13 -31.68 80.43 126.13
C GLY L 13 -32.90 81.22 126.58
N SER L 14 -34.07 80.60 126.48
CA SER L 14 -35.30 81.28 126.86
C SER L 14 -35.32 81.67 128.34
N GLY L 15 -34.64 80.91 129.20
CA GLY L 15 -34.76 81.13 130.62
C GLY L 15 -33.47 81.26 131.41
N MET L 16 -32.35 80.80 130.86
CA MET L 16 -31.10 80.72 131.61
C MET L 16 -29.93 81.21 130.78
N CYS L 17 -28.93 81.75 131.47
CA CYS L 17 -27.68 82.21 130.86
C CYS L 17 -26.51 81.50 131.51
N LYS L 18 -25.67 80.86 130.70
CA LYS L 18 -24.47 80.17 131.17
C LYS L 18 -23.27 80.77 130.48
N ALA L 19 -22.33 81.30 131.26
CA ALA L 19 -21.17 82.01 130.73
C ALA L 19 -19.90 81.41 131.32
N GLY L 20 -18.80 81.59 130.58
CA GLY L 20 -17.52 81.09 131.05
C GLY L 20 -16.46 81.25 129.97
N PHE L 21 -15.35 80.55 130.18
CA PHE L 21 -14.21 80.59 129.27
C PHE L 21 -14.05 79.24 128.58
N ALA L 22 -13.67 79.29 127.30
CA ALA L 22 -13.39 78.07 126.56
C ALA L 22 -12.21 77.34 127.19
N GLY L 23 -12.29 76.01 127.21
CA GLY L 23 -11.33 75.19 127.91
C GLY L 23 -11.69 74.84 129.33
N ASP L 24 -12.62 75.57 129.94
CA ASP L 24 -13.10 75.23 131.27
C ASP L 24 -14.10 74.07 131.18
N ASP L 25 -14.16 73.28 132.25
CA ASP L 25 -15.05 72.12 132.30
C ASP L 25 -16.46 72.46 132.76
N ALA L 26 -16.71 73.69 133.20
CA ALA L 26 -18.03 74.08 133.67
C ALA L 26 -18.17 75.59 133.49
N PRO L 27 -19.38 76.08 133.28
CA PRO L 27 -19.58 77.54 133.16
C PRO L 27 -19.28 78.25 134.47
N ARG L 28 -18.49 79.32 134.38
CA ARG L 28 -18.09 80.05 135.58
C ARG L 28 -19.25 80.84 136.17
N ALA L 29 -20.18 81.31 135.34
CA ALA L 29 -21.32 82.08 135.79
C ALA L 29 -22.60 81.46 135.27
N VAL L 30 -23.56 81.24 136.17
CA VAL L 30 -24.85 80.64 135.84
C VAL L 30 -25.92 81.44 136.55
N PHE L 31 -26.79 82.09 135.79
CA PHE L 31 -27.85 82.92 136.35
C PHE L 31 -29.02 82.94 135.38
N PRO L 32 -30.24 83.12 135.87
CA PRO L 32 -31.40 83.17 134.97
C PRO L 32 -31.37 84.40 134.07
N SER L 33 -31.90 84.23 132.86
CA SER L 33 -32.01 85.31 131.88
C SER L 33 -33.24 86.17 132.17
N ILE L 34 -33.17 86.90 133.28
CA ILE L 34 -34.29 87.67 133.79
C ILE L 34 -33.86 89.13 133.98
N VAL L 35 -34.72 90.05 133.54
CA VAL L 35 -34.61 91.46 133.87
C VAL L 35 -35.82 91.83 134.70
N GLY L 36 -35.61 92.61 135.74
CA GLY L 36 -36.68 93.00 136.63
C GLY L 36 -36.63 94.47 136.95
N ARG L 37 -37.81 95.06 137.12
CA ARG L 37 -37.95 96.45 137.49
C ARG L 37 -38.95 96.58 138.63
N PRO L 38 -38.73 97.54 139.54
CA PRO L 38 -39.64 97.69 140.68
C PRO L 38 -41.03 98.10 140.22
N ARG L 39 -42.04 97.63 140.95
CA ARG L 39 -43.43 97.95 140.65
C ARG L 39 -44.15 98.61 141.83
N HIS L 40 -43.41 99.14 142.79
CA HIS L 40 -43.99 99.81 143.95
C HIS L 40 -43.27 101.12 144.19
N GLN L 41 -43.85 101.94 145.07
CA GLN L 41 -43.31 103.26 145.34
C GLN L 41 -41.99 103.19 146.09
N GLY L 42 -41.03 104.00 145.66
CA GLY L 42 -39.77 104.14 146.37
C GLY L 42 -39.83 105.17 147.48
N VAL L 43 -40.45 104.81 148.60
CA VAL L 43 -40.67 105.78 149.67
C VAL L 43 -39.36 106.18 150.33
N MET L 44 -38.36 105.29 150.38
CA MET L 44 -37.12 105.58 151.05
C MET L 44 -36.20 106.44 150.19
N VAL L 45 -35.26 107.11 150.85
CA VAL L 45 -34.29 107.98 150.19
C VAL L 45 -32.94 107.28 150.15
N GLY L 46 -32.31 107.25 148.98
CA GLY L 46 -31.07 106.53 148.80
C GLY L 46 -31.31 105.05 148.64
N MET L 47 -30.68 104.24 149.51
CA MET L 47 -30.89 102.80 149.60
C MET L 47 -30.34 102.12 148.34
N GLY L 48 -29.84 102.92 147.39
CA GLY L 48 -29.38 102.36 146.13
C GLY L 48 -30.49 101.78 145.28
N GLN L 49 -31.63 102.46 145.21
CA GLN L 49 -32.79 101.97 144.47
C GLN L 49 -32.65 102.16 142.98
N LYS L 50 -31.80 101.36 142.34
CA LYS L 50 -31.68 101.41 140.89
C LYS L 50 -32.93 100.86 140.21
N ASP L 51 -33.16 101.32 138.97
CA ASP L 51 -34.41 101.04 138.27
C ASP L 51 -34.41 99.71 137.53
N SER L 52 -33.32 98.95 137.57
CA SER L 52 -33.28 97.68 136.84
C SER L 52 -32.38 96.70 137.59
N TYR L 53 -32.80 95.43 137.56
CA TYR L 53 -32.05 94.34 138.17
C TYR L 53 -31.94 93.19 137.17
N VAL L 54 -30.83 92.47 137.23
CA VAL L 54 -30.53 91.43 136.26
C VAL L 54 -30.09 90.16 136.96
N GLY L 55 -30.59 89.02 136.47
CA GLY L 55 -30.08 87.74 136.91
C GLY L 55 -30.43 87.40 138.34
N ASP L 56 -29.40 87.00 139.09
CA ASP L 56 -29.61 86.53 140.46
C ASP L 56 -30.16 87.63 141.36
N GLU L 57 -29.72 88.87 141.17
CA GLU L 57 -30.22 89.97 141.99
C GLU L 57 -31.70 90.20 141.74
N ALA L 58 -32.14 90.10 140.48
CA ALA L 58 -33.55 90.29 140.16
C ALA L 58 -34.41 89.21 140.82
N GLN L 59 -33.95 87.96 140.79
CA GLN L 59 -34.71 86.89 141.42
C GLN L 59 -34.69 86.99 142.94
N SER L 60 -33.60 87.52 143.51
CA SER L 60 -33.53 87.70 144.95
C SER L 60 -34.52 88.77 145.42
N LYS L 61 -34.61 89.88 144.69
CA LYS L 61 -35.52 90.96 145.01
C LYS L 61 -36.86 90.83 144.28
N ARG L 62 -37.25 89.62 143.89
CA ARG L 62 -38.44 89.44 143.08
C ARG L 62 -39.73 89.81 143.81
N GLY L 63 -39.68 89.97 145.13
CA GLY L 63 -40.89 90.32 145.86
C GLY L 63 -41.47 91.66 145.47
N ILE L 64 -40.62 92.62 145.15
CA ILE L 64 -41.05 93.95 144.74
C ILE L 64 -40.76 94.23 143.28
N LEU L 65 -40.48 93.19 142.50
CA LEU L 65 -40.03 93.33 141.12
C LEU L 65 -40.98 92.63 140.17
N THR L 66 -41.16 93.21 138.99
CA THR L 66 -41.81 92.52 137.88
C THR L 66 -40.75 91.89 136.99
N LEU L 67 -40.81 90.56 136.85
CA LEU L 67 -39.77 89.82 136.14
C LEU L 67 -40.21 89.56 134.71
N LYS L 68 -39.33 89.87 133.76
CA LYS L 68 -39.60 89.72 132.34
C LYS L 68 -38.42 89.05 131.67
N TYR L 69 -38.71 88.07 130.80
CA TYR L 69 -37.69 87.35 130.08
C TYR L 69 -37.46 88.01 128.73
N PRO L 70 -36.26 88.53 128.44
CA PRO L 70 -36.00 89.08 127.11
C PRO L 70 -36.12 88.05 125.99
N ILE L 71 -35.90 86.77 126.30
CA ILE L 71 -35.95 85.70 125.30
C ILE L 71 -37.20 84.86 125.53
N GLU L 72 -37.99 84.68 124.47
CA GLU L 72 -39.12 83.78 124.50
C GLU L 72 -39.04 82.82 123.32
N HIC L 73 -39.11 81.52 123.61
CA HIC L 73 -38.99 80.47 122.59
C HIC L 73 -37.68 80.60 121.82
O HIC L 73 -37.65 80.43 120.60
CB HIC L 73 -40.17 80.50 121.63
CG HIC L 73 -41.48 80.16 122.26
ND1 HIC L 73 -41.69 78.97 122.90
CD2 HIC L 73 -42.62 80.91 122.32
CE1 HIC L 73 -42.92 79.00 123.33
NE2 HIC L 73 -43.53 80.17 123.02
CZ HIC L 73 -44.89 80.54 123.33
N GLY L 74 -36.60 80.91 122.53
CA GLY L 74 -35.28 81.00 121.92
C GLY L 74 -35.09 82.19 121.00
N ILE L 75 -36.06 83.11 121.02
CA ILE L 75 -36.05 84.29 120.16
C ILE L 75 -36.12 85.52 121.04
N VAL L 76 -35.25 86.48 120.80
CA VAL L 76 -35.19 87.70 121.60
C VAL L 76 -36.37 88.58 121.23
N THR L 77 -37.21 88.90 122.21
CA THR L 77 -38.37 89.75 122.00
C THR L 77 -38.14 91.20 122.39
N ASN L 78 -37.15 91.46 123.25
CA ASN L 78 -36.86 92.83 123.69
C ASN L 78 -35.33 92.93 123.80
N TRP L 79 -34.71 93.53 122.79
CA TRP L 79 -33.25 93.62 122.78
C TRP L 79 -32.75 94.65 123.80
N ASP L 80 -33.60 95.58 124.21
CA ASP L 80 -33.21 96.53 125.25
C ASP L 80 -32.88 95.83 126.56
N ASP L 81 -33.53 94.70 126.83
CA ASP L 81 -33.23 93.89 128.01
C ASP L 81 -32.19 92.82 127.74
N MET L 82 -32.10 92.33 126.51
CA MET L 82 -31.05 91.39 126.16
C MET L 82 -29.67 92.03 126.26
N GLU L 83 -29.58 93.31 125.87
CA GLU L 83 -28.32 94.03 126.04
C GLU L 83 -27.94 94.15 127.51
N LYS L 84 -28.92 94.35 128.40
CA LYS L 84 -28.62 94.37 129.83
C LYS L 84 -28.21 93.00 130.34
N ILE L 85 -28.82 91.94 129.82
CA ILE L 85 -28.39 90.58 130.16
C ILE L 85 -26.93 90.38 129.79
N TRP L 86 -26.56 90.77 128.57
CA TRP L 86 -25.18 90.57 128.13
C TRP L 86 -24.22 91.47 128.87
N HIS L 87 -24.63 92.70 129.19
CA HIS L 87 -23.79 93.60 129.96
C HIS L 87 -23.52 93.04 131.35
N HIS L 88 -24.56 92.51 132.01
CA HIS L 88 -24.36 91.84 133.29
C HIS L 88 -23.42 90.65 133.13
N THR L 89 -23.64 89.84 132.09
CA THR L 89 -22.81 88.66 131.86
C THR L 89 -21.33 89.03 131.74
N PHE L 90 -21.03 90.08 130.97
CA PHE L 90 -19.63 90.42 130.73
C PHE L 90 -19.01 91.17 131.90
N TYR L 91 -19.66 92.24 132.37
CA TYR L 91 -19.00 93.15 133.31
C TYR L 91 -19.28 92.82 134.78
N ASN L 92 -20.30 92.03 135.09
CA ASN L 92 -20.63 91.74 136.48
C ASN L 92 -20.43 90.29 136.86
N GLU L 93 -20.71 89.35 135.95
CA GLU L 93 -20.53 87.94 136.23
C GLU L 93 -19.14 87.45 135.86
N LEU L 94 -18.75 87.60 134.60
CA LEU L 94 -17.41 87.20 134.16
C LEU L 94 -16.35 88.22 134.53
N ARG L 95 -16.73 89.49 134.67
CA ARG L 95 -15.81 90.58 134.98
C ARG L 95 -14.67 90.63 133.96
N VAL L 96 -15.05 90.68 132.69
CA VAL L 96 -14.09 90.71 131.58
C VAL L 96 -14.47 91.84 130.64
N ALA L 97 -13.49 92.25 129.83
CA ALA L 97 -13.73 93.23 128.78
C ALA L 97 -13.92 92.50 127.46
N PRO L 98 -15.11 92.55 126.84
CA PRO L 98 -15.33 91.80 125.60
C PRO L 98 -14.46 92.26 124.44
N GLU L 99 -13.82 93.43 124.53
CA GLU L 99 -13.00 93.94 123.45
C GLU L 99 -11.75 93.12 123.21
N GLU L 100 -11.39 92.20 124.11
CA GLU L 100 -10.19 91.39 123.96
C GLU L 100 -10.48 89.89 124.01
N HIS L 101 -11.75 89.49 123.93
CA HIS L 101 -12.11 88.08 124.00
C HIS L 101 -13.08 87.74 122.88
N PRO L 102 -12.78 86.73 122.06
CA PRO L 102 -13.81 86.21 121.15
C PRO L 102 -14.95 85.60 121.94
N VAL L 103 -16.16 85.66 121.37
CA VAL L 103 -17.36 85.19 122.05
C VAL L 103 -18.08 84.19 121.15
N LEU L 104 -18.37 83.01 121.68
CA LEU L 104 -19.16 82.01 120.98
C LEU L 104 -20.57 81.99 121.58
N LEU L 105 -21.57 82.29 120.76
CA LEU L 105 -22.96 82.30 121.18
C LEU L 105 -23.66 81.03 120.71
N THR L 106 -24.88 80.84 121.22
CA THR L 106 -25.69 79.67 120.90
C THR L 106 -27.06 80.10 120.41
N GLU L 107 -27.64 79.28 119.53
CA GLU L 107 -28.97 79.56 119.01
C GLU L 107 -29.65 78.24 118.66
N ALA L 108 -30.98 78.21 118.81
CA ALA L 108 -31.76 77.07 118.40
C ALA L 108 -31.92 77.04 116.88
N PRO L 109 -32.07 75.87 116.28
CA PRO L 109 -32.29 75.80 114.84
C PRO L 109 -33.67 76.31 114.45
N LEU L 110 -33.80 76.65 113.17
CA LEU L 110 -35.04 77.19 112.60
C LEU L 110 -35.46 78.49 113.28
N ASN L 111 -34.48 79.26 113.75
CA ASN L 111 -34.74 80.58 114.30
C ASN L 111 -34.87 81.61 113.18
N PRO L 112 -35.51 82.75 113.45
CA PRO L 112 -35.54 83.83 112.46
C PRO L 112 -34.13 84.34 112.17
N LYS L 113 -33.90 84.68 110.90
CA LYS L 113 -32.57 85.10 110.48
C LYS L 113 -32.18 86.44 111.08
N ALA L 114 -33.15 87.34 111.29
CA ALA L 114 -32.85 88.64 111.85
C ALA L 114 -32.39 88.55 113.30
N ASN L 115 -32.83 87.51 114.02
CA ASN L 115 -32.42 87.34 115.41
C ASN L 115 -30.91 87.11 115.50
N ARG L 116 -30.37 86.30 114.59
CA ARG L 116 -28.93 86.04 114.57
C ARG L 116 -28.17 87.27 114.09
N GLU L 117 -28.72 88.00 113.12
CA GLU L 117 -28.06 89.18 112.59
C GLU L 117 -27.89 90.24 113.66
N LYS L 118 -28.91 90.44 114.49
CA LYS L 118 -28.79 91.43 115.55
C LYS L 118 -27.85 90.98 116.65
N MET L 119 -27.77 89.67 116.91
CA MET L 119 -26.71 89.16 117.78
C MET L 119 -25.34 89.57 117.27
N THR L 120 -25.09 89.34 115.99
CA THR L 120 -23.80 89.70 115.41
C THR L 120 -23.55 91.20 115.50
N GLN L 121 -24.58 92.00 115.17
CA GLN L 121 -24.43 93.45 115.18
C GLN L 121 -24.14 93.97 116.59
N ILE L 122 -24.84 93.46 117.60
CA ILE L 122 -24.62 93.92 118.95
C ILE L 122 -23.26 93.47 119.46
N MET L 123 -22.86 92.24 119.15
CA MET L 123 -21.56 91.77 119.59
C MET L 123 -20.41 92.56 118.96
N PHE L 124 -20.58 93.03 117.72
CA PHE L 124 -19.48 93.72 117.07
C PHE L 124 -19.50 95.24 117.29
N GLU L 125 -20.68 95.86 117.40
CA GLU L 125 -20.76 97.31 117.44
C GLU L 125 -20.89 97.89 118.84
N THR L 126 -21.43 97.14 119.80
CA THR L 126 -21.57 97.66 121.15
C THR L 126 -20.58 97.06 122.13
N PHE L 127 -20.27 95.77 122.00
CA PHE L 127 -19.26 95.12 122.84
C PHE L 127 -17.91 95.03 122.16
N ASN L 128 -17.83 95.30 120.85
CA ASN L 128 -16.57 95.39 120.12
C ASN L 128 -15.72 94.12 120.26
N THR L 129 -16.37 92.96 120.19
CA THR L 129 -15.64 91.70 120.33
C THR L 129 -14.70 91.49 119.15
N PRO L 130 -13.48 91.01 119.38
CA PRO L 130 -12.57 90.73 118.25
C PRO L 130 -13.11 89.70 117.28
N ALA L 131 -13.85 88.71 117.77
CA ALA L 131 -14.39 87.66 116.92
C ALA L 131 -15.66 87.13 117.55
N MET L 132 -16.49 86.49 116.74
CA MET L 132 -17.76 85.98 117.22
C MET L 132 -18.17 84.79 116.36
N TYR L 133 -19.00 83.93 116.94
CA TYR L 133 -19.56 82.78 116.24
C TYR L 133 -20.89 82.43 116.88
N VAL L 134 -21.77 81.82 116.09
CA VAL L 134 -23.10 81.41 116.55
C VAL L 134 -23.27 79.94 116.18
N ALA L 135 -23.20 79.06 117.16
CA ALA L 135 -23.35 77.63 116.94
C ALA L 135 -24.73 77.15 117.35
N ILE L 136 -25.17 76.04 116.74
CA ILE L 136 -26.45 75.44 117.06
C ILE L 136 -26.33 74.70 118.40
N GLN L 137 -27.33 74.87 119.26
CA GLN L 137 -27.27 74.31 120.61
C GLN L 137 -27.14 72.79 120.59
N ALA L 138 -27.93 72.12 119.75
CA ALA L 138 -27.91 70.66 119.74
C ALA L 138 -26.60 70.10 119.16
N VAL L 139 -25.99 70.84 118.24
CA VAL L 139 -24.70 70.40 117.69
C VAL L 139 -23.64 70.41 118.78
N LEU L 140 -23.65 71.44 119.63
CA LEU L 140 -22.69 71.51 120.73
C LEU L 140 -22.89 70.36 121.72
N SER L 141 -24.15 69.98 121.96
CA SER L 141 -24.42 68.90 122.91
C SER L 141 -23.77 67.59 122.48
N LEU L 142 -23.61 67.38 121.17
CA LEU L 142 -22.91 66.19 120.70
C LEU L 142 -21.42 66.26 121.02
N TYR L 143 -20.85 67.47 121.00
CA TYR L 143 -19.44 67.65 121.34
C TYR L 143 -19.16 67.26 122.79
N ALA L 144 -20.05 67.65 123.71
CA ALA L 144 -19.87 67.32 125.11
C ALA L 144 -19.97 65.82 125.36
N SER L 145 -20.80 65.12 124.57
CA SER L 145 -20.96 63.69 124.71
C SER L 145 -19.83 62.88 124.10
N GLY L 146 -18.88 63.54 123.42
CA GLY L 146 -17.72 62.85 122.90
C GLY L 146 -17.99 61.89 121.76
N ARG L 147 -18.88 62.24 120.84
CA ARG L 147 -19.18 61.40 119.69
C ARG L 147 -19.50 62.28 118.50
N THR L 148 -19.42 61.69 117.31
CA THR L 148 -19.75 62.39 116.07
C THR L 148 -20.94 61.78 115.37
N THR L 149 -21.59 60.77 115.97
CA THR L 149 -22.76 60.12 115.39
C THR L 149 -23.84 60.03 116.46
N GLY L 150 -25.04 60.47 116.12
CA GLY L 150 -26.15 60.41 117.04
C GLY L 150 -27.10 61.56 116.83
N ILE L 151 -28.30 61.41 117.40
CA ILE L 151 -29.34 62.42 117.34
C ILE L 151 -29.51 63.01 118.73
N VAL L 152 -29.52 64.34 118.81
CA VAL L 152 -29.56 65.04 120.09
C VAL L 152 -30.95 65.64 120.28
N MET L 153 -31.65 65.17 121.30
CA MET L 153 -32.94 65.71 121.71
C MET L 153 -32.66 66.72 122.82
N ASP L 154 -32.65 68.00 122.45
CA ASP L 154 -32.30 69.08 123.36
C ASP L 154 -33.55 69.87 123.71
N SER L 155 -33.83 69.99 125.00
CA SER L 155 -34.99 70.73 125.49
C SER L 155 -34.55 71.70 126.56
N GLY L 156 -34.71 72.99 126.29
CA GLY L 156 -34.37 74.02 127.26
C GLY L 156 -35.59 74.65 127.88
N ASP L 157 -35.57 75.96 128.10
CA ASP L 157 -36.71 76.63 128.72
C ASP L 157 -37.78 77.03 127.72
N GLY L 158 -37.47 77.15 126.44
CA GLY L 158 -38.49 77.54 125.48
C GLY L 158 -38.43 76.86 124.14
N VAL L 159 -37.46 75.98 123.92
CA VAL L 159 -37.27 75.31 122.64
C VAL L 159 -36.93 73.85 122.89
N THR L 160 -37.56 72.96 122.13
CA THR L 160 -37.17 71.57 122.01
C THR L 160 -36.85 71.27 120.56
N HIS L 161 -35.66 70.73 120.30
CA HIS L 161 -35.26 70.47 118.93
C HIS L 161 -34.39 69.22 118.86
N THR L 162 -34.48 68.51 117.75
CA THR L 162 -33.69 67.31 117.50
C THR L 162 -32.85 67.51 116.24
N VAL L 163 -31.56 67.26 116.35
CA VAL L 163 -30.65 67.41 115.22
C VAL L 163 -29.91 66.11 114.97
N PRO L 164 -30.16 65.43 113.85
CA PRO L 164 -29.43 64.19 113.55
C PRO L 164 -28.07 64.48 112.93
N ILE L 165 -27.05 63.79 113.42
CA ILE L 165 -25.70 63.91 112.90
C ILE L 165 -25.13 62.51 112.72
N TYR L 166 -24.49 62.26 111.56
CA TYR L 166 -23.89 60.97 111.28
C TYR L 166 -22.46 61.19 110.81
N GLU L 167 -21.50 60.82 111.66
CA GLU L 167 -20.08 60.88 111.36
C GLU L 167 -19.66 62.25 110.86
N GLY L 168 -20.12 63.31 111.52
CA GLY L 168 -19.72 64.66 111.19
C GLY L 168 -20.66 65.44 110.32
N TYR L 169 -21.62 64.78 109.68
CA TYR L 169 -22.55 65.45 108.76
C TYR L 169 -23.95 65.49 109.37
N ALA L 170 -24.49 66.69 109.53
CA ALA L 170 -25.86 66.86 109.98
C ALA L 170 -26.81 66.82 108.79
N LEU L 171 -28.04 66.37 109.06
CA LEU L 171 -29.10 66.30 108.05
C LEU L 171 -30.11 67.41 108.32
N PRO L 172 -29.94 68.59 107.72
CA PRO L 172 -30.85 69.71 108.03
C PRO L 172 -32.29 69.47 107.66
N HIS L 173 -32.57 68.63 106.66
CA HIS L 173 -33.95 68.35 106.30
C HIS L 173 -34.66 67.53 107.38
N ALA L 174 -33.89 66.76 108.16
CA ALA L 174 -34.46 65.96 109.24
C ALA L 174 -34.50 66.69 110.57
N ILE L 175 -33.93 67.91 110.65
CA ILE L 175 -33.95 68.65 111.90
C ILE L 175 -35.38 69.09 112.20
N LEU L 176 -35.84 68.80 113.41
CA LEU L 176 -37.20 69.13 113.84
C LEU L 176 -37.15 70.10 115.01
N ARG L 177 -38.15 70.98 115.07
CA ARG L 177 -38.29 71.94 116.15
C ARG L 177 -39.69 71.85 116.73
N LEU L 178 -39.78 71.98 118.04
CA LEU L 178 -41.04 71.89 118.78
C LEU L 178 -41.03 73.00 119.83
N ASP L 179 -41.93 73.96 119.70
CA ASP L 179 -42.01 75.09 120.62
C ASP L 179 -42.77 74.70 121.89
N LEU L 180 -42.20 73.72 122.59
CA LEU L 180 -42.76 73.23 123.85
C LEU L 180 -41.59 72.88 124.76
N ALA L 181 -41.47 73.58 125.88
CA ALA L 181 -40.34 73.39 126.77
C ALA L 181 -40.68 73.74 128.21
N GLY L 182 -39.65 74.01 129.03
CA GLY L 182 -39.86 74.19 130.45
C GLY L 182 -40.80 75.31 130.82
N ARG L 183 -40.84 76.39 130.02
CA ARG L 183 -41.74 77.50 130.32
C ARG L 183 -43.20 77.08 130.17
N ASP L 184 -43.50 76.34 129.10
CA ASP L 184 -44.85 75.83 128.92
C ASP L 184 -45.25 74.88 130.03
N LEU L 185 -44.31 74.05 130.48
CA LEU L 185 -44.60 73.15 131.60
C LEU L 185 -44.79 73.91 132.90
N THR L 186 -44.04 75.00 133.10
CA THR L 186 -44.25 75.84 134.28
C THR L 186 -45.64 76.47 134.26
N ASP L 187 -46.06 76.97 133.09
CA ASP L 187 -47.40 77.54 132.98
C ASP L 187 -48.47 76.47 133.19
N TYR L 188 -48.23 75.26 132.67
CA TYR L 188 -49.19 74.18 132.85
C TYR L 188 -49.31 73.78 134.32
N LEU L 189 -48.18 73.72 135.03
CA LEU L 189 -48.22 73.45 136.46
C LEU L 189 -48.93 74.57 137.22
N MET L 190 -48.68 75.82 136.81
CA MET L 190 -49.41 76.94 137.38
C MET L 190 -50.91 76.79 137.19
N LYS L 191 -51.31 76.26 136.03
CA LYS L 191 -52.73 76.03 135.77
C LYS L 191 -53.29 74.91 136.65
N ILE L 192 -52.68 73.73 136.58
CA ILE L 192 -53.26 72.56 137.24
C ILE L 192 -53.15 72.62 138.75
N LEU L 193 -52.27 73.46 139.29
CA LEU L 193 -52.22 73.61 140.74
C LEU L 193 -53.45 74.31 141.30
N THR L 194 -54.21 75.02 140.45
CA THR L 194 -55.43 75.67 140.91
C THR L 194 -56.52 74.67 141.24
N GLU L 195 -56.38 73.41 140.83
CA GLU L 195 -57.34 72.38 141.22
C GLU L 195 -57.34 72.13 142.72
N ARG L 196 -56.26 72.48 143.40
CA ARG L 196 -56.18 72.42 144.86
C ARG L 196 -56.33 73.79 145.51
N GLY L 197 -56.66 74.81 144.73
CA GLY L 197 -56.86 76.14 145.26
C GLY L 197 -55.61 76.99 145.38
N TYR L 198 -54.48 76.54 144.84
CA TYR L 198 -53.26 77.33 144.85
C TYR L 198 -53.29 78.33 143.70
N SER L 199 -53.46 79.60 144.02
CA SER L 199 -53.60 80.64 143.00
C SER L 199 -52.28 81.39 142.82
N PHE L 200 -51.37 80.75 142.10
CA PHE L 200 -50.12 81.40 141.71
C PHE L 200 -50.34 82.15 140.40
N THR L 201 -50.15 83.47 140.44
CA THR L 201 -50.47 84.32 139.29
C THR L 201 -49.30 85.20 138.87
N THR L 202 -48.56 85.76 139.82
CA THR L 202 -47.56 86.77 139.51
C THR L 202 -46.30 86.13 138.94
N THR L 203 -45.35 86.98 138.53
CA THR L 203 -44.09 86.50 137.99
C THR L 203 -43.22 85.86 139.07
N ALA L 204 -43.19 86.44 140.27
CA ALA L 204 -42.45 85.82 141.36
C ALA L 204 -43.09 84.49 141.75
N GLU L 205 -44.41 84.42 141.75
CA GLU L 205 -45.08 83.14 141.98
C GLU L 205 -44.84 82.18 140.83
N ARG L 206 -44.65 82.71 139.61
CA ARG L 206 -44.23 81.84 138.50
C ARG L 206 -42.86 81.24 138.76
N GLU L 207 -41.94 82.04 139.32
CA GLU L 207 -40.63 81.50 139.70
C GLU L 207 -40.76 80.46 140.81
N ILE L 208 -41.67 80.69 141.76
CA ILE L 208 -41.91 79.71 142.81
C ILE L 208 -42.40 78.39 142.21
N VAL L 209 -43.33 78.48 141.26
CA VAL L 209 -43.83 77.29 140.58
C VAL L 209 -42.73 76.63 139.76
N ARG L 210 -41.82 77.42 139.17
CA ARG L 210 -40.68 76.85 138.48
C ARG L 210 -39.82 76.03 139.43
N ASP L 211 -39.57 76.55 140.64
CA ASP L 211 -38.80 75.80 141.62
C ASP L 211 -39.54 74.54 142.04
N ILE L 212 -40.85 74.63 142.21
CA ILE L 212 -41.65 73.46 142.55
C ILE L 212 -41.52 72.40 141.47
N LYS L 213 -41.60 72.82 140.20
CA LYS L 213 -41.45 71.89 139.08
C LYS L 213 -40.07 71.26 139.07
N GLU L 214 -39.03 72.07 139.30
CA GLU L 214 -37.67 71.55 139.26
C GLU L 214 -37.42 70.56 140.38
N LYS L 215 -38.06 70.75 141.54
CA LYS L 215 -37.78 69.90 142.68
C LYS L 215 -38.66 68.65 142.71
N LEU L 216 -39.93 68.76 142.33
CA LEU L 216 -40.90 67.71 142.59
C LEU L 216 -41.48 67.04 141.36
N CYS L 217 -41.52 67.71 140.20
CA CYS L 217 -42.07 67.10 138.99
C CYS L 217 -41.16 65.97 138.51
N TYR L 218 -41.79 64.90 138.00
CA TYR L 218 -41.07 63.74 137.52
C TYR L 218 -41.91 63.04 136.44
N VAL L 219 -41.24 62.23 135.63
CA VAL L 219 -41.86 61.57 134.50
C VAL L 219 -42.29 60.17 134.94
N ALA L 220 -43.58 59.88 134.78
CA ALA L 220 -44.09 58.56 135.07
C ALA L 220 -43.73 57.58 133.96
N LEU L 221 -43.32 56.37 134.35
CA LEU L 221 -42.99 55.35 133.35
C LEU L 221 -44.22 54.91 132.58
N ASP L 222 -45.34 54.71 133.28
CA ASP L 222 -46.63 54.43 132.66
C ASP L 222 -47.62 55.42 133.23
N PHE L 223 -48.10 56.36 132.40
CA PHE L 223 -48.88 57.47 132.92
C PHE L 223 -50.21 57.00 133.49
N GLU L 224 -50.90 56.09 132.80
CA GLU L 224 -52.20 55.62 133.30
C GLU L 224 -52.04 54.81 134.58
N GLN L 225 -51.01 53.96 134.66
CA GLN L 225 -50.79 53.18 135.87
C GLN L 225 -50.48 54.07 137.06
N GLU L 226 -49.67 55.11 136.85
CA GLU L 226 -49.38 56.03 137.94
C GLU L 226 -50.58 56.89 138.29
N MET L 227 -51.42 57.22 137.32
CA MET L 227 -52.66 57.92 137.63
C MET L 227 -53.57 57.06 138.51
N ALA L 228 -53.65 55.77 138.20
CA ALA L 228 -54.43 54.86 139.05
C ALA L 228 -53.80 54.73 140.44
N THR L 229 -52.47 54.67 140.49
CA THR L 229 -51.78 54.57 141.77
C THR L 229 -52.02 55.80 142.63
N ALA L 230 -52.08 56.98 142.01
CA ALA L 230 -52.29 58.22 142.72
C ALA L 230 -53.67 58.33 143.36
N ALA L 231 -54.59 57.41 143.05
CA ALA L 231 -55.83 57.35 143.80
C ALA L 231 -55.58 57.02 145.27
N SER L 232 -54.63 56.12 145.54
CA SER L 232 -54.06 55.97 146.88
C SER L 232 -53.00 57.06 147.08
N SER L 233 -53.50 58.28 147.30
CA SER L 233 -52.69 59.48 147.13
C SER L 233 -51.52 59.54 148.11
N SER L 234 -51.71 59.08 149.33
CA SER L 234 -50.78 59.37 150.41
C SER L 234 -49.35 58.89 150.13
N SER L 235 -49.17 57.92 149.24
CA SER L 235 -47.83 57.43 148.93
C SER L 235 -47.07 58.39 148.02
N LEU L 236 -47.74 59.03 147.07
CA LEU L 236 -47.09 59.91 146.11
C LEU L 236 -47.19 61.39 146.46
N GLU L 237 -48.04 61.76 147.41
CA GLU L 237 -48.21 63.16 147.76
C GLU L 237 -46.97 63.69 148.47
N LYS L 238 -46.52 64.89 148.05
CA LYS L 238 -45.32 65.51 148.57
C LYS L 238 -45.64 66.90 149.08
N SER L 239 -44.80 67.40 149.98
CA SER L 239 -44.99 68.70 150.60
C SER L 239 -43.89 69.66 150.16
N TYR L 240 -44.29 70.89 149.83
CA TYR L 240 -43.37 71.96 149.47
C TYR L 240 -43.70 73.18 150.30
N GLU L 241 -42.66 73.86 150.79
CA GLU L 241 -42.82 75.02 151.66
C GLU L 241 -42.57 76.30 150.86
N LEU L 242 -43.57 77.18 150.85
CA LEU L 242 -43.46 78.46 150.16
C LEU L 242 -42.51 79.39 150.91
N PRO L 243 -42.01 80.43 150.24
CA PRO L 243 -41.08 81.35 150.91
C PRO L 243 -41.66 82.04 152.14
N ASP L 244 -42.98 82.18 152.23
CA ASP L 244 -43.60 82.81 153.40
C ASP L 244 -43.87 81.83 154.53
N GLY L 245 -43.69 80.53 154.30
CA GLY L 245 -43.86 79.53 155.33
C GLY L 245 -45.06 78.63 155.19
N GLN L 246 -46.00 78.95 154.31
CA GLN L 246 -47.15 78.07 154.09
C GLN L 246 -46.74 76.87 153.25
N VAL L 247 -47.34 75.72 153.55
CA VAL L 247 -46.97 74.46 152.93
C VAL L 247 -48.08 74.04 151.96
N ILE L 248 -47.71 73.81 150.71
CA ILE L 248 -48.63 73.32 149.69
C ILE L 248 -48.32 71.87 149.41
N THR L 249 -49.35 71.05 149.25
CA THR L 249 -49.20 69.63 149.01
C THR L 249 -49.57 69.31 147.57
N ILE L 250 -48.71 68.56 146.89
CA ILE L 250 -48.88 68.23 145.48
C ILE L 250 -48.88 66.72 145.33
N GLY L 251 -49.78 66.21 144.49
CA GLY L 251 -49.96 64.79 144.30
C GLY L 251 -49.70 64.32 142.88
N ASN L 252 -50.75 63.87 142.19
CA ASN L 252 -50.61 63.39 140.82
C ASN L 252 -50.14 64.48 139.86
N GLU L 253 -50.25 65.74 140.27
CA GLU L 253 -49.72 66.82 139.46
C GLU L 253 -48.21 66.66 139.24
N ARG L 254 -47.53 65.97 140.15
CA ARG L 254 -46.08 65.80 140.02
C ARG L 254 -45.70 65.12 138.71
N PHE L 255 -46.44 64.09 138.31
CA PHE L 255 -46.16 63.43 137.04
C PHE L 255 -47.08 63.85 135.91
N ARG L 256 -48.22 64.49 136.21
CA ARG L 256 -48.98 65.15 135.15
C ARG L 256 -48.27 66.40 134.65
N CYS L 257 -47.31 66.90 135.41
CA CYS L 257 -46.46 68.04 135.11
C CYS L 257 -45.52 67.83 133.92
N PRO L 258 -44.74 66.75 133.86
CA PRO L 258 -43.93 66.52 132.64
C PRO L 258 -44.67 65.80 131.53
N GLU L 259 -45.85 65.24 131.80
CA GLU L 259 -46.52 64.41 130.80
C GLU L 259 -46.90 65.22 129.56
N ALA L 260 -47.00 66.55 129.69
CA ALA L 260 -47.29 67.38 128.54
C ALA L 260 -46.18 67.30 127.48
N LEU L 261 -44.98 66.88 127.87
CA LEU L 261 -43.93 66.67 126.89
C LEU L 261 -44.27 65.53 125.94
N PHE L 262 -44.84 64.45 126.47
CA PHE L 262 -45.19 63.28 125.67
C PHE L 262 -46.62 63.31 125.16
N GLN L 263 -47.49 64.10 125.78
CA GLN L 263 -48.86 64.31 125.33
C GLN L 263 -49.11 65.81 125.26
N PRO L 264 -48.69 66.46 124.17
CA PRO L 264 -48.90 67.92 124.06
C PRO L 264 -50.36 68.32 124.05
N SER L 265 -51.28 67.39 123.81
CA SER L 265 -52.70 67.71 123.85
C SER L 265 -53.15 68.16 125.23
N PHE L 266 -52.36 67.89 126.28
CA PHE L 266 -52.69 68.41 127.60
C PHE L 266 -52.68 69.93 127.62
N LEU L 267 -51.86 70.55 126.77
CA LEU L 267 -51.79 72.00 126.65
C LEU L 267 -52.71 72.55 125.57
N GLY L 268 -53.51 71.69 124.93
CA GLY L 268 -54.26 72.11 123.77
C GLY L 268 -53.46 72.13 122.48
N MET L 269 -52.22 71.65 122.51
CA MET L 269 -51.38 71.64 121.33
C MET L 269 -51.64 70.40 120.48
N GLU L 270 -51.43 70.53 119.17
CA GLU L 270 -51.69 69.46 118.23
C GLU L 270 -50.47 68.61 117.93
N SER L 271 -49.26 69.12 118.18
CA SER L 271 -48.04 68.47 117.75
C SER L 271 -47.79 67.18 118.52
N CYS L 272 -46.87 66.37 118.00
CA CYS L 272 -46.51 65.11 118.62
C CYS L 272 -45.66 65.35 119.86
N GLY L 273 -45.53 64.30 120.68
CA GLY L 273 -44.71 64.38 121.86
C GLY L 273 -43.22 64.36 121.52
N ILE L 274 -42.41 64.54 122.58
CA ILE L 274 -40.97 64.57 122.39
C ILE L 274 -40.44 63.21 121.95
N HIS L 275 -41.13 62.13 122.32
CA HIS L 275 -40.71 60.81 121.88
C HIS L 275 -41.00 60.60 120.40
N GLU L 276 -42.17 61.06 119.93
CA GLU L 276 -42.52 60.86 118.53
C GLU L 276 -41.76 61.81 117.62
N THR L 277 -41.42 63.01 118.11
CA THR L 277 -40.61 63.92 117.30
C THR L 277 -39.23 63.34 117.04
N THR L 278 -38.61 62.74 118.06
CA THR L 278 -37.31 62.12 117.88
C THR L 278 -37.39 60.97 116.89
N PHE L 279 -38.44 60.14 117.01
CA PHE L 279 -38.60 59.01 116.10
C PHE L 279 -38.81 59.49 114.67
N ASN L 280 -39.61 60.55 114.48
CA ASN L 280 -39.82 61.10 113.15
C ASN L 280 -38.54 61.69 112.58
N SER L 281 -37.74 62.34 113.43
CA SER L 281 -36.46 62.89 112.99
C SER L 281 -35.51 61.77 112.56
N ILE L 282 -35.49 60.67 113.31
CA ILE L 282 -34.65 59.54 112.93
C ILE L 282 -35.12 58.94 111.61
N MET L 283 -36.43 58.75 111.46
CA MET L 283 -36.97 58.10 110.27
C MET L 283 -36.90 58.99 109.04
N LYS L 284 -36.75 60.30 109.21
CA LYS L 284 -36.56 61.18 108.06
C LYS L 284 -35.12 61.13 107.52
N CYS L 285 -34.21 60.47 108.22
CA CYS L 285 -32.86 60.28 107.75
C CYS L 285 -32.77 59.06 106.84
N ASP L 286 -31.57 58.81 106.33
CA ASP L 286 -31.35 57.66 105.46
C ASP L 286 -31.44 56.37 106.25
N VAL L 287 -31.83 55.29 105.55
CA VAL L 287 -32.03 53.99 106.18
C VAL L 287 -30.73 53.49 106.81
N ASP L 288 -29.62 53.65 106.11
CA ASP L 288 -28.36 53.04 106.54
C ASP L 288 -27.80 53.69 107.80
N ILE L 289 -28.29 54.87 108.18
CA ILE L 289 -27.78 55.56 109.35
C ILE L 289 -28.73 55.52 110.55
N ARG L 290 -29.95 54.99 110.37
CA ARG L 290 -30.93 55.00 111.46
C ARG L 290 -30.48 54.12 112.62
N LYS L 291 -29.82 52.99 112.33
CA LYS L 291 -29.40 52.08 113.38
C LYS L 291 -28.45 52.77 114.36
N ASP L 292 -27.52 53.58 113.83
CA ASP L 292 -26.59 54.29 114.70
C ASP L 292 -27.26 55.44 115.44
N LEU L 293 -28.31 56.03 114.85
CA LEU L 293 -29.03 57.10 115.53
C LEU L 293 -29.83 56.56 116.71
N TYR L 294 -30.38 55.36 116.57
CA TYR L 294 -31.13 54.76 117.67
C TYR L 294 -30.23 54.49 118.88
N ALA L 295 -29.01 54.02 118.63
CA ALA L 295 -28.10 53.66 119.70
C ALA L 295 -27.34 54.85 120.27
N ASN L 296 -27.52 56.05 119.71
CA ASN L 296 -26.79 57.23 120.17
C ASN L 296 -27.75 58.42 120.29
N THR L 297 -28.92 58.18 120.88
CA THR L 297 -29.88 59.25 121.14
C THR L 297 -29.47 59.96 122.43
N VAL L 298 -29.02 61.20 122.31
CA VAL L 298 -28.44 61.95 123.43
C VAL L 298 -29.44 62.99 123.90
N LEU L 299 -29.77 62.98 125.18
CA LEU L 299 -30.60 64.01 125.77
C LEU L 299 -29.73 65.17 126.25
N SER L 300 -30.29 66.38 126.17
CA SER L 300 -29.58 67.58 126.61
C SER L 300 -30.60 68.64 126.99
N GLY L 301 -30.13 69.62 127.75
CA GLY L 301 -30.98 70.70 128.19
C GLY L 301 -31.53 70.49 129.59
N GLY L 302 -31.97 71.59 130.20
CA GLY L 302 -32.46 71.53 131.56
C GLY L 302 -33.82 70.86 131.70
N THR L 303 -34.64 70.92 130.65
CA THR L 303 -35.96 70.30 130.71
C THR L 303 -35.88 68.79 130.76
N THR L 304 -34.84 68.20 130.18
CA THR L 304 -34.67 66.75 130.19
C THR L 304 -34.09 66.23 131.50
N MET L 305 -34.17 67.01 132.58
CA MET L 305 -33.63 66.62 133.87
C MET L 305 -34.64 65.96 134.79
N TYR L 306 -35.88 65.77 134.34
CA TYR L 306 -36.86 65.09 135.18
C TYR L 306 -36.42 63.66 135.44
N PRO L 307 -36.60 63.16 136.67
CA PRO L 307 -36.31 61.74 136.93
C PRO L 307 -37.20 60.85 136.09
N GLY L 308 -36.61 59.81 135.52
CA GLY L 308 -37.35 58.84 134.73
C GLY L 308 -37.63 59.27 133.30
N ILE L 309 -37.16 60.44 132.87
CA ILE L 309 -37.41 60.87 131.49
C ILE L 309 -36.65 59.99 130.51
N ALA L 310 -35.44 59.58 130.87
CA ALA L 310 -34.65 58.71 129.99
C ALA L 310 -35.32 57.35 129.85
N ASP L 311 -35.81 56.79 130.96
CA ASP L 311 -36.48 55.49 130.90
C ASP L 311 -37.77 55.56 130.09
N ARG L 312 -38.54 56.63 130.27
CA ARG L 312 -39.75 56.80 129.47
C ARG L 312 -39.43 56.96 127.99
N MET L 313 -38.42 57.76 127.68
CA MET L 313 -38.01 57.93 126.28
C MET L 313 -37.56 56.61 125.67
N GLN L 314 -36.84 55.80 126.45
CA GLN L 314 -36.44 54.48 125.97
C GLN L 314 -37.66 53.59 125.72
N LYS L 315 -38.65 53.65 126.63
CA LYS L 315 -39.84 52.82 126.47
C LYS L 315 -40.65 53.23 125.25
N GLU L 316 -40.84 54.54 125.05
CA GLU L 316 -41.67 55.00 123.94
C GLU L 316 -40.99 54.77 122.60
N ILE L 317 -39.70 55.09 122.50
CA ILE L 317 -39.00 54.95 121.23
C ILE L 317 -38.83 53.50 120.86
N THR L 318 -38.58 52.62 121.83
CA THR L 318 -38.45 51.20 121.52
C THR L 318 -39.78 50.59 121.06
N ALA L 319 -40.90 51.21 121.42
CA ALA L 319 -42.20 50.76 120.90
C ALA L 319 -42.43 51.24 119.47
N LEU L 320 -41.85 52.39 119.10
CA LEU L 320 -42.02 52.91 117.75
C LEU L 320 -41.02 52.29 116.79
N ALA L 321 -39.76 52.23 117.18
CA ALA L 321 -38.70 51.73 116.30
C ALA L 321 -38.89 50.24 116.05
N PRO L 322 -38.36 49.72 114.95
CA PRO L 322 -38.49 48.28 114.67
C PRO L 322 -37.87 47.43 115.78
N SER L 323 -38.45 46.25 115.97
CA SER L 323 -38.15 45.42 117.13
C SER L 323 -36.68 45.04 117.25
N THR L 324 -35.96 44.90 116.13
CA THR L 324 -34.57 44.46 116.19
C THR L 324 -33.62 45.55 116.67
N MET L 325 -33.95 46.82 116.43
CA MET L 325 -33.04 47.90 116.78
C MET L 325 -32.85 47.98 118.29
N LYS L 326 -31.66 48.41 118.69
CA LYS L 326 -31.34 48.63 120.09
C LYS L 326 -31.40 50.12 120.37
N ILE L 327 -32.22 50.51 121.36
CA ILE L 327 -32.44 51.90 121.70
C ILE L 327 -31.60 52.22 122.93
N LYS L 328 -30.79 53.27 122.85
CA LYS L 328 -29.92 53.71 123.94
C LYS L 328 -30.12 55.20 124.14
N ILE L 329 -30.79 55.57 125.23
CA ILE L 329 -31.01 56.97 125.58
C ILE L 329 -29.87 57.40 126.49
N ILE L 330 -28.92 58.14 125.93
CA ILE L 330 -27.76 58.61 126.67
C ILE L 330 -28.14 59.92 127.38
N ALA L 331 -28.18 59.88 128.71
CA ALA L 331 -28.54 61.04 129.52
C ALA L 331 -27.42 61.29 130.53
N PRO L 332 -26.43 62.09 130.16
CA PRO L 332 -25.33 62.36 131.08
C PRO L 332 -25.82 63.15 132.28
N PRO L 333 -25.18 62.99 133.44
CA PRO L 333 -25.58 63.79 134.61
C PRO L 333 -25.47 65.29 134.39
N GLU L 334 -24.53 65.73 133.54
CA GLU L 334 -24.35 67.13 133.20
C GLU L 334 -25.24 67.57 132.03
N ARG L 335 -26.38 66.91 131.84
CA ARG L 335 -27.35 67.30 130.82
C ARG L 335 -27.63 68.80 130.84
N LYS L 336 -27.74 69.37 132.03
CA LYS L 336 -28.06 70.78 132.18
C LYS L 336 -27.01 71.69 131.55
N TYR L 337 -25.74 71.27 131.51
CA TYR L 337 -24.67 72.08 130.99
C TYR L 337 -24.05 71.51 129.72
N SER L 338 -24.70 70.55 129.07
CA SER L 338 -24.09 69.86 127.94
C SER L 338 -23.84 70.82 126.78
N VAL L 339 -24.75 71.77 126.54
CA VAL L 339 -24.57 72.71 125.45
C VAL L 339 -23.33 73.58 125.70
N TRP L 340 -23.19 74.09 126.93
CA TRP L 340 -22.06 74.94 127.23
C TRP L 340 -20.75 74.18 127.18
N ILE L 341 -20.74 72.92 127.65
CA ILE L 341 -19.53 72.11 127.59
C ILE L 341 -19.13 71.86 126.14
N GLY L 342 -20.12 71.58 125.28
CA GLY L 342 -19.84 71.44 123.86
C GLY L 342 -19.30 72.71 123.24
N GLY L 343 -19.84 73.86 123.64
CA GLY L 343 -19.33 75.12 123.13
C GLY L 343 -17.90 75.40 123.59
N SER L 344 -17.60 75.08 124.85
CA SER L 344 -16.24 75.27 125.35
C SER L 344 -15.26 74.32 124.68
N ILE L 345 -15.69 73.10 124.37
CA ILE L 345 -14.85 72.18 123.61
C ILE L 345 -14.63 72.72 122.20
N LEU L 346 -15.70 73.21 121.57
CA LEU L 346 -15.61 73.73 120.21
C LEU L 346 -14.68 74.93 120.11
N ALA L 347 -14.86 75.92 120.99
CA ALA L 347 -14.13 77.17 120.88
C ALA L 347 -12.64 77.00 121.15
N SER L 348 -12.23 75.90 121.79
CA SER L 348 -10.84 75.66 122.10
C SER L 348 -10.14 74.76 121.10
N LEU L 349 -10.86 74.25 120.10
CA LEU L 349 -10.23 73.42 119.07
C LEU L 349 -9.35 74.27 118.17
N SER L 350 -8.17 73.74 117.85
CA SER L 350 -7.26 74.44 116.94
C SER L 350 -7.87 74.57 115.55
N THR L 351 -8.60 73.54 115.09
CA THR L 351 -9.24 73.59 113.79
C THR L 351 -10.42 74.54 113.73
N PHE L 352 -10.87 75.06 114.87
CA PHE L 352 -11.99 76.00 114.91
C PHE L 352 -11.56 77.46 114.76
N GLN L 353 -10.27 77.76 114.95
CA GLN L 353 -9.83 79.14 115.07
C GLN L 353 -9.96 79.95 113.78
N GLN L 354 -10.05 79.31 112.61
CA GLN L 354 -10.22 80.04 111.37
C GLN L 354 -11.69 80.19 110.97
N MET L 355 -12.61 79.63 111.74
CA MET L 355 -14.03 79.74 111.44
C MET L 355 -14.71 80.86 112.21
N TRP L 356 -13.98 81.59 113.05
CA TRP L 356 -14.52 82.77 113.71
C TRP L 356 -14.90 83.84 112.69
N ILE L 357 -15.98 84.57 112.98
CA ILE L 357 -16.28 85.80 112.26
C ILE L 357 -15.42 86.91 112.83
N SER L 358 -14.45 87.38 112.05
CA SER L 358 -13.49 88.35 112.55
C SER L 358 -14.08 89.75 112.51
N LYS L 359 -13.44 90.66 113.25
CA LYS L 359 -13.81 92.07 113.19
C LYS L 359 -13.63 92.62 111.78
N GLN L 360 -12.59 92.16 111.09
CA GLN L 360 -12.37 92.57 109.70
C GLN L 360 -13.51 92.11 108.81
N GLU L 361 -13.99 90.88 109.01
CA GLU L 361 -15.07 90.37 108.17
C GLU L 361 -16.40 91.06 108.45
N TYR L 362 -16.65 91.45 109.69
CA TYR L 362 -17.84 92.24 109.99
C TYR L 362 -17.78 93.60 109.31
N ASP L 363 -16.60 94.24 109.31
CA ASP L 363 -16.45 95.51 108.61
C ASP L 363 -16.68 95.32 107.11
N GLU L 364 -16.25 94.18 106.56
CA GLU L 364 -16.34 93.95 105.12
C GLU L 364 -17.78 93.64 104.70
N SER L 365 -18.50 92.84 105.47
CA SER L 365 -19.76 92.27 105.03
C SER L 365 -20.98 92.66 105.86
N GLY L 366 -20.79 93.15 107.08
CA GLY L 366 -21.91 93.54 107.92
C GLY L 366 -22.57 92.37 108.61
N PRO L 367 -23.75 92.62 109.20
CA PRO L 367 -24.42 91.56 109.97
C PRO L 367 -24.76 90.33 109.16
N SER L 368 -24.90 90.45 107.84
CA SER L 368 -25.26 89.31 107.00
C SER L 368 -24.14 88.28 106.87
N ILE L 369 -22.94 88.59 107.36
CA ILE L 369 -21.83 87.64 107.28
C ILE L 369 -22.15 86.36 108.04
N VAL L 370 -23.01 86.44 109.06
CA VAL L 370 -23.26 85.31 109.95
C VAL L 370 -24.00 84.18 109.25
N HIS L 371 -24.69 84.46 108.14
CA HIS L 371 -25.44 83.42 107.45
C HIS L 371 -24.57 82.53 106.58
N ARG L 372 -23.46 83.04 106.05
CA ARG L 372 -22.58 82.22 105.24
C ARG L 372 -21.39 81.67 106.02
N LYS L 373 -21.10 82.24 107.19
CA LYS L 373 -20.02 81.71 108.02
C LYS L 373 -20.50 80.62 108.96
N CYS L 374 -21.67 80.81 109.60
CA CYS L 374 -22.16 79.89 110.59
C CYS L 374 -23.11 78.86 109.96
N PHE L 375 -23.79 78.10 110.83
CA PHE L 375 -24.69 77.04 110.41
C PHE L 375 -25.82 77.59 109.55
N LYS M 352 -10.06 -2.03 -61.06
CA LYS M 352 -11.05 -3.06 -60.78
C LYS M 352 -10.85 -3.64 -59.39
N LYS M 353 -11.89 -4.28 -58.88
CA LYS M 353 -11.87 -4.91 -57.56
C LYS M 353 -11.92 -6.43 -57.71
N TRP M 354 -10.96 -7.11 -57.11
CA TRP M 354 -10.96 -8.55 -57.05
C TRP M 354 -11.39 -8.99 -55.65
N PRO M 355 -12.13 -10.12 -55.53
CA PRO M 355 -12.98 -10.34 -54.35
C PRO M 355 -12.29 -10.09 -53.01
N GLU M 356 -11.29 -10.90 -52.65
CA GLU M 356 -10.41 -10.65 -51.52
C GLU M 356 -9.37 -11.75 -51.42
N VAL M 357 -8.17 -11.43 -50.93
CA VAL M 357 -7.17 -12.45 -50.64
C VAL M 357 -7.44 -12.97 -49.23
N LYS M 358 -7.79 -14.25 -49.11
CA LYS M 358 -8.04 -14.88 -47.82
C LYS M 358 -6.72 -15.44 -47.28
N ILE M 359 -6.20 -14.80 -46.24
CA ILE M 359 -4.97 -15.30 -45.61
C ILE M 359 -5.30 -16.53 -44.76
N PRO M 360 -4.66 -17.67 -44.99
CA PRO M 360 -5.04 -18.89 -44.26
C PRO M 360 -4.72 -18.79 -42.78
N ALA M 361 -5.44 -19.57 -41.99
CA ALA M 361 -5.18 -19.64 -40.56
C ALA M 361 -3.79 -20.22 -40.30
N ARG M 362 -3.09 -19.62 -39.34
CA ARG M 362 -1.73 -20.01 -39.06
C ARG M 362 -1.68 -21.35 -38.32
N ILE M 363 -0.79 -22.23 -38.76
CA ILE M 363 -0.57 -23.52 -38.11
C ILE M 363 0.64 -23.39 -37.20
N ILE M 364 0.45 -23.67 -35.92
CA ILE M 364 1.52 -23.51 -34.93
C ILE M 364 2.26 -24.84 -34.88
N THR M 365 3.46 -24.86 -35.46
CA THR M 365 4.34 -26.01 -35.40
C THR M 365 5.24 -25.89 -34.16
N THR M 366 6.20 -26.80 -34.03
CA THR M 366 7.17 -26.71 -32.94
C THR M 366 7.97 -25.41 -33.03
N SER M 367 8.47 -25.10 -34.21
CA SER M 367 9.17 -23.85 -34.47
C SER M 367 9.05 -23.53 -35.95
N GLY M 368 8.86 -22.25 -36.24
CA GLY M 368 8.70 -21.87 -37.63
C GLY M 368 7.97 -20.54 -37.75
N ASN M 369 7.04 -20.52 -38.70
CA ASN M 369 6.43 -19.28 -39.16
C ASN M 369 5.59 -18.60 -38.08
N ALA M 370 4.91 -19.35 -37.22
CA ALA M 370 3.89 -18.77 -36.36
C ALA M 370 4.06 -19.26 -34.92
N SER M 371 3.81 -18.34 -33.98
CA SER M 371 3.75 -18.66 -32.56
C SER M 371 2.62 -17.86 -31.93
N VAL M 372 2.02 -18.43 -30.88
CA VAL M 372 0.91 -17.76 -30.23
C VAL M 372 1.40 -16.82 -29.13
N ASP M 373 2.61 -17.05 -28.61
CA ASP M 373 3.17 -16.22 -27.55
C ASP M 373 3.94 -15.01 -28.08
N GLY M 374 4.06 -14.86 -29.40
CA GLY M 374 4.91 -13.82 -29.94
C GLY M 374 4.44 -12.42 -29.61
N ASN M 375 3.15 -12.14 -29.78
CA ASN M 375 2.62 -10.80 -29.58
C ASN M 375 1.69 -10.77 -28.37
N PRO M 376 2.10 -10.16 -27.25
CA PRO M 376 1.19 -10.03 -26.12
C PRO M 376 -0.05 -9.21 -26.41
N GLY M 377 0.01 -8.33 -27.42
CA GLY M 377 -1.14 -7.51 -27.76
C GLY M 377 -2.18 -8.19 -28.62
N TYR M 378 -1.88 -9.36 -29.16
CA TYR M 378 -2.80 -10.09 -30.03
C TYR M 378 -3.31 -11.34 -29.33
N ARG M 379 -4.63 -11.51 -29.32
CA ARG M 379 -5.24 -12.72 -28.79
C ARG M 379 -5.23 -13.82 -29.84
N PRO M 380 -4.62 -14.98 -29.56
CA PRO M 380 -4.60 -16.09 -30.53
C PRO M 380 -5.89 -16.92 -30.52
N THR M 381 -6.91 -16.38 -31.18
CA THR M 381 -8.23 -17.02 -31.21
C THR M 381 -8.25 -18.16 -32.23
N ARG M 382 -8.94 -19.23 -31.85
CA ARG M 382 -9.01 -20.42 -32.70
C ARG M 382 -9.89 -20.18 -33.91
N VAL M 383 -9.40 -20.60 -35.08
CA VAL M 383 -10.17 -20.58 -36.32
C VAL M 383 -10.55 -22.01 -36.66
N ASP M 384 -11.85 -22.26 -36.78
CA ASP M 384 -12.33 -23.60 -37.11
C ASP M 384 -13.46 -23.50 -38.13
N SER M 385 -13.45 -24.42 -39.08
CA SER M 385 -14.51 -24.54 -40.08
C SER M 385 -15.02 -25.97 -40.06
N ASN M 386 -16.25 -26.15 -40.54
CA ASN M 386 -16.98 -27.40 -40.36
C ASN M 386 -17.08 -27.71 -38.87
N GLY M 387 -16.19 -28.55 -38.37
CA GLY M 387 -16.09 -28.82 -36.95
C GLY M 387 -14.66 -29.02 -36.51
N GLU M 388 -13.72 -28.76 -37.40
CA GLU M 388 -12.30 -29.00 -37.17
C GLU M 388 -11.53 -27.69 -37.17
N THR M 389 -10.50 -27.63 -36.31
CA THR M 389 -9.69 -26.43 -36.16
C THR M 389 -8.72 -26.31 -37.33
N MET M 390 -8.85 -25.21 -38.08
CA MET M 390 -7.95 -24.94 -39.21
C MET M 390 -6.67 -24.22 -38.80
N GLY M 391 -6.61 -23.66 -37.60
CA GLY M 391 -5.46 -22.88 -37.19
C GLY M 391 -5.81 -21.75 -36.24
N TYR M 392 -5.01 -20.69 -36.25
CA TYR M 392 -5.20 -19.57 -35.35
C TYR M 392 -4.97 -18.26 -36.11
N GLU M 393 -5.61 -17.20 -35.62
CA GLU M 393 -5.41 -15.85 -36.14
C GLU M 393 -5.31 -14.88 -34.98
N MET M 394 -4.57 -13.79 -35.19
CA MET M 394 -4.18 -12.88 -34.11
C MET M 394 -5.12 -11.68 -34.12
N ARG M 395 -6.21 -11.78 -33.38
CA ARG M 395 -7.10 -10.64 -33.18
C ARG M 395 -6.47 -9.67 -32.18
N ASP M 396 -6.92 -8.42 -32.19
CA ASP M 396 -6.33 -7.40 -31.35
C ASP M 396 -7.22 -7.11 -30.14
N ARG M 397 -7.07 -7.90 -29.06
CA ARG M 397 -7.75 -7.55 -27.83
C ARG M 397 -6.84 -7.56 -26.61
N VAL M 398 -5.90 -8.50 -26.54
CA VAL M 398 -5.05 -8.58 -25.36
C VAL M 398 -3.74 -7.83 -25.59
N LYS N 352 22.25 -20.58 -105.35
CA LYS N 352 20.97 -21.26 -105.52
C LYS N 352 20.61 -22.08 -104.29
N LYS N 353 19.32 -22.26 -104.06
CA LYS N 353 18.82 -22.95 -102.87
C LYS N 353 18.24 -24.30 -103.28
N TRP N 354 18.77 -25.36 -102.69
CA TRP N 354 18.26 -26.71 -102.86
C TRP N 354 17.39 -27.07 -101.65
N PRO N 355 16.36 -27.92 -101.84
CA PRO N 355 15.21 -27.89 -100.91
C PRO N 355 15.57 -28.08 -99.44
N GLU N 356 16.06 -29.27 -99.05
CA GLU N 356 16.60 -29.49 -97.72
C GLU N 356 17.15 -30.91 -97.60
N VAL N 357 18.25 -31.09 -96.86
CA VAL N 357 18.75 -32.41 -96.55
C VAL N 357 17.99 -32.94 -95.33
N LYS N 358 17.22 -34.02 -95.54
CA LYS N 358 16.46 -34.64 -94.45
C LYS N 358 17.31 -35.71 -93.79
N ILE N 359 17.67 -35.50 -92.54
CA ILE N 359 18.42 -36.49 -91.77
C ILE N 359 17.47 -37.58 -91.29
N PRO N 360 17.75 -38.85 -91.56
CA PRO N 360 16.84 -39.91 -91.13
C PRO N 360 16.79 -40.03 -89.61
N ALA N 361 15.69 -40.59 -89.12
CA ALA N 361 15.55 -40.84 -87.70
C ALA N 361 16.55 -41.87 -87.22
N ARG N 362 17.13 -41.64 -86.04
CA ARG N 362 18.14 -42.53 -85.49
C ARG N 362 17.53 -43.87 -85.11
N ILE N 363 18.23 -44.95 -85.43
CA ILE N 363 17.84 -46.30 -85.04
C ILE N 363 18.76 -46.76 -83.92
N ILE N 364 18.17 -47.10 -82.77
CA ILE N 364 18.94 -47.47 -81.59
C ILE N 364 19.21 -48.97 -81.65
N THR N 365 20.45 -49.33 -81.94
CA THR N 365 20.88 -50.71 -81.90
C THR N 365 21.36 -51.05 -80.49
N THR N 366 21.89 -52.28 -80.31
CA THR N 366 22.44 -52.64 -79.01
C THR N 366 23.65 -51.78 -78.66
N SER N 367 24.51 -51.52 -79.65
CA SER N 367 25.66 -50.64 -79.47
C SER N 367 26.09 -50.15 -80.83
N GLY N 368 26.32 -48.85 -80.94
CA GLY N 368 26.73 -48.32 -82.22
C GLY N 368 26.51 -46.82 -82.32
N ASN N 369 25.99 -46.42 -83.48
CA ASN N 369 25.97 -45.02 -83.88
C ASN N 369 25.15 -44.14 -82.95
N ALA N 370 24.08 -44.67 -82.36
CA ALA N 370 23.12 -43.84 -81.65
C ALA N 370 22.73 -44.48 -80.32
N SER N 371 22.43 -43.64 -79.35
CA SER N 371 21.86 -44.06 -78.07
C SER N 371 21.00 -42.93 -77.52
N VAL N 372 20.00 -43.31 -76.72
CA VAL N 372 19.12 -42.31 -76.12
C VAL N 372 19.65 -41.79 -74.79
N ASP N 373 20.60 -42.49 -74.17
CA ASP N 373 21.15 -42.11 -72.88
C ASP N 373 22.36 -41.19 -72.99
N GLY N 374 22.85 -40.93 -74.20
CA GLY N 374 24.11 -40.22 -74.35
C GLY N 374 24.07 -38.78 -73.87
N ASN N 375 23.03 -38.05 -74.23
CA ASN N 375 22.92 -36.62 -73.93
C ASN N 375 21.79 -36.35 -72.95
N PRO N 376 22.09 -36.03 -71.69
CA PRO N 376 21.03 -35.67 -70.75
C PRO N 376 20.26 -34.42 -71.15
N GLY N 377 20.85 -33.55 -71.97
CA GLY N 377 20.19 -32.33 -72.37
C GLY N 377 19.22 -32.48 -73.53
N TYR N 378 19.20 -33.64 -74.18
CA TYR N 378 18.33 -33.89 -75.32
C TYR N 378 17.26 -34.91 -74.95
N ARG N 379 16.01 -34.58 -75.26
CA ARG N 379 14.90 -35.49 -75.09
C ARG N 379 14.80 -36.43 -76.28
N PRO N 380 14.88 -37.74 -76.09
CA PRO N 380 14.77 -38.69 -77.22
C PRO N 380 13.33 -38.91 -77.68
N THR N 381 12.84 -37.99 -78.49
CA THR N 381 11.47 -38.07 -78.98
C THR N 381 11.35 -39.12 -80.08
N ARG N 382 10.23 -39.84 -80.06
CA ARG N 382 9.97 -40.85 -81.08
C ARG N 382 9.50 -40.20 -82.38
N VAL N 383 10.01 -40.70 -83.50
CA VAL N 383 9.63 -40.26 -84.83
C VAL N 383 8.83 -41.39 -85.48
N ASP N 384 7.61 -41.09 -85.90
CA ASP N 384 6.77 -42.09 -86.56
C ASP N 384 6.04 -41.44 -87.71
N SER N 385 6.01 -42.15 -88.84
CA SER N 385 5.22 -41.79 -90.00
C SER N 385 4.25 -42.91 -90.27
N ASN N 386 3.01 -42.56 -90.61
CA ASN N 386 1.90 -43.51 -90.59
C ASN N 386 1.84 -44.18 -89.23
N GLY N 387 1.66 -45.49 -89.20
CA GLY N 387 1.77 -46.23 -87.96
C GLY N 387 3.15 -46.72 -87.60
N GLU N 388 4.10 -46.62 -88.54
CA GLU N 388 5.44 -47.15 -88.35
C GLU N 388 6.32 -46.14 -87.63
N THR N 389 7.00 -46.60 -86.58
CA THR N 389 7.93 -45.76 -85.82
C THR N 389 9.32 -45.85 -86.47
N MET N 390 9.68 -44.81 -87.20
CA MET N 390 10.91 -44.82 -87.99
C MET N 390 12.17 -44.68 -87.14
N GLY N 391 12.06 -44.25 -85.89
CA GLY N 391 13.24 -44.06 -85.06
C GLY N 391 13.08 -42.97 -84.02
N TYR N 392 14.18 -42.28 -83.71
CA TYR N 392 14.19 -41.25 -82.68
C TYR N 392 15.01 -40.05 -83.16
N GLU N 393 14.72 -38.90 -82.57
CA GLU N 393 15.50 -37.68 -82.83
C GLU N 393 15.61 -36.89 -81.53
N MET N 394 16.72 -36.17 -81.38
CA MET N 394 17.09 -35.57 -80.10
C MET N 394 16.66 -34.10 -80.10
N ARG N 395 15.48 -33.84 -79.54
CA ARG N 395 15.02 -32.48 -79.30
C ARG N 395 15.65 -31.91 -78.04
N ASP N 396 15.72 -30.59 -77.96
CA ASP N 396 16.37 -29.94 -76.83
C ASP N 396 15.34 -29.48 -75.81
N ARG N 397 14.94 -30.37 -74.89
CA ARG N 397 14.11 -29.93 -73.79
C ARG N 397 14.61 -30.38 -72.42
N VAL N 398 15.17 -31.58 -72.33
CA VAL N 398 15.63 -32.08 -71.03
C VAL N 398 17.13 -31.86 -70.90
N LYS O 352 56.15 -45.90 -144.96
CA LYS O 352 54.78 -45.98 -145.47
C LYS O 352 53.88 -46.70 -144.46
N LYS O 353 52.57 -46.48 -144.58
CA LYS O 353 51.59 -47.05 -143.69
C LYS O 353 50.75 -48.08 -144.44
N TRP O 354 50.62 -49.27 -143.87
CA TRP O 354 49.77 -50.33 -144.40
C TRP O 354 48.54 -50.47 -143.51
N PRO O 355 47.36 -50.80 -144.09
CA PRO O 355 46.09 -50.46 -143.44
C PRO O 355 46.00 -50.83 -141.96
N GLU O 356 46.01 -52.13 -141.64
CA GLU O 356 46.14 -52.61 -140.26
C GLU O 356 46.16 -54.14 -140.25
N VAL O 357 46.87 -54.74 -139.30
CA VAL O 357 46.80 -56.19 -139.11
C VAL O 357 45.66 -56.50 -138.15
N LYS O 358 44.61 -57.12 -138.67
CA LYS O 358 43.46 -57.52 -137.86
C LYS O 358 43.69 -58.90 -137.28
N ILE O 359 43.89 -58.98 -135.97
CA ILE O 359 44.09 -60.28 -135.32
C ILE O 359 42.74 -60.99 -135.20
N PRO O 360 42.62 -62.24 -135.61
CA PRO O 360 41.32 -62.92 -135.59
C PRO O 360 40.83 -63.17 -134.18
N ALA O 361 39.52 -63.35 -134.06
CA ALA O 361 38.92 -63.71 -132.78
C ALA O 361 39.37 -65.09 -132.36
N ARG O 362 39.58 -65.26 -131.06
CA ARG O 362 40.14 -66.50 -130.53
C ARG O 362 39.06 -67.55 -130.37
N ILE O 363 39.36 -68.77 -130.83
CA ILE O 363 38.46 -69.92 -130.69
C ILE O 363 38.90 -70.71 -129.47
N ILE O 364 37.96 -70.96 -128.56
CA ILE O 364 38.24 -71.69 -127.32
C ILE O 364 37.95 -73.15 -127.63
N THR O 365 39.00 -73.93 -127.84
CA THR O 365 38.87 -75.37 -128.02
C THR O 365 38.90 -76.06 -126.65
N THR O 366 38.94 -77.39 -126.65
CA THR O 366 39.03 -78.13 -125.39
C THR O 366 40.29 -77.74 -124.62
N SER O 367 41.44 -77.75 -125.30
CA SER O 367 42.68 -77.28 -124.73
C SER O 367 43.61 -76.89 -125.88
N GLY O 368 44.22 -75.72 -125.76
CA GLY O 368 45.05 -75.24 -126.87
C GLY O 368 45.45 -73.79 -126.69
N ASN O 369 45.31 -73.04 -127.79
CA ASN O 369 45.89 -71.71 -127.89
C ASN O 369 45.26 -70.73 -126.91
N ALA O 370 43.96 -70.85 -126.64
CA ALA O 370 43.23 -69.80 -125.96
C ALA O 370 42.35 -70.38 -124.86
N SER O 371 42.16 -69.58 -123.81
CA SER O 371 41.21 -69.87 -122.74
C SER O 371 40.66 -68.57 -122.20
N VAL O 372 39.42 -68.62 -121.73
CA VAL O 372 38.77 -67.42 -121.20
C VAL O 372 39.11 -67.20 -119.74
N ASP O 373 39.55 -68.25 -119.04
CA ASP O 373 39.86 -68.18 -117.62
C ASP O 373 41.32 -67.81 -117.34
N GLY O 374 42.14 -67.66 -118.38
CA GLY O 374 43.58 -67.48 -118.16
C GLY O 374 43.92 -66.19 -117.44
N ASN O 375 43.32 -65.07 -117.86
CA ASN O 375 43.66 -63.76 -117.31
C ASN O 375 42.47 -63.18 -116.55
N PRO O 376 42.52 -63.14 -115.22
CA PRO O 376 41.42 -62.50 -114.47
C PRO O 376 41.25 -61.02 -114.78
N GLY O 377 42.30 -60.36 -115.28
CA GLY O 377 42.20 -58.94 -115.59
C GLY O 377 41.54 -58.63 -116.91
N TYR O 378 41.31 -59.63 -117.74
CA TYR O 378 40.70 -59.43 -119.06
C TYR O 378 39.29 -60.00 -119.09
N ARG O 379 38.37 -59.23 -119.66
CA ARG O 379 36.99 -59.66 -119.85
C ARG O 379 36.85 -60.32 -121.22
N PRO O 380 36.47 -61.60 -121.29
CA PRO O 380 36.35 -62.26 -122.59
C PRO O 380 35.08 -61.88 -123.34
N THR O 381 35.11 -60.75 -124.04
CA THR O 381 33.93 -60.29 -124.78
C THR O 381 33.72 -61.13 -126.03
N ARG O 382 32.46 -61.50 -126.28
CA ARG O 382 32.12 -62.25 -127.46
C ARG O 382 32.22 -61.38 -128.71
N VAL O 383 32.83 -61.92 -129.75
CA VAL O 383 32.94 -61.25 -131.05
C VAL O 383 32.03 -61.96 -132.02
N ASP O 384 31.12 -61.22 -132.65
CA ASP O 384 30.17 -61.81 -133.57
C ASP O 384 29.93 -60.87 -134.75
N SER O 385 29.78 -61.46 -135.93
CA SER O 385 29.42 -60.72 -137.13
C SER O 385 28.40 -61.53 -137.91
N ASN O 386 27.50 -60.82 -138.60
CA ASN O 386 26.38 -61.43 -139.30
C ASN O 386 25.48 -62.23 -138.37
N GLY O 387 25.53 -61.94 -137.07
CA GLY O 387 24.76 -62.67 -136.08
C GLY O 387 25.36 -63.97 -135.61
N GLU O 388 26.51 -64.38 -136.16
CA GLU O 388 27.16 -65.61 -135.76
C GLU O 388 28.45 -65.30 -135.01
N THR O 389 28.74 -66.11 -133.99
CA THR O 389 29.89 -65.87 -133.12
C THR O 389 31.17 -66.32 -133.81
N MET O 390 32.10 -65.39 -133.97
CA MET O 390 33.40 -65.70 -134.57
C MET O 390 34.46 -66.06 -133.55
N GLY O 391 34.24 -65.79 -132.27
CA GLY O 391 35.23 -66.07 -131.25
C GLY O 391 35.18 -65.10 -130.08
N TYR O 392 36.31 -64.92 -129.40
CA TYR O 392 36.38 -64.06 -128.23
C TYR O 392 37.64 -63.22 -128.29
N GLU O 393 37.60 -62.07 -127.61
CA GLU O 393 38.76 -61.20 -127.47
C GLU O 393 38.81 -60.67 -126.04
N MET O 394 40.02 -60.38 -125.57
CA MET O 394 40.27 -60.07 -124.17
C MET O 394 40.35 -58.55 -124.00
N ARG O 395 39.21 -57.93 -123.68
CA ARG O 395 39.17 -56.52 -123.32
C ARG O 395 39.66 -56.35 -121.89
N ASP O 396 40.13 -55.14 -121.56
CA ASP O 396 40.68 -54.88 -120.24
C ASP O 396 39.65 -54.16 -119.36
N ARG O 397 38.77 -54.92 -118.71
CA ARG O 397 37.89 -54.29 -117.72
C ARG O 397 37.87 -55.02 -116.38
N VAL O 398 37.92 -56.35 -116.39
CA VAL O 398 37.85 -57.11 -115.15
C VAL O 398 39.25 -57.53 -114.70
N LYS P 352 34.75 -26.51 5.11
CA LYS P 352 35.42 -25.31 4.63
C LYS P 352 34.45 -24.14 4.56
N LYS P 353 34.99 -22.92 4.59
CA LYS P 353 34.18 -21.70 4.57
C LYS P 353 34.45 -20.95 3.27
N TRP P 354 33.41 -20.80 2.46
CA TRP P 354 33.49 -20.02 1.23
C TRP P 354 33.06 -18.59 1.53
N PRO P 355 33.60 -17.60 0.80
CA PRO P 355 33.59 -16.22 1.32
C PRO P 355 32.21 -15.68 1.66
N GLU P 356 31.34 -15.51 0.65
CA GLU P 356 29.94 -15.16 0.86
C GLU P 356 29.22 -15.08 -0.47
N VAL P 357 27.92 -15.40 -0.48
CA VAL P 357 27.09 -15.16 -1.65
C VAL P 357 26.56 -13.73 -1.58
N LYS P 358 26.94 -12.90 -2.54
CA LYS P 358 26.50 -11.50 -2.59
C LYS P 358 25.22 -11.40 -3.40
N ILE P 359 24.14 -11.00 -2.74
CA ILE P 359 22.84 -10.88 -3.41
C ILE P 359 22.82 -9.59 -4.22
N PRO P 360 22.53 -9.65 -5.53
CA PRO P 360 22.49 -8.42 -6.33
C PRO P 360 21.36 -7.51 -5.90
N ALA P 361 21.55 -6.21 -6.15
CA ALA P 361 20.51 -5.24 -5.84
C ALA P 361 19.28 -5.47 -6.69
N ARG P 362 18.11 -5.35 -6.07
CA ARG P 362 16.85 -5.63 -6.76
C ARG P 362 16.50 -4.50 -7.71
N ILE P 363 16.13 -4.84 -8.93
CA ILE P 363 15.74 -3.87 -9.95
C ILE P 363 14.22 -3.85 -10.04
N ILE P 364 13.64 -2.67 -9.87
CA ILE P 364 12.19 -2.49 -9.89
C ILE P 364 11.77 -2.24 -11.34
N THR P 365 11.09 -3.22 -11.93
CA THR P 365 10.51 -3.06 -13.25
C THR P 365 9.03 -2.69 -13.13
N THR P 366 8.31 -2.70 -14.25
CA THR P 366 6.88 -2.41 -14.23
C THR P 366 6.12 -3.43 -13.40
N SER P 367 6.39 -4.71 -13.63
CA SER P 367 5.74 -5.80 -12.90
C SER P 367 6.61 -7.03 -13.02
N GLY P 368 7.08 -7.57 -11.90
CA GLY P 368 7.98 -8.70 -11.97
C GLY P 368 8.51 -9.12 -10.61
N ASN P 369 9.81 -9.44 -10.60
CA ASN P 369 10.43 -10.09 -9.45
C ASN P 369 10.42 -9.24 -8.19
N ALA P 370 10.50 -7.92 -8.31
CA ALA P 370 10.73 -7.07 -7.16
C ALA P 370 9.79 -5.87 -7.16
N SER P 371 9.50 -5.38 -5.96
CA SER P 371 8.69 -4.18 -5.78
C SER P 371 9.07 -3.53 -4.45
N VAL P 372 8.90 -2.20 -4.39
CA VAL P 372 9.20 -1.47 -3.17
C VAL P 372 8.00 -1.33 -2.25
N ASP P 373 6.79 -1.51 -2.76
CA ASP P 373 5.56 -1.39 -1.99
C ASP P 373 5.12 -2.69 -1.34
N GLY P 374 5.82 -3.80 -1.61
CA GLY P 374 5.33 -5.09 -1.16
C GLY P 374 5.31 -5.24 0.35
N ASN P 375 6.39 -4.85 1.02
CA ASN P 375 6.53 -5.07 2.46
C ASN P 375 6.55 -3.75 3.21
N PRO P 376 5.47 -3.41 3.93
CA PRO P 376 5.50 -2.19 4.75
C PRO P 376 6.55 -2.24 5.85
N GLY P 377 6.96 -3.43 6.28
CA GLY P 377 7.96 -3.56 7.32
C GLY P 377 9.40 -3.37 6.87
N TYR P 378 9.63 -3.24 5.57
CA TYR P 378 10.96 -3.07 5.01
C TYR P 378 11.10 -1.70 4.37
N ARG P 379 12.26 -1.08 4.56
CA ARG P 379 12.58 0.21 3.98
C ARG P 379 13.40 -0.01 2.71
N PRO P 380 12.91 0.39 1.54
CA PRO P 380 13.66 0.19 0.28
C PRO P 380 14.81 1.17 0.10
N THR P 381 15.94 0.86 0.72
CA THR P 381 17.11 1.73 0.65
C THR P 381 17.78 1.60 -0.71
N ARG P 382 18.16 2.75 -1.28
CA ARG P 382 18.86 2.74 -2.56
C ARG P 382 20.28 2.21 -2.38
N VAL P 383 20.70 1.37 -3.34
CA VAL P 383 22.06 0.86 -3.39
C VAL P 383 22.75 1.48 -4.59
N ASP P 384 23.93 2.06 -4.36
CA ASP P 384 24.67 2.69 -5.44
C ASP P 384 26.17 2.44 -5.28
N SER P 385 26.83 2.14 -6.39
CA SER P 385 28.27 1.99 -6.43
C SER P 385 28.79 2.74 -7.66
N ASN P 386 30.01 3.25 -7.55
CA ASN P 386 30.62 4.10 -8.58
C ASN P 386 29.78 5.33 -8.88
N GLY P 387 28.90 5.71 -7.95
CA GLY P 387 28.02 6.84 -8.14
C GLY P 387 26.75 6.55 -8.91
N GLU P 388 26.57 5.33 -9.41
CA GLU P 388 25.38 4.93 -10.15
C GLU P 388 24.58 3.91 -9.35
N THR P 389 23.26 4.06 -9.35
CA THR P 389 22.39 3.25 -8.51
C THR P 389 22.26 1.84 -9.10
N MET P 390 22.70 0.85 -8.33
CA MET P 390 22.59 -0.54 -8.75
C MET P 390 21.16 -1.07 -8.60
N GLY P 391 20.38 -0.50 -7.69
CA GLY P 391 19.06 -1.02 -7.40
C GLY P 391 18.62 -0.71 -5.98
N TYR P 392 17.84 -1.61 -5.37
CA TYR P 392 17.31 -1.40 -4.03
C TYR P 392 17.45 -2.68 -3.22
N GLU P 393 17.52 -2.51 -1.89
CA GLU P 393 17.51 -3.62 -0.96
C GLU P 393 16.61 -3.29 0.21
N MET P 394 15.94 -4.31 0.76
CA MET P 394 14.89 -4.11 1.76
C MET P 394 15.49 -4.23 3.15
N ARG P 395 15.95 -3.11 3.69
CA ARG P 395 16.38 -3.06 5.08
C ARG P 395 15.17 -3.14 6.01
N ASP P 396 15.41 -3.54 7.26
CA ASP P 396 14.33 -3.71 8.22
C ASP P 396 14.27 -2.52 9.17
N ARG P 397 13.61 -1.44 8.77
CA ARG P 397 13.41 -0.33 9.70
C ARG P 397 11.96 0.13 9.78
N VAL P 398 11.24 0.13 8.68
CA VAL P 398 9.85 0.60 8.68
C VAL P 398 8.89 -0.57 8.66
N LYS Q 352 38.11 -65.53 -36.84
CA LYS Q 352 39.29 -64.68 -36.99
C LYS Q 352 38.88 -63.22 -37.20
N LYS Q 353 39.48 -62.32 -36.43
CA LYS Q 353 39.23 -60.89 -36.57
C LYS Q 353 40.09 -60.32 -37.68
N TRP Q 354 39.49 -60.03 -38.82
CA TRP Q 354 40.25 -59.35 -39.86
C TRP Q 354 40.35 -57.86 -39.52
N PRO Q 355 41.45 -57.19 -39.92
CA PRO Q 355 41.82 -55.93 -39.26
C PRO Q 355 40.69 -54.93 -39.08
N GLU Q 356 40.14 -54.38 -40.19
CA GLU Q 356 38.93 -53.58 -40.16
C GLU Q 356 38.59 -53.11 -41.58
N VAL Q 357 37.32 -52.83 -41.85
CA VAL Q 357 36.95 -52.18 -43.11
C VAL Q 357 36.87 -50.68 -42.87
N LYS Q 358 37.77 -49.92 -43.50
CA LYS Q 358 37.78 -48.47 -43.36
C LYS Q 358 36.84 -47.85 -44.38
N ILE Q 359 35.81 -47.16 -43.88
CA ILE Q 359 34.82 -46.54 -44.75
C ILE Q 359 35.41 -45.24 -45.33
N PRO Q 360 35.44 -45.09 -46.65
CA PRO Q 360 36.01 -43.87 -47.23
C PRO Q 360 35.21 -42.64 -46.87
N ALA Q 361 35.89 -41.50 -46.86
CA ALA Q 361 35.22 -40.23 -46.60
C ALA Q 361 34.23 -39.90 -47.71
N ARG Q 362 33.09 -39.34 -47.33
CA ARG Q 362 32.03 -39.04 -48.28
C ARG Q 362 32.38 -37.82 -49.11
N ILE Q 363 32.23 -37.93 -50.42
CA ILE Q 363 32.44 -36.81 -51.33
C ILE Q 363 31.07 -36.23 -51.69
N ILE Q 364 30.88 -34.95 -51.42
CA ILE Q 364 29.60 -34.28 -51.65
C ILE Q 364 29.61 -33.75 -53.08
N THR Q 365 28.84 -34.39 -53.95
CA THR Q 365 28.64 -33.91 -55.31
C THR Q 365 27.44 -32.97 -55.36
N THR Q 366 27.10 -32.49 -56.56
CA THR Q 366 25.92 -31.66 -56.71
C THR Q 366 24.66 -32.43 -56.34
N SER Q 367 24.57 -33.69 -56.77
CA SER Q 367 23.50 -34.59 -56.38
C SER Q 367 24.01 -36.01 -56.57
N GLY Q 368 23.74 -36.86 -55.58
CA GLY Q 368 24.26 -38.21 -55.64
C GLY Q 368 24.20 -38.88 -54.28
N ASN Q 369 25.25 -39.66 -54.00
CA ASN Q 369 25.25 -40.60 -52.89
C ASN Q 369 25.18 -39.91 -51.52
N ALA Q 370 25.76 -38.72 -51.38
CA ALA Q 370 25.95 -38.13 -50.07
C ALA Q 370 25.49 -36.68 -50.06
N SER Q 371 25.01 -36.24 -48.90
CA SER Q 371 24.66 -34.84 -48.66
C SER Q 371 24.93 -34.51 -47.20
N VAL Q 372 25.23 -33.24 -46.94
CA VAL Q 372 25.52 -32.81 -45.58
C VAL Q 372 24.27 -32.34 -44.84
N ASP Q 373 23.23 -31.94 -45.59
CA ASP Q 373 21.99 -31.46 -44.98
C ASP Q 373 20.99 -32.58 -44.70
N GLY Q 374 21.31 -33.83 -45.07
CA GLY Q 374 20.32 -34.89 -44.98
C GLY Q 374 19.87 -35.18 -43.56
N ASN Q 375 20.81 -35.30 -42.63
CA ASN Q 375 20.48 -35.67 -41.25
C ASN Q 375 20.71 -34.51 -40.31
N PRO Q 376 19.66 -33.90 -39.76
CA PRO Q 376 19.88 -32.84 -38.75
C PRO Q 376 20.59 -33.33 -37.51
N GLY Q 377 20.50 -34.63 -37.19
CA GLY Q 377 21.15 -35.18 -36.02
C GLY Q 377 22.62 -35.49 -36.16
N TYR Q 378 23.15 -35.42 -37.38
CA TYR Q 378 24.56 -35.71 -37.64
C TYR Q 378 25.31 -34.44 -38.00
N ARG Q 379 26.48 -34.28 -37.41
CA ARG Q 379 27.37 -33.16 -37.72
C ARG Q 379 28.29 -33.56 -38.87
N PRO Q 380 28.30 -32.82 -39.98
CA PRO Q 380 29.20 -33.14 -41.11
C PRO Q 380 30.64 -32.74 -40.84
N THR Q 381 31.36 -33.60 -40.11
CA THR Q 381 32.74 -33.32 -39.76
C THR Q 381 33.65 -33.51 -40.97
N ARG Q 382 34.49 -32.51 -41.24
CA ARG Q 382 35.44 -32.61 -42.33
C ARG Q 382 36.53 -33.63 -42.00
N VAL Q 383 36.90 -34.44 -42.97
CA VAL Q 383 37.99 -35.40 -42.84
C VAL Q 383 39.14 -34.93 -43.72
N ASP Q 384 40.33 -34.85 -43.16
CA ASP Q 384 41.51 -34.45 -43.91
C ASP Q 384 42.72 -35.26 -43.44
N SER Q 385 43.50 -35.73 -44.40
CA SER Q 385 44.72 -36.47 -44.11
C SER Q 385 45.81 -36.01 -45.07
N ASN Q 386 47.05 -36.03 -44.59
CA ASN Q 386 48.21 -35.57 -45.34
C ASN Q 386 48.04 -34.12 -45.81
N GLY Q 387 47.31 -33.32 -45.02
CA GLY Q 387 47.12 -31.92 -45.32
C GLY Q 387 46.04 -31.61 -46.32
N GLU Q 388 45.36 -32.60 -46.89
CA GLU Q 388 44.32 -32.40 -47.87
C GLU Q 388 43.04 -33.07 -47.42
N THR Q 389 41.90 -32.44 -47.74
CA THR Q 389 40.60 -32.85 -47.23
C THR Q 389 40.03 -33.98 -48.09
N MET Q 390 39.83 -35.14 -47.47
CA MET Q 390 39.34 -36.32 -48.15
C MET Q 390 37.83 -36.33 -48.35
N GLY Q 391 37.10 -35.48 -47.64
CA GLY Q 391 35.65 -35.53 -47.66
C GLY Q 391 35.02 -35.26 -46.31
N TYR Q 392 33.89 -35.90 -46.02
CA TYR Q 392 33.16 -35.66 -44.79
C TYR Q 392 32.67 -36.99 -44.20
N GLU Q 393 32.48 -36.98 -42.89
CA GLU Q 393 31.87 -38.10 -42.18
C GLU Q 393 30.87 -37.56 -41.18
N MET Q 394 29.79 -38.30 -40.96
CA MET Q 394 28.64 -37.81 -40.19
C MET Q 394 28.80 -38.25 -38.73
N ARG Q 395 29.35 -37.35 -37.92
CA ARG Q 395 29.46 -37.58 -36.48
C ARG Q 395 28.11 -37.34 -35.81
N ASP Q 396 27.95 -37.90 -34.62
CA ASP Q 396 26.66 -37.86 -33.93
C ASP Q 396 26.68 -36.81 -32.82
N ARG Q 397 26.63 -35.53 -33.18
CA ARG Q 397 26.45 -34.51 -32.16
C ARG Q 397 25.21 -33.65 -32.38
N VAL Q 398 25.09 -33.03 -33.54
CA VAL Q 398 24.02 -32.07 -33.77
C VAL Q 398 22.73 -32.79 -34.14
N LYS R 352 38.56 -100.33 -83.54
CA LYS R 352 39.88 -99.74 -83.38
C LYS R 352 39.81 -98.23 -83.33
N LYS R 353 40.83 -97.59 -82.76
CA LYS R 353 40.89 -96.14 -82.63
C LYS R 353 42.21 -95.66 -83.23
N TRP R 354 42.11 -94.84 -84.26
CA TRP R 354 43.29 -94.27 -84.91
C TRP R 354 43.69 -92.99 -84.17
N PRO R 355 44.98 -92.61 -84.22
CA PRO R 355 45.50 -91.66 -83.21
C PRO R 355 44.76 -90.33 -83.15
N GLU R 356 44.81 -89.53 -84.22
CA GLU R 356 43.98 -88.33 -84.36
C GLU R 356 44.24 -87.67 -85.71
N VAL R 357 43.22 -87.02 -86.27
CA VAL R 357 43.40 -86.20 -87.46
C VAL R 357 43.80 -84.79 -87.01
N LYS R 358 45.03 -84.39 -87.31
CA LYS R 358 45.52 -83.07 -86.92
C LYS R 358 45.10 -82.06 -87.98
N ILE R 359 44.27 -81.11 -87.59
CA ILE R 359 43.83 -80.06 -88.53
C ILE R 359 44.94 -79.03 -88.70
N PRO R 360 45.39 -78.75 -89.92
CA PRO R 360 46.47 -77.78 -90.11
C PRO R 360 46.03 -76.37 -89.74
N ALA R 361 47.01 -75.55 -89.37
CA ALA R 361 46.73 -74.15 -89.07
C ALA R 361 46.24 -73.43 -90.32
N ARG R 362 45.29 -72.52 -90.13
CA ARG R 362 44.68 -71.82 -91.24
C ARG R 362 45.58 -70.68 -91.71
N ILE R 363 45.81 -70.62 -93.02
CA ILE R 363 46.60 -69.56 -93.63
C ILE R 363 45.66 -68.48 -94.14
N ILE R 364 45.82 -67.26 -93.65
CA ILE R 364 44.94 -66.15 -94.03
C ILE R 364 45.52 -65.53 -95.30
N THR R 365 44.83 -65.74 -96.42
CA THR R 365 45.22 -65.15 -97.69
C THR R 365 44.43 -63.85 -97.90
N THR R 366 44.55 -63.26 -99.08
CA THR R 366 43.80 -62.03 -99.39
C THR R 366 42.30 -62.27 -99.34
N SER R 367 41.84 -63.36 -99.94
CA SER R 367 40.43 -63.73 -99.92
C SER R 367 40.32 -65.20 -100.29
N GLY R 368 39.72 -66.00 -99.41
CA GLY R 368 39.67 -67.42 -99.65
C GLY R 368 39.11 -68.16 -98.45
N ASN R 369 39.77 -69.27 -98.12
CA ASN R 369 39.22 -70.26 -97.19
C ASN R 369 39.02 -69.70 -95.79
N ALA R 370 39.93 -68.85 -95.33
CA ALA R 370 39.97 -68.47 -93.92
C ALA R 370 40.10 -66.96 -93.75
N SER R 371 39.56 -66.47 -92.64
CA SER R 371 39.74 -65.09 -92.24
C SER R 371 39.66 -65.01 -90.72
N VAL R 372 40.35 -64.03 -90.15
CA VAL R 372 40.35 -63.85 -88.70
C VAL R 372 39.18 -63.00 -88.21
N ASP R 373 38.52 -62.27 -89.10
CA ASP R 373 37.40 -61.40 -88.74
C ASP R 373 36.05 -62.09 -88.84
N GLY R 374 36.00 -63.33 -89.32
CA GLY R 374 34.72 -63.96 -89.61
C GLY R 374 33.86 -64.19 -88.39
N ASN R 375 34.43 -64.73 -87.33
CA ASN R 375 33.66 -65.10 -86.13
C ASN R 375 34.04 -64.20 -84.95
N PRO R 376 33.17 -63.29 -84.53
CA PRO R 376 33.47 -62.49 -83.33
C PRO R 376 33.63 -63.32 -82.06
N GLY R 377 33.05 -64.53 -82.02
CA GLY R 377 33.14 -65.36 -80.84
C GLY R 377 34.42 -66.15 -80.73
N TYR R 378 35.24 -66.17 -81.78
CA TYR R 378 36.48 -66.93 -81.80
C TYR R 378 37.69 -65.99 -81.76
N ARG R 379 38.61 -66.27 -80.85
CA ARG R 379 39.88 -65.56 -80.81
C ARG R 379 40.86 -66.18 -81.78
N PRO R 380 41.41 -65.44 -82.73
CA PRO R 380 42.37 -66.01 -83.71
C PRO R 380 43.78 -66.12 -83.12
N THR R 381 44.02 -67.18 -82.37
CA THR R 381 45.31 -67.40 -81.74
C THR R 381 46.33 -67.87 -82.77
N ARG R 382 47.54 -67.32 -82.68
CA ARG R 382 48.60 -67.68 -83.60
C ARG R 382 49.15 -69.07 -83.29
N VAL R 383 49.34 -69.88 -84.33
CA VAL R 383 50.00 -71.17 -84.22
C VAL R 383 51.42 -71.01 -84.74
N ASP R 384 52.39 -71.40 -83.93
CA ASP R 384 53.78 -71.35 -84.33
C ASP R 384 54.51 -72.58 -83.80
N SER R 385 55.30 -73.20 -84.66
CA SER R 385 56.20 -74.28 -84.30
C SER R 385 57.60 -73.88 -84.70
N ASN R 386 58.58 -74.28 -83.89
CA ASN R 386 59.93 -73.73 -83.96
C ASN R 386 59.78 -72.21 -83.86
N GLY R 387 60.46 -71.43 -84.70
CA GLY R 387 60.22 -70.00 -84.79
C GLY R 387 59.28 -69.59 -85.90
N GLU R 388 58.70 -70.55 -86.63
CA GLU R 388 57.89 -70.27 -87.79
C GLU R 388 56.41 -70.25 -87.44
N THR R 389 55.70 -69.23 -87.92
CA THR R 389 54.26 -69.12 -87.72
C THR R 389 53.54 -69.99 -88.74
N MET R 390 52.91 -71.07 -88.27
CA MET R 390 52.21 -72.00 -89.14
C MET R 390 50.85 -71.46 -89.61
N GLY R 391 50.28 -70.49 -88.92
CA GLY R 391 48.95 -70.01 -89.25
C GLY R 391 48.15 -69.61 -88.03
N TYR R 392 46.83 -69.80 -88.08
CA TYR R 392 45.94 -69.40 -86.99
C TYR R 392 44.88 -70.48 -86.78
N GLU R 393 44.32 -70.49 -85.57
CA GLU R 393 43.19 -71.35 -85.26
C GLU R 393 42.24 -70.60 -84.33
N MET R 394 40.96 -70.99 -84.38
CA MET R 394 39.90 -70.23 -83.72
C MET R 394 39.61 -70.85 -82.36
N ARG R 395 40.23 -70.29 -81.32
CA ARG R 395 39.88 -70.62 -79.94
C ARG R 395 38.61 -69.89 -79.54
N ASP R 396 37.90 -70.45 -78.56
CA ASP R 396 36.61 -69.89 -78.16
C ASP R 396 36.76 -69.10 -76.87
N ARG R 397 37.18 -67.83 -76.98
CA ARG R 397 37.18 -66.97 -75.80
C ARG R 397 36.51 -65.62 -76.04
N VAL R 398 36.68 -65.04 -77.22
CA VAL R 398 36.09 -63.73 -77.49
C VAL R 398 34.78 -63.89 -78.24
N LYS S 352 -37.88 11.97 -12.58
CA LYS S 352 -38.18 10.73 -11.88
C LYS S 352 -37.51 10.70 -10.51
N LYS S 353 -38.03 9.85 -9.63
CA LYS S 353 -37.51 9.70 -8.27
C LYS S 353 -37.04 8.27 -8.08
N TRP S 354 -35.75 8.11 -7.82
CA TRP S 354 -35.20 6.79 -7.55
C TRP S 354 -35.19 6.55 -6.04
N PRO S 355 -35.34 5.29 -5.60
CA PRO S 355 -35.79 5.06 -4.21
C PRO S 355 -34.92 5.72 -3.14
N GLU S 356 -33.66 5.30 -3.01
CA GLU S 356 -32.71 5.96 -2.11
C GLU S 356 -31.34 5.29 -2.21
N VAL S 357 -30.26 6.05 -2.03
CA VAL S 357 -28.93 5.46 -1.89
C VAL S 357 -28.70 5.13 -0.41
N LYS S 358 -28.75 3.85 -0.08
CA LYS S 358 -28.53 3.39 1.29
C LYS S 358 -27.04 3.35 1.57
N ILE S 359 -26.53 4.35 2.26
CA ILE S 359 -25.09 4.39 2.58
C ILE S 359 -24.78 3.30 3.60
N PRO S 360 -23.82 2.42 3.34
CA PRO S 360 -23.55 1.31 4.26
C PRO S 360 -23.01 1.81 5.59
N ALA S 361 -23.24 1.00 6.63
CA ALA S 361 -22.67 1.29 7.94
C ALA S 361 -21.14 1.21 7.87
N ARG S 362 -20.50 2.16 8.53
CA ARG S 362 -19.04 2.27 8.45
C ARG S 362 -18.37 1.28 9.39
N ILE S 363 -17.31 0.66 8.90
CA ILE S 363 -16.54 -0.33 9.66
C ILE S 363 -15.30 0.35 10.21
N ILE S 364 -15.09 0.24 11.52
CA ILE S 364 -13.96 0.88 12.19
C ILE S 364 -12.80 -0.11 12.15
N THR S 365 -11.81 0.18 11.30
CA THR S 365 -10.59 -0.62 11.25
C THR S 365 -9.55 0.00 12.19
N THR S 366 -8.30 -0.48 12.10
CA THR S 366 -7.23 0.10 12.90
C THR S 366 -7.00 1.56 12.55
N SER S 367 -6.87 1.86 11.26
CA SER S 367 -6.70 3.22 10.78
C SER S 367 -7.16 3.28 9.33
N GLY S 368 -7.90 4.33 9.01
CA GLY S 368 -8.42 4.47 7.66
C GLY S 368 -9.65 5.33 7.62
N ASN S 369 -10.64 4.85 6.86
CA ASN S 369 -11.79 5.65 6.44
C ASN S 369 -12.62 6.17 7.61
N ALA S 370 -12.79 5.38 8.67
CA ALA S 370 -13.78 5.71 9.69
C ALA S 370 -13.17 5.62 11.09
N SER S 371 -13.69 6.46 11.99
CA SER S 371 -13.32 6.43 13.40
C SER S 371 -14.51 6.89 14.22
N VAL S 372 -14.61 6.37 15.44
CA VAL S 372 -15.73 6.74 16.31
C VAL S 372 -15.40 7.97 17.15
N ASP S 373 -14.11 8.27 17.33
CA ASP S 373 -13.66 9.39 18.13
C ASP S 373 -13.53 10.69 17.34
N GLY S 374 -13.75 10.65 16.03
CA GLY S 374 -13.46 11.82 15.21
C GLY S 374 -14.33 13.02 15.52
N ASN S 375 -15.64 12.81 15.65
CA ASN S 375 -16.56 13.92 15.87
C ASN S 375 -17.17 13.85 17.26
N PRO S 376 -16.80 14.75 18.18
CA PRO S 376 -17.45 14.77 19.49
C PRO S 376 -18.94 15.06 19.42
N GLY S 377 -19.41 15.71 18.35
CA GLY S 377 -20.82 16.05 18.23
C GLY S 377 -21.69 14.93 17.74
N TYR S 378 -21.10 13.83 17.26
CA TYR S 378 -21.85 12.69 16.74
C TYR S 378 -21.74 11.50 17.68
N ARG S 379 -22.89 10.91 18.00
CA ARG S 379 -22.94 9.68 18.77
C ARG S 379 -22.71 8.48 17.84
N PRO S 380 -21.68 7.67 18.07
CA PRO S 380 -21.44 6.49 17.21
C PRO S 380 -22.30 5.29 17.61
N THR S 381 -23.55 5.31 17.15
CA THR S 381 -24.51 4.27 17.48
C THR S 381 -24.26 3.03 16.64
N ARG S 382 -24.36 1.86 17.28
CA ARG S 382 -24.15 0.59 16.59
C ARG S 382 -25.30 0.30 15.63
N VAL S 383 -24.95 -0.20 14.45
CA VAL S 383 -25.93 -0.67 13.47
C VAL S 383 -25.84 -2.18 13.42
N ASP S 384 -26.98 -2.85 13.61
CA ASP S 384 -27.03 -4.31 13.57
C ASP S 384 -28.28 -4.77 12.86
N SER S 385 -28.12 -5.77 12.01
CA SER S 385 -29.22 -6.46 11.36
C SER S 385 -29.09 -7.94 11.67
N ASN S 386 -30.23 -8.61 11.82
CA ASN S 386 -30.28 -9.95 12.42
C ASN S 386 -29.58 -9.85 13.77
N GLY S 387 -28.63 -10.72 14.08
CA GLY S 387 -27.77 -10.57 15.23
C GLY S 387 -26.40 -10.02 14.91
N GLU S 388 -26.13 -9.69 13.65
CA GLU S 388 -24.80 -9.28 13.21
C GLU S 388 -24.65 -7.77 13.30
N THR S 389 -23.58 -7.31 13.96
CA THR S 389 -23.23 -5.90 13.99
C THR S 389 -22.62 -5.51 12.65
N MET S 390 -23.37 -4.75 11.85
CA MET S 390 -22.94 -4.39 10.51
C MET S 390 -22.01 -3.19 10.47
N GLY S 391 -21.82 -2.50 11.59
CA GLY S 391 -20.97 -1.31 11.60
C GLY S 391 -21.51 -0.21 12.50
N TYR S 392 -21.17 1.04 12.18
CA TYR S 392 -21.59 2.18 12.98
C TYR S 392 -22.01 3.31 12.05
N GLU S 393 -22.84 4.20 12.58
CA GLU S 393 -23.23 5.42 11.87
C GLU S 393 -23.39 6.54 12.87
N MET S 394 -23.09 7.76 12.42
CA MET S 394 -22.91 8.90 13.32
C MET S 394 -24.22 9.69 13.42
N ARG S 395 -25.04 9.34 14.41
CA ARG S 395 -26.20 10.14 14.75
C ARG S 395 -25.77 11.42 15.47
N ASP S 396 -26.62 12.43 15.42
CA ASP S 396 -26.29 13.72 16.01
C ASP S 396 -26.98 13.90 17.36
N ARG S 397 -26.36 13.41 18.43
CA ARG S 397 -26.88 13.69 19.77
C ARG S 397 -25.84 14.22 20.74
N VAL S 398 -24.59 13.73 20.66
CA VAL S 398 -23.56 14.17 21.60
C VAL S 398 -22.69 15.23 20.94
N LYS T 352 24.86 16.44 43.10
CA LYS T 352 25.11 17.68 42.38
C LYS T 352 23.81 18.48 42.23
N LYS T 353 23.95 19.78 41.98
CA LYS T 353 22.81 20.68 41.89
C LYS T 353 22.58 21.06 40.43
N TRP T 354 21.32 20.97 39.99
CA TRP T 354 20.88 21.41 38.69
C TRP T 354 19.97 22.63 38.86
N PRO T 355 20.04 23.62 37.94
CA PRO T 355 19.61 24.98 38.29
C PRO T 355 18.23 25.09 38.93
N GLU T 356 17.17 24.78 38.19
CA GLU T 356 15.82 24.65 38.75
C GLU T 356 14.84 24.23 37.66
N VAL T 357 13.86 23.39 38.00
CA VAL T 357 12.78 23.09 37.07
C VAL T 357 11.74 24.20 37.18
N LYS T 358 11.60 25.00 36.13
CA LYS T 358 10.64 26.09 36.11
C LYS T 358 9.28 25.55 35.66
N ILE T 359 8.26 25.74 36.49
CA ILE T 359 6.92 25.26 36.17
C ILE T 359 6.23 26.28 35.27
N PRO T 360 5.77 25.88 34.09
CA PRO T 360 5.12 26.84 33.18
C PRO T 360 3.83 27.39 33.78
N ALA T 361 3.50 28.61 33.38
CA ALA T 361 2.27 29.23 33.84
C ALA T 361 1.06 28.45 33.34
N ARG T 362 0.02 28.40 34.16
CA ARG T 362 -1.18 27.63 33.86
C ARG T 362 -2.04 28.39 32.87
N ILE T 363 -2.36 27.77 31.74
CA ILE T 363 -3.28 28.34 30.76
C ILE T 363 -4.66 27.81 31.06
N ILE T 364 -5.60 28.72 31.34
CA ILE T 364 -6.96 28.33 31.69
C ILE T 364 -7.75 28.17 30.39
N THR T 365 -8.08 26.94 30.05
CA THR T 365 -8.90 26.64 28.89
C THR T 365 -10.37 26.54 29.32
N THR T 366 -11.24 26.11 28.40
CA THR T 366 -12.65 25.99 28.71
C THR T 366 -12.89 24.96 29.80
N SER T 367 -12.28 23.77 29.66
CA SER T 367 -12.36 22.73 30.67
C SER T 367 -11.16 21.81 30.48
N GLY T 368 -10.25 21.81 31.45
CA GLY T 368 -9.01 21.07 31.27
C GLY T 368 -8.13 21.00 32.50
N ASN T 369 -6.82 21.18 32.30
CA ASN T 369 -5.85 20.92 33.35
C ASN T 369 -5.99 21.89 34.53
N ALA T 370 -6.38 23.14 34.27
CA ALA T 370 -6.29 24.18 35.27
C ALA T 370 -7.58 24.99 35.33
N SER T 371 -7.89 25.49 36.52
CA SER T 371 -8.98 26.44 36.72
C SER T 371 -8.61 27.37 37.87
N VAL T 372 -9.15 28.59 37.82
CA VAL T 372 -8.87 29.56 38.87
C VAL T 372 -9.82 29.39 40.05
N ASP T 373 -10.95 28.72 39.84
CA ASP T 373 -11.95 28.55 40.88
C ASP T 373 -11.71 27.30 41.74
N GLY T 374 -10.73 26.47 41.36
CA GLY T 374 -10.58 25.17 42.01
C GLY T 374 -10.25 25.27 43.49
N ASN T 375 -9.30 26.11 43.86
CA ASN T 375 -8.84 26.21 45.24
C ASN T 375 -9.17 27.56 45.84
N PRO T 376 -10.11 27.64 46.78
CA PRO T 376 -10.37 28.92 47.45
C PRO T 376 -9.17 29.44 48.24
N GLY T 377 -8.26 28.56 48.66
CA GLY T 377 -7.11 28.98 49.43
C GLY T 377 -5.98 29.58 48.61
N TYR T 378 -6.03 29.46 47.29
CA TYR T 378 -4.99 29.97 46.41
C TYR T 378 -5.50 31.17 45.62
N ARG T 379 -4.68 32.22 45.56
CA ARG T 379 -4.98 33.40 44.76
C ARG T 379 -4.42 33.22 43.36
N PRO T 380 -5.26 33.26 42.32
CA PRO T 380 -4.73 33.07 40.96
C PRO T 380 -4.13 34.33 40.38
N THR T 381 -2.89 34.63 40.75
CA THR T 381 -2.23 35.85 40.29
C THR T 381 -1.73 35.67 38.85
N ARG T 382 -1.93 36.71 38.05
CA ARG T 382 -1.49 36.66 36.66
C ARG T 382 0.04 36.66 36.57
N VAL T 383 0.56 35.80 35.69
CA VAL T 383 1.98 35.76 35.38
C VAL T 383 2.17 36.34 33.98
N ASP T 384 3.00 37.37 33.88
CA ASP T 384 3.26 38.01 32.60
C ASP T 384 4.74 38.29 32.43
N SER T 385 5.25 38.05 31.23
CA SER T 385 6.60 38.43 30.82
C SER T 385 6.46 39.36 29.63
N ASN T 386 7.34 40.35 29.55
CA ASN T 386 7.16 41.47 28.64
C ASN T 386 5.78 42.07 28.88
N GLY T 387 5.06 42.39 27.81
CA GLY T 387 3.68 42.80 27.91
C GLY T 387 2.67 41.69 27.74
N GLU T 388 3.13 40.44 27.65
CA GLU T 388 2.27 39.31 27.34
C GLU T 388 2.02 38.48 28.59
N THR T 389 0.76 38.14 28.83
CA THR T 389 0.39 37.29 29.96
C THR T 389 0.63 35.83 29.59
N MET T 390 1.46 35.15 30.39
CA MET T 390 1.81 33.77 30.15
C MET T 390 0.81 32.78 30.77
N GLY T 391 -0.16 33.27 31.53
CA GLY T 391 -1.05 32.39 32.26
C GLY T 391 -1.20 32.80 33.72
N TYR T 392 -1.36 31.83 34.61
CA TYR T 392 -1.60 32.10 36.02
C TYR T 392 -0.83 31.11 36.89
N GLU T 393 -0.67 31.48 38.16
CA GLU T 393 -0.07 30.59 39.15
C GLU T 393 -0.80 30.80 40.48
N MET T 394 -0.82 29.75 41.30
CA MET T 394 -1.64 29.72 42.50
C MET T 394 -0.78 30.07 43.71
N ARG T 395 -0.75 31.36 44.05
CA ARG T 395 -0.08 31.82 45.25
C ARG T 395 -0.96 31.54 46.47
N ASP T 396 -0.34 31.49 47.64
CA ASP T 396 -1.08 31.15 48.86
C ASP T 396 -1.39 32.41 49.66
N ARG T 397 -2.48 33.11 49.33
CA ARG T 397 -2.91 34.19 50.21
C ARG T 397 -4.39 34.12 50.57
N VAL T 398 -5.24 33.72 49.63
CA VAL T 398 -6.68 33.70 49.90
C VAL T 398 -7.12 32.28 50.25
N LYS U 352 -58.00 24.60 40.60
CA LYS U 352 -57.81 23.48 41.51
C LYS U 352 -57.01 23.89 42.74
N LYS U 353 -57.06 23.05 43.77
CA LYS U 353 -56.23 23.20 44.96
C LYS U 353 -55.27 22.03 45.05
N TRP U 354 -54.01 22.28 44.72
CA TRP U 354 -53.00 21.23 44.86
C TRP U 354 -52.56 21.16 46.32
N PRO U 355 -52.14 19.97 46.79
CA PRO U 355 -52.17 19.71 48.24
C PRO U 355 -51.51 20.77 49.10
N GLU U 356 -50.20 20.95 48.97
CA GLU U 356 -49.49 22.09 49.54
C GLU U 356 -48.00 22.01 49.19
N VAL U 357 -47.34 23.16 49.05
CA VAL U 357 -45.90 23.19 48.89
C VAL U 357 -45.26 23.26 50.28
N LYS U 358 -44.60 22.18 50.68
CA LYS U 358 -43.97 22.09 51.99
C LYS U 358 -42.54 22.60 51.86
N ILE U 359 -42.28 23.80 52.37
CA ILE U 359 -40.92 24.35 52.35
C ILE U 359 -40.07 23.60 53.36
N PRO U 360 -38.91 23.08 52.97
CA PRO U 360 -38.10 22.29 53.90
C PRO U 360 -37.54 23.14 55.02
N ALA U 361 -37.26 22.49 56.16
CA ALA U 361 -36.57 23.17 57.25
C ALA U 361 -35.17 23.56 56.81
N ARG U 362 -34.79 24.80 57.12
CA ARG U 362 -33.54 25.35 56.64
C ARG U 362 -32.37 24.87 57.49
N ILE U 363 -31.27 24.52 56.83
CA ILE U 363 -30.06 24.02 57.48
C ILE U 363 -29.10 25.18 57.64
N ILE U 364 -28.64 25.41 58.87
CA ILE U 364 -27.71 26.49 59.17
C ILE U 364 -26.30 25.97 58.94
N THR U 365 -25.65 26.47 57.89
CA THR U 365 -24.26 26.14 57.61
C THR U 365 -23.35 27.24 58.18
N THR U 366 -22.06 27.16 57.87
CA THR U 366 -21.11 28.19 58.32
C THR U 366 -21.51 29.56 57.77
N SER U 367 -21.77 29.64 56.48
CA SER U 367 -22.26 30.85 55.84
C SER U 367 -22.99 30.47 54.57
N GLY U 368 -24.11 31.13 54.31
CA GLY U 368 -24.86 30.79 53.12
C GLY U 368 -26.32 31.21 53.25
N ASN U 369 -27.20 30.31 52.80
CA ASN U 369 -28.61 30.62 52.59
C ASN U 369 -29.33 31.02 53.87
N ALA U 370 -28.97 30.45 55.01
CA ALA U 370 -29.78 30.58 56.21
C ALA U 370 -28.93 30.96 57.41
N SER U 371 -29.56 31.69 58.34
CA SER U 371 -28.95 32.04 59.62
C SER U 371 -30.05 32.19 60.66
N VAL U 372 -29.68 31.99 61.92
CA VAL U 372 -30.63 32.11 63.01
C VAL U 372 -30.62 33.49 63.64
N ASP U 373 -29.52 34.24 63.49
CA ASP U 373 -29.41 35.57 64.08
C ASP U 373 -29.90 36.68 63.15
N GLY U 374 -30.26 36.35 61.92
CA GLY U 374 -30.58 37.37 60.93
C GLY U 374 -31.81 38.21 61.24
N ASN U 375 -32.85 37.60 61.82
CA ASN U 375 -34.10 38.29 62.09
C ASN U 375 -34.40 38.28 63.59
N PRO U 376 -34.21 39.40 64.28
CA PRO U 376 -34.55 39.45 65.71
C PRO U 376 -36.03 39.23 65.98
N GLY U 377 -36.90 39.46 65.00
CA GLY U 377 -38.33 39.27 65.20
C GLY U 377 -38.81 37.84 65.05
N TYR U 378 -37.96 36.94 64.59
CA TYR U 378 -38.33 35.54 64.36
C TYR U 378 -37.59 34.64 65.34
N ARG U 379 -38.33 33.74 65.98
CA ARG U 379 -37.75 32.74 66.86
C ARG U 379 -37.31 31.53 66.05
N PRO U 380 -36.03 31.16 66.08
CA PRO U 380 -35.58 30.01 65.30
C PRO U 380 -35.85 28.68 66.00
N THR U 381 -37.09 28.20 65.91
CA THR U 381 -37.48 26.97 66.59
C THR U 381 -37.00 25.75 65.81
N ARG U 382 -36.55 24.74 66.55
CA ARG U 382 -36.02 23.52 65.95
C ARG U 382 -37.14 22.70 65.30
N VAL U 383 -36.86 22.19 64.11
CA VAL U 383 -37.72 21.23 63.42
C VAL U 383 -37.08 19.86 63.57
N ASP U 384 -37.86 18.89 64.04
CA ASP U 384 -37.36 17.53 64.15
C ASP U 384 -38.48 16.54 63.82
N SER U 385 -38.14 15.53 63.03
CA SER U 385 -39.03 14.43 62.73
C SER U 385 -38.34 13.15 63.15
N ASN U 386 -39.15 12.11 63.41
CA ASN U 386 -38.65 10.91 64.08
C ASN U 386 -37.97 11.31 65.38
N GLY U 387 -36.65 11.27 65.41
CA GLY U 387 -35.89 11.75 66.55
C GLY U 387 -34.71 12.60 66.16
N GLU U 388 -34.65 12.98 64.88
CA GLU U 388 -33.51 13.71 64.32
C GLU U 388 -33.94 15.11 63.89
N THR U 389 -33.03 16.07 64.08
CA THR U 389 -33.31 17.48 63.76
C THR U 389 -33.21 17.70 62.25
N MET U 390 -34.32 18.11 61.65
CA MET U 390 -34.40 18.39 60.21
C MET U 390 -33.85 19.76 59.86
N GLY U 391 -33.63 20.64 60.83
CA GLY U 391 -33.29 22.02 60.56
C GLY U 391 -34.05 22.98 61.45
N TYR U 392 -34.37 24.17 60.94
CA TYR U 392 -35.05 25.19 61.73
C TYR U 392 -36.09 25.89 60.86
N GLU U 393 -36.96 26.67 61.52
CA GLU U 393 -37.90 27.55 60.84
C GLU U 393 -38.12 28.77 61.71
N MET U 394 -38.48 29.89 61.07
CA MET U 394 -38.54 31.19 61.73
C MET U 394 -39.99 31.51 62.05
N ARG U 395 -40.42 31.13 63.26
CA ARG U 395 -41.74 31.50 63.76
C ARG U 395 -41.73 32.95 64.22
N ASP U 396 -42.89 33.59 64.20
CA ASP U 396 -42.99 34.99 64.59
C ASP U 396 -43.37 35.11 66.06
N ARG U 397 -42.38 35.05 66.95
CA ARG U 397 -42.67 35.32 68.36
C ARG U 397 -41.74 36.33 69.01
N VAL U 398 -40.46 36.32 68.65
CA VAL U 398 -39.52 37.24 69.28
C VAL U 398 -39.23 38.41 68.34
N LYS V 352 7.72 59.72 77.76
CA LYS V 352 7.26 60.76 76.85
C LYS V 352 5.76 60.94 76.93
N LYS V 353 5.31 62.17 77.13
CA LYS V 353 3.88 62.47 77.18
C LYS V 353 3.33 62.64 75.78
N TRP V 354 2.33 61.82 75.43
CA TRP V 354 1.58 61.97 74.20
C TRP V 354 0.42 62.91 74.44
N PRO V 355 -0.08 63.62 73.40
CA PRO V 355 -0.88 64.82 73.65
C PRO V 355 -2.07 64.62 74.58
N GLU V 356 -3.04 63.79 74.18
CA GLU V 356 -4.09 63.30 75.08
C GLU V 356 -5.02 62.35 74.34
N VAL V 357 -5.57 61.35 75.04
CA VAL V 357 -6.64 60.54 74.47
C VAL V 357 -7.97 61.21 74.76
N LYS V 358 -8.68 61.61 73.71
CA LYS V 358 -9.95 62.32 73.85
C LYS V 358 -11.09 61.31 73.72
N ILE V 359 -11.89 61.20 74.77
CA ILE V 359 -13.02 60.27 74.79
C ILE V 359 -14.17 60.88 74.01
N PRO V 360 -14.71 60.19 73.01
CA PRO V 360 -15.82 60.76 72.23
C PRO V 360 -17.08 60.92 73.08
N ALA V 361 -17.95 61.86 72.73
CA ALA V 361 -19.19 62.07 73.45
C ALA V 361 -20.12 60.85 73.31
N ARG V 362 -20.81 60.49 74.40
CA ARG V 362 -21.71 59.33 74.46
C ARG V 362 -22.94 59.60 73.59
N ILE V 363 -23.28 58.68 72.70
CA ILE V 363 -24.53 58.72 71.92
C ILE V 363 -25.51 57.78 72.59
N ILE V 364 -26.67 58.31 72.93
CA ILE V 364 -27.72 57.59 73.63
C ILE V 364 -28.61 56.92 72.58
N THR V 365 -28.53 55.60 72.49
CA THR V 365 -29.42 54.82 71.64
C THR V 365 -30.64 54.39 72.46
N THR V 366 -31.52 53.59 71.86
CA THR V 366 -32.65 53.04 72.63
C THR V 366 -32.15 52.14 73.75
N SER V 367 -31.14 51.31 73.46
CA SER V 367 -30.48 50.49 74.46
C SER V 367 -29.09 50.17 73.94
N GLY V 368 -28.10 50.32 74.81
CA GLY V 368 -26.73 50.10 74.39
C GLY V 368 -25.75 50.59 75.45
N ASN V 369 -24.64 51.15 74.95
CA ASN V 369 -23.50 51.48 75.79
C ASN V 369 -23.79 52.56 76.83
N ALA V 370 -24.68 53.50 76.54
CA ALA V 370 -24.80 54.70 77.36
C ALA V 370 -26.25 55.01 77.65
N SER V 371 -26.48 55.62 78.81
CA SER V 371 -27.78 56.17 79.19
C SER V 371 -27.54 57.36 80.12
N VAL V 372 -28.52 58.27 80.15
CA VAL V 372 -28.39 59.47 80.97
C VAL V 372 -28.95 59.25 82.38
N ASP V 373 -29.78 58.23 82.57
CA ASP V 373 -30.41 57.96 83.86
C ASP V 373 -29.61 56.99 84.72
N GLY V 374 -28.49 56.46 84.20
CA GLY V 374 -27.78 55.42 84.93
C GLY V 374 -27.21 55.87 86.25
N ASN V 375 -26.54 57.02 86.27
CA ASN V 375 -25.88 57.50 87.48
C ASN V 375 -26.58 58.74 88.01
N PRO V 376 -27.28 58.66 89.14
CA PRO V 376 -27.86 59.87 89.73
C PRO V 376 -26.83 60.90 90.15
N GLY V 377 -25.58 60.49 90.37
CA GLY V 377 -24.55 61.42 90.80
C GLY V 377 -23.87 62.19 89.68
N TYR V 378 -24.14 61.82 88.43
CA TYR V 378 -23.53 62.47 87.27
C TYR V 378 -24.57 63.28 86.52
N ARG V 379 -24.25 64.52 86.20
CA ARG V 379 -25.10 65.36 85.37
C ARG V 379 -24.81 65.11 83.90
N PRO V 380 -25.78 64.67 83.10
CA PRO V 380 -25.54 64.42 81.66
C PRO V 380 -25.59 65.71 80.84
N THR V 381 -24.48 66.45 80.85
CA THR V 381 -24.32 67.67 80.05
C THR V 381 -24.18 67.34 78.58
N ARG V 382 -24.87 68.09 77.73
CA ARG V 382 -24.78 67.99 76.27
C ARG V 382 -23.44 68.47 75.75
N VAL V 383 -22.87 67.77 74.78
CA VAL V 383 -21.64 68.15 74.08
C VAL V 383 -21.99 68.63 72.69
N ASP V 384 -21.66 69.87 72.36
CA ASP V 384 -21.88 70.47 71.05
C ASP V 384 -20.54 70.87 70.39
N SER V 385 -20.45 70.77 69.07
CA SER V 385 -19.38 71.41 68.30
C SER V 385 -19.96 71.96 66.99
N ASN V 386 -19.48 73.09 66.50
CA ASN V 386 -20.04 73.77 65.32
C ASN V 386 -21.58 73.99 65.41
N GLY V 387 -22.11 74.13 66.63
CA GLY V 387 -23.55 74.25 66.92
C GLY V 387 -24.36 72.95 66.89
N GLU V 388 -23.78 71.81 66.54
CA GLU V 388 -24.45 70.51 66.47
C GLU V 388 -24.04 69.56 67.60
N THR V 389 -25.00 68.82 68.16
CA THR V 389 -24.81 68.01 69.35
C THR V 389 -24.15 66.68 69.03
N MET V 390 -22.91 66.50 69.48
CA MET V 390 -22.12 65.30 69.30
C MET V 390 -22.53 64.15 70.23
N GLY V 391 -23.32 64.43 71.26
CA GLY V 391 -23.71 63.48 72.29
C GLY V 391 -23.67 64.12 73.67
N TYR V 392 -23.32 63.34 74.68
CA TYR V 392 -23.36 63.72 76.09
C TYR V 392 -22.07 63.32 76.82
N GLU V 393 -21.80 63.94 77.96
CA GLU V 393 -20.76 63.49 78.88
C GLU V 393 -21.22 63.67 80.34
N MET V 394 -20.73 62.82 81.24
CA MET V 394 -21.26 62.75 82.60
C MET V 394 -20.33 63.52 83.54
N ARG V 395 -20.64 64.81 83.69
CA ARG V 395 -20.01 65.71 84.67
C ARG V 395 -20.46 65.34 86.08
N ASP V 396 -19.70 65.70 87.09
CA ASP V 396 -20.03 65.35 88.47
C ASP V 396 -20.62 66.55 89.20
N ARG V 397 -21.93 66.76 89.11
CA ARG V 397 -22.56 67.75 89.97
C ARG V 397 -23.80 67.23 90.70
N VAL V 398 -24.62 66.42 90.02
CA VAL V 398 -25.86 65.96 90.64
C VAL V 398 -25.64 64.59 91.27
N LYS W 352 -71.07 38.60 95.16
CA LYS W 352 -70.26 37.65 95.92
C LYS W 352 -69.10 38.35 96.63
N LYS W 353 -69.06 38.24 97.96
CA LYS W 353 -67.96 38.78 98.72
C LYS W 353 -66.71 37.93 98.53
N TRP W 354 -65.56 38.60 98.38
CA TRP W 354 -64.27 37.95 98.34
C TRP W 354 -63.51 38.28 99.61
N PRO W 355 -62.66 37.36 100.12
CA PRO W 355 -62.32 37.38 101.56
C PRO W 355 -61.94 38.75 102.11
N GLU W 356 -60.82 39.33 101.66
CA GLU W 356 -60.50 40.74 101.90
C GLU W 356 -59.17 41.08 101.22
N VAL W 357 -59.02 42.32 100.79
CA VAL W 357 -57.72 42.81 100.31
C VAL W 357 -56.96 43.38 101.50
N LYS W 358 -55.91 42.69 101.93
CA LYS W 358 -55.10 43.13 103.05
C LYS W 358 -53.93 43.96 102.52
N ILE W 359 -53.96 45.26 102.82
CA ILE W 359 -52.89 46.16 102.34
C ILE W 359 -51.63 45.90 103.16
N PRO W 360 -50.46 45.75 102.52
CA PRO W 360 -49.24 45.48 103.27
C PRO W 360 -48.83 46.66 104.14
N ALA W 361 -48.07 46.36 105.19
CA ALA W 361 -47.54 47.41 106.04
C ALA W 361 -46.55 48.27 105.27
N ARG W 362 -46.58 49.57 105.53
CA ARG W 362 -45.75 50.51 104.79
C ARG W 362 -44.30 50.43 105.26
N ILE W 363 -43.38 50.40 104.32
CA ILE W 363 -41.95 50.42 104.60
C ILE W 363 -41.44 51.84 104.37
N ILE W 364 -40.84 52.42 105.41
CA ILE W 364 -40.39 53.80 105.36
C ILE W 364 -38.95 53.81 104.84
N THR W 365 -38.78 54.28 103.60
CA THR W 365 -37.45 54.44 103.02
C THR W 365 -36.93 55.84 103.35
N THR W 366 -35.76 56.20 102.81
CA THR W 366 -35.25 57.55 103.01
C THR W 366 -36.16 58.59 102.37
N SER W 367 -36.66 58.30 101.17
CA SER W 367 -37.63 59.15 100.49
C SER W 367 -38.38 58.27 99.52
N GLY W 368 -39.70 58.38 99.50
CA GLY W 368 -40.49 57.52 98.64
C GLY W 368 -41.96 57.51 99.05
N ASN W 369 -42.55 56.32 98.93
CA ASN W 369 -44.00 56.15 99.00
C ASN W 369 -44.59 56.53 100.35
N ALA W 370 -43.85 56.34 101.44
CA ALA W 370 -44.43 56.42 102.77
C ALA W 370 -43.55 57.24 103.70
N SER W 371 -44.19 57.86 104.69
CA SER W 371 -43.49 58.60 105.73
C SER W 371 -44.33 58.55 107.01
N VAL W 372 -43.66 58.73 108.14
CA VAL W 372 -44.35 58.70 109.43
C VAL W 372 -44.73 60.11 109.90
N ASP W 373 -44.05 61.14 109.40
CA ASP W 373 -44.31 62.52 109.78
C ASP W 373 -45.36 63.20 108.90
N GLY W 374 -45.87 62.51 107.89
CA GLY W 374 -46.74 63.16 106.92
C GLY W 374 -48.05 63.64 107.51
N ASN W 375 -48.70 62.81 108.31
CA ASN W 375 -50.02 63.12 108.87
C ASN W 375 -49.95 63.29 110.37
N PRO W 376 -50.07 64.51 110.89
CA PRO W 376 -50.11 64.69 112.35
C PRO W 376 -51.29 63.99 113.01
N GLY W 377 -52.37 63.74 112.26
CA GLY W 377 -53.54 63.08 112.82
C GLY W 377 -53.47 61.57 112.88
N TYR W 378 -52.45 60.96 112.29
CA TYR W 378 -52.28 59.51 112.29
C TYR W 378 -51.08 59.11 113.14
N ARG W 379 -51.29 58.16 114.04
CA ARG W 379 -50.21 57.61 114.83
C ARG W 379 -49.50 56.51 114.04
N PRO W 380 -48.18 56.62 113.82
CA PRO W 380 -47.45 55.57 113.07
C PRO W 380 -47.09 54.37 113.93
N THR W 381 -48.08 53.51 114.15
CA THR W 381 -47.89 52.33 114.99
C THR W 381 -47.15 51.23 114.23
N ARG W 382 -46.30 50.52 114.96
CA ARG W 382 -45.49 49.47 114.36
C ARG W 382 -46.32 48.21 114.10
N VAL W 383 -46.18 47.65 112.91
CA VAL W 383 -46.79 46.39 112.54
C VAL W 383 -45.70 45.32 112.56
N ASP W 384 -45.89 44.28 113.37
CA ASP W 384 -44.93 43.20 113.47
C ASP W 384 -45.64 41.87 113.55
N SER W 385 -45.15 40.90 112.80
CA SER W 385 -45.61 39.52 112.86
C SER W 385 -44.43 38.65 113.22
N ASN W 386 -44.67 37.60 114.01
CA ASN W 386 -43.62 36.83 114.67
C ASN W 386 -42.78 37.85 115.46
N GLY W 387 -41.46 37.83 115.35
CA GLY W 387 -40.63 38.88 115.91
C GLY W 387 -40.20 39.94 114.91
N GLU W 388 -40.59 39.77 113.65
CA GLU W 388 -40.13 40.65 112.58
C GLU W 388 -41.08 41.84 112.42
N THR W 389 -40.52 43.05 112.37
CA THR W 389 -41.30 44.26 112.13
C THR W 389 -41.52 44.38 110.62
N MET W 390 -42.77 44.22 110.20
CA MET W 390 -43.11 44.25 108.78
C MET W 390 -43.29 45.67 108.24
N GLY W 391 -43.35 46.68 109.11
CA GLY W 391 -43.57 48.04 108.66
C GLY W 391 -44.42 48.86 109.62
N TYR W 392 -45.16 49.82 109.08
CA TYR W 392 -45.99 50.71 109.88
C TYR W 392 -47.34 50.91 109.19
N GLU W 393 -48.35 51.24 110.00
CA GLU W 393 -49.67 51.58 109.47
C GLU W 393 -50.25 52.72 110.28
N MET W 394 -51.06 53.55 109.63
CA MET W 394 -51.54 54.79 110.21
C MET W 394 -52.85 54.54 110.95
N ARG W 395 -52.84 54.73 112.27
CA ARG W 395 -54.04 54.62 113.09
C ARG W 395 -54.49 56.02 113.52
N ASP W 396 -55.80 56.25 113.48
CA ASP W 396 -56.34 57.58 113.74
C ASP W 396 -56.48 57.82 115.24
N ARG W 397 -55.38 58.20 115.91
CA ARG W 397 -55.50 58.62 117.29
C ARG W 397 -54.85 59.97 117.59
N VAL W 398 -53.71 60.25 116.97
CA VAL W 398 -53.03 61.50 117.25
C VAL W 398 -53.34 62.53 116.17
N LYS X 352 -16.33 99.70 111.47
CA LYS X 352 -17.35 100.35 110.66
C LYS X 352 -18.73 100.15 111.26
N LYS X 353 -19.69 100.97 110.85
CA LYS X 353 -21.05 100.93 111.38
C LYS X 353 -22.01 100.60 110.24
N TRP X 354 -22.73 99.50 110.38
CA TRP X 354 -23.77 99.12 109.44
C TRP X 354 -25.13 99.59 109.97
N PRO X 355 -26.08 99.93 109.08
CA PRO X 355 -27.18 100.82 109.47
C PRO X 355 -27.98 100.36 110.67
N GLU X 356 -28.69 99.23 110.57
CA GLU X 356 -29.33 98.58 111.71
C GLU X 356 -29.99 97.29 111.28
N VAL X 357 -30.03 96.29 112.16
CA VAL X 357 -30.79 95.06 111.89
C VAL X 357 -32.23 95.30 112.35
N LYS X 358 -33.16 95.32 111.40
CA LYS X 358 -34.57 95.51 111.71
C LYS X 358 -35.21 94.17 112.06
N ILE X 359 -35.78 94.08 113.27
CA ILE X 359 -36.43 92.87 113.72
C ILE X 359 -37.87 92.86 113.24
N PRO X 360 -38.30 91.86 112.48
CA PRO X 360 -39.67 91.84 111.98
C PRO X 360 -40.68 91.70 113.11
N ALA X 361 -41.88 92.21 112.87
CA ALA X 361 -42.96 92.10 113.85
C ALA X 361 -43.36 90.65 114.03
N ARG X 362 -43.66 90.28 115.28
CA ARG X 362 -44.03 88.91 115.60
C ARG X 362 -45.41 88.58 115.06
N ILE X 363 -45.54 87.41 114.44
CA ILE X 363 -46.83 86.90 113.98
C ILE X 363 -47.30 85.85 114.98
N ILE X 364 -48.49 86.07 115.54
CA ILE X 364 -49.04 85.19 116.57
C ILE X 364 -49.83 84.10 115.86
N THR X 365 -49.28 82.89 115.83
CA THR X 365 -49.98 81.73 115.31
C THR X 365 -50.71 81.01 116.44
N THR X 366 -51.33 79.87 116.10
CA THR X 366 -52.00 79.07 117.13
C THR X 366 -51.01 78.58 118.18
N SER X 367 -49.86 78.09 117.74
CA SER X 367 -48.78 77.69 118.62
C SER X 367 -47.47 77.75 117.85
N GLY X 368 -46.46 78.35 118.44
CA GLY X 368 -45.19 78.50 117.75
C GLY X 368 -44.29 79.51 118.42
N ASN X 369 -43.59 80.28 117.58
CA ASN X 369 -42.49 81.12 118.01
C ASN X 369 -42.90 82.26 118.95
N ALA X 370 -44.13 82.76 118.84
CA ALA X 370 -44.49 84.00 119.51
C ALA X 370 -45.84 83.86 120.18
N SER X 371 -46.02 84.63 121.26
CA SER X 371 -47.28 84.72 121.97
C SER X 371 -47.36 86.06 122.67
N VAL X 372 -48.58 86.55 122.86
CA VAL X 372 -48.78 87.82 123.54
C VAL X 372 -48.94 87.67 125.05
N ASP X 373 -49.27 86.48 125.53
CA ASP X 373 -49.46 86.22 126.95
C ASP X 373 -48.18 85.78 127.66
N GLY X 374 -47.05 85.72 126.95
CA GLY X 374 -45.84 85.17 127.53
C GLY X 374 -45.34 85.96 128.73
N ASN X 375 -45.05 87.25 128.52
CA ASN X 375 -44.48 88.09 129.57
C ASN X 375 -45.51 89.08 130.07
N PRO X 376 -45.93 89.00 131.34
CA PRO X 376 -46.82 90.04 131.88
C PRO X 376 -46.20 91.42 131.90
N GLY X 377 -44.87 91.51 131.88
CA GLY X 377 -44.20 92.80 131.92
C GLY X 377 -44.11 93.51 130.58
N TYR X 378 -44.46 92.83 129.49
CA TYR X 378 -44.39 93.40 128.15
C TYR X 378 -45.79 93.66 127.62
N ARG X 379 -46.01 94.86 127.08
CA ARG X 379 -47.26 95.20 126.42
C ARG X 379 -47.19 94.81 124.95
N PRO X 380 -48.08 93.95 124.46
CA PRO X 380 -48.03 93.58 123.04
C PRO X 380 -48.64 94.64 122.13
N THR X 381 -47.86 95.67 121.80
CA THR X 381 -48.35 96.76 120.97
C THR X 381 -48.42 96.32 119.51
N ARG X 382 -49.51 96.70 118.84
CA ARG X 382 -49.70 96.33 117.45
C ARG X 382 -48.80 97.17 116.54
N VAL X 383 -48.21 96.51 115.54
CA VAL X 383 -47.35 97.16 114.56
C VAL X 383 -48.05 97.08 113.21
N ASP X 384 -48.14 98.22 112.53
CA ASP X 384 -48.79 98.29 111.23
C ASP X 384 -48.03 99.23 110.30
N SER X 385 -47.90 98.80 109.05
CA SER X 385 -47.33 99.64 108.00
C SER X 385 -48.16 99.44 106.74
N ASN X 386 -48.16 100.46 105.89
CA ASN X 386 -49.02 100.53 104.70
C ASN X 386 -50.50 100.51 105.07
N GLY X 387 -50.84 100.81 106.32
CA GLY X 387 -52.21 100.75 106.78
C GLY X 387 -52.69 99.37 107.16
N GLU X 388 -51.82 98.37 107.14
CA GLU X 388 -52.18 97.00 107.45
C GLU X 388 -51.24 96.45 108.52
N THR X 389 -51.75 95.53 109.35
CA THR X 389 -51.03 95.08 110.53
C THR X 389 -49.90 94.13 110.12
N MET X 390 -48.67 94.50 110.45
CA MET X 390 -47.51 93.64 110.28
C MET X 390 -47.39 92.56 111.34
N GLY X 391 -47.98 92.79 112.52
CA GLY X 391 -47.77 91.90 113.65
C GLY X 391 -47.76 92.64 114.97
N TYR X 392 -47.05 92.10 115.96
CA TYR X 392 -46.99 92.68 117.29
C TYR X 392 -45.54 92.71 117.77
N GLU X 393 -45.25 93.65 118.66
CA GLU X 393 -43.95 93.74 119.29
C GLU X 393 -44.14 94.05 120.78
N MET X 394 -43.15 93.65 121.58
CA MET X 394 -43.26 93.67 123.04
C MET X 394 -42.57 94.92 123.58
N ARG X 395 -43.36 95.94 123.87
CA ARG X 395 -42.88 97.12 124.59
C ARG X 395 -42.88 96.84 126.10
N ASP X 396 -42.16 97.67 126.84
CA ASP X 396 -41.99 97.45 128.27
C ASP X 396 -42.76 98.51 129.06
N ARG X 397 -44.07 98.29 129.26
CA ARG X 397 -44.81 99.15 130.18
C ARG X 397 -45.65 98.39 131.19
N VAL X 398 -46.25 97.27 130.79
CA VAL X 398 -47.11 96.52 131.70
C VAL X 398 -46.31 95.41 132.38
MG MG Y . 16.14 -7.44 -42.90
PG ANP Z . 13.55 -9.51 -41.63
O1G ANP Z . 13.89 -10.66 -40.68
O2G ANP Z . 14.70 -9.07 -42.53
O3G ANP Z . 12.21 -9.68 -42.33
PB ANP Z . 13.91 -6.52 -40.83
O1B ANP Z . 12.93 -5.51 -40.29
O2B ANP Z . 14.53 -6.32 -42.18
N3B ANP Z . 13.35 -8.07 -40.57
PA ANP Z . 16.46 -5.48 -39.90
O1A ANP Z . 17.40 -5.99 -40.95
O2A ANP Z . 16.03 -4.02 -39.90
O3A ANP Z . 15.18 -6.43 -39.71
O5' ANP Z . 17.17 -5.80 -38.44
C5' ANP Z . 16.66 -5.21 -37.28
C4' ANP Z . 16.83 -6.08 -36.05
O4' ANP Z . 18.17 -6.57 -35.98
C3' ANP Z . 16.59 -5.40 -34.70
O3' ANP Z . 15.25 -5.30 -34.35
C2' ANP Z . 17.46 -6.22 -33.77
O2' ANP Z . 16.78 -7.40 -33.43
C1' ANP Z . 18.65 -6.51 -34.68
N9 ANP Z . 19.71 -5.50 -34.61
C8 ANP Z . 19.72 -4.25 -35.18
N7 ANP Z . 20.81 -3.58 -34.93
C5 ANP Z . 21.57 -4.43 -34.18
C6 ANP Z . 22.84 -4.32 -33.61
N6 ANP Z . 23.60 -3.22 -33.72
N1 ANP Z . 23.31 -5.36 -32.91
C2 ANP Z . 22.56 -6.45 -32.80
N3 ANP Z . 21.35 -6.68 -33.29
C4 ANP Z . 20.90 -5.63 -33.97
MG MG AA . 3.83 -22.99 -3.40
PG ANP BA . 5.10 -19.76 -4.12
O1G ANP BA . 4.36 -18.78 -5.03
O2G ANP BA . 4.75 -21.23 -4.36
O3G ANP BA . 6.60 -19.46 -4.00
PB ANP BA . 3.92 -20.65 -1.38
O1B ANP BA . 3.98 -20.11 0.01
O2B ANP BA . 4.47 -22.03 -1.67
N3B ANP BA . 4.43 -19.49 -2.47
PA ANP BA . 1.32 -21.97 -1.24
O1A ANP BA . 1.21 -23.01 -2.31
O2A ANP BA . 1.66 -22.38 0.18
O3A ANP BA . 2.26 -20.74 -1.68
O5' ANP BA . -0.12 -21.16 -1.24
C5' ANP BA . -0.43 -20.29 -0.17
C4' ANP BA . -1.27 -19.12 -0.63
O4' ANP BA . -2.31 -19.55 -1.51
C3' ANP BA . -2.00 -18.34 0.47
O3' ANP BA . -1.20 -17.46 1.18
C2' ANP BA . -3.14 -17.70 -0.30
O2' ANP BA . -2.65 -16.57 -0.99
C1' ANP BA . -3.48 -18.83 -1.30
N9 ANP BA . -4.51 -19.75 -0.77
C8 ANP BA . -4.35 -20.76 0.14
N7 ANP BA . -5.45 -21.41 0.38
C5 ANP BA . -6.39 -20.80 -0.41
C6 ANP BA . -7.76 -21.01 -0.60
N6 ANP BA . -8.44 -21.96 0.03
N1 ANP BA . -8.40 -20.22 -1.46
C2 ANP BA . -7.72 -19.26 -2.10
N3 ANP BA . -6.44 -18.97 -2.00
C4 ANP BA . -5.82 -19.77 -1.14
MG MG CA . 39.22 -36.88 -84.27
PG ANP DA . 36.10 -38.29 -83.33
O1G ANP DA . 35.92 -39.67 -82.70
O2G ANP DA . 37.42 -38.10 -84.07
O3G ANP DA . 34.87 -37.81 -84.10
PB ANP DA . 37.32 -35.86 -81.79
O1B ANP DA . 36.62 -34.70 -81.13
O2B ANP DA . 38.19 -35.63 -82.99
N3B ANP DA . 36.26 -37.15 -81.95
PA ANP DA . 39.82 -35.76 -80.26
O1A ANP DA . 40.89 -36.35 -81.12
O2A ANP DA . 39.70 -34.26 -80.14
O3A ANP DA . 38.37 -36.40 -80.56
O5' ANP DA . 40.01 -36.40 -78.75
C5' ANP DA . 39.38 -35.80 -77.65
C4' ANP DA . 39.01 -36.80 -76.58
O4' ANP DA . 40.09 -37.70 -76.35
C3' ANP DA . 38.67 -36.23 -75.20
O3' ANP DA . 37.40 -35.68 -75.09
C2' ANP DA . 38.96 -37.40 -74.28
O2' ANP DA . 37.89 -38.30 -74.33
C1' ANP DA . 40.21 -38.00 -74.98
N9 ANP DA . 41.46 -37.45 -74.49
C8 ANP DA . 42.01 -36.21 -74.71
N7 ANP DA . 43.16 -36.03 -74.13
C5 ANP DA . 43.39 -37.22 -73.49
C6 ANP DA . 44.45 -37.68 -72.68
N6 ANP DA . 45.52 -36.93 -72.39
N1 ANP DA . 44.37 -38.93 -72.19
C2 ANP DA . 43.31 -39.67 -72.49
N3 ANP DA . 42.26 -39.35 -73.23
C4 ANP DA . 42.35 -38.11 -73.70
MG MG EA . 13.19 -50.78 -50.96
PG ANP FA . 15.85 -48.33 -50.51
O1G ANP FA . 15.78 -47.04 -51.31
O2G ANP FA . 15.11 -49.50 -51.15
O3G ANP FA . 17.25 -48.67 -49.99
PB ANP FA . 13.74 -49.06 -48.33
O1B ANP FA . 13.77 -48.94 -46.84
O2B ANP FA . 13.65 -50.41 -48.97
N3B ANP FA . 14.86 -48.04 -49.03
PA ANP FA . 10.89 -49.00 -48.97
O1A ANP FA . 10.85 -49.73 -50.27
O2A ANP FA . 10.44 -49.68 -47.70
O3A ANP FA . 12.29 -48.26 -48.73
O5' ANP FA . 9.98 -47.64 -49.18
C5' ANP FA . 9.58 -46.89 -48.06
C4' ANP FA . 9.33 -45.43 -48.41
O4' ANP FA . 8.42 -45.34 -49.51
C3' ANP FA . 8.68 -44.58 -47.30
O3' ANP FA . 9.56 -44.15 -46.33
C2' ANP FA . 8.01 -43.49 -48.11
O2' ANP FA . 8.97 -42.54 -48.48
C1' ANP FA . 7.52 -44.30 -49.33
N9 ANP FA . 6.18 -44.86 -49.16
C8 ANP FA . 5.80 -45.95 -48.43
N7 ANP FA . 4.53 -46.18 -48.48
C5 ANP FA . 4.03 -45.22 -49.31
C6 ANP FA . 2.74 -44.92 -49.78
N6 ANP FA . 1.67 -45.64 -49.43
N1 ANP FA . 2.60 -43.87 -50.59
C2 ANP FA . 3.66 -43.16 -50.93
N3 ANP FA . 4.92 -43.33 -50.55
C4 ANP FA . 5.04 -44.38 -49.74
MG MG GA . 61.06 -69.34 -123.40
PG ANP HA . 57.47 -69.34 -123.84
O1G ANP HA . 56.60 -70.53 -123.43
O2G ANP HA . 58.93 -69.68 -124.11
O3G ANP HA . 56.82 -68.45 -124.90
PB ANP HA . 58.98 -67.57 -121.77
O1B ANP HA . 58.63 -66.31 -121.05
O2B ANP HA . 60.15 -67.60 -122.72
N3B ANP HA . 57.61 -68.30 -122.38
PA ANP HA . 60.89 -68.72 -119.89
O1A ANP HA . 61.75 -69.67 -120.65
O2A ANP HA . 61.41 -67.34 -119.54
O3A ANP HA . 59.41 -68.62 -120.50
O5' ANP HA . 60.48 -69.49 -118.49
C5' ANP HA . 59.86 -68.78 -117.45
C4' ANP HA . 58.88 -69.64 -116.67
O4' ANP HA . 59.45 -70.92 -116.42
C3' ANP HA . 58.47 -69.11 -115.29
O3' ANP HA . 57.48 -68.14 -115.32
C2' ANP HA . 58.10 -70.39 -114.56
O2' ANP HA . 56.82 -70.78 -114.94
C1' ANP HA . 59.17 -71.35 -115.13
N9 ANP HA . 60.41 -71.35 -114.36
C8 ANP HA . 61.43 -70.44 -114.37
N7 ANP HA . 62.40 -70.73 -113.57
C5 ANP HA . 62.03 -71.91 -112.99
C6 ANP HA . 62.64 -72.75 -112.05
N6 ANP HA . 63.83 -72.48 -111.50
N1 ANP HA . 62.00 -73.86 -111.68
C2 ANP HA . 60.81 -74.12 -112.22
N3 ANP HA . 60.13 -73.42 -113.11
C4 ANP HA . 60.79 -72.31 -113.47
MG MG IA . 25.55 -75.93 -99.20
PG ANP JA . 27.74 -74.25 -98.06
O1G ANP JA . 28.80 -73.15 -98.20
O2G ANP JA . 27.02 -74.59 -99.36
O3G ANP JA . 28.23 -75.45 -97.27
PB ANP JA . 24.94 -74.19 -96.72
O1B ANP JA . 24.68 -74.11 -95.24
O2B ANP JA . 24.66 -75.47 -97.46
N3B ANP JA . 26.42 -73.52 -97.10
PA ANP JA . 22.30 -73.32 -97.62
O1A ANP JA . 22.04 -73.87 -98.98
O2A ANP JA . 21.68 -73.97 -96.40
O3A ANP JA . 23.87 -73.05 -97.35
O5' ANP JA . 21.83 -71.73 -97.68
C5' ANP JA . 21.68 -70.99 -96.49
C4' ANP JA . 22.04 -69.54 -96.70
O4' ANP JA . 21.52 -69.07 -97.95
C3' ANP JA . 21.49 -68.55 -95.67
O3' ANP JA . 22.17 -68.53 -94.47
C2' ANP JA . 21.51 -67.24 -96.45
O2' ANP JA . 22.81 -66.73 -96.46
C1' ANP JA . 21.10 -67.74 -97.85
N9 ANP JA . 19.65 -67.70 -98.07
C8 ANP JA . 18.70 -68.56 -97.61
N7 ANP JA . 17.49 -68.23 -97.99
C5 ANP JA . 17.65 -67.10 -98.74
C6 ANP JA . 16.77 -66.26 -99.42
N6 ANP JA . 15.45 -66.48 -99.45
N1 ANP JA . 17.26 -65.21 -100.07
C2 ANP JA . 18.57 -64.99 -100.05
N3 ANP JA . 19.51 -65.70 -99.44
C4 ANP JA . 18.99 -66.75 -98.80
MG MG KA . -8.39 19.44 -0.59
PG ANP LA . -9.58 16.70 1.34
O1G ANP LA . -8.58 15.84 2.12
O2G ANP LA . -8.98 17.39 0.11
O3G ANP LA . -10.92 16.00 1.10
PB ANP LA . -10.07 19.70 1.99
O1B ANP LA . -11.06 20.40 2.88
O2B ANP LA . -10.10 19.95 0.50
N3B ANP LA . -9.95 18.09 2.41
PA ANP LA . -7.98 21.75 2.04
O1A ANP LA . -7.14 21.62 0.81
O2A ANP LA . -9.04 22.82 2.12
O3A ANP LA . -8.59 20.33 2.52
O5' ANP LA . -6.93 21.95 3.30
C5' ANP LA . -7.42 22.46 4.52
C4' ANP LA . -6.64 21.95 5.72
O4' ANP LA . -5.24 22.02 5.47
C3' ANP LA . -6.84 22.74 7.02
O3' ANP LA . -8.00 22.42 7.71
C2' ANP LA . -5.54 22.50 7.75
O2' ANP LA . -5.61 21.25 8.38
C1' ANP LA . -4.54 22.48 6.57
N9 ANP LA . -4.00 23.79 6.26
C8 ANP LA . -4.60 24.82 5.58
N7 ANP LA . -3.84 25.88 5.47
C5 ANP LA . -2.67 25.52 6.09
C6 ANP LA . -1.47 26.21 6.30
N6 ANP LA . -1.26 27.47 5.88
N1 ANP LA . -0.50 25.58 6.97
C2 ANP LA . -0.71 24.33 7.38
N3 ANP LA . -1.80 23.59 7.25
C4 ANP LA . -2.75 24.24 6.59
MG MG MA . -5.77 7.68 41.89
PG ANP NA . -5.89 11.01 40.60
O1G ANP NA . -7.13 11.36 39.77
O2G ANP NA . -5.52 9.53 40.57
O3G ANP NA . -4.71 11.95 40.38
PB ANP NA . -6.17 10.19 43.60
O1B ANP NA . -6.08 10.94 44.89
O2B ANP NA . -5.19 9.06 43.32
N3B ANP NA . -6.36 11.24 42.32
PA ANP NA . -7.98 8.07 44.49
O1A ANP NA . -7.94 6.87 43.59
O2A ANP NA . -7.25 8.07 45.81
O3A ANP NA . -7.69 9.45 43.71
O5' ANP NA . -9.59 8.35 44.78
C5' ANP NA . -9.97 9.23 45.81
C4' ANP NA . -11.24 9.98 45.47
O4' ANP NA . -12.23 9.09 44.96
C3' ANP NA . -11.93 10.70 46.63
O3' ANP NA . -11.35 11.89 47.01
C2' ANP NA . -13.36 10.80 46.12
O2' ANP NA . -13.45 11.87 45.23
C1' ANP NA . -13.51 9.45 45.39
N9 ANP NA . -14.02 8.39 46.25
C8 ANP NA . -13.37 7.70 47.24
N7 ANP NA . -14.12 6.80 47.82
C5 ANP NA . -15.32 6.89 47.17
C6 ANP NA . -16.54 6.19 47.32
N6 ANP NA . -16.71 5.23 48.23
N1 ANP NA . -17.55 6.53 46.51
C2 ANP NA . -17.37 7.49 45.61
N3 ANP NA . -16.27 8.21 45.38
C4 ANP NA . -15.28 7.86 46.20
MG MG OA . -31.95 43.18 43.64
PG ANP PA . -31.57 40.66 46.10
O1G ANP PA . -30.23 40.41 46.79
O2G ANP PA . -31.46 41.31 44.72
O3G ANP PA . -32.53 39.46 46.15
PB ANP PA . -33.21 43.28 46.47
O1B ANP PA . -34.26 43.72 47.43
O2B ANP PA . -33.53 43.19 45.00
N3B ANP PA . -32.38 41.95 47.05
PA ANP PA . -32.07 45.89 45.81
O1A ANP PA . -31.46 45.78 44.45
O2A ANP PA . -33.43 46.55 45.97
O3A ANP PA . -32.04 44.50 46.61
O5' ANP PA . -30.98 46.70 46.75
C5' ANP PA . -31.38 47.25 47.97
C4' ANP PA . -30.27 47.28 48.99
O4' ANP PA . -29.06 47.78 48.39
C3' ANP PA . -30.49 48.17 50.21
O3' ANP PA . -31.32 47.62 51.19
C2' ANP PA . -29.07 48.45 50.66
O2' ANP PA . -28.59 47.34 51.35
C1' ANP PA . -28.37 48.60 49.28
N9 ANP PA . -28.39 49.98 48.77
C8 ANP PA . -29.43 50.65 48.20
N7 ANP PA . -29.13 51.86 47.84
C5 ANP PA . -27.81 52.00 48.18
C6 ANP PA . -26.90 53.06 48.06
N6 ANP PA . -27.22 54.23 47.52
N1 ANP PA . -25.66 52.86 48.51
C2 ANP PA . -25.33 51.69 49.05
N3 ANP PA . -26.10 50.63 49.21
C4 ANP PA . -27.33 50.83 48.76
MG MG QA . -16.90 40.88 85.15
PG ANP RA . -18.58 43.66 83.62
O1G ANP RA . -20.00 43.41 83.11
O2G ANP RA . -17.69 42.41 83.64
O3G ANP RA . -17.92 44.89 83.00
PB ANP RA . -17.89 43.36 86.64
O1B ANP RA . -17.87 44.30 87.81
O2B ANP RA . -16.63 42.65 86.22
N3B ANP RA . -18.74 44.02 85.36
PA ANP RA . -18.51 40.93 88.15
O1A ANP RA . -18.19 39.67 87.41
O2A ANP RA . -17.57 41.45 89.22
O3A ANP RA . -18.94 42.13 87.18
O5' ANP RA . -19.99 40.68 88.84
C5' ANP RA . -20.47 41.54 89.84
C4' ANP RA . -21.98 41.73 89.74
O4' ANP RA . -22.62 40.47 89.56
C3' ANP RA . -22.65 42.33 90.98
O3' ANP RA . -22.51 43.70 91.11
C2' ANP RA . -24.09 41.84 90.81
O2' ANP RA . -24.71 42.63 89.83
C1' ANP RA . -23.82 40.42 90.26
N9 ANP RA . -23.71 39.41 91.31
C8 ANP RA . -22.63 39.15 92.13
N7 ANP RA . -22.85 38.18 92.97
C5 ANP RA . -24.12 37.77 92.70
C6 ANP RA . -24.93 36.77 93.25
N6 ANP RA . -24.53 35.97 94.24
N1 ANP RA . -26.16 36.61 92.76
C2 ANP RA . -26.57 37.41 91.77
N3 ANP RA . -25.90 38.38 91.17
C4 ANP RA . -24.67 38.53 91.67
MG MG SA . -53.34 65.23 89.89
PG ANP TA . -51.79 63.41 92.59
O1G ANP TA . -50.35 63.78 92.92
O2G ANP TA . -52.22 63.72 91.15
O3G ANP TA . -52.19 62.03 93.08
PB ANP TA . -54.16 65.40 93.00
O1B ANP TA . -55.20 65.45 94.07
O2B ANP TA . -54.56 65.09 91.58
N3B ANP TA . -52.80 64.57 93.51
PA ANP TA . -54.09 68.12 91.96
O1A ANP TA . -53.65 67.87 90.54
O2A ANP TA . -55.54 68.46 92.26
O3A ANP TA . -53.56 66.99 92.96
O5' ANP TA . -53.13 69.34 92.51
C5' ANP TA . -53.47 70.00 93.71
C4' ANP TA . -52.25 70.58 94.41
O4' ANP TA . -51.46 71.32 93.48
C3' ANP TA . -52.54 71.56 95.55
O3' ANP TA . -52.89 70.96 96.75
C2' ANP TA . -51.27 72.39 95.57
O2' ANP TA . -50.27 71.69 96.25
C1' ANP TA . -50.98 72.49 94.06
N9 ANP TA . -51.62 73.62 93.41
C8 ANP TA . -52.93 73.76 93.03
N7 ANP TA . -53.19 74.91 92.47
C5 ANP TA . -51.99 75.57 92.48
C6 ANP TA . -51.59 76.83 92.02
N6 ANP TA . -52.45 77.69 91.44
N1 ANP TA . -50.32 77.18 92.17
C2 ANP TA . -49.49 76.33 92.75
N3 ANP TA . -49.73 75.13 93.22
C4 ANP TA . -51.01 74.79 93.06
MG MG UA . -30.78 75.14 126.53
PG ANP VA . -33.54 77.02 125.21
O1G ANP VA . -34.90 76.32 125.10
O2G ANP VA . -32.34 76.08 125.17
O3G ANP VA . -33.41 78.24 124.31
PB ANP VA . -32.21 77.51 128.00
O1B ANP VA . -32.21 78.66 128.95
O2B ANP VA . -30.91 77.03 127.38
N3B ANP VA . -33.46 77.66 126.89
PA ANP VA . -31.78 75.32 129.90
O1A ANP VA . -31.20 74.16 129.16
O2A ANP VA . -30.89 76.22 130.72
O3A ANP VA . -32.74 76.22 128.97
O5' ANP VA . -32.96 74.69 130.87
C5' ANP VA . -33.49 75.46 131.92
C4' ANP VA . -34.94 75.09 132.22
O4' ANP VA . -35.08 73.68 132.33
C3' ANP VA . -35.51 75.63 133.54
O3' ANP VA . -35.86 76.97 133.51
C2' ANP VA . -36.65 74.65 133.80
O2' ANP VA . -37.73 75.00 132.99
C1' ANP VA . -36.00 73.34 133.32
N9 ANP VA . -35.31 72.63 134.38
C8 ANP VA . -34.08 72.89 134.93
N7 ANP VA . -33.73 72.07 135.87
C5 ANP VA . -34.76 71.19 135.95
C6 ANP VA . -35.01 70.06 136.75
N6 ANP VA . -34.14 69.63 137.68
N1 ANP VA . -36.16 69.40 136.58
C2 ANP VA . -37.01 69.83 135.66
N3 ANP VA . -36.91 70.87 134.85
C4 ANP VA . -35.75 71.52 135.03
#